data_4N5C
#
_entry.id   4N5C
#
_cell.length_a   97.545
_cell.length_b   136.650
_cell.length_c   154.125
_cell.angle_alpha   76.69
_cell.angle_beta   85.67
_cell.angle_gamma   72.74
#
_symmetry.space_group_name_H-M   'P 1'
#
_entity_poly.entity_id   1
_entity_poly.type   'polypeptide(L)'
_entity_poly.pdbx_seq_one_letter_code
;GPLGSTVPSKIIDVVDQALRARLLGGSTFNSGFDSLDSVLNLQFRLHYHVIGSNGPAKPVCDVLLKESQNLEKN(MSE)S
(MSE)(MSE)EELNDYPEITKLVEKILFNCLGILFFHRGQFQESQRCLLHSLKIHNNTASQKTAL(MSE)EQYDRYLIVE
NLYYRGLVSQDINI(MSE)QNVFYKELLAHVDTIPPESNGLLFEYISLIVAKLRFNQIQDLAENFKTTVENPFILFLY
(MSE)IKKFQSPLKKHIDNDDLYLKFGQNVLLKAKFPTASETNDEALEHFNVFLQYYFKFTHIKKIKVNPSWYNFIISS
(MSE)EKTFQSIEVSKTA(MSE)FLFQNLSDNSNDEIKKKTFKRESILNFVNFVKYNDKYYQLHDNSHRDIISFIDAYSF
ILQNSSKTDSIENVFDYDNTVSTFATSLNSFYKEYNLPL(MSE)SQSESLDWLENSTRCVYPGNISKVLTNAWSTLYEIR
KYQLDFLVSNNLTSYLCNA(MSE)(MSE)LSTKEKDNADVEEQEEGEEEKALRELQFKYSYTLAQQRHIETAIKTLESLI
LSKNPNYYKAWHLLALCRSVQEDKE(MSE)SYKIVCSVLEA(MSE)NESLQNNTLLLNDRWQFIHLKLTQLALIEEIFGT
LEALETLPEVFELYATLFPDSQPELNS(MSE)GPKYSQTKEYLLQ(MSE)VWIFAAN(MSE)Y(MSE)RTKDNDEDAKAA
IKEASNVESKFKNLNCNIANGYLSIIKDEPGVALKEFETVLYYDENNLDALVGFAELIFPEELGVEETNLERYYTLSLTF
VNDTDRSAAYARLKFLLECAILESIEAYYSPEVWWYLSLIYEKYQDDEYKNSLLKCIKYQELNPIRSLRYCNY
;
_entity_poly.pdbx_strand_id   A,B,C,D,E,F,G,H
#
# COMPACT_ATOMS: atom_id res chain seq x y z
N SER A 9 7.06 23.89 16.81
CA SER A 9 7.00 24.22 15.40
C SER A 9 6.78 25.72 15.19
N LYS A 10 7.37 26.53 16.05
CA LYS A 10 7.16 27.96 16.01
C LYS A 10 7.97 28.63 14.90
N ILE A 11 9.19 28.14 14.70
CA ILE A 11 10.13 28.70 13.73
C ILE A 11 10.05 27.99 12.37
N ILE A 12 9.68 26.72 12.39
CA ILE A 12 9.61 25.90 11.17
C ILE A 12 8.63 26.47 10.14
N ASP A 13 7.63 27.21 10.62
CA ASP A 13 6.64 27.82 9.74
C ASP A 13 7.19 28.91 8.83
N VAL A 14 8.13 29.73 9.31
CA VAL A 14 8.71 30.76 8.45
C VAL A 14 9.50 30.13 7.30
N VAL A 15 10.27 29.09 7.63
CA VAL A 15 11.04 28.35 6.64
C VAL A 15 10.08 27.73 5.62
N ASP A 16 8.99 27.17 6.14
CA ASP A 16 7.97 26.58 5.29
C ASP A 16 7.41 27.62 4.31
N GLN A 17 7.06 28.79 4.84
CA GLN A 17 6.51 29.87 4.02
C GLN A 17 7.48 30.26 2.92
N ALA A 18 8.76 30.30 3.27
CA ALA A 18 9.82 30.58 2.30
C ALA A 18 9.74 29.54 1.18
N LEU A 19 9.63 28.27 1.56
CA LEU A 19 9.55 27.19 0.57
C LEU A 19 8.30 27.30 -0.31
N ARG A 20 7.19 27.76 0.27
CA ARG A 20 5.96 27.96 -0.47
C ARG A 20 6.14 29.01 -1.56
N ALA A 21 6.69 30.16 -1.13
CA ALA A 21 6.98 31.25 -2.05
C ALA A 21 7.89 30.76 -3.17
N ARG A 22 8.90 29.96 -2.81
CA ARG A 22 9.81 29.39 -3.80
C ARG A 22 9.06 28.51 -4.78
N LEU A 23 8.07 27.77 -4.28
CA LEU A 23 7.29 26.87 -5.13
C LEU A 23 6.37 27.65 -6.07
N LEU A 24 6.13 28.92 -5.76
CA LEU A 24 5.31 29.75 -6.66
C LEU A 24 6.16 30.53 -7.66
N GLY A 25 7.48 30.39 -7.57
CA GLY A 25 8.37 31.17 -8.42
C GLY A 25 8.91 32.39 -7.70
N GLY A 26 8.77 32.38 -6.37
CA GLY A 26 9.15 33.50 -5.51
C GLY A 26 10.56 34.01 -5.72
N SER A 27 10.73 35.32 -5.59
CA SER A 27 12.01 35.96 -5.86
C SER A 27 12.77 36.27 -4.58
N THR A 28 12.03 36.63 -3.53
CA THR A 28 12.64 37.09 -2.28
C THR A 28 12.42 36.11 -1.12
N PHE A 29 13.51 35.69 -0.49
CA PHE A 29 13.44 34.71 0.60
C PHE A 29 14.01 35.18 1.93
N ASN A 30 13.22 34.99 2.98
CA ASN A 30 13.65 35.27 4.35
C ASN A 30 13.48 34.06 5.27
N SER A 31 14.16 32.97 4.91
CA SER A 31 14.06 31.66 5.56
C SER A 31 14.39 31.67 7.06
N GLY A 32 15.34 32.50 7.47
CA GLY A 32 15.79 32.52 8.85
C GLY A 32 17.18 31.93 8.92
N PHE A 33 17.56 31.41 7.76
CA PHE A 33 18.83 30.78 7.53
C PHE A 33 19.47 31.41 6.31
N ASP A 34 20.50 32.22 6.54
CA ASP A 34 21.12 33.00 5.47
C ASP A 34 21.66 32.09 4.38
N SER A 35 22.09 30.89 4.77
CA SER A 35 22.53 29.89 3.81
C SER A 35 21.37 29.52 2.90
N LEU A 36 20.24 29.22 3.50
CA LEU A 36 19.04 28.87 2.76
C LEU A 36 18.57 30.04 1.90
N ASP A 37 18.61 31.26 2.45
CA ASP A 37 18.25 32.45 1.68
C ASP A 37 19.11 32.57 0.42
N SER A 38 20.41 32.39 0.60
CA SER A 38 21.38 32.55 -0.48
C SER A 38 21.22 31.44 -1.53
N VAL A 39 21.06 30.20 -1.09
CA VAL A 39 20.96 29.08 -2.01
C VAL A 39 19.61 29.11 -2.76
N LEU A 40 18.55 29.54 -2.08
CA LEU A 40 17.26 29.68 -2.73
C LEU A 40 17.27 30.85 -3.70
N ASN A 41 18.05 31.87 -3.39
CA ASN A 41 18.23 33.00 -4.30
C ASN A 41 18.96 32.53 -5.56
N LEU A 42 19.99 31.72 -5.35
CA LEU A 42 20.74 31.09 -6.42
C LEU A 42 19.83 30.27 -7.32
N GLN A 43 19.03 29.42 -6.69
CA GLN A 43 18.05 28.61 -7.40
C GLN A 43 17.07 29.49 -8.16
N PHE A 44 16.74 30.65 -7.60
CA PHE A 44 15.80 31.56 -8.24
C PHE A 44 16.37 32.15 -9.53
N ARG A 45 17.61 32.63 -9.47
CA ARG A 45 18.25 33.22 -10.65
C ARG A 45 18.47 32.16 -11.73
N LEU A 46 18.99 31.02 -11.30
CA LEU A 46 19.16 29.86 -12.19
C LEU A 46 17.84 29.53 -12.87
N HIS A 47 16.75 29.54 -12.10
CA HIS A 47 15.42 29.25 -12.64
C HIS A 47 14.90 30.34 -13.56
N TYR A 48 15.21 31.59 -13.27
CA TYR A 48 14.90 32.66 -14.20
C TYR A 48 15.44 32.27 -15.57
N HIS A 49 16.75 32.08 -15.64
CA HIS A 49 17.37 31.82 -16.95
C HIS A 49 16.96 30.48 -17.58
N VAL A 50 16.92 29.41 -16.80
CA VAL A 50 16.59 28.08 -17.32
C VAL A 50 15.10 27.88 -17.64
N ILE A 51 14.22 28.30 -16.74
CA ILE A 51 12.78 28.17 -16.96
C ILE A 51 12.29 29.08 -18.08
N GLY A 52 12.83 30.30 -18.15
CA GLY A 52 12.36 31.23 -19.17
C GLY A 52 12.64 30.69 -20.57
N SER A 53 13.92 30.54 -20.90
CA SER A 53 14.33 30.03 -22.21
C SER A 53 15.20 28.79 -22.01
N ASN A 54 15.35 27.97 -23.05
CA ASN A 54 16.19 26.78 -22.96
C ASN A 54 17.64 27.04 -22.56
N GLY A 55 18.22 28.11 -23.07
CA GLY A 55 19.65 28.27 -22.88
C GLY A 55 20.09 29.45 -22.03
N PRO A 56 20.56 29.16 -20.82
CA PRO A 56 21.38 30.17 -20.16
C PRO A 56 22.72 30.25 -20.87
N ALA A 57 23.13 31.46 -21.23
CA ALA A 57 24.34 31.70 -21.99
C ALA A 57 25.57 31.49 -21.12
N LYS A 58 26.67 31.05 -21.72
CA LYS A 58 27.91 30.84 -20.95
C LYS A 58 28.33 32.02 -20.07
N PRO A 59 27.99 33.28 -20.42
CA PRO A 59 28.25 34.26 -19.36
C PRO A 59 27.41 34.02 -18.10
N VAL A 60 26.17 33.56 -18.27
CA VAL A 60 25.29 33.31 -17.14
C VAL A 60 25.68 32.02 -16.43
N CYS A 61 26.06 31.01 -17.21
CA CYS A 61 26.60 29.79 -16.64
C CYS A 61 27.88 30.06 -15.85
N ASP A 62 28.73 30.95 -16.36
CA ASP A 62 29.96 31.30 -15.66
C ASP A 62 29.70 32.00 -14.33
N VAL A 63 28.92 33.08 -14.37
CA VAL A 63 28.64 33.81 -13.14
C VAL A 63 27.94 32.92 -12.12
N LEU A 64 26.91 32.19 -12.55
CA LEU A 64 26.15 31.34 -11.63
C LEU A 64 26.92 30.13 -11.11
N LEU A 65 27.74 29.51 -11.95
CA LEU A 65 28.53 28.37 -11.51
C LEU A 65 29.61 28.80 -10.53
N LYS A 66 30.31 29.88 -10.83
CA LYS A 66 31.31 30.40 -9.90
C LYS A 66 30.63 30.80 -8.59
N GLU A 67 29.48 31.45 -8.71
CA GLU A 67 28.68 31.79 -7.54
C GLU A 67 28.32 30.55 -6.72
N SER A 68 27.92 29.48 -7.39
CA SER A 68 27.52 28.23 -6.75
C SER A 68 28.68 27.51 -6.06
N GLN A 69 29.83 27.41 -6.73
CA GLN A 69 31.01 26.79 -6.14
C GLN A 69 31.48 27.58 -4.95
N ASN A 70 31.59 28.89 -5.15
CA ASN A 70 31.90 29.79 -4.05
C ASN A 70 30.89 29.59 -2.93
N LEU A 71 29.63 29.44 -3.30
CA LEU A 71 28.58 29.27 -2.30
C LEU A 71 28.80 27.99 -1.49
N GLU A 72 28.99 26.84 -2.15
CA GLU A 72 29.19 25.55 -1.46
C GLU A 72 30.46 25.51 -0.57
N LYS A 73 31.57 25.99 -1.14
CA LYS A 73 32.86 25.96 -0.44
C LYS A 73 32.90 26.92 0.75
N ASN A 74 32.30 28.11 0.58
CA ASN A 74 32.14 29.08 1.67
C ASN A 74 31.15 28.59 2.72
N MSE A 75 30.15 27.85 2.25
CA MSE A 75 29.03 27.44 3.09
C MSE A 75 29.49 26.42 4.10
O MSE A 75 29.07 26.44 5.25
CB MSE A 75 27.90 26.82 2.27
CG MSE A 75 26.70 27.72 1.95
SE MSE A 75 26.17 29.05 3.27
CE MSE A 75 27.25 30.56 2.63
N SER A 76 30.34 25.50 3.63
CA SER A 76 30.82 24.43 4.49
C SER A 76 31.45 24.97 5.79
N MSE A 77 32.13 26.11 5.70
CA MSE A 77 32.86 26.67 6.83
C MSE A 77 31.96 27.07 8.00
O MSE A 77 32.31 26.83 9.15
CB MSE A 77 33.68 27.90 6.39
CG MSE A 77 34.81 27.59 5.41
SE MSE A 77 36.05 26.20 6.05
CE MSE A 77 36.96 27.21 7.49
N MSE A 78 30.81 27.67 7.70
CA MSE A 78 29.90 28.17 8.74
C MSE A 78 29.19 27.02 9.48
O MSE A 78 29.09 25.92 8.96
CB MSE A 78 28.87 29.12 8.14
CG MSE A 78 29.44 30.42 7.54
SE MSE A 78 30.36 31.63 8.82
CE MSE A 78 28.88 31.94 10.10
N GLU A 79 28.69 27.32 10.68
CA GLU A 79 28.24 26.26 11.60
C GLU A 79 26.93 26.48 12.35
N GLU A 80 26.22 27.57 12.10
CA GLU A 80 24.97 27.79 12.83
C GLU A 80 23.97 26.82 12.22
N LEU A 81 24.39 26.19 11.13
CA LEU A 81 23.59 25.18 10.49
C LEU A 81 23.63 23.95 11.38
N ASN A 82 24.76 23.77 12.08
CA ASN A 82 25.04 22.55 12.86
C ASN A 82 23.94 22.29 13.89
N ASP A 83 23.61 23.31 14.69
CA ASP A 83 22.46 23.25 15.60
C ASP A 83 21.21 22.56 14.98
N TYR A 84 21.05 22.65 13.66
CA TYR A 84 19.93 22.00 12.94
C TYR A 84 20.36 21.07 11.82
N PRO A 85 20.44 19.76 12.11
CA PRO A 85 20.87 18.82 11.07
C PRO A 85 19.80 18.57 9.99
N GLU A 86 18.54 18.89 10.29
CA GLU A 86 17.44 18.59 9.38
C GLU A 86 17.47 19.47 8.12
N ILE A 87 17.80 20.74 8.32
CA ILE A 87 17.89 21.77 7.28
C ILE A 87 19.08 21.66 6.32
N THR A 88 20.22 21.27 6.87
CA THR A 88 21.48 21.21 6.12
C THR A 88 21.33 20.28 4.92
N LYS A 89 20.61 19.18 5.13
CA LYS A 89 20.40 18.21 4.07
C LYS A 89 19.63 18.85 2.92
N LEU A 90 18.61 19.63 3.27
CA LEU A 90 17.81 20.32 2.27
C LEU A 90 18.67 21.29 1.46
N VAL A 91 19.50 22.07 2.15
CA VAL A 91 20.37 23.01 1.44
C VAL A 91 21.31 22.26 0.48
N GLU A 92 21.86 21.13 0.92
CA GLU A 92 22.73 20.33 0.05
C GLU A 92 21.98 19.82 -1.19
N LYS A 93 20.74 19.36 -1.00
CA LYS A 93 19.92 18.92 -2.12
C LYS A 93 19.75 20.01 -3.17
N ILE A 94 19.36 21.20 -2.70
CA ILE A 94 19.12 22.31 -3.62
C ILE A 94 20.38 22.67 -4.40
N LEU A 95 21.45 22.85 -3.64
CA LEU A 95 22.72 23.27 -4.24
C LEU A 95 23.27 22.27 -5.25
N PHE A 96 23.23 20.99 -4.90
CA PHE A 96 23.76 19.97 -5.81
C PHE A 96 22.85 19.79 -7.01
N ASN A 97 21.56 20.04 -6.83
CA ASN A 97 20.66 20.09 -7.99
C ASN A 97 21.10 21.20 -8.95
N CYS A 98 21.31 22.40 -8.41
CA CYS A 98 21.77 23.53 -9.23
C CYS A 98 23.09 23.24 -9.94
N LEU A 99 24.05 22.70 -9.21
CA LEU A 99 25.33 22.30 -9.78
C LEU A 99 25.11 21.31 -10.92
N GLY A 100 24.20 20.36 -10.71
CA GLY A 100 23.84 19.43 -11.76
C GLY A 100 23.32 20.13 -13.00
N ILE A 101 22.49 21.15 -12.79
CA ILE A 101 21.93 21.92 -13.89
C ILE A 101 23.04 22.59 -14.69
N LEU A 102 23.89 23.37 -14.00
CA LEU A 102 24.96 24.10 -14.67
C LEU A 102 25.95 23.18 -15.39
N PHE A 103 26.42 22.15 -14.69
CA PHE A 103 27.35 21.19 -15.28
C PHE A 103 26.76 20.50 -16.50
N PHE A 104 25.46 20.20 -16.45
CA PHE A 104 24.78 19.63 -17.62
C PHE A 104 24.74 20.62 -18.77
N HIS A 105 24.41 21.87 -18.47
CA HIS A 105 24.22 22.87 -19.52
C HIS A 105 25.52 23.32 -20.17
N ARG A 106 26.63 23.19 -19.46
CA ARG A 106 27.92 23.49 -20.07
C ARG A 106 28.36 22.32 -20.94
N GLY A 107 27.90 21.12 -20.60
CA GLY A 107 28.22 19.93 -21.35
C GLY A 107 29.19 18.99 -20.65
N GLN A 108 29.15 19.00 -19.32
CA GLN A 108 30.03 18.17 -18.51
C GLN A 108 29.19 17.09 -17.80
N PHE A 109 28.81 16.08 -18.57
CA PHE A 109 27.81 15.11 -18.15
C PHE A 109 28.17 14.27 -16.92
N GLN A 110 29.43 13.86 -16.81
CA GLN A 110 29.84 13.04 -15.67
C GLN A 110 29.83 13.80 -14.34
N GLU A 111 30.32 15.04 -14.35
CA GLU A 111 30.32 15.86 -13.14
C GLU A 111 28.89 16.19 -12.72
N SER A 112 28.06 16.50 -13.71
CA SER A 112 26.65 16.77 -13.49
C SER A 112 26.00 15.56 -12.84
N GLN A 113 26.26 14.38 -13.42
CA GLN A 113 25.77 13.12 -12.89
C GLN A 113 26.24 12.92 -11.45
N ARG A 114 27.48 13.31 -11.17
CA ARG A 114 28.02 13.19 -9.81
C ARG A 114 27.20 14.03 -8.84
N CYS A 115 26.95 15.29 -9.20
CA CYS A 115 26.19 16.19 -8.34
C CYS A 115 24.76 15.72 -8.14
N LEU A 116 24.11 15.32 -9.24
CA LEU A 116 22.73 14.86 -9.21
C LEU A 116 22.57 13.58 -8.38
N LEU A 117 23.46 12.62 -8.59
CA LEU A 117 23.43 11.37 -7.83
C LEU A 117 23.74 11.63 -6.35
N HIS A 118 24.58 12.61 -6.08
CA HIS A 118 24.85 13.00 -4.70
C HIS A 118 23.58 13.52 -4.04
N SER A 119 22.92 14.45 -4.72
CA SER A 119 21.68 15.04 -4.24
C SER A 119 20.63 13.95 -4.01
N LEU A 120 20.55 13.01 -4.95
CA LEU A 120 19.66 11.85 -4.84
C LEU A 120 19.94 11.02 -3.60
N LYS A 121 21.22 10.73 -3.38
CA LYS A 121 21.64 9.95 -2.21
C LYS A 121 21.25 10.68 -0.93
N ILE A 122 21.35 12.01 -0.94
CA ILE A 122 20.93 12.78 0.22
C ILE A 122 19.42 12.71 0.39
N HIS A 123 18.70 12.65 -0.73
CA HIS A 123 17.25 12.56 -0.69
C HIS A 123 16.81 11.25 -0.07
N ASN A 124 17.47 10.15 -0.44
CA ASN A 124 17.12 8.85 0.10
C ASN A 124 17.35 8.79 1.62
N ASN A 125 18.37 9.50 2.09
CA ASN A 125 18.65 9.55 3.51
C ASN A 125 17.95 10.71 4.23
N THR A 126 16.71 10.99 3.84
CA THR A 126 15.93 12.08 4.44
C THR A 126 14.97 11.54 5.48
N ALA A 127 15.02 12.10 6.69
CA ALA A 127 14.06 11.74 7.72
C ALA A 127 12.68 12.31 7.40
N LYS A 130 8.79 14.95 8.25
CA LYS A 130 8.55 16.11 7.40
C LYS A 130 7.24 16.80 7.71
N THR A 131 6.96 17.86 6.96
CA THR A 131 5.72 18.61 7.04
C THR A 131 5.11 18.54 5.64
N ALA A 132 3.83 18.88 5.52
CA ALA A 132 3.16 18.76 4.22
C ALA A 132 3.82 19.60 3.13
N LEU A 133 4.15 20.84 3.46
CA LEU A 133 4.72 21.74 2.48
C LEU A 133 6.19 21.41 2.17
N MSE A 134 6.94 21.01 3.20
CA MSE A 134 8.30 20.52 3.00
C MSE A 134 8.27 19.28 2.13
O MSE A 134 9.15 19.07 1.30
CB MSE A 134 8.98 20.20 4.35
CG MSE A 134 10.29 19.45 4.22
SE MSE A 134 11.80 20.60 3.79
CE MSE A 134 12.11 21.35 5.56
N GLU A 135 7.24 18.46 2.32
CA GLU A 135 7.03 17.27 1.50
C GLU A 135 6.81 17.66 0.04
N GLN A 136 6.01 18.71 -0.16
CA GLN A 136 5.74 19.21 -1.51
C GLN A 136 7.02 19.70 -2.18
N TYR A 137 7.78 20.52 -1.46
CA TYR A 137 9.04 21.04 -1.99
C TYR A 137 10.05 19.94 -2.31
N ASP A 138 10.22 19.01 -1.39
CA ASP A 138 11.13 17.89 -1.59
C ASP A 138 10.72 17.10 -2.83
N ARG A 139 9.41 16.90 -2.96
CA ARG A 139 8.86 16.21 -4.12
C ARG A 139 9.30 16.95 -5.38
N TYR A 140 9.19 18.28 -5.36
CA TYR A 140 9.69 19.07 -6.49
C TYR A 140 11.16 18.80 -6.76
N LEU A 141 11.98 18.83 -5.71
CA LEU A 141 13.43 18.65 -5.83
C LEU A 141 13.75 17.33 -6.52
N ILE A 142 13.10 16.27 -6.08
CA ILE A 142 13.37 14.94 -6.63
C ILE A 142 12.89 14.86 -8.08
N VAL A 143 11.77 15.52 -8.40
CA VAL A 143 11.28 15.48 -9.79
C VAL A 143 12.23 16.23 -10.74
N GLU A 144 12.74 17.36 -10.27
CA GLU A 144 13.76 18.10 -11.03
C GLU A 144 15.01 17.25 -11.23
N ASN A 145 15.46 16.64 -10.13
CA ASN A 145 16.64 15.77 -10.15
C ASN A 145 16.48 14.64 -11.15
N LEU A 146 15.30 14.03 -11.16
CA LEU A 146 14.99 12.97 -12.12
C LEU A 146 15.00 13.48 -13.55
N TYR A 147 14.39 14.64 -13.77
CA TYR A 147 14.32 15.20 -15.11
C TYR A 147 15.72 15.42 -15.69
N TYR A 148 16.60 16.04 -14.91
CA TYR A 148 17.95 16.30 -15.43
C TYR A 148 18.84 15.05 -15.46
N ARG A 149 18.63 14.13 -14.53
CA ARG A 149 19.35 12.86 -14.57
C ARG A 149 19.01 12.11 -15.85
N GLY A 150 17.75 12.20 -16.25
CA GLY A 150 17.32 11.63 -17.52
C GLY A 150 17.89 12.42 -18.69
N LEU A 151 18.05 13.73 -18.49
CA LEU A 151 18.59 14.62 -19.51
C LEU A 151 20.04 14.31 -19.85
N VAL A 152 20.82 13.92 -18.85
CA VAL A 152 22.25 13.68 -19.02
C VAL A 152 22.59 12.60 -20.05
N SER A 153 21.85 11.50 -20.02
CA SER A 153 22.00 10.45 -21.01
C SER A 153 21.46 10.88 -22.38
N GLN A 154 22.34 10.94 -23.38
CA GLN A 154 22.00 11.52 -24.68
C GLN A 154 20.88 10.76 -25.39
N ASP A 155 20.54 9.58 -24.89
CA ASP A 155 19.61 8.73 -25.58
C ASP A 155 18.18 9.07 -25.19
N ILE A 156 17.27 8.80 -26.11
CA ILE A 156 15.87 9.13 -25.89
C ILE A 156 15.26 8.04 -25.02
N ASN A 157 15.58 6.79 -25.35
CA ASN A 157 15.01 5.62 -24.68
C ASN A 157 15.33 5.49 -23.19
N ILE A 158 16.60 5.67 -22.84
CA ILE A 158 17.02 5.60 -21.44
C ILE A 158 16.27 6.65 -20.63
N MSE A 159 16.30 7.87 -21.16
CA MSE A 159 15.54 8.99 -20.63
C MSE A 159 14.09 8.61 -20.36
O MSE A 159 13.59 8.82 -19.25
CB MSE A 159 15.62 10.16 -21.63
CG MSE A 159 15.21 11.51 -21.09
SE MSE A 159 15.42 12.90 -22.43
CE MSE A 159 17.34 12.69 -22.80
N GLN A 160 13.43 8.05 -21.37
CA GLN A 160 12.04 7.64 -21.24
C GLN A 160 11.83 6.59 -20.15
N ASN A 161 12.67 5.55 -20.11
CA ASN A 161 12.52 4.49 -19.12
C ASN A 161 12.67 4.98 -17.68
N VAL A 162 13.78 5.67 -17.42
CA VAL A 162 14.03 6.18 -16.07
C VAL A 162 12.93 7.16 -15.69
N PHE A 163 12.49 7.97 -16.65
CA PHE A 163 11.39 8.88 -16.40
C PHE A 163 10.15 8.11 -15.97
N TYR A 164 9.85 7.03 -16.68
CA TYR A 164 8.67 6.24 -16.38
C TYR A 164 8.69 5.73 -14.94
N LYS A 165 9.64 4.85 -14.67
CA LYS A 165 9.74 4.19 -13.37
C LYS A 165 9.86 5.19 -12.22
N GLU A 166 10.80 6.11 -12.35
CA GLU A 166 11.10 7.01 -11.23
C GLU A 166 10.01 8.07 -11.03
N LEU A 167 9.42 8.58 -12.11
CA LEU A 167 8.37 9.58 -11.95
C LEU A 167 7.17 8.95 -11.26
N LEU A 168 6.86 7.70 -11.61
CA LEU A 168 5.78 7.06 -10.87
C LEU A 168 6.17 6.81 -9.42
N ALA A 169 7.47 6.58 -9.20
CA ALA A 169 7.95 6.36 -7.84
C ALA A 169 7.79 7.59 -6.95
N HIS A 170 8.10 8.76 -7.49
CA HIS A 170 8.15 9.97 -6.66
C HIS A 170 6.83 10.74 -6.58
N VAL A 171 6.03 10.68 -7.63
CA VAL A 171 4.78 11.44 -7.66
C VAL A 171 3.56 10.56 -7.90
N ASP A 172 2.81 10.34 -6.82
CA ASP A 172 1.62 9.51 -6.86
C ASP A 172 0.43 10.22 -7.50
N THR A 173 0.15 11.42 -7.00
CA THR A 173 -1.09 12.12 -7.32
C THR A 173 -0.89 13.46 -8.04
N ILE A 174 -1.95 13.98 -8.63
CA ILE A 174 -1.92 15.32 -9.26
C ILE A 174 -1.52 16.37 -8.23
N PRO A 175 -0.47 17.15 -8.55
CA PRO A 175 0.00 18.16 -7.61
C PRO A 175 -0.91 19.39 -7.57
N PRO A 176 -0.91 20.12 -6.45
CA PRO A 176 -1.61 21.41 -6.37
C PRO A 176 -1.05 22.39 -7.38
N GLU A 177 -1.90 23.21 -7.97
CA GLU A 177 -1.46 24.18 -8.97
C GLU A 177 -0.50 25.21 -8.35
N SER A 178 -0.51 25.30 -7.03
CA SER A 178 0.40 26.20 -6.32
C SER A 178 1.85 25.70 -6.35
N ASN A 179 2.03 24.43 -6.67
CA ASN A 179 3.37 23.86 -6.83
C ASN A 179 3.82 24.02 -8.26
N GLY A 180 4.09 25.25 -8.65
CA GLY A 180 4.40 25.57 -10.04
C GLY A 180 5.58 24.80 -10.58
N LEU A 181 6.63 24.69 -9.77
CA LEU A 181 7.87 24.05 -10.19
C LEU A 181 7.70 22.56 -10.50
N LEU A 182 7.02 21.85 -9.60
CA LEU A 182 6.74 20.43 -9.78
C LEU A 182 5.94 20.26 -11.08
N PHE A 183 5.02 21.20 -11.33
CA PHE A 183 4.24 21.21 -12.56
C PHE A 183 5.15 21.39 -13.78
N GLU A 184 6.12 22.28 -13.67
CA GLU A 184 7.05 22.53 -14.76
C GLU A 184 7.83 21.29 -15.13
N TYR A 185 8.33 20.58 -14.12
CA TYR A 185 9.18 19.43 -14.39
C TYR A 185 8.38 18.18 -14.79
N ILE A 186 7.17 18.06 -14.28
CA ILE A 186 6.26 17.03 -14.77
C ILE A 186 5.99 17.27 -16.25
N SER A 187 5.71 18.52 -16.58
CA SER A 187 5.41 18.90 -17.96
C SER A 187 6.60 18.67 -18.89
N LEU A 188 7.81 18.90 -18.39
CA LEU A 188 9.01 18.69 -19.20
C LEU A 188 9.27 17.20 -19.40
N ILE A 189 9.06 16.42 -18.35
CA ILE A 189 9.20 14.97 -18.44
C ILE A 189 8.23 14.40 -19.46
N VAL A 190 6.97 14.85 -19.37
CA VAL A 190 5.93 14.45 -20.32
C VAL A 190 6.27 14.92 -21.74
N ALA A 191 6.93 16.08 -21.83
CA ALA A 191 7.37 16.61 -23.11
C ALA A 191 8.37 15.66 -23.78
N LYS A 192 9.33 15.16 -23.00
CA LYS A 192 10.32 14.23 -23.56
C LYS A 192 9.74 12.84 -23.82
N LEU A 193 8.60 12.52 -23.22
CA LEU A 193 7.96 11.22 -23.40
C LEU A 193 7.13 11.14 -24.68
N ARG A 194 7.38 10.11 -25.49
CA ARG A 194 6.58 9.90 -26.70
C ARG A 194 5.57 8.76 -26.55
N PHE A 195 4.29 9.10 -26.63
CA PHE A 195 3.22 8.11 -26.63
C PHE A 195 1.99 8.62 -27.38
N ASN A 196 1.31 7.72 -28.07
CA ASN A 196 0.15 8.08 -28.89
C ASN A 196 -1.13 8.14 -28.06
N GLN A 197 -1.46 7.03 -27.42
CA GLN A 197 -2.71 6.92 -26.67
C GLN A 197 -2.45 6.53 -25.22
N ILE A 198 -3.52 6.50 -24.43
CA ILE A 198 -3.43 6.24 -22.99
C ILE A 198 -3.00 4.80 -22.68
N GLN A 199 -3.41 3.85 -23.52
CA GLN A 199 -3.06 2.45 -23.31
C GLN A 199 -1.54 2.24 -23.27
N ASP A 200 -0.84 2.89 -24.19
CA ASP A 200 0.61 2.80 -24.25
C ASP A 200 1.23 3.44 -23.02
N LEU A 201 0.63 4.54 -22.59
CA LEU A 201 1.10 5.28 -21.42
C LEU A 201 1.00 4.41 -20.17
N ALA A 202 -0.14 3.73 -20.01
CA ALA A 202 -0.39 2.90 -18.85
C ALA A 202 0.43 1.62 -18.88
N GLU A 203 0.71 1.12 -20.08
CA GLU A 203 1.58 -0.05 -20.22
C GLU A 203 3.01 0.31 -19.85
N ASN A 204 3.50 1.42 -20.40
CA ASN A 204 4.83 1.91 -20.10
C ASN A 204 5.01 2.24 -18.63
N PHE A 205 3.95 2.71 -18.00
CA PHE A 205 4.02 3.07 -16.58
C PHE A 205 3.63 1.89 -15.69
N LYS A 206 3.07 0.85 -16.30
CA LYS A 206 2.71 -0.39 -15.61
C LYS A 206 1.65 -0.13 -14.54
N THR A 207 0.81 0.88 -14.79
CA THR A 207 -0.25 1.25 -13.87
C THR A 207 -1.57 1.21 -14.63
N THR A 208 -2.68 1.21 -13.90
CA THR A 208 -4.01 1.13 -14.50
C THR A 208 -4.26 2.30 -15.43
N VAL A 209 -5.02 2.03 -16.49
CA VAL A 209 -5.40 3.04 -17.47
C VAL A 209 -6.38 3.99 -16.80
N GLU A 210 -6.91 3.56 -15.66
CA GLU A 210 -7.92 4.29 -14.91
C GLU A 210 -7.33 5.31 -13.92
N ASN A 211 -6.06 5.13 -13.57
CA ASN A 211 -5.40 6.02 -12.61
C ASN A 211 -5.39 7.47 -13.06
N PRO A 212 -5.99 8.36 -12.24
CA PRO A 212 -6.17 9.78 -12.58
C PRO A 212 -4.86 10.50 -12.89
N PHE A 213 -3.76 10.07 -12.30
CA PHE A 213 -2.46 10.70 -12.56
C PHE A 213 -1.99 10.41 -13.98
N ILE A 214 -2.18 9.17 -14.42
CA ILE A 214 -1.84 8.76 -15.78
C ILE A 214 -2.63 9.58 -16.80
N LEU A 215 -3.94 9.71 -16.55
CA LEU A 215 -4.82 10.51 -17.39
C LEU A 215 -4.39 11.97 -17.40
N PHE A 216 -3.95 12.46 -16.24
CA PHE A 216 -3.44 13.82 -16.11
C PHE A 216 -2.21 14.05 -16.97
N LEU A 217 -1.28 13.10 -16.93
CA LEU A 217 -0.07 13.17 -17.77
C LEU A 217 -0.46 13.17 -19.24
N TYR A 218 -1.46 12.35 -19.57
CA TYR A 218 -1.98 12.28 -20.93
C TYR A 218 -2.53 13.63 -21.40
N MSE A 219 -3.32 14.27 -20.53
CA MSE A 219 -3.91 15.56 -20.85
C MSE A 219 -2.82 16.64 -20.98
O MSE A 219 -2.96 17.57 -21.77
CB MSE A 219 -4.94 15.96 -19.80
CG MSE A 219 -6.14 15.03 -19.70
SE MSE A 219 -7.15 14.91 -21.36
CE MSE A 219 -7.42 16.80 -21.68
N ILE A 220 -1.77 16.51 -20.18
CA ILE A 220 -0.63 17.41 -20.30
C ILE A 220 0.00 17.25 -21.68
N LYS A 221 0.16 16.01 -22.12
CA LYS A 221 0.71 15.75 -23.44
C LYS A 221 -0.27 16.21 -24.53
N LYS A 222 -1.53 16.38 -24.15
CA LYS A 222 -2.54 16.83 -25.09
C LYS A 222 -2.51 18.36 -25.24
N PHE A 223 -2.19 19.04 -24.14
CA PHE A 223 -2.01 20.49 -24.19
C PHE A 223 -0.68 20.81 -24.88
N GLN A 224 0.29 19.92 -24.68
CA GLN A 224 1.64 20.11 -25.17
C GLN A 224 1.73 19.97 -26.69
N SER A 225 0.90 19.12 -27.26
CA SER A 225 0.91 18.98 -28.71
C SER A 225 -0.38 19.52 -29.29
N PRO A 226 -0.31 20.74 -29.87
CA PRO A 226 -1.41 21.43 -30.56
C PRO A 226 -1.59 21.01 -32.01
N LEU A 227 -2.84 20.79 -32.40
CA LEU A 227 -3.25 20.58 -33.79
C LEU A 227 -2.73 19.31 -34.49
N LYS A 228 -1.89 18.53 -33.82
CA LYS A 228 -1.33 17.33 -34.45
C LYS A 228 -2.24 16.12 -34.45
N LYS A 229 -3.23 16.11 -33.55
CA LYS A 229 -4.13 14.97 -33.39
C LYS A 229 -5.47 15.33 -32.75
N HIS A 230 -6.46 14.47 -32.95
CA HIS A 230 -7.40 14.23 -31.85
C HIS A 230 -8.02 12.84 -31.85
N ILE A 231 -8.07 12.26 -30.64
CA ILE A 231 -8.75 11.00 -30.40
C ILE A 231 -9.84 11.21 -29.34
N ASP A 232 -10.99 10.57 -29.52
CA ASP A 232 -12.13 10.83 -28.64
C ASP A 232 -12.26 9.73 -27.59
N ASN A 233 -12.07 10.07 -26.32
CA ASN A 233 -12.18 9.08 -25.23
C ASN A 233 -13.13 9.50 -24.12
N ASP A 234 -14.12 10.31 -24.48
CA ASP A 234 -15.08 10.86 -23.52
C ASP A 234 -15.90 9.76 -22.82
N ASP A 235 -16.45 8.84 -23.61
CA ASP A 235 -17.22 7.73 -23.07
C ASP A 235 -16.38 6.85 -22.16
N LEU A 236 -15.11 6.66 -22.53
CA LEU A 236 -14.17 5.88 -21.73
C LEU A 236 -13.93 6.52 -20.37
N TYR A 237 -13.64 7.82 -20.36
CA TYR A 237 -13.44 8.57 -19.13
C TYR A 237 -14.69 8.49 -18.27
N LEU A 238 -15.85 8.55 -18.94
CA LEU A 238 -17.13 8.45 -18.25
C LEU A 238 -17.30 7.10 -17.57
N LYS A 239 -16.94 6.02 -18.27
CA LYS A 239 -17.02 4.69 -17.68
C LYS A 239 -16.09 4.58 -16.48
N PHE A 240 -14.89 5.13 -16.61
CA PHE A 240 -13.94 5.14 -15.51
C PHE A 240 -14.54 5.86 -14.29
N GLY A 241 -15.18 6.99 -14.56
CA GLY A 241 -15.82 7.79 -13.53
C GLY A 241 -16.95 7.06 -12.83
N GLN A 242 -17.76 6.35 -13.62
CA GLN A 242 -18.86 5.55 -13.09
C GLN A 242 -18.31 4.43 -12.21
N ASN A 243 -17.19 3.84 -12.64
CA ASN A 243 -16.53 2.78 -11.90
C ASN A 243 -16.07 3.28 -10.53
N VAL A 244 -15.41 4.44 -10.54
CA VAL A 244 -14.91 5.04 -9.31
C VAL A 244 -16.06 5.56 -8.45
N LEU A 245 -17.21 5.78 -9.07
CA LEU A 245 -18.41 6.19 -8.36
C LEU A 245 -19.00 5.01 -7.60
N LEU A 246 -19.06 3.86 -8.29
CA LEU A 246 -19.57 2.64 -7.68
C LEU A 246 -18.68 2.16 -6.54
N LYS A 247 -17.37 2.34 -6.69
CA LYS A 247 -16.46 1.93 -5.62
C LYS A 247 -16.49 2.88 -4.44
N ALA A 248 -16.99 4.10 -4.66
CA ALA A 248 -16.98 5.12 -3.62
C ALA A 248 -18.22 5.04 -2.75
N LYS A 249 -18.08 5.50 -1.51
CA LYS A 249 -19.21 5.55 -0.58
C LYS A 249 -19.12 6.85 0.20
N PHE A 250 -20.26 7.36 0.65
CA PHE A 250 -20.32 8.62 1.40
C PHE A 250 -19.52 8.55 2.69
N PRO A 251 -18.71 9.59 2.96
CA PRO A 251 -17.87 9.68 4.15
C PRO A 251 -18.66 9.68 5.46
N THR A 252 -18.40 8.71 6.32
CA THR A 252 -18.95 8.71 7.66
C THR A 252 -18.33 9.88 8.42
N ALA A 253 -19.08 10.46 9.35
CA ALA A 253 -18.66 11.69 10.03
C ALA A 253 -17.29 11.60 10.70
N SER A 254 -16.78 10.38 10.89
CA SER A 254 -15.42 10.19 11.38
C SER A 254 -14.52 9.57 10.31
N GLU A 255 -14.52 10.17 9.13
CA GLU A 255 -13.75 9.66 7.99
C GLU A 255 -13.50 10.76 6.95
N THR A 256 -12.77 10.43 5.90
CA THR A 256 -12.50 11.37 4.83
C THR A 256 -13.12 10.89 3.52
N ASN A 257 -13.31 11.82 2.61
CA ASN A 257 -13.85 11.53 1.28
C ASN A 257 -12.98 10.54 0.50
N ASP A 258 -13.63 9.66 -0.26
CA ASP A 258 -12.94 8.62 -1.02
C ASP A 258 -11.86 9.23 -1.93
N GLU A 259 -10.63 8.78 -1.73
CA GLU A 259 -9.48 9.34 -2.42
C GLU A 259 -9.57 9.21 -3.93
N ALA A 260 -10.10 8.09 -4.40
CA ALA A 260 -10.16 7.82 -5.83
C ALA A 260 -11.08 8.81 -6.55
N LEU A 261 -12.25 9.06 -5.97
CA LEU A 261 -13.20 10.01 -6.55
C LEU A 261 -12.67 11.43 -6.51
N GLU A 262 -12.19 11.82 -5.33
CA GLU A 262 -11.67 13.16 -5.10
C GLU A 262 -10.50 13.46 -6.02
N HIS A 263 -9.70 12.44 -6.30
CA HIS A 263 -8.50 12.57 -7.12
C HIS A 263 -8.84 12.53 -8.60
N PHE A 264 -9.86 11.76 -8.94
CA PHE A 264 -10.37 11.69 -10.30
C PHE A 264 -10.94 13.04 -10.74
N ASN A 265 -11.67 13.68 -9.83
CA ASN A 265 -12.34 14.94 -10.16
C ASN A 265 -11.40 16.09 -10.54
N VAL A 266 -10.14 16.03 -10.08
CA VAL A 266 -9.14 17.03 -10.46
C VAL A 266 -8.74 16.87 -11.92
N PHE A 267 -8.42 15.62 -12.28
CA PHE A 267 -8.17 15.28 -13.66
C PHE A 267 -9.35 15.72 -14.50
N LEU A 268 -10.55 15.58 -13.93
CA LEU A 268 -11.75 16.04 -14.61
C LEU A 268 -11.80 17.56 -14.73
N GLN A 269 -11.20 18.29 -13.79
CA GLN A 269 -11.10 19.74 -13.93
C GLN A 269 -10.29 20.07 -15.17
N TYR A 270 -9.15 19.40 -15.29
CA TYR A 270 -8.27 19.61 -16.46
C TYR A 270 -8.94 19.19 -17.76
N TYR A 271 -9.69 18.10 -17.71
CA TYR A 271 -10.37 17.56 -18.87
C TYR A 271 -11.49 18.49 -19.35
N PHE A 272 -12.31 18.97 -18.42
CA PHE A 272 -13.43 19.85 -18.77
C PHE A 272 -12.94 21.22 -19.22
N LYS A 273 -11.84 21.69 -18.62
CA LYS A 273 -11.22 22.93 -19.07
C LYS A 273 -10.76 22.76 -20.51
N PHE A 274 -10.18 21.60 -20.80
CA PHE A 274 -9.78 21.28 -22.17
C PHE A 274 -10.96 21.29 -23.13
N THR A 275 -12.05 20.64 -22.74
CA THR A 275 -13.23 20.56 -23.59
C THR A 275 -13.92 21.91 -23.76
N HIS A 276 -13.63 22.86 -22.87
CA HIS A 276 -14.22 24.18 -23.01
C HIS A 276 -13.36 25.09 -23.88
N ILE A 277 -12.05 25.08 -23.64
CA ILE A 277 -11.09 25.88 -24.41
C ILE A 277 -11.06 25.47 -25.88
N LYS A 278 -11.12 24.16 -26.12
CA LYS A 278 -11.21 23.59 -27.47
C LYS A 278 -12.61 23.71 -28.08
N LYS A 279 -13.59 24.00 -27.23
CA LYS A 279 -15.00 24.09 -27.60
C LYS A 279 -15.56 22.81 -28.24
N ILE A 280 -14.99 21.66 -27.91
CA ILE A 280 -15.59 20.37 -28.31
C ILE A 280 -16.79 20.08 -27.42
N LYS A 281 -17.74 19.31 -27.92
CA LYS A 281 -18.92 18.97 -27.13
C LYS A 281 -18.55 17.96 -26.06
N VAL A 282 -19.41 17.83 -25.06
CA VAL A 282 -19.21 16.84 -24.00
C VAL A 282 -20.50 16.05 -23.87
N ASN A 283 -20.42 14.86 -23.29
CA ASN A 283 -21.56 13.95 -23.26
C ASN A 283 -22.52 14.32 -22.14
N PRO A 284 -23.83 14.36 -22.43
CA PRO A 284 -24.86 14.78 -21.49
C PRO A 284 -24.94 13.92 -20.23
N SER A 285 -24.65 12.62 -20.38
CA SER A 285 -24.72 11.69 -19.26
C SER A 285 -23.76 12.08 -18.14
N TRP A 286 -22.73 12.85 -18.49
CA TRP A 286 -21.79 13.39 -17.50
C TRP A 286 -22.53 14.07 -16.36
N TYR A 287 -23.65 14.72 -16.68
CA TYR A 287 -24.50 15.35 -15.68
C TYR A 287 -24.74 14.39 -14.52
N ASN A 288 -25.29 13.23 -14.84
CA ASN A 288 -25.59 12.22 -13.85
C ASN A 288 -24.40 12.03 -12.93
N PHE A 289 -23.24 11.80 -13.56
CA PHE A 289 -22.00 11.56 -12.84
C PHE A 289 -21.77 12.62 -11.77
N ILE A 290 -21.77 13.89 -12.18
CA ILE A 290 -21.35 14.93 -11.25
C ILE A 290 -22.34 14.99 -10.09
N ILE A 291 -23.62 14.74 -10.38
CA ILE A 291 -24.64 14.83 -9.35
C ILE A 291 -24.34 13.77 -8.31
N SER A 292 -24.00 12.57 -8.79
CA SER A 292 -23.68 11.47 -7.89
C SER A 292 -22.41 11.82 -7.14
N SER A 293 -21.47 12.47 -7.84
CA SER A 293 -20.21 12.84 -7.22
C SER A 293 -20.43 13.92 -6.17
N MSE A 294 -21.60 14.56 -6.20
CA MSE A 294 -21.95 15.55 -5.20
C MSE A 294 -22.69 14.89 -4.04
O MSE A 294 -22.69 15.42 -2.92
CB MSE A 294 -22.79 16.66 -5.81
CG MSE A 294 -22.02 17.59 -6.73
SE MSE A 294 -23.12 19.03 -7.45
CE MSE A 294 -23.80 19.76 -5.77
N GLU A 295 -23.31 13.75 -4.29
CA GLU A 295 -24.04 13.03 -3.25
C GLU A 295 -23.12 12.15 -2.42
N LYS A 296 -22.13 11.56 -3.09
CA LYS A 296 -21.20 10.65 -2.42
C LYS A 296 -20.02 11.41 -1.84
N THR A 297 -20.12 12.73 -1.83
CA THR A 297 -19.05 13.57 -1.29
C THR A 297 -19.61 14.66 -0.40
N PHE A 298 -18.87 15.01 0.65
CA PHE A 298 -19.30 16.05 1.59
C PHE A 298 -18.37 17.25 1.65
N GLN A 299 -18.91 18.43 1.40
CA GLN A 299 -18.17 19.69 1.47
C GLN A 299 -16.83 19.62 0.74
N SER A 300 -16.87 19.22 -0.53
CA SER A 300 -15.66 19.10 -1.33
C SER A 300 -15.36 20.30 -2.20
N ILE A 301 -14.12 20.74 -2.16
CA ILE A 301 -13.65 21.82 -3.01
C ILE A 301 -13.47 21.31 -4.44
N GLU A 302 -12.90 20.12 -4.56
CA GLU A 302 -12.57 19.54 -5.87
C GLU A 302 -13.84 19.26 -6.68
N VAL A 303 -14.84 18.68 -6.03
CA VAL A 303 -16.10 18.38 -6.70
C VAL A 303 -16.81 19.66 -7.09
N SER A 304 -16.66 20.70 -6.28
CA SER A 304 -17.25 22.00 -6.58
C SER A 304 -16.65 22.60 -7.84
N LYS A 305 -15.31 22.65 -7.92
CA LYS A 305 -14.67 23.22 -9.10
C LYS A 305 -14.97 22.39 -10.35
N THR A 306 -14.86 21.07 -10.21
CA THR A 306 -15.17 20.16 -11.31
C THR A 306 -16.59 20.39 -11.83
N ALA A 307 -17.51 20.59 -10.90
CA ALA A 307 -18.91 20.83 -11.25
C ALA A 307 -19.08 22.17 -11.93
N MSE A 308 -18.29 23.16 -11.52
CA MSE A 308 -18.30 24.47 -12.15
C MSE A 308 -17.95 24.35 -13.64
O MSE A 308 -18.74 24.72 -14.52
CB MSE A 308 -17.33 25.41 -11.44
CG MSE A 308 -17.28 26.81 -12.03
SE MSE A 308 -15.89 27.90 -11.20
CE MSE A 308 -14.32 26.97 -11.89
N PHE A 309 -16.76 23.82 -13.90
CA PHE A 309 -16.30 23.61 -15.28
C PHE A 309 -17.29 22.79 -16.11
N LEU A 310 -17.68 21.64 -15.54
CA LEU A 310 -18.56 20.72 -16.26
C LEU A 310 -19.90 21.36 -16.60
N PHE A 311 -20.47 22.08 -15.66
CA PHE A 311 -21.76 22.73 -15.89
C PHE A 311 -21.62 23.85 -16.91
N GLN A 312 -20.46 24.50 -16.94
CA GLN A 312 -20.21 25.45 -18.03
C GLN A 312 -20.24 24.74 -19.39
N ASN A 313 -19.56 23.60 -19.48
CA ASN A 313 -19.57 22.82 -20.72
C ASN A 313 -20.98 22.39 -21.13
N LEU A 314 -21.71 21.80 -20.19
CA LEU A 314 -23.07 21.34 -20.44
C LEU A 314 -23.97 22.49 -20.86
N SER A 315 -23.71 23.68 -20.31
CA SER A 315 -24.47 24.86 -20.69
C SER A 315 -24.18 25.25 -22.14
N ASP A 316 -22.90 25.41 -22.48
CA ASP A 316 -22.52 25.82 -23.83
C ASP A 316 -22.93 24.82 -24.91
N ASN A 317 -22.88 23.53 -24.59
CA ASN A 317 -23.13 22.50 -25.60
C ASN A 317 -24.60 22.28 -25.87
N SER A 318 -25.48 22.88 -25.08
CA SER A 318 -26.89 22.62 -25.22
C SER A 318 -27.59 23.62 -26.15
N ASN A 319 -28.70 23.19 -26.72
CA ASN A 319 -29.48 23.99 -27.64
C ASN A 319 -30.77 24.42 -26.96
N ASP A 320 -31.26 23.56 -26.06
CA ASP A 320 -32.44 23.86 -25.26
C ASP A 320 -32.10 25.00 -24.32
N GLU A 321 -32.91 26.06 -24.36
CA GLU A 321 -32.60 27.26 -23.58
C GLU A 321 -32.76 27.06 -22.07
N ILE A 322 -33.77 26.27 -21.68
CA ILE A 322 -34.00 25.98 -20.27
C ILE A 322 -32.84 25.21 -19.67
N LYS A 323 -32.33 24.25 -20.44
CA LYS A 323 -31.21 23.44 -19.98
C LYS A 323 -29.92 24.27 -19.93
N LYS A 324 -29.81 25.22 -20.84
CA LYS A 324 -28.66 26.14 -20.85
C LYS A 324 -28.64 27.01 -19.61
N LYS A 325 -29.77 27.66 -19.32
CA LYS A 325 -29.85 28.53 -18.14
C LYS A 325 -29.72 27.73 -16.84
N THR A 326 -30.30 26.53 -16.81
CA THR A 326 -30.21 25.66 -15.64
C THR A 326 -28.76 25.29 -15.37
N PHE A 327 -28.06 24.83 -16.40
CA PHE A 327 -26.66 24.44 -16.30
C PHE A 327 -25.78 25.64 -15.87
N LYS A 328 -26.04 26.80 -16.46
CA LYS A 328 -25.38 28.04 -16.03
C LYS A 328 -25.55 28.34 -14.54
N ARG A 329 -26.80 28.29 -14.08
CA ARG A 329 -27.11 28.55 -12.68
C ARG A 329 -26.38 27.57 -11.77
N GLU A 330 -26.41 26.29 -12.16
CA GLU A 330 -25.75 25.26 -11.36
C GLU A 330 -24.23 25.48 -11.32
N SER A 331 -23.66 25.94 -12.43
CA SER A 331 -22.25 26.28 -12.48
C SER A 331 -21.90 27.39 -11.49
N ILE A 332 -22.69 28.46 -11.53
CA ILE A 332 -22.46 29.59 -10.62
C ILE A 332 -22.61 29.18 -9.15
N LEU A 333 -23.64 28.39 -8.86
CA LEU A 333 -23.87 27.91 -7.50
C LEU A 333 -22.69 27.10 -7.01
N ASN A 334 -22.21 26.20 -7.87
CA ASN A 334 -21.05 25.38 -7.53
C ASN A 334 -19.80 26.22 -7.30
N PHE A 335 -19.69 27.32 -8.03
CA PHE A 335 -18.60 28.27 -7.76
C PHE A 335 -18.73 28.84 -6.35
N VAL A 336 -19.93 29.28 -5.98
CA VAL A 336 -20.16 29.82 -4.64
C VAL A 336 -19.80 28.81 -3.55
N ASN A 337 -20.19 27.55 -3.77
CA ASN A 337 -19.83 26.48 -2.85
C ASN A 337 -18.32 26.32 -2.75
N PHE A 338 -17.66 26.37 -3.90
CA PHE A 338 -16.19 26.34 -3.97
C PHE A 338 -15.59 27.41 -3.05
N VAL A 339 -16.05 28.64 -3.22
CA VAL A 339 -15.55 29.75 -2.41
C VAL A 339 -15.78 29.56 -0.92
N LYS A 340 -17.01 29.23 -0.51
CA LYS A 340 -17.30 29.12 0.91
C LYS A 340 -16.55 27.94 1.57
N TYR A 341 -16.43 26.83 0.84
CA TYR A 341 -15.67 25.70 1.36
C TYR A 341 -14.20 26.09 1.52
N ASN A 342 -13.67 26.83 0.55
CA ASN A 342 -12.31 27.36 0.66
C ASN A 342 -12.15 28.25 1.89
N ASP A 343 -13.13 29.09 2.16
CA ASP A 343 -13.08 29.98 3.31
C ASP A 343 -13.07 29.19 4.61
N LYS A 344 -13.92 28.18 4.70
CA LYS A 344 -13.95 27.32 5.89
C LYS A 344 -12.60 26.59 6.08
N TYR A 345 -11.99 26.17 4.97
CA TYR A 345 -10.67 25.52 5.02
C TYR A 345 -9.65 26.49 5.60
N TYR A 346 -9.63 27.70 5.06
CA TYR A 346 -8.72 28.75 5.51
C TYR A 346 -8.97 29.07 6.98
N GLN A 347 -10.22 28.87 7.40
CA GLN A 347 -10.64 29.13 8.76
C GLN A 347 -10.12 28.12 9.79
N LEU A 348 -10.37 26.83 9.58
CA LEU A 348 -9.99 25.83 10.59
C LEU A 348 -8.87 24.85 10.20
N HIS A 349 -8.88 24.39 8.96
CA HIS A 349 -8.06 23.24 8.57
C HIS A 349 -6.58 23.64 8.49
N ASP A 350 -6.36 24.92 8.21
CA ASP A 350 -5.03 25.54 8.19
C ASP A 350 -5.27 27.03 8.31
N ASN A 351 -4.24 27.80 8.62
CA ASN A 351 -4.35 29.25 8.54
C ASN A 351 -3.89 29.77 7.18
N SER A 352 -3.56 28.82 6.31
CA SER A 352 -3.17 29.06 4.91
C SER A 352 -4.25 28.57 3.95
N HIS A 353 -4.20 29.04 2.71
CA HIS A 353 -5.11 28.57 1.68
C HIS A 353 -4.53 27.30 1.03
N ARG A 354 -5.37 26.41 0.50
CA ARG A 354 -4.83 25.16 -0.07
C ARG A 354 -4.09 25.43 -1.36
N ASP A 355 -4.76 26.17 -2.22
CA ASP A 355 -4.32 26.34 -3.60
C ASP A 355 -4.80 27.67 -4.13
N ILE A 356 -4.06 28.73 -3.86
CA ILE A 356 -4.49 30.06 -4.29
C ILE A 356 -4.57 30.14 -5.82
N ILE A 357 -3.66 29.45 -6.50
CA ILE A 357 -3.66 29.47 -7.96
C ILE A 357 -4.99 28.93 -8.48
N SER A 358 -5.46 27.83 -7.91
CA SER A 358 -6.74 27.25 -8.30
C SER A 358 -7.87 28.20 -7.96
N PHE A 359 -7.71 28.91 -6.84
CA PHE A 359 -8.68 29.88 -6.39
C PHE A 359 -8.86 30.98 -7.45
N ILE A 360 -7.75 31.64 -7.77
CA ILE A 360 -7.71 32.70 -8.77
C ILE A 360 -8.18 32.20 -10.13
N ASP A 361 -7.82 30.95 -10.46
CA ASP A 361 -8.26 30.37 -11.71
C ASP A 361 -9.78 30.23 -11.76
N ALA A 362 -10.35 29.75 -10.66
CA ALA A 362 -11.80 29.58 -10.57
C ALA A 362 -12.50 30.91 -10.73
N TYR A 363 -12.02 31.91 -9.99
CA TYR A 363 -12.57 33.26 -10.10
C TYR A 363 -12.50 33.75 -11.55
N SER A 364 -11.34 33.56 -12.16
CA SER A 364 -11.12 33.96 -13.55
C SER A 364 -12.12 33.31 -14.49
N PHE A 365 -12.34 32.01 -14.31
CA PHE A 365 -13.26 31.26 -15.14
C PHE A 365 -14.69 31.80 -15.03
N ILE A 366 -15.17 31.89 -13.79
CA ILE A 366 -16.56 32.29 -13.57
C ILE A 366 -16.79 33.74 -14.00
N LEU A 367 -15.77 34.58 -13.89
CA LEU A 367 -15.91 35.98 -14.31
C LEU A 367 -15.83 36.08 -15.83
N GLN A 368 -15.08 35.17 -16.45
CA GLN A 368 -15.03 35.08 -17.90
C GLN A 368 -16.35 34.69 -18.53
N ASN A 369 -16.96 33.65 -17.97
CA ASN A 369 -18.09 33.02 -18.64
C ASN A 369 -19.44 33.56 -18.21
N SER A 370 -19.44 34.51 -17.27
CA SER A 370 -20.68 35.10 -16.80
C SER A 370 -20.64 36.61 -16.90
N SER A 371 -21.81 37.22 -17.00
CA SER A 371 -21.92 38.68 -17.01
C SER A 371 -22.68 39.16 -15.77
N LYS A 372 -22.94 40.46 -15.70
CA LYS A 372 -23.66 41.05 -14.58
C LYS A 372 -25.08 40.51 -14.44
N THR A 373 -25.68 40.15 -15.57
CA THR A 373 -27.04 39.61 -15.60
C THR A 373 -27.15 38.29 -14.85
N ASP A 374 -26.03 37.57 -14.77
CA ASP A 374 -26.00 36.22 -14.24
C ASP A 374 -26.05 36.16 -12.72
N SER A 375 -26.14 37.32 -12.08
CA SER A 375 -26.12 37.39 -10.62
C SER A 375 -27.35 36.74 -10.00
N ILE A 376 -27.18 36.22 -8.80
CA ILE A 376 -28.28 35.63 -8.05
C ILE A 376 -28.52 36.49 -6.80
N GLU A 377 -29.77 36.52 -6.34
CA GLU A 377 -30.26 37.57 -5.45
C GLU A 377 -29.45 37.77 -4.15
N ASN A 378 -29.16 36.69 -3.45
CA ASN A 378 -28.32 36.78 -2.25
C ASN A 378 -27.03 35.99 -2.40
N VAL A 379 -27.13 34.92 -3.18
CA VAL A 379 -26.04 33.99 -3.37
C VAL A 379 -24.81 34.55 -4.09
N PHE A 380 -25.04 35.23 -5.21
CA PHE A 380 -23.94 35.63 -6.08
C PHE A 380 -24.03 37.08 -6.52
N ASP A 381 -22.96 37.85 -6.32
CA ASP A 381 -22.93 39.22 -6.79
C ASP A 381 -21.73 39.44 -7.70
N TYR A 382 -22.01 39.87 -8.93
CA TYR A 382 -20.98 39.99 -9.95
C TYR A 382 -19.93 41.01 -9.57
N ASP A 383 -20.35 42.25 -9.30
CA ASP A 383 -19.42 43.30 -8.92
C ASP A 383 -18.62 42.94 -7.67
N ASN A 384 -19.29 42.31 -6.71
CA ASN A 384 -18.62 41.86 -5.49
C ASN A 384 -17.57 40.82 -5.80
N THR A 385 -17.90 39.89 -6.70
CA THR A 385 -16.98 38.85 -7.11
C THR A 385 -15.78 39.44 -7.83
N VAL A 386 -16.02 40.50 -8.60
CA VAL A 386 -14.94 41.18 -9.33
C VAL A 386 -14.00 41.92 -8.38
N SER A 387 -14.56 42.70 -7.47
CA SER A 387 -13.75 43.41 -6.47
C SER A 387 -12.96 42.43 -5.62
N THR A 388 -13.63 41.36 -5.20
CA THR A 388 -12.97 40.30 -4.44
C THR A 388 -11.85 39.67 -5.25
N PHE A 389 -12.08 39.48 -6.54
CA PHE A 389 -11.08 38.93 -7.45
C PHE A 389 -9.83 39.80 -7.50
N ALA A 390 -10.05 41.10 -7.70
CA ALA A 390 -8.97 42.07 -7.78
C ALA A 390 -8.18 42.08 -6.46
N THR A 391 -8.92 42.10 -5.37
CA THR A 391 -8.33 42.13 -4.04
C THR A 391 -7.51 40.87 -3.75
N SER A 392 -7.99 39.73 -4.22
CA SER A 392 -7.29 38.48 -4.01
C SER A 392 -6.03 38.40 -4.86
N LEU A 393 -6.09 38.95 -6.07
CA LEU A 393 -4.90 38.99 -6.92
C LEU A 393 -3.83 39.89 -6.31
N ASN A 394 -4.24 41.09 -5.93
CA ASN A 394 -3.32 42.05 -5.33
C ASN A 394 -2.72 41.53 -4.02
N SER A 395 -3.55 40.86 -3.23
CA SER A 395 -3.11 40.28 -1.97
C SER A 395 -2.12 39.16 -2.22
N PHE A 396 -2.41 38.33 -3.23
CA PHE A 396 -1.50 37.27 -3.63
C PHE A 396 -0.14 37.83 -4.00
N TYR A 397 -0.13 38.84 -4.87
CA TYR A 397 1.13 39.46 -5.28
C TYR A 397 1.90 40.05 -4.10
N LYS A 398 1.20 40.76 -3.21
CA LYS A 398 1.88 41.39 -2.09
C LYS A 398 2.40 40.39 -1.05
N GLU A 399 1.69 39.28 -0.85
CA GLU A 399 2.07 38.32 0.19
C GLU A 399 3.42 37.67 -0.12
N TYR A 400 3.58 37.17 -1.34
CA TYR A 400 4.82 36.49 -1.73
C TYR A 400 5.81 37.44 -2.41
N ASN A 401 5.61 38.74 -2.19
CA ASN A 401 6.50 39.80 -2.67
C ASN A 401 6.84 39.75 -4.16
N LEU A 402 5.90 39.29 -4.97
CA LEU A 402 6.08 39.31 -6.42
C LEU A 402 5.97 40.75 -6.92
N PRO A 403 6.80 41.13 -7.88
CA PRO A 403 6.76 42.52 -8.35
C PRO A 403 5.47 42.83 -9.12
N LEU A 404 4.99 44.05 -8.94
CA LEU A 404 3.74 44.49 -9.55
C LEU A 404 3.99 45.85 -10.21
N MSE A 405 3.15 46.22 -11.17
CA MSE A 405 3.33 47.49 -11.87
C MSE A 405 2.53 48.61 -11.21
O MSE A 405 1.33 48.46 -10.97
CB MSE A 405 2.94 47.37 -13.33
CG MSE A 405 3.04 48.68 -14.12
SE MSE A 405 4.86 49.37 -14.29
CE MSE A 405 5.73 47.81 -15.07
N SER A 406 3.19 49.72 -10.92
CA SER A 406 2.52 50.86 -10.30
C SER A 406 1.60 51.50 -11.32
N GLN A 407 0.72 52.38 -10.85
CA GLN A 407 -0.27 52.97 -11.73
C GLN A 407 0.44 54.01 -12.59
N SER A 408 1.29 54.81 -11.95
CA SER A 408 2.03 55.87 -12.64
C SER A 408 3.04 55.29 -13.61
N GLU A 409 3.81 54.30 -13.16
CA GLU A 409 4.82 53.66 -14.01
C GLU A 409 4.21 52.95 -15.21
N SER A 410 2.92 52.64 -15.13
CA SER A 410 2.24 51.89 -16.19
C SER A 410 2.02 52.74 -17.43
N LEU A 411 2.26 54.04 -17.30
CA LEU A 411 2.07 54.98 -18.41
C LEU A 411 3.12 54.81 -19.50
N ASP A 412 4.26 54.23 -19.17
CA ASP A 412 5.27 53.89 -20.16
C ASP A 412 5.78 52.47 -19.92
N TRP A 413 5.70 51.64 -20.95
CA TRP A 413 6.11 50.25 -20.85
C TRP A 413 7.52 50.03 -21.41
N LEU A 414 7.92 50.82 -22.40
CA LEU A 414 9.24 50.68 -23.00
C LEU A 414 10.34 51.02 -21.99
N GLU A 415 10.13 52.09 -21.23
CA GLU A 415 11.09 52.48 -20.20
C GLU A 415 10.99 51.61 -18.97
N ASN A 416 9.75 51.29 -18.57
CA ASN A 416 9.49 50.65 -17.29
C ASN A 416 9.30 49.14 -17.37
N SER A 417 9.64 48.55 -18.52
CA SER A 417 9.46 47.10 -18.70
C SER A 417 10.33 46.28 -17.73
N THR A 418 9.71 45.26 -17.15
CA THR A 418 10.44 44.28 -16.36
C THR A 418 9.92 42.90 -16.73
N ARG A 419 10.77 41.89 -16.66
CA ARG A 419 10.35 40.54 -17.01
C ARG A 419 10.26 39.64 -15.79
N CYS A 420 9.11 39.02 -15.61
CA CYS A 420 8.91 38.08 -14.51
C CYS A 420 8.87 36.66 -15.07
N VAL A 421 9.50 35.74 -14.35
CA VAL A 421 9.53 34.35 -14.78
C VAL A 421 8.94 33.46 -13.70
N TYR A 422 7.74 32.96 -13.96
CA TYR A 422 7.06 32.04 -13.07
C TYR A 422 6.90 30.73 -13.81
N PRO A 423 6.58 29.65 -13.08
CA PRO A 423 6.24 28.39 -13.76
C PRO A 423 5.10 28.59 -14.76
N GLY A 424 5.17 27.88 -15.88
CA GLY A 424 4.24 28.06 -16.99
C GLY A 424 2.76 28.06 -16.64
N ASN A 425 2.35 27.13 -15.78
CA ASN A 425 0.96 27.07 -15.32
C ASN A 425 0.58 28.36 -14.60
N ILE A 426 1.45 28.81 -13.72
CA ILE A 426 1.20 29.99 -12.91
C ILE A 426 1.21 31.26 -13.77
N SER A 427 2.18 31.33 -14.69
CA SER A 427 2.26 32.42 -15.64
C SER A 427 0.97 32.53 -16.44
N LYS A 428 0.54 31.38 -16.98
CA LYS A 428 -0.70 31.29 -17.76
C LYS A 428 -1.90 31.78 -16.94
N VAL A 429 -2.05 31.24 -15.74
CA VAL A 429 -3.17 31.58 -14.87
C VAL A 429 -3.20 33.08 -14.55
N LEU A 430 -2.04 33.64 -14.25
CA LEU A 430 -1.96 35.05 -13.87
C LEU A 430 -2.21 35.99 -15.06
N THR A 431 -1.57 35.73 -16.19
CA THR A 431 -1.80 36.55 -17.38
C THR A 431 -3.27 36.51 -17.76
N ASN A 432 -3.86 35.32 -17.70
CA ASN A 432 -5.28 35.18 -18.01
C ASN A 432 -6.13 35.95 -17.00
N ALA A 433 -5.72 35.93 -15.73
CA ALA A 433 -6.46 36.63 -14.68
C ALA A 433 -6.48 38.13 -14.93
N TRP A 434 -5.31 38.72 -15.12
CA TRP A 434 -5.20 40.15 -15.36
C TRP A 434 -5.92 40.55 -16.66
N SER A 435 -5.80 39.71 -17.68
CA SER A 435 -6.44 39.98 -18.96
C SER A 435 -7.96 40.03 -18.83
N THR A 436 -8.52 39.05 -18.13
CA THR A 436 -9.97 39.01 -17.93
C THR A 436 -10.46 40.13 -17.02
N LEU A 437 -9.68 40.47 -16.01
CA LEU A 437 -10.03 41.59 -15.15
C LEU A 437 -10.12 42.86 -16.00
N TYR A 438 -9.14 43.03 -16.88
CA TYR A 438 -9.15 44.15 -17.83
C TYR A 438 -10.40 44.11 -18.69
N GLU A 439 -10.72 42.94 -19.24
CA GLU A 439 -11.91 42.78 -20.07
C GLU A 439 -13.17 43.21 -19.33
N ILE A 440 -13.21 42.93 -18.03
CA ILE A 440 -14.37 43.31 -17.22
C ILE A 440 -14.44 44.82 -17.03
N ARG A 441 -13.36 45.43 -16.55
CA ARG A 441 -13.39 46.84 -16.19
C ARG A 441 -12.96 47.75 -17.35
N LYS A 442 -13.04 47.22 -18.57
CA LYS A 442 -12.55 47.91 -19.75
C LYS A 442 -13.37 49.17 -20.12
N TYR A 443 -14.66 49.16 -19.79
CA TYR A 443 -15.55 50.23 -20.24
C TYR A 443 -15.82 51.30 -19.17
N GLN A 444 -15.29 51.09 -17.96
CA GLN A 444 -15.55 52.03 -16.88
C GLN A 444 -14.48 53.12 -16.83
N LEU A 445 -14.93 54.37 -16.82
CA LEU A 445 -14.05 55.53 -16.91
C LEU A 445 -13.13 55.69 -15.71
N ASP A 446 -13.66 55.45 -14.51
CA ASP A 446 -12.91 55.65 -13.29
C ASP A 446 -11.64 54.82 -13.21
N PHE A 447 -11.64 53.65 -13.84
CA PHE A 447 -10.46 52.79 -13.84
C PHE A 447 -9.47 53.18 -14.93
N LEU A 448 -9.95 53.83 -15.98
CA LEU A 448 -9.07 54.33 -17.03
C LEU A 448 -8.33 55.58 -16.54
N VAL A 449 -9.06 56.48 -15.89
CA VAL A 449 -8.49 57.70 -15.34
C VAL A 449 -7.50 57.38 -14.20
N SER A 450 -7.84 56.37 -13.41
CA SER A 450 -7.00 55.93 -12.30
C SER A 450 -5.73 55.22 -12.77
N ASN A 451 -5.63 55.01 -14.08
CA ASN A 451 -4.51 54.33 -14.71
C ASN A 451 -4.43 52.87 -14.26
N ASN A 452 -5.59 52.32 -13.89
CA ASN A 452 -5.68 50.93 -13.46
C ASN A 452 -5.68 49.96 -14.63
N LEU A 453 -6.32 50.33 -15.73
CA LEU A 453 -6.40 49.45 -16.90
C LEU A 453 -5.02 49.21 -17.53
N THR A 454 -4.26 50.28 -17.66
CA THR A 454 -2.92 50.20 -18.22
C THR A 454 -2.06 49.33 -17.32
N SER A 455 -2.28 49.44 -16.02
CA SER A 455 -1.56 48.63 -15.05
C SER A 455 -1.94 47.15 -15.17
N TYR A 456 -3.22 46.87 -15.33
CA TYR A 456 -3.69 45.49 -15.51
C TYR A 456 -3.04 44.85 -16.73
N LEU A 457 -3.17 45.52 -17.87
CA LEU A 457 -2.62 45.00 -19.13
C LEU A 457 -1.13 44.83 -18.98
N CYS A 458 -0.51 45.78 -18.28
CA CYS A 458 0.92 45.76 -18.03
C CYS A 458 1.34 44.53 -17.22
N ASN A 459 0.59 44.25 -16.15
CA ASN A 459 0.83 43.10 -15.30
C ASN A 459 0.67 41.79 -16.07
N ALA A 460 -0.26 41.79 -17.03
CA ALA A 460 -0.45 40.64 -17.88
C ALA A 460 0.69 40.52 -18.89
N MSE A 461 1.35 41.64 -19.17
CA MSE A 461 2.43 41.66 -20.14
C MSE A 461 3.78 41.26 -19.53
O MSE A 461 4.63 40.71 -20.23
CB MSE A 461 2.55 43.05 -20.78
CG MSE A 461 1.47 43.38 -21.79
SE MSE A 461 1.93 44.95 -22.86
CE MSE A 461 3.60 44.26 -23.60
N MSE A 462 3.97 41.56 -18.24
CA MSE A 462 5.22 41.24 -17.54
C MSE A 462 5.58 39.77 -17.66
O MSE A 462 6.76 39.41 -17.67
CB MSE A 462 5.12 41.62 -16.06
CG MSE A 462 5.14 43.10 -15.77
SE MSE A 462 5.40 43.43 -13.87
CE MSE A 462 3.96 42.32 -13.16
N LEU A 463 4.57 38.92 -17.72
CA LEU A 463 4.78 37.48 -17.71
C LEU A 463 4.92 36.95 -19.13
N SER A 464 5.76 37.64 -19.90
CA SER A 464 6.04 37.41 -21.33
C SER A 464 6.58 38.69 -21.95
N GLY A 479 1.73 31.60 -33.89
CA GLY A 479 1.88 31.06 -32.55
C GLY A 479 0.75 31.47 -31.62
N GLU A 480 0.63 30.77 -30.50
CA GLU A 480 -0.43 31.03 -29.52
C GLU A 480 -0.10 32.28 -28.68
N GLU A 481 1.05 32.23 -28.03
CA GLU A 481 1.46 33.29 -27.13
C GLU A 481 1.89 34.53 -27.91
N GLU A 482 2.25 34.34 -29.17
CA GLU A 482 2.65 35.44 -30.04
C GLU A 482 1.44 36.33 -30.29
N LYS A 483 0.32 35.71 -30.64
CA LYS A 483 -0.93 36.44 -30.87
C LYS A 483 -1.44 37.00 -29.55
N ALA A 484 -1.24 36.27 -28.46
CA ALA A 484 -1.62 36.77 -27.14
C ALA A 484 -0.90 38.09 -26.82
N LEU A 485 0.43 38.10 -26.94
CA LEU A 485 1.23 39.30 -26.75
C LEU A 485 0.80 40.42 -27.68
N ARG A 486 0.58 40.08 -28.94
CA ARG A 486 0.18 41.06 -29.93
C ARG A 486 -1.09 41.78 -29.48
N GLU A 487 -2.11 40.99 -29.13
CA GLU A 487 -3.39 41.55 -28.73
C GLU A 487 -3.28 42.36 -27.44
N LEU A 488 -2.49 41.89 -26.48
CA LEU A 488 -2.28 42.62 -25.24
C LEU A 488 -1.65 43.98 -25.51
N GLN A 489 -0.61 43.98 -26.33
CA GLN A 489 0.11 45.18 -26.69
C GLN A 489 -0.80 46.18 -27.40
N PHE A 490 -1.62 45.69 -28.33
CA PHE A 490 -2.56 46.56 -29.02
C PHE A 490 -3.54 47.15 -28.02
N LYS A 491 -4.12 46.32 -27.16
CA LYS A 491 -5.07 46.80 -26.17
C LYS A 491 -4.45 47.87 -25.28
N TYR A 492 -3.16 47.70 -24.97
CA TYR A 492 -2.41 48.67 -24.18
C TYR A 492 -2.29 50.01 -24.91
N SER A 493 -1.85 49.95 -26.16
CA SER A 493 -1.70 51.17 -26.97
C SER A 493 -3.02 51.90 -27.13
N TYR A 494 -4.08 51.15 -27.42
CA TYR A 494 -5.42 51.68 -27.61
C TYR A 494 -5.91 52.34 -26.32
N THR A 495 -5.57 51.72 -25.20
CA THR A 495 -5.93 52.24 -23.88
C THR A 495 -5.20 53.54 -23.61
N LEU A 496 -3.95 53.61 -24.05
CA LEU A 496 -3.16 54.83 -23.93
C LEU A 496 -3.70 55.94 -24.82
N ALA A 497 -4.21 55.56 -25.99
CA ALA A 497 -4.79 56.50 -26.95
C ALA A 497 -6.10 57.09 -26.43
N GLN A 498 -6.93 56.25 -25.83
CA GLN A 498 -8.18 56.72 -25.21
C GLN A 498 -7.90 57.81 -24.18
N GLN A 499 -6.82 57.61 -23.42
CA GLN A 499 -6.39 58.52 -22.37
C GLN A 499 -5.77 59.81 -22.93
N ARG A 500 -5.58 59.85 -24.25
CA ARG A 500 -5.01 61.00 -24.96
C ARG A 500 -3.52 61.14 -24.69
N HIS A 501 -2.91 60.03 -24.31
CA HIS A 501 -1.46 59.94 -24.28
C HIS A 501 -0.98 59.48 -25.65
N ILE A 502 -1.07 60.39 -26.61
CA ILE A 502 -0.90 60.02 -28.01
C ILE A 502 0.56 59.77 -28.35
N GLU A 503 1.46 60.56 -27.78
CA GLU A 503 2.88 60.43 -28.08
C GLU A 503 3.41 59.07 -27.61
N THR A 504 2.95 58.64 -26.44
CA THR A 504 3.41 57.38 -25.87
C THR A 504 2.77 56.22 -26.63
N ALA A 505 1.50 56.41 -27.01
CA ALA A 505 0.80 55.36 -27.75
C ALA A 505 1.49 55.14 -29.09
N ILE A 506 1.91 56.24 -29.70
CA ILE A 506 2.62 56.17 -30.96
C ILE A 506 3.96 55.49 -30.81
N LYS A 507 4.71 55.82 -29.76
CA LYS A 507 6.03 55.20 -29.61
C LYS A 507 5.94 53.70 -29.35
N THR A 508 5.09 53.31 -28.39
CA THR A 508 4.91 51.89 -28.10
C THR A 508 4.44 51.13 -29.35
N LEU A 509 3.42 51.67 -29.99
CA LEU A 509 2.83 51.05 -31.17
C LEU A 509 3.86 50.89 -32.28
N GLU A 510 4.59 51.97 -32.52
CA GLU A 510 5.59 52.01 -33.58
C GLU A 510 6.72 51.00 -33.36
N SER A 511 7.50 51.18 -32.29
CA SER A 511 8.68 50.34 -32.06
C SER A 511 8.30 48.91 -31.67
N LEU A 512 7.45 48.77 -30.66
CA LEU A 512 7.14 47.46 -30.11
C LEU A 512 6.27 46.58 -31.00
N ILE A 513 5.12 47.09 -31.43
CA ILE A 513 4.12 46.23 -32.05
C ILE A 513 4.31 46.13 -33.57
N LEU A 514 4.54 47.25 -34.27
CA LEU A 514 4.55 47.24 -35.73
C LEU A 514 5.93 46.94 -36.30
N SER A 515 6.97 47.11 -35.49
CA SER A 515 8.28 46.70 -35.92
C SER A 515 8.34 45.21 -35.69
N LYS A 516 8.31 44.47 -36.79
CA LYS A 516 8.30 43.00 -36.86
C LYS A 516 6.93 42.33 -36.59
N ASN A 517 5.85 43.12 -36.65
CA ASN A 517 4.51 42.56 -36.85
C ASN A 517 3.74 43.44 -37.84
N PRO A 518 4.14 43.43 -39.14
CA PRO A 518 3.51 44.18 -40.24
C PRO A 518 2.24 43.55 -40.79
N ASN A 519 1.94 42.35 -40.32
CA ASN A 519 0.81 41.57 -40.79
C ASN A 519 -0.45 42.02 -40.08
N TYR A 520 -0.28 43.06 -39.28
CA TYR A 520 -1.26 43.49 -38.30
C TYR A 520 -1.86 44.89 -38.58
N TYR A 521 -3.03 44.94 -39.21
CA TYR A 521 -3.52 46.18 -39.82
C TYR A 521 -4.28 46.98 -38.77
N LYS A 522 -4.50 46.33 -37.64
CA LYS A 522 -5.25 46.90 -36.53
C LYS A 522 -4.43 48.04 -35.93
N ALA A 523 -3.15 47.76 -35.74
CA ALA A 523 -2.23 48.69 -35.12
C ALA A 523 -1.79 49.72 -36.14
N TRP A 524 -1.91 49.39 -37.42
CA TRP A 524 -1.60 50.35 -38.47
C TRP A 524 -2.69 51.40 -38.50
N HIS A 525 -3.94 50.96 -38.37
CA HIS A 525 -5.06 51.88 -38.36
C HIS A 525 -5.02 52.74 -37.09
N LEU A 526 -4.65 52.11 -35.96
CA LEU A 526 -4.54 52.87 -34.72
C LEU A 526 -3.42 53.90 -34.80
N LEU A 527 -2.32 53.51 -35.44
CA LEU A 527 -1.18 54.39 -35.61
C LEU A 527 -1.57 55.57 -36.49
N ALA A 528 -2.30 55.28 -37.56
CA ALA A 528 -2.79 56.30 -38.47
C ALA A 528 -3.63 57.32 -37.70
N LEU A 529 -4.56 56.83 -36.90
CA LEU A 529 -5.42 57.71 -36.10
C LEU A 529 -4.65 58.54 -35.08
N CYS A 530 -3.63 57.95 -34.46
CA CYS A 530 -2.81 58.70 -33.51
C CYS A 530 -2.00 59.78 -34.21
N ARG A 531 -1.50 59.48 -35.40
CA ARG A 531 -0.71 60.44 -36.15
C ARG A 531 -1.62 61.51 -36.76
N SER A 532 -2.92 61.23 -36.81
CA SER A 532 -3.88 62.21 -37.30
C SER A 532 -4.01 63.41 -36.35
N VAL A 533 -3.67 63.20 -35.08
CA VAL A 533 -3.81 64.23 -34.06
C VAL A 533 -2.84 65.40 -34.29
N GLN A 534 -1.66 65.10 -34.82
CA GLN A 534 -0.65 66.12 -35.10
C GLN A 534 -1.15 67.04 -36.21
N GLU A 535 -0.95 68.34 -36.05
CA GLU A 535 -1.45 69.34 -36.99
C GLU A 535 -1.24 69.04 -38.49
N ASP A 536 -0.10 68.44 -38.83
CA ASP A 536 0.21 68.08 -40.22
C ASP A 536 -0.08 66.59 -40.43
N LYS A 537 -0.97 66.28 -41.37
CA LYS A 537 -1.46 64.90 -41.54
C LYS A 537 -0.95 64.12 -42.75
N GLU A 538 0.18 64.51 -43.33
CA GLU A 538 0.68 63.81 -44.51
C GLU A 538 1.26 62.46 -44.12
N MSE A 539 1.78 62.39 -42.90
CA MSE A 539 2.27 61.13 -42.36
C MSE A 539 1.13 60.12 -42.25
O MSE A 539 1.20 59.03 -42.81
CB MSE A 539 2.93 61.33 -41.00
CG MSE A 539 3.35 60.02 -40.34
SE MSE A 539 5.07 59.31 -40.94
CE MSE A 539 6.25 60.52 -39.96
N SER A 540 0.09 60.51 -41.53
CA SER A 540 -1.09 59.67 -41.34
C SER A 540 -1.65 59.22 -42.68
N TYR A 541 -1.73 60.17 -43.60
CA TYR A 541 -2.26 59.91 -44.93
C TYR A 541 -1.46 58.88 -45.70
N LYS A 542 -0.15 59.08 -45.76
CA LYS A 542 0.71 58.16 -46.50
C LYS A 542 0.77 56.78 -45.84
N ILE A 543 0.72 56.75 -44.51
CA ILE A 543 0.64 55.47 -43.80
C ILE A 543 -0.63 54.74 -44.22
N VAL A 544 -1.76 55.44 -44.17
CA VAL A 544 -3.03 54.83 -44.55
C VAL A 544 -2.95 54.35 -46.00
N CYS A 545 -2.25 55.08 -46.85
CA CYS A 545 -2.13 54.67 -48.24
C CYS A 545 -1.32 53.38 -48.43
N SER A 546 -0.12 53.35 -47.87
CA SER A 546 0.74 52.17 -48.00
C SER A 546 0.09 50.95 -47.36
N VAL A 547 -0.47 51.14 -46.18
CA VAL A 547 -1.14 50.06 -45.47
C VAL A 547 -2.35 49.57 -46.26
N LEU A 548 -3.08 50.50 -46.87
CA LEU A 548 -4.24 50.14 -47.69
C LEU A 548 -3.78 49.29 -48.86
N GLU A 549 -2.65 49.65 -49.46
CA GLU A 549 -2.08 48.87 -50.55
C GLU A 549 -1.72 47.46 -50.07
N ALA A 550 -1.13 47.39 -48.88
CA ALA A 550 -0.75 46.12 -48.29
C ALA A 550 -1.98 45.25 -48.06
N MSE A 551 -3.07 45.90 -47.67
CA MSE A 551 -4.34 45.21 -47.46
C MSE A 551 -4.97 44.84 -48.79
O MSE A 551 -5.85 43.99 -48.83
CB MSE A 551 -5.31 46.08 -46.66
CG MSE A 551 -4.86 46.39 -45.25
SE MSE A 551 -6.31 47.04 -44.12
CE MSE A 551 -7.19 45.36 -43.74
N ASN A 552 -4.56 45.48 -49.88
CA ASN A 552 -5.03 45.10 -51.20
C ASN A 552 -4.29 43.86 -51.68
N GLU A 553 -2.99 43.82 -51.41
CA GLU A 553 -2.19 42.64 -51.75
C GLU A 553 -2.72 41.45 -50.93
N SER A 554 -2.91 41.69 -49.64
CA SER A 554 -3.40 40.69 -48.70
C SER A 554 -4.84 40.30 -49.01
N LEU A 555 -5.59 41.23 -49.61
CA LEU A 555 -6.96 40.93 -50.03
C LEU A 555 -6.96 40.01 -51.24
N GLN A 556 -6.32 40.45 -52.31
CA GLN A 556 -6.48 39.79 -53.60
C GLN A 556 -5.41 38.75 -53.96
N ASN A 557 -4.16 39.17 -54.01
CA ASN A 557 -3.10 38.28 -54.50
C ASN A 557 -2.85 37.10 -53.55
N ASN A 558 -2.99 37.39 -52.26
CA ASN A 558 -2.86 36.40 -51.21
C ASN A 558 -4.18 36.39 -50.42
N THR A 559 -4.65 35.24 -49.97
CA THR A 559 -5.89 35.21 -49.18
C THR A 559 -5.62 35.27 -47.65
N LEU A 560 -5.79 36.44 -47.02
CA LEU A 560 -5.47 36.61 -45.59
C LEU A 560 -6.56 37.27 -44.71
N LEU A 561 -7.32 38.21 -45.26
CA LEU A 561 -8.33 38.97 -44.50
C LEU A 561 -9.49 38.12 -43.94
N LEU A 562 -9.74 38.16 -42.62
CA LEU A 562 -11.00 37.62 -42.08
C LEU A 562 -11.87 38.66 -41.34
N ASN A 563 -11.46 39.10 -40.15
CA ASN A 563 -12.08 40.23 -39.45
C ASN A 563 -11.68 41.53 -40.15
N ASP A 564 -10.51 41.49 -40.75
CA ASP A 564 -9.84 42.65 -41.33
C ASP A 564 -10.61 43.26 -42.51
N ARG A 565 -11.66 42.59 -42.98
CA ARG A 565 -12.48 43.11 -44.07
C ARG A 565 -13.07 44.46 -43.64
N TRP A 566 -13.54 44.45 -42.41
CA TRP A 566 -14.13 45.63 -41.81
C TRP A 566 -13.07 46.69 -41.60
N GLN A 567 -11.91 46.24 -41.15
CA GLN A 567 -10.80 47.12 -40.92
C GLN A 567 -10.42 47.79 -42.23
N PHE A 568 -10.54 47.04 -43.32
CA PHE A 568 -10.28 47.52 -44.66
C PHE A 568 -11.24 48.66 -44.98
N ILE A 569 -12.54 48.40 -44.88
CA ILE A 569 -13.50 49.45 -45.22
C ILE A 569 -13.31 50.70 -44.37
N HIS A 570 -13.24 50.54 -43.06
CA HIS A 570 -13.10 51.68 -42.16
C HIS A 570 -11.79 52.43 -42.38
N LEU A 571 -10.72 51.69 -42.71
CA LEU A 571 -9.44 52.31 -43.06
C LEU A 571 -9.61 53.17 -44.28
N LYS A 572 -10.35 52.66 -45.26
CA LYS A 572 -10.62 53.43 -46.48
C LYS A 572 -11.36 54.70 -46.13
N LEU A 573 -12.33 54.60 -45.23
CA LEU A 573 -13.08 55.78 -44.80
C LEU A 573 -12.16 56.80 -44.14
N THR A 574 -11.22 56.31 -43.34
CA THR A 574 -10.22 57.18 -42.70
C THR A 574 -9.37 57.88 -43.75
N GLN A 575 -8.99 57.14 -44.80
CA GLN A 575 -8.25 57.73 -45.90
C GLN A 575 -9.05 58.88 -46.49
N LEU A 576 -10.34 58.62 -46.71
CA LEU A 576 -11.24 59.63 -47.26
C LEU A 576 -11.27 60.88 -46.40
N ALA A 577 -11.40 60.70 -45.10
CA ALA A 577 -11.46 61.82 -44.17
C ALA A 577 -10.16 62.62 -44.20
N LEU A 578 -9.04 61.90 -44.28
CA LEU A 578 -7.73 62.53 -44.37
C LEU A 578 -7.62 63.37 -45.64
N ILE A 579 -8.00 62.80 -46.77
CA ILE A 579 -8.04 63.51 -48.04
C ILE A 579 -8.90 64.75 -47.93
N GLU A 580 -10.05 64.56 -47.31
CA GLU A 580 -11.05 65.57 -47.08
C GLU A 580 -10.46 66.77 -46.35
N GLU A 581 -9.65 66.52 -45.33
CA GLU A 581 -9.06 67.63 -44.61
C GLU A 581 -7.87 68.22 -45.37
N ILE A 582 -7.12 67.37 -46.08
CA ILE A 582 -5.92 67.83 -46.79
C ILE A 582 -6.17 68.44 -48.18
N PHE A 583 -6.97 67.76 -49.01
CA PHE A 583 -7.20 68.20 -50.38
C PHE A 583 -8.54 68.87 -50.64
N GLY A 584 -9.28 69.16 -49.59
CA GLY A 584 -10.60 69.77 -49.73
C GLY A 584 -11.68 68.73 -49.92
N THR A 585 -12.92 69.12 -49.62
CA THR A 585 -14.06 68.20 -49.69
C THR A 585 -14.45 67.76 -51.10
N LEU A 586 -14.23 68.60 -52.10
CA LEU A 586 -14.58 68.23 -53.47
C LEU A 586 -13.62 67.20 -54.07
N GLU A 587 -12.32 67.44 -53.89
CA GLU A 587 -11.30 66.52 -54.37
C GLU A 587 -11.47 65.18 -53.67
N ALA A 588 -11.98 65.22 -52.44
CA ALA A 588 -12.30 64.02 -51.70
C ALA A 588 -13.56 63.37 -52.25
N LEU A 589 -14.53 64.18 -52.70
CA LEU A 589 -15.74 63.66 -53.32
C LEU A 589 -15.41 62.86 -54.57
N GLU A 590 -14.35 63.26 -55.26
CA GLU A 590 -13.97 62.59 -56.50
C GLU A 590 -13.62 61.11 -56.26
N THR A 591 -12.95 60.82 -55.15
CA THR A 591 -12.42 59.48 -54.90
C THR A 591 -13.39 58.58 -54.12
N LEU A 592 -14.61 59.04 -53.90
CA LEU A 592 -15.62 58.24 -53.19
C LEU A 592 -15.99 56.90 -53.83
N PRO A 593 -16.22 56.87 -55.16
CA PRO A 593 -16.64 55.60 -55.78
C PRO A 593 -15.72 54.41 -55.50
N GLU A 594 -14.48 54.69 -55.12
CA GLU A 594 -13.50 53.63 -54.82
C GLU A 594 -13.95 52.79 -53.64
N VAL A 595 -14.61 53.43 -52.67
CA VAL A 595 -15.07 52.75 -51.48
C VAL A 595 -16.17 51.73 -51.79
N PHE A 596 -17.08 52.13 -52.67
CA PHE A 596 -18.18 51.26 -53.06
C PHE A 596 -17.65 50.09 -53.87
N GLU A 597 -16.67 50.37 -54.72
CA GLU A 597 -15.98 49.32 -55.46
C GLU A 597 -15.27 48.38 -54.49
N LEU A 598 -14.62 48.97 -53.49
CA LEU A 598 -13.95 48.20 -52.45
C LEU A 598 -14.94 47.34 -51.68
N TYR A 599 -16.07 47.94 -51.31
CA TYR A 599 -17.11 47.21 -50.60
C TYR A 599 -17.63 46.04 -51.43
N ALA A 600 -17.90 46.30 -52.71
CA ALA A 600 -18.39 45.27 -53.61
C ALA A 600 -17.40 44.11 -53.71
N THR A 601 -16.11 44.42 -53.71
CA THR A 601 -15.06 43.41 -53.78
C THR A 601 -14.96 42.60 -52.48
N LEU A 602 -14.91 43.30 -51.36
CA LEU A 602 -14.77 42.66 -50.06
C LEU A 602 -15.96 41.79 -49.70
N PHE A 603 -17.16 42.28 -50.01
CA PHE A 603 -18.39 41.56 -49.70
C PHE A 603 -19.19 41.21 -50.95
N PRO A 604 -19.10 39.94 -51.37
CA PRO A 604 -19.82 39.36 -52.52
C PRO A 604 -21.30 39.21 -52.24
N ASP A 605 -22.06 38.70 -53.22
CA ASP A 605 -23.49 38.56 -53.05
C ASP A 605 -23.79 37.26 -52.30
N SER A 606 -22.79 36.40 -52.22
CA SER A 606 -22.92 35.13 -51.51
C SER A 606 -22.24 35.20 -50.15
N SER A 612 -21.40 39.02 -41.52
CA SER A 612 -21.63 39.14 -40.09
C SER A 612 -20.36 38.86 -39.29
N MSE A 613 -19.68 39.92 -38.88
CA MSE A 613 -18.45 39.80 -38.11
C MSE A 613 -18.72 39.34 -36.68
O MSE A 613 -17.94 38.58 -36.10
CB MSE A 613 -17.71 41.14 -38.11
CG MSE A 613 -16.50 41.20 -37.22
SE MSE A 613 -15.71 42.97 -37.21
CE MSE A 613 -14.97 42.95 -35.41
N GLY A 614 -19.83 39.79 -36.12
CA GLY A 614 -20.23 39.40 -34.78
C GLY A 614 -21.65 38.88 -34.73
N PRO A 615 -22.21 38.75 -33.52
CA PRO A 615 -23.57 38.23 -33.37
C PRO A 615 -24.61 39.33 -33.16
N LYS A 616 -24.17 40.59 -33.16
CA LYS A 616 -25.08 41.71 -32.96
C LYS A 616 -25.34 42.39 -34.30
N TYR A 617 -26.24 43.37 -34.30
CA TYR A 617 -26.57 44.05 -35.54
C TYR A 617 -25.54 45.12 -35.85
N SER A 618 -24.94 45.68 -34.80
CA SER A 618 -23.88 46.66 -34.94
C SER A 618 -22.63 46.01 -35.55
N GLN A 619 -22.64 44.68 -35.59
CA GLN A 619 -21.50 43.91 -36.05
C GLN A 619 -21.91 43.06 -37.25
N THR A 620 -22.97 43.46 -37.93
CA THR A 620 -23.45 42.74 -39.11
C THR A 620 -23.05 43.43 -40.40
N LYS A 621 -22.93 42.65 -41.47
CA LYS A 621 -22.44 43.12 -42.76
C LYS A 621 -23.15 44.36 -43.35
N GLU A 622 -24.47 44.45 -43.17
CA GLU A 622 -25.29 45.54 -43.73
C GLU A 622 -24.99 46.90 -43.10
N TYR A 623 -24.70 46.85 -41.81
CA TYR A 623 -24.43 48.02 -40.99
C TYR A 623 -23.28 48.81 -41.61
N LEU A 624 -22.26 48.11 -42.11
CA LEU A 624 -21.15 48.75 -42.81
C LEU A 624 -21.61 49.63 -43.95
N LEU A 625 -22.46 49.09 -44.82
CA LEU A 625 -23.01 49.87 -45.92
C LEU A 625 -23.66 51.12 -45.37
N GLN A 626 -24.45 50.93 -44.32
CA GLN A 626 -25.11 52.09 -43.73
C GLN A 626 -24.08 53.15 -43.29
N MSE A 627 -23.00 52.71 -42.65
CA MSE A 627 -21.94 53.62 -42.21
C MSE A 627 -21.31 54.39 -43.36
O MSE A 627 -21.12 55.62 -43.28
CB MSE A 627 -20.86 52.85 -41.46
CG MSE A 627 -21.29 52.32 -40.09
SE MSE A 627 -21.98 53.73 -38.94
CE MSE A 627 -21.45 53.01 -37.21
N VAL A 628 -20.97 53.67 -44.43
CA VAL A 628 -20.35 54.30 -45.60
C VAL A 628 -21.28 55.34 -46.22
N TRP A 629 -22.55 54.97 -46.39
CA TRP A 629 -23.52 55.90 -46.95
C TRP A 629 -23.65 57.15 -46.08
N ILE A 630 -23.64 56.97 -44.76
CA ILE A 630 -23.72 58.12 -43.85
C ILE A 630 -22.50 59.02 -44.00
N PHE A 631 -21.33 58.41 -44.15
CA PHE A 631 -20.09 59.15 -44.37
C PHE A 631 -20.18 60.02 -45.62
N ALA A 632 -20.56 59.38 -46.73
CA ALA A 632 -20.75 60.07 -48.00
C ALA A 632 -21.77 61.21 -47.89
N ALA A 633 -22.86 60.96 -47.17
CA ALA A 633 -23.89 61.96 -46.95
C ALA A 633 -23.33 63.18 -46.23
N ASN A 634 -22.61 62.93 -45.14
CA ASN A 634 -22.00 64.01 -44.36
C ASN A 634 -21.04 64.85 -45.19
N MSE A 635 -20.24 64.19 -46.03
CA MSE A 635 -19.39 64.91 -46.97
C MSE A 635 -20.22 65.75 -47.94
O MSE A 635 -19.86 66.89 -48.24
CB MSE A 635 -18.49 63.95 -47.75
CG MSE A 635 -17.35 63.35 -46.94
SE MSE A 635 -16.19 62.24 -48.03
CE MSE A 635 -15.79 63.53 -49.42
N TYR A 636 -21.32 65.19 -48.41
CA TYR A 636 -22.24 65.88 -49.30
C TYR A 636 -22.89 67.08 -48.63
N MSE A 637 -22.89 67.07 -47.29
CA MSE A 637 -23.42 68.18 -46.52
C MSE A 637 -22.34 69.24 -46.34
O MSE A 637 -22.63 70.44 -46.26
CB MSE A 637 -23.96 67.72 -45.17
CG MSE A 637 -25.11 66.74 -45.28
SE MSE A 637 -25.82 66.27 -43.54
CE MSE A 637 -26.73 64.61 -44.03
N ARG A 638 -21.09 68.80 -46.25
CA ARG A 638 -19.98 69.73 -46.25
C ARG A 638 -19.88 70.47 -47.58
N THR A 639 -20.18 69.79 -48.68
CA THR A 639 -20.20 70.50 -49.95
C THR A 639 -21.57 71.16 -49.98
N LYS A 640 -21.56 72.49 -49.92
CA LYS A 640 -22.80 73.24 -49.87
C LYS A 640 -23.61 73.22 -51.15
N ASP A 641 -23.04 72.70 -52.23
CA ASP A 641 -23.68 72.83 -53.52
C ASP A 641 -24.85 71.87 -53.68
N ASN A 642 -24.64 70.59 -53.42
CA ASN A 642 -25.69 69.59 -53.59
C ASN A 642 -26.15 68.88 -52.32
N ASP A 643 -27.33 69.25 -51.84
CA ASP A 643 -27.94 68.68 -50.63
C ASP A 643 -28.75 67.44 -51.01
N GLU A 644 -29.18 67.40 -52.26
CA GLU A 644 -29.96 66.28 -52.78
C GLU A 644 -29.15 64.98 -52.78
N ASP A 645 -27.84 65.10 -53.02
CA ASP A 645 -26.96 63.93 -52.96
C ASP A 645 -26.93 63.34 -51.57
N ALA A 646 -26.90 64.21 -50.56
CA ALA A 646 -26.95 63.77 -49.16
C ALA A 646 -28.28 63.12 -48.83
N LYS A 647 -29.36 63.71 -49.33
CA LYS A 647 -30.69 63.16 -49.09
C LYS A 647 -30.83 61.77 -49.70
N ALA A 648 -30.36 61.63 -50.94
CA ALA A 648 -30.38 60.34 -51.64
C ALA A 648 -29.51 59.30 -50.93
N ALA A 649 -28.35 59.75 -50.45
CA ALA A 649 -27.44 58.87 -49.71
C ALA A 649 -28.11 58.34 -48.45
N ILE A 650 -28.76 59.22 -47.70
CA ILE A 650 -29.48 58.83 -46.50
C ILE A 650 -30.63 57.88 -46.82
N LYS A 651 -31.36 58.17 -47.89
CA LYS A 651 -32.44 57.30 -48.33
C LYS A 651 -31.94 55.89 -48.64
N GLU A 652 -30.83 55.80 -49.38
CA GLU A 652 -30.23 54.51 -49.70
C GLU A 652 -29.77 53.80 -48.44
N ALA A 653 -29.25 54.57 -47.49
CA ALA A 653 -28.79 54.01 -46.22
C ALA A 653 -29.94 53.38 -45.44
N SER A 654 -31.05 54.09 -45.34
CA SER A 654 -32.23 53.60 -44.62
C SER A 654 -32.92 52.43 -45.30
N ASN A 655 -32.90 52.41 -46.63
CA ASN A 655 -33.55 51.36 -47.41
C ASN A 655 -32.84 50.00 -47.35
N VAL A 656 -31.77 49.92 -46.57
CA VAL A 656 -31.08 48.66 -46.33
C VAL A 656 -31.54 48.00 -45.03
N ASN A 662 -29.18 52.26 -37.33
CA ASN A 662 -30.36 53.11 -37.41
C ASN A 662 -30.22 54.42 -36.66
N LEU A 663 -29.19 54.53 -35.82
CA LEU A 663 -29.04 55.75 -35.04
C LEU A 663 -28.25 56.80 -35.81
N ASN A 664 -27.31 56.36 -36.64
CA ASN A 664 -26.48 57.29 -37.40
C ASN A 664 -27.24 57.84 -38.61
N CYS A 665 -28.23 57.07 -39.08
CA CYS A 665 -29.12 57.54 -40.11
C CYS A 665 -29.99 58.67 -39.57
N ASN A 666 -30.37 58.53 -38.30
CA ASN A 666 -31.17 59.55 -37.63
C ASN A 666 -30.35 60.80 -37.34
N ILE A 667 -29.10 60.60 -36.96
CA ILE A 667 -28.20 61.73 -36.71
C ILE A 667 -27.98 62.48 -38.02
N ALA A 668 -27.88 61.70 -39.10
CA ALA A 668 -27.69 62.25 -40.43
C ALA A 668 -28.91 63.08 -40.84
N ASN A 669 -30.10 62.54 -40.61
CA ASN A 669 -31.33 63.28 -40.88
C ASN A 669 -31.43 64.55 -40.06
N GLY A 670 -30.91 64.48 -38.83
CA GLY A 670 -30.94 65.61 -37.92
C GLY A 670 -30.06 66.74 -38.40
N TYR A 671 -28.81 66.43 -38.75
CA TYR A 671 -27.91 67.46 -39.26
C TYR A 671 -28.38 67.97 -40.63
N LEU A 672 -28.97 67.07 -41.41
CA LEU A 672 -29.51 67.44 -42.71
C LEU A 672 -30.70 68.37 -42.61
N SER A 673 -31.44 68.30 -41.51
CA SER A 673 -32.65 69.10 -41.43
C SER A 673 -32.31 70.57 -41.17
N ILE A 674 -31.16 70.81 -40.54
CA ILE A 674 -30.64 72.16 -40.38
C ILE A 674 -30.30 72.78 -41.74
N ILE A 675 -29.80 71.94 -42.65
CA ILE A 675 -29.36 72.39 -43.97
C ILE A 675 -30.53 72.44 -44.94
N PRO A 679 -34.44 73.04 -37.91
CA PRO A 679 -35.51 73.73 -37.17
C PRO A 679 -35.98 72.95 -35.95
N GLY A 680 -37.04 72.17 -36.08
CA GLY A 680 -37.52 71.38 -34.96
C GLY A 680 -37.52 69.90 -35.25
N VAL A 681 -37.46 69.56 -36.54
CA VAL A 681 -37.38 68.17 -36.97
C VAL A 681 -36.03 67.60 -36.54
N ALA A 682 -35.00 68.44 -36.62
CA ALA A 682 -33.67 68.08 -36.16
C ALA A 682 -33.70 67.75 -34.68
N LEU A 683 -34.43 68.57 -33.91
CA LEU A 683 -34.57 68.36 -32.47
C LEU A 683 -35.20 67.00 -32.18
N LYS A 684 -36.29 66.70 -32.89
CA LYS A 684 -36.97 65.42 -32.75
C LYS A 684 -36.03 64.27 -33.06
N GLU A 685 -35.25 64.40 -34.14
CA GLU A 685 -34.27 63.37 -34.51
C GLU A 685 -33.22 63.14 -33.42
N PHE A 686 -32.67 64.24 -32.90
CA PHE A 686 -31.62 64.16 -31.88
C PHE A 686 -32.13 63.58 -30.57
N GLU A 687 -33.34 63.99 -30.19
CA GLU A 687 -33.99 63.42 -29.01
C GLU A 687 -34.24 61.93 -29.21
N THR A 688 -34.66 61.57 -30.41
CA THR A 688 -34.94 60.19 -30.75
C THR A 688 -33.67 59.34 -30.62
N VAL A 689 -32.54 59.87 -31.09
CA VAL A 689 -31.27 59.17 -30.95
C VAL A 689 -30.85 59.07 -29.48
N LEU A 690 -30.98 60.18 -28.74
CA LEU A 690 -30.56 60.25 -27.34
C LEU A 690 -31.40 59.36 -26.44
N TYR A 691 -32.61 59.05 -26.87
CA TYR A 691 -33.48 58.17 -26.11
C TYR A 691 -32.90 56.77 -25.95
N TYR A 692 -32.41 56.19 -27.04
CA TYR A 692 -31.90 54.82 -26.99
C TYR A 692 -30.49 54.65 -26.43
N ASP A 693 -29.71 55.72 -26.45
CA ASP A 693 -28.40 55.70 -25.80
C ASP A 693 -27.96 57.10 -25.34
N GLU A 694 -27.94 57.31 -24.02
CA GLU A 694 -27.67 58.61 -23.42
C GLU A 694 -26.32 59.12 -23.90
N ASN A 695 -25.32 58.24 -23.85
CA ASN A 695 -23.95 58.64 -24.07
C ASN A 695 -23.58 58.85 -25.54
N ASN A 696 -24.55 58.83 -26.46
CA ASN A 696 -24.19 59.04 -27.86
C ASN A 696 -23.59 60.43 -28.01
N LEU A 697 -22.46 60.51 -28.70
CA LEU A 697 -21.64 61.71 -28.66
C LEU A 697 -22.24 62.76 -29.58
N ASP A 698 -22.36 62.42 -30.86
CA ASP A 698 -22.80 63.38 -31.86
C ASP A 698 -24.27 63.76 -31.67
N ALA A 699 -25.05 62.89 -31.04
CA ALA A 699 -26.41 63.24 -30.66
C ALA A 699 -26.41 64.38 -29.64
N LEU A 700 -25.59 64.22 -28.60
CA LEU A 700 -25.44 65.24 -27.58
C LEU A 700 -24.93 66.54 -28.17
N VAL A 701 -23.95 66.42 -29.06
CA VAL A 701 -23.32 67.57 -29.68
C VAL A 701 -24.31 68.33 -30.57
N GLY A 702 -25.11 67.58 -31.32
CA GLY A 702 -26.13 68.18 -32.17
C GLY A 702 -27.22 68.87 -31.37
N PHE A 703 -27.70 68.18 -30.34
CA PHE A 703 -28.69 68.71 -29.42
C PHE A 703 -28.19 70.06 -28.89
N ALA A 704 -26.94 70.06 -28.43
CA ALA A 704 -26.33 71.26 -27.88
C ALA A 704 -26.20 72.34 -28.96
N GLU A 705 -25.97 71.93 -30.20
CA GLU A 705 -25.87 72.88 -31.31
C GLU A 705 -27.20 73.58 -31.52
N LEU A 706 -28.29 72.84 -31.42
CA LEU A 706 -29.62 73.44 -31.51
C LEU A 706 -29.88 74.36 -30.32
N ILE A 707 -29.34 74.01 -29.17
CA ILE A 707 -29.52 74.83 -27.98
C ILE A 707 -28.59 76.05 -27.97
N PHE A 708 -27.49 75.98 -28.72
CA PHE A 708 -26.53 77.08 -28.76
C PHE A 708 -26.19 77.53 -30.18
N PRO A 709 -26.59 78.76 -30.54
CA PRO A 709 -26.38 79.33 -31.87
C PRO A 709 -24.90 79.41 -32.26
N VAL A 730 -42.52 77.93 -29.95
CA VAL A 730 -41.57 77.64 -28.87
C VAL A 730 -41.75 78.59 -27.69
N ASN A 731 -41.70 78.03 -26.48
CA ASN A 731 -41.73 78.83 -25.25
C ASN A 731 -40.31 79.01 -24.72
N ASP A 732 -40.13 80.00 -23.84
CA ASP A 732 -38.82 80.22 -23.24
C ASP A 732 -38.61 79.09 -22.24
N THR A 733 -39.71 78.71 -21.60
CA THR A 733 -39.75 77.62 -20.63
C THR A 733 -39.39 76.29 -21.30
N ASP A 734 -39.71 76.19 -22.60
CA ASP A 734 -39.36 75.01 -23.38
C ASP A 734 -37.85 74.88 -23.51
N ARG A 735 -37.19 76.00 -23.84
CA ARG A 735 -35.74 75.97 -24.00
C ARG A 735 -35.09 75.77 -22.65
N SER A 736 -35.69 76.31 -21.58
CA SER A 736 -35.10 76.11 -20.25
C SER A 736 -35.16 74.64 -19.87
N ALA A 737 -36.26 73.97 -20.22
CA ALA A 737 -36.40 72.54 -19.92
C ALA A 737 -35.44 71.70 -20.77
N ALA A 738 -35.37 71.97 -22.06
CA ALA A 738 -34.49 71.24 -22.96
C ALA A 738 -33.02 71.45 -22.61
N TYR A 739 -32.69 72.68 -22.23
CA TYR A 739 -31.36 73.08 -21.80
C TYR A 739 -30.99 72.31 -20.54
N ALA A 740 -31.92 72.23 -19.59
CA ALA A 740 -31.68 71.50 -18.35
C ALA A 740 -31.44 70.02 -18.62
N ARG A 741 -32.26 69.45 -19.49
CA ARG A 741 -32.12 68.04 -19.88
C ARG A 741 -30.75 67.79 -20.50
N LEU A 742 -30.37 68.66 -21.43
CA LEU A 742 -29.08 68.57 -22.11
C LEU A 742 -27.95 68.60 -21.10
N LYS A 743 -28.05 69.53 -20.15
CA LYS A 743 -27.04 69.65 -19.09
C LYS A 743 -26.91 68.35 -18.31
N PHE A 744 -28.04 67.83 -17.85
CA PHE A 744 -28.06 66.57 -17.11
C PHE A 744 -27.37 65.47 -17.91
N LEU A 745 -27.72 65.38 -19.19
CA LEU A 745 -27.17 64.39 -20.10
C LEU A 745 -25.64 64.50 -20.16
N LEU A 746 -25.14 65.71 -20.37
CA LEU A 746 -23.70 65.90 -20.48
C LEU A 746 -22.98 65.54 -19.19
N GLU A 747 -23.58 65.93 -18.06
CA GLU A 747 -23.01 65.61 -16.75
C GLU A 747 -22.93 64.10 -16.53
N CYS A 748 -23.98 63.37 -16.91
CA CYS A 748 -23.93 61.92 -16.81
C CYS A 748 -22.86 61.34 -17.74
N ALA A 749 -22.77 61.90 -18.94
CA ALA A 749 -21.81 61.41 -19.94
C ALA A 749 -20.36 61.56 -19.50
N ILE A 750 -20.03 62.67 -18.83
CA ILE A 750 -18.67 62.87 -18.34
C ILE A 750 -18.33 61.84 -17.26
N LEU A 751 -19.36 61.33 -16.57
CA LEU A 751 -19.14 60.39 -15.48
C LEU A 751 -19.23 58.94 -15.94
N GLU A 752 -19.71 58.72 -17.16
CA GLU A 752 -19.91 57.36 -17.66
C GLU A 752 -19.02 57.02 -18.85
N SER A 753 -19.10 57.86 -19.89
CA SER A 753 -18.38 57.60 -21.15
C SER A 753 -16.96 58.11 -21.16
N ILE A 754 -16.03 57.25 -21.57
CA ILE A 754 -14.66 57.66 -21.79
C ILE A 754 -14.63 58.63 -22.97
N GLU A 755 -15.32 58.24 -24.04
CA GLU A 755 -15.36 59.01 -25.27
C GLU A 755 -15.86 60.43 -25.02
N ALA A 756 -16.78 60.57 -24.08
CA ALA A 756 -17.35 61.88 -23.77
C ALA A 756 -16.43 62.70 -22.88
N TYR A 757 -15.74 62.00 -21.96
CA TYR A 757 -14.84 62.66 -21.02
C TYR A 757 -13.69 63.32 -21.73
N TYR A 758 -13.16 62.66 -22.76
CA TYR A 758 -12.03 63.18 -23.52
C TYR A 758 -12.49 63.84 -24.82
N SER A 759 -13.67 64.45 -24.80
CA SER A 759 -14.20 65.14 -25.97
C SER A 759 -14.19 66.65 -25.79
N PRO A 760 -13.55 67.36 -26.72
CA PRO A 760 -13.42 68.82 -26.65
C PRO A 760 -14.77 69.55 -26.79
N GLU A 761 -15.67 68.96 -27.55
CA GLU A 761 -16.96 69.58 -27.82
C GLU A 761 -17.90 69.48 -26.62
N VAL A 762 -17.87 68.32 -25.96
CA VAL A 762 -18.66 68.09 -24.77
C VAL A 762 -18.27 69.09 -23.68
N TRP A 763 -16.96 69.26 -23.49
CA TRP A 763 -16.45 70.21 -22.51
C TRP A 763 -16.69 71.65 -22.96
N TRP A 764 -16.73 71.85 -24.28
CA TRP A 764 -17.03 73.17 -24.83
C TRP A 764 -18.45 73.60 -24.43
N TYR A 765 -19.44 72.78 -24.77
CA TYR A 765 -20.83 73.07 -24.44
C TYR A 765 -21.11 73.03 -22.95
N LEU A 766 -20.38 72.16 -22.24
CA LEU A 766 -20.52 72.07 -20.79
C LEU A 766 -20.02 73.37 -20.16
N SER A 767 -18.94 73.91 -20.73
CA SER A 767 -18.41 75.20 -20.32
C SER A 767 -19.40 76.31 -20.64
N LEU A 768 -19.99 76.21 -21.82
CA LEU A 768 -21.00 77.15 -22.27
C LEU A 768 -22.19 77.19 -21.31
N ILE A 769 -22.49 76.03 -20.71
CA ILE A 769 -23.51 75.97 -19.66
C ILE A 769 -22.98 76.65 -18.40
N TYR A 770 -21.75 76.34 -18.04
CA TYR A 770 -21.17 76.83 -16.80
C TYR A 770 -20.72 78.29 -16.97
N GLU A 771 -21.02 78.87 -18.11
CA GLU A 771 -20.63 80.25 -18.43
C GLU A 771 -21.29 81.35 -17.60
N LYS A 772 -22.59 81.20 -17.36
CA LYS A 772 -23.36 82.26 -16.72
C LYS A 772 -23.22 82.24 -15.21
N TYR A 773 -23.01 81.05 -14.65
CA TYR A 773 -22.43 80.96 -13.32
C TYR A 773 -20.95 81.25 -13.56
N GLN A 774 -20.23 81.76 -12.55
CA GLN A 774 -18.81 82.04 -12.77
C GLN A 774 -17.94 81.16 -11.87
N ASP A 775 -18.44 79.96 -11.58
CA ASP A 775 -17.76 79.06 -10.66
C ASP A 775 -16.45 78.52 -11.23
N ASP A 776 -15.76 77.73 -10.44
CA ASP A 776 -14.50 77.11 -10.81
C ASP A 776 -14.69 76.05 -11.88
N GLU A 777 -15.92 75.53 -11.98
CA GLU A 777 -16.21 74.49 -12.94
C GLU A 777 -16.13 75.04 -14.35
N TYR A 778 -16.40 76.34 -14.49
CA TYR A 778 -16.30 77.01 -15.77
C TYR A 778 -14.84 77.04 -16.21
N LYS A 779 -13.99 77.51 -15.31
CA LYS A 779 -12.56 77.61 -15.53
C LYS A 779 -11.99 76.26 -15.96
N ASN A 780 -12.24 75.24 -15.14
CA ASN A 780 -11.70 73.92 -15.40
C ASN A 780 -12.28 73.28 -16.66
N SER A 781 -13.54 73.57 -16.96
CA SER A 781 -14.16 73.10 -18.20
C SER A 781 -13.46 73.71 -19.41
N LEU A 782 -13.16 75.00 -19.33
CA LEU A 782 -12.42 75.67 -20.40
C LEU A 782 -11.03 75.07 -20.56
N LEU A 783 -10.35 74.85 -19.44
CA LEU A 783 -9.00 74.28 -19.48
C LEU A 783 -9.03 72.92 -20.16
N LYS A 784 -9.97 72.07 -19.75
CA LYS A 784 -10.12 70.75 -20.37
C LYS A 784 -10.46 70.83 -21.86
N CYS A 785 -11.39 71.68 -22.25
CA CYS A 785 -11.78 71.76 -23.67
C CYS A 785 -10.61 72.22 -24.52
N ILE A 786 -9.84 73.19 -24.02
CA ILE A 786 -8.66 73.66 -24.74
C ILE A 786 -7.62 72.55 -24.85
N LYS A 787 -7.37 71.85 -23.75
CA LYS A 787 -6.43 70.73 -23.75
C LYS A 787 -6.80 69.66 -24.78
N TYR A 788 -8.05 69.21 -24.73
CA TYR A 788 -8.54 68.15 -25.61
C TYR A 788 -8.73 68.56 -27.06
N GLN A 789 -8.87 69.86 -27.33
CA GLN A 789 -8.94 70.32 -28.72
C GLN A 789 -7.69 69.95 -29.50
N GLU A 790 -6.56 69.94 -28.80
CA GLU A 790 -5.27 69.67 -29.40
C GLU A 790 -5.00 68.17 -29.50
N LEU A 791 -5.82 67.37 -28.82
CA LEU A 791 -5.60 65.92 -28.80
C LEU A 791 -6.80 65.13 -29.30
N ASN A 792 -7.28 65.46 -30.50
CA ASN A 792 -8.35 64.70 -31.12
C ASN A 792 -7.94 64.11 -32.46
N PRO A 793 -8.31 62.84 -32.69
CA PRO A 793 -8.07 62.18 -33.99
C PRO A 793 -9.17 62.54 -34.98
N ILE A 794 -8.98 62.22 -36.26
CA ILE A 794 -10.00 62.52 -37.26
C ILE A 794 -11.28 61.75 -37.00
N ARG A 795 -11.19 60.42 -36.99
CA ARG A 795 -12.32 59.60 -36.58
C ARG A 795 -12.05 58.99 -35.22
N SER A 796 -13.10 58.56 -34.53
CA SER A 796 -12.96 57.98 -33.21
C SER A 796 -12.18 56.67 -33.29
N LEU A 797 -11.61 56.26 -32.16
CA LEU A 797 -10.70 55.13 -32.16
C LEU A 797 -11.46 53.81 -32.36
N ARG A 798 -12.77 53.84 -32.12
CA ARG A 798 -13.59 52.63 -32.20
C ARG A 798 -13.50 51.98 -33.57
N TYR A 799 -13.12 52.75 -34.57
CA TYR A 799 -13.15 52.27 -35.94
C TYR A 799 -11.84 51.60 -36.32
N CYS A 800 -10.96 51.39 -35.35
CA CYS A 800 -9.78 50.55 -35.60
C CYS A 800 -9.91 49.27 -34.78
N ASN A 801 -10.89 49.25 -33.89
CA ASN A 801 -11.07 48.13 -32.98
C ASN A 801 -11.88 47.03 -33.64
N TYR A 802 -11.18 46.13 -34.32
CA TYR A 802 -11.83 45.08 -35.12
C TYR A 802 -10.94 43.83 -35.18
N PRO B 8 -16.01 -26.41 61.79
CA PRO B 8 -15.59 -25.95 60.46
C PRO B 8 -16.74 -25.37 59.64
N SER B 9 -17.99 -25.62 60.04
CA SER B 9 -19.13 -25.29 59.20
C SER B 9 -19.20 -23.78 58.92
N LYS B 10 -18.71 -22.99 59.87
CA LYS B 10 -18.78 -21.55 59.75
C LYS B 10 -17.75 -21.11 58.73
N ILE B 11 -16.65 -21.86 58.64
CA ILE B 11 -15.59 -21.52 57.70
C ILE B 11 -15.79 -22.19 56.35
N ILE B 12 -16.24 -23.45 56.38
CA ILE B 12 -16.50 -24.20 55.16
C ILE B 12 -17.69 -23.61 54.37
N ASP B 13 -18.64 -22.97 55.06
CA ASP B 13 -19.71 -22.33 54.31
C ASP B 13 -19.16 -21.16 53.50
N VAL B 14 -18.20 -20.45 54.08
CA VAL B 14 -17.55 -19.34 53.40
C VAL B 14 -16.71 -19.82 52.22
N VAL B 15 -15.94 -20.88 52.44
CA VAL B 15 -15.12 -21.47 51.37
C VAL B 15 -16.00 -21.96 50.22
N ASP B 16 -17.10 -22.62 50.58
CA ASP B 16 -18.07 -23.10 49.62
C ASP B 16 -18.64 -21.94 48.81
N GLN B 17 -18.98 -20.86 49.50
CA GLN B 17 -19.50 -19.68 48.82
C GLN B 17 -18.48 -19.13 47.82
N ALA B 18 -17.21 -19.11 48.22
CA ALA B 18 -16.14 -18.66 47.34
C ALA B 18 -16.09 -19.53 46.07
N LEU B 19 -16.11 -20.85 46.26
CA LEU B 19 -16.05 -21.78 45.13
C LEU B 19 -17.28 -21.64 44.23
N ARG B 20 -18.42 -21.35 44.83
CA ARG B 20 -19.68 -21.15 44.12
C ARG B 20 -19.60 -19.94 43.19
N ALA B 21 -19.21 -18.81 43.77
CA ALA B 21 -19.02 -17.58 43.01
C ALA B 21 -18.04 -17.83 41.89
N ARG B 22 -16.98 -18.58 42.19
CA ARG B 22 -15.98 -18.93 41.19
C ARG B 22 -16.60 -19.77 40.07
N LEU B 23 -17.53 -20.64 40.43
CA LEU B 23 -18.16 -21.50 39.44
C LEU B 23 -19.09 -20.70 38.54
N LEU B 24 -19.50 -19.52 38.98
CA LEU B 24 -20.31 -18.67 38.09
C LEU B 24 -19.45 -17.69 37.31
N GLY B 25 -18.14 -17.69 37.56
CA GLY B 25 -17.26 -16.72 36.93
C GLY B 25 -16.91 -15.55 37.84
N GLY B 26 -17.17 -15.73 39.13
CA GLY B 26 -16.98 -14.68 40.12
C GLY B 26 -15.61 -14.03 40.10
N SER B 27 -15.59 -12.72 40.34
CA SER B 27 -14.37 -11.95 40.25
C SER B 27 -13.76 -11.67 41.61
N THR B 28 -14.62 -11.50 42.60
CA THR B 28 -14.18 -11.07 43.93
C THR B 28 -14.30 -12.19 44.95
N PHE B 29 -13.18 -12.47 45.61
CA PHE B 29 -13.12 -13.55 46.58
C PHE B 29 -12.74 -13.06 47.97
N ASN B 30 -13.57 -13.42 48.94
CA ASN B 30 -13.32 -13.14 50.35
C ASN B 30 -13.42 -14.45 51.14
N SER B 31 -12.64 -15.43 50.72
CA SER B 31 -12.72 -16.79 51.28
C SER B 31 -12.35 -16.90 52.75
N GLY B 32 -11.37 -16.11 53.15
CA GLY B 32 -10.79 -16.23 54.47
C GLY B 32 -9.36 -16.76 54.33
N PHE B 33 -8.92 -17.10 53.12
CA PHE B 33 -7.57 -17.62 52.93
C PHE B 33 -6.91 -16.87 51.80
N ASP B 34 -5.93 -16.03 52.13
CA ASP B 34 -5.27 -15.21 51.12
C ASP B 34 -4.65 -16.07 50.03
N SER B 35 -4.20 -17.26 50.41
CA SER B 35 -3.68 -18.21 49.43
C SER B 35 -4.77 -18.63 48.45
N LEU B 36 -5.90 -19.06 48.99
CA LEU B 36 -7.03 -19.47 48.16
C LEU B 36 -7.55 -18.29 47.34
N ASP B 37 -7.61 -17.12 47.95
CA ASP B 37 -8.01 -15.89 47.26
C ASP B 37 -7.08 -15.59 46.07
N SER B 38 -5.79 -15.73 46.29
CA SER B 38 -4.79 -15.44 45.26
C SER B 38 -4.90 -16.45 44.13
N VAL B 39 -5.05 -17.72 44.48
CA VAL B 39 -5.11 -18.79 43.49
C VAL B 39 -6.40 -18.74 42.68
N LEU B 40 -7.51 -18.42 43.33
CA LEU B 40 -8.79 -18.27 42.65
C LEU B 40 -8.84 -17.01 41.80
N ASN B 41 -8.17 -15.95 42.24
CA ASN B 41 -8.07 -14.72 41.46
C ASN B 41 -7.26 -14.96 40.20
N LEU B 42 -6.15 -15.67 40.38
CA LEU B 42 -5.31 -16.11 39.27
C LEU B 42 -6.12 -16.91 38.27
N GLN B 43 -6.88 -17.88 38.79
CA GLN B 43 -7.75 -18.71 37.97
C GLN B 43 -8.77 -17.86 37.22
N PHE B 44 -9.25 -16.79 37.87
CA PHE B 44 -10.24 -15.92 37.26
C PHE B 44 -9.65 -15.17 36.08
N ARG B 45 -8.47 -14.61 36.27
CA ARG B 45 -7.80 -13.85 35.21
C ARG B 45 -7.47 -14.77 34.02
N LEU B 46 -6.90 -15.92 34.35
CA LEU B 46 -6.61 -16.95 33.37
C LEU B 46 -7.86 -17.31 32.58
N HIS B 47 -8.98 -17.48 33.28
CA HIS B 47 -10.24 -17.82 32.62
C HIS B 47 -10.78 -16.70 31.75
N TYR B 48 -10.61 -15.46 32.19
CA TYR B 48 -10.94 -14.29 31.39
C TYR B 48 -10.27 -14.48 30.03
N HIS B 49 -8.95 -14.61 30.02
CA HIS B 49 -8.22 -14.71 28.74
C HIS B 49 -8.54 -16.00 27.94
N VAL B 50 -8.60 -17.14 28.61
CA VAL B 50 -8.84 -18.42 27.94
C VAL B 50 -10.27 -18.67 27.42
N ILE B 51 -11.27 -18.42 28.25
CA ILE B 51 -12.66 -18.57 27.86
C ILE B 51 -13.02 -17.50 26.84
N GLY B 52 -12.48 -16.30 27.05
CA GLY B 52 -12.77 -15.17 26.19
C GLY B 52 -12.34 -15.35 24.73
N SER B 53 -11.05 -15.63 24.52
CA SER B 53 -10.52 -15.70 23.16
C SER B 53 -9.96 -17.08 22.79
N ASN B 54 -9.79 -17.29 21.48
CA ASN B 54 -9.21 -18.51 20.96
C ASN B 54 -7.82 -18.69 21.55
N GLY B 55 -7.06 -17.60 21.52
CA GLY B 55 -5.67 -17.56 21.93
C GLY B 55 -5.40 -16.44 22.93
N PRO B 56 -5.12 -16.77 24.20
CA PRO B 56 -4.53 -15.76 25.09
C PRO B 56 -3.09 -15.43 24.69
N ALA B 57 -2.75 -14.14 24.69
CA ALA B 57 -1.46 -13.71 24.17
C ALA B 57 -0.32 -14.17 25.07
N LYS B 58 0.78 -14.58 24.42
CA LYS B 58 1.96 -15.09 25.10
C LYS B 58 2.58 -14.17 26.18
N PRO B 59 2.53 -12.84 25.99
CA PRO B 59 2.99 -11.99 27.11
C PRO B 59 2.14 -12.06 28.39
N VAL B 60 0.82 -12.19 28.25
CA VAL B 60 -0.05 -12.25 29.41
C VAL B 60 0.06 -13.63 30.02
N CYS B 61 0.19 -14.63 29.16
CA CYS B 61 0.43 -15.99 29.60
C CYS B 61 1.70 -16.02 30.44
N ASP B 62 2.70 -15.27 30.00
CA ASP B 62 3.96 -15.17 30.73
C ASP B 62 3.82 -14.47 32.08
N VAL B 63 3.17 -13.31 32.10
CA VAL B 63 2.97 -12.60 33.36
C VAL B 63 2.24 -13.48 34.38
N LEU B 64 1.18 -14.12 33.90
CA LEU B 64 0.37 -14.98 34.75
C LEU B 64 1.17 -16.19 35.19
N LEU B 65 2.04 -16.69 34.32
CA LEU B 65 2.88 -17.83 34.64
C LEU B 65 3.89 -17.48 35.74
N LYS B 66 4.52 -16.32 35.62
CA LYS B 66 5.45 -15.87 36.64
C LYS B 66 4.73 -15.71 37.97
N GLU B 67 3.56 -15.09 37.95
CA GLU B 67 2.74 -14.93 39.15
C GLU B 67 2.44 -16.29 39.80
N SER B 68 2.00 -17.24 38.97
CA SER B 68 1.63 -18.57 39.44
C SER B 68 2.82 -19.33 40.05
N GLN B 69 3.97 -19.26 39.38
CA GLN B 69 5.18 -19.90 39.89
C GLN B 69 5.58 -19.29 41.22
N ASN B 70 5.55 -17.96 41.29
CA ASN B 70 5.80 -17.27 42.55
C ASN B 70 4.88 -17.77 43.65
N LEU B 71 3.60 -18.01 43.32
CA LEU B 71 2.68 -18.56 44.30
C LEU B 71 3.17 -19.94 44.77
N GLU B 72 3.46 -20.80 43.80
CA GLU B 72 3.85 -22.17 44.06
C GLU B 72 5.05 -22.28 44.99
N LYS B 73 6.07 -21.47 44.72
CA LYS B 73 7.26 -21.50 45.56
C LYS B 73 6.98 -20.85 46.91
N ASN B 74 6.33 -19.70 46.88
CA ASN B 74 6.03 -18.95 48.10
C ASN B 74 4.94 -19.53 49.01
N MSE B 75 4.47 -20.74 48.71
CA MSE B 75 3.33 -21.28 49.46
C MSE B 75 3.57 -21.97 50.82
O MSE B 75 2.68 -21.98 51.66
CB MSE B 75 2.56 -22.25 48.56
CG MSE B 75 1.48 -21.59 47.75
SE MSE B 75 0.55 -22.86 46.62
CE MSE B 75 -0.78 -23.45 47.91
N SER B 76 4.75 -22.54 51.02
CA SER B 76 5.09 -23.17 52.31
C SER B 76 5.00 -22.23 53.53
N MSE B 77 5.44 -20.99 53.37
CA MSE B 77 5.68 -20.06 54.49
C MSE B 77 4.43 -19.75 55.34
O MSE B 77 4.38 -20.09 56.53
CB MSE B 77 6.30 -18.77 53.96
CG MSE B 77 6.40 -17.63 54.98
SE MSE B 77 7.39 -16.05 54.36
CE MSE B 77 9.08 -16.91 53.85
N MSE B 78 3.42 -19.09 54.75
CA MSE B 78 2.13 -18.91 55.42
C MSE B 78 1.59 -20.28 55.78
O MSE B 78 1.52 -21.16 54.92
CB MSE B 78 1.14 -18.18 54.53
CG MSE B 78 1.59 -16.80 54.05
SE MSE B 78 0.26 -15.85 52.98
CE MSE B 78 -1.10 -15.56 54.36
N GLU B 79 1.20 -20.47 57.04
CA GLU B 79 0.98 -21.80 57.60
C GLU B 79 -0.45 -22.25 57.81
N GLU B 80 -1.40 -21.45 57.35
CA GLU B 80 -2.78 -21.79 57.66
C GLU B 80 -3.15 -23.00 56.81
N LEU B 81 -2.49 -23.17 55.67
CA LEU B 81 -2.74 -24.35 54.83
C LEU B 81 -2.08 -25.60 55.39
N ASN B 82 -1.04 -25.38 56.17
CA ASN B 82 -0.34 -26.44 56.88
C ASN B 82 -1.38 -27.04 57.83
N ASP B 83 -1.99 -26.16 58.63
CA ASP B 83 -3.10 -26.47 59.54
C ASP B 83 -4.22 -27.37 58.95
N TYR B 84 -4.63 -27.15 57.69
CA TYR B 84 -5.72 -27.98 57.13
C TYR B 84 -5.32 -28.66 55.82
N PRO B 85 -5.44 -30.00 55.76
CA PRO B 85 -5.01 -30.81 54.63
C PRO B 85 -5.91 -30.69 53.39
N GLU B 86 -7.22 -30.75 53.55
CA GLU B 86 -8.13 -30.77 52.41
C GLU B 86 -8.09 -29.47 51.58
N ILE B 87 -7.99 -28.32 52.24
CA ILE B 87 -7.93 -27.08 51.48
C ILE B 87 -6.58 -27.03 50.77
N THR B 88 -5.54 -27.51 51.45
CA THR B 88 -4.20 -27.44 50.90
C THR B 88 -4.11 -28.24 49.59
N LYS B 89 -4.67 -29.45 49.60
CA LYS B 89 -4.68 -30.27 48.39
C LYS B 89 -5.52 -29.63 47.29
N LEU B 90 -6.68 -29.06 47.65
CA LEU B 90 -7.54 -28.43 46.64
C LEU B 90 -6.83 -27.25 45.96
N VAL B 91 -6.21 -26.40 46.78
CA VAL B 91 -5.47 -25.24 46.27
C VAL B 91 -4.37 -25.72 45.33
N GLU B 92 -3.69 -26.82 45.68
CA GLU B 92 -2.67 -27.35 44.79
C GLU B 92 -3.29 -27.77 43.45
N LYS B 93 -4.47 -28.39 43.51
CA LYS B 93 -5.17 -28.80 42.30
C LYS B 93 -5.39 -27.60 41.38
N ILE B 94 -5.97 -26.54 41.92
CA ILE B 94 -6.28 -25.37 41.10
C ILE B 94 -5.00 -24.78 40.50
N LEU B 95 -4.00 -24.57 41.35
CA LEU B 95 -2.77 -23.93 40.91
C LEU B 95 -2.07 -24.71 39.78
N PHE B 96 -1.96 -26.03 39.93
CA PHE B 96 -1.30 -26.82 38.90
C PHE B 96 -2.15 -26.97 37.64
N ASN B 97 -3.46 -26.91 37.79
CA ASN B 97 -4.32 -26.84 36.60
C ASN B 97 -3.95 -25.60 35.79
N CYS B 98 -3.90 -24.46 36.48
CA CYS B 98 -3.52 -23.20 35.85
C CYS B 98 -2.15 -23.27 35.19
N LEU B 99 -1.17 -23.82 35.91
CA LEU B 99 0.18 -23.99 35.36
C LEU B 99 0.16 -24.82 34.07
N GLY B 100 -0.61 -25.91 34.08
CA GLY B 100 -0.77 -26.73 32.89
C GLY B 100 -1.30 -25.92 31.73
N ILE B 101 -2.30 -25.09 32.00
CA ILE B 101 -2.88 -24.22 30.98
C ILE B 101 -1.87 -23.25 30.38
N LEU B 102 -1.19 -22.50 31.25
CA LEU B 102 -0.21 -21.51 30.80
C LEU B 102 0.91 -22.17 30.00
N PHE B 103 1.46 -23.25 30.54
CA PHE B 103 2.53 -23.98 29.84
C PHE B 103 2.05 -24.46 28.48
N PHE B 104 0.78 -24.86 28.40
CA PHE B 104 0.21 -25.26 27.11
C PHE B 104 0.16 -24.11 26.12
N HIS B 105 -0.30 -22.96 26.59
CA HIS B 105 -0.52 -21.83 25.68
C HIS B 105 0.80 -21.18 25.24
N ARG B 106 1.85 -21.34 26.04
CA ARG B 106 3.17 -20.89 25.62
C ARG B 106 3.81 -21.85 24.62
N GLY B 107 3.45 -23.13 24.71
CA GLY B 107 3.96 -24.14 23.81
C GLY B 107 4.97 -25.05 24.48
N GLN B 108 4.81 -25.23 25.79
CA GLN B 108 5.70 -26.07 26.56
C GLN B 108 4.95 -27.31 27.06
N PHE B 109 4.70 -28.21 26.12
CA PHE B 109 3.81 -29.37 26.32
C PHE B 109 4.30 -30.37 27.37
N GLN B 110 5.61 -30.51 27.51
CA GLN B 110 6.17 -31.46 28.46
C GLN B 110 5.80 -31.02 29.87
N GLU B 111 5.96 -29.71 30.11
CA GLU B 111 5.65 -29.09 31.39
C GLU B 111 4.15 -29.11 31.66
N SER B 112 3.38 -28.85 30.61
CA SER B 112 1.93 -28.89 30.71
C SER B 112 1.45 -30.28 31.13
N GLN B 113 1.94 -31.30 30.45
CA GLN B 113 1.59 -32.67 30.79
C GLN B 113 1.98 -33.01 32.23
N ARG B 114 3.18 -32.59 32.65
CA ARG B 114 3.59 -32.87 34.02
C ARG B 114 2.71 -32.20 35.07
N CYS B 115 2.44 -30.91 34.89
CA CYS B 115 1.61 -30.17 35.85
C CYS B 115 0.18 -30.71 35.90
N LEU B 116 -0.41 -30.95 34.73
CA LEU B 116 -1.77 -31.44 34.64
C LEU B 116 -1.89 -32.82 35.29
N LEU B 117 -0.93 -33.70 34.98
CA LEU B 117 -0.93 -35.03 35.57
C LEU B 117 -0.71 -34.96 37.08
N HIS B 118 0.06 -33.98 37.53
CA HIS B 118 0.27 -33.76 38.96
C HIS B 118 -1.05 -33.41 39.65
N SER B 119 -1.76 -32.43 39.08
CA SER B 119 -3.04 -32.00 39.62
C SER B 119 -4.04 -33.17 39.65
N LEU B 120 -4.04 -33.95 38.57
CA LEU B 120 -4.87 -35.15 38.50
C LEU B 120 -4.54 -36.11 39.64
N LYS B 121 -3.24 -36.33 39.87
CA LYS B 121 -2.79 -37.20 40.95
C LYS B 121 -3.26 -36.70 42.31
N ILE B 122 -3.29 -35.39 42.49
CA ILE B 122 -3.77 -34.81 43.75
C ILE B 122 -5.28 -35.04 43.87
N HIS B 123 -5.97 -35.01 42.75
CA HIS B 123 -7.41 -35.27 42.73
C HIS B 123 -7.71 -36.69 43.18
N ASN B 124 -6.95 -37.63 42.64
CA ASN B 124 -7.11 -39.04 42.93
C ASN B 124 -6.81 -39.38 44.40
N ASN B 125 -5.90 -38.62 45.01
CA ASN B 125 -5.51 -38.82 46.40
C ASN B 125 -6.39 -38.11 47.42
N THR B 126 -7.58 -38.65 47.67
CA THR B 126 -8.52 -38.02 48.60
C THR B 126 -8.40 -38.60 50.01
N LYS B 130 -16.55 -33.79 52.89
CA LYS B 130 -16.64 -32.95 51.72
C LYS B 130 -18.06 -32.44 51.45
N THR B 131 -18.18 -31.12 51.26
CA THR B 131 -19.45 -30.50 50.94
C THR B 131 -19.81 -30.67 49.46
N ALA B 132 -21.07 -30.41 49.13
CA ALA B 132 -21.59 -30.58 47.77
C ALA B 132 -20.86 -29.68 46.75
N LEU B 133 -20.64 -28.43 47.11
CA LEU B 133 -20.02 -27.47 46.20
C LEU B 133 -18.55 -27.80 46.01
N MSE B 134 -17.97 -28.47 46.99
CA MSE B 134 -16.60 -28.95 46.88
C MSE B 134 -16.52 -30.02 45.80
O MSE B 134 -15.58 -30.07 45.01
CB MSE B 134 -16.11 -29.51 48.22
CG MSE B 134 -14.61 -29.42 48.41
SE MSE B 134 -14.08 -27.67 49.09
CE MSE B 134 -14.80 -27.84 50.89
N GLU B 135 -17.55 -30.87 45.78
CA GLU B 135 -17.63 -31.95 44.81
C GLU B 135 -17.88 -31.41 43.41
N GLN B 136 -18.78 -30.45 43.30
CA GLN B 136 -19.09 -29.83 42.02
C GLN B 136 -17.85 -29.12 41.47
N TYR B 137 -17.22 -28.32 42.31
CA TYR B 137 -16.02 -27.58 41.92
C TYR B 137 -14.90 -28.51 41.48
N ASP B 138 -14.64 -29.54 42.30
CA ASP B 138 -13.61 -30.51 41.98
C ASP B 138 -13.93 -31.17 40.63
N ARG B 139 -15.20 -31.50 40.44
CA ARG B 139 -15.67 -32.10 39.19
C ARG B 139 -15.32 -31.21 38.00
N TYR B 140 -15.60 -29.91 38.13
CA TYR B 140 -15.21 -28.96 37.10
C TYR B 140 -13.71 -29.02 36.85
N LEU B 141 -12.93 -28.98 37.93
CA LEU B 141 -11.47 -28.98 37.82
C LEU B 141 -11.02 -30.16 36.97
N ILE B 142 -11.61 -31.31 37.24
CA ILE B 142 -11.24 -32.52 36.53
C ILE B 142 -11.70 -32.54 35.07
N VAL B 143 -12.88 -32.02 34.78
CA VAL B 143 -13.35 -32.03 33.39
C VAL B 143 -12.49 -31.09 32.55
N GLU B 144 -12.14 -29.93 33.12
CA GLU B 144 -11.18 -29.02 32.50
C GLU B 144 -9.83 -29.69 32.29
N ASN B 145 -9.34 -30.34 33.34
CA ASN B 145 -8.07 -31.05 33.29
C ASN B 145 -8.06 -32.06 32.15
N LEU B 146 -9.15 -32.80 32.01
CA LEU B 146 -9.30 -33.77 30.92
C LEU B 146 -9.27 -33.07 29.57
N TYR B 147 -9.99 -31.96 29.47
CA TYR B 147 -10.05 -31.22 28.22
C TYR B 147 -8.65 -30.81 27.77
N TYR B 148 -7.87 -30.24 28.69
CA TYR B 148 -6.52 -29.81 28.33
C TYR B 148 -5.51 -30.95 28.17
N ARG B 149 -5.67 -32.02 28.94
CA ARG B 149 -4.82 -33.20 28.75
C ARG B 149 -5.05 -33.76 27.36
N GLY B 150 -6.30 -33.71 26.92
CA GLY B 150 -6.65 -34.11 25.57
C GLY B 150 -6.09 -33.13 24.55
N LEU B 151 -6.04 -31.85 24.92
CA LEU B 151 -5.47 -30.84 24.02
C LEU B 151 -3.97 -31.05 23.84
N VAL B 152 -3.28 -31.43 24.91
CA VAL B 152 -1.84 -31.64 24.89
C VAL B 152 -1.49 -32.79 23.95
N SER B 153 -2.26 -33.87 24.02
CA SER B 153 -2.10 -34.91 23.03
C SER B 153 -2.66 -34.30 21.75
N GLN B 154 -1.77 -33.94 20.86
CA GLN B 154 -2.09 -33.07 19.73
C GLN B 154 -3.02 -33.64 18.67
N ASP B 155 -3.23 -34.95 18.69
CA ASP B 155 -4.03 -35.59 17.65
C ASP B 155 -5.49 -35.64 18.06
N ILE B 156 -6.37 -35.68 17.06
CA ILE B 156 -7.80 -35.66 17.32
C ILE B 156 -8.24 -37.02 17.83
N ASN B 157 -7.73 -38.08 17.21
CA ASN B 157 -8.13 -39.43 17.54
C ASN B 157 -7.77 -39.76 19.00
N ILE B 158 -6.55 -39.41 19.39
CA ILE B 158 -6.09 -39.63 20.75
C ILE B 158 -6.97 -38.90 21.76
N MSE B 159 -7.22 -37.62 21.48
CA MSE B 159 -7.98 -36.79 22.39
C MSE B 159 -9.42 -37.28 22.50
O MSE B 159 -10.01 -37.23 23.57
CB MSE B 159 -7.93 -35.31 21.97
CG MSE B 159 -9.00 -34.85 21.01
SE MSE B 159 -8.66 -33.04 20.38
CE MSE B 159 -8.41 -32.15 22.10
N GLN B 160 -10.00 -37.79 21.41
CA GLN B 160 -11.31 -38.41 21.45
C GLN B 160 -11.28 -39.65 22.34
N ASN B 161 -10.29 -40.50 22.12
CA ASN B 161 -10.19 -41.75 22.87
C ASN B 161 -10.12 -41.49 24.37
N VAL B 162 -9.23 -40.59 24.76
CA VAL B 162 -9.11 -40.23 26.17
C VAL B 162 -10.40 -39.60 26.68
N PHE B 163 -11.00 -38.78 25.82
CA PHE B 163 -12.25 -38.10 26.16
C PHE B 163 -13.38 -39.05 26.51
N TYR B 164 -13.59 -40.11 25.75
CA TYR B 164 -14.70 -41.02 26.07
C TYR B 164 -14.60 -41.61 27.48
N LYS B 165 -13.56 -42.41 27.69
CA LYS B 165 -13.37 -43.09 28.97
C LYS B 165 -13.34 -42.10 30.14
N GLU B 166 -12.54 -41.04 30.00
CA GLU B 166 -12.36 -40.14 31.13
C GLU B 166 -13.61 -39.31 31.41
N LEU B 167 -14.28 -38.84 30.36
CA LEU B 167 -15.47 -38.00 30.55
C LEU B 167 -16.59 -38.80 31.20
N LEU B 168 -16.78 -40.05 30.77
CA LEU B 168 -17.80 -40.82 31.46
C LEU B 168 -17.37 -41.18 32.88
N ALA B 169 -16.05 -41.30 33.07
CA ALA B 169 -15.52 -41.59 34.40
C ALA B 169 -15.79 -40.47 35.41
N HIS B 170 -15.62 -39.21 34.99
CA HIS B 170 -15.68 -38.11 35.95
C HIS B 170 -17.08 -37.51 36.16
N VAL B 171 -17.89 -37.47 35.11
CA VAL B 171 -19.21 -36.86 35.20
C VAL B 171 -20.33 -37.80 34.72
N ASP B 172 -21.07 -38.35 35.67
CA ASP B 172 -22.14 -39.30 35.39
C ASP B 172 -23.41 -38.64 34.86
N THR B 173 -23.88 -37.61 35.57
CA THR B 173 -25.20 -37.05 35.31
C THR B 173 -25.14 -35.59 34.86
N ILE B 174 -26.24 -35.11 34.28
CA ILE B 174 -26.37 -33.72 33.84
C ILE B 174 -26.15 -32.72 34.98
N PRO B 175 -25.22 -31.77 34.78
CA PRO B 175 -24.86 -30.77 35.79
C PRO B 175 -25.90 -29.66 35.92
N PRO B 176 -25.97 -29.04 37.11
CA PRO B 176 -26.77 -27.81 37.29
C PRO B 176 -26.23 -26.69 36.42
N GLU B 177 -27.12 -25.87 35.86
CA GLU B 177 -26.71 -24.78 35.00
C GLU B 177 -25.90 -23.74 35.77
N SER B 178 -25.99 -23.78 37.09
CA SER B 178 -25.22 -22.86 37.94
C SER B 178 -23.75 -23.22 37.96
N ASN B 179 -23.43 -24.45 37.53
CA ASN B 179 -22.05 -24.86 37.40
C ASN B 179 -21.56 -24.58 35.99
N GLY B 180 -21.41 -23.29 35.69
CA GLY B 180 -21.11 -22.83 34.35
C GLY B 180 -19.85 -23.40 33.73
N LEU B 181 -18.79 -23.49 34.52
CA LEU B 181 -17.50 -23.94 34.02
C LEU B 181 -17.53 -25.40 33.54
N LEU B 182 -18.14 -26.27 34.34
CA LEU B 182 -18.28 -27.68 33.97
C LEU B 182 -19.05 -27.75 32.64
N PHE B 183 -20.04 -26.87 32.49
CA PHE B 183 -20.79 -26.78 31.24
C PHE B 183 -19.87 -26.36 30.09
N GLU B 184 -18.96 -25.44 30.36
CA GLU B 184 -18.02 -24.98 29.35
C GLU B 184 -17.17 -26.11 28.84
N TYR B 185 -16.64 -26.91 29.75
CA TYR B 185 -15.72 -27.95 29.35
C TYR B 185 -16.41 -29.19 28.79
N ILE B 186 -17.62 -29.48 29.25
CA ILE B 186 -18.42 -30.51 28.60
C ILE B 186 -18.68 -30.10 27.15
N SER B 187 -19.09 -28.85 26.96
CA SER B 187 -19.42 -28.36 25.63
C SER B 187 -18.19 -28.32 24.72
N LEU B 188 -17.03 -28.04 25.29
CA LEU B 188 -15.79 -28.02 24.52
C LEU B 188 -15.36 -29.43 24.10
N ILE B 189 -15.50 -30.38 25.03
CA ILE B 189 -15.20 -31.77 24.73
C ILE B 189 -16.11 -32.25 23.61
N VAL B 190 -17.39 -31.92 23.73
CA VAL B 190 -18.37 -32.26 22.71
C VAL B 190 -18.01 -31.60 21.38
N ALA B 191 -17.42 -30.40 21.46
CA ALA B 191 -16.96 -29.70 20.26
C ALA B 191 -15.89 -30.51 19.54
N LYS B 192 -14.91 -31.02 20.27
CA LYS B 192 -13.89 -31.86 19.64
C LYS B 192 -14.40 -33.26 19.27
N LEU B 193 -15.50 -33.69 19.87
CA LEU B 193 -16.06 -35.00 19.55
C LEU B 193 -16.93 -34.92 18.30
N ARG B 194 -16.61 -35.73 17.31
CA ARG B 194 -17.41 -35.84 16.09
C ARG B 194 -18.19 -37.14 16.06
N PHE B 195 -19.52 -37.05 16.00
CA PHE B 195 -20.34 -38.24 15.90
C PHE B 195 -21.64 -38.00 15.14
N ASN B 196 -22.06 -39.03 14.40
CA ASN B 196 -23.23 -38.95 13.54
C ASN B 196 -24.53 -39.21 14.29
N GLN B 197 -24.61 -40.36 14.96
CA GLN B 197 -25.84 -40.74 15.65
C GLN B 197 -25.62 -40.97 17.13
N ILE B 198 -26.73 -41.08 17.86
CA ILE B 198 -26.67 -41.27 19.29
C ILE B 198 -26.22 -42.70 19.56
N GLN B 199 -26.62 -43.61 18.67
CA GLN B 199 -26.26 -45.02 18.80
C GLN B 199 -24.75 -45.21 18.81
N ASP B 200 -24.06 -44.57 17.87
CA ASP B 200 -22.61 -44.70 17.79
C ASP B 200 -21.91 -44.04 18.97
N LEU B 201 -22.44 -42.88 19.40
CA LEU B 201 -21.89 -42.16 20.53
C LEU B 201 -21.99 -43.00 21.79
N ALA B 202 -23.16 -43.61 21.99
CA ALA B 202 -23.44 -44.42 23.18
C ALA B 202 -22.72 -45.77 23.15
N GLU B 203 -22.51 -46.32 21.95
CA GLU B 203 -21.75 -47.55 21.82
C GLU B 203 -20.30 -47.27 22.19
N ASN B 204 -19.78 -46.17 21.65
CA ASN B 204 -18.44 -45.70 21.98
C ASN B 204 -18.31 -45.39 23.47
N PHE B 205 -19.42 -44.95 24.08
CA PHE B 205 -19.45 -44.64 25.50
C PHE B 205 -19.78 -45.84 26.36
N LYS B 206 -20.16 -46.94 25.70
CA LYS B 206 -20.38 -48.22 26.36
C LYS B 206 -21.56 -48.18 27.33
N THR B 207 -22.53 -47.32 27.05
CA THR B 207 -23.73 -47.20 27.87
C THR B 207 -24.95 -47.38 26.99
N THR B 208 -26.09 -47.60 27.63
CA THR B 208 -27.35 -47.71 26.91
C THR B 208 -27.54 -46.37 26.23
N VAL B 209 -28.17 -46.36 25.07
CA VAL B 209 -28.41 -45.15 24.31
C VAL B 209 -29.44 -44.27 25.03
N GLU B 210 -30.05 -44.84 26.06
CA GLU B 210 -31.13 -44.22 26.82
C GLU B 210 -30.64 -43.27 27.92
N ASN B 211 -29.37 -43.37 28.28
CA ASN B 211 -28.80 -42.52 29.34
C ASN B 211 -28.98 -41.03 29.04
N PRO B 212 -29.71 -40.33 29.92
CA PRO B 212 -30.08 -38.92 29.71
C PRO B 212 -28.86 -38.02 29.52
N PHE B 213 -27.72 -38.39 30.10
CA PHE B 213 -26.51 -37.59 29.92
C PHE B 213 -25.97 -37.68 28.50
N ILE B 214 -25.99 -38.88 27.94
CA ILE B 214 -25.56 -39.09 26.56
C ILE B 214 -26.42 -38.27 25.61
N LEU B 215 -27.73 -38.33 25.83
CA LEU B 215 -28.69 -37.56 25.05
C LEU B 215 -28.42 -36.07 25.21
N PHE B 216 -28.04 -35.68 26.43
CA PHE B 216 -27.68 -34.30 26.74
C PHE B 216 -26.49 -33.84 25.90
N LEU B 217 -25.47 -34.70 25.82
CA LEU B 217 -24.30 -34.41 24.99
C LEU B 217 -24.71 -34.28 23.52
N TYR B 218 -25.61 -35.16 23.10
CA TYR B 218 -26.12 -35.12 21.74
C TYR B 218 -26.81 -33.80 21.46
N MSE B 219 -27.56 -33.31 22.45
CA MSE B 219 -28.26 -32.04 22.31
C MSE B 219 -27.26 -30.88 22.29
O MSE B 219 -27.52 -29.87 21.65
CB MSE B 219 -29.27 -31.83 23.43
CG MSE B 219 -30.42 -32.85 23.44
SE MSE B 219 -31.43 -32.99 21.78
CE MSE B 219 -31.80 -31.10 21.50
N ILE B 220 -26.14 -31.02 22.99
CA ILE B 220 -25.11 -29.99 22.94
C ILE B 220 -24.49 -29.93 21.55
N LYS B 221 -24.20 -31.08 20.98
CA LYS B 221 -23.66 -31.16 19.63
C LYS B 221 -24.70 -30.72 18.60
N LYS B 222 -25.96 -30.76 19.00
CA LYS B 222 -27.06 -30.35 18.11
C LYS B 222 -27.27 -28.84 18.17
N PHE B 223 -27.03 -28.27 19.35
CA PHE B 223 -27.10 -26.82 19.54
C PHE B 223 -25.88 -26.14 18.91
N GLN B 224 -24.75 -26.84 18.88
CA GLN B 224 -23.52 -26.22 18.38
C GLN B 224 -23.54 -25.95 16.86
N SER B 225 -24.08 -26.90 16.10
CA SER B 225 -24.18 -26.79 14.64
C SER B 225 -25.61 -26.85 14.09
N PRO B 226 -26.13 -25.72 13.55
CA PRO B 226 -27.46 -25.82 12.94
C PRO B 226 -27.36 -26.47 11.53
N LEU B 227 -26.18 -26.37 10.93
CA LEU B 227 -25.89 -26.96 9.61
C LEU B 227 -26.39 -28.38 9.40
N LYS B 228 -26.33 -29.20 10.44
CA LYS B 228 -26.62 -30.62 10.28
C LYS B 228 -28.11 -30.78 10.08
N LYS B 229 -28.50 -31.81 9.32
CA LYS B 229 -29.89 -32.00 9.01
C LYS B 229 -30.56 -32.65 10.21
N HIS B 230 -31.85 -32.41 10.36
CA HIS B 230 -32.55 -32.97 11.50
C HIS B 230 -32.85 -34.44 11.27
N ILE B 231 -32.65 -35.23 12.31
CA ILE B 231 -32.99 -36.64 12.28
C ILE B 231 -34.06 -36.78 13.35
N ASP B 232 -35.05 -37.61 13.10
CA ASP B 232 -36.22 -37.63 13.95
C ASP B 232 -36.16 -38.72 15.02
N ASN B 233 -36.08 -38.27 16.28
CA ASN B 233 -36.04 -39.17 17.41
C ASN B 233 -37.10 -38.84 18.44
N ASP B 234 -38.18 -38.20 18.00
CA ASP B 234 -39.24 -37.83 18.91
C ASP B 234 -39.91 -39.08 19.46
N ASP B 235 -40.24 -40.00 18.55
CA ASP B 235 -40.84 -41.26 18.94
C ASP B 235 -39.88 -42.09 19.78
N LEU B 236 -38.59 -42.05 19.43
CA LEU B 236 -37.57 -42.77 20.18
C LEU B 236 -37.43 -42.24 21.61
N TYR B 237 -37.32 -40.92 21.74
CA TYR B 237 -37.23 -40.28 23.05
C TYR B 237 -38.48 -40.58 23.86
N LEU B 238 -39.63 -40.60 23.20
CA LEU B 238 -40.89 -40.94 23.86
C LEU B 238 -40.86 -42.37 24.38
N LYS B 239 -40.31 -43.28 23.58
CA LYS B 239 -40.18 -44.67 23.97
C LYS B 239 -39.32 -44.77 25.22
N PHE B 240 -38.20 -44.05 25.21
CA PHE B 240 -37.29 -44.01 26.35
C PHE B 240 -38.02 -43.50 27.59
N GLY B 241 -38.80 -42.45 27.41
CA GLY B 241 -39.55 -41.84 28.49
C GLY B 241 -40.56 -42.78 29.09
N GLN B 242 -41.28 -43.50 28.25
CA GLN B 242 -42.24 -44.49 28.72
C GLN B 242 -41.51 -45.61 29.48
N ASN B 243 -40.34 -46.00 28.97
CA ASN B 243 -39.54 -47.02 29.62
C ASN B 243 -39.13 -46.63 31.03
N VAL B 244 -38.60 -45.41 31.20
CA VAL B 244 -38.20 -44.97 32.54
C VAL B 244 -39.41 -44.63 33.41
N LEU B 245 -40.54 -44.37 32.77
CA LEU B 245 -41.77 -44.06 33.49
C LEU B 245 -42.43 -45.28 34.13
N LEU B 246 -42.50 -46.38 33.37
CA LEU B 246 -43.11 -47.60 33.87
C LEU B 246 -42.32 -48.16 35.06
N LYS B 247 -41.00 -47.98 35.02
CA LYS B 247 -40.12 -48.44 36.08
C LYS B 247 -40.25 -47.57 37.33
N ALA B 248 -40.84 -46.39 37.18
CA ALA B 248 -40.92 -45.43 38.28
C ALA B 248 -42.16 -45.65 39.14
N LYS B 249 -42.03 -45.29 40.41
CA LYS B 249 -43.13 -45.36 41.37
C LYS B 249 -43.05 -44.13 42.27
N PHE B 250 -44.20 -43.71 42.79
CA PHE B 250 -44.22 -42.55 43.69
C PHE B 250 -43.39 -42.84 44.95
N PRO B 251 -42.57 -41.86 45.35
CA PRO B 251 -41.70 -41.97 46.52
C PRO B 251 -42.45 -42.17 47.82
N THR B 252 -42.18 -43.27 48.52
CA THR B 252 -42.71 -43.45 49.87
C THR B 252 -42.04 -42.40 50.73
N ALA B 253 -42.74 -41.95 51.77
CA ALA B 253 -42.30 -40.81 52.58
C ALA B 253 -40.89 -40.95 53.16
N SER B 254 -40.33 -42.16 53.12
CA SER B 254 -38.95 -42.36 53.52
C SER B 254 -38.11 -42.73 52.30
N GLU B 255 -38.23 -41.90 51.26
CA GLU B 255 -37.53 -42.14 49.99
C GLU B 255 -37.41 -40.83 49.21
N THR B 256 -36.74 -40.89 48.07
CA THR B 256 -36.57 -39.72 47.22
C THR B 256 -37.25 -39.94 45.87
N ASN B 257 -37.50 -38.85 45.14
CA ASN B 257 -38.07 -38.93 43.81
C ASN B 257 -37.19 -39.79 42.93
N ASP B 258 -37.80 -40.60 42.06
CA ASP B 258 -37.06 -41.50 41.21
C ASP B 258 -36.01 -40.74 40.39
N GLU B 259 -34.74 -41.09 40.60
CA GLU B 259 -33.64 -40.39 39.95
C GLU B 259 -33.69 -40.51 38.44
N ALA B 260 -34.15 -41.66 37.94
CA ALA B 260 -34.16 -41.90 36.49
C ALA B 260 -35.13 -40.95 35.79
N LEU B 261 -36.32 -40.78 36.36
CA LEU B 261 -37.31 -39.87 35.80
C LEU B 261 -36.86 -38.42 35.94
N GLU B 262 -36.39 -38.09 37.14
CA GLU B 262 -35.94 -36.74 37.47
C GLU B 262 -34.80 -36.32 36.54
N HIS B 263 -33.94 -37.27 36.19
CA HIS B 263 -32.77 -36.99 35.36
C HIS B 263 -33.13 -36.99 33.88
N PHE B 264 -34.08 -37.82 33.50
CA PHE B 264 -34.58 -37.82 32.12
C PHE B 264 -35.23 -36.49 31.79
N ASN B 265 -36.02 -35.99 32.74
CA ASN B 265 -36.77 -34.75 32.52
C ASN B 265 -35.89 -33.53 32.30
N VAL B 266 -34.65 -33.56 32.78
CA VAL B 266 -33.72 -32.46 32.54
C VAL B 266 -33.33 -32.44 31.05
N PHE B 267 -32.93 -33.60 30.57
CA PHE B 267 -32.67 -33.79 29.15
C PHE B 267 -33.87 -33.34 28.35
N LEU B 268 -35.06 -33.64 28.85
CA LEU B 268 -36.27 -33.21 28.18
C LEU B 268 -36.46 -31.69 28.22
N GLN B 269 -35.93 -31.03 29.25
CA GLN B 269 -35.95 -29.57 29.29
C GLN B 269 -35.15 -29.05 28.11
N TYR B 270 -33.96 -29.62 27.95
CA TYR B 270 -33.09 -29.21 26.84
C TYR B 270 -33.72 -29.52 25.47
N TYR B 271 -34.37 -30.67 25.39
CA TYR B 271 -35.00 -31.12 24.16
C TYR B 271 -36.20 -30.25 23.76
N PHE B 272 -37.08 -29.96 24.71
CA PHE B 272 -38.26 -29.15 24.44
C PHE B 272 -37.88 -27.69 24.20
N LYS B 273 -36.81 -27.24 24.85
CA LYS B 273 -36.28 -25.91 24.56
C LYS B 273 -35.86 -25.89 23.10
N PHE B 274 -35.20 -26.95 22.66
CA PHE B 274 -34.80 -27.09 21.27
C PHE B 274 -35.99 -27.10 20.29
N THR B 275 -36.99 -27.93 20.57
CA THR B 275 -38.15 -28.05 19.68
C THR B 275 -39.02 -26.80 19.68
N HIS B 276 -38.84 -25.95 20.69
CA HIS B 276 -39.58 -24.70 20.75
C HIS B 276 -38.85 -23.60 19.98
N ILE B 277 -37.54 -23.50 20.18
CA ILE B 277 -36.75 -22.49 19.48
C ILE B 277 -36.69 -22.69 17.96
N LYS B 278 -36.48 -23.94 17.54
CA LYS B 278 -36.46 -24.26 16.10
C LYS B 278 -37.86 -24.45 15.48
N LYS B 279 -38.90 -24.19 16.27
CA LYS B 279 -40.29 -24.33 15.80
C LYS B 279 -40.62 -25.72 15.23
N ILE B 280 -39.95 -26.75 15.72
CA ILE B 280 -40.26 -28.13 15.33
C ILE B 280 -41.55 -28.60 16.00
N LYS B 281 -42.25 -29.54 15.38
CA LYS B 281 -43.47 -30.07 15.97
C LYS B 281 -43.08 -31.01 17.10
N VAL B 282 -44.00 -31.26 18.02
CA VAL B 282 -43.78 -32.25 19.06
C VAL B 282 -45.02 -33.14 19.14
N ASN B 283 -44.87 -34.36 19.66
CA ASN B 283 -45.96 -35.32 19.65
C ASN B 283 -46.91 -35.11 20.83
N PRO B 284 -48.23 -35.15 20.57
CA PRO B 284 -49.27 -34.91 21.57
C PRO B 284 -49.26 -35.91 22.72
N SER B 285 -48.90 -37.16 22.44
CA SER B 285 -48.91 -38.21 23.46
C SER B 285 -47.97 -37.89 24.61
N TRP B 286 -46.98 -37.04 24.34
CA TRP B 286 -46.06 -36.56 25.37
C TRP B 286 -46.82 -36.04 26.57
N TYR B 287 -47.98 -35.43 26.31
CA TYR B 287 -48.84 -34.93 27.37
C TYR B 287 -49.02 -35.98 28.45
N ASN B 288 -49.51 -37.15 28.08
CA ASN B 288 -49.71 -38.23 29.03
C ASN B 288 -48.47 -38.43 29.87
N PHE B 289 -47.33 -38.57 29.21
CA PHE B 289 -46.06 -38.80 29.89
C PHE B 289 -45.86 -37.79 31.01
N ILE B 290 -45.94 -36.50 30.69
CA ILE B 290 -45.56 -35.50 31.66
C ILE B 290 -46.53 -35.57 32.84
N ILE B 291 -47.79 -35.88 32.56
CA ILE B 291 -48.79 -35.91 33.61
C ILE B 291 -48.43 -37.04 34.56
N SER B 292 -48.04 -38.17 33.98
CA SER B 292 -47.63 -39.31 34.77
C SER B 292 -46.39 -38.95 35.57
N SER B 293 -45.51 -38.17 34.96
CA SER B 293 -44.28 -37.75 35.62
C SER B 293 -44.58 -36.82 36.78
N MSE B 294 -45.76 -36.22 36.78
CA MSE B 294 -46.18 -35.34 37.86
C MSE B 294 -46.89 -36.11 38.96
O MSE B 294 -47.07 -35.61 40.07
CB MSE B 294 -47.07 -34.21 37.34
CG MSE B 294 -46.37 -33.23 36.42
SE MSE B 294 -47.60 -31.96 35.60
CE MSE B 294 -48.18 -31.00 37.20
N GLU B 295 -47.29 -37.34 38.64
CA GLU B 295 -48.00 -38.17 39.62
C GLU B 295 -47.03 -39.06 40.40
N LYS B 296 -46.01 -39.54 39.71
CA LYS B 296 -45.04 -40.46 40.28
C LYS B 296 -43.88 -39.73 40.97
N THR B 297 -44.01 -38.42 41.12
CA THR B 297 -43.00 -37.59 41.78
C THR B 297 -43.65 -36.58 42.71
N PHE B 298 -42.95 -36.22 43.79
CA PHE B 298 -43.49 -35.25 44.76
C PHE B 298 -42.66 -33.97 44.80
N GLN B 299 -43.31 -32.84 44.53
CA GLN B 299 -42.68 -31.52 44.53
C GLN B 299 -41.36 -31.46 43.76
N SER B 300 -41.40 -31.87 42.50
CA SER B 300 -40.17 -31.90 41.71
C SER B 300 -40.01 -30.62 40.92
N ILE B 301 -38.82 -30.03 41.03
CA ILE B 301 -38.47 -28.83 40.29
C ILE B 301 -38.21 -29.14 38.83
N GLU B 302 -37.50 -30.25 38.61
CA GLU B 302 -37.07 -30.63 37.28
C GLU B 302 -38.29 -30.95 36.41
N VAL B 303 -39.21 -31.71 36.99
CA VAL B 303 -40.45 -32.08 36.31
C VAL B 303 -41.35 -30.86 36.08
N SER B 304 -41.32 -29.92 37.02
CA SER B 304 -42.10 -28.68 36.87
C SER B 304 -41.61 -27.87 35.68
N LYS B 305 -40.31 -27.65 35.61
CA LYS B 305 -39.74 -26.88 34.51
C LYS B 305 -39.98 -27.61 33.17
N THR B 306 -39.73 -28.92 33.17
CA THR B 306 -39.98 -29.73 31.99
C THR B 306 -41.42 -29.56 31.52
N ALA B 307 -42.34 -29.52 32.47
CA ALA B 307 -43.76 -29.35 32.17
C ALA B 307 -44.04 -27.97 31.60
N MSE B 308 -43.34 -26.96 32.11
CA MSE B 308 -43.46 -25.60 31.60
C MSE B 308 -43.11 -25.54 30.12
O MSE B 308 -43.93 -25.17 29.28
CB MSE B 308 -42.58 -24.65 32.40
CG MSE B 308 -42.64 -23.21 31.95
SE MSE B 308 -41.20 -22.14 32.76
CE MSE B 308 -39.68 -22.92 31.81
N PHE B 309 -41.87 -25.95 29.81
CA PHE B 309 -41.40 -26.03 28.44
C PHE B 309 -42.33 -26.84 27.53
N LEU B 310 -42.65 -28.05 27.97
CA LEU B 310 -43.46 -28.98 27.18
C LEU B 310 -44.87 -28.44 26.90
N PHE B 311 -45.51 -27.89 27.91
CA PHE B 311 -46.86 -27.35 27.75
C PHE B 311 -46.85 -26.11 26.87
N GLN B 312 -45.76 -25.35 26.94
CA GLN B 312 -45.59 -24.22 26.04
C GLN B 312 -45.56 -24.74 24.60
N ASN B 313 -44.78 -25.82 24.41
CA ASN B 313 -44.68 -26.48 23.12
C ASN B 313 -46.03 -26.95 22.58
N LEU B 314 -46.75 -27.69 23.42
CA LEU B 314 -48.06 -28.23 23.06
C LEU B 314 -49.04 -27.10 22.75
N SER B 315 -48.92 -25.99 23.46
CA SER B 315 -49.79 -24.83 23.21
C SER B 315 -49.53 -24.17 21.86
N ASP B 316 -48.29 -23.76 21.62
CA ASP B 316 -47.97 -23.07 20.36
C ASP B 316 -48.17 -23.92 19.11
N ASN B 317 -47.86 -25.20 19.22
CA ASN B 317 -47.88 -26.09 18.06
C ASN B 317 -49.27 -26.57 17.67
N SER B 318 -50.26 -26.29 18.52
CA SER B 318 -51.61 -26.79 18.26
C SER B 318 -52.47 -25.78 17.50
N ASN B 319 -53.53 -26.29 16.86
CA ASN B 319 -54.39 -25.47 16.02
C ASN B 319 -55.75 -25.16 16.66
N ASP B 320 -56.25 -26.05 17.50
CA ASP B 320 -57.50 -25.80 18.22
C ASP B 320 -57.27 -24.69 19.26
N GLU B 321 -58.06 -23.62 19.20
CA GLU B 321 -57.85 -22.45 20.07
C GLU B 321 -58.12 -22.68 21.56
N ILE B 322 -59.14 -23.49 21.85
CA ILE B 322 -59.47 -23.81 23.23
C ILE B 322 -58.32 -24.62 23.84
N LYS B 323 -57.74 -25.52 23.06
CA LYS B 323 -56.61 -26.31 23.52
C LYS B 323 -55.36 -25.45 23.63
N LYS B 324 -55.25 -24.43 22.79
CA LYS B 324 -54.13 -23.50 22.87
C LYS B 324 -54.18 -22.78 24.21
N LYS B 325 -55.36 -22.25 24.54
CA LYS B 325 -55.55 -21.54 25.79
C LYS B 325 -55.39 -22.46 27.00
N THR B 326 -55.89 -23.68 26.90
CA THR B 326 -55.77 -24.67 27.97
C THR B 326 -54.32 -25.04 28.26
N PHE B 327 -53.59 -25.41 27.21
CA PHE B 327 -52.19 -25.79 27.34
C PHE B 327 -51.37 -24.61 27.86
N LYS B 328 -51.69 -23.42 27.37
CA LYS B 328 -51.09 -22.19 27.92
C LYS B 328 -51.30 -22.08 29.42
N ARG B 329 -52.55 -22.29 29.84
CA ARG B 329 -52.89 -22.22 31.26
C ARG B 329 -52.07 -23.22 32.06
N GLU B 330 -51.96 -24.44 31.56
CA GLU B 330 -51.21 -25.48 32.26
C GLU B 330 -49.71 -25.14 32.33
N SER B 331 -49.19 -24.52 31.27
CA SER B 331 -47.81 -24.07 31.25
C SER B 331 -47.56 -23.03 32.34
N ILE B 332 -48.43 -22.02 32.40
CA ILE B 332 -48.31 -20.97 33.40
C ILE B 332 -48.40 -21.53 34.82
N LEU B 333 -49.37 -22.42 35.03
CA LEU B 333 -49.59 -23.04 36.32
C LEU B 333 -48.37 -23.83 36.75
N ASN B 334 -47.82 -24.61 35.82
CA ASN B 334 -46.61 -25.36 36.10
C ASN B 334 -45.42 -24.47 36.40
N PHE B 335 -45.36 -23.29 35.79
CA PHE B 335 -44.33 -22.32 36.16
C PHE B 335 -44.51 -21.92 37.62
N VAL B 336 -45.74 -21.59 37.99
CA VAL B 336 -46.04 -21.19 39.36
C VAL B 336 -45.61 -22.28 40.35
N ASN B 337 -45.88 -23.53 39.98
CA ASN B 337 -45.44 -24.67 40.78
C ASN B 337 -43.92 -24.72 40.88
N PHE B 338 -43.24 -24.48 39.76
CA PHE B 338 -41.79 -24.41 39.73
C PHE B 338 -41.26 -23.42 40.75
N VAL B 339 -41.81 -22.20 40.72
CA VAL B 339 -41.39 -21.16 41.65
C VAL B 339 -41.64 -21.59 43.10
N LYS B 340 -42.83 -22.12 43.37
CA LYS B 340 -43.18 -22.49 44.73
C LYS B 340 -42.32 -23.65 45.27
N TYR B 341 -42.02 -24.63 44.42
CA TYR B 341 -41.14 -25.73 44.79
C TYR B 341 -39.73 -25.24 45.05
N ASN B 342 -39.26 -24.31 44.20
CA ASN B 342 -37.96 -23.68 44.41
C ASN B 342 -37.93 -22.97 45.75
N ASP B 343 -39.03 -22.30 46.09
CA ASP B 343 -39.13 -21.58 47.35
C ASP B 343 -39.10 -22.51 48.57
N LYS B 344 -39.88 -23.59 48.52
CA LYS B 344 -39.87 -24.57 49.61
C LYS B 344 -38.50 -25.21 49.77
N TYR B 345 -37.83 -25.49 48.66
CA TYR B 345 -36.48 -26.04 48.70
C TYR B 345 -35.53 -25.03 49.36
N TYR B 346 -35.57 -23.81 48.85
CA TYR B 346 -34.70 -22.71 49.29
C TYR B 346 -34.90 -22.33 50.76
N GLN B 347 -36.09 -22.52 51.29
CA GLN B 347 -36.35 -22.20 52.68
C GLN B 347 -35.67 -23.20 53.64
N LEU B 348 -35.79 -24.48 53.33
CA LEU B 348 -35.37 -25.53 54.26
C LEU B 348 -34.00 -26.14 53.95
N HIS B 349 -33.71 -26.41 52.68
CA HIS B 349 -32.58 -27.27 52.34
C HIS B 349 -31.23 -26.57 52.46
N ASP B 350 -31.21 -25.28 52.16
CA ASP B 350 -30.02 -24.42 52.28
C ASP B 350 -30.48 -22.98 52.25
N ASN B 351 -29.61 -22.03 52.59
CA ASN B 351 -29.98 -20.63 52.42
C ASN B 351 -29.57 -20.17 51.03
N SER B 352 -29.04 -21.11 50.25
CA SER B 352 -28.66 -20.87 48.85
C SER B 352 -29.66 -21.56 47.92
N HIS B 353 -29.76 -21.10 46.68
CA HIS B 353 -30.62 -21.75 45.70
C HIS B 353 -29.88 -22.92 45.07
N ARG B 354 -30.63 -23.91 44.58
CA ARG B 354 -30.00 -25.06 43.94
C ARG B 354 -29.43 -24.62 42.59
N ASP B 355 -30.22 -23.87 41.85
CA ASP B 355 -29.88 -23.50 40.47
C ASP B 355 -30.46 -22.15 40.09
N ILE B 356 -29.74 -21.09 40.44
CA ILE B 356 -30.18 -19.72 40.18
C ILE B 356 -30.30 -19.47 38.68
N ILE B 357 -29.37 -20.04 37.92
CA ILE B 357 -29.36 -19.90 36.47
C ILE B 357 -30.62 -20.47 35.84
N SER B 358 -31.01 -21.67 36.28
CA SER B 358 -32.22 -22.31 35.78
C SER B 358 -33.46 -21.50 36.16
N PHE B 359 -33.41 -20.89 37.34
CA PHE B 359 -34.46 -20.02 37.84
C PHE B 359 -34.66 -18.83 36.89
N ILE B 360 -33.59 -18.08 36.68
CA ILE B 360 -33.61 -16.92 35.79
C ILE B 360 -34.04 -17.34 34.39
N ASP B 361 -33.62 -18.53 33.97
CA ASP B 361 -33.98 -19.06 32.66
C ASP B 361 -35.49 -19.27 32.58
N ALA B 362 -36.06 -19.85 33.63
CA ALA B 362 -37.49 -20.12 33.69
C ALA B 362 -38.29 -18.83 33.63
N TYR B 363 -37.90 -17.87 34.46
CA TYR B 363 -38.54 -16.57 34.45
C TYR B 363 -38.48 -15.93 33.06
N SER B 364 -37.30 -15.96 32.46
CA SER B 364 -37.09 -15.40 31.13
C SER B 364 -38.03 -16.05 30.12
N PHE B 365 -38.15 -17.37 30.19
CA PHE B 365 -39.01 -18.12 29.30
C PHE B 365 -40.47 -17.72 29.45
N ILE B 366 -40.97 -17.79 30.68
CA ILE B 366 -42.39 -17.54 30.91
C ILE B 366 -42.77 -16.09 30.62
N LEU B 367 -41.83 -15.16 30.80
CA LEU B 367 -42.11 -13.77 30.51
C LEU B 367 -42.02 -13.52 29.01
N GLN B 368 -41.17 -14.26 28.32
CA GLN B 368 -41.10 -14.19 26.87
C GLN B 368 -42.41 -14.66 26.24
N ASN B 369 -42.93 -15.77 26.76
CA ASN B 369 -44.06 -16.43 26.11
C ASN B 369 -45.45 -16.05 26.63
N SER B 370 -45.52 -15.16 27.62
CA SER B 370 -46.82 -14.75 28.15
C SER B 370 -46.99 -13.24 28.14
N SER B 371 -48.24 -12.79 28.06
CA SER B 371 -48.57 -11.37 28.16
C SER B 371 -49.43 -11.08 29.39
N LYS B 372 -49.86 -9.83 29.53
CA LYS B 372 -50.72 -9.43 30.66
C LYS B 372 -52.05 -10.16 30.64
N THR B 373 -52.52 -10.49 29.44
CA THR B 373 -53.80 -11.16 29.25
C THR B 373 -53.84 -12.55 29.88
N ASP B 374 -52.68 -13.19 29.97
CA ASP B 374 -52.58 -14.58 30.39
C ASP B 374 -52.70 -14.75 31.90
N SER B 375 -52.91 -13.65 32.62
CA SER B 375 -52.93 -13.71 34.07
C SER B 375 -54.07 -14.54 34.62
N ILE B 376 -53.82 -15.20 35.75
CA ILE B 376 -54.88 -15.87 36.48
C ILE B 376 -54.90 -15.06 37.77
N GLU B 377 -56.07 -14.78 38.32
CA GLU B 377 -56.21 -13.69 39.29
C GLU B 377 -55.38 -13.77 40.57
N ASN B 378 -55.27 -14.93 41.19
CA ASN B 378 -54.47 -15.05 42.40
C ASN B 378 -53.19 -15.81 42.13
N VAL B 379 -53.28 -16.76 41.22
CA VAL B 379 -52.15 -17.60 40.86
C VAL B 379 -51.02 -16.84 40.16
N PHE B 380 -51.37 -16.04 39.16
CA PHE B 380 -50.35 -15.43 38.31
C PHE B 380 -50.58 -13.94 38.04
N ASP B 381 -49.58 -13.12 38.32
CA ASP B 381 -49.65 -11.70 38.01
C ASP B 381 -48.46 -11.31 37.14
N TYR B 382 -48.72 -10.79 35.95
CA TYR B 382 -47.66 -10.51 35.00
C TYR B 382 -46.68 -9.45 35.50
N ASP B 383 -47.19 -8.26 35.80
CA ASP B 383 -46.35 -7.16 36.25
C ASP B 383 -45.58 -7.53 37.52
N ASN B 384 -46.24 -8.25 38.42
CA ASN B 384 -45.58 -8.73 39.64
C ASN B 384 -44.47 -9.71 39.33
N THR B 385 -44.71 -10.61 38.37
CA THR B 385 -43.71 -11.59 37.96
C THR B 385 -42.51 -10.90 37.32
N VAL B 386 -42.77 -9.82 36.60
CA VAL B 386 -41.71 -9.03 35.97
C VAL B 386 -40.88 -8.31 37.02
N SER B 387 -41.56 -7.68 37.98
CA SER B 387 -40.86 -7.00 39.07
C SER B 387 -40.00 -8.00 39.85
N THR B 388 -40.54 -9.18 40.11
CA THR B 388 -39.82 -10.25 40.78
C THR B 388 -38.59 -10.66 39.97
N PHE B 389 -38.78 -10.73 38.65
CA PHE B 389 -37.70 -11.05 37.73
C PHE B 389 -36.56 -10.05 37.85
N ALA B 390 -36.92 -8.77 37.81
CA ALA B 390 -35.94 -7.70 37.91
C ALA B 390 -35.19 -7.73 39.24
N THR B 391 -35.93 -7.82 40.34
CA THR B 391 -35.29 -7.79 41.65
C THR B 391 -34.41 -9.02 41.88
N SER B 392 -34.83 -10.18 41.36
CA SER B 392 -34.05 -11.40 41.52
C SER B 392 -32.79 -11.36 40.66
N LEU B 393 -32.89 -10.76 39.48
CA LEU B 393 -31.72 -10.60 38.61
C LEU B 393 -30.70 -9.68 39.25
N ASN B 394 -31.18 -8.53 39.73
CA ASN B 394 -30.32 -7.54 40.35
C ASN B 394 -29.67 -8.14 41.60
N SER B 395 -30.44 -8.93 42.33
CA SER B 395 -29.94 -9.60 43.52
C SER B 395 -28.86 -10.62 43.15
N PHE B 396 -29.08 -11.35 42.06
CA PHE B 396 -28.06 -12.28 41.57
C PHE B 396 -26.75 -11.58 41.25
N TYR B 397 -26.82 -10.50 40.47
CA TYR B 397 -25.59 -9.77 40.13
C TYR B 397 -24.88 -9.22 41.37
N LYS B 398 -25.64 -8.61 42.27
CA LYS B 398 -25.05 -8.00 43.45
C LYS B 398 -24.50 -9.01 44.46
N GLU B 399 -25.12 -10.18 44.56
CA GLU B 399 -24.72 -11.19 45.56
C GLU B 399 -23.32 -11.76 45.31
N TYR B 400 -23.04 -12.17 44.09
CA TYR B 400 -21.74 -12.76 43.76
C TYR B 400 -20.80 -11.67 43.29
N ASN B 401 -21.15 -10.44 43.64
CA ASN B 401 -20.37 -9.24 43.35
C ASN B 401 -19.98 -9.11 41.87
N LEU B 402 -20.86 -9.58 40.99
CA LEU B 402 -20.67 -9.39 39.55
C LEU B 402 -20.97 -7.94 39.22
N PRO B 403 -20.19 -7.35 38.29
CA PRO B 403 -20.36 -5.94 37.94
C PRO B 403 -21.67 -5.64 37.20
N LEU B 404 -22.22 -4.46 37.46
CA LEU B 404 -23.48 -4.03 36.86
C LEU B 404 -23.34 -2.64 36.26
N MSE B 405 -24.27 -2.29 35.39
CA MSE B 405 -24.32 -0.95 34.83
C MSE B 405 -25.41 -0.15 35.52
O MSE B 405 -26.60 -0.36 35.27
CB MSE B 405 -24.56 -1.00 33.32
CG MSE B 405 -24.11 0.23 32.56
SE MSE B 405 -22.22 0.19 32.02
CE MSE B 405 -21.41 0.77 33.70
N SER B 406 -25.00 0.74 36.41
CA SER B 406 -25.94 1.63 37.10
C SER B 406 -26.60 2.58 36.11
N GLN B 407 -27.63 3.31 36.57
CA GLN B 407 -28.42 4.16 35.69
C GLN B 407 -27.60 5.36 35.21
N SER B 408 -26.86 5.97 36.13
CA SER B 408 -26.09 7.16 35.81
C SER B 408 -24.98 6.84 34.82
N GLU B 409 -24.25 5.78 35.10
CA GLU B 409 -23.19 5.32 34.20
C GLU B 409 -23.75 4.82 32.87
N SER B 410 -25.05 4.51 32.85
CA SER B 410 -25.70 3.95 31.67
C SER B 410 -25.92 4.93 30.52
N LEU B 411 -25.74 6.23 30.78
CA LEU B 411 -25.92 7.23 29.74
C LEU B 411 -24.81 7.24 28.68
N ASP B 412 -23.67 6.64 29.02
CA ASP B 412 -22.57 6.47 28.07
C ASP B 412 -22.01 5.05 28.03
N TRP B 413 -22.01 4.45 26.84
CA TRP B 413 -21.50 3.10 26.69
C TRP B 413 -20.08 3.08 26.15
N LEU B 414 -19.75 4.06 25.32
CA LEU B 414 -18.42 4.12 24.73
C LEU B 414 -17.37 4.36 25.81
N GLU B 415 -17.65 5.28 26.71
CA GLU B 415 -16.72 5.62 27.78
C GLU B 415 -16.76 4.60 28.92
N ASN B 416 -17.95 4.13 29.26
CA ASN B 416 -18.14 3.30 30.46
C ASN B 416 -18.19 1.80 30.17
N SER B 417 -17.80 1.42 28.95
CA SER B 417 -17.82 0.01 28.54
C SER B 417 -16.88 -0.85 29.37
N THR B 418 -17.35 -2.03 29.76
CA THR B 418 -16.51 -3.03 30.39
C THR B 418 -16.82 -4.40 29.79
N ARG B 419 -15.83 -5.28 29.75
CA ARG B 419 -16.02 -6.61 29.19
C ARG B 419 -16.03 -7.68 30.28
N CYS B 420 -17.12 -8.45 30.32
CA CYS B 420 -17.25 -9.56 31.25
C CYS B 420 -17.13 -10.90 30.54
N VAL B 421 -16.46 -11.85 31.18
CA VAL B 421 -16.31 -13.17 30.61
C VAL B 421 -16.86 -14.24 31.56
N TYR B 422 -18.01 -14.78 31.19
CA TYR B 422 -18.65 -15.85 31.95
C TYR B 422 -18.73 -17.08 31.08
N PRO B 423 -18.97 -18.25 31.69
CA PRO B 423 -19.23 -19.46 30.89
C PRO B 423 -20.38 -19.25 29.91
N GLY B 424 -20.26 -19.85 28.73
CA GLY B 424 -21.21 -19.65 27.64
C GLY B 424 -22.68 -19.81 27.99
N ASN B 425 -22.99 -20.84 28.77
CA ASN B 425 -24.35 -21.08 29.21
C ASN B 425 -24.88 -19.90 30.01
N ILE B 426 -24.05 -19.43 30.93
CA ILE B 426 -24.42 -18.35 31.84
C ILE B 426 -24.54 -17.02 31.09
N SER B 427 -23.57 -16.74 30.23
CA SER B 427 -23.63 -15.54 29.40
C SER B 427 -24.92 -15.52 28.59
N LYS B 428 -25.21 -16.64 27.94
CA LYS B 428 -26.44 -16.78 27.15
C LYS B 428 -27.69 -16.51 27.99
N VAL B 429 -27.81 -17.19 29.12
CA VAL B 429 -28.98 -17.04 29.98
C VAL B 429 -29.17 -15.60 30.44
N LEU B 430 -28.08 -14.96 30.83
CA LEU B 430 -28.15 -13.59 31.35
C LEU B 430 -28.45 -12.55 30.27
N THR B 431 -27.76 -12.62 29.13
CA THR B 431 -28.08 -11.70 28.02
C THR B 431 -29.53 -11.86 27.59
N ASN B 432 -29.97 -13.11 27.51
CA ASN B 432 -31.35 -13.40 27.14
C ASN B 432 -32.32 -12.80 28.16
N ALA B 433 -31.93 -12.87 29.43
CA ALA B 433 -32.74 -12.33 30.52
C ALA B 433 -32.89 -10.80 30.41
N TRP B 434 -31.76 -10.10 30.32
CA TRP B 434 -31.79 -8.64 30.23
C TRP B 434 -32.53 -8.19 28.98
N SER B 435 -32.31 -8.90 27.88
CA SER B 435 -32.98 -8.58 26.62
C SER B 435 -34.49 -8.72 26.80
N THR B 436 -34.91 -9.78 27.47
CA THR B 436 -36.34 -9.98 27.70
C THR B 436 -36.92 -8.88 28.58
N LEU B 437 -36.16 -8.44 29.59
CA LEU B 437 -36.60 -7.33 30.43
C LEU B 437 -36.80 -6.05 29.61
N TYR B 438 -35.83 -5.74 28.75
CA TYR B 438 -35.96 -4.59 27.87
C TYR B 438 -37.18 -4.72 26.94
N GLU B 439 -37.32 -5.87 26.30
CA GLU B 439 -38.45 -6.13 25.41
C GLU B 439 -39.80 -5.92 26.09
N ILE B 440 -39.89 -6.34 27.36
CA ILE B 440 -41.12 -6.14 28.11
C ILE B 440 -41.36 -4.67 28.42
N ARG B 441 -40.36 -4.01 29.01
CA ARG B 441 -40.56 -2.64 29.50
C ARG B 441 -40.19 -1.59 28.45
N LYS B 442 -40.18 -2.00 27.19
CA LYS B 442 -39.73 -1.16 26.08
C LYS B 442 -40.61 0.06 25.83
N TYR B 443 -41.91 -0.09 26.09
CA TYR B 443 -42.88 0.93 25.71
C TYR B 443 -43.29 1.83 26.88
N GLN B 444 -42.80 1.52 28.07
CA GLN B 444 -43.20 2.28 29.25
C GLN B 444 -42.23 3.43 29.54
N LEU B 445 -42.78 4.63 29.66
CA LEU B 445 -41.99 5.86 29.80
C LEU B 445 -41.23 5.90 31.12
N ASP B 446 -41.86 5.39 32.18
CA ASP B 446 -41.31 5.45 33.53
C ASP B 446 -39.93 4.82 33.63
N PHE B 447 -39.70 3.78 32.83
CA PHE B 447 -38.42 3.09 32.80
C PHE B 447 -37.43 3.74 31.84
N LEU B 448 -37.95 4.50 30.88
CA LEU B 448 -37.10 5.25 29.95
C LEU B 448 -36.49 6.46 30.63
N VAL B 449 -37.32 7.20 31.37
CA VAL B 449 -36.86 8.39 32.08
C VAL B 449 -35.87 8.01 33.20
N SER B 450 -36.13 6.86 33.83
CA SER B 450 -35.27 6.34 34.89
C SER B 450 -33.93 5.82 34.40
N ASN B 451 -33.74 5.78 33.08
CA ASN B 451 -32.53 5.25 32.46
C ASN B 451 -32.35 3.77 32.76
N ASN B 452 -33.47 3.09 33.00
CA ASN B 452 -33.45 1.66 33.27
C ASN B 452 -33.30 0.81 32.01
N LEU B 453 -33.92 1.24 30.93
CA LEU B 453 -33.86 0.49 29.66
C LEU B 453 -32.43 0.46 29.12
N THR B 454 -31.78 1.60 29.18
CA THR B 454 -30.41 1.73 28.71
C THR B 454 -29.50 0.85 29.56
N SER B 455 -29.80 0.76 30.85
CA SER B 455 -29.04 -0.09 31.76
C SER B 455 -29.24 -1.55 31.41
N TYR B 456 -30.48 -1.92 31.09
CA TYR B 456 -30.79 -3.29 30.67
C TYR B 456 -29.95 -3.65 29.45
N LEU B 457 -30.02 -2.81 28.43
CA LEU B 457 -29.28 -3.06 27.19
C LEU B 457 -27.77 -3.12 27.43
N CYS B 458 -27.27 -2.24 28.28
CA CYS B 458 -25.85 -2.23 28.61
C CYS B 458 -25.43 -3.53 29.27
N ASN B 459 -26.23 -3.97 30.24
CA ASN B 459 -25.98 -5.24 30.93
C ASN B 459 -26.03 -6.42 29.97
N ALA B 460 -26.84 -6.27 28.92
CA ALA B 460 -26.91 -7.30 27.89
C ALA B 460 -25.66 -7.32 27.01
N MSE B 461 -25.18 -6.13 26.65
CA MSE B 461 -24.01 -6.02 25.78
C MSE B 461 -22.70 -6.30 26.52
O MSE B 461 -21.69 -6.64 25.91
CB MSE B 461 -23.93 -4.62 25.16
CG MSE B 461 -25.07 -4.30 24.20
SE MSE B 461 -24.87 -2.52 23.43
CE MSE B 461 -24.91 -1.47 25.07
N MSE B 462 -22.75 -6.16 27.85
CA MSE B 462 -21.57 -6.34 28.69
C MSE B 462 -21.03 -7.77 28.58
O MSE B 462 -19.83 -8.00 28.77
CB MSE B 462 -21.92 -6.02 30.14
CG MSE B 462 -20.94 -5.09 30.84
SE MSE B 462 -21.59 -4.59 32.60
CE MSE B 462 -22.09 -6.37 33.25
N LEU B 463 -21.91 -8.71 28.30
CA LEU B 463 -21.53 -10.12 28.25
C LEU B 463 -21.24 -10.55 26.82
N SER B 464 -20.33 -9.84 26.16
CA SER B 464 -20.00 -10.10 24.77
C SER B 464 -18.63 -9.54 24.42
N GLY B 479 -23.55 -13.74 11.72
CA GLY B 479 -23.92 -14.97 12.40
C GLY B 479 -24.95 -14.73 13.50
N GLU B 480 -24.84 -15.50 14.57
CA GLU B 480 -25.78 -15.37 15.69
C GLU B 480 -25.49 -14.14 16.55
N GLU B 481 -24.27 -14.11 17.08
CA GLU B 481 -23.85 -13.08 18.02
C GLU B 481 -23.57 -11.75 17.34
N GLU B 482 -23.25 -11.80 16.05
CA GLU B 482 -23.00 -10.58 15.29
C GLU B 482 -24.28 -9.78 15.14
N LYS B 483 -25.34 -10.47 14.72
CA LYS B 483 -26.65 -9.86 14.58
C LYS B 483 -27.23 -9.51 15.96
N ALA B 484 -26.92 -10.34 16.95
CA ALA B 484 -27.35 -10.06 18.32
C ALA B 484 -26.78 -8.72 18.81
N LEU B 485 -25.46 -8.56 18.69
CA LEU B 485 -24.80 -7.30 19.02
C LEU B 485 -25.33 -6.13 18.20
N ARG B 486 -25.54 -6.34 16.90
CA ARG B 486 -26.07 -5.28 16.06
C ARG B 486 -27.39 -4.79 16.62
N GLU B 487 -28.30 -5.72 16.89
CA GLU B 487 -29.62 -5.37 17.40
C GLU B 487 -29.55 -4.69 18.76
N LEU B 488 -28.68 -5.20 19.64
CA LEU B 488 -28.53 -4.59 20.96
C LEU B 488 -28.00 -3.16 20.89
N GLN B 489 -26.93 -2.96 20.13
CA GLN B 489 -26.32 -1.65 19.99
C GLN B 489 -27.27 -0.66 19.33
N PHE B 490 -27.98 -1.12 18.31
CA PHE B 490 -28.97 -0.29 17.65
C PHE B 490 -30.07 0.14 18.61
N LYS B 491 -30.65 -0.83 19.31
CA LYS B 491 -31.70 -0.53 20.27
C LYS B 491 -31.21 0.42 21.37
N TYR B 492 -29.94 0.30 21.73
CA TYR B 492 -29.34 1.21 22.70
C TYR B 492 -29.28 2.65 22.19
N SER B 493 -28.71 2.81 20.99
CA SER B 493 -28.61 4.13 20.37
C SER B 493 -29.98 4.75 20.18
N TYR B 494 -30.92 3.93 19.71
CA TYR B 494 -32.31 4.34 19.50
C TYR B 494 -32.95 4.78 20.80
N THR B 495 -32.64 4.07 21.89
CA THR B 495 -33.18 4.39 23.20
C THR B 495 -32.60 5.73 23.67
N LEU B 496 -31.33 5.97 23.35
CA LEU B 496 -30.70 7.25 23.67
C LEU B 496 -31.33 8.38 22.87
N ALA B 497 -31.70 8.09 21.62
CA ALA B 497 -32.32 9.09 20.75
C ALA B 497 -33.73 9.43 21.24
N GLN B 498 -34.49 8.42 21.65
CA GLN B 498 -35.82 8.62 22.23
C GLN B 498 -35.71 9.52 23.44
N GLN B 499 -34.66 9.29 24.22
CA GLN B 499 -34.38 10.05 25.43
C GLN B 499 -33.85 11.45 25.07
N ARG B 500 -33.54 11.61 23.78
CA ARG B 500 -33.04 12.86 23.19
C ARG B 500 -31.62 13.19 23.62
N HIS B 501 -30.86 12.15 23.98
CA HIS B 501 -29.42 12.27 24.13
C HIS B 501 -28.78 11.99 22.79
N ILE B 502 -28.98 12.91 21.86
CA ILE B 502 -28.68 12.68 20.46
C ILE B 502 -27.19 12.79 20.16
N GLU B 503 -26.49 13.70 20.84
CA GLU B 503 -25.07 13.89 20.58
C GLU B 503 -24.28 12.63 20.90
N THR B 504 -24.64 11.95 21.98
CA THR B 504 -23.97 10.70 22.36
C THR B 504 -24.47 9.53 21.51
N ALA B 505 -25.75 9.55 21.19
CA ALA B 505 -26.37 8.48 20.41
C ALA B 505 -25.75 8.42 19.03
N ILE B 506 -25.43 9.58 18.47
CA ILE B 506 -24.77 9.65 17.18
C ILE B 506 -23.38 9.06 17.27
N LYS B 507 -22.66 9.34 18.36
CA LYS B 507 -21.30 8.82 18.49
C LYS B 507 -21.29 7.30 18.64
N THR B 508 -22.11 6.77 19.54
CA THR B 508 -22.20 5.32 19.72
C THR B 508 -22.64 4.64 18.43
N LEU B 509 -23.67 5.19 17.80
CA LEU B 509 -24.20 4.63 16.56
C LEU B 509 -23.13 4.60 15.47
N GLU B 510 -22.46 5.74 15.31
CA GLU B 510 -21.43 5.95 14.30
C GLU B 510 -20.27 4.98 14.44
N SER B 511 -19.62 5.01 15.60
CA SER B 511 -18.45 4.18 15.84
C SER B 511 -18.77 2.68 15.96
N LEU B 512 -19.73 2.34 16.82
CA LEU B 512 -20.00 0.94 17.14
C LEU B 512 -20.68 0.19 16.00
N ILE B 513 -21.78 0.72 15.52
CA ILE B 513 -22.64 -0.01 14.59
C ILE B 513 -22.25 0.23 13.13
N LEU B 514 -21.99 1.50 12.80
CA LEU B 514 -21.84 1.92 11.42
C LEU B 514 -20.42 1.89 10.86
N SER B 515 -19.45 1.45 11.65
CA SER B 515 -18.07 1.40 11.17
C SER B 515 -17.88 0.36 10.08
N LYS B 516 -18.60 -0.76 10.17
CA LYS B 516 -18.48 -1.85 9.20
C LYS B 516 -19.79 -2.63 9.02
N ASN B 517 -20.87 -1.90 8.76
CA ASN B 517 -22.17 -2.52 8.47
C ASN B 517 -22.89 -1.82 7.32
N PRO B 518 -22.55 -2.17 6.07
CA PRO B 518 -23.22 -1.47 4.97
C PRO B 518 -24.65 -1.94 4.68
N ASN B 519 -25.00 -3.15 5.13
CA ASN B 519 -26.31 -3.72 4.82
C ASN B 519 -27.38 -3.47 5.89
N TYR B 520 -27.06 -2.65 6.89
CA TYR B 520 -27.92 -2.47 8.06
C TYR B 520 -28.54 -1.08 8.08
N TYR B 521 -29.77 -0.97 7.59
CA TYR B 521 -30.31 0.32 7.20
C TYR B 521 -31.01 1.06 8.34
N LYS B 522 -31.27 0.37 9.44
CA LYS B 522 -32.02 0.94 10.55
C LYS B 522 -31.21 2.05 11.17
N ALA B 523 -29.93 1.78 11.32
CA ALA B 523 -29.01 2.69 11.98
C ALA B 523 -28.58 3.80 11.04
N TRP B 524 -28.70 3.56 9.73
CA TRP B 524 -28.36 4.60 8.79
C TRP B 524 -29.48 5.64 8.85
N HIS B 525 -30.71 5.15 8.86
CA HIS B 525 -31.85 6.05 8.96
C HIS B 525 -31.86 6.75 10.31
N LEU B 526 -31.50 6.03 11.37
CA LEU B 526 -31.46 6.62 12.71
C LEU B 526 -30.38 7.69 12.85
N LEU B 527 -29.20 7.45 12.29
CA LEU B 527 -28.13 8.42 12.36
C LEU B 527 -28.54 9.66 11.57
N ALA B 528 -29.09 9.44 10.37
CA ALA B 528 -29.55 10.55 9.55
C ALA B 528 -30.58 11.41 10.29
N LEU B 529 -31.55 10.72 10.90
CA LEU B 529 -32.63 11.38 11.62
C LEU B 529 -32.08 12.15 12.82
N CYS B 530 -31.08 11.59 13.48
CA CYS B 530 -30.42 12.23 14.62
C CYS B 530 -29.64 13.47 14.17
N ARG B 531 -29.02 13.36 13.00
CA ARG B 531 -28.20 14.43 12.44
C ARG B 531 -29.08 15.54 11.88
N SER B 532 -30.37 15.23 11.69
CA SER B 532 -31.34 16.22 11.25
C SER B 532 -31.61 17.27 12.32
N VAL B 533 -31.27 16.98 13.56
CA VAL B 533 -31.56 17.93 14.63
C VAL B 533 -30.73 19.20 14.47
N GLN B 534 -29.53 19.06 13.90
CA GLN B 534 -28.69 20.23 13.62
C GLN B 534 -29.22 21.12 12.49
N GLU B 535 -29.23 22.43 12.74
CA GLU B 535 -29.71 23.46 11.80
C GLU B 535 -29.18 23.25 10.38
N ASP B 536 -28.01 22.62 10.28
CA ASP B 536 -27.40 22.33 8.99
C ASP B 536 -27.87 20.96 8.54
N LYS B 537 -28.61 20.90 7.44
CA LYS B 537 -29.16 19.63 7.01
C LYS B 537 -28.33 19.09 5.88
N GLU B 538 -27.08 19.54 5.84
CA GLU B 538 -26.13 19.11 4.84
C GLU B 538 -25.74 17.68 5.15
N MSE B 539 -25.28 17.52 6.38
CA MSE B 539 -24.91 16.22 6.91
C MSE B 539 -26.04 15.22 6.69
O MSE B 539 -25.95 14.38 5.81
CB MSE B 539 -24.55 16.31 8.38
CG MSE B 539 -23.20 16.95 8.62
SE MSE B 539 -21.79 15.78 7.99
CE MSE B 539 -22.21 14.27 9.14
N SER B 540 -27.12 15.36 7.46
CA SER B 540 -28.22 14.38 7.42
C SER B 540 -28.78 14.15 6.01
N TYR B 541 -28.97 15.22 5.24
CA TYR B 541 -29.51 15.08 3.88
C TYR B 541 -28.59 14.27 2.97
N LYS B 542 -27.29 14.59 3.00
CA LYS B 542 -26.37 13.83 2.16
C LYS B 542 -26.33 12.38 2.63
N ILE B 543 -26.46 12.19 3.94
CA ILE B 543 -26.54 10.85 4.48
C ILE B 543 -27.74 10.06 3.96
N VAL B 544 -28.94 10.62 4.11
CA VAL B 544 -30.15 9.94 3.63
C VAL B 544 -30.08 9.73 2.11
N CYS B 545 -29.48 10.65 1.38
CA CYS B 545 -29.35 10.51 -0.07
C CYS B 545 -28.48 9.31 -0.40
N SER B 546 -27.31 9.27 0.23
CA SER B 546 -26.36 8.20 0.01
C SER B 546 -26.90 6.84 0.41
N VAL B 547 -27.53 6.78 1.58
CA VAL B 547 -28.10 5.53 2.08
C VAL B 547 -29.21 5.08 1.16
N LEU B 548 -29.98 6.03 0.67
CA LEU B 548 -31.05 5.74 -0.29
C LEU B 548 -30.47 5.12 -1.55
N GLU B 549 -29.36 5.69 -2.02
CA GLU B 549 -28.69 5.16 -3.21
C GLU B 549 -28.16 3.74 -3.01
N ALA B 550 -27.53 3.51 -1.86
CA ALA B 550 -27.00 2.18 -1.52
C ALA B 550 -28.14 1.17 -1.43
N MSE B 551 -29.28 1.64 -0.94
CA MSE B 551 -30.46 0.81 -0.77
C MSE B 551 -31.09 0.51 -2.13
O MSE B 551 -31.69 -0.54 -2.31
CB MSE B 551 -31.46 1.51 0.14
CG MSE B 551 -32.33 0.56 0.95
SE MSE B 551 -33.11 1.46 2.49
CE MSE B 551 -34.05 -0.06 3.28
N ASN B 552 -30.97 1.45 -3.06
CA ASN B 552 -31.38 1.22 -4.44
C ASN B 552 -30.51 0.17 -5.08
N GLU B 553 -29.21 0.21 -4.77
CA GLU B 553 -28.27 -0.77 -5.27
C GLU B 553 -28.65 -2.15 -4.78
N SER B 554 -28.86 -2.25 -3.47
CA SER B 554 -29.21 -3.52 -2.84
C SER B 554 -30.62 -4.04 -3.16
N LEU B 555 -31.55 -3.16 -3.49
CA LEU B 555 -32.94 -3.57 -3.66
C LEU B 555 -33.27 -4.51 -4.82
N GLN B 556 -33.03 -4.07 -6.04
CA GLN B 556 -33.47 -4.84 -7.20
C GLN B 556 -32.33 -5.72 -7.65
N ASN B 557 -31.14 -5.14 -7.71
CA ASN B 557 -29.98 -5.81 -8.24
C ASN B 557 -29.64 -7.05 -7.41
N ASN B 558 -29.85 -6.98 -6.10
CA ASN B 558 -29.70 -8.15 -5.22
C ASN B 558 -30.99 -8.38 -4.44
N THR B 559 -31.50 -9.60 -4.41
CA THR B 559 -32.78 -9.82 -3.72
C THR B 559 -32.72 -10.39 -2.28
N LEU B 560 -32.22 -9.60 -1.34
CA LEU B 560 -32.07 -10.04 0.05
C LEU B 560 -33.01 -9.43 1.11
N LEU B 561 -33.68 -8.35 0.80
CA LEU B 561 -34.49 -7.64 1.79
C LEU B 561 -35.99 -7.99 1.84
N LEU B 562 -36.46 -8.32 3.03
CA LEU B 562 -37.89 -8.50 3.24
C LEU B 562 -38.55 -7.49 4.20
N ASN B 563 -38.13 -7.46 5.45
CA ASN B 563 -38.65 -6.47 6.40
C ASN B 563 -38.22 -5.06 6.04
N ASP B 564 -37.06 -4.96 5.40
CA ASP B 564 -36.40 -3.68 5.17
C ASP B 564 -37.08 -2.69 4.21
N ARG B 565 -37.97 -3.17 3.35
CA ARG B 565 -38.54 -2.31 2.31
C ARG B 565 -39.27 -1.11 2.85
N TRP B 566 -39.91 -1.30 3.99
CA TRP B 566 -40.70 -0.27 4.62
C TRP B 566 -39.79 0.87 4.99
N GLN B 567 -38.60 0.51 5.49
CA GLN B 567 -37.60 1.50 5.86
C GLN B 567 -37.28 2.36 4.65
N PHE B 568 -37.17 1.69 3.51
CA PHE B 568 -36.84 2.35 2.26
C PHE B 568 -37.86 3.46 2.04
N ILE B 569 -39.14 3.10 2.07
CA ILE B 569 -40.16 4.09 1.81
C ILE B 569 -40.03 5.25 2.78
N HIS B 570 -39.92 4.94 4.07
CA HIS B 570 -39.86 6.00 5.05
C HIS B 570 -38.60 6.81 4.88
N LEU B 571 -37.51 6.16 4.48
CA LEU B 571 -36.27 6.86 4.25
C LEU B 571 -36.50 7.90 3.16
N LYS B 572 -37.18 7.47 2.10
CA LYS B 572 -37.49 8.37 1.00
C LYS B 572 -38.32 9.54 1.50
N LEU B 573 -39.30 9.24 2.36
CA LEU B 573 -40.16 10.29 2.87
C LEU B 573 -39.31 11.28 3.66
N THR B 574 -38.37 10.76 4.44
CA THR B 574 -37.50 11.62 5.22
C THR B 574 -36.73 12.52 4.28
N GLN B 575 -36.24 11.93 3.19
CA GLN B 575 -35.49 12.68 2.20
C GLN B 575 -36.33 13.84 1.72
N LEU B 576 -37.59 13.55 1.39
CA LEU B 576 -38.46 14.58 0.87
C LEU B 576 -38.53 15.75 1.84
N ALA B 577 -38.77 15.44 3.11
CA ALA B 577 -38.92 16.49 4.10
C ALA B 577 -37.64 17.29 4.18
N LEU B 578 -36.52 16.58 4.16
CA LEU B 578 -35.23 17.24 4.24
C LEU B 578 -35.06 18.16 3.04
N ILE B 579 -35.38 17.64 1.85
CA ILE B 579 -35.30 18.48 0.64
C ILE B 579 -36.14 19.72 0.87
N GLU B 580 -37.35 19.50 1.36
CA GLU B 580 -38.29 20.58 1.60
C GLU B 580 -37.70 21.66 2.49
N GLU B 581 -36.99 21.24 3.53
CA GLU B 581 -36.43 22.22 4.45
C GLU B 581 -35.20 22.91 3.89
N ILE B 582 -34.42 22.19 3.08
CA ILE B 582 -33.16 22.77 2.59
C ILE B 582 -33.38 23.66 1.36
N PHE B 583 -34.23 23.19 0.44
CA PHE B 583 -34.47 23.86 -0.81
C PHE B 583 -35.76 24.66 -0.77
N GLY B 584 -36.88 23.94 -0.85
CA GLY B 584 -38.19 24.57 -0.85
C GLY B 584 -39.30 23.55 -0.92
N THR B 585 -40.51 23.97 -0.56
CA THR B 585 -41.66 23.08 -0.57
C THR B 585 -41.99 22.69 -2.02
N LEU B 586 -41.72 23.60 -2.95
CA LEU B 586 -41.92 23.33 -4.37
C LEU B 586 -40.82 22.40 -4.89
N GLU B 587 -39.59 22.68 -4.47
CA GLU B 587 -38.44 21.85 -4.83
C GLU B 587 -38.68 20.43 -4.33
N ALA B 588 -39.41 20.33 -3.21
CA ALA B 588 -39.82 19.05 -2.68
C ALA B 588 -40.95 18.44 -3.50
N LEU B 589 -41.86 19.29 -4.00
CA LEU B 589 -42.93 18.83 -4.87
C LEU B 589 -42.35 18.20 -6.13
N GLU B 590 -41.17 18.66 -6.52
CA GLU B 590 -40.50 18.15 -7.72
C GLU B 590 -40.20 16.65 -7.68
N THR B 591 -39.75 16.16 -6.53
CA THR B 591 -39.25 14.79 -6.44
C THR B 591 -40.28 13.74 -5.97
N LEU B 592 -41.54 14.14 -5.87
CA LEU B 592 -42.60 13.22 -5.40
C LEU B 592 -42.87 11.93 -6.19
N PRO B 593 -42.97 12.01 -7.54
CA PRO B 593 -43.32 10.78 -8.28
C PRO B 593 -42.43 9.57 -8.00
N GLU B 594 -41.21 9.81 -7.53
CA GLU B 594 -40.27 8.73 -7.25
C GLU B 594 -40.76 7.79 -6.15
N VAL B 595 -41.46 8.32 -5.17
CA VAL B 595 -41.95 7.53 -4.04
C VAL B 595 -42.98 6.51 -4.48
N PHE B 596 -43.90 6.95 -5.33
CA PHE B 596 -44.95 6.10 -5.85
C PHE B 596 -44.38 5.08 -6.84
N GLU B 597 -43.41 5.53 -7.63
CA GLU B 597 -42.67 4.62 -8.50
C GLU B 597 -41.93 3.58 -7.65
N LEU B 598 -41.34 4.05 -6.56
CA LEU B 598 -40.64 3.18 -5.61
C LEU B 598 -41.58 2.15 -5.00
N TYR B 599 -42.76 2.63 -4.58
CA TYR B 599 -43.78 1.77 -3.98
C TYR B 599 -44.21 0.68 -4.96
N ALA B 600 -44.48 1.08 -6.21
CA ALA B 600 -44.88 0.15 -7.25
C ALA B 600 -43.80 -0.91 -7.48
N THR B 601 -42.54 -0.50 -7.39
CA THR B 601 -41.41 -1.40 -7.55
C THR B 601 -41.33 -2.34 -6.34
N LEU B 602 -41.38 -1.76 -5.15
CA LEU B 602 -41.28 -2.50 -3.89
C LEU B 602 -42.43 -3.47 -3.66
N PHE B 603 -43.65 -3.05 -3.99
CA PHE B 603 -44.84 -3.86 -3.75
C PHE B 603 -45.56 -4.25 -5.05
N PRO B 604 -45.34 -5.50 -5.51
CA PRO B 604 -46.06 -5.95 -6.71
C PRO B 604 -47.53 -6.21 -6.40
N ASP B 605 -48.30 -6.55 -7.43
CA ASP B 605 -49.73 -6.80 -7.23
C ASP B 605 -49.96 -8.24 -6.80
N SER B 606 -48.94 -9.06 -6.98
CA SER B 606 -49.00 -10.48 -6.61
C SER B 606 -48.26 -10.74 -5.30
N MSE B 613 -46.40 -7.08 6.88
CA MSE B 613 -45.15 -7.56 7.45
C MSE B 613 -45.34 -7.99 8.89
O MSE B 613 -44.53 -8.72 9.45
CB MSE B 613 -44.06 -6.49 7.37
CG MSE B 613 -44.10 -5.50 8.52
SE MSE B 613 -42.59 -4.25 8.53
CE MSE B 613 -43.09 -3.28 10.16
N GLY B 614 -46.42 -7.51 9.51
CA GLY B 614 -46.75 -7.89 10.86
C GLY B 614 -48.20 -8.31 10.96
N PRO B 615 -48.71 -8.44 12.19
CA PRO B 615 -50.10 -8.88 12.42
C PRO B 615 -51.05 -7.73 12.73
N LYS B 616 -50.56 -6.49 12.73
CA LYS B 616 -51.41 -5.34 13.05
C LYS B 616 -51.84 -4.60 11.79
N TYR B 617 -52.72 -3.62 11.94
CA TYR B 617 -53.23 -2.88 10.79
C TYR B 617 -52.23 -1.81 10.41
N SER B 618 -51.50 -1.33 11.41
CA SER B 618 -50.44 -0.35 11.23
C SER B 618 -49.26 -0.97 10.47
N GLN B 619 -49.31 -2.28 10.31
CA GLN B 619 -48.20 -3.03 9.74
C GLN B 619 -48.62 -3.73 8.44
N THR B 620 -49.67 -3.21 7.82
CA THR B 620 -50.17 -3.75 6.56
C THR B 620 -49.75 -2.89 5.39
N LYS B 621 -49.66 -3.49 4.21
CA LYS B 621 -49.21 -2.84 2.99
C LYS B 621 -49.98 -1.55 2.66
N GLU B 622 -51.29 -1.57 2.87
CA GLU B 622 -52.15 -0.45 2.52
C GLU B 622 -51.91 0.80 3.40
N TYR B 623 -51.60 0.55 4.67
CA TYR B 623 -51.34 1.60 5.65
C TYR B 623 -50.21 2.51 5.19
N LEU B 624 -49.15 1.87 4.70
CA LEU B 624 -47.99 2.58 4.20
C LEU B 624 -48.36 3.56 3.08
N LEU B 625 -49.11 3.06 2.10
CA LEU B 625 -49.55 3.89 0.98
C LEU B 625 -50.34 5.10 1.46
N GLN B 626 -51.32 4.88 2.33
CA GLN B 626 -52.09 6.03 2.80
C GLN B 626 -51.20 7.01 3.59
N MSE B 627 -50.15 6.52 4.24
CA MSE B 627 -49.19 7.41 4.91
C MSE B 627 -48.47 8.32 3.90
O MSE B 627 -48.34 9.53 4.13
CB MSE B 627 -48.15 6.60 5.70
CG MSE B 627 -48.68 5.93 6.96
SE MSE B 627 -49.32 7.20 8.29
CE MSE B 627 -47.68 8.20 8.57
N VAL B 628 -48.00 7.71 2.82
CA VAL B 628 -47.38 8.47 1.73
C VAL B 628 -48.32 9.57 1.24
N TRP B 629 -49.57 9.20 1.00
CA TRP B 629 -50.57 10.17 0.55
C TRP B 629 -50.76 11.31 1.55
N ILE B 630 -50.77 11.01 2.85
CA ILE B 630 -50.90 12.07 3.84
C ILE B 630 -49.71 13.01 3.79
N PHE B 631 -48.51 12.46 3.61
CA PHE B 631 -47.32 13.31 3.48
C PHE B 631 -47.47 14.28 2.30
N ALA B 632 -47.80 13.72 1.14
CA ALA B 632 -48.01 14.54 -0.06
C ALA B 632 -49.06 15.62 0.20
N ALA B 633 -50.14 15.25 0.88
CA ALA B 633 -51.21 16.17 1.22
C ALA B 633 -50.69 17.35 2.04
N ASN B 634 -49.92 17.04 3.08
CA ASN B 634 -49.33 18.07 3.94
C ASN B 634 -48.45 19.04 3.13
N MSE B 635 -47.56 18.48 2.32
CA MSE B 635 -46.69 19.31 1.50
C MSE B 635 -47.49 20.19 0.55
O MSE B 635 -47.13 21.35 0.31
CB MSE B 635 -45.71 18.45 0.71
CG MSE B 635 -44.61 17.85 1.55
SE MSE B 635 -43.01 17.56 0.49
CE MSE B 635 -43.88 16.88 -1.11
N TYR B 636 -48.57 19.64 0.01
CA TYR B 636 -49.46 20.39 -0.86
C TYR B 636 -50.07 21.54 -0.08
N MSE B 637 -50.42 21.28 1.17
CA MSE B 637 -50.98 22.31 2.03
C MSE B 637 -49.98 23.44 2.22
O MSE B 637 -50.37 24.60 2.34
CB MSE B 637 -51.38 21.72 3.39
CG MSE B 637 -52.86 21.82 3.73
SE MSE B 637 -53.42 20.52 5.10
CE MSE B 637 -53.33 18.90 4.00
N ARG B 638 -48.69 23.10 2.23
CA ARG B 638 -47.68 24.14 2.43
C ARG B 638 -47.47 25.01 1.19
N THR B 639 -47.51 24.41 0.00
CA THR B 639 -47.44 25.22 -1.21
C THR B 639 -48.87 25.68 -1.39
N LYS B 640 -49.12 26.96 -1.17
CA LYS B 640 -50.49 27.47 -1.17
C LYS B 640 -51.15 27.40 -2.54
N ASP B 641 -50.34 27.03 -3.54
CA ASP B 641 -50.79 26.90 -4.91
C ASP B 641 -52.00 25.98 -5.00
N ASN B 642 -51.83 24.75 -4.54
CA ASN B 642 -52.87 23.73 -4.64
C ASN B 642 -53.32 23.04 -3.34
N ASP B 643 -54.39 23.54 -2.73
CA ASP B 643 -54.93 22.92 -1.52
C ASP B 643 -55.96 21.86 -1.94
N GLU B 644 -56.55 22.07 -3.11
CA GLU B 644 -57.48 21.13 -3.70
C GLU B 644 -56.76 19.82 -4.07
N ASP B 645 -55.50 19.96 -4.47
CA ASP B 645 -54.63 18.82 -4.75
C ASP B 645 -54.46 17.99 -3.47
N ALA B 646 -54.35 18.69 -2.35
CA ALA B 646 -54.27 18.06 -1.04
C ALA B 646 -55.57 17.33 -0.74
N LYS B 647 -56.69 17.93 -1.14
CA LYS B 647 -57.98 17.26 -0.96
C LYS B 647 -57.99 15.94 -1.72
N ALA B 648 -57.51 15.98 -2.95
CA ALA B 648 -57.42 14.78 -3.79
C ALA B 648 -56.50 13.72 -3.16
N ALA B 649 -55.39 14.18 -2.59
CA ALA B 649 -54.45 13.29 -1.91
C ALA B 649 -55.11 12.56 -0.75
N ILE B 650 -55.84 13.31 0.07
CA ILE B 650 -56.55 12.72 1.20
C ILE B 650 -57.61 11.72 0.70
N LYS B 651 -58.29 12.09 -0.38
CA LYS B 651 -59.27 11.20 -0.99
C LYS B 651 -58.64 9.86 -1.39
N GLU B 652 -57.50 9.90 -2.06
CA GLU B 652 -56.79 8.67 -2.42
C GLU B 652 -56.34 7.90 -1.19
N ALA B 653 -55.94 8.63 -0.15
CA ALA B 653 -55.49 7.98 1.08
C ALA B 653 -56.62 7.15 1.69
N SER B 654 -57.80 7.75 1.78
CA SER B 654 -58.96 7.06 2.35
C SER B 654 -59.51 5.94 1.46
N ASN B 655 -59.40 6.08 0.15
CA ASN B 655 -59.95 5.11 -0.80
C ASN B 655 -59.27 3.75 -0.87
N VAL B 656 -58.22 3.53 -0.07
CA VAL B 656 -57.60 2.21 0.01
C VAL B 656 -57.24 1.87 1.45
N ASN B 662 -55.98 5.57 8.83
CA ASN B 662 -57.23 6.27 8.63
C ASN B 662 -57.41 7.45 9.57
N LEU B 663 -56.54 7.51 10.57
CA LEU B 663 -56.64 8.53 11.60
C LEU B 663 -55.91 9.79 11.13
N ASN B 664 -54.88 9.56 10.31
CA ASN B 664 -54.09 10.64 9.77
C ASN B 664 -54.87 11.35 8.67
N CYS B 665 -55.84 10.65 8.10
CA CYS B 665 -56.76 11.27 7.15
C CYS B 665 -57.61 12.31 7.86
N ASN B 666 -57.99 11.99 9.10
CA ASN B 666 -58.77 12.94 9.89
C ASN B 666 -57.92 14.11 10.37
N ILE B 667 -56.68 13.85 10.79
CA ILE B 667 -55.86 14.99 11.22
C ILE B 667 -55.53 15.90 10.02
N ALA B 668 -55.29 15.30 8.86
CA ALA B 668 -54.99 16.04 7.64
C ALA B 668 -56.18 16.87 7.16
N ASN B 669 -57.34 16.23 7.10
CA ASN B 669 -58.56 16.92 6.72
C ASN B 669 -58.86 18.04 7.71
N GLY B 670 -58.51 17.81 8.97
CA GLY B 670 -58.70 18.78 10.03
C GLY B 670 -57.83 20.01 9.87
N TYR B 671 -56.53 19.81 9.61
CA TYR B 671 -55.63 20.94 9.39
C TYR B 671 -56.00 21.67 8.10
N LEU B 672 -56.46 20.91 7.12
CA LEU B 672 -56.92 21.48 5.86
C LEU B 672 -58.17 22.32 6.05
N SER B 673 -58.97 21.99 7.05
CA SER B 673 -60.23 22.69 7.23
C SER B 673 -60.04 24.09 7.82
N ILE B 674 -58.90 24.30 8.50
CA ILE B 674 -58.57 25.63 9.00
C ILE B 674 -58.50 26.66 7.87
N ILE B 675 -57.93 26.26 6.74
CA ILE B 675 -57.78 27.17 5.61
C ILE B 675 -58.98 27.12 4.67
N PRO B 679 -61.68 26.78 11.51
CA PRO B 679 -62.75 27.30 12.36
C PRO B 679 -63.27 26.30 13.37
N GLY B 680 -64.36 25.61 13.05
CA GLY B 680 -64.93 24.64 13.97
C GLY B 680 -64.98 23.23 13.42
N VAL B 681 -64.84 23.09 12.11
CA VAL B 681 -64.81 21.78 11.47
C VAL B 681 -63.54 21.06 11.92
N ALA B 682 -62.47 21.84 12.02
CA ALA B 682 -61.19 21.35 12.54
C ALA B 682 -61.35 20.85 13.97
N LEU B 683 -62.12 21.58 14.77
CA LEU B 683 -62.35 21.22 16.17
C LEU B 683 -62.97 19.84 16.30
N LYS B 684 -64.07 19.65 15.58
CA LYS B 684 -64.79 18.39 15.56
C LYS B 684 -63.89 17.26 15.05
N GLU B 685 -63.15 17.55 13.98
CA GLU B 685 -62.25 16.56 13.40
C GLU B 685 -61.17 16.09 14.39
N PHE B 686 -60.52 17.04 15.05
CA PHE B 686 -59.47 16.74 15.99
C PHE B 686 -60.01 16.02 17.23
N GLU B 687 -61.19 16.41 17.69
CA GLU B 687 -61.85 15.71 18.79
C GLU B 687 -62.12 14.26 18.39
N THR B 688 -62.59 14.08 17.17
CA THR B 688 -62.89 12.74 16.66
C THR B 688 -61.61 11.92 16.65
N VAL B 689 -60.49 12.54 16.30
CA VAL B 689 -59.20 11.85 16.36
C VAL B 689 -58.84 11.47 17.80
N LEU B 690 -59.08 12.39 18.73
CA LEU B 690 -58.74 12.21 20.14
C LEU B 690 -59.56 11.11 20.80
N TYR B 691 -60.77 10.85 20.27
CA TYR B 691 -61.58 9.76 20.78
C TYR B 691 -60.90 8.42 20.50
N TYR B 692 -60.41 8.24 19.27
CA TYR B 692 -59.72 6.99 18.92
C TYR B 692 -58.32 6.82 19.48
N ASP B 693 -57.71 7.91 19.91
CA ASP B 693 -56.40 7.86 20.54
C ASP B 693 -56.20 9.01 21.48
N GLU B 694 -56.20 8.67 22.75
CA GLU B 694 -56.11 9.64 23.81
C GLU B 694 -54.79 10.43 23.59
N ASN B 695 -53.69 9.69 23.48
CA ASN B 695 -52.34 10.28 23.41
C ASN B 695 -51.87 10.76 22.03
N ASN B 696 -52.74 10.90 21.04
CA ASN B 696 -52.29 11.31 19.70
C ASN B 696 -51.61 12.69 19.73
N LEU B 697 -50.46 12.80 19.09
CA LEU B 697 -49.59 13.95 19.30
C LEU B 697 -50.02 15.20 18.55
N ASP B 698 -50.00 15.14 17.23
CA ASP B 698 -50.31 16.31 16.42
C ASP B 698 -51.80 16.64 16.50
N ALA B 699 -52.62 15.66 16.87
CA ALA B 699 -54.02 15.90 17.18
C ALA B 699 -54.12 16.81 18.41
N LEU B 700 -53.35 16.49 19.44
CA LEU B 700 -53.29 17.29 20.66
C LEU B 700 -52.78 18.69 20.33
N VAL B 701 -51.75 18.76 19.48
CA VAL B 701 -51.14 20.02 19.11
C VAL B 701 -52.13 20.90 18.35
N GLY B 702 -52.88 20.30 17.44
CA GLY B 702 -53.89 21.02 16.68
C GLY B 702 -55.00 21.53 17.56
N PHE B 703 -55.50 20.66 18.44
CA PHE B 703 -56.52 21.01 19.41
C PHE B 703 -56.06 22.23 20.22
N ALA B 704 -54.82 22.16 20.69
CA ALA B 704 -54.22 23.23 21.47
C ALA B 704 -54.10 24.51 20.67
N GLU B 705 -53.84 24.37 19.37
CA GLU B 705 -53.75 25.51 18.47
C GLU B 705 -55.10 26.20 18.37
N LEU B 706 -56.16 25.40 18.31
CA LEU B 706 -57.52 25.93 18.28
C LEU B 706 -57.90 26.62 19.58
N ILE B 707 -57.41 26.11 20.70
CA ILE B 707 -57.69 26.73 21.99
C ILE B 707 -56.78 27.94 22.23
N PHE B 708 -55.63 27.97 21.56
CA PHE B 708 -54.70 29.09 21.70
C PHE B 708 -54.32 29.66 20.34
N PHE B 729 -65.51 29.81 20.73
CA PHE B 729 -66.30 29.68 19.52
C PHE B 729 -67.78 30.02 19.78
N VAL B 730 -68.60 29.05 20.09
CA VAL B 730 -70.00 29.33 20.36
C VAL B 730 -70.19 30.12 21.64
N ASN B 731 -69.38 29.79 22.65
CA ASN B 731 -69.39 30.51 23.91
C ASN B 731 -68.01 30.79 24.48
N ASP B 732 -67.99 31.26 25.72
CA ASP B 732 -66.75 31.55 26.42
C ASP B 732 -66.43 30.33 27.25
N THR B 733 -67.47 29.80 27.86
CA THR B 733 -67.43 28.61 28.71
C THR B 733 -67.13 27.33 27.93
N ASP B 734 -67.54 27.28 26.66
CA ASP B 734 -67.26 26.11 25.83
C ASP B 734 -65.76 25.97 25.65
N ARG B 735 -65.10 27.12 25.55
CA ARG B 735 -63.65 27.14 25.41
C ARG B 735 -63.01 26.74 26.73
N SER B 736 -63.61 27.12 27.85
CA SER B 736 -63.05 26.74 29.15
C SER B 736 -63.16 25.24 29.37
N ALA B 737 -64.24 24.64 28.89
CA ALA B 737 -64.43 23.19 29.01
C ALA B 737 -63.44 22.45 28.12
N ALA B 738 -63.31 22.91 26.88
CA ALA B 738 -62.36 22.30 25.95
C ALA B 738 -60.93 22.47 26.47
N TYR B 739 -60.67 23.62 27.08
CA TYR B 739 -59.40 23.98 27.70
C TYR B 739 -59.08 23.02 28.84
N ALA B 740 -60.09 22.74 29.65
CA ALA B 740 -59.95 21.84 30.78
C ALA B 740 -59.57 20.46 30.24
N ARG B 741 -60.26 20.05 29.18
CA ARG B 741 -59.88 18.79 28.52
C ARG B 741 -58.46 18.79 28.00
N LEU B 742 -58.04 19.87 27.34
CA LEU B 742 -56.70 19.94 26.80
C LEU B 742 -55.70 19.71 27.93
N LYS B 743 -55.93 20.37 29.06
CA LYS B 743 -55.07 20.19 30.22
C LYS B 743 -55.05 18.72 30.65
N PHE B 744 -56.24 18.13 30.82
CA PHE B 744 -56.38 16.73 31.21
C PHE B 744 -55.61 15.76 30.31
N LEU B 745 -55.82 15.91 29.01
CA LEU B 745 -55.19 15.11 27.98
C LEU B 745 -53.67 15.24 28.00
N LEU B 746 -53.18 16.48 28.05
CA LEU B 746 -51.73 16.70 28.05
C LEU B 746 -51.07 16.11 29.31
N GLU B 747 -51.74 16.30 30.45
CA GLU B 747 -51.25 15.75 31.72
C GLU B 747 -51.18 14.23 31.64
N CYS B 748 -52.20 13.60 31.07
CA CYS B 748 -52.17 12.15 30.87
C CYS B 748 -51.04 11.75 29.93
N ALA B 749 -50.82 12.57 28.90
CA ALA B 749 -49.80 12.34 27.89
C ALA B 749 -48.42 12.33 28.53
N ILE B 750 -48.23 13.16 29.57
CA ILE B 750 -46.96 13.20 30.27
C ILE B 750 -46.67 11.87 30.96
N LEU B 751 -47.72 11.18 31.39
CA LEU B 751 -47.56 9.94 32.14
C LEU B 751 -47.64 8.68 31.28
N GLU B 752 -48.07 8.82 30.03
CA GLU B 752 -48.23 7.62 29.19
C GLU B 752 -47.31 7.59 27.98
N SER B 753 -47.35 8.64 27.16
CA SER B 753 -46.64 8.65 25.88
C SER B 753 -45.17 9.10 25.99
N ILE B 754 -44.28 8.32 25.39
CA ILE B 754 -42.88 8.70 25.30
C ILE B 754 -42.67 9.92 24.41
N GLU B 755 -43.26 9.88 23.22
CA GLU B 755 -43.10 10.96 22.24
C GLU B 755 -43.62 12.30 22.77
N ALA B 756 -44.65 12.24 23.60
CA ALA B 756 -45.28 13.45 24.13
C ALA B 756 -44.47 14.08 25.26
N TYR B 757 -43.84 13.24 26.06
CA TYR B 757 -43.06 13.70 27.20
C TYR B 757 -41.89 14.57 26.70
N TYR B 758 -41.29 14.12 25.61
CA TYR B 758 -40.15 14.82 25.01
C TYR B 758 -40.57 15.69 23.82
N SER B 759 -41.78 16.23 23.89
CA SER B 759 -42.28 17.11 22.84
C SER B 759 -42.31 18.55 23.31
N PRO B 760 -41.62 19.44 22.58
CA PRO B 760 -41.51 20.85 22.94
C PRO B 760 -42.85 21.58 22.87
N GLU B 761 -43.72 21.14 21.97
CA GLU B 761 -45.00 21.80 21.74
C GLU B 761 -45.99 21.52 22.87
N VAL B 762 -46.01 20.28 23.33
CA VAL B 762 -46.87 19.86 24.44
C VAL B 762 -46.52 20.65 25.69
N TRP B 763 -45.22 20.76 25.96
CA TRP B 763 -44.74 21.49 27.12
C TRP B 763 -44.95 22.98 26.93
N TRP B 764 -44.94 23.42 25.67
CA TRP B 764 -45.24 24.81 25.35
C TRP B 764 -46.64 25.19 25.75
N TYR B 765 -47.63 24.46 25.22
CA TYR B 765 -49.04 24.72 25.49
C TYR B 765 -49.39 24.47 26.96
N LEU B 766 -48.71 23.49 27.55
CA LEU B 766 -48.88 23.20 28.96
C LEU B 766 -48.37 24.36 29.82
N SER B 767 -47.25 24.95 29.39
CA SER B 767 -46.70 26.13 30.05
C SER B 767 -47.66 27.29 29.91
N LEU B 768 -48.23 27.42 28.71
CA LEU B 768 -49.23 28.44 28.41
C LEU B 768 -50.44 28.30 29.33
N ILE B 769 -50.75 27.07 29.72
CA ILE B 769 -51.81 26.84 30.69
C ILE B 769 -51.41 27.33 32.08
N TYR B 770 -50.20 26.95 32.51
CA TYR B 770 -49.72 27.21 33.86
C TYR B 770 -49.24 28.65 34.08
N GLU B 771 -49.47 29.53 33.11
CA GLU B 771 -48.98 30.90 33.18
C GLU B 771 -49.56 31.67 34.37
N LYS B 772 -50.62 31.11 34.96
CA LYS B 772 -51.28 31.76 36.09
C LYS B 772 -50.87 31.09 37.40
N ASP B 776 -45.00 27.58 40.04
CA ASP B 776 -43.61 27.16 39.87
C ASP B 776 -43.44 26.22 38.69
N GLU B 777 -44.53 25.57 38.30
CA GLU B 777 -44.51 24.65 37.16
C GLU B 777 -44.35 25.42 35.85
N TYR B 778 -44.74 26.68 35.86
CA TYR B 778 -44.63 27.53 34.67
C TYR B 778 -43.18 27.71 34.26
N LYS B 779 -42.36 28.13 35.22
CA LYS B 779 -40.93 28.35 35.00
C LYS B 779 -40.26 27.11 34.42
N ASN B 780 -40.41 25.99 35.12
CA ASN B 780 -39.76 24.74 34.72
C ASN B 780 -40.29 24.19 33.40
N SER B 781 -41.58 24.41 33.14
CA SER B 781 -42.17 24.02 31.87
C SER B 781 -41.58 24.83 30.72
N LEU B 782 -41.37 26.12 30.96
CA LEU B 782 -40.73 26.97 29.97
C LEU B 782 -39.30 26.50 29.71
N LEU B 783 -38.57 26.22 30.79
CA LEU B 783 -37.20 25.74 30.65
C LEU B 783 -37.14 24.45 29.83
N LYS B 784 -38.02 23.50 30.15
CA LYS B 784 -38.11 22.24 29.40
C LYS B 784 -38.45 22.45 27.92
N CYS B 785 -39.45 23.29 27.64
CA CYS B 785 -39.86 23.50 26.26
C CYS B 785 -38.69 24.12 25.48
N ILE B 786 -37.95 25.00 26.14
CA ILE B 786 -36.76 25.60 25.54
C ILE B 786 -35.72 24.51 25.26
N LYS B 787 -35.55 23.60 26.22
CA LYS B 787 -34.63 22.48 26.06
C LYS B 787 -34.94 21.66 24.81
N TYR B 788 -36.19 21.21 24.71
CA TYR B 788 -36.61 20.35 23.60
C TYR B 788 -36.74 21.06 22.25
N GLN B 789 -36.89 22.38 22.26
CA GLN B 789 -36.94 23.13 21.01
C GLN B 789 -35.67 22.95 20.18
N GLU B 790 -34.53 22.81 20.86
CA GLU B 790 -33.25 22.63 20.18
C GLU B 790 -32.99 21.17 19.81
N LEU B 791 -33.79 20.25 20.37
CA LEU B 791 -33.54 18.84 20.17
C LEU B 791 -34.71 18.07 19.58
N ASN B 792 -35.19 18.50 18.42
CA ASN B 792 -36.24 17.76 17.73
C ASN B 792 -35.74 17.31 16.35
N PRO B 793 -36.07 16.07 15.96
CA PRO B 793 -35.71 15.56 14.63
C PRO B 793 -36.68 16.04 13.56
N ILE B 794 -36.34 15.86 12.29
CA ILE B 794 -37.23 16.28 11.20
C ILE B 794 -38.55 15.50 11.29
N ARG B 795 -38.47 14.18 11.21
CA ARG B 795 -39.61 13.32 11.49
C ARG B 795 -39.35 12.54 12.78
N SER B 796 -40.41 12.02 13.39
CA SER B 796 -40.26 11.26 14.63
C SER B 796 -39.46 9.98 14.39
N LEU B 797 -38.87 9.45 15.46
CA LEU B 797 -37.91 8.34 15.33
C LEU B 797 -38.63 7.03 14.99
N ARG B 798 -39.93 7.01 15.24
CA ARG B 798 -40.75 5.83 15.06
C ARG B 798 -40.63 5.28 13.64
N TYR B 799 -40.22 6.13 12.71
CA TYR B 799 -40.20 5.77 11.31
C TYR B 799 -38.87 5.15 10.85
N CYS B 800 -37.97 4.85 11.79
CA CYS B 800 -36.77 4.10 11.40
C CYS B 800 -36.78 2.69 11.99
N ASN B 801 -37.73 2.43 12.88
CA ASN B 801 -37.79 1.15 13.58
C ASN B 801 -38.56 0.11 12.79
N TYR B 802 -37.83 -0.66 11.98
CA TYR B 802 -38.45 -1.61 11.06
C TYR B 802 -37.55 -2.81 10.82
N SER C 9 4.23 -35.14 7.36
CA SER C 9 5.36 -36.07 7.28
C SER C 9 6.56 -35.42 6.61
N LYS C 10 6.81 -35.81 5.36
CA LYS C 10 7.97 -35.33 4.60
C LYS C 10 7.78 -33.91 4.09
N ILE C 11 6.53 -33.49 3.91
CA ILE C 11 6.27 -32.20 3.31
C ILE C 11 6.47 -31.11 4.34
N ILE C 12 6.13 -31.40 5.60
CA ILE C 12 6.40 -30.47 6.68
C ILE C 12 7.92 -30.36 6.85
N ASP C 13 8.63 -31.44 6.50
CA ASP C 13 10.08 -31.44 6.54
C ASP C 13 10.66 -30.53 5.46
N VAL C 14 10.03 -30.53 4.30
CA VAL C 14 10.45 -29.64 3.22
C VAL C 14 10.22 -28.19 3.61
N VAL C 15 9.07 -27.94 4.22
CA VAL C 15 8.75 -26.60 4.72
C VAL C 15 9.82 -26.19 5.74
N ASP C 16 10.18 -27.12 6.60
CA ASP C 16 11.23 -26.88 7.59
C ASP C 16 12.55 -26.50 6.93
N GLN C 17 12.95 -27.23 5.90
CA GLN C 17 14.19 -26.90 5.20
C GLN C 17 14.12 -25.49 4.61
N ALA C 18 12.97 -25.16 4.04
CA ALA C 18 12.77 -23.82 3.49
C ALA C 18 12.92 -22.71 4.54
N LEU C 19 12.23 -22.87 5.67
CA LEU C 19 12.29 -21.86 6.74
C LEU C 19 13.68 -21.76 7.37
N ARG C 20 14.35 -22.89 7.47
CA ARG C 20 15.71 -22.96 8.03
C ARG C 20 16.64 -22.14 7.13
N ALA C 21 16.57 -22.43 5.83
CA ALA C 21 17.35 -21.70 4.85
C ALA C 21 17.04 -20.20 4.95
N ARG C 22 15.76 -19.86 5.11
CA ARG C 22 15.37 -18.46 5.26
C ARG C 22 16.00 -17.83 6.48
N LEU C 23 16.10 -18.60 7.55
CA LEU C 23 16.66 -18.08 8.80
C LEU C 23 18.16 -17.87 8.67
N LEU C 24 18.76 -18.51 7.66
CA LEU C 24 20.19 -18.30 7.43
C LEU C 24 20.44 -17.16 6.43
N GLY C 25 19.36 -16.58 5.91
CA GLY C 25 19.46 -15.54 4.90
C GLY C 25 19.21 -16.06 3.49
N GLY C 26 18.65 -17.26 3.41
CA GLY C 26 18.46 -17.97 2.16
C GLY C 26 17.78 -17.25 1.01
N SER C 27 18.25 -17.53 -0.19
CA SER C 27 17.77 -16.87 -1.40
C SER C 27 16.79 -17.77 -2.16
N THR C 28 17.02 -19.08 -2.12
CA THR C 28 16.26 -20.02 -2.92
C THR C 28 15.34 -20.89 -2.05
N PHE C 29 14.04 -20.89 -2.37
CA PHE C 29 13.06 -21.65 -1.60
C PHE C 29 12.34 -22.68 -2.45
N ASN C 30 12.37 -23.93 -1.99
CA ASN C 30 11.66 -25.02 -2.64
C ASN C 30 10.76 -25.81 -1.69
N SER C 31 9.89 -25.09 -0.98
CA SER C 31 9.01 -25.68 0.03
C SER C 31 8.00 -26.66 -0.55
N GLY C 32 7.49 -26.37 -1.75
CA GLY C 32 6.41 -27.16 -2.30
C GLY C 32 5.14 -26.34 -2.28
N PHE C 33 5.25 -25.15 -1.71
CA PHE C 33 4.09 -24.27 -1.58
C PHE C 33 4.49 -22.95 -2.23
N ASP C 34 3.94 -22.73 -3.42
CA ASP C 34 4.28 -21.56 -4.21
C ASP C 34 3.97 -20.27 -3.47
N SER C 35 2.97 -20.31 -2.61
CA SER C 35 2.65 -19.17 -1.75
C SER C 35 3.83 -18.86 -0.84
N LEU C 36 4.32 -19.89 -0.16
CA LEU C 36 5.48 -19.74 0.72
C LEU C 36 6.71 -19.33 -0.05
N ASP C 37 6.90 -19.93 -1.22
CA ASP C 37 8.03 -19.57 -2.07
C ASP C 37 7.98 -18.08 -2.43
N SER C 38 6.80 -17.62 -2.82
CA SER C 38 6.61 -16.23 -3.25
C SER C 38 6.78 -15.25 -2.09
N VAL C 39 6.16 -15.56 -0.96
CA VAL C 39 6.19 -14.67 0.19
C VAL C 39 7.58 -14.64 0.83
N LEU C 40 8.25 -15.79 0.86
CA LEU C 40 9.62 -15.87 1.39
C LEU C 40 10.60 -15.18 0.46
N ASN C 41 10.32 -15.22 -0.83
CA ASN C 41 11.15 -14.50 -1.80
C ASN C 41 10.98 -12.99 -1.60
N LEU C 42 9.73 -12.58 -1.40
CA LEU C 42 9.39 -11.20 -1.10
C LEU C 42 10.12 -10.72 0.15
N GLN C 43 10.02 -11.51 1.21
CA GLN C 43 10.70 -11.24 2.46
C GLN C 43 12.22 -11.19 2.24
N PHE C 44 12.70 -12.01 1.30
CA PHE C 44 14.12 -12.08 1.03
C PHE C 44 14.62 -10.77 0.42
N ARG C 45 13.91 -10.26 -0.58
CA ARG C 45 14.28 -9.00 -1.22
C ARG C 45 14.15 -7.83 -0.23
N LEU C 46 13.02 -7.81 0.46
CA LEU C 46 12.77 -6.82 1.50
C LEU C 46 13.90 -6.80 2.52
N HIS C 47 14.35 -7.99 2.93
CA HIS C 47 15.44 -8.11 3.90
C HIS C 47 16.77 -7.68 3.31
N TYR C 48 16.98 -7.95 2.02
CA TYR C 48 18.14 -7.41 1.32
C TYR C 48 18.24 -5.92 1.59
N HIS C 49 17.21 -5.20 1.16
CA HIS C 49 17.25 -3.74 1.28
C HIS C 49 17.20 -3.19 2.72
N VAL C 50 16.34 -3.76 3.57
CA VAL C 50 16.21 -3.27 4.95
C VAL C 50 17.39 -3.64 5.85
N ILE C 51 17.83 -4.90 5.81
CA ILE C 51 18.95 -5.34 6.63
C ILE C 51 20.25 -4.72 6.15
N GLY C 52 20.42 -4.65 4.82
CA GLY C 52 21.66 -4.12 4.28
C GLY C 52 21.90 -2.65 4.61
N SER C 53 21.01 -1.78 4.15
CA SER C 53 21.15 -0.35 4.37
C SER C 53 19.92 0.19 5.11
N ASN C 54 20.07 1.36 5.73
CA ASN C 54 18.95 2.00 6.42
C ASN C 54 17.75 2.26 5.53
N GLY C 55 18.01 2.70 4.31
CA GLY C 55 16.92 3.15 3.45
C GLY C 55 16.73 2.37 2.17
N PRO C 56 15.64 1.58 2.11
CA PRO C 56 15.16 1.11 0.80
C PRO C 56 14.58 2.28 0.03
N ALA C 57 14.96 2.42 -1.24
CA ALA C 57 14.54 3.58 -2.01
C ALA C 57 13.05 3.51 -2.32
N LYS C 58 12.38 4.66 -2.28
CA LYS C 58 10.94 4.70 -2.57
C LYS C 58 10.59 4.10 -3.94
N PRO C 59 11.47 4.17 -4.95
CA PRO C 59 11.11 3.39 -6.14
C PRO C 59 11.12 1.88 -5.92
N VAL C 60 12.08 1.39 -5.14
CA VAL C 60 12.19 -0.03 -4.87
C VAL C 60 11.14 -0.39 -3.83
N CYS C 61 10.92 0.52 -2.90
CA CYS C 61 9.86 0.38 -1.92
C CYS C 61 8.49 0.26 -2.59
N ASP C 62 8.30 1.04 -3.65
CA ASP C 62 7.07 0.97 -4.44
C ASP C 62 6.95 -0.38 -5.13
N VAL C 63 8.02 -0.81 -5.80
CA VAL C 63 7.96 -2.13 -6.45
C VAL C 63 7.62 -3.25 -5.46
N LEU C 64 8.31 -3.25 -4.32
CA LEU C 64 8.09 -4.30 -3.31
C LEU C 64 6.71 -4.21 -2.67
N LEU C 65 6.23 -2.99 -2.43
CA LEU C 65 4.90 -2.81 -1.84
C LEU C 65 3.81 -3.25 -2.82
N LYS C 66 3.98 -2.89 -4.09
CA LYS C 66 3.05 -3.31 -5.13
C LYS C 66 3.04 -4.83 -5.18
N GLU C 67 4.24 -5.41 -5.11
CA GLU C 67 4.40 -6.86 -5.09
C GLU C 67 3.60 -7.47 -3.94
N SER C 68 3.76 -6.91 -2.75
CA SER C 68 3.10 -7.41 -1.54
C SER C 68 1.58 -7.26 -1.56
N GLN C 69 1.10 -6.09 -1.98
CA GLN C 69 -0.34 -5.83 -2.08
C GLN C 69 -1.01 -6.71 -3.12
N ASN C 70 -0.43 -6.74 -4.32
CA ASN C 70 -0.90 -7.59 -5.40
C ASN C 70 -0.93 -9.04 -4.94
N LEU C 71 0.11 -9.44 -4.22
CA LEU C 71 0.19 -10.79 -3.65
C LEU C 71 -0.96 -11.02 -2.67
N GLU C 72 -1.18 -10.03 -1.79
CA GLU C 72 -2.19 -10.08 -0.74
C GLU C 72 -3.57 -10.30 -1.35
N LYS C 73 -3.83 -9.63 -2.47
CA LYS C 73 -5.10 -9.77 -3.19
C LYS C 73 -5.14 -11.14 -3.87
N ASN C 74 -4.00 -11.52 -4.43
CA ASN C 74 -3.80 -12.77 -5.17
C ASN C 74 -3.84 -14.03 -4.28
N MSE C 75 -3.84 -13.84 -2.97
CA MSE C 75 -3.59 -14.94 -2.03
C MSE C 75 -4.64 -16.05 -2.03
O MSE C 75 -4.31 -17.22 -2.21
CB MSE C 75 -3.48 -14.39 -0.61
CG MSE C 75 -2.10 -13.86 -0.25
SE MSE C 75 -2.04 -13.21 1.57
CE MSE C 75 -1.76 -14.90 2.50
N SER C 76 -5.90 -15.68 -1.83
CA SER C 76 -6.98 -16.65 -1.70
C SER C 76 -7.17 -17.49 -2.97
N MSE C 77 -6.53 -17.07 -4.05
CA MSE C 77 -6.67 -17.73 -5.34
C MSE C 77 -5.74 -18.94 -5.52
O MSE C 77 -5.96 -19.76 -6.41
CB MSE C 77 -6.38 -16.72 -6.47
CG MSE C 77 -7.33 -15.54 -6.49
SE MSE C 77 -9.08 -16.07 -7.13
CE MSE C 77 -8.58 -16.67 -8.91
N MSE C 78 -4.73 -19.04 -4.67
CA MSE C 78 -3.66 -20.01 -4.87
C MSE C 78 -4.09 -21.46 -4.56
O MSE C 78 -3.63 -22.40 -5.20
CB MSE C 78 -2.45 -19.63 -4.02
CG MSE C 78 -1.96 -18.23 -4.34
SE MSE C 78 -0.58 -17.56 -3.14
CE MSE C 78 -0.39 -15.77 -3.89
N GLU C 79 -4.97 -21.61 -3.57
CA GLU C 79 -5.69 -22.85 -3.27
C GLU C 79 -4.83 -24.05 -2.84
N GLU C 80 -3.51 -23.86 -2.75
CA GLU C 80 -2.65 -24.98 -2.37
C GLU C 80 -2.75 -25.18 -0.86
N LEU C 81 -2.91 -24.05 -0.18
CA LEU C 81 -2.97 -23.97 1.28
C LEU C 81 -4.28 -24.34 1.95
N ASN C 82 -5.35 -24.37 1.18
CA ASN C 82 -6.69 -24.54 1.74
C ASN C 82 -6.92 -25.81 2.56
N ASP C 83 -6.01 -26.78 2.40
CA ASP C 83 -6.07 -28.02 3.15
C ASP C 83 -5.54 -27.90 4.59
N TYR C 84 -4.57 -27.01 4.80
CA TYR C 84 -3.97 -26.80 6.11
C TYR C 84 -3.97 -25.33 6.58
N PRO C 85 -4.46 -25.06 7.82
CA PRO C 85 -4.56 -23.71 8.39
C PRO C 85 -3.23 -23.06 8.86
N GLU C 86 -2.31 -23.84 9.42
CA GLU C 86 -1.07 -23.31 10.00
C GLU C 86 -0.10 -22.68 9.01
N ILE C 87 -0.03 -23.26 7.81
CA ILE C 87 0.87 -22.67 6.84
C ILE C 87 0.29 -21.33 6.45
N THR C 88 -1.04 -21.30 6.32
CA THR C 88 -1.72 -20.08 5.92
C THR C 88 -1.46 -19.00 6.96
N LYS C 89 -1.52 -19.39 8.23
CA LYS C 89 -1.26 -18.42 9.28
C LYS C 89 0.16 -17.90 9.13
N LEU C 90 1.10 -18.81 8.84
CA LEU C 90 2.50 -18.41 8.68
C LEU C 90 2.68 -17.39 7.53
N VAL C 91 2.09 -17.70 6.37
CA VAL C 91 2.16 -16.80 5.22
C VAL C 91 1.55 -15.45 5.54
N GLU C 92 0.44 -15.46 6.26
CA GLU C 92 -0.21 -14.22 6.68
C GLU C 92 0.70 -13.40 7.58
N LYS C 93 1.35 -14.06 8.54
CA LYS C 93 2.30 -13.40 9.43
C LYS C 93 3.42 -12.74 8.65
N ILE C 94 4.05 -13.52 7.77
CA ILE C 94 5.18 -13.03 7.00
C ILE C 94 4.81 -11.85 6.13
N LEU C 95 3.75 -12.01 5.35
CA LEU C 95 3.33 -10.97 4.43
C LEU C 95 2.89 -9.70 5.15
N PHE C 96 2.10 -9.83 6.21
CA PHE C 96 1.61 -8.65 6.92
C PHE C 96 2.72 -7.98 7.71
N ASN C 97 3.69 -8.76 8.16
CA ASN C 97 4.91 -8.20 8.75
C ASN C 97 5.65 -7.36 7.73
N CYS C 98 5.87 -7.92 6.55
CA CYS C 98 6.53 -7.21 5.45
C CYS C 98 5.79 -5.91 5.12
N LEU C 99 4.47 -6.00 5.00
CA LEU C 99 3.63 -4.83 4.76
C LEU C 99 3.89 -3.81 5.84
N GLY C 100 3.98 -4.26 7.09
CA GLY C 100 4.31 -3.39 8.20
C GLY C 100 5.64 -2.68 8.00
N ILE C 101 6.63 -3.43 7.53
CA ILE C 101 7.96 -2.88 7.29
C ILE C 101 7.92 -1.77 6.25
N LEU C 102 7.39 -2.10 5.07
CA LEU C 102 7.32 -1.16 3.97
C LEU C 102 6.51 0.08 4.33
N PHE C 103 5.33 -0.15 4.92
CA PHE C 103 4.45 0.92 5.34
C PHE C 103 5.14 1.84 6.33
N PHE C 104 5.94 1.26 7.21
CA PHE C 104 6.72 2.06 8.16
C PHE C 104 7.78 2.89 7.45
N HIS C 105 8.49 2.29 6.51
CA HIS C 105 9.60 2.97 5.85
C HIS C 105 9.12 4.07 4.92
N ARG C 106 7.88 3.97 4.45
CA ARG C 106 7.30 5.05 3.65
C ARG C 106 6.81 6.19 4.54
N GLY C 107 6.45 5.88 5.79
CA GLY C 107 5.97 6.88 6.72
C GLY C 107 4.49 6.80 7.00
N GLN C 108 3.96 5.58 6.93
CA GLN C 108 2.52 5.35 7.10
C GLN C 108 2.18 4.63 8.40
N PHE C 109 2.19 5.38 9.50
CA PHE C 109 2.07 4.82 10.85
C PHE C 109 0.76 4.08 11.08
N GLN C 110 -0.33 4.56 10.50
CA GLN C 110 -1.60 3.90 10.68
C GLN C 110 -1.58 2.53 10.02
N GLU C 111 -1.09 2.48 8.78
CA GLU C 111 -1.04 1.23 8.04
C GLU C 111 -0.04 0.25 8.64
N SER C 112 1.12 0.74 9.01
CA SER C 112 2.13 -0.10 9.63
C SER C 112 1.63 -0.68 10.95
N GLN C 113 1.13 0.18 11.83
CA GLN C 113 0.61 -0.30 13.11
C GLN C 113 -0.54 -1.28 12.92
N ARG C 114 -1.43 -1.00 11.98
CA ARG C 114 -2.57 -1.89 11.73
C ARG C 114 -2.14 -3.27 11.23
N CYS C 115 -1.25 -3.30 10.24
CA CYS C 115 -0.75 -4.58 9.71
C CYS C 115 0.03 -5.37 10.76
N LEU C 116 0.90 -4.67 11.49
CA LEU C 116 1.72 -5.29 12.52
C LEU C 116 0.83 -5.88 13.62
N LEU C 117 -0.17 -5.12 14.04
CA LEU C 117 -1.11 -5.61 15.04
C LEU C 117 -1.94 -6.78 14.50
N HIS C 118 -2.22 -6.78 13.20
CA HIS C 118 -2.92 -7.89 12.58
C HIS C 118 -2.10 -9.18 12.68
N SER C 119 -0.84 -9.10 12.26
CA SER C 119 0.08 -10.24 12.34
C SER C 119 0.24 -10.68 13.79
N LEU C 120 0.34 -9.72 14.69
CA LEU C 120 0.43 -9.98 16.12
C LEU C 120 -0.77 -10.80 16.59
N LYS C 121 -1.96 -10.40 16.17
CA LYS C 121 -3.18 -11.12 16.50
C LYS C 121 -3.14 -12.55 15.93
N ILE C 122 -2.56 -12.70 14.75
CA ILE C 122 -2.43 -14.03 14.16
C ILE C 122 -1.47 -14.93 14.94
N HIS C 123 -0.42 -14.34 15.48
CA HIS C 123 0.56 -15.09 16.26
C HIS C 123 -0.04 -15.62 17.56
N ASN C 124 -0.82 -14.78 18.23
CA ASN C 124 -1.41 -15.11 19.52
C ASN C 124 -2.39 -16.29 19.49
N LYS C 130 3.99 -27.27 12.71
CA LYS C 130 4.36 -26.53 13.91
C LYS C 130 5.53 -27.22 14.63
N THR C 131 6.61 -27.41 13.88
CA THR C 131 7.85 -28.02 14.36
C THR C 131 8.70 -27.04 15.17
N ALA C 132 9.77 -27.57 15.76
CA ALA C 132 10.69 -26.78 16.58
C ALA C 132 11.23 -25.61 15.76
N LEU C 133 11.53 -25.88 14.50
CA LEU C 133 12.06 -24.84 13.62
C LEU C 133 10.98 -23.83 13.31
N MSE C 134 9.74 -24.30 13.19
CA MSE C 134 8.61 -23.40 13.01
C MSE C 134 8.50 -22.47 14.22
O MSE C 134 8.16 -21.29 14.08
CB MSE C 134 7.31 -24.19 12.83
CG MSE C 134 6.06 -23.32 12.67
SE MSE C 134 5.54 -23.08 10.81
CE MSE C 134 5.13 -24.94 10.38
N GLU C 135 8.81 -23.01 15.39
CA GLU C 135 8.85 -22.23 16.62
C GLU C 135 9.95 -21.18 16.52
N GLN C 136 11.10 -21.57 15.99
CA GLN C 136 12.22 -20.63 15.83
C GLN C 136 11.87 -19.48 14.89
N TYR C 137 11.33 -19.83 13.71
CA TYR C 137 10.93 -18.85 12.71
C TYR C 137 9.87 -17.91 13.26
N ASP C 138 8.87 -18.48 13.92
CA ASP C 138 7.80 -17.70 14.54
C ASP C 138 8.39 -16.73 15.57
N ARG C 139 9.34 -17.23 16.34
CA ARG C 139 10.05 -16.40 17.32
C ARG C 139 10.68 -15.20 16.63
N TYR C 140 11.35 -15.46 15.51
CA TYR C 140 11.93 -14.39 14.71
C TYR C 140 10.87 -13.38 14.27
N LEU C 141 9.77 -13.88 13.70
CA LEU C 141 8.70 -13.03 13.20
C LEU C 141 8.13 -12.13 14.28
N ILE C 142 7.88 -12.70 15.46
CA ILE C 142 7.28 -11.95 16.54
C ILE C 142 8.26 -10.90 17.06
N VAL C 143 9.55 -11.24 17.12
CA VAL C 143 10.54 -10.26 17.57
C VAL C 143 10.73 -9.12 16.58
N GLU C 144 10.72 -9.43 15.29
CA GLU C 144 10.75 -8.41 14.25
C GLU C 144 9.53 -7.49 14.35
N ASN C 145 8.37 -8.13 14.47
CA ASN C 145 7.10 -7.42 14.61
C ASN C 145 7.11 -6.50 15.83
N LEU C 146 7.65 -6.99 16.93
CA LEU C 146 7.79 -6.20 18.15
C LEU C 146 8.73 -5.01 17.92
N TYR C 147 9.83 -5.28 17.23
CA TYR C 147 10.82 -4.25 16.93
C TYR C 147 10.21 -3.12 16.14
N TYR C 148 9.47 -3.45 15.09
CA TYR C 148 8.84 -2.42 14.27
C TYR C 148 7.62 -1.78 14.94
N ARG C 149 6.90 -2.52 15.77
CA ARG C 149 5.82 -1.94 16.54
C ARG C 149 6.38 -0.87 17.47
N GLY C 150 7.54 -1.16 18.03
CA GLY C 150 8.25 -0.21 18.87
C GLY C 150 8.77 0.95 18.04
N LEU C 151 9.15 0.65 16.80
CA LEU C 151 9.66 1.67 15.89
C LEU C 151 8.59 2.67 15.47
N VAL C 152 7.36 2.18 15.26
CA VAL C 152 6.26 3.02 14.78
C VAL C 152 5.92 4.12 15.77
N SER C 153 5.88 3.77 17.06
CA SER C 153 5.71 4.77 18.08
C SER C 153 7.04 5.54 18.14
N GLN C 154 6.98 6.80 17.73
CA GLN C 154 8.18 7.59 17.47
C GLN C 154 9.03 7.87 18.71
N ASP C 155 8.47 7.62 19.88
CA ASP C 155 9.16 8.02 21.11
C ASP C 155 10.10 6.94 21.60
N ILE C 156 11.14 7.38 22.30
CA ILE C 156 12.17 6.48 22.80
C ILE C 156 11.67 5.76 24.05
N ASN C 157 11.06 6.50 24.98
CA ASN C 157 10.63 5.93 26.25
C ASN C 157 9.60 4.82 26.10
N ILE C 158 8.58 5.07 25.29
CA ILE C 158 7.53 4.09 25.02
C ILE C 158 8.15 2.84 24.39
N MSE C 159 9.03 3.08 23.43
CA MSE C 159 9.78 2.04 22.72
C MSE C 159 10.54 1.14 23.69
O MSE C 159 10.48 -0.09 23.62
CB MSE C 159 10.74 2.69 21.73
CG MSE C 159 11.57 1.74 20.89
SE MSE C 159 12.85 2.70 19.77
CE MSE C 159 11.61 3.63 18.58
N GLN C 160 11.27 1.80 24.59
CA GLN C 160 12.03 1.14 25.64
C GLN C 160 11.15 0.28 26.50
N ASN C 161 10.02 0.84 26.91
CA ASN C 161 9.08 0.13 27.78
C ASN C 161 8.48 -1.12 27.12
N VAL C 162 7.92 -0.96 25.92
CA VAL C 162 7.32 -2.09 25.22
C VAL C 162 8.37 -3.16 24.89
N PHE C 163 9.56 -2.71 24.51
CA PHE C 163 10.67 -3.63 24.25
C PHE C 163 10.98 -4.43 25.51
N TYR C 164 11.06 -3.73 26.64
CA TYR C 164 11.35 -4.37 27.91
C TYR C 164 10.31 -5.43 28.24
N LYS C 165 9.06 -5.03 28.39
CA LYS C 165 8.02 -5.98 28.76
C LYS C 165 7.87 -7.16 27.78
N GLU C 166 7.74 -6.87 26.49
CA GLU C 166 7.48 -7.92 25.49
C GLU C 166 8.65 -8.82 25.03
N LEU C 167 9.86 -8.26 24.96
CA LEU C 167 10.99 -9.04 24.45
C LEU C 167 11.29 -10.25 25.33
N LEU C 168 11.19 -10.07 26.64
CA LEU C 168 11.40 -11.18 27.56
C LEU C 168 10.26 -12.18 27.41
N ALA C 169 9.09 -11.69 27.01
CA ALA C 169 7.94 -12.55 26.77
C ALA C 169 8.20 -13.48 25.58
N HIS C 170 8.81 -12.97 24.53
CA HIS C 170 8.97 -13.78 23.31
C HIS C 170 10.24 -14.63 23.27
N VAL C 171 11.33 -14.15 23.85
CA VAL C 171 12.58 -14.93 23.83
C VAL C 171 13.17 -15.15 25.23
N ASP C 172 12.98 -16.35 25.77
CA ASP C 172 13.48 -16.69 27.10
C ASP C 172 14.98 -16.95 27.07
N THR C 173 15.40 -17.76 26.11
CA THR C 173 16.74 -18.32 26.11
C THR C 173 17.56 -17.81 24.92
N ILE C 174 18.89 -17.90 25.03
CA ILE C 174 19.80 -17.54 23.95
C ILE C 174 19.54 -18.37 22.70
N PRO C 175 19.33 -17.70 21.57
CA PRO C 175 19.03 -18.38 20.31
C PRO C 175 20.27 -19.02 19.69
N PRO C 176 20.08 -20.05 18.87
CA PRO C 176 21.16 -20.62 18.05
C PRO C 176 21.71 -19.58 17.09
N GLU C 177 23.02 -19.58 16.86
CA GLU C 177 23.59 -18.60 15.95
C GLU C 177 23.10 -18.83 14.52
N SER C 178 22.55 -20.02 14.26
CA SER C 178 21.99 -20.33 12.95
C SER C 178 20.70 -19.57 12.71
N ASN C 179 20.11 -19.04 13.78
CA ASN C 179 18.92 -18.22 13.66
C ASN C 179 19.35 -16.77 13.51
N GLY C 180 19.95 -16.47 12.37
CA GLY C 180 20.56 -15.18 12.11
C GLY C 180 19.62 -14.01 12.24
N LEU C 181 18.40 -14.16 11.74
CA LEU C 181 17.42 -13.09 11.74
C LEU C 181 17.05 -12.69 13.17
N LEU C 182 16.79 -13.69 14.01
CA LEU C 182 16.51 -13.44 15.42
C LEU C 182 17.65 -12.69 16.08
N PHE C 183 18.88 -13.06 15.72
CA PHE C 183 20.06 -12.36 16.22
C PHE C 183 20.07 -10.91 15.76
N GLU C 184 19.68 -10.69 14.51
CA GLU C 184 19.63 -9.34 13.95
C GLU C 184 18.66 -8.45 14.70
N TYR C 185 17.45 -8.96 14.94
CA TYR C 185 16.44 -8.11 15.56
C TYR C 185 16.62 -8.00 17.06
N ILE C 186 17.17 -9.03 17.69
CA ILE C 186 17.58 -8.93 19.09
C ILE C 186 18.66 -7.87 19.22
N SER C 187 19.65 -7.90 18.33
CA SER C 187 20.74 -6.94 18.36
C SER C 187 20.27 -5.52 18.07
N LEU C 188 19.27 -5.38 17.20
CA LEU C 188 18.72 -4.07 16.87
C LEU C 188 17.91 -3.51 18.04
N ILE C 189 17.16 -4.39 18.69
CA ILE C 189 16.40 -4.02 19.88
C ILE C 189 17.36 -3.57 20.99
N VAL C 190 18.42 -4.34 21.19
CA VAL C 190 19.45 -3.99 22.17
C VAL C 190 20.11 -2.66 21.79
N ALA C 191 20.24 -2.42 20.50
CA ALA C 191 20.78 -1.15 20.00
C ALA C 191 19.88 0.00 20.44
N LYS C 192 18.57 -0.17 20.29
CA LYS C 192 17.63 0.86 20.70
C LYS C 192 17.51 0.98 22.22
N LEU C 193 17.90 -0.07 22.93
CA LEU C 193 17.84 -0.02 24.39
C LEU C 193 19.07 0.71 24.92
N ARG C 194 18.85 1.76 25.70
CA ARG C 194 19.95 2.48 26.31
C ARG C 194 20.06 2.19 27.80
N PHE C 195 21.19 1.60 28.19
CA PHE C 195 21.46 1.33 29.60
C PHE C 195 22.96 1.38 29.87
N ASN C 196 23.31 1.86 31.06
CA ASN C 196 24.70 2.07 31.42
C ASN C 196 25.35 0.81 31.94
N GLN C 197 24.77 0.23 32.99
CA GLN C 197 25.36 -0.93 33.62
C GLN C 197 24.35 -2.08 33.65
N ILE C 198 24.81 -3.26 34.05
CA ILE C 198 23.98 -4.47 34.03
C ILE C 198 22.86 -4.50 35.08
N GLN C 199 23.12 -3.95 36.27
CA GLN C 199 22.13 -3.93 37.34
C GLN C 199 20.88 -3.18 36.90
N ASP C 200 21.08 -2.05 36.22
CA ASP C 200 19.98 -1.24 35.75
C ASP C 200 19.18 -1.98 34.68
N LEU C 201 19.89 -2.71 33.83
CA LEU C 201 19.24 -3.50 32.77
C LEU C 201 18.35 -4.58 33.38
N ALA C 202 18.89 -5.27 34.40
CA ALA C 202 18.18 -6.36 35.05
C ALA C 202 17.00 -5.82 35.85
N GLU C 203 17.14 -4.59 36.33
CA GLU C 203 16.04 -3.92 37.02
C GLU C 203 14.93 -3.60 36.03
N ASN C 204 15.31 -3.04 34.88
CA ASN C 204 14.37 -2.75 33.80
C ASN C 204 13.62 -3.97 33.30
N PHE C 205 14.28 -5.12 33.31
CA PHE C 205 13.65 -6.36 32.83
C PHE C 205 12.90 -7.17 33.91
N LYS C 206 13.06 -6.79 35.17
CA LYS C 206 12.39 -7.45 36.30
C LYS C 206 12.86 -8.90 36.44
N THR C 207 14.10 -9.15 36.04
CA THR C 207 14.67 -10.49 36.11
C THR C 207 15.96 -10.43 36.94
N THR C 208 16.42 -11.59 37.39
CA THR C 208 17.64 -11.70 38.18
C THR C 208 18.82 -11.20 37.37
N VAL C 209 19.80 -10.61 38.04
CA VAL C 209 20.98 -10.09 37.37
C VAL C 209 21.83 -11.25 36.84
N GLU C 210 21.54 -12.45 37.33
CA GLU C 210 22.30 -13.65 37.00
C GLU C 210 21.82 -14.34 35.73
N ASN C 211 20.59 -14.06 35.32
CA ASN C 211 20.00 -14.69 34.13
C ASN C 211 20.84 -14.46 32.87
N PRO C 212 21.32 -15.56 32.27
CA PRO C 212 22.24 -15.56 31.13
C PRO C 212 21.74 -14.82 29.90
N PHE C 213 20.43 -14.72 29.70
CA PHE C 213 19.90 -14.01 28.54
C PHE C 213 20.14 -12.50 28.67
N ILE C 214 19.88 -11.96 29.86
CA ILE C 214 20.16 -10.56 30.16
C ILE C 214 21.64 -10.28 30.00
N LEU C 215 22.44 -11.21 30.52
CA LEU C 215 23.89 -11.13 30.41
C LEU C 215 24.31 -11.09 28.95
N PHE C 216 23.64 -11.90 28.14
CA PHE C 216 23.87 -11.98 26.71
C PHE C 216 23.57 -10.66 26.02
N LEU C 217 22.44 -10.05 26.37
CA LEU C 217 22.07 -8.75 25.81
C LEU C 217 23.13 -7.71 26.19
N TYR C 218 23.60 -7.79 27.43
CA TYR C 218 24.66 -6.90 27.91
C TYR C 218 25.95 -7.07 27.12
N MSE C 219 26.31 -8.32 26.83
CA MSE C 219 27.51 -8.60 26.06
C MSE C 219 27.36 -8.13 24.63
O MSE C 219 28.34 -7.81 23.96
CB MSE C 219 27.84 -10.10 26.09
CG MSE C 219 28.19 -10.63 27.47
SE MSE C 219 29.72 -9.71 28.26
CE MSE C 219 30.96 -9.97 26.78
N ILE C 220 26.12 -8.12 24.15
CA ILE C 220 25.82 -7.59 22.83
C ILE C 220 26.02 -6.09 22.82
N LYS C 221 25.56 -5.41 23.87
CA LYS C 221 25.74 -3.98 23.98
C LYS C 221 27.21 -3.63 24.23
N LYS C 222 27.98 -4.62 24.70
CA LYS C 222 29.40 -4.42 24.95
C LYS C 222 30.17 -4.61 23.65
N PHE C 223 29.67 -5.49 22.79
CA PHE C 223 30.24 -5.69 21.45
C PHE C 223 29.88 -4.53 20.52
N GLN C 224 28.69 -3.96 20.72
CA GLN C 224 28.17 -2.92 19.85
C GLN C 224 28.90 -1.60 20.01
N SER C 225 29.30 -1.28 21.23
CA SER C 225 30.08 -0.06 21.44
C SER C 225 31.48 -0.38 21.95
N PRO C 226 32.47 -0.32 21.04
CA PRO C 226 33.88 -0.47 21.37
C PRO C 226 34.34 0.89 21.91
N LEU C 227 33.61 1.90 21.48
CA LEU C 227 33.81 3.29 21.88
C LEU C 227 34.08 3.51 23.38
N LYS C 228 33.26 2.87 24.21
CA LYS C 228 33.28 3.09 25.64
C LYS C 228 34.37 2.35 26.42
N LYS C 229 34.63 2.83 27.64
CA LYS C 229 35.64 2.25 28.51
C LYS C 229 35.04 1.02 29.14
N HIS C 230 35.88 0.11 29.60
CA HIS C 230 35.39 -1.17 30.08
C HIS C 230 35.16 -1.19 31.59
N ILE C 231 34.08 -1.87 31.98
CA ILE C 231 33.75 -2.04 33.39
C ILE C 231 33.91 -3.53 33.70
N ASP C 232 34.47 -3.82 34.86
CA ASP C 232 34.92 -5.18 35.16
C ASP C 232 33.94 -5.98 36.02
N ASN C 233 33.40 -7.05 35.43
CA ASN C 233 32.46 -7.91 36.13
C ASN C 233 32.91 -9.37 36.10
N ASP C 234 34.21 -9.58 35.96
CA ASP C 234 34.76 -10.94 35.87
C ASP C 234 34.55 -11.72 37.17
N ASP C 235 34.90 -11.10 38.29
CA ASP C 235 34.70 -11.71 39.61
C ASP C 235 33.22 -11.93 39.86
N LEU C 236 32.39 -10.99 39.42
CA LEU C 236 30.94 -11.08 39.55
C LEU C 236 30.40 -12.27 38.77
N TYR C 237 30.81 -12.37 37.51
CA TYR C 237 30.42 -13.49 36.66
C TYR C 237 30.89 -14.81 37.26
N LEU C 238 32.08 -14.80 37.84
CA LEU C 238 32.63 -16.00 38.47
C LEU C 238 31.76 -16.43 39.65
N LYS C 239 31.36 -15.47 40.47
CA LYS C 239 30.48 -15.76 41.61
C LYS C 239 29.15 -16.31 41.12
N PHE C 240 28.60 -15.70 40.08
CA PHE C 240 27.35 -16.17 39.49
C PHE C 240 27.49 -17.60 39.01
N GLY C 241 28.62 -17.91 38.38
CA GLY C 241 28.90 -19.25 37.90
C GLY C 241 28.99 -20.27 39.01
N GLN C 242 29.64 -19.89 40.10
CA GLN C 242 29.73 -20.75 41.27
C GLN C 242 28.34 -21.00 41.84
N ASN C 243 27.52 -19.95 41.84
CA ASN C 243 26.13 -20.05 42.30
C ASN C 243 25.30 -21.02 41.47
N VAL C 244 25.42 -20.93 40.15
CA VAL C 244 24.68 -21.81 39.25
C VAL C 244 25.26 -23.22 39.34
N LEU C 245 26.51 -23.32 39.80
CA LEU C 245 27.15 -24.61 39.99
C LEU C 245 26.62 -25.33 41.24
N LEU C 246 26.44 -24.58 42.32
CA LEU C 246 25.95 -25.16 43.58
C LEU C 246 24.56 -25.76 43.45
N LYS C 247 23.69 -25.12 42.67
CA LYS C 247 22.34 -25.63 42.47
C LYS C 247 22.31 -26.82 41.52
N ALA C 248 23.37 -26.98 40.74
CA ALA C 248 23.40 -28.01 39.70
C ALA C 248 23.91 -29.34 40.24
N LYS C 249 23.46 -30.41 39.60
CA LYS C 249 23.88 -31.76 39.96
C LYS C 249 24.07 -32.58 38.69
N PHE C 250 24.94 -33.59 38.74
CA PHE C 250 25.16 -34.45 37.58
C PHE C 250 23.86 -35.12 37.19
N PRO C 251 23.56 -35.14 35.88
CA PRO C 251 22.31 -35.73 35.40
C PRO C 251 22.21 -37.22 35.73
N THR C 252 21.18 -37.59 36.48
CA THR C 252 20.89 -38.98 36.74
C THR C 252 20.49 -39.61 35.42
N ALA C 253 20.77 -40.91 35.27
CA ALA C 253 20.61 -41.61 34.01
C ALA C 253 19.22 -41.47 33.37
N SER C 254 18.25 -41.00 34.16
CA SER C 254 16.93 -40.68 33.63
C SER C 254 16.69 -39.17 33.71
N GLU C 255 17.63 -38.39 33.18
CA GLU C 255 17.56 -36.93 33.22
C GLU C 255 18.41 -36.28 32.13
N THR C 256 18.34 -34.95 32.05
CA THR C 256 19.11 -34.18 31.08
C THR C 256 20.08 -33.23 31.80
N ASN C 257 21.07 -32.74 31.08
CA ASN C 257 22.02 -31.78 31.65
C ASN C 257 21.30 -30.54 32.19
N ASP C 258 21.77 -30.03 33.32
CA ASP C 258 21.16 -28.89 33.99
C ASP C 258 21.07 -27.68 33.05
N GLU C 259 19.85 -27.20 32.80
CA GLU C 259 19.64 -26.11 31.83
C GLU C 259 20.31 -24.81 32.23
N ALA C 260 20.31 -24.50 33.53
CA ALA C 260 20.85 -23.23 34.01
C ALA C 260 22.34 -23.12 33.77
N LEU C 261 23.05 -24.20 34.09
CA LEU C 261 24.50 -24.27 33.90
C LEU C 261 24.81 -24.23 32.41
N GLU C 262 24.08 -25.03 31.64
CA GLU C 262 24.25 -25.15 30.20
C GLU C 262 24.07 -23.81 29.48
N HIS C 263 23.15 -22.99 29.99
CA HIS C 263 22.82 -21.71 29.36
C HIS C 263 23.85 -20.66 29.79
N PHE C 264 24.28 -20.79 31.05
CA PHE C 264 25.29 -19.91 31.57
C PHE C 264 26.56 -20.08 30.75
N ASN C 265 26.89 -21.32 30.43
CA ASN C 265 28.10 -21.57 29.66
C ASN C 265 28.04 -20.97 28.26
N VAL C 266 26.84 -20.81 27.71
CA VAL C 266 26.70 -20.15 26.41
C VAL C 266 27.00 -18.66 26.57
N PHE C 267 26.38 -18.05 27.57
CA PHE C 267 26.72 -16.65 27.87
C PHE C 267 28.24 -16.51 28.05
N LEU C 268 28.84 -17.50 28.69
CA LEU C 268 30.27 -17.52 28.90
C LEU C 268 31.06 -17.71 27.61
N GLN C 269 30.45 -18.39 26.62
CA GLN C 269 31.10 -18.48 25.32
C GLN C 269 31.25 -17.09 24.76
N TYR C 270 30.15 -16.32 24.80
CA TYR C 270 30.25 -14.95 24.26
C TYR C 270 31.21 -14.09 25.09
N TYR C 271 31.19 -14.27 26.42
CA TYR C 271 32.06 -13.49 27.30
C TYR C 271 33.54 -13.76 27.09
N PHE C 272 33.90 -15.04 27.03
CA PHE C 272 35.29 -15.43 26.83
C PHE C 272 35.72 -15.06 25.42
N LYS C 273 34.78 -15.07 24.48
CA LYS C 273 35.06 -14.58 23.15
C LYS C 273 35.45 -13.10 23.21
N PHE C 274 34.71 -12.33 24.02
CA PHE C 274 35.03 -10.93 24.23
C PHE C 274 36.41 -10.74 24.84
N THR C 275 36.67 -11.48 25.90
CA THR C 275 37.95 -11.37 26.62
C THR C 275 39.12 -11.89 25.79
N HIS C 276 38.83 -12.65 24.73
CA HIS C 276 39.89 -13.12 23.85
C HIS C 276 40.16 -12.15 22.69
N ILE C 277 39.10 -11.66 22.05
CA ILE C 277 39.25 -10.72 20.94
C ILE C 277 39.91 -9.43 21.44
N LYS C 278 39.39 -8.92 22.55
CA LYS C 278 40.08 -7.86 23.27
C LYS C 278 41.08 -8.63 24.11
N LYS C 279 42.28 -8.08 24.32
CA LYS C 279 43.32 -8.83 25.02
C LYS C 279 43.26 -8.70 26.54
N ILE C 280 42.06 -8.63 27.11
CA ILE C 280 41.88 -8.58 28.56
C ILE C 280 42.21 -9.91 29.24
N LYS C 281 42.69 -9.83 30.48
CA LYS C 281 43.01 -11.01 31.27
C LYS C 281 41.72 -11.60 31.83
N VAL C 282 41.78 -12.86 32.24
CA VAL C 282 40.64 -13.51 32.88
C VAL C 282 41.19 -14.17 34.16
N ASN C 283 40.34 -14.42 35.15
CA ASN C 283 40.81 -14.93 36.43
C ASN C 283 41.03 -16.44 36.38
N PRO C 284 42.16 -16.90 36.96
CA PRO C 284 42.57 -18.31 36.93
C PRO C 284 41.56 -19.24 37.57
N SER C 285 40.83 -18.75 38.57
CA SER C 285 39.87 -19.58 39.31
C SER C 285 38.78 -20.14 38.39
N TRP C 286 38.55 -19.46 37.26
CA TRP C 286 37.63 -19.94 36.24
C TRP C 286 37.90 -21.38 35.86
N TYR C 287 39.18 -21.75 35.88
CA TYR C 287 39.61 -23.12 35.60
C TYR C 287 38.74 -24.06 36.41
N ASN C 288 38.76 -23.85 37.73
CA ASN C 288 37.96 -24.66 38.65
C ASN C 288 36.53 -24.75 38.15
N PHE C 289 35.93 -23.59 37.89
CA PHE C 289 34.55 -23.53 37.42
C PHE C 289 34.36 -24.49 36.26
N ILE C 290 35.16 -24.32 35.21
CA ILE C 290 34.89 -25.06 34.00
C ILE C 290 35.10 -26.55 34.28
N ILE C 291 36.07 -26.88 35.13
CA ILE C 291 36.32 -28.29 35.42
C ILE C 291 35.10 -28.84 36.12
N SER C 292 34.58 -28.06 37.07
CA SER C 292 33.41 -28.50 37.81
C SER C 292 32.24 -28.64 36.85
N SER C 293 32.18 -27.74 35.87
CA SER C 293 31.07 -27.76 34.91
C SER C 293 31.17 -29.02 34.07
N MSE C 294 32.39 -29.52 33.86
CA MSE C 294 32.57 -30.71 33.05
C MSE C 294 32.19 -31.95 33.85
O MSE C 294 31.89 -33.00 33.27
CB MSE C 294 34.01 -30.81 32.55
CG MSE C 294 34.43 -29.63 31.69
SE MSE C 294 36.14 -29.89 30.79
CE MSE C 294 35.58 -31.28 29.53
N GLU C 295 32.21 -31.83 35.17
CA GLU C 295 31.91 -32.98 36.02
C GLU C 295 30.41 -33.11 36.25
N LYS C 296 29.72 -31.98 36.35
CA LYS C 296 28.28 -31.99 36.62
C LYS C 296 27.45 -32.09 35.34
N THR C 297 28.10 -32.36 34.22
CA THR C 297 27.40 -32.50 32.93
C THR C 297 27.93 -33.71 32.14
N PHE C 298 27.06 -34.31 31.32
CA PHE C 298 27.46 -35.46 30.51
C PHE C 298 27.38 -35.16 29.02
N GLN C 299 28.51 -35.30 28.34
CA GLN C 299 28.65 -35.07 26.89
C GLN C 299 27.97 -33.79 26.41
N SER C 300 28.35 -32.66 27.01
CA SER C 300 27.73 -31.39 26.67
C SER C 300 28.51 -30.63 25.61
N ILE C 301 27.80 -30.11 24.62
CA ILE C 301 28.39 -29.33 23.55
C ILE C 301 28.79 -27.91 23.99
N GLU C 302 27.90 -27.26 24.72
CA GLU C 302 28.12 -25.89 25.14
C GLU C 302 29.30 -25.78 26.09
N VAL C 303 29.38 -26.74 27.01
CA VAL C 303 30.50 -26.78 27.94
C VAL C 303 31.80 -27.06 27.19
N SER C 304 31.71 -27.84 26.12
CA SER C 304 32.88 -28.12 25.29
C SER C 304 33.41 -26.84 24.65
N LYS C 305 32.53 -26.10 24.00
CA LYS C 305 32.93 -24.85 23.34
C LYS C 305 33.43 -23.81 24.35
N THR C 306 32.67 -23.64 25.43
CA THR C 306 33.04 -22.71 26.49
C THR C 306 34.43 -23.05 27.02
N ALA C 307 34.69 -24.34 27.16
CA ALA C 307 35.99 -24.80 27.64
C ALA C 307 37.07 -24.49 26.62
N MSE C 308 36.73 -24.59 25.34
CA MSE C 308 37.67 -24.23 24.28
C MSE C 308 38.12 -22.77 24.41
O MSE C 308 39.33 -22.48 24.53
CB MSE C 308 37.03 -24.46 22.91
CG MSE C 308 37.94 -24.17 21.74
SE MSE C 308 37.02 -24.42 20.03
CE MSE C 308 35.92 -22.82 20.05
N PHE C 309 37.14 -21.87 24.42
CA PHE C 309 37.42 -20.44 24.57
C PHE C 309 38.20 -20.13 25.85
N LEU C 310 37.69 -20.65 26.96
CA LEU C 310 38.28 -20.37 28.27
C LEU C 310 39.71 -20.86 28.35
N PHE C 311 39.97 -22.05 27.85
CA PHE C 311 41.31 -22.61 27.90
C PHE C 311 42.25 -21.83 26.99
N GLN C 312 41.73 -21.30 25.88
CA GLN C 312 42.54 -20.40 25.06
C GLN C 312 42.95 -19.17 25.88
N ASN C 313 41.98 -18.56 26.56
CA ASN C 313 42.26 -17.40 27.42
C ASN C 313 43.29 -17.70 28.50
N LEU C 314 43.05 -18.77 29.25
CA LEU C 314 43.93 -19.19 30.34
C LEU C 314 45.33 -19.48 29.82
N SER C 315 45.42 -20.01 28.62
CA SER C 315 46.72 -20.28 27.99
C SER C 315 47.45 -18.98 27.72
N ASP C 316 46.76 -18.07 27.02
CA ASP C 316 47.36 -16.80 26.63
C ASP C 316 47.75 -15.89 27.81
N ASN C 317 46.94 -15.91 28.86
CA ASN C 317 47.15 -14.99 29.99
C ASN C 317 48.25 -15.43 30.95
N SER C 318 48.71 -16.67 30.79
CA SER C 318 49.71 -17.24 31.70
C SER C 318 51.14 -17.07 31.15
N ASN C 319 52.12 -17.14 32.04
CA ASN C 319 53.52 -16.95 31.65
C ASN C 319 54.35 -18.24 31.65
N ASP C 320 54.03 -19.15 32.55
CA ASP C 320 54.74 -20.44 32.59
C ASP C 320 54.37 -21.28 31.36
N GLU C 321 55.40 -21.69 30.62
CA GLU C 321 55.22 -22.38 29.36
C GLU C 321 54.61 -23.77 29.47
N ILE C 322 54.91 -24.51 30.53
CA ILE C 322 54.33 -25.83 30.71
C ILE C 322 52.82 -25.70 30.89
N LYS C 323 52.42 -24.71 31.69
CA LYS C 323 51.02 -24.45 31.97
C LYS C 323 50.31 -23.89 30.74
N LYS C 324 51.05 -23.11 29.96
CA LYS C 324 50.54 -22.56 28.71
C LYS C 324 50.24 -23.65 27.69
N LYS C 325 51.22 -24.54 27.49
CA LYS C 325 51.08 -25.65 26.56
C LYS C 325 49.98 -26.58 27.02
N THR C 326 49.88 -26.76 28.34
CA THR C 326 48.83 -27.61 28.91
C THR C 326 47.45 -27.03 28.59
N PHE C 327 47.28 -25.74 28.85
CA PHE C 327 46.01 -25.07 28.58
C PHE C 327 45.67 -25.12 27.09
N LYS C 328 46.65 -24.89 26.23
CA LYS C 328 46.46 -25.02 24.78
C LYS C 328 45.94 -26.41 24.40
N ARG C 329 46.61 -27.42 24.94
CA ARG C 329 46.24 -28.81 24.69
C ARG C 329 44.80 -29.04 25.10
N GLU C 330 44.42 -28.52 26.27
CA GLU C 330 43.07 -28.71 26.78
C GLU C 330 42.05 -28.01 25.87
N SER C 331 42.41 -26.85 25.35
CA SER C 331 41.55 -26.13 24.41
C SER C 331 41.28 -26.95 23.16
N ILE C 332 42.36 -27.48 22.57
CA ILE C 332 42.24 -28.32 21.38
C ILE C 332 41.42 -29.58 21.64
N LEU C 333 41.68 -30.21 22.78
CA LEU C 333 40.96 -31.42 23.17
C LEU C 333 39.47 -31.16 23.30
N ASN C 334 39.12 -30.07 23.98
CA ASN C 334 37.73 -29.67 24.11
C ASN C 334 37.09 -29.33 22.78
N PHE C 335 37.89 -28.80 21.85
CA PHE C 335 37.40 -28.63 20.49
C PHE C 335 36.99 -29.96 19.86
N VAL C 336 37.89 -30.94 19.94
CA VAL C 336 37.60 -32.27 19.40
C VAL C 336 36.32 -32.83 20.04
N ASN C 337 36.19 -32.61 21.35
CA ASN C 337 34.98 -33.01 22.06
C ASN C 337 33.74 -32.35 21.49
N PHE C 338 33.86 -31.05 21.22
CA PHE C 338 32.79 -30.26 20.60
C PHE C 338 32.33 -30.91 19.29
N VAL C 339 33.30 -31.19 18.43
CA VAL C 339 32.98 -31.81 17.14
C VAL C 339 32.31 -33.18 17.31
N LYS C 340 32.86 -34.02 18.17
CA LYS C 340 32.34 -35.37 18.35
C LYS C 340 30.91 -35.38 18.93
N TYR C 341 30.66 -34.51 19.90
CA TYR C 341 29.34 -34.36 20.49
C TYR C 341 28.36 -33.84 19.44
N ASN C 342 28.83 -32.90 18.63
CA ASN C 342 28.03 -32.41 17.49
C ASN C 342 27.66 -33.55 16.56
N ASP C 343 28.61 -34.46 16.33
CA ASP C 343 28.36 -35.63 15.48
C ASP C 343 27.31 -36.56 16.08
N LYS C 344 27.41 -36.84 17.37
CA LYS C 344 26.40 -37.69 18.02
C LYS C 344 25.01 -37.06 17.95
N TYR C 345 24.95 -35.75 18.15
CA TYR C 345 23.69 -35.02 18.07
C TYR C 345 23.14 -35.14 16.65
N TYR C 346 24.01 -34.87 15.69
CA TYR C 346 23.67 -34.88 14.28
C TYR C 346 23.16 -36.25 13.89
N GLN C 347 23.68 -37.28 14.55
CA GLN C 347 23.24 -38.64 14.30
C GLN C 347 21.85 -38.91 14.88
N LEU C 348 21.58 -38.43 16.10
CA LEU C 348 20.35 -38.86 16.79
C LEU C 348 19.09 -37.97 16.71
N HIS C 349 19.21 -36.66 16.89
CA HIS C 349 17.98 -35.86 17.06
C HIS C 349 17.24 -35.65 15.75
N ASP C 350 18.01 -35.53 14.68
CA ASP C 350 17.54 -35.34 13.32
C ASP C 350 18.74 -35.66 12.47
N ASN C 351 18.62 -35.65 11.15
CA ASN C 351 19.84 -35.74 10.37
C ASN C 351 20.42 -34.36 10.31
N SER C 352 19.59 -33.36 10.59
CA SER C 352 20.00 -31.97 10.60
C SER C 352 20.99 -31.66 11.73
N HIS C 353 21.77 -30.60 11.53
CA HIS C 353 22.75 -30.11 12.49
C HIS C 353 22.09 -29.21 13.52
N ARG C 354 22.69 -29.13 14.70
CA ARG C 354 22.13 -28.29 15.75
C ARG C 354 22.35 -26.81 15.45
N ASP C 355 23.60 -26.43 15.14
CA ASP C 355 23.99 -25.03 14.97
C ASP C 355 25.21 -24.91 14.05
N ILE C 356 24.98 -24.85 12.75
CA ILE C 356 26.07 -24.84 11.78
C ILE C 356 27.01 -23.64 11.95
N ILE C 357 26.44 -22.48 12.26
CA ILE C 357 27.21 -21.26 12.43
C ILE C 357 28.19 -21.37 13.59
N SER C 358 27.72 -21.89 14.73
CA SER C 358 28.57 -22.07 15.90
C SER C 358 29.68 -23.07 15.60
N PHE C 359 29.34 -24.06 14.78
CA PHE C 359 30.29 -25.08 14.34
C PHE C 359 31.45 -24.45 13.56
N ILE C 360 31.10 -23.76 12.49
CA ILE C 360 32.08 -23.07 11.65
C ILE C 360 32.87 -22.05 12.47
N ASP C 361 32.21 -21.42 13.43
CA ASP C 361 32.86 -20.46 14.31
C ASP C 361 33.96 -21.16 15.08
N ALA C 362 33.64 -22.34 15.61
CA ALA C 362 34.60 -23.12 16.38
C ALA C 362 35.80 -23.51 15.53
N TYR C 363 35.53 -24.03 14.34
CA TYR C 363 36.61 -24.40 13.42
C TYR C 363 37.53 -23.20 13.14
N SER C 364 36.91 -22.06 12.82
CA SER C 364 37.64 -20.83 12.55
C SER C 364 38.53 -20.44 13.72
N PHE C 365 37.97 -20.51 14.93
CA PHE C 365 38.72 -20.16 16.13
C PHE C 365 39.94 -21.04 16.33
N ILE C 366 39.72 -22.36 16.35
CA ILE C 366 40.81 -23.28 16.65
C ILE C 366 41.87 -23.26 15.55
N LEU C 367 41.47 -22.97 14.32
CA LEU C 367 42.43 -22.87 13.23
C LEU C 367 43.18 -21.54 13.33
N GLN C 368 42.52 -20.52 13.86
CA GLN C 368 43.17 -19.23 14.12
C GLN C 368 44.29 -19.38 15.11
N ASN C 369 44.01 -20.10 16.19
CA ASN C 369 44.92 -20.13 17.33
C ASN C 369 45.93 -21.29 17.35
N SER C 370 45.91 -22.14 16.33
CA SER C 370 46.83 -23.28 16.31
C SER C 370 47.68 -23.38 15.03
N SER C 371 48.84 -24.00 15.17
CA SER C 371 49.71 -24.31 14.02
C SER C 371 49.85 -25.82 13.87
N LYS C 372 50.66 -26.26 12.92
CA LYS C 372 50.90 -27.69 12.71
C LYS C 372 51.54 -28.34 13.94
N THR C 373 52.33 -27.55 14.66
CA THR C 373 53.03 -28.04 15.85
C THR C 373 52.06 -28.46 16.95
N ASP C 374 50.88 -27.85 16.95
CA ASP C 374 49.91 -28.08 18.01
C ASP C 374 49.14 -29.39 17.80
N SER C 375 49.49 -30.12 16.75
CA SER C 375 48.80 -31.34 16.40
C SER C 375 49.02 -32.42 17.46
N ILE C 376 48.02 -33.27 17.64
CA ILE C 376 48.13 -34.41 18.55
C ILE C 376 48.01 -35.70 17.71
N GLU C 377 48.68 -36.78 18.12
CA GLU C 377 48.90 -37.90 17.20
C GLU C 377 47.63 -38.56 16.65
N ASN C 378 46.65 -38.84 17.51
CA ASN C 378 45.40 -39.42 17.03
C ASN C 378 44.22 -38.50 17.23
N VAL C 379 44.28 -37.72 18.29
CA VAL C 379 43.19 -36.83 18.65
C VAL C 379 42.99 -35.70 17.63
N PHE C 380 44.08 -35.02 17.27
CA PHE C 380 44.00 -33.81 16.46
C PHE C 380 44.99 -33.72 15.30
N ASP C 381 44.50 -33.49 14.09
CA ASP C 381 45.38 -33.26 12.96
C ASP C 381 45.06 -31.93 12.32
N TYR C 382 46.07 -31.07 12.27
CA TYR C 382 45.88 -29.71 11.80
C TYR C 382 45.45 -29.63 10.35
N ASP C 383 46.26 -30.19 9.45
CA ASP C 383 45.98 -30.16 8.02
C ASP C 383 44.63 -30.83 7.73
N ASN C 384 44.35 -31.90 8.44
CA ASN C 384 43.07 -32.60 8.31
C ASN C 384 41.92 -31.71 8.74
N THR C 385 42.12 -30.98 9.83
CA THR C 385 41.11 -30.05 10.33
C THR C 385 40.88 -28.92 9.33
N VAL C 386 41.94 -28.50 8.65
CA VAL C 386 41.85 -27.43 7.66
C VAL C 386 41.07 -27.89 6.43
N SER C 387 41.43 -29.05 5.90
CA SER C 387 40.71 -29.62 4.76
C SER C 387 39.24 -29.87 5.12
N THR C 388 39.01 -30.37 6.33
CA THR C 388 37.65 -30.60 6.81
C THR C 388 36.88 -29.28 6.88
N PHE C 389 37.56 -28.24 7.34
CA PHE C 389 37.00 -26.90 7.42
C PHE C 389 36.58 -26.39 6.04
N ALA C 390 37.50 -26.51 5.08
CA ALA C 390 37.24 -26.06 3.72
C ALA C 390 36.08 -26.80 3.07
N THR C 391 36.10 -28.13 3.13
CA THR C 391 35.07 -28.94 2.50
C THR C 391 33.71 -28.74 3.18
N SER C 392 33.71 -28.59 4.50
CA SER C 392 32.45 -28.40 5.23
C SER C 392 31.89 -27.01 4.99
N LEU C 393 32.76 -26.02 4.85
CA LEU C 393 32.34 -24.66 4.54
C LEU C 393 31.72 -24.58 3.15
N ASN C 394 32.42 -25.16 2.19
CA ASN C 394 31.96 -25.20 0.81
C ASN C 394 30.63 -25.96 0.71
N SER C 395 30.54 -27.03 1.49
CA SER C 395 29.33 -27.83 1.55
C SER C 395 28.17 -27.03 2.14
N PHE C 396 28.47 -26.25 3.17
CA PHE C 396 27.49 -25.35 3.78
C PHE C 396 26.94 -24.39 2.74
N TYR C 397 27.84 -23.76 1.99
CA TYR C 397 27.40 -22.83 0.94
C TYR C 397 26.54 -23.54 -0.09
N LYS C 398 26.93 -24.75 -0.48
CA LYS C 398 26.19 -25.49 -1.50
C LYS C 398 24.79 -25.93 -1.05
N GLU C 399 24.65 -26.26 0.23
CA GLU C 399 23.39 -26.81 0.75
C GLU C 399 22.22 -25.83 0.69
N TYR C 400 22.45 -24.61 1.18
CA TYR C 400 21.40 -23.60 1.25
C TYR C 400 21.36 -22.71 0.02
N ASN C 401 21.93 -23.20 -1.08
CA ASN C 401 21.94 -22.52 -2.37
C ASN C 401 22.46 -21.10 -2.31
N LEU C 402 23.37 -20.85 -1.37
CA LEU C 402 24.04 -19.56 -1.27
C LEU C 402 25.12 -19.48 -2.35
N PRO C 403 25.26 -18.30 -2.97
CA PRO C 403 26.22 -18.09 -4.07
C PRO C 403 27.68 -18.13 -3.62
N LEU C 404 28.53 -18.65 -4.51
CA LEU C 404 29.96 -18.80 -4.26
C LEU C 404 30.74 -18.23 -5.42
N MSE C 405 31.86 -17.58 -5.11
CA MSE C 405 32.73 -17.09 -6.17
C MSE C 405 33.68 -18.18 -6.61
O MSE C 405 34.70 -18.43 -5.97
CB MSE C 405 33.52 -15.87 -5.70
CG MSE C 405 34.29 -15.17 -6.81
SE MSE C 405 33.23 -13.75 -7.60
CE MSE C 405 32.40 -13.09 -5.96
N SER C 406 33.35 -18.84 -7.72
CA SER C 406 34.27 -19.80 -8.33
C SER C 406 35.52 -19.08 -8.82
N GLN C 407 36.51 -19.85 -9.23
CA GLN C 407 37.85 -19.33 -9.40
C GLN C 407 38.04 -18.36 -10.55
N SER C 408 37.46 -18.66 -11.71
CA SER C 408 37.65 -17.80 -12.85
C SER C 408 37.03 -16.44 -12.55
N GLU C 409 35.83 -16.46 -11.99
CA GLU C 409 35.10 -15.24 -11.68
C GLU C 409 35.87 -14.35 -10.71
N SER C 410 36.79 -14.94 -9.97
CA SER C 410 37.56 -14.19 -8.98
C SER C 410 38.72 -13.39 -9.59
N LEU C 411 39.06 -13.63 -10.85
CA LEU C 411 40.20 -12.92 -11.44
C LEU C 411 39.87 -11.46 -11.70
N ASP C 412 38.60 -11.14 -11.83
CA ASP C 412 38.17 -9.74 -11.85
C ASP C 412 37.04 -9.65 -10.84
N TRP C 413 37.20 -8.75 -9.88
CA TRP C 413 36.21 -8.60 -8.82
C TRP C 413 35.26 -7.48 -9.17
N LEU C 414 35.75 -6.48 -9.89
CA LEU C 414 34.93 -5.36 -10.31
C LEU C 414 33.84 -5.79 -11.30
N GLU C 415 34.22 -6.65 -12.23
CA GLU C 415 33.29 -7.14 -13.24
C GLU C 415 32.28 -8.09 -12.63
N ASN C 416 32.79 -8.96 -11.79
CA ASN C 416 32.03 -10.08 -11.28
C ASN C 416 31.51 -9.86 -9.87
N SER C 417 31.53 -8.61 -9.43
CA SER C 417 31.08 -8.27 -8.08
C SER C 417 29.60 -8.61 -7.91
N THR C 418 29.29 -9.22 -6.78
CA THR C 418 27.91 -9.45 -6.39
C THR C 418 27.77 -9.09 -4.92
N ARG C 419 26.58 -8.66 -4.53
CA ARG C 419 26.34 -8.30 -3.15
C ARG C 419 25.46 -9.36 -2.49
N CYS C 420 25.97 -9.93 -1.40
CA CYS C 420 25.19 -10.87 -0.61
C CYS C 420 24.79 -10.20 0.69
N VAL C 421 23.56 -10.41 1.12
CA VAL C 421 23.09 -9.82 2.36
C VAL C 421 22.57 -10.89 3.29
N TYR C 422 23.34 -11.18 4.32
CA TYR C 422 22.97 -12.14 5.35
C TYR C 422 22.83 -11.35 6.64
N PRO C 423 22.17 -11.95 7.64
CA PRO C 423 22.18 -11.32 8.97
C PRO C 423 23.61 -11.05 9.46
N GLY C 424 23.81 -9.94 10.17
CA GLY C 424 25.13 -9.50 10.58
C GLY C 424 26.01 -10.53 11.28
N ASN C 425 25.41 -11.29 12.18
CA ASN C 425 26.12 -12.36 12.89
C ASN C 425 26.68 -13.36 11.90
N ILE C 426 25.83 -13.73 10.93
CA ILE C 426 26.17 -14.75 9.95
C ILE C 426 27.27 -14.24 9.03
N SER C 427 27.11 -12.99 8.59
CA SER C 427 28.10 -12.32 7.76
C SER C 427 29.47 -12.28 8.45
N LYS C 428 29.49 -11.83 9.70
CA LYS C 428 30.74 -11.77 10.45
C LYS C 428 31.39 -13.15 10.55
N VAL C 429 30.62 -14.14 10.96
CA VAL C 429 31.17 -15.50 11.11
C VAL C 429 31.75 -16.01 9.79
N LEU C 430 31.04 -15.78 8.69
CA LEU C 430 31.49 -16.29 7.39
C LEU C 430 32.72 -15.56 6.85
N THR C 431 32.70 -14.22 6.89
CA THR C 431 33.85 -13.44 6.46
C THR C 431 35.07 -13.84 7.26
N ASN C 432 34.87 -14.02 8.55
CA ASN C 432 35.95 -14.44 9.43
C ASN C 432 36.47 -15.82 9.03
N ALA C 433 35.55 -16.71 8.65
CA ALA C 433 35.93 -18.05 8.24
C ALA C 433 36.80 -18.04 6.99
N TRP C 434 36.31 -17.38 5.95
CA TRP C 434 37.05 -17.30 4.69
C TRP C 434 38.38 -16.59 4.88
N SER C 435 38.39 -15.57 5.74
CA SER C 435 39.60 -14.82 6.04
C SER C 435 40.65 -15.73 6.68
N THR C 436 40.22 -16.54 7.64
CA THR C 436 41.14 -17.46 8.29
C THR C 436 41.63 -18.55 7.35
N LEU C 437 40.75 -19.04 6.47
CA LEU C 437 41.18 -20.00 5.45
C LEU C 437 42.26 -19.39 4.57
N TYR C 438 42.05 -18.15 4.18
CA TYR C 438 43.05 -17.42 3.40
C TYR C 438 44.36 -17.34 4.18
N GLU C 439 44.28 -16.95 5.45
CA GLU C 439 45.46 -16.83 6.31
C GLU C 439 46.23 -18.14 6.37
N ILE C 440 45.51 -19.26 6.40
CA ILE C 440 46.14 -20.57 6.46
C ILE C 440 46.83 -20.92 5.15
N ARG C 441 46.09 -20.84 4.04
CA ARG C 441 46.62 -21.31 2.77
C ARG C 441 47.28 -20.23 1.91
N LYS C 442 47.62 -19.10 2.51
CA LYS C 442 48.16 -17.95 1.77
C LYS C 442 49.54 -18.22 1.19
N TYR C 443 50.28 -19.13 1.81
CA TYR C 443 51.67 -19.35 1.45
C TYR C 443 51.85 -20.54 0.52
N GLN C 444 50.77 -21.28 0.27
CA GLN C 444 50.87 -22.47 -0.56
C GLN C 444 50.57 -22.16 -2.02
N LEU C 445 51.49 -22.53 -2.90
CA LEU C 445 51.42 -22.19 -4.32
C LEU C 445 50.27 -22.85 -5.06
N ASP C 446 49.99 -24.10 -4.74
CA ASP C 446 48.97 -24.88 -5.42
C ASP C 446 47.60 -24.21 -5.34
N PHE C 447 47.35 -23.48 -4.27
CA PHE C 447 46.08 -22.79 -4.10
C PHE C 447 46.09 -21.43 -4.80
N LEU C 448 47.27 -20.88 -5.02
CA LEU C 448 47.41 -19.64 -5.78
C LEU C 448 47.21 -19.87 -7.27
N VAL C 449 47.85 -20.90 -7.80
CA VAL C 449 47.73 -21.23 -9.22
C VAL C 449 46.31 -21.70 -9.53
N SER C 450 45.71 -22.43 -8.58
CA SER C 450 44.33 -22.90 -8.73
C SER C 450 43.35 -21.75 -8.59
N ASN C 451 43.88 -20.58 -8.22
CA ASN C 451 43.11 -19.35 -8.03
C ASN C 451 42.09 -19.53 -6.90
N ASN C 452 42.41 -20.42 -5.97
CA ASN C 452 41.53 -20.68 -4.82
C ASN C 452 41.60 -19.58 -3.77
N LEU C 453 42.79 -19.01 -3.57
CA LEU C 453 42.98 -17.96 -2.57
C LEU C 453 42.15 -16.73 -2.92
N THR C 454 42.17 -16.39 -4.20
CA THR C 454 41.44 -15.26 -4.72
C THR C 454 39.95 -15.48 -4.53
N SER C 455 39.52 -16.73 -4.69
CA SER C 455 38.13 -17.10 -4.49
C SER C 455 37.75 -16.96 -3.02
N TYR C 456 38.64 -17.39 -2.13
CA TYR C 456 38.43 -17.24 -0.70
C TYR C 456 38.22 -15.78 -0.34
N LEU C 457 39.16 -14.94 -0.76
CA LEU C 457 39.10 -13.52 -0.45
C LEU C 457 37.86 -12.86 -1.02
N CYS C 458 37.48 -13.24 -2.24
CA CYS C 458 36.26 -12.70 -2.84
C CYS C 458 35.01 -13.10 -2.06
N ASN C 459 34.92 -14.38 -1.70
CA ASN C 459 33.79 -14.87 -0.91
C ASN C 459 33.72 -14.19 0.45
N ALA C 460 34.89 -13.83 0.98
CA ALA C 460 34.95 -13.10 2.24
C ALA C 460 34.51 -11.66 2.02
N MSE C 461 34.73 -11.17 0.82
CA MSE C 461 34.50 -9.77 0.49
C MSE C 461 33.04 -9.47 0.14
O MSE C 461 32.59 -8.33 0.30
CB MSE C 461 35.42 -9.35 -0.66
CG MSE C 461 35.90 -7.91 -0.61
SE MSE C 461 37.66 -7.76 -1.42
CE MSE C 461 37.28 -8.61 -3.15
N MSE C 462 32.33 -10.49 -0.32
CA MSE C 462 30.94 -10.34 -0.75
C MSE C 462 30.03 -9.84 0.38
O MSE C 462 28.95 -9.33 0.14
CB MSE C 462 30.39 -11.67 -1.27
CG MSE C 462 31.12 -12.24 -2.47
SE MSE C 462 30.32 -13.90 -3.11
CE MSE C 462 30.20 -14.87 -1.41
N LEU C 463 30.49 -10.01 1.61
CA LEU C 463 29.70 -9.65 2.77
C LEU C 463 30.20 -8.35 3.40
N SER C 464 29.66 -7.24 2.90
CA SER C 464 30.03 -5.84 3.25
C SER C 464 29.61 -4.94 2.11
N GLY C 479 34.65 2.25 10.89
CA GLY C 479 35.89 2.01 11.62
C GLY C 479 36.14 0.54 11.87
N GLU C 480 35.10 -0.17 12.31
CA GLU C 480 35.23 -1.60 12.60
C GLU C 480 35.26 -2.42 11.33
N GLU C 481 34.19 -2.35 10.55
CA GLU C 481 34.05 -3.12 9.32
C GLU C 481 34.82 -2.51 8.15
N GLU C 482 35.10 -1.21 8.26
CA GLU C 482 35.82 -0.47 7.22
C GLU C 482 37.26 -0.95 7.08
N LYS C 483 37.94 -1.13 8.21
CA LYS C 483 39.31 -1.62 8.19
C LYS C 483 39.35 -3.06 7.72
N ALA C 484 38.30 -3.82 8.06
CA ALA C 484 38.16 -5.19 7.58
C ALA C 484 38.13 -5.20 6.05
N LEU C 485 37.26 -4.36 5.48
CA LEU C 485 37.20 -4.20 4.03
C LEU C 485 38.54 -3.78 3.44
N ARG C 486 39.20 -2.82 4.08
CA ARG C 486 40.49 -2.34 3.59
C ARG C 486 41.51 -3.48 3.51
N GLU C 487 41.68 -4.20 4.61
CA GLU C 487 42.65 -5.28 4.68
C GLU C 487 42.31 -6.44 3.73
N LEU C 488 41.03 -6.80 3.64
CA LEU C 488 40.62 -7.86 2.73
C LEU C 488 40.93 -7.49 1.29
N GLN C 489 40.52 -6.28 0.91
CA GLN C 489 40.73 -5.78 -0.44
C GLN C 489 42.21 -5.67 -0.79
N PHE C 490 43.01 -5.16 0.15
CA PHE C 490 44.46 -5.09 -0.04
C PHE C 490 45.05 -6.47 -0.25
N LYS C 491 44.69 -7.41 0.62
CA LYS C 491 45.19 -8.78 0.52
C LYS C 491 44.82 -9.40 -0.84
N TYR C 492 43.64 -9.01 -1.32
CA TYR C 492 43.16 -9.43 -2.63
C TYR C 492 44.06 -8.90 -3.74
N SER C 493 44.30 -7.59 -3.72
CA SER C 493 45.14 -6.93 -4.70
C SER C 493 46.56 -7.50 -4.69
N TYR C 494 47.08 -7.71 -3.49
CA TYR C 494 48.41 -8.28 -3.29
C TYR C 494 48.48 -9.67 -3.89
N THR C 495 47.40 -10.43 -3.73
CA THR C 495 47.32 -11.78 -4.27
C THR C 495 47.31 -11.75 -5.80
N LEU C 496 46.62 -10.76 -6.36
CA LEU C 496 46.60 -10.59 -7.81
C LEU C 496 47.97 -10.15 -8.35
N ALA C 497 48.67 -9.34 -7.57
CA ALA C 497 50.00 -8.87 -7.94
C ALA C 497 51.00 -10.04 -7.91
N GLN C 498 50.87 -10.87 -6.89
CA GLN C 498 51.68 -12.08 -6.78
C GLN C 498 51.50 -12.97 -8.00
N GLN C 499 50.24 -13.07 -8.44
CA GLN C 499 49.86 -13.89 -9.60
C GLN C 499 50.33 -13.23 -10.89
N ARG C 500 50.77 -11.98 -10.75
CA ARG C 500 51.33 -11.17 -11.83
C ARG C 500 50.25 -10.78 -12.83
N HIS C 501 49.02 -10.73 -12.34
CA HIS C 501 47.92 -10.09 -13.03
C HIS C 501 47.91 -8.64 -12.59
N ILE C 502 48.89 -7.89 -13.09
CA ILE C 502 49.20 -6.56 -12.55
C ILE C 502 48.24 -5.48 -13.02
N GLU C 503 47.76 -5.58 -14.26
CA GLU C 503 46.85 -4.59 -14.81
C GLU C 503 45.55 -4.56 -13.99
N THR C 504 45.07 -5.75 -13.64
CA THR C 504 43.82 -5.90 -12.90
C THR C 504 44.05 -5.48 -11.45
N ALA C 505 45.23 -5.80 -10.94
CA ALA C 505 45.58 -5.44 -9.59
C ALA C 505 45.63 -3.91 -9.44
N ILE C 506 46.17 -3.25 -10.46
CA ILE C 506 46.24 -1.80 -10.44
C ILE C 506 44.86 -1.19 -10.52
N LYS C 507 44.00 -1.74 -11.37
CA LYS C 507 42.66 -1.16 -11.49
C LYS C 507 41.85 -1.34 -10.20
N THR C 508 41.88 -2.54 -9.64
CA THR C 508 41.22 -2.82 -8.38
C THR C 508 41.73 -1.90 -7.27
N LEU C 509 43.05 -1.79 -7.20
CA LEU C 509 43.75 -1.00 -6.20
C LEU C 509 43.35 0.48 -6.28
N GLU C 510 43.43 1.05 -7.47
CA GLU C 510 43.08 2.44 -7.71
C GLU C 510 41.61 2.74 -7.41
N SER C 511 40.73 2.00 -8.07
CA SER C 511 39.29 2.25 -7.95
C SER C 511 38.69 1.94 -6.58
N LEU C 512 38.89 0.74 -6.06
CA LEU C 512 38.18 0.34 -4.85
C LEU C 512 38.71 0.96 -3.56
N ILE C 513 39.98 0.76 -3.27
CA ILE C 513 40.50 1.11 -1.94
C ILE C 513 41.12 2.50 -1.85
N LEU C 514 41.88 2.93 -2.85
CA LEU C 514 42.66 4.15 -2.67
C LEU C 514 41.80 5.37 -2.96
N SER C 515 40.59 5.13 -3.48
CA SER C 515 39.60 6.18 -3.58
C SER C 515 39.00 6.29 -2.18
N LYS C 516 39.16 7.46 -1.54
CA LYS C 516 38.73 7.71 -0.15
C LYS C 516 39.55 7.00 0.95
N ASN C 517 40.77 6.58 0.63
CA ASN C 517 41.70 6.09 1.66
C ASN C 517 43.10 6.66 1.43
N PRO C 518 43.32 7.92 1.82
CA PRO C 518 44.65 8.52 1.70
C PRO C 518 45.57 8.08 2.84
N ASN C 519 44.98 7.55 3.91
CA ASN C 519 45.72 7.19 5.11
C ASN C 519 46.28 5.77 5.10
N TYR C 520 46.13 5.08 3.98
CA TYR C 520 46.44 3.66 3.91
C TYR C 520 47.66 3.45 3.04
N TYR C 521 48.85 3.34 3.65
CA TYR C 521 50.09 3.53 2.91
C TYR C 521 50.66 2.25 2.27
N LYS C 522 50.16 1.10 2.70
CA LYS C 522 50.66 -0.17 2.20
C LYS C 522 50.17 -0.34 0.77
N ALA C 523 48.94 0.09 0.51
CA ALA C 523 48.34 -0.06 -0.81
C ALA C 523 48.88 0.99 -1.76
N TRP C 524 49.41 2.07 -1.20
CA TRP C 524 50.08 3.08 -2.00
C TRP C 524 51.41 2.50 -2.47
N HIS C 525 52.08 1.80 -1.56
CA HIS C 525 53.33 1.15 -1.92
C HIS C 525 53.07 0.03 -2.92
N LEU C 526 51.97 -0.69 -2.77
CA LEU C 526 51.60 -1.75 -3.69
C LEU C 526 51.30 -1.20 -5.07
N LEU C 527 50.64 -0.05 -5.12
CA LEU C 527 50.32 0.61 -6.37
C LEU C 527 51.61 1.03 -7.07
N ALA C 528 52.51 1.60 -6.27
CA ALA C 528 53.81 2.03 -6.77
C ALA C 528 54.57 0.86 -7.38
N LEU C 529 54.64 -0.26 -6.65
CA LEU C 529 55.35 -1.46 -7.13
C LEU C 529 54.70 -2.08 -8.36
N CYS C 530 53.37 -2.07 -8.41
CA CYS C 530 52.68 -2.63 -9.56
C CYS C 530 52.97 -1.77 -10.80
N ARG C 531 53.02 -0.46 -10.61
CA ARG C 531 53.33 0.42 -11.72
C ARG C 531 54.83 0.44 -12.01
N SER C 532 55.64 -0.09 -11.12
CA SER C 532 57.07 -0.20 -11.36
C SER C 532 57.41 -1.22 -12.47
N VAL C 533 56.51 -2.18 -12.74
CA VAL C 533 56.82 -3.24 -13.71
C VAL C 533 56.85 -2.71 -15.15
N GLN C 534 56.05 -1.69 -15.43
CA GLN C 534 56.00 -1.04 -16.75
C GLN C 534 57.32 -0.29 -16.96
N GLU C 535 57.89 -0.41 -18.16
CA GLU C 535 59.18 0.21 -18.48
C GLU C 535 59.32 1.68 -18.02
N ASP C 536 58.20 2.41 -17.96
CA ASP C 536 58.24 3.80 -17.48
C ASP C 536 58.02 3.85 -15.99
N LYS C 537 59.02 4.34 -15.28
CA LYS C 537 58.89 4.31 -13.84
C LYS C 537 58.63 5.70 -13.28
N GLU C 538 58.16 6.61 -14.14
CA GLU C 538 57.94 8.00 -13.71
C GLU C 538 56.69 8.11 -12.83
N MSE C 539 55.60 7.48 -13.28
CA MSE C 539 54.34 7.47 -12.52
C MSE C 539 54.55 6.92 -11.11
O MSE C 539 54.26 7.59 -10.12
CB MSE C 539 53.28 6.66 -13.26
CG MSE C 539 51.96 6.53 -12.53
SE MSE C 539 50.83 8.11 -12.61
CE MSE C 539 49.33 7.48 -11.52
N SER C 540 55.04 5.69 -11.05
CA SER C 540 55.35 5.04 -9.77
C SER C 540 56.24 5.89 -8.89
N TYR C 541 57.25 6.51 -9.50
CA TYR C 541 58.19 7.36 -8.77
C TYR C 541 57.50 8.53 -8.11
N LYS C 542 56.67 9.23 -8.87
CA LYS C 542 55.96 10.39 -8.36
C LYS C 542 54.94 10.00 -7.30
N ILE C 543 54.33 8.83 -7.47
CA ILE C 543 53.43 8.29 -6.47
C ILE C 543 54.19 8.08 -5.15
N VAL C 544 55.33 7.40 -5.25
CA VAL C 544 56.16 7.14 -4.08
C VAL C 544 56.57 8.43 -3.40
N CYS C 545 56.85 9.47 -4.20
CA CYS C 545 57.25 10.75 -3.64
C CYS C 545 56.10 11.39 -2.87
N SER C 546 54.92 11.43 -3.50
CA SER C 546 53.75 12.05 -2.88
C SER C 546 53.37 11.36 -1.57
N VAL C 547 53.31 10.03 -1.63
CA VAL C 547 52.97 9.23 -0.47
C VAL C 547 54.02 9.39 0.62
N LEU C 548 55.29 9.43 0.22
CA LEU C 548 56.39 9.60 1.15
C LEU C 548 56.28 10.91 1.89
N GLU C 549 55.93 11.97 1.17
CA GLU C 549 55.72 13.28 1.78
C GLU C 549 54.56 13.21 2.75
N ALA C 550 53.50 12.50 2.36
CA ALA C 550 52.33 12.34 3.22
C ALA C 550 52.70 11.63 4.52
N MSE C 551 53.59 10.65 4.42
CA MSE C 551 54.05 9.92 5.59
C MSE C 551 54.95 10.80 6.45
O MSE C 551 54.93 10.70 7.67
CB MSE C 551 54.80 8.65 5.18
CG MSE C 551 53.99 7.69 4.33
SE MSE C 551 54.78 5.91 4.23
CE MSE C 551 54.52 5.43 6.10
N ASN C 552 55.74 11.67 5.81
CA ASN C 552 56.52 12.66 6.54
C ASN C 552 55.60 13.55 7.36
N GLU C 553 54.45 13.89 6.79
CA GLU C 553 53.45 14.65 7.53
C GLU C 553 52.90 13.86 8.71
N SER C 554 52.48 12.63 8.43
CA SER C 554 51.87 11.78 9.46
C SER C 554 52.85 11.39 10.56
N LEU C 555 54.14 11.58 10.30
CA LEU C 555 55.19 11.27 11.28
C LEU C 555 55.48 12.52 12.10
N GLN C 556 55.78 13.60 11.39
CA GLN C 556 56.23 14.85 12.02
C GLN C 556 55.07 15.83 12.25
N ASN C 557 54.33 16.15 11.19
CA ASN C 557 53.24 17.14 11.27
C ASN C 557 52.12 16.61 12.16
N ASN C 558 51.87 15.31 12.06
CA ASN C 558 50.95 14.61 12.94
C ASN C 558 51.76 13.54 13.60
N THR C 559 51.11 12.68 14.38
CA THR C 559 51.79 11.51 14.93
C THR C 559 50.80 10.36 14.93
N LEU C 560 50.89 9.51 13.91
CA LEU C 560 49.93 8.41 13.75
C LEU C 560 50.52 7.29 12.89
N LEU C 561 51.62 6.71 13.35
CA LEU C 561 52.27 5.61 12.64
C LEU C 561 52.73 4.53 13.61
N LEU C 562 52.23 3.31 13.50
CA LEU C 562 52.84 2.21 14.23
C LEU C 562 53.34 1.16 13.24
N ASN C 563 52.39 0.57 12.51
CA ASN C 563 52.72 -0.36 11.44
C ASN C 563 53.40 0.41 10.33
N ASP C 564 52.97 1.66 10.18
CA ASP C 564 53.33 2.45 9.03
C ASP C 564 54.81 2.85 8.95
N ARG C 565 55.53 2.92 10.07
CA ARG C 565 56.93 3.34 10.03
C ARG C 565 57.89 2.39 9.31
N TRP C 566 57.67 1.10 9.51
CA TRP C 566 58.51 0.12 8.84
C TRP C 566 58.31 0.27 7.34
N GLN C 567 57.05 0.39 6.96
CA GLN C 567 56.72 0.63 5.57
C GLN C 567 57.31 1.95 5.11
N PHE C 568 57.41 2.91 6.02
CA PHE C 568 58.00 4.20 5.72
C PHE C 568 59.40 3.95 5.17
N ILE C 569 60.23 3.28 5.97
CA ILE C 569 61.59 3.00 5.50
C ILE C 569 61.60 2.20 4.20
N HIS C 570 60.83 1.12 4.11
CA HIS C 570 60.88 0.33 2.88
C HIS C 570 60.43 1.11 1.64
N LEU C 571 59.45 1.99 1.81
CA LEU C 571 58.99 2.87 0.76
C LEU C 571 60.12 3.79 0.33
N LYS C 572 60.86 4.30 1.31
CA LYS C 572 61.99 5.18 1.02
C LYS C 572 63.02 4.43 0.15
N LEU C 573 63.26 3.16 0.51
CA LEU C 573 64.18 2.33 -0.26
C LEU C 573 63.67 2.16 -1.69
N THR C 574 62.37 1.97 -1.83
CA THR C 574 61.76 1.85 -3.15
C THR C 574 61.99 3.12 -3.97
N GLN C 575 61.86 4.27 -3.31
CA GLN C 575 62.15 5.55 -3.96
C GLN C 575 63.58 5.53 -4.49
N LEU C 576 64.50 5.08 -3.66
CA LEU C 576 65.90 5.00 -4.04
C LEU C 576 66.11 4.15 -5.29
N ALA C 577 65.49 2.97 -5.30
CA ALA C 577 65.63 2.06 -6.44
C ALA C 577 65.05 2.68 -7.71
N LEU C 578 63.92 3.37 -7.56
CA LEU C 578 63.28 4.05 -8.67
C LEU C 578 64.20 5.11 -9.25
N ILE C 579 64.79 5.93 -8.37
CA ILE C 579 65.78 6.91 -8.78
C ILE C 579 66.92 6.24 -9.54
N GLU C 580 67.38 5.11 -9.00
CA GLU C 580 68.45 4.33 -9.60
C GLU C 580 68.16 3.98 -11.04
N GLU C 581 66.93 3.56 -11.32
CA GLU C 581 66.58 3.16 -12.67
C GLU C 581 66.30 4.36 -13.58
N ILE C 582 65.75 5.43 -13.01
CA ILE C 582 65.36 6.62 -13.78
C ILE C 582 66.51 7.60 -14.03
N PHE C 583 67.33 7.85 -13.01
CA PHE C 583 68.40 8.84 -13.11
C PHE C 583 69.77 8.18 -13.31
N GLY C 584 70.31 7.64 -12.24
CA GLY C 584 71.62 7.02 -12.28
C GLY C 584 71.98 6.45 -10.93
N THR C 585 72.93 5.52 -10.91
CA THR C 585 73.35 4.89 -9.66
C THR C 585 74.07 5.87 -8.74
N LEU C 586 74.77 6.83 -9.35
CA LEU C 586 75.47 7.86 -8.60
C LEU C 586 74.49 8.86 -8.03
N GLU C 587 73.53 9.26 -8.87
CA GLU C 587 72.49 10.20 -8.46
C GLU C 587 71.70 9.58 -7.33
N ALA C 588 71.61 8.26 -7.33
CA ALA C 588 70.98 7.51 -6.25
C ALA C 588 71.88 7.48 -5.02
N LEU C 589 73.18 7.41 -5.24
CA LEU C 589 74.15 7.46 -4.14
C LEU C 589 74.02 8.76 -3.37
N GLU C 590 73.63 9.82 -4.08
CA GLU C 590 73.46 11.13 -3.45
C GLU C 590 72.36 11.14 -2.38
N THR C 591 71.26 10.45 -2.64
CA THR C 591 70.09 10.56 -1.78
C THR C 591 70.03 9.54 -0.63
N LEU C 592 71.11 8.77 -0.47
CA LEU C 592 71.17 7.80 0.62
C LEU C 592 71.10 8.39 2.03
N PRO C 593 71.84 9.49 2.31
CA PRO C 593 71.83 9.99 3.69
C PRO C 593 70.45 10.28 4.27
N GLU C 594 69.46 10.54 3.41
CA GLU C 594 68.11 10.80 3.88
C GLU C 594 67.52 9.58 4.58
N VAL C 595 67.88 8.40 4.09
CA VAL C 595 67.37 7.14 4.65
C VAL C 595 67.88 6.92 6.07
N PHE C 596 69.17 7.17 6.28
CA PHE C 596 69.76 7.01 7.62
C PHE C 596 69.24 8.09 8.55
N GLU C 597 69.07 9.30 8.03
CA GLU C 597 68.46 10.38 8.79
C GLU C 597 67.02 10.03 9.17
N LEU C 598 66.30 9.43 8.21
CA LEU C 598 64.94 8.97 8.45
C LEU C 598 64.86 7.90 9.52
N TYR C 599 65.77 6.92 9.44
CA TYR C 599 65.81 5.83 10.41
C TYR C 599 66.08 6.35 11.83
N ALA C 600 67.06 7.23 11.97
CA ALA C 600 67.39 7.81 13.26
C ALA C 600 66.18 8.55 13.84
N THR C 601 65.42 9.19 12.95
CA THR C 601 64.21 9.92 13.33
C THR C 601 63.07 8.98 13.71
N LEU C 602 62.80 7.98 12.87
CA LEU C 602 61.71 7.04 13.11
C LEU C 602 61.93 6.23 14.37
N PHE C 603 63.16 5.78 14.57
CA PHE C 603 63.52 4.99 15.73
C PHE C 603 64.57 5.73 16.56
N PRO C 604 64.12 6.38 17.64
CA PRO C 604 64.97 7.10 18.60
C PRO C 604 65.78 6.14 19.45
N ASP C 605 66.54 6.65 20.40
CA ASP C 605 67.43 5.84 21.21
C ASP C 605 66.62 5.12 22.29
N SER C 606 65.37 5.53 22.45
CA SER C 606 64.46 4.93 23.41
C SER C 606 63.52 3.96 22.72
N MSE C 613 58.16 -4.68 16.63
CA MSE C 613 56.94 -4.90 15.85
C MSE C 613 56.32 -6.26 16.16
O MSE C 613 55.32 -6.36 16.87
CB MSE C 613 57.22 -4.78 14.35
CG MSE C 613 56.00 -4.97 13.46
SE MSE C 613 56.39 -4.73 11.55
CE MSE C 613 54.62 -5.13 10.84
N GLY C 614 56.93 -7.31 15.62
CA GLY C 614 56.45 -8.66 15.85
C GLY C 614 57.28 -9.42 16.87
N PRO C 615 57.07 -10.73 16.96
CA PRO C 615 57.79 -11.55 17.94
C PRO C 615 58.98 -12.31 17.34
N LYS C 616 59.23 -12.10 16.04
CA LYS C 616 60.35 -12.78 15.39
C LYS C 616 61.51 -11.83 15.18
N TYR C 617 62.62 -12.37 14.68
CA TYR C 617 63.82 -11.57 14.45
C TYR C 617 63.72 -10.84 13.12
N SER C 618 62.97 -11.41 12.19
CA SER C 618 62.75 -10.78 10.89
C SER C 618 61.92 -9.50 11.04
N GLN C 619 61.34 -9.30 12.21
CA GLN C 619 60.49 -8.14 12.42
C GLN C 619 61.02 -7.31 13.57
N THR C 620 62.33 -7.38 13.78
CA THR C 620 62.98 -6.61 14.82
C THR C 620 63.62 -5.36 14.23
N LYS C 621 63.70 -4.32 15.05
CA LYS C 621 64.21 -3.01 14.64
C LYS C 621 65.59 -3.08 13.97
N GLU C 622 66.46 -3.94 14.49
CA GLU C 622 67.84 -4.05 14.00
C GLU C 622 67.91 -4.67 12.59
N TYR C 623 67.02 -5.64 12.34
CA TYR C 623 66.94 -6.30 11.05
C TYR C 623 66.68 -5.30 9.94
N LEU C 624 65.78 -4.36 10.18
CA LEU C 624 65.44 -3.32 9.23
C LEU C 624 66.71 -2.55 8.83
N LEU C 625 67.49 -2.18 9.85
CA LEU C 625 68.77 -1.50 9.65
C LEU C 625 69.67 -2.33 8.76
N GLN C 626 69.74 -3.63 9.04
CA GLN C 626 70.58 -4.51 8.23
C GLN C 626 70.13 -4.45 6.77
N MSE C 627 68.84 -4.62 6.53
CA MSE C 627 68.28 -4.54 5.17
C MSE C 627 68.72 -3.27 4.47
O MSE C 627 69.15 -3.30 3.30
CB MSE C 627 66.75 -4.60 5.22
CG MSE C 627 66.20 -5.96 5.65
SE MSE C 627 66.65 -7.38 4.39
CE MSE C 627 65.83 -6.63 2.78
N VAL C 628 68.63 -2.14 5.17
CA VAL C 628 69.03 -0.86 4.60
C VAL C 628 70.52 -0.88 4.20
N TRP C 629 71.36 -1.36 5.11
CA TRP C 629 72.79 -1.46 4.83
C TRP C 629 73.11 -2.35 3.62
N ILE C 630 72.42 -3.47 3.50
CA ILE C 630 72.60 -4.35 2.34
C ILE C 630 72.17 -3.64 1.04
N PHE C 631 71.07 -2.89 1.11
CA PHE C 631 70.61 -2.12 -0.06
C PHE C 631 71.72 -1.16 -0.51
N ALA C 632 72.21 -0.37 0.44
CA ALA C 632 73.30 0.57 0.19
C ALA C 632 74.53 -0.13 -0.37
N ALA C 633 74.86 -1.28 0.21
CA ALA C 633 76.00 -2.09 -0.23
C ALA C 633 75.87 -2.51 -1.68
N ASN C 634 74.72 -3.06 -2.04
CA ASN C 634 74.45 -3.49 -3.41
C ASN C 634 74.62 -2.33 -4.37
N MSE C 635 74.12 -1.17 -3.96
CA MSE C 635 74.25 0.01 -4.80
C MSE C 635 75.71 0.45 -4.94
O MSE C 635 76.13 0.95 -6.00
CB MSE C 635 73.41 1.16 -4.26
CG MSE C 635 72.92 2.09 -5.35
SE MSE C 635 71.24 2.94 -4.89
CE MSE C 635 71.91 4.26 -3.64
N TYR C 636 76.49 0.26 -3.88
CA TYR C 636 77.92 0.56 -3.92
C TYR C 636 78.63 -0.40 -4.87
N MSE C 637 78.13 -1.62 -4.95
CA MSE C 637 78.67 -2.63 -5.87
C MSE C 637 78.31 -2.30 -7.30
O MSE C 637 79.06 -2.63 -8.23
CB MSE C 637 78.17 -4.02 -5.52
CG MSE C 637 78.57 -4.54 -4.16
SE MSE C 637 78.05 -6.40 -3.95
CE MSE C 637 78.18 -6.53 -2.00
N ARG C 638 77.16 -1.65 -7.49
CA ARG C 638 76.72 -1.29 -8.82
C ARG C 638 77.70 -0.35 -9.52
N THR C 639 78.28 0.58 -8.77
CA THR C 639 79.32 1.44 -9.32
C THR C 639 80.67 0.72 -9.25
N LYS C 640 81.35 0.64 -10.38
CA LYS C 640 82.66 -0.01 -10.45
C LYS C 640 83.76 0.81 -9.77
N ASP C 641 83.44 2.05 -9.40
CA ASP C 641 84.45 2.98 -8.92
C ASP C 641 84.87 2.77 -7.45
N ASN C 642 83.92 2.36 -6.61
CA ASN C 642 84.21 2.17 -5.18
C ASN C 642 83.57 0.96 -4.50
N ASP C 643 84.39 -0.07 -4.32
CA ASP C 643 83.98 -1.30 -3.67
C ASP C 643 84.21 -1.29 -2.15
N GLU C 644 85.12 -0.45 -1.67
CA GLU C 644 85.43 -0.38 -0.23
C GLU C 644 84.25 0.10 0.62
N ASP C 645 83.46 1.01 0.07
CA ASP C 645 82.26 1.48 0.74
C ASP C 645 81.25 0.35 0.92
N ALA C 646 81.16 -0.52 -0.08
CA ALA C 646 80.29 -1.69 0.00
C ALA C 646 80.76 -2.66 1.09
N LYS C 647 82.07 -2.86 1.17
CA LYS C 647 82.66 -3.73 2.17
C LYS C 647 82.38 -3.19 3.58
N ALA C 648 82.59 -1.90 3.73
CA ALA C 648 82.32 -1.21 4.98
C ALA C 648 80.85 -1.32 5.35
N ALA C 649 80.00 -1.21 4.34
CA ALA C 649 78.56 -1.34 4.51
C ALA C 649 78.18 -2.73 5.03
N ILE C 650 78.76 -3.76 4.43
CA ILE C 650 78.48 -5.13 4.88
C ILE C 650 78.97 -5.36 6.31
N LYS C 651 80.16 -4.88 6.63
CA LYS C 651 80.67 -4.99 8.01
C LYS C 651 79.76 -4.26 9.01
N GLU C 652 79.33 -3.05 8.65
CA GLU C 652 78.43 -2.27 9.50
C GLU C 652 77.13 -3.02 9.70
N ALA C 653 76.66 -3.66 8.63
CA ALA C 653 75.42 -4.43 8.64
C ALA C 653 75.48 -5.64 9.57
N SER C 654 76.55 -6.41 9.44
CA SER C 654 76.74 -7.62 10.25
C SER C 654 76.93 -7.26 11.72
N ASN C 655 77.52 -6.09 11.94
CA ASN C 655 77.81 -5.61 13.29
C ASN C 655 76.54 -5.24 14.05
N ASN C 662 71.51 -11.09 9.07
CA ASN C 662 70.89 -12.39 8.89
C ASN C 662 71.54 -13.13 7.71
N LEU C 663 70.71 -13.66 6.82
CA LEU C 663 71.19 -14.41 5.65
C LEU C 663 71.51 -13.48 4.51
N ASN C 664 70.88 -12.31 4.51
CA ASN C 664 71.06 -11.36 3.43
C ASN C 664 72.45 -10.73 3.49
N CYS C 665 73.03 -10.74 4.69
CA CYS C 665 74.41 -10.34 4.88
C CYS C 665 75.32 -11.35 4.19
N ASN C 666 74.94 -12.62 4.27
CA ASN C 666 75.69 -13.70 3.65
C ASN C 666 75.55 -13.65 2.13
N ILE C 667 74.35 -13.31 1.65
CA ILE C 667 74.11 -13.18 0.22
C ILE C 667 74.91 -12.01 -0.34
N ALA C 668 74.99 -10.94 0.46
CA ALA C 668 75.76 -9.76 0.09
C ALA C 668 77.25 -10.11 0.03
N ASN C 669 77.72 -10.82 1.05
CA ASN C 669 79.10 -11.29 1.08
C ASN C 669 79.41 -12.19 -0.09
N GLY C 670 78.41 -12.97 -0.52
CA GLY C 670 78.55 -13.87 -1.64
C GLY C 670 78.69 -13.15 -2.97
N TYR C 671 77.78 -12.20 -3.22
CA TYR C 671 77.84 -11.41 -4.44
C TYR C 671 79.07 -10.50 -4.50
N LEU C 672 79.54 -10.07 -3.33
CA LEU C 672 80.74 -9.25 -3.26
C LEU C 672 81.97 -10.00 -3.77
N SER C 673 81.96 -11.32 -3.66
CA SER C 673 83.14 -12.08 -3.99
C SER C 673 83.38 -12.25 -5.49
N ILE C 674 82.30 -12.26 -6.28
CA ILE C 674 82.44 -12.26 -7.73
C ILE C 674 83.16 -10.99 -8.19
N ILE C 675 82.83 -9.89 -7.52
CA ILE C 675 83.37 -8.58 -7.84
C ILE C 675 84.69 -8.34 -7.13
N PRO C 679 85.29 -16.63 -7.37
CA PRO C 679 85.97 -17.60 -6.50
C PRO C 679 85.00 -18.53 -5.78
N GLY C 680 85.55 -19.47 -5.02
CA GLY C 680 84.75 -20.45 -4.31
C GLY C 680 84.17 -19.98 -2.99
N VAL C 681 84.67 -18.86 -2.47
CA VAL C 681 84.15 -18.30 -1.23
C VAL C 681 82.71 -17.85 -1.43
N ALA C 682 82.43 -17.30 -2.60
CA ALA C 682 81.07 -16.94 -2.97
C ALA C 682 80.19 -18.18 -2.93
N LEU C 683 80.71 -19.27 -3.49
CA LEU C 683 80.02 -20.55 -3.52
C LEU C 683 79.67 -21.00 -2.11
N LYS C 684 80.65 -20.92 -1.21
CA LYS C 684 80.44 -21.25 0.20
C LYS C 684 79.33 -20.41 0.80
N GLU C 685 79.35 -19.10 0.54
CA GLU C 685 78.33 -18.20 1.06
C GLU C 685 76.92 -18.56 0.58
N PHE C 686 76.78 -18.80 -0.72
CA PHE C 686 75.48 -19.12 -1.30
C PHE C 686 74.96 -20.47 -0.80
N GLU C 687 75.85 -21.44 -0.67
CA GLU C 687 75.48 -22.74 -0.10
C GLU C 687 74.99 -22.57 1.33
N THR C 688 75.72 -21.74 2.08
CA THR C 688 75.40 -21.48 3.47
C THR C 688 74.01 -20.87 3.60
N VAL C 689 73.68 -19.94 2.71
CA VAL C 689 72.34 -19.35 2.70
C VAL C 689 71.29 -20.39 2.32
N LEU C 690 71.60 -21.21 1.32
CA LEU C 690 70.67 -22.20 0.82
C LEU C 690 70.33 -23.29 1.86
N TYR C 691 71.19 -23.46 2.86
CA TYR C 691 70.96 -24.45 3.92
C TYR C 691 69.73 -24.19 4.78
N TYR C 692 69.69 -22.99 5.34
CA TYR C 692 68.66 -22.58 6.29
C TYR C 692 67.32 -22.33 5.56
N ASP C 693 67.36 -21.51 4.53
CA ASP C 693 66.16 -21.31 3.74
C ASP C 693 66.30 -21.94 2.35
N GLU C 694 65.57 -23.05 2.16
CA GLU C 694 65.64 -23.87 0.96
C GLU C 694 65.25 -23.06 -0.27
N ASN C 695 64.27 -22.18 -0.10
CA ASN C 695 63.70 -21.44 -1.22
C ASN C 695 64.20 -20.00 -1.44
N ASN C 696 65.26 -19.60 -0.75
CA ASN C 696 65.77 -18.23 -0.89
C ASN C 696 66.10 -17.92 -2.35
N LEU C 697 65.68 -16.77 -2.86
CA LEU C 697 65.75 -16.50 -4.30
C LEU C 697 67.10 -16.06 -4.83
N ASP C 698 67.60 -14.94 -4.34
CA ASP C 698 68.84 -14.37 -4.89
C ASP C 698 70.04 -15.25 -4.58
N ALA C 699 69.91 -16.06 -3.53
CA ALA C 699 70.88 -17.11 -3.24
C ALA C 699 70.88 -18.14 -4.36
N LEU C 700 69.69 -18.58 -4.75
CA LEU C 700 69.55 -19.54 -5.85
C LEU C 700 70.11 -18.97 -7.15
N VAL C 701 69.80 -17.70 -7.41
CA VAL C 701 70.25 -17.04 -8.62
C VAL C 701 71.77 -16.93 -8.65
N GLY C 702 72.36 -16.57 -7.51
CA GLY C 702 73.82 -16.47 -7.43
C GLY C 702 74.49 -17.82 -7.61
N PHE C 703 74.00 -18.81 -6.90
CA PHE C 703 74.48 -20.19 -7.02
C PHE C 703 74.45 -20.64 -8.47
N ALA C 704 73.30 -20.42 -9.11
CA ALA C 704 73.11 -20.78 -10.51
C ALA C 704 74.05 -20.01 -11.42
N GLU C 705 74.35 -18.76 -11.04
CA GLU C 705 75.30 -17.95 -11.80
C GLU C 705 76.68 -18.60 -11.75
N LEU C 706 77.04 -19.10 -10.57
CA LEU C 706 78.30 -19.81 -10.41
C LEU C 706 78.32 -21.10 -11.21
N ILE C 707 77.15 -21.73 -11.34
CA ILE C 707 77.06 -22.97 -12.12
C ILE C 707 77.02 -22.65 -13.62
N PHE C 708 76.59 -21.43 -13.94
CA PHE C 708 76.50 -21.00 -15.34
C PHE C 708 77.22 -19.68 -15.57
N PHE C 729 86.03 -23.39 -10.04
CA PHE C 729 86.13 -23.99 -8.71
C PHE C 729 86.83 -25.37 -8.76
N VAL C 730 86.35 -26.29 -7.92
CA VAL C 730 86.96 -27.61 -7.71
C VAL C 730 86.95 -28.43 -9.00
N ASN C 731 87.76 -29.48 -9.06
CA ASN C 731 87.80 -30.38 -10.22
C ASN C 731 86.41 -30.69 -10.81
N ASP C 732 86.38 -30.75 -12.14
CA ASP C 732 85.18 -30.87 -12.96
C ASP C 732 84.03 -31.81 -12.57
N THR C 733 84.32 -33.00 -12.07
CA THR C 733 83.23 -33.92 -11.74
C THR C 733 82.35 -33.40 -10.60
N ASP C 734 82.94 -32.66 -9.67
CA ASP C 734 82.17 -32.09 -8.57
C ASP C 734 81.18 -31.04 -9.09
N ARG C 735 81.40 -30.57 -10.31
CA ARG C 735 80.52 -29.57 -10.88
C ARG C 735 79.18 -30.23 -11.12
N SER C 736 79.24 -31.49 -11.52
CA SER C 736 78.02 -32.22 -11.81
C SER C 736 77.21 -32.32 -10.54
N ALA C 737 77.91 -32.51 -9.42
CA ALA C 737 77.19 -32.66 -8.17
C ALA C 737 76.50 -31.35 -7.87
N ALA C 738 77.24 -30.26 -8.04
CA ALA C 738 76.67 -28.96 -7.75
C ALA C 738 75.50 -28.72 -8.69
N TYR C 739 75.69 -29.13 -9.93
CA TYR C 739 74.65 -28.96 -10.93
C TYR C 739 73.38 -29.62 -10.47
N ALA C 740 73.51 -30.85 -9.97
CA ALA C 740 72.34 -31.61 -9.59
C ALA C 740 71.56 -30.87 -8.52
N ARG C 741 72.28 -30.37 -7.53
CA ARG C 741 71.68 -29.66 -6.42
C ARG C 741 70.89 -28.48 -6.88
N LEU C 742 71.55 -27.70 -7.74
CA LEU C 742 70.97 -26.48 -8.21
C LEU C 742 69.67 -26.85 -8.90
N LYS C 743 69.76 -27.89 -9.72
CA LYS C 743 68.60 -28.35 -10.43
C LYS C 743 67.53 -28.73 -9.43
N PHE C 744 67.90 -29.61 -8.51
CA PHE C 744 66.99 -30.08 -7.47
C PHE C 744 66.35 -28.90 -6.77
N LEU C 745 67.18 -27.94 -6.35
CA LEU C 745 66.67 -26.80 -5.60
C LEU C 745 65.60 -26.08 -6.39
N LEU C 746 65.93 -25.75 -7.64
CA LEU C 746 65.00 -24.99 -8.46
C LEU C 746 63.72 -25.79 -8.64
N GLU C 747 63.87 -27.09 -8.84
CA GLU C 747 62.71 -27.92 -9.05
C GLU C 747 61.80 -27.82 -7.84
N CYS C 748 62.40 -27.94 -6.65
CA CYS C 748 61.62 -27.86 -5.41
C CYS C 748 60.97 -26.49 -5.31
N ALA C 749 61.71 -25.46 -5.71
CA ALA C 749 61.20 -24.10 -5.60
C ALA C 749 59.94 -23.96 -6.42
N ILE C 750 59.91 -24.60 -7.59
CA ILE C 750 58.77 -24.47 -8.48
C ILE C 750 57.52 -25.02 -7.83
N LEU C 751 57.68 -26.02 -6.97
CA LEU C 751 56.53 -26.64 -6.36
C LEU C 751 56.24 -26.07 -4.98
N GLU C 752 57.16 -25.25 -4.45
CA GLU C 752 56.96 -24.78 -3.08
C GLU C 752 56.78 -23.27 -2.96
N SER C 753 57.73 -22.51 -3.47
CA SER C 753 57.72 -21.05 -3.31
C SER C 753 56.91 -20.30 -4.36
N ILE C 754 56.04 -19.41 -3.90
CA ILE C 754 55.30 -18.53 -4.81
C ILE C 754 56.24 -17.54 -5.48
N GLU C 755 57.08 -16.90 -4.69
CA GLU C 755 58.01 -15.88 -5.18
C GLU C 755 58.93 -16.46 -6.25
N ALA C 756 59.25 -17.75 -6.11
CA ALA C 756 60.15 -18.44 -7.03
C ALA C 756 59.47 -18.85 -8.33
N TYR C 757 58.20 -19.23 -8.23
CA TYR C 757 57.44 -19.69 -9.40
C TYR C 757 57.28 -18.61 -10.45
N TYR C 758 57.03 -17.38 -10.01
CA TYR C 758 56.82 -16.27 -10.91
C TYR C 758 58.08 -15.44 -11.09
N SER C 759 59.24 -16.10 -11.04
CA SER C 759 60.52 -15.42 -11.23
C SER C 759 61.13 -15.77 -12.59
N PRO C 760 61.41 -14.73 -13.40
CA PRO C 760 61.95 -14.89 -14.75
C PRO C 760 63.36 -15.47 -14.76
N GLU C 761 64.14 -15.19 -13.72
CA GLU C 761 65.52 -15.64 -13.66
C GLU C 761 65.58 -17.13 -13.35
N VAL C 762 64.69 -17.58 -12.47
CA VAL C 762 64.59 -18.99 -12.12
C VAL C 762 64.30 -19.80 -13.38
N TRP C 763 63.36 -19.31 -14.18
CA TRP C 763 62.98 -19.98 -15.42
C TRP C 763 64.08 -19.84 -16.47
N TRP C 764 64.86 -18.76 -16.39
CA TRP C 764 65.99 -18.57 -17.30
C TRP C 764 67.05 -19.65 -17.08
N TYR C 765 67.56 -19.73 -15.86
CA TYR C 765 68.60 -20.71 -15.55
C TYR C 765 68.04 -22.11 -15.67
N LEU C 766 66.75 -22.25 -15.41
CA LEU C 766 66.07 -23.52 -15.58
C LEU C 766 66.08 -23.94 -17.04
N SER C 767 65.88 -22.96 -17.92
CA SER C 767 65.93 -23.21 -19.36
C SER C 767 67.34 -23.60 -19.75
N LEU C 768 68.34 -22.93 -19.17
CA LEU C 768 69.73 -23.30 -19.40
C LEU C 768 69.99 -24.75 -18.98
N ILE C 769 69.29 -25.20 -17.95
CA ILE C 769 69.36 -26.60 -17.53
C ILE C 769 68.68 -27.51 -18.55
N TYR C 770 67.47 -27.14 -18.98
CA TYR C 770 66.65 -27.96 -19.85
C TYR C 770 67.10 -27.91 -21.31
N GLU C 771 68.28 -27.33 -21.57
CA GLU C 771 68.78 -27.18 -22.94
C GLU C 771 68.97 -28.49 -23.69
N LYS C 772 68.93 -29.61 -22.97
CA LYS C 772 69.15 -30.92 -23.59
C LYS C 772 67.82 -31.61 -23.83
N ASP C 776 60.36 -31.16 -23.86
CA ASP C 776 59.18 -30.38 -24.23
C ASP C 776 58.86 -29.34 -23.16
N GLU C 777 59.34 -29.59 -21.95
CA GLU C 777 59.13 -28.68 -20.82
C GLU C 777 59.97 -27.41 -21.02
N TYR C 778 61.03 -27.56 -21.81
CA TYR C 778 61.95 -26.49 -22.12
C TYR C 778 61.24 -25.35 -22.85
N LYS C 779 60.44 -25.71 -23.85
CA LYS C 779 59.67 -24.76 -24.65
C LYS C 779 58.88 -23.79 -23.78
N ASN C 780 58.05 -24.37 -22.91
CA ASN C 780 57.23 -23.55 -22.02
C ASN C 780 58.09 -22.82 -21.01
N SER C 781 59.21 -23.40 -20.61
CA SER C 781 60.11 -22.71 -19.68
C SER C 781 60.64 -21.40 -20.28
N LEU C 782 61.03 -21.43 -21.55
CA LEU C 782 61.45 -20.20 -22.23
C LEU C 782 60.30 -19.20 -22.34
N LEU C 783 59.13 -19.70 -22.73
CA LEU C 783 57.96 -18.80 -22.84
C LEU C 783 57.69 -18.09 -21.51
N LYS C 784 57.70 -18.86 -20.44
CA LYS C 784 57.53 -18.32 -19.09
C LYS C 784 58.62 -17.30 -18.78
N CYS C 785 59.85 -17.62 -19.15
CA CYS C 785 60.95 -16.71 -18.85
C CYS C 785 60.75 -15.36 -19.52
N ILE C 786 60.28 -15.36 -20.77
CA ILE C 786 59.99 -14.09 -21.46
C ILE C 786 58.82 -13.33 -20.80
N LYS C 787 57.73 -14.06 -20.56
CA LYS C 787 56.54 -13.50 -19.94
C LYS C 787 56.82 -12.83 -18.60
N TYR C 788 57.48 -13.55 -17.70
CA TYR C 788 57.80 -13.01 -16.40
C TYR C 788 58.92 -11.96 -16.46
N GLN C 789 59.75 -12.05 -17.50
CA GLN C 789 60.76 -11.02 -17.73
C GLN C 789 60.07 -9.68 -17.99
N GLU C 790 58.90 -9.76 -18.63
CA GLU C 790 58.15 -8.54 -18.95
C GLU C 790 57.27 -8.04 -17.79
N LEU C 791 57.06 -8.88 -16.78
CA LEU C 791 56.18 -8.52 -15.67
C LEU C 791 56.85 -8.64 -14.30
N ASN C 792 57.97 -7.96 -14.11
CA ASN C 792 58.64 -7.96 -12.81
C ASN C 792 58.74 -6.56 -12.22
N PRO C 793 58.48 -6.44 -10.91
CA PRO C 793 58.62 -5.15 -10.22
C PRO C 793 60.07 -4.87 -9.86
N ILE C 794 60.38 -3.64 -9.46
CA ILE C 794 61.74 -3.29 -9.09
C ILE C 794 62.21 -4.10 -7.90
N ARG C 795 61.50 -3.95 -6.78
CA ARG C 795 61.74 -4.80 -5.62
C ARG C 795 60.56 -5.77 -5.43
N SER C 796 60.79 -6.86 -4.72
CA SER C 796 59.75 -7.86 -4.49
C SER C 796 58.61 -7.29 -3.66
N LEU C 797 57.43 -7.88 -3.79
CA LEU C 797 56.21 -7.31 -3.20
C LEU C 797 56.08 -7.46 -1.68
N ARG C 798 56.81 -8.42 -1.11
CA ARG C 798 56.69 -8.75 0.32
C ARG C 798 56.96 -7.54 1.22
N TYR C 799 57.54 -6.50 0.64
CA TYR C 799 57.94 -5.31 1.38
C TYR C 799 56.76 -4.36 1.52
N CYS C 800 55.55 -4.87 1.27
CA CYS C 800 54.34 -4.09 1.53
C CYS C 800 53.55 -4.61 2.73
N ASN C 801 53.92 -5.77 3.27
CA ASN C 801 53.17 -6.40 4.34
C ASN C 801 53.59 -5.88 5.71
N TYR C 802 52.97 -4.78 6.17
CA TYR C 802 53.43 -4.14 7.39
C TYR C 802 52.30 -3.43 8.14
N VAL D 7 -65.95 -15.61 -56.90
CA VAL D 7 -65.63 -14.79 -58.05
C VAL D 7 -64.45 -13.81 -57.80
N PRO D 8 -64.46 -13.09 -56.66
CA PRO D 8 -63.40 -12.07 -56.51
C PRO D 8 -61.96 -12.58 -56.37
N SER D 9 -61.79 -13.85 -56.00
CA SER D 9 -60.48 -14.38 -55.60
C SER D 9 -59.39 -14.34 -56.68
N LYS D 10 -59.78 -14.06 -57.92
CA LYS D 10 -58.80 -14.05 -59.00
C LYS D 10 -58.55 -12.65 -59.51
N ILE D 11 -59.59 -11.82 -59.52
CA ILE D 11 -59.49 -10.47 -60.10
C ILE D 11 -59.33 -9.31 -59.10
N ILE D 12 -59.90 -9.40 -57.90
CA ILE D 12 -59.68 -8.32 -56.93
C ILE D 12 -58.19 -8.24 -56.59
N ASP D 13 -57.50 -9.37 -56.76
CA ASP D 13 -56.06 -9.40 -56.58
C ASP D 13 -55.40 -8.52 -57.66
N VAL D 14 -55.98 -8.55 -58.86
CA VAL D 14 -55.50 -7.72 -59.97
C VAL D 14 -55.71 -6.25 -59.66
N VAL D 15 -56.88 -5.92 -59.11
CA VAL D 15 -57.18 -4.55 -58.71
C VAL D 15 -56.14 -4.08 -57.68
N ASP D 16 -55.84 -4.98 -56.74
CA ASP D 16 -54.84 -4.71 -55.72
C ASP D 16 -53.49 -4.41 -56.37
N GLN D 17 -53.07 -5.23 -57.33
CA GLN D 17 -51.79 -5.00 -57.99
C GLN D 17 -51.75 -3.62 -58.66
N ALA D 18 -52.87 -3.25 -59.28
CA ALA D 18 -52.98 -1.94 -59.89
C ALA D 18 -52.75 -0.84 -58.86
N LEU D 19 -53.42 -0.96 -57.72
CA LEU D 19 -53.27 0.04 -56.65
C LEU D 19 -51.86 0.07 -56.08
N ARG D 20 -51.19 -1.08 -56.05
CA ARG D 20 -49.81 -1.18 -55.58
C ARG D 20 -48.91 -0.33 -56.46
N ALA D 21 -49.01 -0.60 -57.76
CA ALA D 21 -48.24 0.12 -58.75
C ALA D 21 -48.51 1.61 -58.63
N ARG D 22 -49.78 1.98 -58.47
CA ARG D 22 -50.14 3.39 -58.33
C ARG D 22 -49.49 4.00 -57.08
N LEU D 23 -49.41 3.22 -56.00
CA LEU D 23 -48.82 3.72 -54.78
C LEU D 23 -47.31 3.89 -54.93
N LEU D 24 -46.75 3.23 -55.94
CA LEU D 24 -45.33 3.41 -56.20
C LEU D 24 -45.05 4.50 -57.24
N GLY D 25 -46.12 5.07 -57.78
CA GLY D 25 -45.96 6.06 -58.84
C GLY D 25 -46.18 5.44 -60.21
N GLY D 26 -46.77 4.24 -60.23
CA GLY D 26 -46.95 3.46 -61.44
C GLY D 26 -47.60 4.22 -62.58
N SER D 27 -47.15 3.93 -63.80
CA SER D 27 -47.59 4.66 -64.97
C SER D 27 -48.63 3.89 -65.79
N THR D 28 -48.51 2.58 -65.82
CA THR D 28 -49.37 1.75 -66.66
C THR D 28 -50.32 0.89 -65.82
N PHE D 29 -51.61 0.97 -66.15
CA PHE D 29 -52.64 0.28 -65.40
C PHE D 29 -53.41 -0.76 -66.20
N ASN D 30 -53.49 -1.96 -65.62
CA ASN D 30 -54.26 -3.05 -66.20
C ASN D 30 -55.28 -3.58 -65.21
N SER D 31 -56.08 -2.67 -64.66
CA SER D 31 -57.09 -3.03 -63.67
C SER D 31 -58.15 -3.90 -64.34
N GLY D 32 -59.09 -4.42 -63.56
CA GLY D 32 -60.07 -5.32 -64.13
C GLY D 32 -61.16 -4.48 -64.79
N PHE D 33 -61.05 -3.17 -64.61
CA PHE D 33 -62.05 -2.21 -65.07
C PHE D 33 -61.39 -1.08 -65.83
N ASP D 34 -61.66 -0.94 -67.13
CA ASP D 34 -61.02 0.11 -67.92
C ASP D 34 -61.31 1.49 -67.28
N SER D 35 -62.41 1.58 -66.53
CA SER D 35 -62.74 2.81 -65.80
C SER D 35 -61.63 3.20 -64.82
N LEU D 36 -61.19 2.24 -64.02
CA LEU D 36 -60.08 2.46 -63.09
C LEU D 36 -58.83 2.81 -63.87
N ASP D 37 -58.63 2.18 -65.01
CA ASP D 37 -57.49 2.48 -65.85
C ASP D 37 -57.47 3.96 -66.23
N SER D 38 -58.62 4.47 -66.65
CA SER D 38 -58.72 5.85 -67.09
C SER D 38 -58.53 6.83 -65.95
N VAL D 39 -59.20 6.56 -64.83
CA VAL D 39 -59.15 7.46 -63.69
C VAL D 39 -57.78 7.47 -63.00
N LEU D 40 -57.16 6.30 -62.90
CA LEU D 40 -55.83 6.17 -62.31
C LEU D 40 -54.79 6.78 -63.24
N ASN D 41 -55.03 6.71 -64.54
CA ASN D 41 -54.14 7.37 -65.49
C ASN D 41 -54.23 8.87 -65.31
N LEU D 42 -55.45 9.35 -65.11
CA LEU D 42 -55.69 10.76 -64.81
C LEU D 42 -54.89 11.17 -63.58
N GLN D 43 -54.99 10.37 -62.52
CA GLN D 43 -54.21 10.60 -61.31
C GLN D 43 -52.71 10.57 -61.58
N PHE D 44 -52.28 9.73 -62.51
CA PHE D 44 -50.87 9.59 -62.83
C PHE D 44 -50.33 10.87 -63.44
N ARG D 45 -51.05 11.40 -64.42
CA ARG D 45 -50.65 12.64 -65.10
C ARG D 45 -50.70 13.83 -64.14
N LEU D 46 -51.81 13.93 -63.42
CA LEU D 46 -51.98 14.95 -62.40
C LEU D 46 -50.83 14.93 -61.39
N HIS D 47 -50.46 13.74 -60.94
CA HIS D 47 -49.37 13.57 -59.98
C HIS D 47 -48.02 13.91 -60.60
N TYR D 48 -47.84 13.58 -61.87
CA TYR D 48 -46.65 14.02 -62.58
C TYR D 48 -46.48 15.51 -62.36
N HIS D 49 -47.47 16.28 -62.82
CA HIS D 49 -47.35 17.74 -62.77
C HIS D 49 -47.33 18.33 -61.35
N VAL D 50 -48.20 17.83 -60.47
CA VAL D 50 -48.29 18.36 -59.10
C VAL D 50 -47.13 17.96 -58.19
N ILE D 51 -46.73 16.69 -58.22
CA ILE D 51 -45.61 16.22 -57.40
C ILE D 51 -44.30 16.80 -57.90
N GLY D 52 -44.13 16.92 -59.22
CA GLY D 52 -42.88 17.44 -59.73
C GLY D 52 -42.64 18.88 -59.30
N SER D 53 -43.52 19.78 -59.73
CA SER D 53 -43.41 21.21 -59.40
C SER D 53 -44.68 21.70 -58.73
N ASN D 54 -44.60 22.85 -58.07
CA ASN D 54 -45.78 23.48 -57.48
C ASN D 54 -46.85 23.74 -58.52
N GLY D 55 -46.44 24.18 -59.70
CA GLY D 55 -47.39 24.63 -60.69
C GLY D 55 -47.44 23.83 -61.98
N PRO D 56 -48.53 23.07 -62.15
CA PRO D 56 -48.93 22.59 -63.48
C PRO D 56 -49.43 23.78 -64.30
N ALA D 57 -49.03 23.86 -65.57
CA ALA D 57 -49.32 25.02 -66.41
C ALA D 57 -50.81 25.13 -66.71
N LYS D 58 -51.31 26.37 -66.82
CA LYS D 58 -52.73 26.60 -67.10
C LYS D 58 -53.30 25.80 -68.27
N PRO D 59 -52.51 25.59 -69.35
CA PRO D 59 -53.04 24.69 -70.38
C PRO D 59 -53.16 23.25 -69.93
N VAL D 60 -52.25 22.78 -69.08
CA VAL D 60 -52.30 21.40 -68.64
C VAL D 60 -53.38 21.23 -67.58
N CYS D 61 -53.53 22.24 -66.72
CA CYS D 61 -54.62 22.26 -65.76
C CYS D 61 -55.96 22.23 -66.49
N ASP D 62 -56.05 22.97 -67.58
CA ASP D 62 -57.25 22.99 -68.39
C ASP D 62 -57.53 21.64 -69.06
N VAL D 63 -56.54 21.08 -69.74
CA VAL D 63 -56.73 19.77 -70.38
C VAL D 63 -57.14 18.69 -69.39
N LEU D 64 -56.44 18.62 -68.27
CA LEU D 64 -56.72 17.59 -67.28
C LEU D 64 -58.09 17.79 -66.62
N LEU D 65 -58.44 19.05 -66.38
CA LEU D 65 -59.73 19.38 -65.78
C LEU D 65 -60.90 19.04 -66.71
N LYS D 66 -60.76 19.44 -67.98
CA LYS D 66 -61.78 19.15 -68.99
C LYS D 66 -61.94 17.65 -69.14
N GLU D 67 -60.82 16.94 -69.20
CA GLU D 67 -60.83 15.49 -69.28
C GLU D 67 -61.60 14.90 -68.12
N SER D 68 -61.30 15.34 -66.89
CA SER D 68 -61.96 14.79 -65.70
C SER D 68 -63.46 15.05 -65.67
N GLN D 69 -63.83 16.29 -66.02
CA GLN D 69 -65.22 16.69 -66.06
C GLN D 69 -66.01 15.83 -67.04
N ASN D 70 -65.47 15.68 -68.26
CA ASN D 70 -66.05 14.78 -69.26
C ASN D 70 -66.16 13.34 -68.73
N LEU D 71 -65.12 12.92 -68.01
CA LEU D 71 -65.02 11.58 -67.42
C LEU D 71 -66.11 11.23 -66.42
N GLU D 72 -66.49 12.14 -65.54
CA GLU D 72 -67.54 11.79 -64.56
C GLU D 72 -68.87 11.33 -65.20
N LYS D 73 -69.30 12.11 -66.20
CA LYS D 73 -70.55 11.81 -66.89
C LYS D 73 -70.33 10.55 -67.72
N ASN D 74 -69.17 10.48 -68.35
CA ASN D 74 -68.85 9.31 -69.17
C ASN D 74 -68.67 8.06 -68.30
N MSE D 75 -68.55 8.27 -66.99
CA MSE D 75 -68.36 7.19 -66.05
C MSE D 75 -69.69 6.63 -65.65
O MSE D 75 -69.85 5.42 -65.48
CB MSE D 75 -67.61 7.68 -64.81
CG MSE D 75 -67.68 6.74 -63.63
SE MSE D 75 -66.49 7.37 -62.24
CE MSE D 75 -65.21 8.29 -63.38
N SER D 76 -70.68 7.52 -65.50
CA SER D 76 -72.04 7.01 -65.41
C SER D 76 -72.40 6.31 -66.72
N MSE D 77 -71.81 6.77 -67.82
CA MSE D 77 -72.11 6.20 -69.14
C MSE D 77 -71.59 4.77 -69.36
O MSE D 77 -72.34 3.90 -69.79
CB MSE D 77 -71.55 7.10 -70.25
CG MSE D 77 -72.40 8.33 -70.53
SE MSE D 77 -74.18 7.87 -71.18
CE MSE D 77 -73.68 6.90 -72.79
N MSE D 78 -70.31 4.54 -69.08
CA MSE D 78 -69.68 3.25 -69.36
C MSE D 78 -70.38 2.09 -68.65
O MSE D 78 -70.44 0.98 -69.18
CB MSE D 78 -68.19 3.28 -68.99
CG MSE D 78 -67.33 4.21 -69.85
SE MSE D 78 -67.35 3.78 -71.76
CE MSE D 78 -68.63 5.11 -72.39
N GLU D 79 -70.88 2.35 -67.45
CA GLU D 79 -71.86 1.49 -66.77
C GLU D 79 -71.35 0.09 -66.35
N GLU D 80 -70.08 -0.20 -66.58
CA GLU D 80 -69.57 -1.54 -66.33
C GLU D 80 -69.36 -1.80 -64.84
N LEU D 81 -69.06 -0.73 -64.11
CA LEU D 81 -68.84 -0.80 -62.67
C LEU D 81 -70.10 -0.98 -61.83
N ASN D 82 -71.28 -0.88 -62.44
CA ASN D 82 -72.51 -0.98 -61.68
C ASN D 82 -72.60 -2.28 -60.89
N ASP D 83 -72.07 -3.35 -61.47
CA ASP D 83 -72.05 -4.67 -60.85
C ASP D 83 -71.30 -4.72 -59.52
N TYR D 84 -70.28 -3.88 -59.38
CA TYR D 84 -69.52 -3.80 -58.14
C TYR D 84 -69.51 -2.37 -57.62
N PRO D 85 -70.06 -2.18 -56.41
CA PRO D 85 -70.32 -0.95 -55.65
C PRO D 85 -69.08 -0.23 -55.17
N GLU D 86 -68.35 -0.89 -54.27
CA GLU D 86 -67.25 -0.28 -53.56
C GLU D 86 -66.13 0.21 -54.47
N ILE D 87 -65.90 -0.51 -55.57
CA ILE D 87 -64.87 -0.08 -56.52
C ILE D 87 -65.36 1.20 -57.18
N THR D 88 -66.66 1.25 -57.49
CA THR D 88 -67.26 2.43 -58.11
C THR D 88 -67.06 3.62 -57.17
N LYS D 89 -67.23 3.35 -55.88
CA LYS D 89 -67.06 4.36 -54.84
C LYS D 89 -65.61 4.84 -54.80
N LEU D 90 -64.68 3.91 -54.93
CA LEU D 90 -63.25 4.23 -54.93
C LEU D 90 -62.91 5.15 -56.08
N VAL D 91 -63.42 4.80 -57.26
CA VAL D 91 -63.22 5.59 -58.47
C VAL D 91 -63.77 7.01 -58.25
N GLU D 92 -64.92 7.10 -57.57
CA GLU D 92 -65.50 8.40 -57.26
C GLU D 92 -64.55 9.21 -56.38
N LYS D 93 -63.97 8.54 -55.38
CA LYS D 93 -63.01 9.16 -54.48
C LYS D 93 -61.85 9.76 -55.26
N ILE D 94 -61.25 8.94 -56.12
CA ILE D 94 -60.09 9.37 -56.90
C ILE D 94 -60.44 10.54 -57.81
N LEU D 95 -61.53 10.41 -58.56
CA LEU D 95 -61.90 11.43 -59.52
C LEU D 95 -62.19 12.78 -58.85
N PHE D 96 -62.96 12.77 -57.77
CA PHE D 96 -63.28 14.03 -57.10
C PHE D 96 -62.08 14.59 -56.35
N ASN D 97 -61.17 13.71 -55.91
CA ASN D 97 -59.91 14.19 -55.38
C ASN D 97 -59.16 14.99 -56.44
N CYS D 98 -59.03 14.39 -57.62
CA CYS D 98 -58.37 15.04 -58.75
C CYS D 98 -59.00 16.39 -59.10
N LEU D 99 -60.34 16.39 -59.20
CA LEU D 99 -61.06 17.63 -59.47
C LEU D 99 -60.74 18.68 -58.41
N GLY D 100 -60.73 18.26 -57.14
CA GLY D 100 -60.37 19.16 -56.05
C GLY D 100 -58.99 19.76 -56.22
N ILE D 101 -58.02 18.92 -56.59
CA ILE D 101 -56.65 19.35 -56.80
C ILE D 101 -56.57 20.40 -57.90
N LEU D 102 -57.10 20.04 -59.07
CA LEU D 102 -57.05 20.92 -60.23
C LEU D 102 -57.72 22.26 -59.94
N PHE D 103 -58.93 22.19 -59.38
CA PHE D 103 -59.67 23.40 -59.03
C PHE D 103 -58.89 24.25 -58.03
N PHE D 104 -58.18 23.61 -57.12
CA PHE D 104 -57.33 24.35 -56.19
C PHE D 104 -56.22 25.09 -56.92
N HIS D 105 -55.54 24.40 -57.84
CA HIS D 105 -54.39 24.98 -58.53
C HIS D 105 -54.78 26.04 -59.55
N ARG D 106 -56.00 25.97 -60.07
CA ARG D 106 -56.49 27.01 -60.96
C ARG D 106 -56.90 28.26 -60.17
N GLY D 107 -57.30 28.06 -58.92
CA GLY D 107 -57.67 29.17 -58.05
C GLY D 107 -59.16 29.30 -57.79
N GLN D 108 -59.86 28.17 -57.84
CA GLN D 108 -61.30 28.14 -57.63
C GLN D 108 -61.62 27.41 -56.32
N PHE D 109 -61.37 28.09 -55.21
CA PHE D 109 -61.38 27.47 -53.88
C PHE D 109 -62.72 26.87 -53.44
N GLN D 110 -63.83 27.51 -53.80
CA GLN D 110 -65.14 27.00 -53.41
C GLN D 110 -65.37 25.65 -54.08
N GLU D 111 -64.99 25.55 -55.35
CA GLU D 111 -65.14 24.30 -56.09
C GLU D 111 -64.22 23.21 -55.54
N SER D 112 -62.99 23.60 -55.19
CA SER D 112 -62.05 22.67 -54.58
C SER D 112 -62.62 22.10 -53.29
N GLN D 113 -63.09 22.98 -52.41
CA GLN D 113 -63.69 22.56 -51.15
C GLN D 113 -64.90 21.66 -51.39
N ARG D 114 -65.70 21.98 -52.41
CA ARG D 114 -66.87 21.18 -52.75
C ARG D 114 -66.47 19.75 -53.12
N CYS D 115 -65.51 19.65 -54.03
CA CYS D 115 -65.04 18.36 -54.51
C CYS D 115 -64.39 17.53 -53.40
N LEU D 116 -63.53 18.19 -52.61
CA LEU D 116 -62.82 17.52 -51.52
C LEU D 116 -63.79 17.00 -50.46
N LEU D 117 -64.74 17.84 -50.06
CA LEU D 117 -65.72 17.43 -49.07
C LEU D 117 -66.61 16.30 -49.60
N HIS D 118 -66.90 16.36 -50.90
CA HIS D 118 -67.68 15.29 -51.53
C HIS D 118 -66.91 13.98 -51.44
N SER D 119 -65.64 14.03 -51.84
CA SER D 119 -64.77 12.86 -51.80
C SER D 119 -64.64 12.26 -50.41
N LEU D 120 -64.49 13.11 -49.40
CA LEU D 120 -64.44 12.66 -48.00
C LEU D 120 -65.75 11.94 -47.64
N LYS D 121 -66.87 12.54 -48.04
CA LYS D 121 -68.18 11.94 -47.79
C LYS D 121 -68.24 10.56 -48.44
N ILE D 122 -67.61 10.43 -49.60
CA ILE D 122 -67.51 9.15 -50.29
C ILE D 122 -66.60 8.19 -49.53
N HIS D 123 -65.60 8.75 -48.84
CA HIS D 123 -64.67 7.95 -48.05
C HIS D 123 -65.40 7.23 -46.93
N ASN D 124 -66.32 7.92 -46.27
CA ASN D 124 -67.04 7.24 -45.19
C ASN D 124 -67.84 6.05 -45.73
N ASN D 125 -68.95 6.30 -46.40
CA ASN D 125 -69.72 5.23 -47.03
C ASN D 125 -69.23 4.95 -48.46
N LYS D 130 -62.33 -4.70 -48.48
CA LYS D 130 -61.39 -4.00 -47.62
C LYS D 130 -60.07 -4.76 -47.47
N THR D 131 -59.34 -4.91 -48.57
CA THR D 131 -58.05 -5.58 -48.51
C THR D 131 -57.03 -4.62 -47.93
N ALA D 132 -55.89 -5.15 -47.50
CA ALA D 132 -54.85 -4.35 -46.86
C ALA D 132 -54.34 -3.23 -47.77
N LEU D 133 -54.08 -3.57 -49.03
CA LEU D 133 -53.52 -2.62 -49.96
C LEU D 133 -54.54 -1.59 -50.44
N MSE D 134 -55.81 -1.96 -50.46
CA MSE D 134 -56.88 -1.01 -50.76
C MSE D 134 -57.08 -0.07 -49.58
O MSE D 134 -57.40 1.10 -49.76
CB MSE D 134 -58.19 -1.71 -51.11
CG MSE D 134 -59.32 -0.76 -51.50
SE MSE D 134 -60.91 -1.64 -52.18
CE MSE D 134 -60.22 -2.23 -53.90
N GLU D 135 -56.89 -0.59 -48.38
CA GLU D 135 -56.94 0.23 -47.17
C GLU D 135 -55.80 1.24 -47.18
N GLN D 136 -54.62 0.78 -47.60
CA GLN D 136 -53.45 1.63 -47.71
C GLN D 136 -53.70 2.74 -48.74
N TYR D 137 -54.20 2.37 -49.91
CA TYR D 137 -54.51 3.35 -50.95
C TYR D 137 -55.54 4.37 -50.48
N ASP D 138 -56.61 3.90 -49.85
CA ASP D 138 -57.64 4.78 -49.32
C ASP D 138 -57.02 5.76 -48.33
N ARG D 139 -56.12 5.25 -47.50
CA ARG D 139 -55.40 6.05 -46.53
C ARG D 139 -54.65 7.18 -47.24
N TYR D 140 -53.99 6.84 -48.34
CA TYR D 140 -53.33 7.84 -49.16
C TYR D 140 -54.32 8.91 -49.64
N LEU D 141 -55.45 8.45 -50.19
CA LEU D 141 -56.46 9.35 -50.72
C LEU D 141 -56.90 10.36 -49.67
N ILE D 142 -57.15 9.86 -48.46
CA ILE D 142 -57.62 10.70 -47.37
C ILE D 142 -56.57 11.68 -46.88
N VAL D 143 -55.32 11.25 -46.80
CA VAL D 143 -54.27 12.15 -46.34
C VAL D 143 -54.06 13.26 -47.37
N GLU D 144 -54.10 12.91 -48.64
CA GLU D 144 -54.05 13.90 -49.73
C GLU D 144 -55.21 14.90 -49.64
N ASN D 145 -56.41 14.35 -49.50
CA ASN D 145 -57.62 15.15 -49.38
C ASN D 145 -57.52 16.14 -48.22
N LEU D 146 -57.00 15.65 -47.09
CA LEU D 146 -56.78 16.50 -45.92
C LEU D 146 -55.77 17.59 -46.22
N TYR D 147 -54.69 17.22 -46.88
CA TYR D 147 -53.63 18.16 -47.22
C TYR D 147 -54.18 19.31 -48.03
N TYR D 148 -54.96 19.00 -49.07
CA TYR D 148 -55.51 20.07 -49.90
C TYR D 148 -56.65 20.84 -49.24
N ARG D 149 -57.42 20.16 -48.39
CA ARG D 149 -58.46 20.85 -47.63
C ARG D 149 -57.81 21.90 -46.75
N GLY D 150 -56.66 21.57 -46.19
CA GLY D 150 -55.89 22.51 -45.41
C GLY D 150 -55.28 23.60 -46.27
N LEU D 151 -54.90 23.24 -47.50
CA LEU D 151 -54.32 24.20 -48.44
C LEU D 151 -55.32 25.28 -48.87
N VAL D 152 -56.59 24.89 -49.00
CA VAL D 152 -57.65 25.79 -49.47
C VAL D 152 -57.87 27.03 -48.59
N SER D 153 -57.79 26.85 -47.27
CA SER D 153 -57.94 27.96 -46.33
C SER D 153 -56.80 28.98 -46.44
N GLN D 154 -57.19 30.25 -46.54
CA GLN D 154 -56.29 31.34 -46.91
C GLN D 154 -55.19 31.60 -45.87
N ASP D 155 -55.34 31.03 -44.67
CA ASP D 155 -54.41 31.30 -43.57
C ASP D 155 -53.85 30.01 -42.96
N ILE D 156 -52.72 30.17 -42.28
CA ILE D 156 -51.98 29.03 -41.73
C ILE D 156 -52.64 28.36 -40.53
N ASN D 157 -53.19 29.14 -39.59
CA ASN D 157 -53.70 28.56 -38.35
C ASN D 157 -54.83 27.54 -38.52
N ILE D 158 -55.81 27.85 -39.35
CA ILE D 158 -56.91 26.93 -39.62
C ILE D 158 -56.35 25.63 -40.17
N MSE D 159 -55.41 25.80 -41.10
CA MSE D 159 -54.75 24.68 -41.75
C MSE D 159 -53.98 23.80 -40.76
O MSE D 159 -54.05 22.58 -40.84
CB MSE D 159 -53.83 25.20 -42.86
CG MSE D 159 -52.41 24.67 -42.82
SE MSE D 159 -51.33 25.40 -44.27
CE MSE D 159 -51.81 24.12 -45.67
N GLN D 160 -53.27 24.42 -39.81
CA GLN D 160 -52.51 23.68 -38.82
C GLN D 160 -53.40 22.95 -37.82
N ASN D 161 -54.42 23.63 -37.30
CA ASN D 161 -55.31 22.99 -36.33
C ASN D 161 -56.00 21.79 -36.96
N VAL D 162 -56.59 22.00 -38.13
CA VAL D 162 -57.28 20.92 -38.83
C VAL D 162 -56.29 19.81 -39.19
N PHE D 163 -55.06 20.19 -39.57
CA PHE D 163 -54.02 19.19 -39.81
C PHE D 163 -53.76 18.35 -38.58
N TYR D 164 -53.66 19.00 -37.43
CA TYR D 164 -53.41 18.30 -36.18
C TYR D 164 -54.50 17.26 -35.94
N LYS D 165 -55.72 17.75 -35.76
CA LYS D 165 -56.85 16.88 -35.42
C LYS D 165 -57.05 15.75 -36.44
N GLU D 166 -57.11 16.11 -37.72
CA GLU D 166 -57.43 15.14 -38.75
C GLU D 166 -56.29 14.17 -39.04
N LEU D 167 -55.05 14.65 -39.03
CA LEU D 167 -53.92 13.75 -39.29
C LEU D 167 -53.83 12.75 -38.16
N LEU D 168 -54.11 13.20 -36.94
CA LEU D 168 -54.13 12.24 -35.84
C LEU D 168 -55.28 11.25 -36.03
N ALA D 169 -56.36 11.72 -36.64
CA ALA D 169 -57.51 10.85 -36.93
C ALA D 169 -57.23 9.75 -37.97
N HIS D 170 -56.53 10.09 -39.05
CA HIS D 170 -56.40 9.18 -40.19
C HIS D 170 -55.23 8.18 -40.21
N VAL D 171 -54.08 8.55 -39.65
CA VAL D 171 -52.91 7.67 -39.73
C VAL D 171 -52.27 7.32 -38.39
N ASP D 172 -52.47 6.08 -37.94
CA ASP D 172 -51.95 5.64 -36.65
C ASP D 172 -50.45 5.36 -36.69
N THR D 173 -50.02 4.56 -37.65
CA THR D 173 -48.66 4.03 -37.66
C THR D 173 -47.82 4.44 -38.87
N ILE D 174 -46.51 4.28 -38.74
CA ILE D 174 -45.57 4.53 -39.84
C ILE D 174 -45.86 3.65 -41.05
N PRO D 175 -46.02 4.27 -42.22
CA PRO D 175 -46.37 3.54 -43.44
C PRO D 175 -45.20 2.76 -44.03
N PRO D 176 -45.51 1.70 -44.79
CA PRO D 176 -44.47 1.01 -45.57
C PRO D 176 -43.85 1.98 -46.57
N GLU D 177 -42.53 1.89 -46.78
CA GLU D 177 -41.86 2.79 -47.72
C GLU D 177 -42.35 2.57 -49.15
N SER D 178 -43.04 1.45 -49.37
CA SER D 178 -43.63 1.14 -50.67
C SER D 178 -44.85 2.02 -50.96
N ASN D 179 -45.40 2.64 -49.92
CA ASN D 179 -46.50 3.59 -50.09
C ASN D 179 -45.96 5.01 -50.24
N GLY D 180 -45.34 5.28 -51.38
CA GLY D 180 -44.65 6.54 -51.61
C GLY D 180 -45.53 7.76 -51.45
N LEU D 181 -46.75 7.68 -51.97
CA LEU D 181 -47.67 8.82 -51.97
C LEU D 181 -48.09 9.25 -50.56
N LEU D 182 -48.46 8.27 -49.73
CA LEU D 182 -48.85 8.53 -48.35
C LEU D 182 -47.68 9.21 -47.65
N PHE D 183 -46.46 8.76 -47.95
CA PHE D 183 -45.24 9.38 -47.43
C PHE D 183 -45.15 10.83 -47.89
N GLU D 184 -45.52 11.06 -49.15
CA GLU D 184 -45.41 12.39 -49.73
C GLU D 184 -46.28 13.37 -49.00
N TYR D 185 -47.52 12.95 -48.72
CA TYR D 185 -48.48 13.86 -48.13
C TYR D 185 -48.24 13.99 -46.63
N ILE D 186 -47.70 12.94 -46.01
CA ILE D 186 -47.23 13.06 -44.63
C ILE D 186 -46.13 14.11 -44.54
N SER D 187 -45.16 14.02 -45.45
CA SER D 187 -44.03 14.94 -45.47
C SER D 187 -44.46 16.36 -45.79
N LEU D 188 -45.46 16.51 -46.64
CA LEU D 188 -45.97 17.82 -47.00
C LEU D 188 -46.74 18.45 -45.82
N ILE D 189 -47.53 17.63 -45.14
CA ILE D 189 -48.24 18.08 -43.96
C ILE D 189 -47.26 18.52 -42.86
N VAL D 190 -46.24 17.69 -42.62
CA VAL D 190 -45.22 18.01 -41.64
C VAL D 190 -44.47 19.27 -42.06
N ALA D 191 -44.33 19.46 -43.37
CA ALA D 191 -43.70 20.66 -43.91
C ALA D 191 -44.52 21.89 -43.54
N LYS D 192 -45.84 21.80 -43.69
CA LYS D 192 -46.70 22.92 -43.34
C LYS D 192 -46.81 23.14 -41.84
N LEU D 193 -46.46 22.11 -41.05
CA LEU D 193 -46.52 22.22 -39.59
C LEU D 193 -45.28 22.90 -39.04
N ARG D 194 -45.48 23.95 -38.26
CA ARG D 194 -44.36 24.62 -37.60
C ARG D 194 -44.32 24.27 -36.11
N PHE D 195 -43.25 23.60 -35.70
CA PHE D 195 -43.03 23.25 -34.31
C PHE D 195 -41.54 23.14 -33.99
N ASN D 196 -41.18 23.51 -32.77
CA ASN D 196 -39.78 23.56 -32.37
C ASN D 196 -39.25 22.21 -31.90
N GLN D 197 -39.88 21.66 -30.87
CA GLN D 197 -39.39 20.43 -30.26
C GLN D 197 -40.48 19.36 -30.22
N ILE D 198 -40.12 18.15 -29.79
CA ILE D 198 -41.03 17.01 -29.79
C ILE D 198 -42.17 17.18 -28.79
N GLN D 199 -41.91 17.83 -27.66
CA GLN D 199 -42.94 18.08 -26.65
C GLN D 199 -44.08 18.90 -27.23
N ASP D 200 -43.71 19.93 -28.00
CA ASP D 200 -44.69 20.81 -28.62
C ASP D 200 -45.53 20.07 -29.66
N LEU D 201 -44.87 19.23 -30.44
CA LEU D 201 -45.53 18.45 -31.47
C LEU D 201 -46.55 17.49 -30.85
N ALA D 202 -46.12 16.81 -29.79
CA ALA D 202 -46.96 15.81 -29.14
C ALA D 202 -48.11 16.46 -28.36
N GLU D 203 -47.87 17.67 -27.85
CA GLU D 203 -48.92 18.42 -27.17
C GLU D 203 -49.96 18.91 -28.18
N ASN D 204 -49.49 19.46 -29.29
CA ASN D 204 -50.38 19.89 -30.37
C ASN D 204 -51.20 18.73 -30.89
N PHE D 205 -50.62 17.53 -30.90
CA PHE D 205 -51.32 16.35 -31.39
C PHE D 205 -52.09 15.63 -30.27
N LYS D 206 -51.84 16.04 -29.03
CA LYS D 206 -52.52 15.51 -27.85
C LYS D 206 -52.23 14.03 -27.62
N THR D 207 -51.03 13.60 -28.01
CA THR D 207 -50.61 12.21 -27.81
C THR D 207 -49.33 12.17 -27.01
N THR D 208 -48.99 10.99 -26.50
CA THR D 208 -47.78 10.81 -25.72
C THR D 208 -46.55 11.13 -26.56
N VAL D 209 -45.52 11.63 -25.90
CA VAL D 209 -44.28 12.00 -26.57
C VAL D 209 -43.56 10.74 -27.05
N GLU D 210 -44.02 9.58 -26.55
CA GLU D 210 -43.37 8.31 -26.82
C GLU D 210 -43.87 7.67 -28.12
N ASN D 211 -45.01 8.12 -28.60
CA ASN D 211 -45.60 7.55 -29.82
C ASN D 211 -44.65 7.63 -31.01
N PRO D 212 -44.26 6.46 -31.54
CA PRO D 212 -43.28 6.35 -32.60
C PRO D 212 -43.67 7.12 -33.87
N PHE D 213 -44.96 7.30 -34.10
CA PHE D 213 -45.42 8.06 -35.25
C PHE D 213 -45.12 9.55 -35.09
N ILE D 214 -45.37 10.07 -33.90
CA ILE D 214 -45.08 11.47 -33.59
C ILE D 214 -43.58 11.74 -33.76
N LEU D 215 -42.79 10.84 -33.21
CA LEU D 215 -41.34 10.90 -33.32
C LEU D 215 -40.92 10.82 -34.79
N PHE D 216 -41.62 10.00 -35.56
CA PHE D 216 -41.38 9.87 -36.98
C PHE D 216 -41.59 11.20 -37.71
N LEU D 217 -42.69 11.87 -37.37
CA LEU D 217 -42.97 13.19 -37.95
C LEU D 217 -41.85 14.16 -37.59
N TYR D 218 -41.40 14.10 -36.34
CA TYR D 218 -40.30 14.95 -35.88
C TYR D 218 -39.01 14.70 -36.69
N MSE D 219 -38.71 13.43 -36.93
CA MSE D 219 -37.53 13.04 -37.69
C MSE D 219 -37.63 13.55 -39.11
O MSE D 219 -36.67 14.06 -39.67
CB MSE D 219 -37.33 11.52 -37.68
CG MSE D 219 -36.99 10.93 -36.32
SE MSE D 219 -35.49 11.83 -35.47
CE MSE D 219 -34.24 11.74 -36.94
N ILE D 220 -38.83 13.42 -39.69
CA ILE D 220 -39.11 13.98 -41.01
C ILE D 220 -38.82 15.48 -40.99
N LYS D 221 -39.24 16.15 -39.92
CA LYS D 221 -38.97 17.59 -39.80
C LYS D 221 -37.48 17.87 -39.65
N LYS D 222 -36.70 16.88 -39.24
CA LYS D 222 -35.25 17.07 -39.14
C LYS D 222 -34.56 16.83 -40.49
N PHE D 223 -35.09 15.91 -41.28
CA PHE D 223 -34.56 15.65 -42.61
C PHE D 223 -34.94 16.79 -43.56
N GLN D 224 -36.11 17.36 -43.30
CA GLN D 224 -36.71 18.41 -44.12
C GLN D 224 -35.94 19.72 -44.00
N SER D 225 -35.36 19.94 -42.83
CA SER D 225 -34.56 21.11 -42.49
C SER D 225 -33.12 20.68 -42.30
N PRO D 226 -32.25 21.11 -43.22
CA PRO D 226 -30.87 20.65 -43.14
C PRO D 226 -30.01 21.37 -42.07
N LEU D 227 -30.07 22.70 -41.93
CA LEU D 227 -29.22 23.41 -40.94
C LEU D 227 -29.80 23.74 -39.55
N LYS D 228 -30.98 23.23 -39.22
CA LYS D 228 -31.58 23.66 -37.97
C LYS D 228 -30.83 23.11 -36.75
N LYS D 229 -30.68 23.97 -35.73
CA LYS D 229 -30.03 23.57 -34.49
C LYS D 229 -30.78 22.35 -33.97
N HIS D 230 -30.08 21.24 -33.80
CA HIS D 230 -30.76 20.03 -33.36
C HIS D 230 -30.55 19.82 -31.86
N ILE D 231 -31.61 19.34 -31.21
CA ILE D 231 -31.63 19.07 -29.79
C ILE D 231 -31.35 17.60 -29.54
N ASP D 232 -30.63 17.30 -28.47
CA ASP D 232 -30.14 15.95 -28.23
C ASP D 232 -31.13 15.23 -27.32
N ASN D 233 -31.75 14.21 -27.88
CA ASN D 233 -32.76 13.43 -27.18
C ASN D 233 -32.40 11.95 -27.16
N ASP D 234 -31.11 11.66 -27.19
CA ASP D 234 -30.62 10.29 -27.24
C ASP D 234 -31.00 9.51 -25.97
N ASP D 235 -30.75 10.11 -24.80
CA ASP D 235 -31.11 9.47 -23.54
C ASP D 235 -32.63 9.29 -23.43
N LEU D 236 -33.37 10.28 -23.91
CA LEU D 236 -34.83 10.22 -23.89
C LEU D 236 -35.35 9.07 -24.76
N TYR D 237 -34.85 8.98 -25.98
CA TYR D 237 -35.22 7.89 -26.89
C TYR D 237 -34.84 6.53 -26.31
N LEU D 238 -33.68 6.48 -25.67
CA LEU D 238 -33.19 5.25 -25.04
C LEU D 238 -34.14 4.84 -23.92
N LYS D 239 -34.57 5.80 -23.13
CA LYS D 239 -35.53 5.57 -22.05
C LYS D 239 -36.87 5.08 -22.62
N PHE D 240 -37.31 5.67 -23.72
CA PHE D 240 -38.54 5.23 -24.39
C PHE D 240 -38.41 3.77 -24.79
N GLY D 241 -37.23 3.43 -25.32
CA GLY D 241 -36.95 2.08 -25.76
C GLY D 241 -36.99 1.10 -24.61
N GLN D 242 -36.41 1.49 -23.48
CA GLN D 242 -36.46 0.65 -22.29
C GLN D 242 -37.91 0.49 -21.81
N ASN D 243 -38.67 1.57 -21.91
CA ASN D 243 -40.08 1.56 -21.52
C ASN D 243 -40.91 0.57 -22.33
N VAL D 244 -40.75 0.61 -23.65
CA VAL D 244 -41.49 -0.32 -24.50
C VAL D 244 -40.90 -1.72 -24.42
N LEU D 245 -39.65 -1.84 -23.97
CA LEU D 245 -39.02 -3.14 -23.79
C LEU D 245 -39.52 -3.89 -22.55
N LEU D 246 -39.64 -3.18 -21.43
CA LEU D 246 -40.11 -3.80 -20.19
C LEU D 246 -41.53 -4.32 -20.33
N LYS D 247 -42.34 -3.61 -21.11
CA LYS D 247 -43.73 -3.99 -21.36
C LYS D 247 -43.82 -5.17 -22.32
N ALA D 248 -42.76 -5.38 -23.09
CA ALA D 248 -42.77 -6.41 -24.14
C ALA D 248 -42.29 -7.78 -23.67
N LYS D 249 -42.80 -8.81 -24.34
CA LYS D 249 -42.39 -10.19 -24.10
C LYS D 249 -42.34 -10.97 -25.41
N PHE D 250 -41.54 -12.02 -25.43
CA PHE D 250 -41.41 -12.86 -26.62
C PHE D 250 -42.75 -13.48 -27.02
N PRO D 251 -43.05 -13.46 -28.33
CA PRO D 251 -44.29 -13.99 -28.90
C PRO D 251 -44.52 -15.47 -28.65
N THR D 252 -45.63 -15.81 -28.01
CA THR D 252 -46.05 -17.19 -27.86
C THR D 252 -46.40 -17.74 -29.25
N ALA D 253 -46.19 -19.04 -29.45
CA ALA D 253 -46.34 -19.65 -30.77
C ALA D 253 -47.72 -19.41 -31.39
N SER D 254 -48.68 -18.99 -30.56
CA SER D 254 -49.99 -18.59 -31.05
C SER D 254 -50.19 -17.10 -30.82
N GLU D 255 -49.20 -16.32 -31.24
CA GLU D 255 -49.21 -14.87 -31.06
C GLU D 255 -48.28 -14.19 -32.07
N THR D 256 -48.27 -12.87 -32.05
CA THR D 256 -47.41 -12.08 -32.93
C THR D 256 -46.42 -11.22 -32.13
N ASN D 257 -45.38 -10.75 -32.79
CA ASN D 257 -44.39 -9.86 -32.17
C ASN D 257 -45.06 -8.59 -31.64
N ASP D 258 -44.62 -8.14 -30.47
CA ASP D 258 -45.21 -6.96 -29.84
C ASP D 258 -45.20 -5.74 -30.75
N GLU D 259 -46.39 -5.21 -31.02
CA GLU D 259 -46.54 -4.11 -31.96
C GLU D 259 -45.81 -2.86 -31.51
N ALA D 260 -45.78 -2.60 -30.21
CA ALA D 260 -45.17 -1.37 -29.70
C ALA D 260 -43.67 -1.35 -29.96
N LEU D 261 -43.02 -2.47 -29.69
CA LEU D 261 -41.58 -2.60 -29.91
C LEU D 261 -41.29 -2.58 -31.41
N GLU D 262 -42.07 -3.34 -32.16
CA GLU D 262 -41.91 -3.46 -33.61
C GLU D 262 -42.05 -2.10 -34.29
N HIS D 263 -42.94 -1.28 -33.75
CA HIS D 263 -43.24 0.04 -34.31
C HIS D 263 -42.21 1.06 -33.85
N PHE D 264 -41.71 0.89 -32.63
CA PHE D 264 -40.66 1.75 -32.12
C PHE D 264 -39.36 1.59 -32.91
N ASN D 265 -39.01 0.35 -33.21
CA ASN D 265 -37.76 0.06 -33.91
C ASN D 265 -37.72 0.65 -35.32
N VAL D 266 -38.88 0.89 -35.92
CA VAL D 266 -38.96 1.54 -37.23
C VAL D 266 -38.56 3.02 -37.13
N PHE D 267 -39.18 3.70 -36.17
CA PHE D 267 -38.78 5.06 -35.87
C PHE D 267 -37.29 5.09 -35.60
N LEU D 268 -36.80 4.04 -34.94
CA LEU D 268 -35.37 3.92 -34.69
C LEU D 268 -34.58 3.71 -35.97
N GLN D 269 -35.21 3.10 -36.98
CA GLN D 269 -34.57 2.97 -38.28
C GLN D 269 -34.32 4.36 -38.83
N TYR D 270 -35.35 5.21 -38.78
CA TYR D 270 -35.19 6.57 -39.30
C TYR D 270 -34.20 7.39 -38.44
N TYR D 271 -34.24 7.19 -37.14
CA TYR D 271 -33.38 7.92 -36.21
C TYR D 271 -31.91 7.57 -36.43
N PHE D 272 -31.62 6.27 -36.52
CA PHE D 272 -30.26 5.79 -36.72
C PHE D 272 -29.80 6.14 -38.13
N LYS D 273 -30.73 6.18 -39.08
CA LYS D 273 -30.44 6.64 -40.43
C LYS D 273 -29.96 8.08 -40.38
N PHE D 274 -30.66 8.91 -39.61
CA PHE D 274 -30.28 10.31 -39.42
C PHE D 274 -28.91 10.46 -38.76
N THR D 275 -28.72 9.74 -37.66
CA THR D 275 -27.46 9.83 -36.91
C THR D 275 -26.29 9.22 -37.68
N HIS D 276 -26.57 8.41 -38.70
CA HIS D 276 -25.50 7.87 -39.54
C HIS D 276 -25.17 8.72 -40.75
N ILE D 277 -26.19 9.20 -41.46
CA ILE D 277 -25.96 10.04 -42.64
C ILE D 277 -25.25 11.31 -42.19
N LYS D 278 -25.74 11.91 -41.10
CA LYS D 278 -25.00 12.94 -40.40
C LYS D 278 -24.05 12.14 -39.52
N LYS D 279 -22.94 12.70 -39.07
CA LYS D 279 -21.99 11.90 -38.30
C LYS D 279 -22.07 12.11 -36.79
N ILE D 280 -23.29 12.31 -36.30
CA ILE D 280 -23.57 12.42 -34.86
C ILE D 280 -23.42 11.08 -34.14
N LYS D 281 -23.10 11.13 -32.84
CA LYS D 281 -22.90 9.95 -32.01
C LYS D 281 -24.22 9.27 -31.64
N VAL D 282 -24.11 8.02 -31.21
CA VAL D 282 -25.24 7.29 -30.65
C VAL D 282 -24.73 6.72 -29.33
N ASN D 283 -25.63 6.43 -28.39
CA ASN D 283 -25.21 6.01 -27.05
C ASN D 283 -24.90 4.52 -27.03
N PRO D 284 -23.79 4.14 -26.36
CA PRO D 284 -23.36 2.73 -26.35
C PRO D 284 -24.41 1.79 -25.77
N SER D 285 -25.17 2.26 -24.79
CA SER D 285 -26.16 1.42 -24.12
C SER D 285 -27.23 0.92 -25.09
N TRP D 286 -27.40 1.63 -26.20
CA TRP D 286 -28.32 1.22 -27.26
C TRP D 286 -28.05 -0.22 -27.67
N TYR D 287 -26.77 -0.61 -27.64
CA TYR D 287 -26.39 -1.99 -27.94
C TYR D 287 -27.27 -2.95 -27.17
N ASN D 288 -27.25 -2.81 -25.85
CA ASN D 288 -28.04 -3.65 -24.97
C ASN D 288 -29.48 -3.70 -25.47
N PHE D 289 -30.04 -2.52 -25.69
CA PHE D 289 -31.42 -2.39 -26.17
C PHE D 289 -31.68 -3.33 -27.34
N ILE D 290 -30.88 -3.21 -28.39
CA ILE D 290 -31.21 -3.92 -29.62
C ILE D 290 -31.13 -5.41 -29.36
N ILE D 291 -30.20 -5.84 -28.51
CA ILE D 291 -30.03 -7.27 -28.29
C ILE D 291 -31.31 -7.79 -27.62
N SER D 292 -31.82 -7.02 -26.67
CA SER D 292 -33.02 -7.41 -25.96
C SER D 292 -34.18 -7.46 -26.94
N SER D 293 -34.17 -6.52 -27.89
CA SER D 293 -35.25 -6.44 -28.85
C SER D 293 -35.24 -7.66 -29.76
N MSE D 294 -34.07 -8.26 -29.93
CA MSE D 294 -33.97 -9.44 -30.78
C MSE D 294 -34.34 -10.69 -29.99
O MSE D 294 -34.65 -11.73 -30.58
CB MSE D 294 -32.57 -9.57 -31.37
CG MSE D 294 -32.35 -8.73 -32.62
SE MSE D 294 -30.50 -8.74 -33.26
CE MSE D 294 -29.76 -7.49 -31.97
N GLU D 295 -34.34 -10.58 -28.67
CA GLU D 295 -34.69 -11.72 -27.84
C GLU D 295 -36.19 -11.78 -27.61
N LYS D 296 -36.83 -10.62 -27.47
CA LYS D 296 -38.27 -10.56 -27.22
C LYS D 296 -39.09 -10.55 -28.51
N THR D 297 -38.44 -10.79 -29.64
CA THR D 297 -39.13 -10.85 -30.92
C THR D 297 -38.68 -12.05 -31.73
N PHE D 298 -39.59 -12.59 -32.54
CA PHE D 298 -39.29 -13.75 -33.37
C PHE D 298 -39.37 -13.41 -34.84
N GLN D 299 -38.26 -13.64 -35.54
CA GLN D 299 -38.16 -13.41 -36.99
C GLN D 299 -38.68 -12.03 -37.41
N SER D 300 -38.11 -10.97 -36.80
CA SER D 300 -38.56 -9.62 -37.11
C SER D 300 -37.70 -8.94 -38.17
N ILE D 301 -38.37 -8.37 -39.17
CA ILE D 301 -37.71 -7.64 -40.24
C ILE D 301 -37.27 -6.26 -39.76
N GLU D 302 -38.16 -5.60 -39.01
CA GLU D 302 -37.92 -4.24 -38.54
C GLU D 302 -36.74 -4.18 -37.56
N VAL D 303 -36.70 -5.14 -36.64
CA VAL D 303 -35.61 -5.20 -35.67
C VAL D 303 -34.31 -5.52 -36.38
N SER D 304 -34.39 -6.31 -37.45
CA SER D 304 -33.22 -6.64 -38.26
C SER D 304 -32.63 -5.38 -38.89
N LYS D 305 -33.48 -4.59 -39.55
CA LYS D 305 -33.01 -3.37 -40.20
C LYS D 305 -32.47 -2.37 -39.18
N THR D 306 -33.23 -2.17 -38.09
CA THR D 306 -32.82 -1.28 -37.01
C THR D 306 -31.44 -1.68 -36.49
N ALA D 307 -31.23 -2.98 -36.36
CA ALA D 307 -29.97 -3.51 -35.89
C ALA D 307 -28.85 -3.22 -36.88
N MSE D 308 -29.15 -3.37 -38.17
CA MSE D 308 -28.18 -3.05 -39.21
C MSE D 308 -27.68 -1.61 -39.07
O MSE D 308 -26.46 -1.36 -38.97
CB MSE D 308 -28.80 -3.27 -40.60
CG MSE D 308 -27.94 -2.83 -41.76
SE MSE D 308 -28.85 -3.08 -43.46
CE MSE D 308 -30.30 -1.80 -43.20
N PHE D 309 -28.63 -0.69 -39.04
CA PHE D 309 -28.30 0.73 -38.89
C PHE D 309 -27.52 1.03 -37.60
N LEU D 310 -28.05 0.55 -36.49
CA LEU D 310 -27.48 0.81 -35.18
C LEU D 310 -26.06 0.28 -35.07
N PHE D 311 -25.84 -0.93 -35.55
CA PHE D 311 -24.51 -1.53 -35.49
C PHE D 311 -23.54 -0.82 -36.42
N GLN D 312 -24.04 -0.30 -37.53
CA GLN D 312 -23.17 0.55 -38.36
C GLN D 312 -22.71 1.76 -37.56
N ASN D 313 -23.66 2.39 -36.88
CA ASN D 313 -23.35 3.54 -36.02
C ASN D 313 -22.34 3.20 -34.93
N LEU D 314 -22.61 2.14 -34.17
CA LEU D 314 -21.75 1.69 -33.09
C LEU D 314 -20.35 1.36 -33.59
N SER D 315 -20.26 0.81 -34.79
CA SER D 315 -18.97 0.51 -35.38
C SER D 315 -18.21 1.80 -35.67
N ASP D 316 -18.87 2.73 -36.36
CA ASP D 316 -18.22 3.99 -36.71
C ASP D 316 -17.79 4.82 -35.50
N ASN D 317 -18.60 4.79 -34.45
CA ASN D 317 -18.37 5.64 -33.28
C ASN D 317 -17.34 5.11 -32.29
N SER D 318 -16.89 3.87 -32.47
CA SER D 318 -15.99 3.26 -31.49
C SER D 318 -14.52 3.43 -31.84
N ASN D 319 -13.66 3.28 -30.83
CA ASN D 319 -12.23 3.46 -30.99
C ASN D 319 -11.52 2.12 -30.98
N ASP D 320 -12.07 1.18 -30.21
CA ASP D 320 -11.53 -0.16 -30.13
C ASP D 320 -11.73 -0.84 -31.47
N GLU D 321 -10.64 -1.30 -32.08
CA GLU D 321 -10.69 -1.85 -33.43
C GLU D 321 -11.46 -3.16 -33.45
N ILE D 322 -11.34 -3.92 -32.37
CA ILE D 322 -12.05 -5.17 -32.22
C ILE D 322 -13.55 -4.90 -32.21
N LYS D 323 -13.95 -3.83 -31.54
CA LYS D 323 -15.37 -3.47 -31.52
C LYS D 323 -15.81 -2.97 -32.88
N LYS D 324 -14.92 -2.34 -33.63
CA LYS D 324 -15.24 -1.93 -35.00
C LYS D 324 -15.53 -3.13 -35.89
N LYS D 325 -14.62 -4.10 -35.88
CA LYS D 325 -14.77 -5.29 -36.70
C LYS D 325 -15.98 -6.12 -36.25
N THR D 326 -16.16 -6.22 -34.95
CA THR D 326 -17.28 -6.96 -34.37
C THR D 326 -18.62 -6.34 -34.74
N PHE D 327 -18.74 -5.03 -34.51
CA PHE D 327 -19.98 -4.30 -34.82
C PHE D 327 -20.28 -4.33 -36.32
N LYS D 328 -19.25 -4.15 -37.14
CA LYS D 328 -19.41 -4.28 -38.58
C LYS D 328 -19.95 -5.65 -38.94
N ARG D 329 -19.33 -6.69 -38.38
CA ARG D 329 -19.75 -8.06 -38.61
C ARG D 329 -21.20 -8.29 -38.22
N GLU D 330 -21.59 -7.81 -37.05
CA GLU D 330 -22.96 -7.97 -36.57
C GLU D 330 -23.95 -7.19 -37.41
N SER D 331 -23.54 -6.02 -37.90
CA SER D 331 -24.37 -5.23 -38.80
C SER D 331 -24.65 -6.02 -40.08
N ILE D 332 -23.59 -6.57 -40.65
CA ILE D 332 -23.70 -7.39 -41.85
C ILE D 332 -24.58 -8.61 -41.62
N LEU D 333 -24.37 -9.26 -40.48
CA LEU D 333 -25.14 -10.45 -40.12
C LEU D 333 -26.62 -10.10 -40.02
N ASN D 334 -26.91 -8.99 -39.37
CA ASN D 334 -28.28 -8.49 -39.24
C ASN D 334 -28.88 -8.14 -40.59
N PHE D 335 -28.06 -7.68 -41.52
CA PHE D 335 -28.51 -7.50 -42.90
C PHE D 335 -28.94 -8.84 -43.50
N VAL D 336 -28.09 -9.84 -43.34
CA VAL D 336 -28.39 -11.17 -43.85
C VAL D 336 -29.70 -11.70 -43.26
N ASN D 337 -29.89 -11.47 -41.97
CA ASN D 337 -31.13 -11.84 -41.29
C ASN D 337 -32.32 -11.11 -41.89
N PHE D 338 -32.14 -9.82 -42.16
CA PHE D 338 -33.15 -9.02 -42.85
C PHE D 338 -33.58 -9.69 -44.16
N VAL D 339 -32.59 -10.03 -44.99
CA VAL D 339 -32.87 -10.68 -46.27
C VAL D 339 -33.60 -12.01 -46.10
N LYS D 340 -33.10 -12.85 -45.19
CA LYS D 340 -33.65 -14.18 -45.00
C LYS D 340 -35.09 -14.18 -44.45
N TYR D 341 -35.35 -13.29 -43.49
CA TYR D 341 -36.68 -13.14 -42.93
C TYR D 341 -37.63 -12.62 -44.00
N ASN D 342 -37.14 -11.68 -44.80
CA ASN D 342 -37.89 -11.17 -45.93
C ASN D 342 -38.25 -12.30 -46.89
N ASP D 343 -37.31 -13.20 -47.12
CA ASP D 343 -37.53 -14.36 -48.00
C ASP D 343 -38.58 -15.30 -47.45
N LYS D 344 -38.52 -15.61 -46.16
CA LYS D 344 -39.52 -16.48 -45.54
C LYS D 344 -40.92 -15.86 -45.67
N TYR D 345 -40.98 -14.55 -45.47
CA TYR D 345 -42.22 -13.80 -45.60
C TYR D 345 -42.76 -13.91 -47.01
N TYR D 346 -41.91 -13.61 -47.98
CA TYR D 346 -42.31 -13.64 -49.38
C TYR D 346 -42.75 -15.03 -49.82
N GLN D 347 -42.17 -16.06 -49.23
CA GLN D 347 -42.55 -17.42 -49.58
C GLN D 347 -43.90 -17.86 -49.02
N LEU D 348 -44.12 -17.66 -47.72
CA LEU D 348 -45.33 -18.24 -47.11
C LEU D 348 -46.49 -17.28 -46.87
N HIS D 349 -46.19 -16.05 -46.43
CA HIS D 349 -47.23 -15.15 -45.94
C HIS D 349 -48.11 -14.59 -47.04
N ASP D 350 -47.51 -14.46 -48.21
CA ASP D 350 -48.17 -13.98 -49.41
C ASP D 350 -47.31 -14.52 -50.53
N ASN D 351 -47.79 -14.40 -51.76
CA ASN D 351 -46.94 -14.75 -52.88
C ASN D 351 -46.15 -13.53 -53.31
N SER D 352 -46.47 -12.40 -52.68
CA SER D 352 -45.81 -11.12 -52.93
C SER D 352 -45.04 -10.63 -51.70
N HIS D 353 -44.02 -9.82 -51.91
CA HIS D 353 -43.23 -9.26 -50.80
C HIS D 353 -43.83 -7.96 -50.26
N ARG D 354 -43.54 -7.68 -48.99
CA ARG D 354 -44.11 -6.53 -48.29
C ARG D 354 -43.59 -5.14 -48.69
N ASP D 355 -42.27 -4.98 -48.81
CA ASP D 355 -41.72 -3.63 -48.99
C ASP D 355 -40.43 -3.61 -49.80
N ILE D 356 -40.57 -3.54 -51.12
CA ILE D 356 -39.44 -3.55 -52.03
C ILE D 356 -38.55 -2.34 -51.83
N ILE D 357 -39.16 -1.18 -51.56
CA ILE D 357 -38.42 0.06 -51.38
C ILE D 357 -37.43 -0.02 -50.22
N SER D 358 -37.91 -0.51 -49.08
CA SER D 358 -37.07 -0.67 -47.90
C SER D 358 -35.99 -1.71 -48.16
N PHE D 359 -36.34 -2.72 -48.95
CA PHE D 359 -35.42 -3.78 -49.34
C PHE D 359 -34.22 -3.22 -50.08
N ILE D 360 -34.51 -2.54 -51.18
CA ILE D 360 -33.49 -1.90 -52.02
C ILE D 360 -32.71 -0.87 -51.22
N ASP D 361 -33.39 -0.19 -50.30
CA ASP D 361 -32.75 0.80 -49.44
C ASP D 361 -31.69 0.12 -48.57
N ALA D 362 -32.05 -1.01 -47.99
CA ALA D 362 -31.15 -1.78 -47.15
C ALA D 362 -29.93 -2.23 -47.95
N TYR D 363 -30.19 -2.79 -49.13
CA TYR D 363 -29.10 -3.20 -50.01
C TYR D 363 -28.14 -2.05 -50.34
N SER D 364 -28.71 -0.89 -50.70
CA SER D 364 -27.91 0.28 -51.02
C SER D 364 -27.01 0.65 -49.84
N PHE D 365 -27.59 0.64 -48.65
CA PHE D 365 -26.86 0.97 -47.44
C PHE D 365 -25.68 0.03 -47.19
N ILE D 366 -25.98 -1.28 -47.14
CA ILE D 366 -24.96 -2.25 -46.79
C ILE D 366 -23.87 -2.33 -47.87
N LEU D 367 -24.21 -2.05 -49.12
CA LEU D 367 -23.21 -2.05 -50.17
C LEU D 367 -22.38 -0.78 -50.12
N GLN D 368 -22.99 0.31 -49.65
CA GLN D 368 -22.27 1.56 -49.45
C GLN D 368 -21.17 1.42 -48.41
N ASN D 369 -21.49 0.78 -47.28
CA ASN D 369 -20.56 0.81 -46.15
C ASN D 369 -19.57 -0.37 -46.03
N SER D 370 -19.61 -1.33 -46.94
CA SER D 370 -18.68 -2.46 -46.89
C SER D 370 -17.97 -2.69 -48.23
N SER D 371 -16.81 -3.33 -48.19
CA SER D 371 -16.10 -3.72 -49.41
C SER D 371 -16.04 -5.24 -49.48
N LYS D 372 -15.34 -5.78 -50.47
CA LYS D 372 -15.22 -7.24 -50.62
C LYS D 372 -14.58 -7.89 -49.40
N THR D 373 -13.71 -7.15 -48.71
CA THR D 373 -12.98 -7.68 -47.55
C THR D 373 -13.91 -8.10 -46.41
N ASP D 374 -15.07 -7.46 -46.33
CA ASP D 374 -16.00 -7.68 -45.23
C ASP D 374 -16.80 -8.97 -45.39
N SER D 375 -16.52 -9.72 -46.45
CA SER D 375 -17.29 -10.92 -46.73
C SER D 375 -17.10 -11.97 -45.65
N ILE D 376 -18.13 -12.78 -45.42
CA ILE D 376 -18.09 -13.88 -44.46
C ILE D 376 -18.23 -15.19 -45.24
N GLU D 377 -17.70 -16.29 -44.70
CA GLU D 377 -17.41 -17.49 -45.49
C GLU D 377 -18.55 -18.10 -46.29
N ASN D 378 -19.70 -18.32 -45.66
CA ASN D 378 -20.83 -18.90 -46.37
C ASN D 378 -21.99 -17.96 -46.44
N VAL D 379 -22.13 -17.18 -45.38
CA VAL D 379 -23.22 -16.23 -45.18
C VAL D 379 -23.21 -15.00 -46.10
N PHE D 380 -22.06 -14.34 -46.24
CA PHE D 380 -22.05 -13.06 -46.92
C PHE D 380 -21.00 -12.96 -48.02
N ASP D 381 -21.48 -12.67 -49.22
CA ASP D 381 -20.62 -12.48 -50.38
C ASP D 381 -20.90 -11.13 -51.03
N TYR D 382 -19.85 -10.32 -51.15
CA TYR D 382 -19.99 -8.97 -51.66
C TYR D 382 -20.49 -8.97 -53.10
N ASP D 383 -19.75 -9.66 -53.98
CA ASP D 383 -20.10 -9.72 -55.39
C ASP D 383 -21.50 -10.29 -55.62
N ASN D 384 -21.85 -11.31 -54.83
CA ASN D 384 -23.19 -11.89 -54.90
C ASN D 384 -24.26 -10.89 -54.47
N THR D 385 -23.97 -10.13 -53.42
CA THR D 385 -24.91 -9.13 -52.93
C THR D 385 -25.11 -8.04 -53.98
N VAL D 386 -24.04 -7.70 -54.69
CA VAL D 386 -24.11 -6.68 -55.73
C VAL D 386 -24.91 -7.15 -56.94
N SER D 387 -24.59 -8.35 -57.43
CA SER D 387 -25.33 -8.92 -58.56
C SER D 387 -26.81 -9.10 -58.22
N THR D 388 -27.08 -9.58 -57.02
CA THR D 388 -28.44 -9.75 -56.52
C THR D 388 -29.15 -8.40 -56.47
N PHE D 389 -28.41 -7.38 -56.05
CA PHE D 389 -28.92 -6.01 -55.99
C PHE D 389 -29.34 -5.55 -57.38
N ALA D 390 -28.46 -5.79 -58.36
CA ALA D 390 -28.73 -5.41 -59.74
C ALA D 390 -29.96 -6.12 -60.29
N THR D 391 -30.02 -7.44 -60.10
CA THR D 391 -31.14 -8.23 -60.61
C THR D 391 -32.45 -7.86 -59.97
N SER D 392 -32.41 -7.56 -58.67
CA SER D 392 -33.60 -7.19 -57.92
C SER D 392 -34.09 -5.80 -58.30
N LEU D 393 -33.17 -4.89 -58.58
CA LEU D 393 -33.54 -3.56 -59.04
C LEU D 393 -34.19 -3.65 -60.42
N ASN D 394 -33.53 -4.39 -61.31
CA ASN D 394 -34.03 -4.56 -62.67
C ASN D 394 -35.40 -5.24 -62.66
N SER D 395 -35.56 -6.21 -61.78
CA SER D 395 -36.82 -6.93 -61.63
C SER D 395 -37.93 -6.05 -61.05
N PHE D 396 -37.58 -5.24 -60.06
CA PHE D 396 -38.53 -4.27 -59.49
C PHE D 396 -39.06 -3.35 -60.57
N TYR D 397 -38.12 -2.76 -61.33
CA TYR D 397 -38.49 -1.87 -62.42
C TYR D 397 -39.35 -2.61 -63.44
N LYS D 398 -38.99 -3.86 -63.70
CA LYS D 398 -39.68 -4.69 -64.68
C LYS D 398 -41.12 -5.04 -64.28
N GLU D 399 -41.34 -5.23 -62.99
CA GLU D 399 -42.64 -5.68 -62.49
C GLU D 399 -43.75 -4.66 -62.69
N TYR D 400 -43.51 -3.43 -62.27
CA TYR D 400 -44.53 -2.39 -62.32
C TYR D 400 -44.42 -1.58 -63.62
N ASN D 401 -43.75 -2.18 -64.60
CA ASN D 401 -43.58 -1.60 -65.92
C ASN D 401 -42.99 -0.19 -65.93
N LEU D 402 -42.10 0.09 -64.99
CA LEU D 402 -41.39 1.38 -64.97
C LEU D 402 -40.36 1.40 -66.09
N PRO D 403 -40.22 2.56 -66.76
CA PRO D 403 -39.29 2.75 -67.89
C PRO D 403 -37.82 2.73 -67.50
N LEU D 404 -36.97 2.23 -68.40
CA LEU D 404 -35.54 2.11 -68.13
C LEU D 404 -34.71 2.72 -69.24
N MSE D 405 -33.40 2.54 -69.13
CA MSE D 405 -32.48 2.90 -70.20
C MSE D 405 -31.83 1.64 -70.74
O MSE D 405 -31.17 0.91 -70.01
CB MSE D 405 -31.42 3.88 -69.72
CG MSE D 405 -31.97 5.26 -69.39
SE MSE D 405 -32.86 6.09 -70.91
CE MSE D 405 -31.32 6.36 -72.07
N SER D 406 -32.04 1.38 -72.02
CA SER D 406 -31.38 0.26 -72.69
C SER D 406 -29.90 0.59 -72.82
N GLN D 407 -29.13 -0.40 -73.28
CA GLN D 407 -27.69 -0.26 -73.27
C GLN D 407 -27.28 0.78 -74.31
N SER D 408 -27.88 0.67 -75.50
CA SER D 408 -27.60 1.55 -76.62
C SER D 408 -28.07 3.00 -76.43
N GLU D 409 -29.32 3.15 -76.00
CA GLU D 409 -29.90 4.49 -75.80
C GLU D 409 -29.19 5.30 -74.72
N SER D 410 -28.44 4.64 -73.86
CA SER D 410 -27.75 5.33 -72.77
C SER D 410 -26.53 6.10 -73.31
N LEU D 411 -26.18 5.86 -74.57
CA LEU D 411 -25.04 6.52 -75.18
C LEU D 411 -25.33 8.00 -75.43
N ASP D 412 -26.61 8.34 -75.51
CA ASP D 412 -27.01 9.75 -75.55
C ASP D 412 -28.15 9.99 -74.59
N TRP D 413 -27.96 10.97 -73.71
CA TRP D 413 -28.98 11.32 -72.73
C TRP D 413 -29.81 12.47 -73.24
N LEU D 414 -29.20 13.34 -74.04
CA LEU D 414 -29.89 14.51 -74.56
C LEU D 414 -31.02 14.12 -75.51
N GLU D 415 -30.73 13.15 -76.37
CA GLU D 415 -31.70 12.68 -77.35
C GLU D 415 -32.78 11.85 -76.70
N ASN D 416 -32.34 11.00 -75.78
CA ASN D 416 -33.20 9.97 -75.20
C ASN D 416 -33.73 10.31 -73.80
N SER D 417 -33.60 11.56 -73.38
CA SER D 417 -34.06 11.96 -72.06
C SER D 417 -35.56 11.80 -71.90
N THR D 418 -35.95 11.22 -70.77
CA THR D 418 -37.35 11.19 -70.37
C THR D 418 -37.39 11.54 -68.89
N ARG D 419 -38.48 12.16 -68.46
CA ARG D 419 -38.58 12.55 -67.06
C ARG D 419 -39.58 11.65 -66.36
N CYS D 420 -39.15 11.01 -65.29
CA CYS D 420 -40.02 10.17 -64.49
C CYS D 420 -40.31 10.87 -63.18
N VAL D 421 -41.57 10.79 -62.74
CA VAL D 421 -41.97 11.44 -61.50
C VAL D 421 -42.53 10.40 -60.55
N TYR D 422 -41.75 10.08 -59.54
CA TYR D 422 -42.14 9.13 -58.50
C TYR D 422 -42.19 9.92 -57.21
N PRO D 423 -42.84 9.37 -56.18
CA PRO D 423 -42.76 10.02 -54.86
C PRO D 423 -41.32 10.22 -54.41
N GLY D 424 -41.07 11.35 -53.75
CA GLY D 424 -39.74 11.76 -53.31
C GLY D 424 -38.98 10.68 -52.56
N ASN D 425 -39.69 9.96 -51.68
CA ASN D 425 -39.09 8.87 -50.94
C ASN D 425 -38.56 7.80 -51.89
N ILE D 426 -39.39 7.43 -52.86
CA ILE D 426 -39.08 6.39 -53.83
C ILE D 426 -38.01 6.87 -54.82
N SER D 427 -38.16 8.11 -55.30
CA SER D 427 -37.15 8.71 -56.16
C SER D 427 -35.80 8.71 -55.47
N LYS D 428 -35.77 9.17 -54.23
CA LYS D 428 -34.53 9.20 -53.44
C LYS D 428 -33.90 7.81 -53.32
N VAL D 429 -34.70 6.83 -52.90
CA VAL D 429 -34.19 5.47 -52.73
C VAL D 429 -33.62 4.94 -54.03
N LEU D 430 -34.32 5.18 -55.14
CA LEU D 430 -33.92 4.66 -56.44
C LEU D 430 -32.66 5.34 -57.01
N THR D 431 -32.64 6.67 -57.00
CA THR D 431 -31.46 7.40 -57.45
C THR D 431 -30.25 7.03 -56.63
N ASN D 432 -30.43 6.93 -55.32
CA ASN D 432 -29.35 6.54 -54.43
C ASN D 432 -28.88 5.12 -54.75
N ALA D 433 -29.83 4.25 -55.09
CA ALA D 433 -29.51 2.87 -55.44
C ALA D 433 -28.64 2.79 -56.70
N TRP D 434 -29.11 3.42 -57.77
CA TRP D 434 -28.38 3.42 -59.04
C TRP D 434 -27.02 4.09 -58.88
N SER D 435 -26.99 5.16 -58.11
CA SER D 435 -25.77 5.90 -57.85
C SER D 435 -24.77 5.00 -57.12
N THR D 436 -25.26 4.24 -56.14
CA THR D 436 -24.39 3.34 -55.39
C THR D 436 -23.86 2.20 -56.26
N LEU D 437 -24.72 1.68 -57.14
CA LEU D 437 -24.30 0.63 -58.07
C LEU D 437 -23.18 1.16 -58.97
N TYR D 438 -23.36 2.38 -59.47
CA TYR D 438 -22.32 3.03 -60.27
C TYR D 438 -21.02 3.22 -59.48
N GLU D 439 -21.13 3.73 -58.26
CA GLU D 439 -19.95 3.94 -57.40
C GLU D 439 -19.19 2.65 -57.20
N ILE D 440 -19.91 1.54 -57.07
CA ILE D 440 -19.25 0.24 -56.92
C ILE D 440 -18.57 -0.18 -58.22
N ARG D 441 -19.29 -0.17 -59.32
CA ARG D 441 -18.75 -0.71 -60.57
C ARG D 441 -18.05 0.29 -61.50
N LYS D 442 -17.67 1.46 -60.99
CA LYS D 442 -17.08 2.50 -61.84
C LYS D 442 -15.69 2.14 -62.36
N TYR D 443 -14.96 1.30 -61.62
CA TYR D 443 -13.56 1.01 -61.94
C TYR D 443 -13.41 -0.28 -62.75
N GLN D 444 -14.51 -1.00 -62.94
CA GLN D 444 -14.44 -2.27 -63.66
C GLN D 444 -14.71 -2.06 -65.15
N LEU D 445 -13.79 -2.55 -65.97
CA LEU D 445 -13.84 -2.33 -67.42
C LEU D 445 -15.03 -3.01 -68.08
N ASP D 446 -15.35 -4.21 -67.61
CA ASP D 446 -16.38 -5.05 -68.22
C ASP D 446 -17.74 -4.36 -68.29
N PHE D 447 -18.02 -3.51 -67.30
CA PHE D 447 -19.28 -2.79 -67.26
C PHE D 447 -19.23 -1.49 -68.05
N LEU D 448 -18.03 -0.95 -68.24
CA LEU D 448 -17.87 0.25 -69.04
C LEU D 448 -18.00 -0.09 -70.52
N VAL D 449 -17.36 -1.16 -70.94
CA VAL D 449 -17.43 -1.61 -72.33
C VAL D 449 -18.84 -2.08 -72.67
N SER D 450 -19.51 -2.74 -71.72
CA SER D 450 -20.88 -3.19 -71.90
C SER D 450 -21.88 -2.03 -71.85
N ASN D 451 -21.39 -0.84 -71.53
CA ASN D 451 -22.19 0.39 -71.45
C ASN D 451 -23.24 0.35 -70.34
N ASN D 452 -22.98 -0.42 -69.28
CA ASN D 452 -23.89 -0.51 -68.14
C ASN D 452 -23.82 0.68 -67.19
N LEU D 453 -22.64 1.25 -67.01
CA LEU D 453 -22.45 2.39 -66.10
C LEU D 453 -23.24 3.61 -66.57
N THR D 454 -23.19 3.88 -67.88
CA THR D 454 -23.91 5.00 -68.46
C THR D 454 -25.40 4.79 -68.25
N SER D 455 -25.83 3.54 -68.32
CA SER D 455 -27.23 3.20 -68.08
C SER D 455 -27.61 3.46 -66.63
N TYR D 456 -26.72 3.10 -65.70
CA TYR D 456 -26.95 3.36 -64.28
C TYR D 456 -27.13 4.85 -64.04
N LEU D 457 -26.17 5.64 -64.50
CA LEU D 457 -26.20 7.09 -64.31
C LEU D 457 -27.45 7.69 -64.94
N CYS D 458 -27.84 7.18 -66.10
CA CYS D 458 -29.05 7.63 -66.77
C CYS D 458 -30.29 7.35 -65.93
N ASN D 459 -30.37 6.13 -65.39
CA ASN D 459 -31.49 5.74 -64.54
C ASN D 459 -31.56 6.60 -63.29
N ALA D 460 -30.40 7.03 -62.80
CA ALA D 460 -30.34 7.94 -61.67
C ALA D 460 -30.73 9.37 -62.07
N MSE D 461 -30.60 9.68 -63.35
CA MSE D 461 -30.87 11.03 -63.84
C MSE D 461 -32.32 11.23 -64.31
O MSE D 461 -32.76 12.36 -64.51
CB MSE D 461 -29.92 11.41 -64.97
CG MSE D 461 -28.50 11.75 -64.51
SE MSE D 461 -27.42 12.48 -65.96
CE MSE D 461 -27.60 11.02 -67.24
N MSE D 462 -33.04 10.13 -64.50
CA MSE D 462 -34.44 10.21 -64.90
C MSE D 462 -35.30 10.74 -63.76
O MSE D 462 -36.42 11.20 -63.98
CB MSE D 462 -34.97 8.86 -65.34
CG MSE D 462 -34.31 8.28 -66.58
SE MSE D 462 -35.20 6.65 -67.16
CE MSE D 462 -35.18 5.67 -65.48
N LEU D 463 -34.78 10.67 -62.55
CA LEU D 463 -35.55 11.03 -61.37
C LEU D 463 -35.02 12.33 -60.78
N SER D 464 -35.51 13.45 -61.31
CA SER D 464 -35.08 14.82 -61.01
C SER D 464 -35.42 15.73 -62.18
N GLY D 479 -29.31 23.34 -53.95
CA GLY D 479 -29.92 22.63 -52.83
C GLY D 479 -29.45 21.20 -52.74
N GLU D 480 -30.35 20.31 -52.32
CA GLU D 480 -30.01 18.90 -52.15
C GLU D 480 -29.91 18.16 -53.48
N GLU D 481 -31.00 18.17 -54.23
CA GLU D 481 -31.08 17.42 -55.49
C GLU D 481 -30.33 18.10 -56.63
N GLU D 482 -30.11 19.40 -56.50
CA GLU D 482 -29.43 20.15 -57.55
C GLU D 482 -27.95 19.76 -57.69
N LYS D 483 -27.25 19.66 -56.56
CA LYS D 483 -25.84 19.23 -56.60
C LYS D 483 -25.73 17.77 -56.98
N ALA D 484 -26.69 16.97 -56.55
CA ALA D 484 -26.74 15.55 -56.91
C ALA D 484 -26.86 15.39 -58.43
N LEU D 485 -27.83 16.10 -59.01
CA LEU D 485 -28.02 16.10 -60.44
C LEU D 485 -26.76 16.57 -61.16
N ARG D 486 -26.12 17.62 -60.61
CA ARG D 486 -24.89 18.14 -61.18
C ARG D 486 -23.82 17.05 -61.27
N GLU D 487 -23.58 16.40 -60.13
CA GLU D 487 -22.56 15.38 -60.02
C GLU D 487 -22.85 14.18 -60.90
N LEU D 488 -24.12 13.81 -61.00
CA LEU D 488 -24.53 12.71 -61.87
C LEU D 488 -24.21 13.04 -63.32
N GLN D 489 -24.59 14.24 -63.73
CA GLN D 489 -24.37 14.69 -65.10
C GLN D 489 -22.87 14.71 -65.43
N PHE D 490 -22.08 15.22 -64.49
CA PHE D 490 -20.63 15.25 -64.68
C PHE D 490 -20.06 13.86 -64.84
N LYS D 491 -20.41 12.96 -63.92
CA LYS D 491 -19.92 11.58 -63.99
C LYS D 491 -20.34 10.90 -65.29
N TYR D 492 -21.53 11.25 -65.79
CA TYR D 492 -21.99 10.73 -67.07
C TYR D 492 -21.08 11.20 -68.20
N SER D 493 -20.84 12.51 -68.25
CA SER D 493 -19.99 13.09 -69.29
C SER D 493 -18.57 12.52 -69.25
N TYR D 494 -18.02 12.40 -68.04
CA TYR D 494 -16.71 11.83 -67.81
C TYR D 494 -16.63 10.38 -68.28
N THR D 495 -17.73 9.65 -68.06
CA THR D 495 -17.81 8.26 -68.48
C THR D 495 -17.85 8.15 -70.01
N LEU D 496 -18.55 9.09 -70.64
CA LEU D 496 -18.62 9.14 -72.09
C LEU D 496 -17.24 9.47 -72.66
N ALA D 497 -16.51 10.32 -71.96
CA ALA D 497 -15.17 10.70 -72.37
C ALA D 497 -14.23 9.50 -72.26
N GLN D 498 -14.37 8.76 -71.17
CA GLN D 498 -13.59 7.53 -70.99
C GLN D 498 -13.87 6.54 -72.13
N GLN D 499 -15.13 6.43 -72.54
CA GLN D 499 -15.48 5.56 -73.65
C GLN D 499 -15.02 6.18 -74.96
N ARG D 500 -14.64 7.45 -74.88
CA ARG D 500 -14.12 8.24 -76.00
C ARG D 500 -15.20 8.56 -77.02
N HIS D 501 -16.43 8.61 -76.53
CA HIS D 501 -17.54 9.19 -77.26
C HIS D 501 -17.48 10.67 -76.89
N ILE D 502 -16.46 11.33 -77.43
CA ILE D 502 -16.09 12.66 -76.98
C ILE D 502 -16.96 13.79 -77.52
N GLU D 503 -17.40 13.67 -78.77
CA GLU D 503 -18.19 14.72 -79.40
C GLU D 503 -19.52 14.88 -78.65
N THR D 504 -20.12 13.75 -78.30
CA THR D 504 -21.39 13.74 -77.61
C THR D 504 -21.19 14.17 -76.17
N ALA D 505 -20.05 13.81 -75.60
CA ALA D 505 -19.74 14.20 -74.23
C ALA D 505 -19.61 15.70 -74.13
N ILE D 506 -19.02 16.31 -75.16
CA ILE D 506 -18.88 17.74 -75.24
C ILE D 506 -20.26 18.37 -75.36
N LYS D 507 -21.13 17.75 -76.17
CA LYS D 507 -22.46 18.31 -76.33
C LYS D 507 -23.23 18.28 -75.00
N THR D 508 -23.15 17.15 -74.31
CA THR D 508 -23.78 16.99 -73.00
C THR D 508 -23.28 18.04 -72.01
N LEU D 509 -21.97 18.20 -71.95
CA LEU D 509 -21.35 19.18 -71.05
C LEU D 509 -21.88 20.59 -71.33
N GLU D 510 -21.86 20.94 -72.62
CA GLU D 510 -22.28 22.27 -73.07
C GLU D 510 -23.73 22.58 -72.71
N SER D 511 -24.64 21.73 -73.21
CA SER D 511 -26.07 21.95 -73.00
C SER D 511 -26.56 21.76 -71.56
N LEU D 512 -26.25 20.59 -70.99
CA LEU D 512 -26.82 20.18 -69.72
C LEU D 512 -26.24 20.88 -68.49
N ILE D 513 -24.93 20.79 -68.32
CA ILE D 513 -24.27 21.18 -67.07
C ILE D 513 -23.81 22.64 -67.03
N LEU D 514 -23.20 23.11 -68.12
CA LEU D 514 -22.52 24.40 -68.14
C LEU D 514 -23.39 25.60 -68.55
N SER D 515 -24.65 25.36 -68.90
CA SER D 515 -25.54 26.44 -69.34
C SER D 515 -25.95 27.40 -68.22
N LYS D 516 -25.82 26.95 -66.97
CA LYS D 516 -26.22 27.74 -65.80
C LYS D 516 -25.39 27.37 -64.57
N ASN D 517 -24.22 26.79 -64.80
CA ASN D 517 -23.30 26.47 -63.71
C ASN D 517 -21.87 26.90 -64.01
N PRO D 518 -21.58 28.19 -63.85
CA PRO D 518 -20.24 28.75 -64.06
C PRO D 518 -19.31 28.46 -62.89
N ASN D 519 -19.91 28.04 -61.77
CA ASN D 519 -19.18 27.82 -60.54
C ASN D 519 -18.60 26.41 -60.43
N TYR D 520 -18.76 25.63 -61.49
CA TYR D 520 -18.44 24.21 -61.44
C TYR D 520 -17.25 23.96 -62.36
N TYR D 521 -16.04 23.95 -61.79
CA TYR D 521 -14.82 24.08 -62.59
C TYR D 521 -14.37 22.71 -63.07
N LYS D 522 -15.02 21.70 -62.52
CA LYS D 522 -14.72 20.30 -62.79
C LYS D 522 -15.11 19.97 -64.23
N ALA D 523 -16.30 20.43 -64.60
CA ALA D 523 -16.86 20.15 -65.91
C ALA D 523 -16.26 21.08 -66.95
N TRP D 524 -15.74 22.21 -66.50
CA TRP D 524 -15.05 23.12 -67.41
C TRP D 524 -13.72 22.49 -67.80
N HIS D 525 -13.05 21.90 -66.82
CA HIS D 525 -11.77 21.24 -67.07
C HIS D 525 -12.00 20.02 -67.97
N LEU D 526 -13.10 19.31 -67.74
CA LEU D 526 -13.45 18.16 -68.57
C LEU D 526 -13.75 18.60 -70.00
N LEU D 527 -14.41 19.74 -70.12
CA LEU D 527 -14.74 20.30 -71.44
C LEU D 527 -13.48 20.65 -72.20
N ALA D 528 -12.56 21.31 -71.50
CA ALA D 528 -11.29 21.70 -72.08
C ALA D 528 -10.52 20.49 -72.60
N LEU D 529 -10.41 19.47 -71.76
CA LEU D 529 -9.70 18.24 -72.16
C LEU D 529 -10.37 17.54 -73.33
N CYS D 530 -11.71 17.56 -73.34
CA CYS D 530 -12.42 16.93 -74.45
C CYS D 530 -12.15 17.69 -75.75
N ARG D 531 -12.10 19.02 -75.67
CA ARG D 531 -11.82 19.81 -76.86
C ARG D 531 -10.34 19.77 -77.21
N SER D 532 -9.52 19.31 -76.27
CA SER D 532 -8.09 19.16 -76.53
C SER D 532 -7.77 18.06 -77.55
N VAL D 533 -8.67 17.10 -77.69
CA VAL D 533 -8.41 15.94 -78.54
C VAL D 533 -8.35 16.34 -80.02
N GLN D 534 -9.13 17.36 -80.38
CA GLN D 534 -9.16 17.83 -81.77
C GLN D 534 -7.80 18.42 -82.10
N GLU D 535 -7.29 18.08 -83.28
CA GLU D 535 -5.95 18.49 -83.70
C GLU D 535 -5.57 19.96 -83.47
N ASP D 536 -6.52 20.88 -83.65
CA ASP D 536 -6.23 22.30 -83.40
C ASP D 536 -6.92 22.79 -82.13
N LYS D 537 -6.15 23.20 -81.11
CA LYS D 537 -6.75 23.53 -79.81
C LYS D 537 -6.76 24.98 -79.33
N GLU D 538 -7.30 25.91 -80.11
CA GLU D 538 -7.40 27.29 -79.64
C GLU D 538 -8.53 27.40 -78.63
N MSE D 539 -9.61 26.69 -78.93
CA MSE D 539 -10.82 26.72 -78.12
C MSE D 539 -10.53 26.22 -76.72
O MSE D 539 -10.82 26.92 -75.75
CB MSE D 539 -11.92 25.87 -78.78
CG MSE D 539 -13.33 26.33 -78.45
SE MSE D 539 -14.63 25.75 -79.77
CE MSE D 539 -16.16 26.85 -79.23
N SER D 540 -9.96 25.03 -76.60
CA SER D 540 -9.63 24.46 -75.31
C SER D 540 -8.74 25.41 -74.49
N TYR D 541 -7.74 25.99 -75.14
CA TYR D 541 -6.83 26.92 -74.48
C TYR D 541 -7.53 28.14 -73.93
N LYS D 542 -8.35 28.78 -74.76
CA LYS D 542 -9.06 29.97 -74.32
C LYS D 542 -10.08 29.63 -73.23
N ILE D 543 -10.67 28.45 -73.31
CA ILE D 543 -11.56 27.96 -72.25
C ILE D 543 -10.82 27.83 -70.93
N VAL D 544 -9.69 27.11 -70.91
CA VAL D 544 -8.93 26.96 -69.67
C VAL D 544 -8.51 28.34 -69.16
N CYS D 545 -8.23 29.28 -70.08
CA CYS D 545 -7.85 30.62 -69.66
C CYS D 545 -8.98 31.31 -68.92
N SER D 546 -10.17 31.29 -69.53
CA SER D 546 -11.33 31.94 -68.94
C SER D 546 -11.69 31.31 -67.59
N VAL D 547 -11.69 29.98 -67.56
CA VAL D 547 -12.01 29.24 -66.36
C VAL D 547 -10.99 29.49 -65.25
N LEU D 548 -9.72 29.54 -65.62
CA LEU D 548 -8.64 29.81 -64.68
C LEU D 548 -8.81 31.20 -64.07
N GLU D 549 -9.16 32.17 -64.92
CA GLU D 549 -9.44 33.53 -64.45
C GLU D 549 -10.62 33.52 -63.48
N ALA D 550 -11.65 32.76 -63.82
CA ALA D 550 -12.83 32.62 -62.97
C ALA D 550 -12.48 32.02 -61.61
N MSE D 551 -11.54 31.07 -61.62
CA MSE D 551 -11.09 30.45 -60.39
C MSE D 551 -10.27 31.43 -59.58
O MSE D 551 -10.29 31.39 -58.35
CB MSE D 551 -10.27 29.19 -60.66
CG MSE D 551 -11.06 28.07 -61.32
SE MSE D 551 -10.16 26.34 -61.23
CE MSE D 551 -10.45 25.97 -59.34
N ASN D 552 -9.53 32.31 -60.25
CA ASN D 552 -8.81 33.36 -59.55
C ASN D 552 -9.78 34.33 -58.87
N GLU D 553 -10.87 34.66 -59.55
CA GLU D 553 -11.89 35.53 -58.98
C GLU D 553 -12.53 34.85 -57.76
N SER D 554 -12.92 33.59 -57.96
CA SER D 554 -13.59 32.79 -56.95
C SER D 554 -12.75 32.43 -55.72
N LEU D 555 -11.45 32.31 -55.91
CA LEU D 555 -10.52 31.92 -54.86
C LEU D 555 -10.28 32.89 -53.73
N GLN D 556 -9.83 34.09 -54.10
CA GLN D 556 -9.25 35.00 -53.14
C GLN D 556 -10.20 36.00 -52.51
N ASN D 557 -10.88 36.77 -53.36
CA ASN D 557 -11.74 37.83 -52.91
C ASN D 557 -12.94 37.22 -52.20
N ASN D 558 -13.31 36.04 -52.69
CA ASN D 558 -14.40 35.24 -52.16
C ASN D 558 -13.88 33.88 -51.74
N THR D 559 -14.29 33.36 -50.58
CA THR D 559 -13.84 32.01 -50.24
C THR D 559 -14.84 30.98 -50.77
N LEU D 560 -14.62 30.53 -52.00
CA LEU D 560 -15.52 29.58 -52.66
C LEU D 560 -14.90 28.20 -52.96
N LEU D 561 -13.58 28.06 -52.79
CA LEU D 561 -12.85 26.81 -53.09
C LEU D 561 -12.43 25.88 -51.93
N LEU D 562 -12.80 24.59 -51.99
CA LEU D 562 -12.21 23.62 -51.04
C LEU D 562 -11.37 22.49 -51.65
N ASN D 563 -12.02 21.53 -52.31
CA ASN D 563 -11.30 20.50 -53.06
C ASN D 563 -10.70 21.10 -54.31
N ASP D 564 -11.37 22.14 -54.80
CA ASP D 564 -11.10 22.70 -56.11
C ASP D 564 -9.72 23.33 -56.27
N ARG D 565 -8.97 23.53 -55.20
CA ARG D 565 -7.62 24.06 -55.34
C ARG D 565 -6.75 23.12 -56.17
N TRP D 566 -6.97 21.82 -55.99
CA TRP D 566 -6.27 20.80 -56.75
C TRP D 566 -6.63 20.89 -58.22
N GLN D 567 -7.91 21.09 -58.46
CA GLN D 567 -8.45 21.26 -59.78
C GLN D 567 -7.81 22.49 -60.41
N PHE D 568 -7.59 23.50 -59.57
CA PHE D 568 -6.95 24.75 -59.97
C PHE D 568 -5.56 24.48 -60.51
N ILE D 569 -4.72 23.88 -59.68
CA ILE D 569 -3.34 23.62 -60.09
C ILE D 569 -3.28 22.73 -61.33
N HIS D 570 -4.04 21.64 -61.34
CA HIS D 570 -4.03 20.73 -62.49
C HIS D 570 -4.55 21.44 -63.76
N LEU D 571 -5.50 22.35 -63.59
CA LEU D 571 -6.00 23.17 -64.69
C LEU D 571 -4.87 24.04 -65.24
N LYS D 572 -4.10 24.65 -64.34
CA LYS D 572 -2.95 25.46 -64.74
C LYS D 572 -1.94 24.63 -65.53
N LEU D 573 -1.70 23.40 -65.08
CA LEU D 573 -0.80 22.49 -65.77
C LEU D 573 -1.30 22.17 -67.19
N THR D 574 -2.61 21.98 -67.30
CA THR D 574 -3.24 21.76 -68.61
C THR D 574 -3.03 22.97 -69.51
N GLN D 575 -3.15 24.15 -68.92
CA GLN D 575 -2.90 25.39 -69.66
C GLN D 575 -1.48 25.37 -70.20
N LEU D 576 -0.52 25.01 -69.34
CA LEU D 576 0.89 24.93 -69.75
C LEU D 576 1.12 23.98 -70.91
N ALA D 577 0.51 22.80 -70.84
CA ALA D 577 0.65 21.81 -71.90
C ALA D 577 0.07 22.32 -73.23
N LEU D 578 -1.07 23.02 -73.11
CA LEU D 578 -1.73 23.62 -74.25
C LEU D 578 -0.82 24.65 -74.91
N ILE D 579 -0.22 25.49 -74.09
CA ILE D 579 0.77 26.47 -74.54
C ILE D 579 1.89 25.76 -75.29
N GLU D 580 2.35 24.66 -74.69
CA GLU D 580 3.40 23.85 -75.29
C GLU D 580 3.07 23.41 -76.70
N GLU D 581 1.85 22.94 -76.92
CA GLU D 581 1.54 22.48 -78.27
C GLU D 581 1.24 23.65 -79.22
N ILE D 582 0.69 24.73 -78.69
CA ILE D 582 0.28 25.87 -79.52
C ILE D 582 1.44 26.77 -79.93
N PHE D 583 2.30 27.11 -78.97
CA PHE D 583 3.40 28.02 -79.25
C PHE D 583 4.73 27.27 -79.37
N GLY D 584 5.26 26.86 -78.23
CA GLY D 584 6.54 26.17 -78.19
C GLY D 584 6.84 25.75 -76.77
N THR D 585 7.76 24.80 -76.62
CA THR D 585 8.12 24.31 -75.30
C THR D 585 8.82 25.40 -74.50
N LEU D 586 9.51 26.30 -75.18
CA LEU D 586 10.19 27.42 -74.52
C LEU D 586 9.20 28.47 -74.01
N GLU D 587 8.23 28.82 -74.85
CA GLU D 587 7.20 29.77 -74.47
C GLU D 587 6.40 29.23 -73.28
N ALA D 588 6.30 27.91 -73.21
CA ALA D 588 5.68 27.25 -72.07
C ALA D 588 6.60 27.28 -70.86
N LEU D 589 7.91 27.15 -71.10
CA LEU D 589 8.90 27.22 -70.03
C LEU D 589 8.84 28.57 -69.33
N GLU D 590 8.50 29.61 -70.09
CA GLU D 590 8.45 30.96 -69.53
C GLU D 590 7.41 31.12 -68.42
N THR D 591 6.24 30.51 -68.60
CA THR D 591 5.13 30.75 -67.68
C THR D 591 5.05 29.76 -66.51
N LEU D 592 6.07 28.91 -66.36
CA LEU D 592 6.07 27.94 -65.25
C LEU D 592 6.01 28.52 -63.83
N PRO D 593 6.80 29.58 -63.54
CA PRO D 593 6.78 30.10 -62.17
C PRO D 593 5.38 30.45 -61.64
N GLU D 594 4.43 30.67 -62.54
CA GLU D 594 3.06 30.99 -62.13
C GLU D 594 2.44 29.82 -61.36
N VAL D 595 2.77 28.60 -61.75
CA VAL D 595 2.23 27.42 -61.10
C VAL D 595 2.73 27.32 -59.67
N PHE D 596 4.02 27.56 -59.48
CA PHE D 596 4.63 27.50 -58.16
C PHE D 596 4.15 28.65 -57.28
N GLU D 597 4.00 29.82 -57.88
CA GLU D 597 3.40 30.96 -57.19
C GLU D 597 1.98 30.64 -56.79
N LEU D 598 1.24 30.01 -57.70
CA LEU D 598 -0.12 29.57 -57.44
C LEU D 598 -0.15 28.55 -56.31
N TYR D 599 0.76 27.56 -56.37
CA TYR D 599 0.86 26.55 -55.32
C TYR D 599 1.19 27.17 -53.98
N ALA D 600 2.18 28.04 -53.96
CA ALA D 600 2.57 28.72 -52.73
C ALA D 600 1.39 29.53 -52.18
N THR D 601 0.63 30.14 -53.08
CA THR D 601 -0.53 30.91 -52.69
C THR D 601 -1.65 30.01 -52.19
N LEU D 602 -1.98 28.98 -52.96
CA LEU D 602 -3.06 28.07 -52.61
C LEU D 602 -2.78 27.32 -51.33
N PHE D 603 -1.53 26.89 -51.15
CA PHE D 603 -1.17 26.15 -49.96
C PHE D 603 -0.13 26.92 -49.16
N PRO D 604 -0.56 27.64 -48.13
CA PRO D 604 0.49 28.31 -47.35
C PRO D 604 1.21 27.26 -46.54
N ASP D 605 2.28 27.65 -45.85
CA ASP D 605 3.07 26.68 -45.12
C ASP D 605 2.56 26.38 -43.71
N SER D 606 1.59 27.17 -43.24
CA SER D 606 1.09 26.96 -41.88
C SER D 606 -0.19 26.14 -41.84
N GLN D 607 -1.15 26.50 -42.69
CA GLN D 607 -2.47 25.89 -42.68
C GLN D 607 -2.42 24.38 -42.87
N PRO D 608 -2.88 23.64 -41.86
CA PRO D 608 -2.93 22.16 -41.86
C PRO D 608 -4.28 21.62 -42.32
N GLU D 609 -5.30 22.47 -42.35
CA GLU D 609 -6.62 22.05 -42.80
C GLU D 609 -6.54 21.59 -44.24
N LEU D 610 -5.70 22.29 -45.00
CA LEU D 610 -5.55 22.05 -46.43
C LEU D 610 -4.45 21.03 -46.74
N ASN D 611 -4.14 20.17 -45.78
CA ASN D 611 -3.07 19.20 -45.99
C ASN D 611 -3.46 18.08 -46.94
N SER D 612 -4.74 17.71 -46.96
CA SER D 612 -5.21 16.64 -47.82
C SER D 612 -6.70 16.77 -48.15
N MSE D 613 -7.10 16.18 -49.28
CA MSE D 613 -8.50 16.12 -49.65
C MSE D 613 -9.03 14.70 -49.45
O MSE D 613 -10.21 14.42 -49.68
CB MSE D 613 -8.71 16.56 -51.11
CG MSE D 613 -7.93 15.74 -52.12
SE MSE D 613 -8.34 16.26 -53.96
CE MSE D 613 -10.14 15.51 -54.11
N GLY D 614 -8.15 13.81 -49.01
CA GLY D 614 -8.54 12.45 -48.66
C GLY D 614 -7.60 11.81 -47.66
N PRO D 615 -7.74 10.50 -47.46
CA PRO D 615 -6.94 9.72 -46.52
C PRO D 615 -5.83 8.95 -47.21
N LYS D 616 -5.68 9.16 -48.50
CA LYS D 616 -4.71 8.42 -49.29
C LYS D 616 -3.45 9.22 -49.59
N TYR D 617 -2.47 8.55 -50.20
CA TYR D 617 -1.19 9.14 -50.55
C TYR D 617 -1.25 9.90 -51.87
N SER D 618 -2.13 9.46 -52.76
CA SER D 618 -2.31 10.09 -54.07
C SER D 618 -2.92 11.48 -53.96
N GLN D 619 -3.46 11.79 -52.79
CA GLN D 619 -4.20 13.04 -52.59
C GLN D 619 -3.67 13.92 -51.46
N THR D 620 -2.37 13.85 -51.22
CA THR D 620 -1.75 14.69 -50.20
C THR D 620 -1.12 15.88 -50.91
N LYS D 621 -1.06 17.02 -50.20
CA LYS D 621 -0.56 18.28 -50.73
C LYS D 621 0.81 18.13 -51.38
N GLU D 622 1.65 17.35 -50.72
CA GLU D 622 3.03 17.15 -51.11
C GLU D 622 3.09 16.39 -52.42
N TYR D 623 2.18 15.44 -52.58
CA TYR D 623 2.08 14.67 -53.81
C TYR D 623 1.82 15.60 -55.00
N LEU D 624 0.89 16.52 -54.80
CA LEU D 624 0.54 17.50 -55.82
C LEU D 624 1.79 18.28 -56.21
N LEU D 625 2.52 18.76 -55.19
CA LEU D 625 3.74 19.50 -55.47
C LEU D 625 4.68 18.67 -56.36
N GLN D 626 4.84 17.41 -55.99
CA GLN D 626 5.70 16.50 -56.74
C GLN D 626 5.26 16.38 -58.19
N MSE D 627 3.94 16.30 -58.41
CA MSE D 627 3.39 16.25 -59.76
C MSE D 627 3.80 17.47 -60.57
O MSE D 627 4.20 17.35 -61.73
CB MSE D 627 1.86 16.13 -59.73
CG MSE D 627 1.36 14.78 -59.27
SE MSE D 627 1.93 13.32 -60.43
CE MSE D 627 1.10 13.91 -62.09
N VAL D 628 3.71 18.64 -59.95
CA VAL D 628 4.15 19.86 -60.62
C VAL D 628 5.61 19.74 -61.05
N TRP D 629 6.46 19.29 -60.12
CA TRP D 629 7.88 19.11 -60.42
C TRP D 629 8.13 18.14 -61.58
N ILE D 630 7.40 17.04 -61.61
CA ILE D 630 7.54 16.06 -62.68
C ILE D 630 7.14 16.67 -64.03
N PHE D 631 6.06 17.45 -64.02
CA PHE D 631 5.61 18.14 -65.22
C PHE D 631 6.72 19.04 -65.77
N ALA D 632 7.24 19.89 -64.89
CA ALA D 632 8.33 20.79 -65.26
C ALA D 632 9.53 20.01 -65.81
N ALA D 633 9.85 18.90 -65.15
CA ALA D 633 10.97 18.05 -65.56
C ALA D 633 10.80 17.50 -66.98
N ASN D 634 9.63 16.95 -67.26
CA ASN D 634 9.33 16.41 -68.58
C ASN D 634 9.49 17.49 -69.64
N MSE D 635 8.92 18.64 -69.35
CA MSE D 635 9.00 19.75 -70.28
C MSE D 635 10.45 20.18 -70.53
O MSE D 635 10.82 20.48 -71.66
CB MSE D 635 8.20 20.93 -69.76
CG MSE D 635 7.64 21.76 -70.88
SE MSE D 635 6.19 22.86 -70.27
CE MSE D 635 7.26 24.11 -69.28
N TYR D 636 11.25 20.21 -69.48
CA TYR D 636 12.67 20.52 -69.61
C TYR D 636 13.37 19.51 -70.48
N MSE D 637 12.96 18.25 -70.35
CA MSE D 637 13.54 17.19 -71.16
C MSE D 637 13.18 17.37 -72.62
O MSE D 637 13.89 16.87 -73.51
CB MSE D 637 13.06 15.82 -70.68
CG MSE D 637 13.78 15.29 -69.47
SE MSE D 637 12.88 13.68 -68.89
CE MSE D 637 12.40 12.98 -70.65
N ARG D 638 12.09 18.07 -72.89
CA ARG D 638 11.69 18.29 -74.26
C ARG D 638 12.67 19.22 -74.98
N THR D 639 13.13 20.25 -74.29
CA THR D 639 14.17 21.13 -74.83
C THR D 639 15.57 20.60 -74.51
N LYS D 640 16.40 20.47 -75.54
CA LYS D 640 17.75 19.99 -75.37
C LYS D 640 18.66 21.01 -74.67
N ASP D 641 18.14 22.22 -74.48
CA ASP D 641 18.97 23.35 -74.08
C ASP D 641 19.41 23.29 -72.62
N ASN D 642 18.57 22.72 -71.76
CA ASN D 642 18.86 22.59 -70.34
C ASN D 642 18.25 21.33 -69.73
N ASP D 643 19.03 20.26 -69.69
CA ASP D 643 18.59 19.00 -69.13
C ASP D 643 18.92 18.95 -67.65
N GLU D 644 19.88 19.76 -67.23
CA GLU D 644 20.27 19.84 -65.83
C GLU D 644 19.11 20.39 -65.00
N ASP D 645 18.33 21.27 -65.60
CA ASP D 645 17.12 21.78 -64.97
C ASP D 645 16.13 20.65 -64.72
N ALA D 646 16.06 19.70 -65.66
CA ALA D 646 15.20 18.53 -65.48
C ALA D 646 15.65 17.68 -64.30
N LYS D 647 16.96 17.51 -64.16
CA LYS D 647 17.52 16.79 -63.02
C LYS D 647 17.19 17.52 -61.72
N ALA D 648 17.32 18.84 -61.73
CA ALA D 648 16.99 19.64 -60.55
C ALA D 648 15.51 19.47 -60.18
N ALA D 649 14.65 19.42 -61.20
CA ALA D 649 13.23 19.21 -60.98
C ALA D 649 12.95 17.85 -60.34
N ILE D 650 13.57 16.80 -60.89
CA ILE D 650 13.40 15.46 -60.34
C ILE D 650 13.94 15.38 -58.92
N LYS D 651 15.08 16.02 -58.69
CA LYS D 651 15.68 16.11 -57.37
C LYS D 651 14.72 16.74 -56.39
N GLU D 652 14.11 17.86 -56.79
CA GLU D 652 13.13 18.55 -55.95
C GLU D 652 11.90 17.69 -55.68
N ALA D 653 11.46 16.95 -56.70
CA ALA D 653 10.29 16.08 -56.57
C ALA D 653 10.52 14.97 -55.56
N SER D 654 11.66 14.28 -55.67
CA SER D 654 12.00 13.22 -54.74
C SER D 654 12.33 13.79 -53.35
N ASN D 655 12.84 15.02 -53.34
CA ASN D 655 13.23 15.74 -52.12
C ASN D 655 12.03 16.14 -51.29
N VAL D 656 10.92 16.43 -51.96
CA VAL D 656 9.64 16.64 -51.28
C VAL D 656 9.20 15.24 -50.95
N GLU D 657 8.81 15.00 -49.69
CA GLU D 657 8.37 13.66 -49.30
C GLU D 657 7.83 13.47 -47.90
N SER D 658 7.14 12.34 -47.78
CA SER D 658 6.71 11.74 -46.54
C SER D 658 7.81 10.70 -46.48
N LYS D 659 7.73 9.69 -45.64
CA LYS D 659 8.73 8.65 -45.80
C LYS D 659 8.55 7.98 -47.17
N PHE D 660 7.29 7.73 -47.54
CA PHE D 660 6.97 7.03 -48.78
C PHE D 660 7.18 7.88 -50.05
N LYS D 661 7.54 7.19 -51.13
CA LYS D 661 7.95 7.82 -52.38
C LYS D 661 7.02 7.66 -53.57
N ASN D 662 7.20 8.58 -54.52
CA ASN D 662 6.42 8.69 -55.75
C ASN D 662 7.00 7.83 -56.86
N LEU D 663 6.11 7.25 -57.66
CA LEU D 663 6.51 6.37 -58.73
C LEU D 663 6.82 7.18 -59.97
N ASN D 664 6.22 8.36 -60.05
CA ASN D 664 6.40 9.24 -61.20
C ASN D 664 7.77 9.90 -61.21
N CYS D 665 8.39 10.01 -60.04
CA CYS D 665 9.78 10.45 -59.97
C CYS D 665 10.65 9.40 -60.67
N ASN D 666 10.25 8.14 -60.50
CA ASN D 666 10.95 7.02 -61.13
C ASN D 666 10.73 6.93 -62.64
N ILE D 667 9.50 7.17 -63.11
CA ILE D 667 9.25 7.14 -64.55
C ILE D 667 9.97 8.33 -65.18
N ALA D 668 10.00 9.44 -64.44
CA ALA D 668 10.67 10.65 -64.90
C ALA D 668 12.17 10.41 -65.00
N ASN D 669 12.75 9.80 -63.97
CA ASN D 669 14.16 9.44 -64.00
C ASN D 669 14.49 8.39 -65.08
N GLY D 670 13.51 7.54 -65.38
CA GLY D 670 13.66 6.53 -66.41
C GLY D 670 13.76 7.19 -67.77
N TYR D 671 12.85 8.14 -68.03
CA TYR D 671 12.87 8.89 -69.28
C TYR D 671 14.13 9.74 -69.36
N LEU D 672 14.57 10.22 -68.20
CA LEU D 672 15.78 11.01 -68.12
C LEU D 672 16.94 10.10 -68.47
N SER D 673 16.76 8.81 -68.22
CA SER D 673 17.83 7.86 -68.51
C SER D 673 17.83 7.59 -70.02
N ILE D 674 16.64 7.73 -70.62
CA ILE D 674 16.47 7.71 -72.08
C ILE D 674 17.15 8.94 -72.69
N ILE D 675 17.23 10.02 -71.92
CA ILE D 675 17.82 11.27 -72.44
C ILE D 675 19.32 11.14 -72.38
N LYS D 676 19.82 10.55 -71.31
CA LYS D 676 21.14 9.95 -71.32
C LYS D 676 21.07 8.79 -72.32
N ASP D 677 22.22 8.29 -72.78
CA ASP D 677 22.18 7.25 -73.80
C ASP D 677 22.16 5.84 -73.20
N GLU D 678 21.82 5.76 -71.91
CA GLU D 678 21.86 4.52 -71.13
C GLU D 678 20.46 3.99 -70.81
N PRO D 679 20.03 2.94 -71.52
CA PRO D 679 18.72 2.33 -71.33
C PRO D 679 18.68 1.25 -70.26
N GLY D 680 19.82 0.86 -69.70
CA GLY D 680 19.82 -0.15 -68.66
C GLY D 680 19.23 0.43 -67.38
N VAL D 681 19.56 1.68 -67.11
CA VAL D 681 19.02 2.38 -65.96
C VAL D 681 17.52 2.60 -66.16
N ALA D 682 17.14 2.89 -67.40
CA ALA D 682 15.73 3.03 -67.76
C ALA D 682 14.97 1.74 -67.53
N LEU D 683 15.57 0.62 -67.95
CA LEU D 683 14.98 -0.69 -67.77
C LEU D 683 14.74 -0.94 -66.30
N LYS D 684 15.78 -0.66 -65.50
CA LYS D 684 15.63 -0.83 -64.07
C LYS D 684 14.50 0.03 -63.53
N GLU D 685 14.49 1.32 -63.85
CA GLU D 685 13.47 2.24 -63.33
C GLU D 685 12.03 1.84 -63.71
N PHE D 686 11.83 1.51 -64.98
CA PHE D 686 10.49 1.15 -65.44
C PHE D 686 10.01 -0.16 -64.82
N GLU D 687 10.91 -1.13 -64.70
CA GLU D 687 10.59 -2.37 -64.00
C GLU D 687 10.23 -2.08 -62.54
N THR D 688 11.00 -1.17 -61.94
CA THR D 688 10.77 -0.80 -60.54
C THR D 688 9.36 -0.26 -60.38
N VAL D 689 8.93 0.54 -61.34
CA VAL D 689 7.58 1.07 -61.34
C VAL D 689 6.55 -0.04 -61.53
N LEU D 690 6.86 -0.96 -62.44
CA LEU D 690 5.95 -2.05 -62.78
C LEU D 690 5.73 -3.03 -61.62
N TYR D 691 6.67 -3.11 -60.70
CA TYR D 691 6.48 -3.95 -59.52
C TYR D 691 5.30 -3.40 -58.72
N TYR D 692 5.36 -2.10 -58.48
CA TYR D 692 4.33 -1.37 -57.72
C TYR D 692 3.07 -1.00 -58.46
N ASP D 693 3.15 -0.81 -59.77
CA ASP D 693 1.95 -0.54 -60.55
C ASP D 693 1.87 -1.51 -61.72
N GLU D 694 0.98 -2.48 -61.59
CA GLU D 694 0.79 -3.48 -62.61
C GLU D 694 0.38 -2.67 -63.82
N ASN D 695 -0.64 -1.86 -63.61
CA ASN D 695 -1.31 -1.14 -64.68
C ASN D 695 -0.72 0.23 -65.10
N ASN D 696 0.45 0.63 -64.60
CA ASN D 696 0.97 1.97 -64.93
C ASN D 696 1.20 2.14 -66.42
N LEU D 697 0.76 3.26 -66.96
CA LEU D 697 0.73 3.46 -68.40
C LEU D 697 2.11 3.82 -68.90
N ASP D 698 2.69 4.88 -68.34
CA ASP D 698 3.97 5.39 -68.83
C ASP D 698 5.09 4.38 -68.59
N ALA D 699 4.90 3.56 -67.57
CA ALA D 699 5.80 2.44 -67.31
C ALA D 699 5.73 1.41 -68.42
N LEU D 700 4.51 1.01 -68.79
CA LEU D 700 4.31 0.06 -69.86
C LEU D 700 4.83 0.57 -71.19
N VAL D 701 4.55 1.85 -71.49
CA VAL D 701 4.96 2.46 -72.73
C VAL D 701 6.48 2.58 -72.82
N GLY D 702 7.11 3.00 -71.74
CA GLY D 702 8.55 3.12 -71.71
C GLY D 702 9.25 1.77 -71.84
N PHE D 703 8.77 0.82 -71.06
CA PHE D 703 9.24 -0.56 -71.10
C PHE D 703 9.15 -1.09 -72.52
N ALA D 704 8.00 -0.88 -73.16
CA ALA D 704 7.76 -1.32 -74.52
C ALA D 704 8.69 -0.62 -75.50
N GLU D 705 9.02 0.63 -75.22
CA GLU D 705 9.96 1.38 -76.05
C GLU D 705 11.33 0.72 -75.98
N LEU D 706 11.69 0.29 -74.78
CA LEU D 706 12.95 -0.43 -74.58
C LEU D 706 12.94 -1.78 -75.29
N ILE D 707 11.77 -2.40 -75.36
CA ILE D 707 11.66 -3.68 -76.04
C ILE D 707 11.59 -3.47 -77.56
N PHE D 708 11.17 -2.28 -77.97
CA PHE D 708 11.04 -1.98 -79.39
C PHE D 708 11.74 -0.67 -79.76
N LEU D 727 23.81 -0.20 -73.94
CA LEU D 727 23.35 -1.58 -73.88
C LEU D 727 22.04 -1.73 -73.10
N THR D 728 21.09 -2.44 -73.68
CA THR D 728 19.81 -2.74 -73.05
C THR D 728 19.82 -4.10 -72.37
N PHE D 729 19.74 -5.14 -73.20
CA PHE D 729 19.69 -6.51 -72.73
C PHE D 729 20.98 -7.24 -73.08
N VAL D 730 21.56 -7.91 -72.09
CA VAL D 730 22.84 -8.59 -72.25
C VAL D 730 22.77 -9.80 -73.18
N ASN D 731 21.84 -10.71 -72.89
CA ASN D 731 21.65 -11.88 -73.74
C ASN D 731 20.57 -11.69 -74.79
N ASP D 732 20.56 -12.61 -75.76
CA ASP D 732 19.59 -12.55 -76.85
C ASP D 732 18.25 -12.97 -76.27
N THR D 733 18.31 -13.98 -75.42
CA THR D 733 17.15 -14.55 -74.73
C THR D 733 16.48 -13.64 -73.69
N ASP D 734 17.26 -12.79 -73.03
CA ASP D 734 16.67 -11.90 -72.03
C ASP D 734 15.74 -10.86 -72.63
N ARG D 735 15.91 -10.57 -73.91
CA ARG D 735 15.01 -9.63 -74.57
C ARG D 735 13.69 -10.36 -74.79
N SER D 736 13.78 -11.65 -75.08
CA SER D 736 12.59 -12.48 -75.27
C SER D 736 11.84 -12.66 -73.97
N ALA D 737 12.57 -12.77 -72.87
CA ALA D 737 11.95 -12.91 -71.55
C ALA D 737 11.23 -11.62 -71.18
N ALA D 738 11.92 -10.51 -71.39
CA ALA D 738 11.34 -9.19 -71.13
C ALA D 738 10.11 -8.97 -72.02
N TYR D 739 10.22 -9.47 -73.25
CA TYR D 739 9.15 -9.43 -74.24
C TYR D 739 7.92 -10.18 -73.75
N ALA D 740 8.14 -11.38 -73.20
CA ALA D 740 7.06 -12.20 -72.68
C ALA D 740 6.38 -11.48 -71.52
N ARG D 741 7.20 -10.90 -70.65
CA ARG D 741 6.69 -10.13 -69.52
C ARG D 741 5.81 -8.97 -70.00
N LEU D 742 6.31 -8.23 -71.00
CA LEU D 742 5.56 -7.10 -71.57
C LEU D 742 4.23 -7.54 -72.13
N LYS D 743 4.23 -8.64 -72.87
CA LYS D 743 3.00 -9.18 -73.44
C LYS D 743 2.02 -9.47 -72.31
N PHE D 744 2.47 -10.21 -71.30
CA PHE D 744 1.62 -10.54 -70.16
C PHE D 744 1.01 -9.30 -69.51
N LEU D 745 1.86 -8.32 -69.22
CA LEU D 745 1.44 -7.08 -68.58
C LEU D 745 0.38 -6.33 -69.40
N LEU D 746 0.65 -6.15 -70.68
CA LEU D 746 -0.28 -5.44 -71.55
C LEU D 746 -1.59 -6.20 -71.66
N GLU D 747 -1.52 -7.53 -71.77
CA GLU D 747 -2.72 -8.35 -71.84
C GLU D 747 -3.59 -8.20 -70.59
N CYS D 748 -2.96 -8.20 -69.41
CA CYS D 748 -3.72 -7.97 -68.18
C CYS D 748 -4.33 -6.56 -68.18
N ALA D 749 -3.54 -5.61 -68.66
CA ALA D 749 -3.95 -4.21 -68.72
C ALA D 749 -5.17 -4.00 -69.60
N ILE D 750 -5.25 -4.77 -70.68
CA ILE D 750 -6.35 -4.67 -71.63
C ILE D 750 -7.67 -5.07 -70.97
N LEU D 751 -7.60 -6.02 -70.04
CA LEU D 751 -8.80 -6.53 -69.38
C LEU D 751 -9.08 -5.88 -68.01
N GLU D 752 -8.14 -5.12 -67.49
CA GLU D 752 -8.31 -4.55 -66.15
C GLU D 752 -8.44 -3.03 -66.15
N SER D 753 -7.46 -2.35 -66.74
CA SER D 753 -7.41 -0.89 -66.70
C SER D 753 -8.26 -0.25 -67.81
N ILE D 754 -9.11 0.69 -67.43
CA ILE D 754 -9.91 1.45 -68.41
C ILE D 754 -9.05 2.37 -69.27
N GLU D 755 -8.19 3.16 -68.63
CA GLU D 755 -7.34 4.12 -69.34
C GLU D 755 -6.45 3.42 -70.35
N ALA D 756 -6.06 2.18 -70.04
CA ALA D 756 -5.18 1.41 -70.91
C ALA D 756 -5.95 0.83 -72.10
N TYR D 757 -7.21 0.46 -71.88
CA TYR D 757 -8.03 -0.13 -72.93
C TYR D 757 -8.22 0.84 -74.08
N TYR D 758 -8.42 2.11 -73.75
CA TYR D 758 -8.64 3.15 -74.75
C TYR D 758 -7.36 3.93 -75.03
N SER D 759 -6.22 3.25 -74.94
CA SER D 759 -4.93 3.88 -75.22
C SER D 759 -4.36 3.39 -76.55
N PRO D 760 -4.07 4.32 -77.47
CA PRO D 760 -3.59 3.99 -78.81
C PRO D 760 -2.21 3.34 -78.81
N GLU D 761 -1.37 3.72 -77.85
CA GLU D 761 0.01 3.24 -77.81
C GLU D 761 0.07 1.80 -77.32
N VAL D 762 -0.76 1.49 -76.33
CA VAL D 762 -0.84 0.13 -75.80
C VAL D 762 -1.25 -0.83 -76.89
N TRP D 763 -2.26 -0.45 -77.66
CA TRP D 763 -2.73 -1.27 -78.76
C TRP D 763 -1.71 -1.30 -79.88
N TRP D 764 -0.95 -0.22 -80.01
CA TRP D 764 0.12 -0.19 -81.01
C TRP D 764 1.19 -1.23 -80.75
N TYR D 765 1.79 -1.18 -79.55
CA TYR D 765 2.84 -2.13 -79.21
C TYR D 765 2.30 -3.55 -79.10
N LEU D 766 1.05 -3.67 -78.69
CA LEU D 766 0.41 -4.98 -78.58
C LEU D 766 0.24 -5.57 -79.98
N SER D 767 -0.09 -4.72 -80.95
CA SER D 767 -0.18 -5.14 -82.35
C SER D 767 1.19 -5.55 -82.87
N LEU D 768 2.21 -4.76 -82.52
CA LEU D 768 3.59 -5.04 -82.90
C LEU D 768 4.01 -6.41 -82.39
N ILE D 769 3.45 -6.79 -81.24
CA ILE D 769 3.67 -8.11 -80.66
C ILE D 769 2.99 -9.23 -81.48
N TYR D 770 1.73 -9.02 -81.85
CA TYR D 770 0.88 -10.06 -82.45
C TYR D 770 1.16 -10.37 -83.91
N GLU D 771 2.24 -9.83 -84.44
CA GLU D 771 2.54 -9.93 -85.85
C GLU D 771 2.73 -11.36 -86.34
N LYS D 772 2.82 -12.32 -85.41
CA LYS D 772 3.10 -13.71 -85.75
C LYS D 772 1.81 -14.51 -85.76
N ASP D 776 -4.98 -12.55 -87.21
CA ASP D 776 -6.09 -11.69 -87.60
C ASP D 776 -6.33 -10.61 -86.55
N GLU D 777 -5.86 -10.86 -85.33
CA GLU D 777 -6.01 -9.91 -84.24
C GLU D 777 -5.11 -8.71 -84.49
N TYR D 778 -4.06 -8.93 -85.26
CA TYR D 778 -3.10 -7.87 -85.60
C TYR D 778 -3.72 -6.75 -86.41
N LYS D 779 -4.38 -7.10 -87.50
CA LYS D 779 -5.03 -6.13 -88.38
C LYS D 779 -5.99 -5.25 -87.59
N ASN D 780 -6.89 -5.89 -86.84
CA ASN D 780 -7.88 -5.17 -86.06
C ASN D 780 -7.25 -4.35 -84.93
N SER D 781 -6.14 -4.83 -84.39
CA SER D 781 -5.38 -4.08 -83.39
C SER D 781 -4.84 -2.80 -84.00
N LEU D 782 -4.35 -2.90 -85.23
CA LEU D 782 -3.89 -1.73 -85.98
C LEU D 782 -5.05 -0.77 -86.18
N LEU D 783 -6.21 -1.33 -86.53
CA LEU D 783 -7.41 -0.52 -86.71
C LEU D 783 -7.75 0.24 -85.43
N LYS D 784 -7.72 -0.45 -84.29
CA LYS D 784 -7.97 0.19 -83.00
C LYS D 784 -6.98 1.29 -82.66
N CYS D 785 -5.69 1.01 -82.81
CA CYS D 785 -4.66 1.98 -82.46
C CYS D 785 -4.73 3.21 -83.37
N ILE D 786 -5.01 2.98 -84.65
CA ILE D 786 -5.17 4.07 -85.61
C ILE D 786 -6.40 4.89 -85.24
N LYS D 787 -7.50 4.21 -84.89
CA LYS D 787 -8.74 4.87 -84.47
C LYS D 787 -8.52 5.80 -83.28
N TYR D 788 -7.94 5.25 -82.21
CA TYR D 788 -7.69 6.00 -80.99
C TYR D 788 -6.58 7.04 -81.12
N GLN D 789 -5.73 6.87 -82.12
CA GLN D 789 -4.67 7.84 -82.38
C GLN D 789 -5.24 9.23 -82.69
N GLU D 790 -6.42 9.29 -83.29
CA GLU D 790 -7.04 10.56 -83.65
C GLU D 790 -7.82 11.23 -82.52
N LEU D 791 -8.15 10.47 -81.48
CA LEU D 791 -8.95 10.99 -80.38
C LEU D 791 -8.38 10.78 -78.98
N ASN D 792 -7.18 11.29 -78.74
CA ASN D 792 -6.58 11.22 -77.41
C ASN D 792 -6.40 12.63 -76.86
N PRO D 793 -6.67 12.83 -75.56
CA PRO D 793 -6.51 14.16 -74.94
C PRO D 793 -5.07 14.51 -74.58
N ILE D 794 -4.85 15.78 -74.25
CA ILE D 794 -3.52 16.28 -73.89
C ILE D 794 -2.99 15.58 -72.65
N ARG D 795 -3.70 15.76 -71.54
CA ARG D 795 -3.43 15.01 -70.32
C ARG D 795 -4.57 14.04 -70.09
N SER D 796 -4.32 13.00 -69.29
CA SER D 796 -5.36 12.00 -69.03
C SER D 796 -6.51 12.65 -68.29
N LEU D 797 -7.69 12.03 -68.37
CA LEU D 797 -8.91 12.65 -67.86
C LEU D 797 -8.93 12.68 -66.34
N ARG D 798 -8.08 11.85 -65.72
CA ARG D 798 -8.03 11.70 -64.27
C ARG D 798 -7.83 13.03 -63.57
N TYR D 799 -7.30 14.01 -64.30
CA TYR D 799 -6.92 15.28 -63.71
C TYR D 799 -8.08 16.26 -63.68
N CYS D 800 -9.29 15.77 -63.94
CA CYS D 800 -10.45 16.61 -63.70
C CYS D 800 -11.27 16.10 -62.51
N ASN D 801 -10.92 14.93 -61.97
CA ASN D 801 -11.66 14.38 -60.84
C ASN D 801 -11.15 14.92 -59.51
N TYR D 802 -11.70 16.06 -59.09
CA TYR D 802 -11.21 16.74 -57.90
C TYR D 802 -12.33 17.54 -57.24
N SER E 9 -14.48 87.90 20.65
CA SER E 9 -14.48 88.53 21.97
C SER E 9 -14.36 87.50 23.09
N LYS E 10 -14.71 87.90 24.30
CA LYS E 10 -14.56 87.06 25.48
C LYS E 10 -15.62 85.96 25.54
N ILE E 11 -16.78 86.24 24.95
CA ILE E 11 -17.90 85.31 25.05
C ILE E 11 -17.69 84.19 24.06
N ILE E 12 -17.07 84.49 22.94
CA ILE E 12 -16.73 83.46 21.97
C ILE E 12 -15.72 82.52 22.64
N ASP E 13 -14.89 83.08 23.50
CA ASP E 13 -13.90 82.30 24.25
C ASP E 13 -14.55 81.40 25.30
N VAL E 14 -15.59 81.91 25.98
CA VAL E 14 -16.30 81.10 26.96
C VAL E 14 -17.04 79.95 26.27
N VAL E 15 -17.70 80.26 25.16
CA VAL E 15 -18.39 79.23 24.37
C VAL E 15 -17.40 78.17 23.91
N ASP E 16 -16.24 78.65 23.43
CA ASP E 16 -15.18 77.76 23.01
C ASP E 16 -14.73 76.84 24.14
N GLN E 17 -14.50 77.39 25.32
CA GLN E 17 -14.10 76.56 26.45
C GLN E 17 -15.15 75.50 26.76
N ALA E 18 -16.42 75.89 26.69
CA ALA E 18 -17.50 74.94 26.91
C ALA E 18 -17.47 73.77 25.93
N LEU E 19 -17.37 74.08 24.64
CA LEU E 19 -17.34 73.05 23.60
C LEU E 19 -16.10 72.18 23.68
N ARG E 20 -14.99 72.81 24.05
CA ARG E 20 -13.70 72.15 24.20
C ARG E 20 -13.80 71.11 25.30
N ALA E 21 -14.33 71.53 26.45
CA ALA E 21 -14.55 70.61 27.56
C ALA E 21 -15.48 69.47 27.14
N ARG E 22 -16.52 69.81 26.38
CA ARG E 22 -17.48 68.83 25.88
C ARG E 22 -16.85 67.76 24.98
N LEU E 23 -15.88 68.16 24.19
CA LEU E 23 -15.24 67.24 23.23
C LEU E 23 -14.42 66.16 23.90
N LEU E 24 -14.12 66.33 25.19
CA LEU E 24 -13.36 65.33 25.92
C LEU E 24 -14.28 64.36 26.64
N GLY E 25 -15.58 64.60 26.54
CA GLY E 25 -16.55 63.82 27.29
C GLY E 25 -16.95 64.58 28.54
N GLY E 26 -16.62 65.87 28.54
CA GLY E 26 -16.82 66.76 29.67
C GLY E 26 -18.20 66.75 30.28
N SER E 27 -18.25 66.92 31.61
CA SER E 27 -19.50 66.84 32.36
C SER E 27 -20.08 68.21 32.70
N THR E 28 -19.22 69.19 32.96
CA THR E 28 -19.68 70.48 33.47
C THR E 28 -19.56 71.59 32.41
N PHE E 29 -20.67 72.26 32.14
CA PHE E 29 -20.71 73.28 31.09
C PHE E 29 -21.12 74.64 31.65
N ASN E 30 -20.32 75.66 31.38
CA ASN E 30 -20.64 77.04 31.75
C ASN E 30 -20.54 77.98 30.55
N SER E 31 -21.31 77.68 29.51
CA SER E 31 -21.23 78.39 28.23
C SER E 31 -21.52 79.88 28.25
N GLY E 32 -22.48 80.29 29.06
CA GLY E 32 -22.93 81.67 29.00
C GLY E 32 -24.30 81.67 28.35
N PHE E 33 -24.75 80.50 27.88
CA PHE E 33 -26.09 80.37 27.29
C PHE E 33 -26.84 79.15 27.86
N ASP E 34 -27.89 79.39 28.65
CA ASP E 34 -28.62 78.30 29.31
C ASP E 34 -29.14 77.25 28.32
N SER E 35 -29.45 77.69 27.09
CA SER E 35 -29.84 76.78 26.03
C SER E 35 -28.68 75.81 25.73
N LEU E 36 -27.47 76.36 25.56
CA LEU E 36 -26.30 75.52 25.35
C LEU E 36 -26.01 74.61 26.52
N ASP E 37 -26.15 75.12 27.73
CA ASP E 37 -25.93 74.32 28.93
C ASP E 37 -26.85 73.10 28.93
N SER E 38 -28.12 73.35 28.64
CA SER E 38 -29.11 72.28 28.66
C SER E 38 -28.89 71.26 27.53
N VAL E 39 -28.64 71.76 26.33
CA VAL E 39 -28.48 70.87 25.18
C VAL E 39 -27.18 70.07 25.27
N LEU E 40 -26.13 70.70 25.79
CA LEU E 40 -24.84 70.02 25.99
C LEU E 40 -24.95 69.00 27.12
N ASN E 41 -25.77 69.29 28.12
CA ASN E 41 -26.02 68.33 29.19
C ASN E 41 -26.76 67.12 28.65
N LEU E 42 -27.75 67.39 27.80
CA LEU E 42 -28.48 66.34 27.10
C LEU E 42 -27.54 65.46 26.28
N GLN E 43 -26.69 66.10 25.50
CA GLN E 43 -25.70 65.39 24.71
C GLN E 43 -24.78 64.57 25.61
N PHE E 44 -24.48 65.09 26.79
CA PHE E 44 -23.59 64.42 27.72
C PHE E 44 -24.17 63.12 28.25
N ARG E 45 -25.41 63.18 28.77
CA ARG E 45 -26.04 61.94 29.27
C ARG E 45 -26.33 60.96 28.14
N LEU E 46 -26.85 61.47 27.03
CA LEU E 46 -27.06 60.65 25.85
C LEU E 46 -25.77 59.92 25.48
N HIS E 47 -24.65 60.63 25.51
CA HIS E 47 -23.36 60.03 25.19
C HIS E 47 -22.94 59.00 26.24
N TYR E 48 -23.24 59.28 27.50
CA TYR E 48 -23.04 58.31 28.56
C TYR E 48 -23.65 56.97 28.17
N HIS E 49 -24.96 56.99 27.96
CA HIS E 49 -25.70 55.76 27.67
C HIS E 49 -25.32 55.10 26.34
N VAL E 50 -25.17 55.90 25.29
CA VAL E 50 -24.86 55.36 23.97
C VAL E 50 -23.43 54.83 23.83
N ILE E 51 -22.46 55.59 24.31
CA ILE E 51 -21.06 55.15 24.24
C ILE E 51 -20.83 53.96 25.17
N GLY E 52 -21.44 53.97 26.36
CA GLY E 52 -21.22 52.86 27.28
C GLY E 52 -21.74 51.54 26.72
N SER E 53 -23.05 51.44 26.51
CA SER E 53 -23.67 50.24 25.97
C SER E 53 -24.43 50.62 24.71
N ASN E 54 -24.76 49.64 23.88
CA ASN E 54 -25.56 49.93 22.69
C ASN E 54 -26.90 50.57 23.03
N GLY E 55 -27.53 50.05 24.06
CA GLY E 55 -28.90 50.44 24.36
C GLY E 55 -29.17 51.09 25.69
N PRO E 56 -29.50 52.39 25.67
CA PRO E 56 -30.21 52.88 26.85
C PRO E 56 -31.57 52.21 26.80
N ALA E 57 -32.05 51.69 27.92
CA ALA E 57 -33.28 50.90 27.90
C ALA E 57 -34.41 51.84 27.52
N LYS E 58 -35.39 51.32 26.79
CA LYS E 58 -36.52 52.14 26.32
C LYS E 58 -37.21 52.99 27.38
N PRO E 59 -37.21 52.57 28.66
CA PRO E 59 -37.68 53.59 29.62
C PRO E 59 -36.76 54.82 29.68
N VAL E 60 -35.46 54.62 29.51
CA VAL E 60 -34.50 55.72 29.54
C VAL E 60 -34.56 56.48 28.22
N CYS E 61 -34.77 55.75 27.13
CA CYS E 61 -34.99 56.37 25.83
C CYS E 61 -36.21 57.29 25.91
N ASP E 62 -37.23 56.84 26.63
CA ASP E 62 -38.44 57.62 26.85
C ASP E 62 -38.16 58.88 27.67
N VAL E 63 -37.49 58.73 28.82
CA VAL E 63 -37.17 59.90 29.64
C VAL E 63 -36.35 60.94 28.89
N LEU E 64 -35.32 60.48 28.19
CA LEU E 64 -34.43 61.36 27.45
C LEU E 64 -35.17 61.99 26.27
N LEU E 65 -36.08 61.24 25.68
CA LEU E 65 -36.89 61.74 24.57
C LEU E 65 -37.78 62.86 25.08
N LYS E 66 -38.37 62.67 26.25
CA LYS E 66 -39.18 63.70 26.88
C LYS E 66 -38.35 64.95 27.13
N GLU E 67 -37.14 64.75 27.65
CA GLU E 67 -36.23 65.86 27.88
C GLU E 67 -35.94 66.66 26.61
N SER E 68 -35.54 65.95 25.56
CA SER E 68 -35.17 66.59 24.30
C SER E 68 -36.35 67.28 23.62
N GLN E 69 -37.50 66.61 23.61
CA GLN E 69 -38.71 67.16 23.01
C GLN E 69 -39.17 68.42 23.75
N ASN E 70 -39.21 68.35 25.07
CA ASN E 70 -39.53 69.53 25.87
C ASN E 70 -38.58 70.67 25.57
N LEU E 71 -37.29 70.36 25.47
CA LEU E 71 -36.29 71.39 25.16
C LEU E 71 -36.50 72.06 23.80
N GLU E 72 -36.79 71.27 22.77
CA GLU E 72 -36.92 71.79 21.40
C GLU E 72 -37.91 72.95 21.30
N LYS E 73 -39.09 72.77 21.88
CA LYS E 73 -40.09 73.82 21.90
C LYS E 73 -39.81 74.88 22.96
N ASN E 74 -39.40 74.44 24.15
CA ASN E 74 -39.12 75.34 25.26
C ASN E 74 -37.89 76.23 25.14
N MSE E 75 -37.15 76.13 24.04
CA MSE E 75 -36.01 77.02 23.85
C MSE E 75 -36.17 77.99 22.68
O MSE E 75 -35.57 79.07 22.67
CB MSE E 75 -34.72 76.21 23.67
CG MSE E 75 -34.64 75.44 22.37
SE MSE E 75 -32.88 74.66 22.11
CE MSE E 75 -32.52 74.08 23.94
N SER E 76 -36.97 77.61 21.70
CA SER E 76 -37.18 78.45 20.51
C SER E 76 -37.94 79.72 20.85
N TYR E 84 -29.84 87.40 16.70
CA TYR E 84 -29.26 86.50 17.69
C TYR E 84 -27.99 85.82 17.16
N PRO E 85 -27.18 85.27 18.07
CA PRO E 85 -25.92 84.73 17.54
C PRO E 85 -26.10 83.45 16.69
N GLU E 86 -25.07 83.12 15.93
CA GLU E 86 -25.09 81.97 15.02
C GLU E 86 -25.15 80.67 15.83
N ILE E 87 -24.61 80.75 17.05
CA ILE E 87 -24.50 79.65 17.99
C ILE E 87 -25.83 78.88 18.16
N THR E 88 -26.94 79.59 18.09
CA THR E 88 -28.26 78.97 18.26
C THR E 88 -28.47 77.87 17.20
N LYS E 89 -28.01 78.11 15.99
CA LYS E 89 -28.11 77.12 14.93
C LYS E 89 -27.34 75.87 15.36
N LEU E 90 -26.20 76.09 16.00
CA LEU E 90 -25.40 75.00 16.54
C LEU E 90 -26.23 74.19 17.50
N VAL E 91 -26.96 74.89 18.36
CA VAL E 91 -27.81 74.22 19.33
C VAL E 91 -28.79 73.34 18.59
N GLU E 92 -29.36 73.87 17.50
CA GLU E 92 -30.31 73.11 16.70
C GLU E 92 -29.64 71.87 16.15
N LYS E 93 -28.42 72.01 15.67
CA LYS E 93 -27.68 70.86 15.18
C LYS E 93 -27.49 69.84 16.30
N ILE E 94 -27.04 70.28 17.47
CA ILE E 94 -26.77 69.33 18.54
C ILE E 94 -28.06 68.62 18.96
N LEU E 95 -29.08 69.43 19.24
CA LEU E 95 -30.34 68.90 19.75
C LEU E 95 -30.97 67.90 18.80
N PHE E 96 -31.03 68.27 17.52
CA PHE E 96 -31.67 67.38 16.57
C PHE E 96 -30.80 66.15 16.35
N ASN E 97 -29.48 66.30 16.48
CA ASN E 97 -28.60 65.14 16.43
C ASN E 97 -29.01 64.19 17.53
N CYS E 98 -29.17 64.74 18.73
CA CYS E 98 -29.59 63.94 19.87
C CYS E 98 -30.90 63.24 19.55
N LEU E 99 -31.84 64.00 18.99
CA LEU E 99 -33.14 63.42 18.63
C LEU E 99 -32.94 62.25 17.68
N GLY E 100 -32.10 62.47 16.68
CA GLY E 100 -31.79 61.46 15.70
C GLY E 100 -31.29 60.19 16.37
N ILE E 101 -30.44 60.38 17.37
CA ILE E 101 -29.92 59.23 18.10
C ILE E 101 -31.07 58.49 18.77
N LEU E 102 -31.84 59.22 19.57
CA LEU E 102 -32.90 58.60 20.36
C LEU E 102 -33.91 57.87 19.48
N PHE E 103 -34.39 58.55 18.45
CA PHE E 103 -35.34 57.95 17.51
C PHE E 103 -34.78 56.69 16.88
N PHE E 104 -33.47 56.69 16.61
CA PHE E 104 -32.84 55.49 16.07
C PHE E 104 -32.90 54.34 17.06
N HIS E 105 -32.61 54.62 18.33
CA HIS E 105 -32.52 53.55 19.32
C HIS E 105 -33.88 52.98 19.73
N ARG E 106 -34.93 53.77 19.57
CA ARG E 106 -36.28 53.25 19.82
C ARG E 106 -36.77 52.41 18.65
N GLY E 107 -36.28 52.69 17.45
CA GLY E 107 -36.68 51.94 16.27
C GLY E 107 -37.57 52.71 15.32
N GLN E 108 -37.39 54.03 15.31
CA GLN E 108 -38.20 54.89 14.45
C GLN E 108 -37.31 55.48 13.34
N PHE E 109 -36.96 54.64 12.38
CA PHE E 109 -35.95 54.98 11.37
C PHE E 109 -36.32 56.17 10.50
N GLN E 110 -37.61 56.30 10.18
CA GLN E 110 -38.06 57.43 9.37
C GLN E 110 -37.86 58.72 10.16
N GLU E 111 -38.20 58.67 11.45
CA GLU E 111 -38.05 59.83 12.32
C GLU E 111 -36.59 60.18 12.54
N SER E 112 -35.76 59.16 12.74
CA SER E 112 -34.32 59.34 12.90
C SER E 112 -33.71 59.98 11.66
N GLN E 113 -34.03 59.41 10.50
CA GLN E 113 -33.54 59.94 9.22
C GLN E 113 -33.98 61.40 9.05
N ARG E 114 -35.21 61.69 9.44
CA ARG E 114 -35.75 63.04 9.34
C ARG E 114 -34.95 64.03 10.19
N CYS E 115 -34.72 63.68 11.45
CA CYS E 115 -33.97 64.54 12.35
C CYS E 115 -32.52 64.73 11.90
N LEU E 116 -31.88 63.64 11.51
CA LEU E 116 -30.49 63.67 11.06
C LEU E 116 -30.33 64.55 9.84
N LEU E 117 -31.23 64.38 8.88
CA LEU E 117 -31.21 65.21 7.68
C LEU E 117 -31.48 66.66 8.02
N HIS E 118 -32.29 66.90 9.04
CA HIS E 118 -32.54 68.27 9.48
C HIS E 118 -31.25 68.91 9.98
N SER E 119 -30.55 68.20 10.89
CA SER E 119 -29.30 68.69 11.44
C SER E 119 -28.29 68.97 10.36
N LEU E 120 -28.25 68.05 9.39
CA LEU E 120 -27.38 68.16 8.23
C LEU E 120 -27.68 69.43 7.41
N LYS E 121 -28.95 69.67 7.13
CA LYS E 121 -29.36 70.86 6.39
C LYS E 121 -28.99 72.13 7.17
N ILE E 122 -29.11 72.08 8.49
CA ILE E 122 -28.74 73.23 9.30
C ILE E 122 -27.24 73.46 9.24
N HIS E 123 -26.47 72.37 9.16
CA HIS E 123 -25.02 72.46 9.03
C HIS E 123 -24.58 73.08 7.71
N ASN E 124 -25.18 72.64 6.62
CA ASN E 124 -24.77 73.12 5.29
C ASN E 124 -25.00 74.61 5.08
N ASN E 125 -26.07 75.15 5.67
CA ASN E 125 -26.35 76.57 5.58
C ASN E 125 -25.70 77.35 6.72
N LYS E 130 -15.69 80.97 11.44
CA LYS E 130 -15.66 80.03 12.56
C LYS E 130 -14.25 79.80 13.09
N THR E 131 -14.12 79.75 14.40
CA THR E 131 -12.82 79.51 15.04
C THR E 131 -12.41 78.04 14.87
N ALA E 132 -11.14 77.77 15.12
CA ALA E 132 -10.57 76.44 14.93
C ALA E 132 -11.30 75.39 15.75
N LEU E 133 -11.59 75.73 17.00
CA LEU E 133 -12.24 74.80 17.92
C LEU E 133 -13.70 74.57 17.57
N MSE E 134 -14.41 75.66 17.27
CA MSE E 134 -15.78 75.57 16.77
C MSE E 134 -15.81 74.69 15.52
O MSE E 134 -16.74 73.91 15.31
CB MSE E 134 -16.35 76.95 16.46
CG MSE E 134 -17.64 76.94 15.67
SE MSE E 134 -19.15 76.19 16.64
CE MSE E 134 -19.41 77.63 17.94
N GLU E 135 -14.78 74.81 14.70
CA GLU E 135 -14.65 74.01 13.49
C GLU E 135 -14.47 72.53 13.84
N GLN E 136 -13.65 72.24 14.83
CA GLN E 136 -13.43 70.86 15.26
C GLN E 136 -14.73 70.23 15.79
N TYR E 137 -15.42 70.96 16.67
CA TYR E 137 -16.68 70.49 17.24
C TYR E 137 -17.71 70.24 16.14
N ASP E 138 -17.83 71.20 15.23
CA ASP E 138 -18.77 71.08 14.13
C ASP E 138 -18.44 69.83 13.32
N ARG E 139 -17.15 69.61 13.07
CA ARG E 139 -16.69 68.43 12.35
C ARG E 139 -17.15 67.16 13.04
N TYR E 140 -16.99 67.12 14.36
CA TYR E 140 -17.48 65.98 15.13
C TYR E 140 -18.97 65.78 14.90
N LEU E 141 -19.73 66.86 14.98
CA LEU E 141 -21.18 66.79 14.80
C LEU E 141 -21.53 66.16 13.45
N ILE E 142 -20.82 66.59 12.41
CA ILE E 142 -21.11 66.10 11.07
C ILE E 142 -20.75 64.63 10.93
N VAL E 143 -19.62 64.22 11.50
CA VAL E 143 -19.20 62.82 11.39
C VAL E 143 -20.12 61.90 12.18
N GLU E 144 -20.56 62.36 13.34
CA GLU E 144 -21.57 61.63 14.10
C GLU E 144 -22.84 61.47 13.28
N ASN E 145 -23.29 62.58 12.72
CA ASN E 145 -24.49 62.63 11.89
C ASN E 145 -24.38 61.64 10.73
N LEU E 146 -23.22 61.60 10.09
CA LEU E 146 -22.96 60.66 9.01
C LEU E 146 -23.02 59.23 9.49
N TYR E 147 -22.40 58.97 10.64
CA TYR E 147 -22.34 57.63 11.20
C TYR E 147 -23.75 57.09 11.43
N TYR E 148 -24.59 57.90 12.05
CA TYR E 148 -25.95 57.45 12.33
C TYR E 148 -26.83 57.42 11.08
N ARG E 149 -26.57 58.32 10.13
CA ARG E 149 -27.29 58.29 8.86
C ARG E 149 -27.00 56.97 8.16
N GLY E 150 -25.76 56.51 8.29
CA GLY E 150 -25.38 55.21 7.78
C GLY E 150 -26.00 54.08 8.57
N LEU E 151 -26.17 54.30 9.87
CA LEU E 151 -26.78 53.30 10.76
C LEU E 151 -28.25 53.05 10.46
N VAL E 152 -28.96 54.11 10.10
CA VAL E 152 -30.41 54.03 9.87
C VAL E 152 -30.71 53.04 8.75
N SER E 153 -29.95 53.10 7.66
CA SER E 153 -30.07 52.08 6.63
C SER E 153 -29.46 50.81 7.19
N GLN E 154 -30.31 49.82 7.45
CA GLN E 154 -29.94 48.62 8.21
C GLN E 154 -28.91 47.73 7.51
N ASP E 155 -28.65 47.98 6.24
CA ASP E 155 -27.79 47.12 5.43
C ASP E 155 -26.33 47.55 5.53
N ILE E 156 -25.43 46.60 5.31
CA ILE E 156 -23.99 46.84 5.43
C ILE E 156 -23.40 47.61 4.25
N ASN E 157 -23.77 47.19 3.04
CA ASN E 157 -23.20 47.76 1.82
C ASN E 157 -23.49 49.24 1.67
N ILE E 158 -24.74 49.61 1.92
CA ILE E 158 -25.17 51.00 1.85
C ILE E 158 -24.37 51.82 2.84
N MSE E 159 -24.23 51.29 4.04
CA MSE E 159 -23.46 51.93 5.11
C MSE E 159 -22.02 52.20 4.66
O MSE E 159 -21.50 53.31 4.84
CB MSE E 159 -23.48 51.05 6.35
CG MSE E 159 -23.11 51.75 7.63
SE MSE E 159 -23.88 50.82 9.14
CE MSE E 159 -23.67 49.00 8.49
N GLN E 160 -21.39 51.19 4.06
CA GLN E 160 -20.04 51.34 3.55
C GLN E 160 -19.93 52.41 2.48
N ASN E 161 -20.83 52.38 1.49
CA ASN E 161 -20.80 53.37 0.41
C ASN E 161 -21.02 54.79 0.91
N VAL E 162 -22.05 54.99 1.72
CA VAL E 162 -22.37 56.31 2.26
C VAL E 162 -21.21 56.85 3.08
N PHE E 163 -20.63 55.96 3.87
CA PHE E 163 -19.47 56.32 4.66
C PHE E 163 -18.33 56.74 3.74
N TYR E 164 -18.11 55.98 2.68
CA TYR E 164 -17.05 56.26 1.71
C TYR E 164 -17.20 57.65 1.13
N LYS E 165 -18.29 57.90 0.42
CA LYS E 165 -18.49 59.20 -0.21
C LYS E 165 -18.44 60.37 0.79
N GLU E 166 -19.17 60.26 1.90
CA GLU E 166 -19.31 61.39 2.83
C GLU E 166 -18.09 61.70 3.72
N LEU E 167 -17.42 60.64 4.19
CA LEU E 167 -16.36 60.82 5.18
C LEU E 167 -15.14 61.59 4.70
N LEU E 168 -14.71 61.33 3.46
CA LEU E 168 -13.58 62.06 2.91
C LEU E 168 -13.96 63.52 2.71
N ALA E 169 -15.24 63.74 2.45
CA ALA E 169 -15.77 65.09 2.30
C ALA E 169 -15.66 65.84 3.62
N HIS E 170 -15.96 65.16 4.73
CA HIS E 170 -16.00 65.89 6.01
C HIS E 170 -14.68 65.97 6.77
N VAL E 171 -13.85 64.92 6.70
CA VAL E 171 -12.58 64.95 7.43
C VAL E 171 -11.39 64.63 6.52
N ASP E 172 -10.64 65.66 6.16
CA ASP E 172 -9.50 65.52 5.25
C ASP E 172 -8.29 64.91 5.95
N THR E 173 -7.92 65.47 7.09
CA THR E 173 -6.66 65.14 7.76
C THR E 173 -6.87 64.51 9.13
N ILE E 174 -5.82 63.91 9.65
CA ILE E 174 -5.84 63.31 10.99
C ILE E 174 -6.24 64.33 12.05
N PRO E 175 -7.25 64.00 12.85
CA PRO E 175 -7.80 64.88 13.88
C PRO E 175 -6.89 64.99 15.10
N PRO E 176 -7.00 66.09 15.85
CA PRO E 176 -6.29 66.17 17.13
C PRO E 176 -6.77 65.07 18.07
N GLU E 177 -5.85 64.49 18.84
CA GLU E 177 -6.21 63.42 19.75
C GLU E 177 -7.11 63.96 20.87
N SER E 178 -7.10 65.27 21.07
CA SER E 178 -7.94 65.92 22.06
C SER E 178 -9.41 65.98 21.65
N ASN E 179 -9.68 65.78 20.37
CA ASN E 179 -11.05 65.76 19.87
C ASN E 179 -11.62 64.35 19.93
N GLY E 180 -11.87 63.90 21.15
CA GLY E 180 -12.26 62.51 21.41
C GLY E 180 -13.48 62.03 20.67
N LEU E 181 -14.50 62.87 20.59
CA LEU E 181 -15.76 62.48 19.96
C LEU E 181 -15.55 62.18 18.47
N LEU E 182 -14.82 63.06 17.79
CA LEU E 182 -14.47 62.85 16.39
C LEU E 182 -13.72 61.54 16.20
N PHE E 183 -12.83 61.23 17.15
CA PHE E 183 -12.10 59.97 17.10
C PHE E 183 -13.06 58.80 17.27
N GLU E 184 -14.04 58.96 18.14
CA GLU E 184 -15.03 57.92 18.40
C GLU E 184 -15.82 57.57 17.16
N TYR E 185 -16.28 58.60 16.45
CA TYR E 185 -17.15 58.33 15.31
C TYR E 185 -16.35 57.94 14.07
N ILE E 186 -15.12 58.44 13.95
CA ILE E 186 -14.23 57.93 12.91
C ILE E 186 -13.98 56.44 13.14
N SER E 187 -13.69 56.08 14.41
CA SER E 187 -13.41 54.70 14.77
C SER E 187 -14.63 53.77 14.58
N LEU E 188 -15.82 54.30 14.83
CA LEU E 188 -17.05 53.53 14.65
C LEU E 188 -17.33 53.32 13.16
N ILE E 189 -17.08 54.36 12.37
CA ILE E 189 -17.22 54.24 10.92
C ILE E 189 -16.24 53.21 10.37
N VAL E 190 -14.99 53.27 10.82
CA VAL E 190 -13.98 52.29 10.41
C VAL E 190 -14.37 50.89 10.88
N ALA E 191 -15.04 50.83 12.03
CA ALA E 191 -15.53 49.57 12.57
C ALA E 191 -16.55 48.93 11.65
N LYS E 192 -17.48 49.73 11.15
CA LYS E 192 -18.49 49.19 10.25
C LYS E 192 -17.92 48.90 8.86
N LEU E 193 -16.78 49.49 8.54
CA LEU E 193 -16.12 49.26 7.25
C LEU E 193 -15.31 47.97 7.24
N ARG E 194 -15.59 47.12 6.25
CA ARG E 194 -14.82 45.90 6.05
C ARG E 194 -13.87 46.06 4.87
N PHE E 195 -12.56 46.01 5.12
CA PHE E 195 -11.59 46.06 4.03
C PHE E 195 -10.29 45.32 4.38
N ASN E 196 -9.71 44.70 3.35
CA ASN E 196 -8.54 43.84 3.52
C ASN E 196 -7.23 44.61 3.51
N GLN E 197 -6.96 45.34 2.43
CA GLN E 197 -5.67 46.01 2.27
C GLN E 197 -5.83 47.52 2.02
N ILE E 198 -4.71 48.24 2.04
CA ILE E 198 -4.75 49.69 1.91
C ILE E 198 -5.16 50.11 0.50
N GLN E 199 -4.77 49.32 -0.49
CA GLN E 199 -5.15 49.60 -1.88
C GLN E 199 -6.67 49.61 -2.01
N ASP E 200 -7.33 48.67 -1.33
CA ASP E 200 -8.78 48.59 -1.36
C ASP E 200 -9.42 49.79 -0.68
N LEU E 201 -8.85 50.17 0.46
CA LEU E 201 -9.34 51.30 1.23
C LEU E 201 -9.21 52.60 0.45
N ALA E 202 -8.05 52.79 -0.18
CA ALA E 202 -7.75 54.00 -0.92
C ALA E 202 -8.53 54.06 -2.23
N GLU E 203 -8.81 52.91 -2.84
CA GLU E 203 -9.66 52.90 -4.04
C GLU E 203 -11.10 53.22 -3.67
N ASN E 204 -11.60 52.58 -2.60
CA ASN E 204 -12.95 52.86 -2.13
C ASN E 204 -13.11 54.32 -1.75
N PHE E 205 -12.06 54.93 -1.22
CA PHE E 205 -12.09 56.34 -0.85
C PHE E 205 -11.62 57.23 -2.00
N LYS E 206 -11.08 56.59 -3.04
CA LYS E 206 -10.67 57.26 -4.28
C LYS E 206 -9.50 58.24 -4.10
N THR E 207 -8.63 57.96 -3.14
CA THR E 207 -7.45 58.78 -2.91
C THR E 207 -6.20 57.93 -2.99
N THR E 208 -5.04 58.58 -3.06
CA THR E 208 -3.77 57.89 -3.13
C THR E 208 -3.54 57.00 -1.91
N VAL E 209 -2.83 55.89 -2.13
CA VAL E 209 -2.52 54.95 -1.09
C VAL E 209 -1.54 55.60 -0.12
N GLU E 210 -0.97 56.71 -0.57
CA GLU E 210 0.03 57.46 0.17
C GLU E 210 -0.60 58.47 1.11
N ASN E 211 -1.86 58.80 0.88
CA ASN E 211 -2.55 59.78 1.71
C ASN E 211 -2.55 59.34 3.18
N PRO E 212 -1.91 60.14 4.05
CA PRO E 212 -1.69 59.80 5.45
C PRO E 212 -2.97 59.54 6.26
N PHE E 213 -4.07 60.17 5.88
CA PHE E 213 -5.34 59.95 6.57
C PHE E 213 -5.87 58.55 6.30
N ILE E 214 -5.75 58.11 5.06
CA ILE E 214 -6.15 56.77 4.67
C ILE E 214 -5.37 55.75 5.48
N LEU E 215 -4.06 56.00 5.58
CA LEU E 215 -3.18 55.17 6.37
C LEU E 215 -3.60 55.18 7.84
N PHE E 216 -4.05 56.34 8.33
CA PHE E 216 -4.56 56.47 9.70
C PHE E 216 -5.79 55.59 9.94
N LEU E 217 -6.72 55.62 8.98
CA LEU E 217 -7.91 54.77 9.05
C LEU E 217 -7.52 53.30 9.05
N TYR E 218 -6.54 52.96 8.22
CA TYR E 218 -6.03 51.60 8.15
C TYR E 218 -5.46 51.17 9.51
N MSE E 219 -4.66 52.04 10.13
CA MSE E 219 -4.07 51.74 11.43
C MSE E 219 -5.15 51.58 12.51
O MSE E 219 -5.00 50.77 13.42
CB MSE E 219 -3.10 52.85 11.84
CG MSE E 219 -1.87 52.97 10.93
SE MSE E 219 -0.90 51.31 10.67
CE MSE E 219 -0.57 50.83 12.53
N ILE E 220 -6.22 52.35 12.39
CA ILE E 220 -7.35 52.21 13.31
C ILE E 220 -7.98 50.83 13.13
N LYS E 221 -8.15 50.41 11.88
CA LYS E 221 -8.69 49.08 11.59
C LYS E 221 -7.71 48.00 12.03
N LYS E 222 -6.45 48.39 12.23
CA LYS E 222 -5.40 47.48 12.67
C LYS E 222 -5.43 47.30 14.18
N PHE E 223 -5.76 48.36 14.90
CA PHE E 223 -5.91 48.29 16.35
C PHE E 223 -7.22 47.58 16.71
N GLN E 224 -8.23 47.80 15.87
CA GLN E 224 -9.57 47.30 16.14
C GLN E 224 -9.71 45.79 16.01
N SER E 225 -8.96 45.19 15.09
CA SER E 225 -9.06 43.75 14.90
C SER E 225 -7.80 43.11 15.46
N PRO E 226 -7.95 42.43 16.61
CA PRO E 226 -6.84 41.76 17.25
C PRO E 226 -6.53 40.40 16.62
N LEU E 227 -5.24 40.17 16.38
CA LEU E 227 -4.76 38.87 15.92
C LEU E 227 -5.12 38.46 14.49
N LYS E 228 -5.69 39.36 13.68
CA LYS E 228 -6.00 38.97 12.32
C LYS E 228 -4.66 38.90 11.61
N LYS E 229 -4.58 38.22 10.47
CA LYS E 229 -3.30 38.06 9.79
C LYS E 229 -2.60 39.41 9.60
N HIS E 230 -1.27 39.40 9.68
CA HIS E 230 -0.52 40.64 9.55
C HIS E 230 0.10 40.70 8.16
N ILE E 231 0.10 41.88 7.57
CA ILE E 231 0.74 42.08 6.28
C ILE E 231 1.90 43.06 6.44
N ASP E 232 3.00 42.81 5.73
CA ASP E 232 4.20 43.61 5.94
C ASP E 232 4.27 44.71 4.90
N ASN E 233 4.07 45.94 5.37
CA ASN E 233 4.10 47.11 4.52
C ASN E 233 5.06 48.15 5.07
N ASP E 234 6.04 47.67 5.84
CA ASP E 234 7.02 48.53 6.47
C ASP E 234 7.84 49.23 5.40
N ASP E 235 8.33 48.44 4.45
CA ASP E 235 9.08 48.97 3.32
C ASP E 235 8.23 49.91 2.47
N LEU E 236 6.96 49.58 2.31
CA LEU E 236 6.04 50.41 1.54
C LEU E 236 5.88 51.79 2.19
N TYR E 237 5.65 51.77 3.50
CA TYR E 237 5.55 53.00 4.28
C TYR E 237 6.84 53.80 4.17
N LEU E 238 7.96 53.10 4.18
CA LEU E 238 9.28 53.73 4.06
C LEU E 238 9.40 54.44 2.71
N LYS E 239 8.93 53.78 1.65
CA LYS E 239 8.94 54.36 0.32
C LYS E 239 8.10 55.62 0.31
N PHE E 240 6.94 55.56 0.96
CA PHE E 240 6.06 56.72 1.07
C PHE E 240 6.77 57.88 1.77
N GLY E 241 7.50 57.55 2.83
CA GLY E 241 8.24 58.55 3.59
C GLY E 241 9.31 59.22 2.74
N GLN E 242 10.01 58.44 1.94
CA GLN E 242 11.00 58.99 1.02
C GLN E 242 10.32 59.89 0.00
N ASN E 243 9.15 59.46 -0.46
CA ASN E 243 8.36 60.20 -1.43
C ASN E 243 7.98 61.59 -0.93
N VAL E 244 7.45 61.65 0.29
CA VAL E 244 7.06 62.94 0.87
C VAL E 244 8.29 63.73 1.30
N LEU E 245 9.42 63.04 1.46
CA LEU E 245 10.67 63.70 1.83
C LEU E 245 11.26 64.48 0.66
N LEU E 246 11.26 63.88 -0.53
CA LEU E 246 11.82 64.54 -1.71
C LEU E 246 11.07 65.82 -2.10
N LYS E 247 9.77 65.82 -1.89
CA LYS E 247 8.93 66.97 -2.24
C LYS E 247 9.07 68.14 -1.25
N ALA E 248 9.56 67.83 -0.05
CA ALA E 248 9.66 68.81 1.03
C ALA E 248 11.00 69.57 1.04
N LYS E 249 10.97 70.78 1.59
CA LYS E 249 12.17 71.60 1.77
C LYS E 249 12.11 72.32 3.11
N PHE E 250 13.26 72.63 3.70
CA PHE E 250 13.30 73.33 4.99
C PHE E 250 12.66 74.71 4.92
N PRO E 251 11.80 75.02 5.91
CA PRO E 251 11.05 76.27 6.01
C PRO E 251 11.92 77.51 6.19
N THR E 252 11.81 78.43 5.24
CA THR E 252 12.40 79.75 5.36
C THR E 252 11.64 80.48 6.48
N ALA E 253 12.32 81.38 7.18
CA ALA E 253 11.76 82.03 8.38
C ALA E 253 10.39 82.70 8.17
N SER E 254 9.98 82.87 6.93
CA SER E 254 8.64 83.37 6.64
C SER E 254 7.77 82.29 6.00
N GLU E 255 7.73 81.11 6.63
CA GLU E 255 6.99 79.97 6.10
C GLU E 255 6.66 78.95 7.20
N THR E 256 5.97 77.89 6.84
CA THR E 256 5.61 76.82 7.78
C THR E 256 6.24 75.49 7.37
N ASN E 257 6.33 74.56 8.32
CA ASN E 257 6.83 73.21 8.02
C ASN E 257 5.97 72.54 6.95
N ASP E 258 6.61 71.77 6.07
CA ASP E 258 5.93 71.11 4.97
C ASP E 258 4.77 70.26 5.47
N GLU E 259 3.56 70.56 5.00
CA GLU E 259 2.35 69.93 5.49
C GLU E 259 2.29 68.42 5.26
N ALA E 260 2.80 67.96 4.13
CA ALA E 260 2.72 66.55 3.77
C ALA E 260 3.56 65.67 4.69
N LEU E 261 4.78 66.13 4.97
CA LEU E 261 5.70 65.42 5.84
C LEU E 261 5.18 65.43 7.28
N GLU E 262 4.77 66.62 7.72
CA GLU E 262 4.27 66.84 9.06
C GLU E 262 3.03 65.97 9.30
N HIS E 263 2.24 65.77 8.25
CA HIS E 263 1.00 64.99 8.35
C HIS E 263 1.27 63.50 8.28
N PHE E 264 2.29 63.12 7.51
CA PHE E 264 2.72 61.72 7.43
C PHE E 264 3.22 61.24 8.79
N ASN E 265 3.98 62.12 9.47
CA ASN E 265 4.61 61.76 10.73
C ASN E 265 3.62 61.40 11.86
N VAL E 266 2.39 61.90 11.80
CA VAL E 266 1.38 61.54 12.79
C VAL E 266 0.94 60.10 12.60
N PHE E 267 0.62 59.77 11.36
CA PHE E 267 0.34 58.39 10.99
C PHE E 267 1.49 57.52 11.43
N LEU E 268 2.71 58.03 11.29
CA LEU E 268 3.88 57.29 11.75
C LEU E 268 3.91 57.17 13.28
N GLN E 269 3.34 58.13 13.99
CA GLN E 269 3.24 58.01 15.44
C GLN E 269 2.38 56.79 15.77
N TYR E 270 1.23 56.70 15.12
CA TYR E 270 0.34 55.57 15.37
C TYR E 270 0.98 54.26 14.93
N TYR E 271 1.69 54.31 13.81
CA TYR E 271 2.32 53.11 13.27
C TYR E 271 3.42 52.57 14.18
N PHE E 272 4.30 53.45 14.66
CA PHE E 272 5.37 53.03 15.54
C PHE E 272 4.84 52.63 16.91
N LYS E 273 3.77 53.28 17.35
CA LYS E 273 3.12 52.86 18.59
C LYS E 273 2.63 51.43 18.44
N PHE E 274 1.99 51.14 17.30
CA PHE E 274 1.52 49.80 16.99
C PHE E 274 2.65 48.78 16.94
N THR E 275 3.71 49.13 16.21
CA THR E 275 4.83 48.23 16.01
C THR E 275 5.61 48.01 17.30
N HIS E 276 5.37 48.88 18.27
CA HIS E 276 6.00 48.74 19.57
C HIS E 276 5.14 47.82 20.45
N ILE E 277 3.82 48.03 20.42
CA ILE E 277 2.90 47.22 21.19
C ILE E 277 2.88 45.74 20.78
N LYS E 278 2.81 45.47 19.47
CA LYS E 278 2.87 44.10 18.95
C LYS E 278 4.32 43.59 18.85
N LYS E 279 5.27 44.47 19.13
CA LYS E 279 6.70 44.14 19.05
C LYS E 279 7.16 43.59 17.70
N ILE E 280 6.54 44.06 16.62
CA ILE E 280 7.04 43.72 15.29
C ILE E 280 8.32 44.54 15.10
N LYS E 281 9.27 44.04 14.32
CA LYS E 281 10.49 44.80 14.11
C LYS E 281 10.24 45.91 13.08
N VAL E 282 11.15 46.87 13.04
CA VAL E 282 11.11 47.95 12.06
C VAL E 282 12.44 48.02 11.34
N ASN E 283 12.43 48.66 10.18
CA ASN E 283 13.61 48.71 9.34
C ASN E 283 14.53 49.78 9.90
N PRO E 284 15.82 49.46 10.02
CA PRO E 284 16.79 50.41 10.57
C PRO E 284 16.84 51.69 9.74
N SER E 285 16.55 51.55 8.45
CA SER E 285 16.61 52.67 7.52
C SER E 285 15.67 53.80 7.94
N TRP E 286 14.63 53.46 8.70
CA TRP E 286 13.71 54.45 9.25
C TRP E 286 14.47 55.55 9.96
N TYR E 287 15.55 55.17 10.65
CA TYR E 287 16.43 56.12 11.32
C TYR E 287 16.79 57.24 10.37
N ASN E 288 17.39 56.86 9.24
CA ASN E 288 17.80 57.82 8.23
C ASN E 288 16.63 58.74 7.94
N PHE E 289 15.47 58.14 7.66
CA PHE E 289 14.27 58.90 7.35
C PHE E 289 14.03 60.00 8.37
N ILE E 290 13.95 59.63 9.63
CA ILE E 290 13.53 60.59 10.64
C ILE E 290 14.56 61.70 10.73
N ILE E 291 15.82 61.38 10.47
CA ILE E 291 16.86 62.38 10.59
C ILE E 291 16.60 63.45 9.56
N SER E 292 16.23 63.03 8.36
CA SER E 292 15.91 63.97 7.29
C SER E 292 14.70 64.80 7.68
N SER E 293 13.74 64.16 8.34
CA SER E 293 12.53 64.87 8.74
C SER E 293 12.86 65.91 9.82
N MSE E 294 13.95 65.68 10.54
CA MSE E 294 14.37 66.63 11.56
C MSE E 294 15.16 67.77 10.91
O MSE E 294 15.26 68.86 11.46
CB MSE E 294 15.20 65.94 12.64
CG MSE E 294 14.44 64.86 13.42
SE MSE E 294 15.54 63.85 14.68
CE MSE E 294 15.94 65.27 15.96
N GLU E 295 15.72 67.49 9.73
CA GLU E 295 16.50 68.49 9.00
C GLU E 295 15.62 69.40 8.18
N LYS E 296 14.55 68.85 7.60
CA LYS E 296 13.65 69.60 6.74
C LYS E 296 12.52 70.28 7.51
N THR E 297 12.63 70.28 8.84
CA THR E 297 11.61 70.92 9.67
C THR E 297 12.24 71.76 10.78
N PHE E 298 11.53 72.82 11.16
CA PHE E 298 12.00 73.71 12.21
C PHE E 298 11.07 73.73 13.40
N GLN E 299 11.60 73.36 14.56
CA GLN E 299 10.87 73.36 15.82
C GLN E 299 9.49 72.69 15.67
N SER E 300 9.51 71.45 15.20
CA SER E 300 8.28 70.69 14.94
C SER E 300 7.89 69.79 16.11
N ILE E 301 6.61 69.83 16.48
CA ILE E 301 6.08 69.01 17.56
C ILE E 301 5.95 67.55 17.12
N GLU E 302 5.39 67.39 15.91
CA GLU E 302 5.04 66.09 15.37
C GLU E 302 6.28 65.24 15.10
N VAL E 303 7.32 65.87 14.55
CA VAL E 303 8.55 65.16 14.29
C VAL E 303 9.19 64.73 15.60
N SER E 304 9.01 65.53 16.65
CA SER E 304 9.52 65.18 17.97
C SER E 304 8.85 63.90 18.48
N LYS E 305 7.51 63.89 18.44
CA LYS E 305 6.77 62.73 18.94
C LYS E 305 7.09 61.47 18.12
N THR E 306 7.05 61.63 16.79
CA THR E 306 7.39 60.54 15.87
C THR E 306 8.77 59.99 16.16
N ALA E 307 9.70 60.89 16.46
CA ALA E 307 11.07 60.52 16.74
C ALA E 307 11.20 59.74 18.04
N MSE E 308 10.44 60.11 19.08
CA MSE E 308 10.54 59.37 20.34
C MSE E 308 9.98 57.96 20.16
O MSE E 308 10.58 56.99 20.64
CB MSE E 308 9.86 60.12 21.49
CG MSE E 308 8.38 59.88 21.68
SE MSE E 308 7.66 60.79 23.25
CE MSE E 308 7.67 59.32 24.50
N PHE E 309 8.85 57.84 19.46
CA PHE E 309 8.27 56.52 19.21
C PHE E 309 9.23 55.64 18.40
N LEU E 310 9.74 56.20 17.31
CA LEU E 310 10.64 55.48 16.42
C LEU E 310 11.92 55.04 17.14
N PHE E 311 12.48 55.95 17.93
CA PHE E 311 13.73 55.66 18.64
C PHE E 311 13.51 54.61 19.70
N GLN E 312 12.32 54.59 20.32
CA GLN E 312 11.99 53.50 21.22
C GLN E 312 11.99 52.17 20.47
N ASN E 313 11.36 52.16 19.29
CA ASN E 313 11.35 50.96 18.46
C ASN E 313 12.76 50.47 18.10
N LEU E 314 13.58 51.37 17.55
CA LEU E 314 14.94 51.05 17.17
C LEU E 314 15.78 50.58 18.36
N SER E 315 15.49 51.14 19.53
CA SER E 315 16.17 50.75 20.76
C SER E 315 15.85 49.31 21.13
N ASP E 316 14.56 48.99 21.17
CA ASP E 316 14.14 47.63 21.54
C ASP E 316 14.66 46.58 20.55
N ASN E 317 14.74 46.94 19.28
CA ASN E 317 15.07 45.99 18.22
C ASN E 317 16.56 45.66 18.07
N SER E 318 17.43 46.39 18.76
CA SER E 318 18.87 46.20 18.59
C SER E 318 19.47 45.25 19.61
N ASN E 319 20.64 44.71 19.28
CA ASN E 319 21.36 43.78 20.15
C ASN E 319 22.55 44.48 20.79
N ASP E 320 23.09 45.46 20.08
CA ASP E 320 24.20 46.25 20.57
C ASP E 320 23.74 47.08 21.76
N GLU E 321 24.41 46.92 22.89
CA GLU E 321 24.00 47.58 24.12
C GLU E 321 24.20 49.10 24.03
N ILE E 322 25.28 49.49 23.36
CA ILE E 322 25.60 50.90 23.15
C ILE E 322 24.51 51.55 22.32
N LYS E 323 24.02 50.83 21.30
CA LYS E 323 22.97 51.36 20.45
C LYS E 323 21.65 51.42 21.21
N LYS E 324 21.46 50.50 22.15
CA LYS E 324 20.27 50.54 23.01
C LYS E 324 20.26 51.81 23.86
N LYS E 325 21.37 52.07 24.53
CA LYS E 325 21.47 53.27 25.37
C LYS E 325 21.37 54.54 24.54
N THR E 326 21.98 54.51 23.36
CA THR E 326 21.97 55.66 22.45
C THR E 326 20.57 56.01 21.94
N PHE E 327 19.89 55.02 21.39
CA PHE E 327 18.54 55.19 20.88
C PHE E 327 17.58 55.59 21.98
N LYS E 328 17.73 54.97 23.14
CA LYS E 328 16.95 55.32 24.32
C LYS E 328 17.13 56.81 24.65
N ARG E 329 18.38 57.24 24.69
CA ARG E 329 18.72 58.62 24.97
C ARG E 329 18.08 59.58 23.97
N GLU E 330 18.16 59.23 22.70
CA GLU E 330 17.60 60.08 21.65
C GLU E 330 16.08 60.17 21.77
N SER E 331 15.46 59.06 22.20
CA SER E 331 14.03 59.05 22.47
C SER E 331 13.70 60.06 23.56
N ILE E 332 14.46 60.02 24.65
CA ILE E 332 14.26 60.96 25.75
C ILE E 332 14.46 62.41 25.33
N LEU E 333 15.50 62.65 24.55
CA LEU E 333 15.82 64.00 24.05
C LEU E 333 14.69 64.57 23.20
N ASN E 334 14.20 63.74 22.28
CA ASN E 334 13.07 64.15 21.44
C ASN E 334 11.81 64.39 22.27
N PHE E 335 11.65 63.64 23.35
CA PHE E 335 10.57 63.92 24.28
C PHE E 335 10.70 65.32 24.88
N VAL E 336 11.90 65.62 25.39
CA VAL E 336 12.15 66.94 25.97
C VAL E 336 11.90 68.07 24.97
N ASN E 337 12.31 67.85 23.72
CA ASN E 337 12.04 68.81 22.66
C ASN E 337 10.54 68.98 22.45
N PHE E 338 9.82 67.86 22.44
CA PHE E 338 8.37 67.86 22.36
C PHE E 338 7.76 68.75 23.43
N VAL E 339 8.17 68.54 24.67
CA VAL E 339 7.67 69.32 25.80
C VAL E 339 7.98 70.81 25.67
N LYS E 340 9.23 71.17 25.37
CA LYS E 340 9.58 72.58 25.30
C LYS E 340 8.84 73.27 24.16
N TYR E 341 8.69 72.57 23.04
CA TYR E 341 7.95 73.12 21.91
C TYR E 341 6.47 73.32 22.25
N ASN E 342 5.90 72.35 22.97
CA ASN E 342 4.52 72.49 23.46
C ASN E 342 4.40 73.70 24.37
N ASP E 343 5.40 73.88 25.22
CA ASP E 343 5.39 75.00 26.16
C ASP E 343 5.44 76.34 25.44
N LYS E 344 6.34 76.47 24.47
CA LYS E 344 6.43 77.70 23.69
C LYS E 344 5.12 77.96 22.96
N TYR E 345 4.52 76.88 22.44
CA TYR E 345 3.25 77.00 21.73
C TYR E 345 2.13 77.53 22.62
N TYR E 346 1.91 76.88 23.75
CA TYR E 346 0.84 77.30 24.66
C TYR E 346 1.14 78.68 25.21
N GLN E 347 2.42 79.05 25.28
CA GLN E 347 2.82 80.36 25.76
C GLN E 347 2.43 81.47 24.79
N LEU E 348 2.76 81.31 23.51
CA LEU E 348 2.62 82.41 22.58
C LEU E 348 1.42 82.40 21.63
N HIS E 349 1.18 81.25 21.02
CA HIS E 349 0.30 81.13 19.86
C HIS E 349 -1.18 81.13 20.25
N ASP E 350 -1.43 80.75 21.50
CA ASP E 350 -2.74 80.72 22.14
C ASP E 350 -2.38 80.77 23.60
N ASN E 351 -3.35 80.99 24.48
CA ASN E 351 -3.06 80.80 25.90
C ASN E 351 -3.35 79.36 26.31
N SER E 352 -3.77 78.57 25.32
CA SER E 352 -4.08 77.15 25.50
C SER E 352 -3.04 76.24 24.83
N HIS E 353 -2.96 75.00 25.29
CA HIS E 353 -2.05 74.01 24.72
C HIS E 353 -2.64 73.36 23.48
N ARG E 354 -1.76 72.85 22.61
CA ARG E 354 -2.18 72.32 21.31
C ARG E 354 -2.99 71.04 21.37
N ASP E 355 -2.51 70.05 22.10
CA ASP E 355 -3.15 68.74 22.12
C ASP E 355 -2.78 68.06 23.43
N ILE E 356 -3.54 68.35 24.48
CA ILE E 356 -3.24 67.87 25.82
C ILE E 356 -3.26 66.34 25.94
N ILE E 357 -4.16 65.68 25.23
CA ILE E 357 -4.24 64.22 25.28
C ILE E 357 -2.94 63.62 24.74
N SER E 358 -2.45 64.16 23.64
CA SER E 358 -1.19 63.73 23.04
C SER E 358 -0.02 64.00 23.99
N PHE E 359 -0.13 65.11 24.72
CA PHE E 359 0.84 65.50 25.74
C PHE E 359 0.97 64.43 26.83
N ILE E 360 -0.14 64.16 27.49
CA ILE E 360 -0.19 63.16 28.55
C ILE E 360 0.22 61.79 28.01
N ASP E 361 -0.15 61.52 26.76
CA ASP E 361 0.23 60.26 26.12
C ASP E 361 1.75 60.18 26.01
N ALA E 362 2.38 61.29 25.64
CA ALA E 362 3.84 61.34 25.50
C ALA E 362 4.51 61.09 26.85
N TYR E 363 4.04 61.79 27.88
CA TYR E 363 4.58 61.58 29.23
C TYR E 363 4.44 60.12 29.65
N SER E 364 3.25 59.56 29.44
CA SER E 364 2.99 58.16 29.79
C SER E 364 3.94 57.22 29.07
N PHE E 365 4.16 57.43 27.77
CA PHE E 365 5.04 56.57 27.00
C PHE E 365 6.47 56.65 27.53
N ILE E 366 7.03 57.86 27.61
CA ILE E 366 8.43 57.99 27.97
C ILE E 366 8.69 57.56 29.42
N LEU E 367 7.72 57.73 30.29
CA LEU E 367 7.90 57.30 31.68
C LEU E 367 7.72 55.80 31.81
N GLN E 368 6.86 55.23 30.96
CA GLN E 368 6.66 53.79 30.92
C GLN E 368 7.93 53.08 30.47
N ASN E 369 8.56 53.60 29.41
CA ASN E 369 9.66 52.86 28.80
C ASN E 369 11.05 53.25 29.29
N SER E 370 11.15 54.21 30.20
CA SER E 370 12.47 54.61 30.70
C SER E 370 12.52 54.51 32.22
N SER E 371 13.74 54.34 32.74
CA SER E 371 13.97 54.31 34.19
C SER E 371 14.84 55.47 34.64
N LYS E 372 15.18 55.50 35.91
CA LYS E 372 16.05 56.54 36.46
C LYS E 372 17.45 56.50 35.84
N THR E 373 17.90 55.32 35.44
CA THR E 373 19.23 55.16 34.87
C THR E 373 19.36 55.95 33.57
N ASP E 374 18.23 56.11 32.88
CA ASP E 374 18.21 56.76 31.58
C ASP E 374 18.25 58.28 31.69
N SER E 375 18.36 58.79 32.92
CA SER E 375 18.30 60.23 33.15
C SER E 375 19.47 60.97 32.52
N ILE E 376 19.22 62.21 32.12
CA ILE E 376 20.22 63.05 31.49
C ILE E 376 20.53 64.25 32.40
N GLU E 377 21.72 64.83 32.20
CA GLU E 377 22.39 65.68 33.19
C GLU E 377 21.56 66.85 33.72
N ASN E 378 21.07 67.69 32.82
CA ASN E 378 20.17 68.78 33.17
C ASN E 378 18.88 68.66 32.39
N VAL E 379 18.99 68.01 31.24
CA VAL E 379 17.91 67.86 30.30
C VAL E 379 16.72 67.08 30.87
N PHE E 380 17.00 65.93 31.48
CA PHE E 380 15.93 65.03 31.88
C PHE E 380 16.12 64.50 33.30
N ASP E 381 15.10 64.66 34.13
CA ASP E 381 15.12 64.10 35.48
C ASP E 381 13.91 63.20 35.62
N TYR E 382 14.16 61.94 35.96
CA TYR E 382 13.09 60.96 35.98
C TYR E 382 12.02 61.31 37.02
N ASP E 383 12.42 61.44 38.28
CA ASP E 383 11.49 61.76 39.36
C ASP E 383 10.76 63.08 39.11
N ASN E 384 11.49 64.08 38.61
CA ASN E 384 10.88 65.36 38.29
C ASN E 384 9.84 65.23 37.18
N THR E 385 10.15 64.42 36.17
CA THR E 385 9.24 64.19 35.07
C THR E 385 7.99 63.46 35.54
N VAL E 386 8.18 62.56 36.50
CA VAL E 386 7.05 61.80 37.06
C VAL E 386 6.15 62.71 37.88
N SER E 387 6.74 63.52 38.75
CA SER E 387 5.99 64.47 39.55
C SER E 387 5.23 65.46 38.67
N THR E 388 5.90 65.95 37.63
CA THR E 388 5.29 66.84 36.64
C THR E 388 4.12 66.15 35.95
N PHE E 389 4.31 64.88 35.64
CA PHE E 389 3.26 64.07 35.03
C PHE E 389 2.03 64.00 35.92
N ALA E 390 2.26 63.70 37.20
CA ALA E 390 1.18 63.59 38.17
C ALA E 390 0.42 64.91 38.32
N THR E 391 1.18 66.00 38.47
CA THR E 391 0.58 67.32 38.65
C THR E 391 -0.19 67.76 37.41
N SER E 392 0.33 67.43 36.23
CA SER E 392 -0.32 67.80 34.98
C SER E 392 -1.58 66.98 34.75
N LEU E 393 -1.54 65.71 35.18
CA LEU E 393 -2.69 64.82 35.10
C LEU E 393 -3.81 65.31 36.01
N ASN E 394 -3.43 65.62 37.26
CA ASN E 394 -4.36 66.14 38.25
C ASN E 394 -4.95 67.46 37.79
N SER E 395 -4.10 68.27 37.15
CA SER E 395 -4.50 69.55 36.58
C SER E 395 -5.48 69.34 35.43
N PHE E 396 -5.22 68.33 34.62
CA PHE E 396 -6.11 67.98 33.53
C PHE E 396 -7.50 67.66 34.07
N TYR E 397 -7.56 66.78 35.06
CA TYR E 397 -8.84 66.42 35.67
C TYR E 397 -9.54 67.63 36.32
N LYS E 398 -8.78 68.45 37.03
CA LYS E 398 -9.33 69.59 37.74
C LYS E 398 -9.84 70.68 36.79
N GLU E 399 -9.15 70.83 35.66
CA GLU E 399 -9.47 71.89 34.70
C GLU E 399 -10.84 71.68 34.08
N TYR E 400 -11.08 70.45 33.61
CA TYR E 400 -12.33 70.13 32.95
C TYR E 400 -13.35 69.56 33.93
N ASN E 401 -13.11 69.81 35.22
CA ASN E 401 -14.01 69.41 36.31
C ASN E 401 -14.37 67.93 36.26
N LEU E 402 -13.45 67.11 35.77
CA LEU E 402 -13.65 65.68 35.75
C LEU E 402 -13.50 65.11 37.16
N PRO E 403 -14.34 64.13 37.51
CA PRO E 403 -14.32 63.53 38.84
C PRO E 403 -13.07 62.69 39.09
N LEU E 404 -12.61 62.68 40.34
CA LEU E 404 -11.40 61.97 40.72
C LEU E 404 -11.68 61.12 41.95
N MSE E 405 -10.94 60.01 42.09
CA MSE E 405 -11.06 59.18 43.27
C MSE E 405 -10.27 59.77 44.42
O MSE E 405 -9.06 59.92 44.32
CB MSE E 405 -10.58 57.76 42.99
CG MSE E 405 -11.01 56.75 44.04
SE MSE E 405 -12.81 56.10 43.68
CE MSE E 405 -13.33 55.69 45.50
N SER E 406 -10.96 60.11 45.50
CA SER E 406 -10.26 60.63 46.67
C SER E 406 -9.56 59.49 47.39
N GLN E 407 -8.67 59.84 48.31
CA GLN E 407 -7.80 58.85 48.94
C GLN E 407 -8.53 57.99 49.99
N SER E 408 -9.35 58.59 50.84
CA SER E 408 -10.02 57.82 51.89
C SER E 408 -11.02 56.88 51.24
N GLU E 409 -11.81 57.41 50.33
CA GLU E 409 -12.80 56.61 49.61
C GLU E 409 -12.19 55.53 48.74
N SER E 410 -10.91 55.67 48.41
CA SER E 410 -10.25 54.72 47.51
C SER E 410 -10.00 53.38 48.18
N LEU E 411 -10.17 53.32 49.50
CA LEU E 411 -9.99 52.08 50.26
C LEU E 411 -11.10 51.09 49.98
N ASP E 412 -12.23 51.57 49.46
CA ASP E 412 -13.31 50.71 49.04
C ASP E 412 -13.72 51.02 47.62
N TRP E 413 -13.68 50.01 46.76
CA TRP E 413 -14.08 50.22 45.38
C TRP E 413 -15.52 49.77 45.22
N LEU E 414 -15.90 48.77 46.00
CA LEU E 414 -17.27 48.25 45.95
C LEU E 414 -18.28 49.28 46.44
N GLU E 415 -17.93 49.92 47.56
CA GLU E 415 -18.77 50.93 48.21
C GLU E 415 -18.76 52.30 47.53
N ASN E 416 -17.58 52.75 47.15
CA ASN E 416 -17.41 54.12 46.68
C ASN E 416 -17.33 54.26 45.16
N SER E 417 -17.74 53.20 44.46
CA SER E 417 -17.68 53.14 43.01
C SER E 417 -18.53 54.19 42.30
N THR E 418 -17.96 54.77 41.25
CA THR E 418 -18.67 55.66 40.34
C THR E 418 -18.28 55.28 38.91
N ARG E 419 -19.18 55.50 37.96
CA ARG E 419 -18.90 55.15 36.57
C ARG E 419 -18.70 56.39 35.70
N CYS E 420 -17.55 56.46 35.05
CA CYS E 420 -17.27 57.55 34.10
C CYS E 420 -17.23 57.04 32.66
N VAL E 421 -17.79 57.83 31.75
CA VAL E 421 -17.80 57.46 30.34
C VAL E 421 -17.17 58.54 29.48
N TYR E 422 -15.99 58.24 28.96
CA TYR E 422 -15.28 59.15 28.07
C TYR E 422 -15.18 58.48 26.70
N PRO E 423 -14.86 59.25 25.66
CA PRO E 423 -14.57 58.64 24.36
C PRO E 423 -13.48 57.58 24.47
N GLY E 424 -13.59 56.50 23.69
CA GLY E 424 -12.69 55.36 23.79
C GLY E 424 -11.23 55.75 23.78
N ASN E 425 -10.88 56.69 22.91
CA ASN E 425 -9.53 57.21 22.82
C ASN E 425 -9.06 57.88 24.11
N ILE E 426 -9.93 58.71 24.66
CA ILE E 426 -9.61 59.49 25.85
C ILE E 426 -9.51 58.54 27.02
N SER E 427 -10.45 57.60 27.08
CA SER E 427 -10.45 56.55 28.08
C SER E 427 -9.16 55.74 28.07
N LYS E 428 -8.75 55.28 26.89
CA LYS E 428 -7.51 54.52 26.75
C LYS E 428 -6.29 55.31 27.22
N VAL E 429 -6.16 56.54 26.73
CA VAL E 429 -5.02 57.37 27.11
C VAL E 429 -4.97 57.60 28.63
N LEU E 430 -6.13 57.88 29.22
CA LEU E 430 -6.20 58.17 30.66
C LEU E 430 -5.93 56.95 31.53
N THR E 431 -6.58 55.83 31.23
CA THR E 431 -6.34 54.59 31.97
C THR E 431 -4.89 54.19 31.86
N ASN E 432 -4.33 54.31 30.67
CA ASN E 432 -2.92 53.97 30.48
C ASN E 432 -2.04 54.89 31.31
N ALA E 433 -2.42 56.15 31.42
CA ALA E 433 -1.68 57.12 32.22
C ALA E 433 -1.70 56.80 33.73
N TRP E 434 -2.89 56.62 34.29
CA TRP E 434 -2.98 56.30 35.71
C TRP E 434 -2.30 54.96 36.00
N SER E 435 -2.46 54.02 35.08
CA SER E 435 -1.85 52.70 35.22
C SER E 435 -0.33 52.79 35.23
N THR E 436 0.25 53.56 34.32
CA THR E 436 1.71 53.69 34.29
C THR E 436 2.21 54.44 35.52
N LEU E 437 1.44 55.43 35.99
CA LEU E 437 1.80 56.13 37.22
C LEU E 437 1.85 55.14 38.39
N TYR E 438 0.85 54.28 38.45
CA TYR E 438 0.82 53.22 39.45
C TYR E 438 2.05 52.33 39.32
N GLU E 439 2.36 51.93 38.08
CA GLU E 439 3.52 51.10 37.82
C GLU E 439 4.80 51.75 38.34
N ILE E 440 4.88 53.07 38.25
CA ILE E 440 6.04 53.80 38.75
C ILE E 440 6.09 53.79 40.28
N ARG E 441 5.01 54.22 40.93
CA ARG E 441 5.03 54.36 42.38
C ARG E 441 4.56 53.11 43.13
N LYS E 442 4.61 51.96 42.44
CA LYS E 442 4.10 50.70 42.96
C LYS E 442 4.92 50.20 44.14
N TYR E 443 6.19 50.58 44.18
CA TYR E 443 7.14 50.04 45.14
C TYR E 443 7.43 50.91 46.36
N GLN E 444 6.89 52.13 46.37
CA GLN E 444 7.16 53.06 47.48
C GLN E 444 6.10 53.04 48.58
N LEU E 445 6.56 52.88 49.82
CA LEU E 445 5.67 52.74 50.98
C LEU E 445 4.88 54.02 51.21
N ASP E 446 5.53 55.16 50.99
CA ASP E 446 4.94 56.48 51.23
C ASP E 446 3.66 56.69 50.42
N PHE E 447 3.60 56.11 49.22
CA PHE E 447 2.41 56.21 48.38
C PHE E 447 1.37 55.12 48.67
N LEU E 448 1.81 54.00 49.22
CA LEU E 448 0.88 52.94 49.60
C LEU E 448 0.09 53.31 50.85
N VAL E 449 0.80 53.78 51.87
CA VAL E 449 0.15 54.17 53.11
C VAL E 449 -0.73 55.40 52.92
N SER E 450 -0.27 56.30 52.05
CA SER E 450 -1.03 57.52 51.72
C SER E 450 -2.26 57.20 50.88
N ASN E 451 -2.39 55.94 50.47
CA ASN E 451 -3.50 55.47 49.67
C ASN E 451 -3.57 56.11 48.29
N ASN E 452 -2.42 56.54 47.78
CA ASN E 452 -2.35 57.14 46.46
C ASN E 452 -2.41 56.08 45.37
N LEU E 453 -1.81 54.92 45.64
CA LEU E 453 -1.80 53.83 44.67
C LEU E 453 -3.19 53.29 44.38
N THR E 454 -3.96 53.11 45.44
CA THR E 454 -5.33 52.63 45.31
C THR E 454 -6.17 53.66 44.54
N SER E 455 -5.87 54.94 44.74
CA SER E 455 -6.55 56.00 44.01
C SER E 455 -6.19 55.95 42.53
N TYR E 456 -4.92 55.70 42.23
CA TYR E 456 -4.47 55.55 40.85
C TYR E 456 -5.25 54.44 40.16
N LEU E 457 -5.23 53.26 40.77
CA LEU E 457 -5.91 52.10 40.21
C LEU E 457 -7.42 52.32 40.08
N CYS E 458 -8.02 52.95 41.08
CA CYS E 458 -9.45 53.25 41.03
C CYS E 458 -9.77 54.20 39.88
N ASN E 459 -8.97 55.25 39.73
CA ASN E 459 -9.14 56.21 38.65
C ASN E 459 -9.02 55.53 37.30
N ALA E 460 -8.17 54.50 37.24
CA ALA E 460 -8.05 53.70 36.03
C ALA E 460 -9.26 52.80 35.84
N MSE E 461 -9.91 52.43 36.94
CA MSE E 461 -11.04 51.50 36.91
C MSE E 461 -12.37 52.19 36.63
O MSE E 461 -13.31 51.54 36.15
CB MSE E 461 -11.14 50.73 38.22
CG MSE E 461 -10.16 49.58 38.35
SE MSE E 461 -10.59 48.42 39.86
CE MSE E 461 -10.63 49.76 41.29
N MSE E 462 -12.47 53.49 36.93
CA MSE E 462 -13.68 54.25 36.63
C MSE E 462 -13.97 54.21 35.14
O MSE E 462 -15.11 54.42 34.71
CB MSE E 462 -13.54 55.69 37.08
CG MSE E 462 -13.18 55.88 38.53
SE MSE E 462 -13.06 57.77 39.00
CE MSE E 462 -12.09 58.41 37.44
N LEU E 463 -12.93 53.95 34.35
CA LEU E 463 -13.04 53.94 32.91
C LEU E 463 -12.92 52.51 32.39
N SER E 464 -14.05 51.82 32.36
CA SER E 464 -14.20 50.40 31.98
C SER E 464 -15.47 49.84 32.61
N GLY E 479 -12.82 39.68 26.22
CA GLY E 479 -12.13 40.37 25.15
C GLY E 479 -10.91 41.14 25.63
N GLU E 480 -10.64 42.28 25.01
CA GLU E 480 -9.49 43.11 25.34
C GLU E 480 -9.66 43.92 26.64
N GLU E 481 -10.73 44.71 26.68
CA GLU E 481 -10.97 45.63 27.79
C GLU E 481 -11.39 44.85 29.03
N GLU E 482 -11.95 43.67 28.82
CA GLU E 482 -12.36 42.81 29.93
C GLU E 482 -11.14 42.31 30.69
N LYS E 483 -10.14 41.84 29.95
CA LYS E 483 -8.90 41.38 30.55
C LYS E 483 -8.12 42.56 31.15
N ALA E 484 -8.26 43.72 30.52
CA ALA E 484 -7.68 44.94 31.11
C ALA E 484 -8.26 45.14 32.50
N LEU E 485 -9.59 45.06 32.59
CA LEU E 485 -10.28 45.13 33.88
C LEU E 485 -9.80 44.07 34.88
N ARG E 486 -9.64 42.83 34.41
CA ARG E 486 -9.16 41.78 35.30
C ARG E 486 -7.80 42.14 35.89
N GLU E 487 -6.86 42.56 35.05
CA GLU E 487 -5.53 42.88 35.57
C GLU E 487 -5.59 44.07 36.54
N LEU E 488 -6.39 45.08 36.22
CA LEU E 488 -6.53 46.23 37.14
C LEU E 488 -7.13 45.84 38.49
N GLN E 489 -8.23 45.10 38.46
CA GLN E 489 -8.91 44.68 39.67
C GLN E 489 -7.99 43.81 40.52
N PHE E 490 -7.27 42.89 39.87
CA PHE E 490 -6.32 42.06 40.58
C PHE E 490 -5.25 42.90 41.25
N LYS E 491 -4.64 43.81 40.50
CA LYS E 491 -3.60 44.67 41.06
C LYS E 491 -4.11 45.51 42.22
N TYR E 492 -5.38 45.92 42.14
CA TYR E 492 -6.03 46.67 43.22
C TYR E 492 -6.14 45.83 44.49
N SER E 493 -6.68 44.63 44.35
CA SER E 493 -6.82 43.72 45.49
C SER E 493 -5.46 43.39 46.11
N TYR E 494 -4.47 43.13 45.25
CA TYR E 494 -3.11 42.85 45.68
C TYR E 494 -2.55 44.04 46.45
N THR E 495 -2.89 45.24 46.00
CA THR E 495 -2.44 46.48 46.65
C THR E 495 -3.08 46.68 48.03
N LEU E 496 -4.36 46.33 48.14
CA LEU E 496 -5.05 46.38 49.42
C LEU E 496 -4.46 45.34 50.37
N ALA E 497 -4.07 44.21 49.81
CA ALA E 497 -3.46 43.12 50.57
C ALA E 497 -2.07 43.50 51.09
N GLN E 498 -1.27 44.15 50.25
CA GLN E 498 0.04 44.63 50.68
C GLN E 498 -0.05 45.58 51.88
N GLN E 499 -1.05 46.45 51.86
CA GLN E 499 -1.28 47.36 52.97
C GLN E 499 -1.86 46.56 54.13
N ARG E 500 -2.26 45.32 53.83
CA ARG E 500 -2.79 44.38 54.81
C ARG E 500 -4.15 44.82 55.31
N HIS E 501 -4.89 45.52 54.45
CA HIS E 501 -6.30 45.74 54.66
C HIS E 501 -6.93 44.51 54.04
N ILE E 502 -6.77 43.39 54.75
CA ILE E 502 -7.07 42.08 54.23
C ILE E 502 -8.57 41.82 54.22
N GLU E 503 -9.25 42.35 55.23
CA GLU E 503 -10.69 42.13 55.36
C GLU E 503 -11.45 42.69 54.16
N THR E 504 -11.05 43.87 53.69
CA THR E 504 -11.68 44.48 52.52
C THR E 504 -11.18 43.88 51.22
N ALA E 505 -9.90 43.51 51.19
CA ALA E 505 -9.29 42.92 50.00
C ALA E 505 -9.92 41.59 49.64
N ILE E 506 -10.24 40.79 50.66
CA ILE E 506 -10.90 39.51 50.45
C ILE E 506 -12.29 39.70 49.84
N LYS E 507 -13.03 40.66 50.36
CA LYS E 507 -14.38 40.93 49.87
C LYS E 507 -14.34 41.47 48.45
N THR E 508 -13.43 42.39 48.17
CA THR E 508 -13.27 42.89 46.81
C THR E 508 -12.97 41.73 45.87
N LEU E 509 -12.07 40.84 46.29
CA LEU E 509 -11.70 39.67 45.50
C LEU E 509 -12.93 38.78 45.22
N GLU E 510 -13.66 38.45 46.27
CA GLU E 510 -14.83 37.58 46.19
C GLU E 510 -15.96 38.16 45.32
N SER E 511 -16.45 39.34 45.71
CA SER E 511 -17.57 39.99 45.04
C SER E 511 -17.21 40.48 43.63
N LEU E 512 -16.17 41.29 43.53
CA LEU E 512 -15.83 41.92 42.26
C LEU E 512 -15.20 40.99 41.23
N ILE E 513 -14.10 40.35 41.61
CA ILE E 513 -13.27 39.67 40.63
C ILE E 513 -13.66 38.21 40.42
N LEU E 514 -13.85 37.48 41.50
CA LEU E 514 -14.02 36.03 41.39
C LEU E 514 -15.47 35.54 41.27
N SER E 515 -16.43 36.43 41.46
CA SER E 515 -17.83 36.05 41.37
C SER E 515 -18.27 35.80 39.93
N LYS E 516 -17.45 36.24 38.98
CA LYS E 516 -17.73 36.10 37.55
C LYS E 516 -16.45 35.85 36.76
N ASN E 517 -15.40 35.44 37.47
CA ASN E 517 -14.15 35.01 36.84
C ASN E 517 -13.69 33.75 37.55
N PRO E 518 -14.30 32.60 37.23
CA PRO E 518 -13.87 31.38 37.91
C PRO E 518 -12.58 30.79 37.36
N ASN E 519 -12.24 31.15 36.14
CA ASN E 519 -11.09 30.58 35.45
C ASN E 519 -9.81 31.41 35.65
N TYR E 520 -9.88 32.35 36.58
CA TYR E 520 -8.84 33.36 36.79
C TYR E 520 -8.10 33.02 38.08
N TYR E 521 -6.97 32.34 37.95
CA TYR E 521 -6.38 31.63 39.08
C TYR E 521 -5.42 32.49 39.90
N LYS E 522 -5.10 33.65 39.35
CA LYS E 522 -4.16 34.57 39.96
C LYS E 522 -4.81 35.09 41.23
N ALA E 523 -6.09 35.45 41.08
CA ALA E 523 -6.86 36.05 42.15
C ALA E 523 -7.35 34.97 43.10
N TRP E 524 -7.39 33.72 42.63
CA TRP E 524 -7.71 32.62 43.54
C TRP E 524 -6.55 32.41 44.49
N HIS E 525 -5.33 32.46 43.96
CA HIS E 525 -4.18 32.33 44.84
C HIS E 525 -4.13 33.53 45.78
N LEU E 526 -4.50 34.71 45.29
CA LEU E 526 -4.51 35.87 46.17
C LEU E 526 -5.56 35.73 47.28
N LEU E 527 -6.73 35.20 46.95
CA LEU E 527 -7.80 35.00 47.94
C LEU E 527 -7.41 33.99 49.01
N ALA E 528 -6.88 32.87 48.54
CA ALA E 528 -6.42 31.82 49.42
C ALA E 528 -5.35 32.33 50.37
N LEU E 529 -4.40 33.05 49.80
CA LEU E 529 -3.30 33.61 50.59
C LEU E 529 -3.79 34.63 51.61
N CYS E 530 -4.78 35.45 51.24
CA CYS E 530 -5.34 36.43 52.18
C CYS E 530 -6.10 35.77 53.32
N ARG E 531 -6.86 34.71 53.02
CA ARG E 531 -7.63 34.05 54.07
C ARG E 531 -6.74 33.17 54.97
N SER E 532 -5.51 32.91 54.52
CA SER E 532 -4.56 32.16 55.33
C SER E 532 -4.10 32.95 56.56
N VAL E 533 -4.22 34.27 56.53
CA VAL E 533 -3.68 35.09 57.63
C VAL E 533 -4.44 34.89 58.94
N GLN E 534 -5.74 34.62 58.84
CA GLN E 534 -6.55 34.41 60.04
C GLN E 534 -6.19 33.09 60.71
N GLU E 535 -6.91 32.76 61.78
CA GLU E 535 -6.65 31.55 62.56
C GLU E 535 -7.18 30.32 61.83
N ASP E 536 -8.18 30.52 60.98
CA ASP E 536 -8.78 29.41 60.26
C ASP E 536 -8.10 29.19 58.93
N LYS E 537 -7.48 28.03 58.80
CA LYS E 537 -6.73 27.71 57.60
C LYS E 537 -7.60 26.71 56.84
N GLU E 538 -8.76 26.47 57.41
CA GLU E 538 -9.72 25.48 56.94
C GLU E 538 -10.40 25.97 55.67
N MSE E 539 -10.51 27.28 55.53
CA MSE E 539 -11.08 27.86 54.33
C MSE E 539 -10.05 27.88 53.21
O MSE E 539 -10.27 27.34 52.12
CB MSE E 539 -11.61 29.27 54.60
CG MSE E 539 -12.26 29.92 53.40
SE MSE E 539 -13.98 29.16 52.88
CE MSE E 539 -14.32 30.26 51.30
N SER E 540 -8.90 28.51 53.49
CA SER E 540 -7.84 28.69 52.50
C SER E 540 -7.34 27.35 51.93
N TYR E 541 -7.14 26.36 52.79
CA TYR E 541 -6.67 25.04 52.34
C TYR E 541 -7.63 24.43 51.34
N LYS E 542 -8.91 24.45 51.69
CA LYS E 542 -9.94 23.87 50.84
C LYS E 542 -10.04 24.65 49.53
N ILE E 543 -9.85 25.96 49.59
CA ILE E 543 -9.81 26.78 48.38
C ILE E 543 -8.68 26.37 47.46
N VAL E 544 -7.45 26.32 47.98
CA VAL E 544 -6.30 25.94 47.15
C VAL E 544 -6.49 24.54 46.59
N CYS E 545 -7.15 23.66 47.34
CA CYS E 545 -7.40 22.31 46.86
C CYS E 545 -8.37 22.28 45.68
N SER E 546 -9.52 22.95 45.84
CA SER E 546 -10.52 22.96 44.77
C SER E 546 -9.95 23.62 43.52
N VAL E 547 -9.28 24.74 43.72
CA VAL E 547 -8.67 25.48 42.62
C VAL E 547 -7.58 24.62 41.95
N LEU E 548 -6.82 23.87 42.75
CA LEU E 548 -5.79 22.99 42.23
C LEU E 548 -6.39 21.91 41.32
N GLU E 549 -7.50 21.31 41.76
CA GLU E 549 -8.19 20.32 40.95
C GLU E 549 -8.68 20.95 39.65
N ALA E 550 -9.23 22.15 39.75
CA ALA E 550 -9.71 22.86 38.57
C ALA E 550 -8.57 23.10 37.59
N MSE E 551 -7.39 23.44 38.11
CA MSE E 551 -6.21 23.64 37.29
C MSE E 551 -5.76 22.35 36.62
O MSE E 551 -5.29 22.37 35.50
CB MSE E 551 -5.06 24.21 38.12
CG MSE E 551 -5.22 25.67 38.51
SE MSE E 551 -3.47 26.55 38.60
CE MSE E 551 -3.84 27.82 40.03
N ASN E 552 -5.90 21.23 37.33
CA ASN E 552 -5.58 19.94 36.72
C ASN E 552 -6.54 19.60 35.58
N GLU E 553 -7.81 19.92 35.78
CA GLU E 553 -8.83 19.69 34.76
C GLU E 553 -8.55 20.54 33.53
N SER E 554 -8.27 21.82 33.73
CA SER E 554 -7.99 22.70 32.62
C SER E 554 -6.68 22.32 31.94
N LEU E 555 -5.77 21.75 32.72
CA LEU E 555 -4.46 21.32 32.22
C LEU E 555 -4.57 20.15 31.25
N GLN E 556 -5.19 19.06 31.71
CA GLN E 556 -5.17 17.83 30.95
C GLN E 556 -6.37 17.66 30.03
N ASN E 557 -7.57 17.83 30.58
CA ASN E 557 -8.79 17.61 29.81
C ASN E 557 -8.92 18.64 28.70
N ASN E 558 -8.44 19.84 28.97
CA ASN E 558 -8.39 20.90 27.98
C ASN E 558 -6.92 21.25 27.82
N THR E 559 -6.53 21.89 26.73
CA THR E 559 -5.16 22.38 26.63
C THR E 559 -5.19 23.90 26.84
N LEU E 560 -4.81 24.36 28.03
CA LEU E 560 -4.93 25.79 28.35
C LEU E 560 -3.88 26.27 29.36
N LEU E 561 -4.17 27.39 30.02
CA LEU E 561 -3.32 28.01 31.06
C LEU E 561 -1.80 28.02 30.85
N LEU E 562 -1.34 28.35 29.65
CA LEU E 562 0.09 28.56 29.37
C LEU E 562 0.86 29.45 30.35
N ASN E 563 0.45 30.70 30.56
CA ASN E 563 1.14 31.52 31.55
C ASN E 563 0.94 31.06 32.99
N ASP E 564 -0.22 30.50 33.28
CA ASP E 564 -0.60 30.15 34.66
C ASP E 564 0.19 29.00 35.30
N ARG E 565 0.98 28.27 34.51
CA ARG E 565 1.71 27.12 35.06
C ARG E 565 2.62 27.48 36.21
N TRP E 566 3.28 28.64 36.18
CA TRP E 566 4.08 29.02 37.33
C TRP E 566 3.16 29.18 38.52
N GLN E 567 2.03 29.86 38.29
CA GLN E 567 1.02 30.08 39.31
C GLN E 567 0.52 28.72 39.81
N PHE E 568 0.49 27.74 38.92
CA PHE E 568 0.09 26.39 39.31
C PHE E 568 1.05 25.88 40.38
N ILE E 569 2.33 25.81 40.04
CA ILE E 569 3.33 25.24 40.94
C ILE E 569 3.37 25.96 42.29
N HIS E 570 3.43 27.28 42.26
CA HIS E 570 3.46 28.02 43.52
C HIS E 570 2.21 27.76 44.33
N LEU E 571 1.07 27.60 43.66
CA LEU E 571 -0.16 27.29 44.39
C LEU E 571 0.05 25.98 45.13
N LYS E 572 0.66 25.02 44.44
CA LYS E 572 0.94 23.74 45.05
C LYS E 572 1.84 23.94 46.25
N LEU E 573 2.83 24.81 46.11
CA LEU E 573 3.74 25.10 47.20
C LEU E 573 2.97 25.66 48.37
N THR E 574 2.02 26.56 48.06
CA THR E 574 1.20 27.13 49.11
C THR E 574 0.45 26.03 49.83
N GLN E 575 -0.07 25.07 49.05
CA GLN E 575 -0.78 23.95 49.63
C GLN E 575 0.10 23.25 50.63
N LEU E 576 1.35 23.00 50.24
CA LEU E 576 2.26 22.29 51.12
C LEU E 576 2.36 23.02 52.44
N ALA E 577 2.60 24.32 52.34
CA ALA E 577 2.79 25.12 53.53
C ALA E 577 1.54 25.08 54.38
N LEU E 578 0.39 25.14 53.72
CA LEU E 578 -0.88 25.10 54.42
C LEU E 578 -0.99 23.81 55.20
N ILE E 579 -0.74 22.71 54.51
CA ILE E 579 -0.79 21.41 55.17
C ILE E 579 0.14 21.43 56.37
N GLU E 580 1.36 21.94 56.17
CA GLU E 580 2.34 21.98 57.26
C GLU E 580 1.79 22.68 58.51
N GLU E 581 1.08 23.78 58.32
CA GLU E 581 0.56 24.52 59.47
C GLU E 581 -0.67 23.84 60.06
N ILE E 582 -1.48 23.20 59.21
CA ILE E 582 -2.74 22.62 59.71
C ILE E 582 -2.52 21.26 60.36
N PHE E 583 -1.74 20.41 59.72
CA PHE E 583 -1.51 19.06 60.21
C PHE E 583 -0.16 18.93 60.92
N GLY E 584 0.90 18.89 60.13
CA GLY E 584 2.23 18.72 60.68
C GLY E 584 3.28 18.75 59.58
N THR E 585 4.53 18.98 59.96
CA THR E 585 5.61 19.06 58.99
C THR E 585 5.87 17.72 58.29
N LEU E 586 5.63 16.62 59.01
CA LEU E 586 5.84 15.29 58.44
C LEU E 586 4.75 14.93 57.43
N GLU E 587 3.50 15.22 57.80
CA GLU E 587 2.37 14.97 56.91
C GLU E 587 2.51 15.79 55.63
N ALA E 588 3.16 16.94 55.74
CA ALA E 588 3.49 17.76 54.58
C ALA E 588 4.65 17.16 53.79
N LEU E 589 5.61 16.56 54.51
CA LEU E 589 6.73 15.88 53.88
C LEU E 589 6.21 14.74 53.00
N GLU E 590 5.08 14.17 53.40
CA GLU E 590 4.48 13.06 52.66
C GLU E 590 4.11 13.43 51.23
N THR E 591 3.59 14.65 51.05
CA THR E 591 3.02 15.07 49.78
C THR E 591 3.99 15.77 48.83
N LEU E 592 5.28 15.80 49.17
CA LEU E 592 6.28 16.46 48.33
C LEU E 592 6.40 15.92 46.90
N PRO E 593 6.44 14.58 46.72
CA PRO E 593 6.58 14.07 45.33
C PRO E 593 5.51 14.57 44.37
N GLU E 594 4.37 15.00 44.89
CA GLU E 594 3.28 15.49 44.05
C GLU E 594 3.66 16.75 43.27
N VAL E 595 4.46 17.59 43.90
CA VAL E 595 4.89 18.85 43.28
C VAL E 595 5.83 18.60 42.11
N PHE E 596 6.75 17.66 42.29
CA PHE E 596 7.71 17.31 41.25
C PHE E 596 7.00 16.60 40.11
N GLU E 597 6.01 15.77 40.43
CA GLU E 597 5.18 15.16 39.41
C GLU E 597 4.47 16.26 38.63
N LEU E 598 3.99 17.27 39.36
CA LEU E 598 3.35 18.41 38.75
C LEU E 598 4.31 19.16 37.83
N TYR E 599 5.52 19.42 38.31
CA TYR E 599 6.53 20.10 37.49
C TYR E 599 6.85 19.26 36.26
N ALA E 600 7.08 17.96 36.48
CA ALA E 600 7.39 17.06 35.38
C ALA E 600 6.27 17.05 34.37
N THR E 601 5.03 17.14 34.86
CA THR E 601 3.88 17.18 33.98
C THR E 601 3.80 18.52 33.25
N LEU E 602 3.89 19.61 34.01
CA LEU E 602 3.79 20.96 33.45
C LEU E 602 4.93 21.32 32.50
N PHE E 603 6.16 20.93 32.83
CA PHE E 603 7.29 21.29 31.97
C PHE E 603 8.03 20.11 31.36
N PRO E 604 7.66 19.77 30.11
CA PRO E 604 8.37 18.76 29.30
C PRO E 604 9.67 19.36 28.79
N ASP E 605 10.44 18.59 28.03
CA ASP E 605 11.71 19.06 27.49
C ASP E 605 11.48 19.88 26.22
N SER E 606 10.25 19.86 25.73
CA SER E 606 9.89 20.57 24.52
C SER E 606 9.23 21.91 24.83
N MSE E 613 8.54 32.13 29.85
CA MSE E 613 7.46 32.97 30.33
C MSE E 613 7.75 34.45 30.10
O MSE E 613 6.90 35.19 29.60
CB MSE E 613 7.22 32.73 31.82
CG MSE E 613 6.17 33.64 32.44
SE MSE E 613 5.94 33.31 34.35
CE MSE E 613 4.70 34.75 34.74
N GLY E 614 8.95 34.86 30.47
CA GLY E 614 9.41 36.21 30.22
C GLY E 614 10.86 36.20 29.79
N PRO E 615 11.49 37.39 29.77
CA PRO E 615 12.89 37.49 29.34
C PRO E 615 13.88 37.58 30.50
N LYS E 616 13.39 37.52 31.73
CA LYS E 616 14.27 37.62 32.88
C LYS E 616 14.52 36.28 33.54
N TYR E 617 15.39 36.28 34.55
CA TYR E 617 15.77 35.05 35.25
C TYR E 617 14.71 34.68 36.27
N SER E 618 13.99 35.68 36.74
CA SER E 618 12.92 35.47 37.71
C SER E 618 11.75 34.65 37.18
N GLN E 619 11.65 34.50 35.85
CA GLN E 619 10.51 33.80 35.25
C GLN E 619 10.87 32.68 34.25
N THR E 620 12.00 32.00 34.47
CA THR E 620 12.40 30.88 33.60
C THR E 620 12.02 29.54 34.22
N LYS E 621 11.81 28.52 33.38
CA LYS E 621 11.40 27.20 33.85
C LYS E 621 12.36 26.62 34.90
N GLU E 622 13.66 26.87 34.73
CA GLU E 622 14.69 26.35 35.63
C GLU E 622 14.64 27.01 37.02
N TYR E 623 14.25 28.28 37.01
CA TYR E 623 14.10 29.08 38.23
C TYR E 623 13.15 28.41 39.20
N LEU E 624 12.03 27.95 38.65
CA LEU E 624 11.00 27.27 39.41
C LEU E 624 11.57 26.06 40.14
N LEU E 625 12.31 25.23 39.39
CA LEU E 625 12.95 24.06 39.99
C LEU E 625 13.83 24.45 41.15
N GLN E 626 14.66 25.47 40.96
CA GLN E 626 15.56 25.90 42.03
C GLN E 626 14.79 26.33 43.30
N MSE E 627 13.75 27.14 43.13
CA MSE E 627 13.00 27.61 44.31
C MSE E 627 12.21 26.50 44.98
O MSE E 627 12.08 26.48 46.21
CB MSE E 627 12.08 28.77 43.94
CG MSE E 627 12.79 30.11 43.88
SE MSE E 627 11.57 31.61 44.14
CE MSE E 627 10.24 31.12 42.81
N VAL E 628 11.67 25.57 44.20
CA VAL E 628 10.97 24.41 44.75
C VAL E 628 11.94 23.58 45.59
N TRP E 629 13.13 23.32 45.05
CA TRP E 629 14.15 22.58 45.78
C TRP E 629 14.52 23.28 47.09
N ILE E 630 14.61 24.61 47.06
CA ILE E 630 14.89 25.35 48.29
C ILE E 630 13.74 25.18 49.30
N PHE E 631 12.50 25.19 48.80
CA PHE E 631 11.31 24.99 49.62
C PHE E 631 11.38 23.64 50.35
N ALA E 632 11.59 22.58 49.58
CA ALA E 632 11.75 21.23 50.12
C ALA E 632 12.89 21.17 51.12
N ALA E 633 14.00 21.83 50.80
CA ALA E 633 15.16 21.88 51.68
C ALA E 633 14.79 22.47 53.04
N ASN E 634 14.10 23.60 53.03
CA ASN E 634 13.64 24.24 54.25
C ASN E 634 12.75 23.31 55.07
N MSE E 635 11.80 22.68 54.39
CA MSE E 635 10.87 21.78 55.06
C MSE E 635 11.57 20.55 55.65
O MSE E 635 11.14 20.00 56.65
CB MSE E 635 9.77 21.33 54.08
CG MSE E 635 8.36 21.56 54.62
SE MSE E 635 6.98 21.39 53.27
CE MSE E 635 7.08 19.47 52.99
N TYR E 636 12.67 20.16 55.03
CA TYR E 636 13.49 19.06 55.53
C TYR E 636 14.33 19.53 56.72
N MSE E 637 14.64 20.81 56.72
CA MSE E 637 15.49 21.39 57.74
C MSE E 637 14.75 21.72 59.02
O MSE E 637 15.35 21.85 60.09
CB MSE E 637 16.20 22.64 57.22
CG MSE E 637 17.52 22.34 56.50
SE MSE E 637 18.47 23.96 55.95
CE MSE E 637 17.35 24.51 54.47
N ARG E 638 13.42 21.87 58.95
CA ARG E 638 12.66 22.08 60.19
C ARG E 638 12.61 20.80 61.03
N THR E 639 12.52 19.65 60.37
CA THR E 639 12.54 18.36 61.04
C THR E 639 13.98 17.87 61.28
N LYS E 640 14.29 17.40 62.49
CA LYS E 640 15.63 16.90 62.76
C LYS E 640 15.86 15.60 61.99
N ASP E 641 14.77 14.99 61.53
CA ASP E 641 14.85 13.73 60.81
C ASP E 641 15.11 14.05 59.34
N ASN E 642 15.84 13.16 58.67
CA ASN E 642 16.20 13.36 57.27
C ASN E 642 16.81 14.74 57.08
N ASP E 643 18.00 14.92 57.65
CA ASP E 643 18.72 16.18 57.55
C ASP E 643 19.62 16.11 56.34
N GLU E 644 20.02 14.88 55.99
CA GLU E 644 20.82 14.62 54.82
C GLU E 644 20.00 14.89 53.55
N ASP E 645 18.70 14.66 53.66
CA ASP E 645 17.77 14.94 52.58
C ASP E 645 17.77 16.41 52.17
N ALA E 646 17.88 17.29 53.15
CA ALA E 646 17.97 18.73 52.87
C ALA E 646 19.23 19.04 52.07
N LYS E 647 20.33 18.41 52.44
CA LYS E 647 21.60 18.57 51.73
C LYS E 647 21.48 18.08 50.28
N ALA E 648 20.87 16.91 50.10
CA ALA E 648 20.66 16.38 48.76
C ALA E 648 19.78 17.30 47.92
N ALA E 649 18.73 17.85 48.55
CA ALA E 649 17.83 18.78 47.87
C ALA E 649 18.56 20.04 47.42
N ILE E 650 19.36 20.63 48.31
CA ILE E 650 20.14 21.82 47.99
C ILE E 650 21.16 21.54 46.87
N LYS E 651 21.78 20.37 46.95
CA LYS E 651 22.72 19.93 45.93
C LYS E 651 22.03 19.88 44.57
N GLU E 652 20.83 19.31 44.54
CA GLU E 652 20.05 19.26 43.31
C GLU E 652 19.68 20.67 42.82
N ALA E 653 19.42 21.56 43.77
CA ALA E 653 19.07 22.94 43.43
C ALA E 653 20.22 23.61 42.70
N SER E 654 21.43 23.45 43.21
CA SER E 654 22.61 24.04 42.58
C SER E 654 22.93 23.41 41.22
N ASN E 655 22.61 22.13 41.08
CA ASN E 655 22.87 21.35 39.87
C ASN E 655 22.02 21.73 38.65
N VAL E 656 21.29 22.84 38.76
CA VAL E 656 20.51 23.33 37.63
C VAL E 656 21.28 24.33 36.76
N PHE E 660 22.06 32.55 33.28
CA PHE E 660 23.22 33.43 33.34
C PHE E 660 23.52 33.99 34.74
N LYS E 661 22.52 34.04 35.60
CA LYS E 661 22.70 34.63 36.93
C LYS E 661 21.98 33.83 38.00
N ASN E 662 22.68 32.84 38.56
CA ASN E 662 22.08 31.94 39.55
C ASN E 662 22.19 32.50 40.97
N LEU E 663 21.16 33.23 41.40
CA LEU E 663 21.19 33.85 42.72
C LEU E 663 20.69 32.84 43.75
N ASN E 664 19.85 31.93 43.28
CA ASN E 664 19.27 30.90 44.12
C ASN E 664 20.29 29.84 44.47
N CYS E 665 21.31 29.71 43.63
CA CYS E 665 22.45 28.87 43.95
C CYS E 665 23.21 29.48 45.12
N ASN E 666 23.22 30.82 45.18
CA ASN E 666 23.87 31.50 46.30
C ASN E 666 23.06 31.33 47.58
N ILE E 667 21.73 31.39 47.47
CA ILE E 667 20.89 31.16 48.64
C ILE E 667 21.00 29.71 49.11
N ALA E 668 21.10 28.79 48.15
CA ALA E 668 21.23 27.37 48.44
C ALA E 668 22.56 27.11 49.15
N ASN E 669 23.63 27.67 48.61
CA ASN E 669 24.95 27.57 49.23
C ASN E 669 24.95 28.19 50.62
N GLY E 670 24.19 29.26 50.79
CA GLY E 670 24.11 29.94 52.06
C GLY E 670 23.45 29.10 53.13
N TYR E 671 22.28 28.54 52.83
CA TYR E 671 21.59 27.68 53.78
C TYR E 671 22.35 26.37 53.99
N LEU E 672 22.99 25.87 52.94
CA LEU E 672 23.78 24.64 53.03
C LEU E 672 25.04 24.81 53.88
N SER E 673 25.60 26.01 53.88
CA SER E 673 26.85 26.23 54.61
C SER E 673 26.58 26.38 56.10
N ILE E 674 25.34 26.73 56.43
CA ILE E 674 24.83 26.86 57.80
C ILE E 674 25.92 27.21 58.83
N PRO E 679 29.06 29.57 58.75
CA PRO E 679 28.98 30.85 59.45
C PRO E 679 29.21 32.03 58.51
N GLY E 680 30.45 32.52 58.43
CA GLY E 680 30.75 33.64 57.56
C GLY E 680 30.71 33.22 56.11
N VAL E 681 30.77 31.91 55.88
CA VAL E 681 30.68 31.36 54.53
C VAL E 681 29.29 31.60 53.97
N ALA E 682 28.28 31.40 54.81
CA ALA E 682 26.90 31.73 54.47
C ALA E 682 26.76 33.23 54.27
N LEU E 683 27.40 33.99 55.15
CA LEU E 683 27.37 35.44 55.15
C LEU E 683 27.84 36.09 53.85
N LYS E 684 28.99 35.64 53.33
CA LYS E 684 29.46 36.18 52.05
C LYS E 684 28.40 35.96 50.97
N GLU E 685 27.81 34.78 50.98
CA GLU E 685 26.74 34.42 50.05
C GLU E 685 25.60 35.44 50.18
N PHE E 686 25.25 35.75 51.41
CA PHE E 686 24.17 36.72 51.68
C PHE E 686 24.53 38.12 51.21
N GLU E 687 25.82 38.46 51.31
CA GLU E 687 26.29 39.74 50.81
C GLU E 687 25.97 39.80 49.32
N THR E 688 26.30 38.71 48.65
CA THR E 688 26.07 38.60 47.22
C THR E 688 24.60 38.64 46.81
N VAL E 689 23.76 37.90 47.53
CA VAL E 689 22.32 37.92 47.22
C VAL E 689 21.69 39.26 47.49
N LEU E 690 22.02 39.86 48.63
CA LEU E 690 21.44 41.15 48.99
C LEU E 690 21.98 42.24 48.07
N TYR E 691 23.16 42.03 47.49
CA TYR E 691 23.69 43.05 46.60
C TYR E 691 22.84 43.13 45.33
N TYR E 692 22.65 41.97 44.71
CA TYR E 692 21.93 41.80 43.44
C TYR E 692 20.40 41.86 43.61
N ASP E 693 19.97 41.89 44.86
CA ASP E 693 18.58 42.15 45.26
C ASP E 693 18.72 42.97 46.53
N GLU E 694 18.49 44.26 46.40
CA GLU E 694 18.78 45.21 47.47
C GLU E 694 18.03 44.82 48.71
N ASN E 695 16.72 44.72 48.56
CA ASN E 695 15.83 44.47 49.67
C ASN E 695 15.39 43.02 49.88
N ASN E 696 16.09 42.05 49.29
CA ASN E 696 15.67 40.64 49.35
C ASN E 696 15.40 40.19 50.77
N LEU E 697 14.28 39.49 50.96
CA LEU E 697 13.78 39.26 52.29
C LEU E 697 14.44 38.11 53.06
N ASP E 698 14.31 36.88 52.58
CA ASP E 698 14.78 35.73 53.36
C ASP E 698 16.31 35.66 53.45
N ALA E 699 17.01 36.26 52.50
CA ALA E 699 18.46 36.42 52.60
C ALA E 699 18.82 37.34 53.78
N LEU E 700 18.13 38.47 53.84
CA LEU E 700 18.29 39.44 54.91
C LEU E 700 17.94 38.82 56.25
N VAL E 701 16.88 38.04 56.25
CA VAL E 701 16.40 37.34 57.44
C VAL E 701 17.43 36.32 57.90
N GLY E 702 18.08 35.64 56.95
CA GLY E 702 19.11 34.69 57.30
C GLY E 702 20.29 35.39 57.96
N PHE E 703 20.72 36.49 57.34
CA PHE E 703 21.77 37.33 57.92
C PHE E 703 21.43 37.74 59.35
N ALA E 704 20.24 38.28 59.55
CA ALA E 704 19.82 38.74 60.87
C ALA E 704 19.75 37.57 61.85
N GLU E 705 19.39 36.41 61.31
CA GLU E 705 19.27 35.17 62.07
C GLU E 705 20.61 34.70 62.61
N LEU E 706 21.68 34.88 61.85
CA LEU E 706 23.01 34.46 62.30
C LEU E 706 23.53 35.22 63.54
N ILE E 707 23.19 36.50 63.67
CA ILE E 707 23.62 37.28 64.82
C ILE E 707 22.74 36.99 66.05
N PHE E 708 21.53 36.52 65.80
CA PHE E 708 20.60 36.24 66.88
C PHE E 708 20.06 34.81 66.79
N ASP E 734 35.46 42.21 64.51
CA ASP E 734 34.61 43.09 65.30
C ASP E 734 33.13 42.80 65.08
N ARG E 735 32.42 42.47 66.15
CA ARG E 735 30.98 42.22 66.08
C ARG E 735 30.23 43.52 65.84
N SER E 736 30.80 44.63 66.33
CA SER E 736 30.18 45.94 66.19
C SER E 736 30.03 46.34 64.72
N ALA E 737 30.97 45.89 63.88
CA ALA E 737 30.89 46.16 62.46
C ALA E 737 29.71 45.43 61.85
N ALA E 738 29.54 44.16 62.24
CA ALA E 738 28.43 43.34 61.77
C ALA E 738 27.10 43.93 62.23
N TYR E 739 27.06 44.44 63.45
CA TYR E 739 25.87 45.10 63.97
C TYR E 739 25.54 46.34 63.15
N ALA E 740 26.54 47.16 62.86
CA ALA E 740 26.34 48.38 62.11
C ALA E 740 25.82 48.06 60.71
N ARG E 741 26.44 47.08 60.07
CA ARG E 741 26.02 46.63 58.75
C ARG E 741 24.58 46.12 58.74
N LEU E 742 24.26 45.25 59.70
CA LEU E 742 22.92 44.69 59.80
C LEU E 742 21.90 45.81 59.99
N LYS E 743 22.27 46.78 60.85
CA LYS E 743 21.43 47.93 61.08
C LYS E 743 21.16 48.64 59.78
N PHE E 744 22.23 48.98 59.05
CA PHE E 744 22.10 49.64 57.75
C PHE E 744 21.14 48.89 56.83
N LEU E 745 21.33 47.58 56.73
CA LEU E 745 20.50 46.74 55.88
C LEU E 745 19.02 46.80 56.24
N LEU E 746 18.69 46.62 57.52
CA LEU E 746 17.30 46.66 57.96
C LEU E 746 16.69 48.06 57.80
N GLU E 747 17.49 49.08 58.09
CA GLU E 747 17.08 50.48 57.96
C GLU E 747 16.67 50.74 56.52
N CYS E 748 17.49 50.28 55.59
CA CYS E 748 17.18 50.39 54.18
C CYS E 748 15.95 49.57 53.76
N ALA E 749 15.86 48.36 54.30
CA ALA E 749 14.77 47.45 53.94
C ALA E 749 13.39 47.97 54.33
N ILE E 750 13.30 48.59 55.51
CA ILE E 750 12.04 49.15 55.97
C ILE E 750 11.58 50.35 55.14
N LEU E 751 12.54 51.10 54.61
CA LEU E 751 12.24 52.33 53.89
C LEU E 751 12.13 52.10 52.38
N GLU E 752 12.53 50.92 51.93
CA GLU E 752 12.52 50.65 50.50
C GLU E 752 11.55 49.52 50.15
N SER E 753 11.68 48.38 50.82
CA SER E 753 10.83 47.23 50.51
C SER E 753 9.53 47.28 51.28
N ILE E 754 8.41 47.14 50.57
CA ILE E 754 7.11 47.05 51.21
C ILE E 754 6.99 45.73 51.97
N GLU E 755 7.38 44.64 51.33
CA GLU E 755 7.28 43.30 51.93
C GLU E 755 8.02 43.22 53.25
N ALA E 756 9.10 43.97 53.37
CA ALA E 756 9.92 43.94 54.57
C ALA E 756 9.25 44.74 55.68
N TYR E 757 8.58 45.83 55.28
CA TYR E 757 7.91 46.70 56.24
C TYR E 757 6.77 45.95 56.93
N TYR E 758 6.03 45.15 56.16
CA TYR E 758 4.90 44.41 56.72
C TYR E 758 5.32 43.00 57.07
N SER E 759 6.59 42.84 57.43
CA SER E 759 7.12 41.55 57.84
C SER E 759 7.40 41.58 59.34
N PRO E 760 6.80 40.64 60.08
CA PRO E 760 6.96 40.59 61.53
C PRO E 760 8.41 40.29 61.94
N GLU E 761 9.11 39.54 61.09
CA GLU E 761 10.46 39.09 61.42
C GLU E 761 11.47 40.22 61.28
N VAL E 762 11.30 41.06 60.26
CA VAL E 762 12.18 42.20 60.04
C VAL E 762 12.13 43.14 61.25
N TRP E 763 10.92 43.40 61.73
CA TRP E 763 10.72 44.26 62.89
C TRP E 763 11.17 43.58 64.19
N TRP E 764 11.09 42.25 64.21
CA TRP E 764 11.55 41.46 65.34
C TRP E 764 13.06 41.71 65.53
N TYR E 765 13.80 41.45 64.46
CA TYR E 765 15.25 41.62 64.48
C TYR E 765 15.67 43.08 64.64
N LEU E 766 14.87 44.00 64.10
CA LEU E 766 15.15 45.41 64.27
C LEU E 766 15.00 45.83 65.73
N SER E 767 14.00 45.29 66.40
CA SER E 767 13.82 45.56 67.82
C SER E 767 15.03 45.02 68.57
N LEU E 768 15.45 43.82 68.17
CA LEU E 768 16.62 43.19 68.75
C LEU E 768 17.85 44.08 68.59
N ILE E 769 17.92 44.83 67.50
CA ILE E 769 18.98 45.83 67.36
C ILE E 769 18.74 47.01 68.31
N TYR E 770 17.50 47.50 68.38
CA TYR E 770 17.23 48.70 69.15
C TYR E 770 17.23 48.42 70.65
N GLU E 771 17.63 47.21 71.03
CA GLU E 771 17.72 46.87 72.45
C GLU E 771 18.75 47.72 73.20
N LYS E 772 19.62 48.41 72.46
CA LYS E 772 20.69 49.17 73.10
C LYS E 772 20.41 50.67 73.15
N GLU E 777 11.50 54.58 69.77
CA GLU E 777 11.89 53.85 68.56
C GLU E 777 11.84 52.34 68.77
N TYR E 778 12.10 51.93 70.01
CA TYR E 778 12.08 50.52 70.37
C TYR E 778 10.68 49.93 70.55
N LYS E 779 9.90 50.58 71.41
CA LYS E 779 8.53 50.17 71.73
C LYS E 779 7.66 50.02 70.49
N ASN E 780 7.63 51.06 69.65
CA ASN E 780 6.79 51.05 68.46
C ASN E 780 7.23 49.96 67.49
N SER E 781 8.52 49.66 67.48
CA SER E 781 9.03 48.55 66.67
C SER E 781 8.47 47.22 67.19
N LEU E 782 8.44 47.06 68.51
CA LEU E 782 7.86 45.85 69.11
C LEU E 782 6.37 45.71 68.78
N LEU E 783 5.63 46.80 68.96
CA LEU E 783 4.20 46.83 68.66
C LEU E 783 3.96 46.49 67.20
N LYS E 784 4.75 47.07 66.31
CA LYS E 784 4.67 46.78 64.89
C LYS E 784 4.88 45.29 64.66
N CYS E 785 5.86 44.71 65.33
CA CYS E 785 6.13 43.29 65.17
C CYS E 785 4.95 42.43 65.60
N ILE E 786 4.30 42.79 66.70
CA ILE E 786 3.11 42.05 67.15
C ILE E 786 1.96 42.16 66.15
N LYS E 787 1.70 43.40 65.72
CA LYS E 787 0.64 43.70 64.76
C LYS E 787 0.81 42.86 63.51
N TYR E 788 2.01 42.89 62.94
CA TYR E 788 2.27 42.16 61.71
C TYR E 788 2.32 40.66 61.96
N GLN E 789 2.65 40.26 63.19
CA GLN E 789 2.57 38.86 63.56
C GLN E 789 1.12 38.38 63.48
N GLU E 790 0.16 39.26 63.77
CA GLU E 790 -1.24 38.84 63.73
C GLU E 790 -1.89 38.89 62.34
N LEU E 791 -1.28 39.64 61.42
CA LEU E 791 -1.81 39.75 60.07
C LEU E 791 -0.80 39.45 58.98
N ASN E 792 -0.22 38.26 59.06
CA ASN E 792 0.73 37.79 58.06
C ASN E 792 0.24 36.54 57.36
N PRO E 793 0.46 36.46 56.04
CA PRO E 793 0.09 35.27 55.28
C PRO E 793 1.12 34.17 55.49
N ILE E 794 0.81 32.94 55.08
CA ILE E 794 1.74 31.84 55.24
C ILE E 794 3.01 32.09 54.43
N ARG E 795 2.85 32.23 53.12
CA ARG E 795 3.95 32.68 52.28
C ARG E 795 3.67 34.09 51.79
N SER E 796 4.71 34.79 51.38
CA SER E 796 4.57 36.16 50.91
C SER E 796 3.72 36.25 49.64
N LEU E 797 3.14 37.42 49.40
CA LEU E 797 2.18 37.61 48.31
C LEU E 797 2.83 37.63 46.94
N ARG E 798 4.15 37.82 46.91
CA ARG E 798 4.91 37.97 45.67
C ARG E 798 4.67 36.81 44.71
N TYR E 799 4.20 35.69 45.27
CA TYR E 799 4.04 34.45 44.54
C TYR E 799 2.68 34.37 43.86
N CYS E 800 1.99 35.50 43.78
CA CYS E 800 0.75 35.56 42.99
C CYS E 800 0.93 36.33 41.70
N ASN E 801 2.05 37.02 41.54
CA ASN E 801 2.26 37.83 40.34
C ASN E 801 2.86 37.02 39.21
N TYR E 802 1.99 36.40 38.42
CA TYR E 802 2.40 35.50 37.35
C TYR E 802 1.36 35.54 36.23
N LYS F 10 -40.53 37.95 66.69
CA LYS F 10 -39.70 38.03 67.88
C LYS F 10 -40.35 37.26 69.04
N ILE F 11 -41.68 37.30 69.06
CA ILE F 11 -42.48 36.66 70.10
C ILE F 11 -42.84 35.24 69.64
N ILE F 12 -42.88 35.08 68.33
CA ILE F 12 -43.20 33.83 67.64
C ILE F 12 -42.23 32.71 68.03
N ASP F 13 -41.05 33.13 68.49
CA ASP F 13 -39.99 32.22 68.90
C ASP F 13 -40.44 31.33 70.07
N VAL F 14 -41.29 31.87 70.93
CA VAL F 14 -41.81 31.09 72.05
C VAL F 14 -42.64 29.91 71.54
N VAL F 15 -43.48 30.19 70.54
CA VAL F 15 -44.27 29.15 69.89
C VAL F 15 -43.35 28.11 69.27
N ASP F 16 -42.29 28.60 68.61
CA ASP F 16 -41.31 27.70 68.02
C ASP F 16 -40.70 26.75 69.05
N GLN F 17 -40.31 27.31 70.19
CA GLN F 17 -39.72 26.53 71.27
C GLN F 17 -40.71 25.47 71.75
N ALA F 18 -41.97 25.87 71.88
CA ALA F 18 -43.02 24.94 72.27
C ALA F 18 -43.11 23.77 71.31
N LEU F 19 -43.13 24.07 70.01
CA LEU F 19 -43.25 23.01 69.01
C LEU F 19 -42.03 22.10 69.01
N ARG F 20 -40.85 22.66 69.24
CA ARG F 20 -39.63 21.86 69.30
C ARG F 20 -39.74 20.86 70.45
N ALA F 21 -40.10 21.39 71.63
CA ALA F 21 -40.30 20.55 72.80
C ALA F 21 -41.32 19.46 72.52
N ARG F 22 -42.40 19.82 71.82
CA ARG F 22 -43.42 18.85 71.47
C ARG F 22 -42.86 17.75 70.55
N LEU F 23 -41.97 18.14 69.65
CA LEU F 23 -41.38 17.18 68.72
C LEU F 23 -40.41 16.25 69.43
N LEU F 24 -40.01 16.63 70.64
CA LEU F 24 -39.13 15.74 71.41
C LEU F 24 -39.92 14.80 72.32
N GLY F 25 -41.23 14.94 72.34
CA GLY F 25 -42.04 14.14 73.25
C GLY F 25 -42.37 14.94 74.51
N GLY F 26 -42.18 16.25 74.42
CA GLY F 26 -42.32 17.15 75.57
C GLY F 26 -43.60 16.99 76.35
N SER F 27 -43.49 17.12 77.67
CA SER F 27 -44.60 16.89 78.57
C SER F 27 -45.23 18.18 79.05
N THR F 28 -44.38 19.19 79.23
CA THR F 28 -44.76 20.48 79.81
C THR F 28 -44.70 21.58 78.76
N PHE F 29 -45.74 22.39 78.66
CA PHE F 29 -45.75 23.45 77.66
C PHE F 29 -45.71 24.82 78.32
N ASN F 30 -44.78 25.63 77.86
CA ASN F 30 -44.62 27.03 78.30
C ASN F 30 -45.23 28.00 77.30
N SER F 31 -45.86 27.48 76.26
CA SER F 31 -46.42 28.35 75.22
C SER F 31 -47.49 29.24 75.81
N GLY F 32 -47.53 30.49 75.36
CA GLY F 32 -48.42 31.50 75.94
C GLY F 32 -49.90 31.29 75.63
N PHE F 33 -50.14 30.71 74.46
CA PHE F 33 -51.49 30.47 73.91
C PHE F 33 -52.21 29.27 74.54
N ASP F 34 -53.31 29.56 75.24
CA ASP F 34 -54.05 28.55 75.97
C ASP F 34 -54.53 27.38 75.10
N SER F 35 -54.98 27.72 73.90
CA SER F 35 -55.47 26.75 72.92
C SER F 35 -54.42 25.75 72.46
N LEU F 36 -53.29 26.29 72.01
CA LEU F 36 -52.20 25.46 71.53
C LEU F 36 -51.71 24.58 72.67
N ASP F 37 -51.61 25.15 73.86
CA ASP F 37 -51.21 24.39 75.04
C ASP F 37 -52.14 23.21 75.33
N SER F 38 -53.44 23.46 75.30
CA SER F 38 -54.41 22.42 75.63
C SER F 38 -54.41 21.32 74.58
N VAL F 39 -54.39 21.71 73.31
CA VAL F 39 -54.46 20.75 72.21
C VAL F 39 -53.17 19.93 72.11
N LEU F 40 -52.05 20.57 72.37
CA LEU F 40 -50.76 19.88 72.39
C LEU F 40 -50.70 18.93 73.58
N ASN F 41 -51.36 19.29 74.67
CA ASN F 41 -51.44 18.43 75.84
C ASN F 41 -52.27 17.17 75.55
N LEU F 42 -53.39 17.38 74.86
CA LEU F 42 -54.21 16.28 74.40
C LEU F 42 -53.38 15.35 73.53
N GLN F 43 -52.67 15.95 72.57
CA GLN F 43 -51.77 15.20 71.70
C GLN F 43 -50.72 14.45 72.51
N PHE F 44 -50.29 15.04 73.62
CA PHE F 44 -49.26 14.43 74.46
C PHE F 44 -49.76 13.16 75.15
N ARG F 45 -50.93 13.25 75.77
CA ARG F 45 -51.48 12.07 76.45
C ARG F 45 -51.86 10.98 75.44
N LEU F 46 -52.52 11.40 74.36
CA LEU F 46 -52.84 10.50 73.28
C LEU F 46 -51.58 9.78 72.80
N HIS F 47 -50.50 10.52 72.65
CA HIS F 47 -49.22 9.96 72.20
C HIS F 47 -48.64 9.02 73.24
N TYR F 48 -48.81 9.38 74.51
CA TYR F 48 -48.45 8.49 75.62
C TYR F 48 -49.07 7.12 75.37
N HIS F 49 -50.39 7.06 75.23
CA HIS F 49 -51.03 5.76 75.02
C HIS F 49 -50.70 5.09 73.68
N VAL F 50 -50.72 5.85 72.59
CA VAL F 50 -50.49 5.33 71.23
C VAL F 50 -49.05 4.93 70.85
N ILE F 51 -48.07 5.77 71.15
CA ILE F 51 -46.69 5.48 70.80
C ILE F 51 -46.17 4.29 71.62
N GLY F 52 -46.51 4.30 72.91
CA GLY F 52 -46.09 3.24 73.81
C GLY F 52 -46.70 1.90 73.46
N SER F 53 -48.03 1.82 73.52
CA SER F 53 -48.72 0.56 73.25
C SER F 53 -49.65 0.76 72.06
N ASN F 54 -49.98 -0.32 71.37
CA ASN F 54 -50.90 -0.24 70.24
C ASN F 54 -52.29 0.25 70.62
N GLY F 55 -52.81 -0.27 71.72
CA GLY F 55 -54.20 -0.04 72.07
C GLY F 55 -54.46 0.67 73.37
N PRO F 56 -54.94 1.92 73.29
CA PRO F 56 -55.59 2.49 74.47
C PRO F 56 -56.90 1.76 74.72
N ALA F 57 -57.17 1.38 75.96
CA ALA F 57 -58.35 0.58 76.28
C ALA F 57 -59.60 1.44 76.10
N LYS F 58 -60.69 0.83 75.67
CA LYS F 58 -61.94 1.55 75.45
C LYS F 58 -62.36 2.46 76.61
N PRO F 59 -62.03 2.08 77.86
CA PRO F 59 -62.28 3.08 78.91
C PRO F 59 -61.42 4.35 78.75
N VAL F 60 -60.20 4.23 78.25
CA VAL F 60 -59.37 5.41 78.05
C VAL F 60 -59.73 6.15 76.75
N CYS F 61 -60.02 5.37 75.71
CA CYS F 61 -60.47 5.91 74.43
C CYS F 61 -61.75 6.73 74.56
N ASP F 62 -62.68 6.26 75.39
CA ASP F 62 -63.94 6.99 75.59
C ASP F 62 -63.68 8.35 76.22
N VAL F 63 -62.95 8.36 77.34
CA VAL F 63 -62.63 9.60 78.03
C VAL F 63 -61.87 10.59 77.15
N LEU F 64 -60.84 10.11 76.47
CA LEU F 64 -60.03 11.00 75.64
C LEU F 64 -60.80 11.53 74.42
N LEU F 65 -61.63 10.69 73.82
CA LEU F 65 -62.41 11.14 72.68
C LEU F 65 -63.46 12.16 73.10
N LYS F 66 -64.14 11.87 74.20
CA LYS F 66 -65.14 12.79 74.72
C LYS F 66 -64.48 14.14 75.05
N GLU F 67 -63.31 14.07 75.68
CA GLU F 67 -62.53 15.27 75.98
C GLU F 67 -62.23 16.06 74.71
N SER F 68 -61.75 15.36 73.68
CA SER F 68 -61.37 16.00 72.43
C SER F 68 -62.55 16.68 71.76
N GLN F 69 -63.69 16.00 71.76
CA GLN F 69 -64.93 16.53 71.20
C GLN F 69 -65.33 17.81 71.94
N ASN F 70 -65.31 17.71 73.26
CA ASN F 70 -65.57 18.84 74.14
C ASN F 70 -64.64 20.00 73.80
N LEU F 71 -63.39 19.69 73.51
CA LEU F 71 -62.42 20.70 73.14
C LEU F 71 -62.81 21.38 71.83
N GLU F 72 -63.14 20.60 70.81
CA GLU F 72 -63.50 21.17 69.51
C GLU F 72 -64.68 22.13 69.64
N LYS F 73 -65.66 21.71 70.44
CA LYS F 73 -66.86 22.53 70.63
C LYS F 73 -66.61 23.77 71.48
N ASN F 74 -65.83 23.60 72.55
CA ASN F 74 -65.50 24.69 73.46
C ASN F 74 -64.55 25.73 72.87
N MSE F 75 -63.79 25.34 71.85
CA MSE F 75 -62.81 26.23 71.26
C MSE F 75 -63.45 27.41 70.52
O MSE F 75 -63.11 28.57 70.77
CB MSE F 75 -61.88 25.48 70.29
CG MSE F 75 -60.75 24.70 70.96
SE MSE F 75 -60.01 25.54 72.56
CE MSE F 75 -59.51 27.26 71.82
N SER F 76 -64.35 27.11 69.60
CA SER F 76 -64.98 28.14 68.78
C SER F 76 -65.81 29.11 69.62
N PRO F 85 -54.99 33.34 63.78
CA PRO F 85 -55.34 32.88 62.43
C PRO F 85 -54.58 31.60 62.03
N GLU F 86 -53.28 31.70 61.78
CA GLU F 86 -52.48 30.54 61.37
C GLU F 86 -52.33 29.50 62.46
N ILE F 87 -52.19 30.02 63.68
CA ILE F 87 -52.02 29.19 64.84
C ILE F 87 -53.31 28.41 65.03
N THR F 88 -54.45 29.09 64.82
CA THR F 88 -55.76 28.48 65.00
C THR F 88 -55.94 27.28 64.06
N LYS F 89 -55.50 27.46 62.82
CA LYS F 89 -55.55 26.41 61.83
C LYS F 89 -54.66 25.26 62.25
N LEU F 90 -53.50 25.59 62.81
CA LEU F 90 -52.57 24.57 63.30
C LEU F 90 -53.27 23.75 64.39
N VAL F 91 -53.94 24.44 65.30
CA VAL F 91 -54.70 23.82 66.38
C VAL F 91 -55.76 22.88 65.84
N GLU F 92 -56.43 23.31 64.77
CA GLU F 92 -57.44 22.46 64.14
C GLU F 92 -56.79 21.20 63.56
N LYS F 93 -55.63 21.37 62.93
CA LYS F 93 -54.90 20.23 62.38
C LYS F 93 -54.59 19.20 63.46
N ILE F 94 -53.98 19.66 64.55
CA ILE F 94 -53.58 18.76 65.63
C ILE F 94 -54.79 18.07 66.25
N LEU F 95 -55.80 18.87 66.58
CA LEU F 95 -57.01 18.36 67.23
C LEU F 95 -57.73 17.32 66.39
N PHE F 96 -57.88 17.61 65.10
CA PHE F 96 -58.57 16.69 64.21
C PHE F 96 -57.73 15.45 63.91
N ASN F 97 -56.41 15.61 63.97
CA ASN F 97 -55.51 14.47 63.89
C ASN F 97 -55.78 13.52 65.06
N CYS F 98 -55.81 14.10 66.26
CA CYS F 98 -56.10 13.37 67.49
C CYS F 98 -57.43 12.64 67.40
N LEU F 99 -58.45 13.38 66.95
CA LEU F 99 -59.78 12.82 66.75
C LEU F 99 -59.74 11.63 65.79
N GLY F 100 -58.98 11.78 64.71
CA GLY F 100 -58.80 10.69 63.76
C GLY F 100 -58.23 9.45 64.42
N ILE F 101 -57.22 9.66 65.26
CA ILE F 101 -56.59 8.55 65.99
C ILE F 101 -57.58 7.84 66.90
N LEU F 102 -58.25 8.60 67.76
CA LEU F 102 -59.21 8.03 68.71
C LEU F 102 -60.32 7.28 67.97
N PHE F 103 -60.87 7.91 66.94
CA PHE F 103 -61.91 7.31 66.11
C PHE F 103 -61.42 6.00 65.49
N PHE F 104 -60.15 5.98 65.09
CA PHE F 104 -59.57 4.74 64.55
C PHE F 104 -59.53 3.64 65.60
N HIS F 105 -59.05 3.97 66.80
CA HIS F 105 -58.88 2.94 67.83
C HIS F 105 -60.19 2.45 68.45
N ARG F 106 -61.23 3.28 68.41
CA ARG F 106 -62.54 2.79 68.86
C ARG F 106 -63.16 1.91 67.79
N GLY F 107 -62.80 2.15 66.53
CA GLY F 107 -63.33 1.37 65.43
C GLY F 107 -64.35 2.18 64.64
N GLN F 108 -64.15 3.49 64.62
CA GLN F 108 -65.07 4.40 63.96
C GLN F 108 -64.41 4.97 62.72
N PHE F 109 -64.26 4.13 61.71
CA PHE F 109 -63.43 4.43 60.54
C PHE F 109 -63.88 5.56 59.60
N GLN F 110 -65.19 5.70 59.35
CA GLN F 110 -65.62 6.80 58.48
C GLN F 110 -65.39 8.14 59.14
N GLU F 111 -65.67 8.21 60.43
CA GLU F 111 -65.47 9.45 61.17
C GLU F 111 -63.99 9.78 61.24
N SER F 112 -63.16 8.76 61.45
CA SER F 112 -61.72 8.92 61.48
C SER F 112 -61.24 9.50 60.14
N GLN F 113 -61.70 8.89 59.04
CA GLN F 113 -61.38 9.36 57.70
C GLN F 113 -61.82 10.81 57.51
N ARG F 114 -62.99 11.14 58.06
CA ARG F 114 -63.54 12.50 57.97
C ARG F 114 -62.60 13.48 58.64
N CYS F 115 -62.17 13.15 59.86
CA CYS F 115 -61.27 14.02 60.62
C CYS F 115 -59.92 14.20 59.92
N LEU F 116 -59.36 13.07 59.47
CA LEU F 116 -58.05 13.06 58.83
C LEU F 116 -58.05 13.86 57.53
N LEU F 117 -59.09 13.65 56.71
CA LEU F 117 -59.24 14.39 55.47
C LEU F 117 -59.49 15.86 55.73
N HIS F 118 -60.18 16.16 56.82
CA HIS F 118 -60.44 17.54 57.20
C HIS F 118 -59.11 18.23 57.50
N SER F 119 -58.30 17.59 58.34
CA SER F 119 -56.97 18.12 58.69
C SER F 119 -56.08 18.29 57.46
N LEU F 120 -56.11 17.31 56.56
CA LEU F 120 -55.37 17.39 55.31
C LEU F 120 -55.78 18.64 54.52
N LYS F 121 -57.09 18.84 54.40
CA LYS F 121 -57.64 20.00 53.72
C LYS F 121 -57.21 21.30 54.40
N ILE F 122 -57.10 21.29 55.71
CA ILE F 122 -56.62 22.47 56.43
C ILE F 122 -55.16 22.73 56.10
N HIS F 123 -54.40 21.66 55.90
CA HIS F 123 -53.00 21.78 55.52
C HIS F 123 -52.88 22.40 54.13
N ASN F 124 -53.75 21.97 53.22
CA ASN F 124 -53.69 22.43 51.83
C ASN F 124 -53.88 23.93 51.60
N ASN F 125 -54.12 24.69 52.67
CA ASN F 125 -54.27 26.14 52.53
C ASN F 125 -52.95 26.91 52.60
N THR F 126 -52.01 26.43 53.41
CA THR F 126 -50.74 27.12 53.58
C THR F 126 -49.68 26.59 52.62
N LYS F 130 -42.97 30.23 56.79
CA LYS F 130 -43.04 29.55 58.07
C LYS F 130 -41.66 29.13 58.57
N THR F 131 -41.38 29.42 59.84
CA THR F 131 -40.11 29.08 60.47
C THR F 131 -39.74 27.62 60.30
N ALA F 132 -38.47 27.31 60.54
CA ALA F 132 -37.94 25.96 60.34
C ALA F 132 -38.66 24.92 61.19
N LEU F 133 -38.87 25.26 62.46
CA LEU F 133 -39.50 24.33 63.40
C LEU F 133 -40.98 24.15 63.11
N MSE F 134 -41.59 25.17 62.51
CA MSE F 134 -42.98 25.10 62.11
C MSE F 134 -43.15 24.20 60.89
O MSE F 134 -44.11 23.42 60.81
CB MSE F 134 -43.53 26.50 61.80
CG MSE F 134 -45.01 26.53 61.45
SE MSE F 134 -46.14 26.25 63.02
CE MSE F 134 -45.67 27.84 64.02
N GLU F 135 -42.23 24.33 59.94
CA GLU F 135 -42.22 23.48 58.76
C GLU F 135 -41.99 22.03 59.19
N GLN F 136 -41.09 21.87 60.16
CA GLN F 136 -40.78 20.56 60.70
C GLN F 136 -42.02 19.94 61.35
N TYR F 137 -42.68 20.72 62.20
CA TYR F 137 -43.88 20.26 62.90
C TYR F 137 -44.99 19.88 61.91
N ASP F 138 -45.23 20.74 60.93
CA ASP F 138 -46.24 20.47 59.91
C ASP F 138 -45.91 19.19 59.18
N ARG F 139 -44.64 19.00 58.87
CA ARG F 139 -44.20 17.77 58.20
C ARG F 139 -44.60 16.57 59.04
N TYR F 140 -44.33 16.63 60.35
CA TYR F 140 -44.76 15.55 61.23
C TYR F 140 -46.27 15.34 61.20
N LEU F 141 -47.04 16.41 61.34
CA LEU F 141 -48.50 16.30 61.37
C LEU F 141 -49.04 15.62 60.11
N ILE F 142 -48.53 16.03 58.96
CA ILE F 142 -49.00 15.49 57.70
C ILE F 142 -48.59 14.03 57.53
N VAL F 143 -47.38 13.68 57.96
CA VAL F 143 -46.94 12.30 57.87
C VAL F 143 -47.72 11.37 58.81
N GLU F 144 -48.02 11.86 60.02
CA GLU F 144 -48.89 11.12 60.93
C GLU F 144 -50.26 10.92 60.31
N ASN F 145 -50.78 12.00 59.75
CA ASN F 145 -52.07 11.99 59.07
C ASN F 145 -52.08 10.94 57.97
N LEU F 146 -50.99 10.86 57.22
CA LEU F 146 -50.85 9.85 56.18
C LEU F 146 -50.85 8.44 56.76
N TYR F 147 -50.09 8.25 57.83
CA TYR F 147 -50.00 6.94 58.46
C TYR F 147 -51.38 6.43 58.88
N TYR F 148 -52.13 7.29 59.57
CA TYR F 148 -53.46 6.89 60.01
C TYR F 148 -54.50 6.84 58.90
N ARG F 149 -54.38 7.70 57.89
CA ARG F 149 -55.26 7.65 56.73
C ARG F 149 -55.11 6.30 56.04
N GLY F 150 -53.87 5.84 55.97
CA GLY F 150 -53.57 4.53 55.41
C GLY F 150 -54.05 3.42 56.32
N LEU F 151 -53.96 3.64 57.63
CA LEU F 151 -54.42 2.64 58.60
C LEU F 151 -55.93 2.43 58.57
N VAL F 152 -56.67 3.53 58.43
CA VAL F 152 -58.13 3.48 58.44
C VAL F 152 -58.62 2.64 57.28
N SER F 153 -58.03 2.85 56.10
CA SER F 153 -58.35 1.95 55.00
C SER F 153 -57.66 0.66 55.39
N GLN F 154 -58.47 -0.31 55.79
CA GLN F 154 -57.99 -1.52 56.46
C GLN F 154 -57.17 -2.49 55.63
N ASP F 155 -57.13 -2.30 54.32
CA ASP F 155 -56.46 -3.28 53.49
C ASP F 155 -54.98 -2.94 53.39
N ILE F 156 -54.17 -3.95 53.15
CA ILE F 156 -52.72 -3.78 53.14
C ILE F 156 -52.26 -3.09 51.87
N ASN F 157 -52.77 -3.54 50.73
CA ASN F 157 -52.32 -3.03 49.44
C ASN F 157 -52.56 -1.53 49.22
N ILE F 158 -53.79 -1.09 49.49
CA ILE F 158 -54.12 0.32 49.34
C ILE F 158 -53.28 1.17 50.31
N MSE F 159 -52.98 0.59 51.48
CA MSE F 159 -52.16 1.24 52.47
C MSE F 159 -50.74 1.42 51.92
O MSE F 159 -50.12 2.47 52.09
CB MSE F 159 -52.14 0.42 53.76
CG MSE F 159 -51.54 1.14 54.96
SE MSE F 159 -51.39 0.00 56.54
CE MSE F 159 -53.25 -0.49 56.77
N GLN F 160 -50.25 0.38 51.25
CA GLN F 160 -48.94 0.40 50.63
C GLN F 160 -48.87 1.54 49.61
N ASN F 161 -49.90 1.60 48.77
CA ASN F 161 -49.97 2.59 47.69
C ASN F 161 -50.02 4.04 48.19
N VAL F 162 -50.97 4.31 49.09
CA VAL F 162 -51.14 5.66 49.63
C VAL F 162 -49.88 6.06 50.36
N PHE F 163 -49.27 5.11 51.06
CA PHE F 163 -48.00 5.36 51.74
C PHE F 163 -46.97 5.80 50.73
N TYR F 164 -46.88 5.10 49.61
CA TYR F 164 -45.90 5.44 48.60
C TYR F 164 -46.07 6.88 48.10
N LYS F 165 -47.20 7.12 47.44
CA LYS F 165 -47.47 8.42 46.82
C LYS F 165 -47.37 9.58 47.82
N GLU F 166 -48.10 9.46 48.92
CA GLU F 166 -48.19 10.58 49.85
C GLU F 166 -46.91 10.79 50.64
N LEU F 167 -46.23 9.70 51.03
CA LEU F 167 -45.02 9.85 51.82
C LEU F 167 -43.95 10.53 51.00
N LEU F 168 -43.81 10.15 49.73
CA LEU F 168 -42.83 10.90 48.95
C LEU F 168 -43.31 12.32 48.68
N ALA F 169 -44.62 12.51 48.64
CA ALA F 169 -45.16 13.85 48.43
C ALA F 169 -44.79 14.82 49.57
N HIS F 170 -44.87 14.37 50.81
CA HIS F 170 -44.71 15.28 51.95
C HIS F 170 -43.30 15.45 52.52
N VAL F 171 -42.48 14.41 52.47
CA VAL F 171 -41.14 14.48 53.07
C VAL F 171 -40.02 14.10 52.09
N ASP F 172 -39.27 15.11 51.65
CA ASP F 172 -38.19 14.92 50.69
C ASP F 172 -36.91 14.32 51.27
N THR F 173 -36.43 14.91 52.36
CA THR F 173 -35.09 14.58 52.87
C THR F 173 -35.10 14.01 54.29
N ILE F 174 -33.99 13.39 54.68
CA ILE F 174 -33.83 12.86 56.04
C ILE F 174 -33.98 13.96 57.10
N PRO F 175 -34.90 13.73 58.06
CA PRO F 175 -35.18 14.71 59.11
C PRO F 175 -34.09 14.74 60.18
N PRO F 176 -33.94 15.89 60.85
CA PRO F 176 -33.09 15.96 62.05
C PRO F 176 -33.64 15.03 63.13
N GLU F 177 -32.75 14.38 63.88
CA GLU F 177 -33.15 13.44 64.93
C GLU F 177 -33.93 14.13 66.04
N SER F 178 -33.87 15.45 66.09
CA SER F 178 -34.63 16.21 67.08
C SER F 178 -36.11 16.17 66.74
N ASN F 179 -36.43 15.77 65.51
CA ASN F 179 -37.81 15.59 65.10
C ASN F 179 -38.26 14.16 65.38
N GLY F 180 -38.39 13.82 66.67
CA GLY F 180 -38.66 12.46 67.08
C GLY F 180 -39.94 11.87 66.51
N LEU F 181 -41.00 12.66 66.53
CA LEU F 181 -42.31 12.19 66.09
C LEU F 181 -42.30 11.82 64.60
N LEU F 182 -41.71 12.69 63.78
CA LEU F 182 -41.56 12.40 62.36
C LEU F 182 -40.80 11.11 62.15
N PHE F 183 -39.79 10.89 62.97
CA PHE F 183 -39.03 9.64 62.89
C PHE F 183 -39.95 8.47 63.23
N GLU F 184 -40.81 8.65 64.22
CA GLU F 184 -41.73 7.58 64.60
C GLU F 184 -42.68 7.21 63.48
N TYR F 185 -43.29 8.20 62.84
CA TYR F 185 -44.30 7.87 61.85
C TYR F 185 -43.71 7.46 60.51
N ILE F 186 -42.55 8.02 60.17
CA ILE F 186 -41.81 7.54 59.00
C ILE F 186 -41.42 6.08 59.23
N SER F 187 -40.90 5.78 60.42
CA SER F 187 -40.46 4.43 60.75
C SER F 187 -41.63 3.45 60.80
N LEU F 188 -42.80 3.91 61.24
CA LEU F 188 -43.98 3.07 61.29
C LEU F 188 -44.48 2.78 59.87
N ILE F 189 -44.41 3.79 59.01
CA ILE F 189 -44.76 3.60 57.62
C ILE F 189 -43.83 2.56 56.99
N VAL F 190 -42.53 2.69 57.24
CA VAL F 190 -41.55 1.73 56.74
C VAL F 190 -41.79 0.34 57.29
N ALA F 191 -42.26 0.28 58.53
CA ALA F 191 -42.62 -0.99 59.17
C ALA F 191 -43.75 -1.65 58.39
N LYS F 192 -44.73 -0.85 58.02
CA LYS F 192 -45.87 -1.35 57.25
C LYS F 192 -45.50 -1.64 55.79
N LEU F 193 -44.37 -1.09 55.33
CA LEU F 193 -43.94 -1.30 53.95
C LEU F 193 -43.23 -2.64 53.76
N ARG F 194 -43.69 -3.42 52.78
CA ARG F 194 -43.02 -4.67 52.44
C ARG F 194 -42.23 -4.51 51.14
N PHE F 195 -40.91 -4.62 51.23
CA PHE F 195 -40.08 -4.61 50.03
C PHE F 195 -38.79 -5.38 50.26
N ASN F 196 -38.32 -6.05 49.21
CA ASN F 196 -37.15 -6.91 49.31
C ASN F 196 -35.84 -6.14 49.16
N GLN F 197 -35.70 -5.46 48.02
CA GLN F 197 -34.46 -4.76 47.70
C GLN F 197 -34.72 -3.29 47.37
N ILE F 198 -33.65 -2.52 47.18
CA ILE F 198 -33.75 -1.08 46.95
C ILE F 198 -34.39 -0.74 45.60
N GLN F 199 -34.13 -1.56 44.58
CA GLN F 199 -34.70 -1.30 43.26
C GLN F 199 -36.23 -1.28 43.26
N ASP F 200 -36.85 -2.24 43.92
CA ASP F 200 -38.31 -2.29 44.00
C ASP F 200 -38.83 -1.12 44.82
N LEU F 201 -38.12 -0.77 45.89
CA LEU F 201 -38.51 0.35 46.74
C LEU F 201 -38.50 1.67 45.98
N ALA F 202 -37.43 1.89 45.22
CA ALA F 202 -37.26 3.13 44.48
C ALA F 202 -38.19 3.18 43.28
N GLU F 203 -38.52 2.02 42.73
CA GLU F 203 -39.48 1.95 41.64
C GLU F 203 -40.88 2.27 42.15
N ASN F 204 -41.28 1.65 43.26
CA ASN F 204 -42.56 1.94 43.90
C ASN F 204 -42.67 3.39 44.36
N PHE F 205 -41.56 3.98 44.76
CA PHE F 205 -41.56 5.37 45.20
C PHE F 205 -41.32 6.31 44.02
N LYS F 206 -40.94 5.72 42.89
CA LYS F 206 -40.80 6.45 41.62
C LYS F 206 -39.68 7.50 41.66
N THR F 207 -38.64 7.24 42.46
CA THR F 207 -37.51 8.16 42.59
C THR F 207 -36.22 7.40 42.26
N THR F 208 -35.12 8.13 42.04
CA THR F 208 -33.83 7.54 41.70
C THR F 208 -33.38 6.59 42.79
N VAL F 209 -32.68 5.53 42.39
CA VAL F 209 -32.19 4.53 43.33
C VAL F 209 -31.04 5.11 44.18
N GLU F 210 -30.50 6.24 43.71
CA GLU F 210 -29.36 6.89 44.36
C GLU F 210 -29.81 7.89 45.42
N ASN F 211 -31.07 8.30 45.35
CA ASN F 211 -31.62 9.31 46.27
C ASN F 211 -31.46 8.89 47.73
N PRO F 212 -30.73 9.71 48.51
CA PRO F 212 -30.36 9.42 49.90
C PRO F 212 -31.53 9.13 50.83
N PHE F 213 -32.70 9.70 50.55
CA PHE F 213 -33.87 9.46 51.39
C PHE F 213 -34.41 8.04 51.25
N ILE F 214 -34.48 7.56 50.01
CA ILE F 214 -34.92 6.19 49.74
C ILE F 214 -33.97 5.20 50.41
N LEU F 215 -32.67 5.45 50.27
CA LEU F 215 -31.65 4.64 50.91
C LEU F 215 -31.82 4.67 52.42
N PHE F 216 -32.18 5.84 52.95
CA PHE F 216 -32.44 5.99 54.38
C PHE F 216 -33.59 5.09 54.82
N LEU F 217 -34.67 5.09 54.03
CA LEU F 217 -35.81 4.22 54.31
C LEU F 217 -35.39 2.75 54.30
N TYR F 218 -34.54 2.40 53.34
CA TYR F 218 -34.02 1.03 53.27
C TYR F 218 -33.25 0.70 54.54
N MSE F 219 -32.49 1.67 55.04
CA MSE F 219 -31.74 1.50 56.28
C MSE F 219 -32.68 1.31 57.46
O MSE F 219 -32.38 0.53 58.37
CB MSE F 219 -30.83 2.71 56.54
CG MSE F 219 -29.69 2.85 55.55
SE MSE F 219 -28.71 1.19 55.28
CE MSE F 219 -28.27 0.80 57.14
N ILE F 220 -33.81 2.01 57.45
CA ILE F 220 -34.79 1.87 58.52
C ILE F 220 -35.42 0.48 58.49
N LYS F 221 -35.78 0.01 57.30
CA LYS F 221 -36.35 -1.33 57.15
C LYS F 221 -35.29 -2.38 57.47
N LYS F 222 -34.02 -1.99 57.42
CA LYS F 222 -32.94 -2.92 57.71
C LYS F 222 -32.68 -3.00 59.22
N PHE F 223 -32.87 -1.87 59.91
CA PHE F 223 -32.75 -1.86 61.36
C PHE F 223 -33.98 -2.48 62.03
N GLN F 224 -35.15 -2.26 61.44
CA GLN F 224 -36.41 -2.68 62.03
C GLN F 224 -36.60 -4.18 61.96
N SER F 225 -36.17 -4.76 60.84
CA SER F 225 -36.18 -6.20 60.71
C SER F 225 -34.71 -6.55 60.63
N PRO F 226 -34.16 -7.00 61.76
CA PRO F 226 -32.75 -7.40 61.86
C PRO F 226 -32.54 -8.78 61.30
N LEU F 227 -33.36 -9.73 61.75
CA LEU F 227 -33.28 -11.10 61.30
C LEU F 227 -34.12 -11.30 60.07
N LYS F 228 -33.47 -11.19 58.92
CA LYS F 228 -34.10 -11.38 57.63
C LYS F 228 -33.07 -12.00 56.71
N LYS F 229 -32.17 -11.15 56.25
CA LYS F 229 -31.09 -11.50 55.35
C LYS F 229 -30.09 -10.36 55.40
N HIS F 230 -28.83 -10.62 55.10
CA HIS F 230 -28.03 -9.47 54.72
C HIS F 230 -27.85 -9.55 53.23
N ILE F 231 -28.03 -8.41 52.57
CA ILE F 231 -27.74 -8.28 51.16
C ILE F 231 -26.67 -7.22 51.06
N ASP F 232 -25.68 -7.41 50.19
CA ASP F 232 -24.52 -6.53 50.18
C ASP F 232 -24.61 -5.45 49.13
N ASN F 233 -24.69 -4.20 49.59
CA ASN F 233 -24.77 -3.05 48.69
C ASN F 233 -23.67 -2.03 48.98
N ASP F 234 -22.55 -2.50 49.51
CA ASP F 234 -21.45 -1.63 49.87
C ASP F 234 -20.85 -0.99 48.61
N ASP F 235 -20.59 -1.81 47.61
CA ASP F 235 -20.05 -1.33 46.34
C ASP F 235 -21.02 -0.39 45.63
N LEU F 236 -22.32 -0.69 45.72
CA LEU F 236 -23.34 0.16 45.12
C LEU F 236 -23.36 1.54 45.78
N TYR F 237 -23.35 1.55 47.11
CA TYR F 237 -23.30 2.79 47.88
C TYR F 237 -22.05 3.58 47.51
N LEU F 238 -20.95 2.84 47.32
CA LEU F 238 -19.68 3.46 46.95
C LEU F 238 -19.78 4.12 45.58
N LYS F 239 -20.43 3.44 44.62
CA LYS F 239 -20.63 4.00 43.29
C LYS F 239 -21.51 5.26 43.34
N PHE F 240 -22.59 5.20 44.13
CA PHE F 240 -23.45 6.36 44.31
C PHE F 240 -22.67 7.54 44.91
N GLY F 241 -21.84 7.24 45.90
CA GLY F 241 -21.03 8.25 46.55
C GLY F 241 -20.01 8.91 45.64
N GLN F 242 -19.32 8.10 44.84
CA GLN F 242 -18.37 8.63 43.88
C GLN F 242 -19.12 9.46 42.84
N ASN F 243 -20.30 8.98 42.46
CA ASN F 243 -21.14 9.68 41.50
C ASN F 243 -21.55 11.07 41.98
N VAL F 244 -22.02 11.16 43.21
CA VAL F 244 -22.42 12.46 43.76
C VAL F 244 -21.18 13.30 44.07
N LEU F 245 -20.03 12.66 44.18
CA LEU F 245 -18.77 13.37 44.40
C LEU F 245 -18.28 14.08 43.14
N LEU F 246 -18.35 13.37 42.01
CA LEU F 246 -17.92 13.93 40.72
C LEU F 246 -18.78 15.12 40.34
N LYS F 247 -20.06 15.05 40.69
CA LYS F 247 -21.01 16.12 40.40
C LYS F 247 -20.81 17.29 41.36
N ALA F 248 -20.14 17.04 42.48
CA ALA F 248 -19.98 18.05 43.52
C ALA F 248 -18.75 18.94 43.33
N LYS F 249 -18.84 20.16 43.84
CA LYS F 249 -17.72 21.10 43.82
C LYS F 249 -17.68 21.88 45.12
N PHE F 250 -16.50 22.33 45.53
CA PHE F 250 -16.36 23.13 46.75
C PHE F 250 -17.13 24.45 46.65
N PRO F 251 -17.86 24.79 47.72
CA PRO F 251 -18.67 26.01 47.79
C PRO F 251 -17.84 27.29 47.67
N THR F 252 -18.16 28.12 46.69
CA THR F 252 -17.54 29.44 46.58
C THR F 252 -17.97 30.25 47.80
N ALA F 253 -17.11 31.17 48.23
CA ALA F 253 -17.31 31.93 49.48
C ALA F 253 -18.67 32.63 49.56
N SER F 254 -19.35 32.74 48.43
CA SER F 254 -20.72 33.25 48.41
C SER F 254 -21.69 32.15 47.99
N GLU F 255 -21.61 31.01 48.68
CA GLU F 255 -22.44 29.85 48.37
C GLU F 255 -22.56 28.93 49.59
N THR F 256 -23.33 27.86 49.45
CA THR F 256 -23.54 26.91 50.53
C THR F 256 -23.00 25.53 50.17
N ASN F 257 -22.78 24.68 51.18
CA ASN F 257 -22.34 23.31 50.95
C ASN F 257 -23.32 22.55 50.06
N ASP F 258 -22.77 21.72 49.17
CA ASP F 258 -23.58 20.96 48.22
C ASP F 258 -24.63 20.11 48.92
N GLU F 259 -25.90 20.38 48.61
CA GLU F 259 -27.01 19.73 49.27
C GLU F 259 -27.07 18.21 49.04
N ALA F 260 -26.74 17.79 47.82
CA ALA F 260 -26.84 16.37 47.46
C ALA F 260 -25.82 15.54 48.23
N LEU F 261 -24.59 16.03 48.31
CA LEU F 261 -23.52 15.37 49.04
C LEU F 261 -23.80 15.37 50.54
N GLU F 262 -24.18 16.54 51.03
CA GLU F 262 -24.46 16.77 52.44
C GLU F 262 -25.57 15.82 52.88
N HIS F 263 -26.51 15.57 51.97
CA HIS F 263 -27.68 14.75 52.24
C HIS F 263 -27.36 13.27 52.12
N PHE F 264 -26.45 12.94 51.21
CA PHE F 264 -25.98 11.57 51.05
C PHE F 264 -25.24 11.10 52.32
N ASN F 265 -24.42 11.98 52.86
CA ASN F 265 -23.59 11.66 54.02
C ASN F 265 -24.35 11.31 55.30
N VAL F 266 -25.59 11.80 55.41
CA VAL F 266 -26.44 11.49 56.55
C VAL F 266 -26.88 10.02 56.51
N PHE F 267 -27.39 9.63 55.36
CA PHE F 267 -27.69 8.24 55.08
C PHE F 267 -26.45 7.41 55.34
N LEU F 268 -25.30 7.97 55.02
CA LEU F 268 -24.05 7.28 55.29
C LEU F 268 -23.77 7.16 56.79
N GLN F 269 -24.24 8.13 57.59
CA GLN F 269 -24.13 8.01 59.04
C GLN F 269 -24.93 6.81 59.52
N TYR F 270 -26.15 6.69 59.02
CA TYR F 270 -27.01 5.57 59.40
C TYR F 270 -26.42 4.23 58.98
N TYR F 271 -25.86 4.21 57.77
CA TYR F 271 -25.26 3.01 57.21
C TYR F 271 -24.01 2.56 57.96
N PHE F 272 -23.11 3.48 58.23
CA PHE F 272 -21.88 3.16 58.94
C PHE F 272 -22.14 2.83 60.40
N LYS F 273 -23.15 3.48 60.99
CA LYS F 273 -23.56 3.12 62.33
C LYS F 273 -24.04 1.68 62.30
N PHE F 274 -24.79 1.33 61.26
CA PHE F 274 -25.26 -0.05 61.09
C PHE F 274 -24.10 -1.04 60.99
N THR F 275 -23.12 -0.72 60.16
CA THR F 275 -21.99 -1.61 59.95
C THR F 275 -21.08 -1.68 61.19
N HIS F 276 -21.20 -0.71 62.09
CA HIS F 276 -20.44 -0.71 63.34
C HIS F 276 -21.12 -1.40 64.50
N ILE F 277 -22.42 -1.15 64.67
CA ILE F 277 -23.19 -1.78 65.75
C ILE F 277 -23.17 -3.28 65.52
N LYS F 278 -23.41 -3.67 64.27
CA LYS F 278 -23.18 -5.04 63.84
C LYS F 278 -21.69 -5.09 63.52
N LYS F 279 -21.14 -6.26 63.23
CA LYS F 279 -19.71 -6.34 62.96
C LYS F 279 -19.40 -6.70 61.51
N ILE F 280 -20.22 -6.21 60.59
CA ILE F 280 -19.97 -6.40 59.17
C ILE F 280 -18.74 -5.57 58.77
N LYS F 281 -18.00 -6.07 57.78
CA LYS F 281 -16.80 -5.38 57.29
C LYS F 281 -17.18 -4.26 56.34
N VAL F 282 -16.27 -3.31 56.14
CA VAL F 282 -16.46 -2.31 55.09
C VAL F 282 -15.15 -2.21 54.31
N ASN F 283 -15.23 -1.81 53.04
CA ASN F 283 -14.03 -1.78 52.19
C ASN F 283 -13.27 -0.46 52.35
N PRO F 284 -11.94 -0.55 52.37
CA PRO F 284 -11.00 0.56 52.61
C PRO F 284 -11.13 1.75 51.65
N SER F 285 -11.54 1.51 50.40
CA SER F 285 -11.60 2.60 49.43
C SER F 285 -12.52 3.75 49.84
N TRP F 286 -13.49 3.45 50.73
CA TRP F 286 -14.36 4.49 51.28
C TRP F 286 -13.55 5.65 51.83
N TYR F 287 -12.36 5.34 52.35
CA TYR F 287 -11.46 6.36 52.85
C TYR F 287 -11.36 7.50 51.85
N ASN F 288 -10.96 7.16 50.62
CA ASN F 288 -10.84 8.15 49.56
C ASN F 288 -12.10 8.99 49.51
N PHE F 289 -13.24 8.32 49.41
CA PHE F 289 -14.52 9.00 49.34
C PHE F 289 -14.62 10.05 50.42
N ILE F 290 -14.47 9.64 51.68
CA ILE F 290 -14.74 10.56 52.78
C ILE F 290 -13.73 11.69 52.74
N ILE F 291 -12.50 11.40 52.33
CA ILE F 291 -11.48 12.43 52.33
C ILE F 291 -11.90 13.47 51.28
N SER F 292 -12.41 13.00 50.16
CA SER F 292 -12.87 13.90 49.11
C SER F 292 -14.06 14.71 49.63
N SER F 293 -14.90 14.06 50.44
CA SER F 293 -16.08 14.72 50.98
C SER F 293 -15.69 15.83 51.95
N MSE F 294 -14.44 15.79 52.42
CA MSE F 294 -13.96 16.82 53.33
C MSE F 294 -13.41 18.00 52.55
O MSE F 294 -13.33 19.12 53.06
CB MSE F 294 -12.89 16.26 54.26
CG MSE F 294 -13.41 15.25 55.27
SE MSE F 294 -12.04 14.02 55.88
CE MSE F 294 -12.29 14.23 57.79
N GLU F 295 -13.05 17.76 51.30
CA GLU F 295 -12.45 18.80 50.47
C GLU F 295 -13.52 19.65 49.79
N LYS F 296 -14.60 19.02 49.39
CA LYS F 296 -15.68 19.70 48.66
C LYS F 296 -16.77 20.29 49.57
N THR F 297 -16.51 20.32 50.88
CA THR F 297 -17.44 20.89 51.86
C THR F 297 -16.69 21.76 52.86
N PHE F 298 -17.34 22.80 53.37
CA PHE F 298 -16.68 23.68 54.34
C PHE F 298 -17.33 23.66 55.72
N GLN F 299 -16.53 23.22 56.70
CA GLN F 299 -16.91 23.07 58.11
C GLN F 299 -18.31 22.45 58.21
N SER F 300 -18.45 21.28 57.62
CA SER F 300 -19.71 20.57 57.55
C SER F 300 -19.87 19.63 58.73
N ILE F 301 -21.04 19.70 59.35
CA ILE F 301 -21.37 18.87 60.50
C ILE F 301 -21.64 17.41 60.12
N GLU F 302 -22.40 17.22 59.04
CA GLU F 302 -22.80 15.89 58.61
C GLU F 302 -21.59 15.07 58.17
N VAL F 303 -20.68 15.71 57.43
CA VAL F 303 -19.47 15.04 56.97
C VAL F 303 -18.58 14.70 58.16
N SER F 304 -18.60 15.56 59.17
CA SER F 304 -17.83 15.33 60.39
C SER F 304 -18.30 14.05 61.08
N LYS F 305 -19.61 13.96 61.29
CA LYS F 305 -20.17 12.79 61.95
C LYS F 305 -19.96 11.52 61.12
N THR F 306 -20.26 11.61 59.83
CA THR F 306 -20.07 10.49 58.92
C THR F 306 -18.63 9.98 58.95
N ALA F 307 -17.69 10.92 58.97
CA ALA F 307 -16.27 10.57 59.00
C ALA F 307 -15.89 9.93 60.33
N MSE F 308 -16.51 10.39 61.41
CA MSE F 308 -16.32 9.75 62.71
C MSE F 308 -16.68 8.28 62.62
O MSE F 308 -15.85 7.40 62.88
CB MSE F 308 -17.15 10.46 63.78
CG MSE F 308 -16.99 9.91 65.19
SE MSE F 308 -18.25 10.73 66.44
CE MSE F 308 -19.91 10.02 65.72
N PHE F 309 -17.92 8.01 62.22
CA PHE F 309 -18.40 6.62 62.07
C PHE F 309 -17.52 5.78 61.13
N LEU F 310 -17.27 6.30 59.93
CA LEU F 310 -16.52 5.57 58.93
C LEU F 310 -15.11 5.25 59.39
N PHE F 311 -14.44 6.23 59.99
CA PHE F 311 -13.07 6.00 60.44
C PHE F 311 -13.04 5.03 61.60
N GLN F 312 -14.10 5.04 62.40
CA GLN F 312 -14.22 4.02 63.43
C GLN F 312 -14.30 2.64 62.78
N ASN F 313 -15.11 2.51 61.73
CA ASN F 313 -15.23 1.26 60.99
C ASN F 313 -13.90 0.78 60.40
N LEU F 314 -13.24 1.64 59.64
CA LEU F 314 -11.95 1.31 59.03
C LEU F 314 -10.90 0.97 60.08
N SER F 315 -11.00 1.61 61.24
CA SER F 315 -10.10 1.30 62.34
C SER F 315 -10.35 -0.13 62.78
N ASP F 316 -11.61 -0.46 63.05
CA ASP F 316 -11.96 -1.80 63.51
C ASP F 316 -11.61 -2.90 62.49
N ASN F 317 -11.73 -2.60 61.20
CA ASN F 317 -11.56 -3.62 60.17
C ASN F 317 -10.12 -4.01 59.83
N SER F 318 -9.21 -3.04 59.78
CA SER F 318 -7.82 -3.32 59.44
C SER F 318 -7.18 -4.14 60.55
N ASN F 319 -6.04 -4.76 60.27
CA ASN F 319 -5.42 -5.66 61.25
C ASN F 319 -4.27 -5.00 62.00
N ASP F 320 -3.58 -4.10 61.32
CA ASP F 320 -2.46 -3.36 61.89
C ASP F 320 -2.87 -2.38 62.96
N GLU F 321 -2.24 -2.49 64.13
CA GLU F 321 -2.59 -1.66 65.27
C GLU F 321 -2.24 -0.21 65.02
N ILE F 322 -1.16 0.03 64.29
CA ILE F 322 -0.73 1.38 63.92
C ILE F 322 -1.70 2.04 62.93
N LYS F 323 -2.17 1.27 61.96
CA LYS F 323 -3.13 1.74 60.96
C LYS F 323 -4.50 1.94 61.63
N LYS F 324 -4.75 1.06 62.60
CA LYS F 324 -5.92 1.13 63.45
C LYS F 324 -5.89 2.44 64.20
N LYS F 325 -4.71 2.73 64.75
CA LYS F 325 -4.46 3.93 65.53
C LYS F 325 -4.65 5.18 64.69
N THR F 326 -4.22 5.13 63.42
CA THR F 326 -4.39 6.27 62.52
C THR F 326 -5.87 6.54 62.30
N PHE F 327 -6.61 5.49 61.93
CA PHE F 327 -8.05 5.63 61.71
C PHE F 327 -8.82 6.06 62.96
N LYS F 328 -8.46 5.50 64.11
CA LYS F 328 -9.00 5.91 65.40
C LYS F 328 -8.78 7.40 65.64
N ARG F 329 -7.55 7.83 65.42
CA ARG F 329 -7.17 9.21 65.61
C ARG F 329 -8.03 10.10 64.74
N GLU F 330 -8.23 9.70 63.48
CA GLU F 330 -9.06 10.46 62.56
C GLU F 330 -10.52 10.51 63.01
N SER F 331 -11.02 9.41 63.56
CA SER F 331 -12.37 9.37 64.10
C SER F 331 -12.54 10.39 65.23
N ILE F 332 -11.59 10.37 66.17
CA ILE F 332 -11.60 11.31 67.29
C ILE F 332 -11.52 12.75 66.82
N LEU F 333 -10.63 13.01 65.86
CA LEU F 333 -10.47 14.35 65.30
C LEU F 333 -11.77 14.83 64.67
N ASN F 334 -12.42 13.94 63.92
CA ASN F 334 -13.72 14.29 63.36
C ASN F 334 -14.79 14.53 64.41
N PHE F 335 -14.70 13.83 65.55
CA PHE F 335 -15.59 14.14 66.65
C PHE F 335 -15.37 15.55 67.19
N VAL F 336 -14.12 15.89 67.50
CA VAL F 336 -13.82 17.23 68.02
C VAL F 336 -14.23 18.32 67.02
N ASN F 337 -13.98 18.08 65.73
CA ASN F 337 -14.40 19.00 64.68
C ASN F 337 -15.92 19.16 64.65
N PHE F 338 -16.61 18.03 64.77
CA PHE F 338 -18.07 18.00 64.88
C PHE F 338 -18.54 18.91 66.00
N VAL F 339 -17.96 18.72 67.18
CA VAL F 339 -18.30 19.51 68.35
C VAL F 339 -18.05 21.00 68.11
N LYS F 340 -16.90 21.33 67.56
CA LYS F 340 -16.53 22.73 67.33
C LYS F 340 -17.45 23.42 66.30
N TYR F 341 -17.81 22.71 65.24
CA TYR F 341 -18.72 23.24 64.23
C TYR F 341 -20.10 23.47 64.85
N ASN F 342 -20.54 22.51 65.65
CA ASN F 342 -21.79 22.62 66.40
C ASN F 342 -21.77 23.83 67.32
N ASP F 343 -20.63 24.05 67.97
CA ASP F 343 -20.47 25.18 68.88
C ASP F 343 -20.56 26.51 68.15
N LYS F 344 -19.88 26.62 67.01
CA LYS F 344 -19.95 27.83 66.20
C LYS F 344 -21.38 28.11 65.73
N TYR F 345 -22.06 27.04 65.33
CA TYR F 345 -23.44 27.13 64.88
C TYR F 345 -24.32 27.66 66.00
N TYR F 346 -24.20 27.03 67.18
CA TYR F 346 -24.98 27.40 68.34
C TYR F 346 -24.69 28.83 68.80
N GLN F 347 -23.46 29.28 68.57
CA GLN F 347 -23.10 30.64 68.94
C GLN F 347 -23.69 31.69 68.00
N LEU F 348 -23.56 31.48 66.69
CA LEU F 348 -23.92 32.53 65.73
C LEU F 348 -25.28 32.38 65.05
N HIS F 349 -25.64 31.15 64.68
CA HIS F 349 -26.76 30.94 63.76
C HIS F 349 -28.08 31.21 64.46
N ASP F 350 -28.07 30.96 65.75
CA ASP F 350 -29.16 31.18 66.69
C ASP F 350 -28.48 31.06 68.03
N ASN F 351 -29.19 31.33 69.12
CA ASN F 351 -28.64 30.95 70.40
C ASN F 351 -29.05 29.51 70.71
N SER F 352 -29.67 28.85 69.72
CA SER F 352 -30.09 27.44 69.81
C SER F 352 -29.27 26.46 68.95
N HIS F 353 -29.30 25.18 69.34
CA HIS F 353 -28.62 24.11 68.59
C HIS F 353 -29.48 23.59 67.45
N ARG F 354 -28.85 23.06 66.40
CA ARG F 354 -29.61 22.52 65.26
C ARG F 354 -30.25 21.17 65.60
N ASP F 355 -29.47 20.28 66.19
CA ASP F 355 -29.91 18.90 66.42
C ASP F 355 -29.21 18.29 67.63
N ILE F 356 -29.75 18.54 68.81
CA ILE F 356 -29.15 18.06 70.06
C ILE F 356 -29.09 16.53 70.16
N ILE F 357 -30.10 15.85 69.64
CA ILE F 357 -30.14 14.38 69.69
C ILE F 357 -28.92 13.79 68.96
N SER F 358 -28.61 14.33 67.79
CA SER F 358 -27.44 13.90 67.02
C SER F 358 -26.15 14.19 67.79
N PHE F 359 -26.14 15.30 68.52
CA PHE F 359 -25.03 15.71 69.36
C PHE F 359 -24.74 14.67 70.45
N ILE F 360 -25.75 14.41 71.27
CA ILE F 360 -25.65 13.42 72.35
C ILE F 360 -25.31 12.04 71.80
N ASP F 361 -25.85 11.73 70.62
CA ASP F 361 -25.56 10.46 69.96
C ASP F 361 -24.07 10.38 69.65
N ALA F 362 -23.53 11.48 69.13
CA ALA F 362 -22.12 11.54 68.78
C ALA F 362 -21.25 11.35 70.01
N TYR F 363 -21.57 12.07 71.08
CA TYR F 363 -20.83 11.92 72.33
C TYR F 363 -20.85 10.48 72.85
N SER F 364 -22.04 9.87 72.88
CA SER F 364 -22.16 8.49 73.33
C SER F 364 -21.30 7.56 72.50
N PHE F 365 -21.34 7.72 71.18
CA PHE F 365 -20.55 6.88 70.29
C PHE F 365 -19.07 7.02 70.57
N ILE F 366 -18.57 8.26 70.57
CA ILE F 366 -17.13 8.48 70.73
C ILE F 366 -16.63 8.10 72.12
N LEU F 367 -17.49 8.20 73.13
CA LEU F 367 -17.13 7.82 74.49
C LEU F 367 -17.14 6.30 74.69
N GLN F 368 -18.02 5.62 73.95
CA GLN F 368 -18.07 4.16 73.99
C GLN F 368 -16.77 3.52 73.50
N ASN F 369 -16.24 4.03 72.40
CA ASN F 369 -15.13 3.39 71.71
C ASN F 369 -13.74 3.87 72.10
N SER F 370 -13.66 4.78 73.06
CA SER F 370 -12.37 5.31 73.47
C SER F 370 -12.11 5.13 74.97
N SER F 371 -10.84 5.05 75.32
CA SER F 371 -10.41 4.97 76.72
C SER F 371 -9.59 6.20 77.08
N LYS F 372 -9.04 6.20 78.30
CA LYS F 372 -8.21 7.29 78.76
C LYS F 372 -6.99 7.46 77.87
N THR F 373 -6.53 6.34 77.30
CA THR F 373 -5.35 6.33 76.44
C THR F 373 -5.51 7.10 75.12
N ASP F 374 -6.72 7.21 74.60
CA ASP F 374 -6.91 7.81 73.27
C ASP F 374 -6.88 9.33 73.26
N SER F 375 -6.96 9.93 74.45
CA SER F 375 -7.07 11.38 74.53
C SER F 375 -5.79 12.06 74.07
N ILE F 376 -5.93 13.29 73.56
CA ILE F 376 -4.78 14.08 73.16
C ILE F 376 -4.66 15.24 74.14
N GLU F 377 -3.45 15.69 74.43
CA GLU F 377 -3.25 16.58 75.58
C GLU F 377 -4.10 17.86 75.44
N ASN F 378 -4.16 18.44 74.25
CA ASN F 378 -4.99 19.62 74.02
C ASN F 378 -6.22 19.44 73.13
N VAL F 379 -6.14 18.58 72.11
CA VAL F 379 -7.30 18.40 71.23
C VAL F 379 -8.47 17.70 71.92
N PHE F 380 -8.18 16.60 72.61
CA PHE F 380 -9.22 15.72 73.16
C PHE F 380 -8.92 15.32 74.60
N ASP F 381 -9.86 15.54 75.51
CA ASP F 381 -9.68 15.08 76.89
C ASP F 381 -10.84 14.19 77.28
N TYR F 382 -10.52 12.95 77.64
CA TYR F 382 -11.54 11.95 77.90
C TYR F 382 -12.43 12.29 79.08
N ASP F 383 -11.84 12.44 80.26
CA ASP F 383 -12.61 12.75 81.46
C ASP F 383 -13.38 14.06 81.32
N ASN F 384 -12.74 15.05 80.71
CA ASN F 384 -13.39 16.34 80.45
C ASN F 384 -14.56 16.14 79.49
N THR F 385 -14.37 15.28 78.49
CA THR F 385 -15.42 14.98 77.52
C THR F 385 -16.60 14.28 78.19
N VAL F 386 -16.31 13.40 79.15
CA VAL F 386 -17.35 12.66 79.85
C VAL F 386 -18.15 13.59 80.77
N SER F 387 -17.43 14.41 81.53
CA SER F 387 -18.09 15.38 82.40
C SER F 387 -18.96 16.33 81.58
N THR F 388 -18.43 16.77 80.44
CA THR F 388 -19.17 17.61 79.51
C THR F 388 -20.42 16.90 79.01
N PHE F 389 -20.28 15.60 78.72
CA PHE F 389 -21.39 14.77 78.27
C PHE F 389 -22.51 14.72 79.30
N ALA F 390 -22.12 14.44 80.55
CA ALA F 390 -23.08 14.33 81.65
C ALA F 390 -23.79 15.66 81.87
N THR F 391 -23.02 16.74 81.87
CA THR F 391 -23.58 18.08 82.10
C THR F 391 -24.54 18.43 80.97
N SER F 392 -24.22 18.01 79.76
CA SER F 392 -25.05 18.29 78.60
C SER F 392 -26.35 17.49 78.63
N LEU F 393 -26.27 16.25 79.13
CA LEU F 393 -27.47 15.43 79.28
C LEU F 393 -28.40 16.06 80.30
N ASN F 394 -27.83 16.46 81.44
CA ASN F 394 -28.61 17.09 82.49
C ASN F 394 -29.24 18.40 82.00
N SER F 395 -28.50 19.15 81.22
CA SER F 395 -28.98 20.41 80.64
C SER F 395 -30.12 20.17 79.66
N PHE F 396 -29.98 19.14 78.83
CA PHE F 396 -31.02 18.74 77.90
C PHE F 396 -32.31 18.42 78.65
N TYR F 397 -32.20 17.55 79.66
CA TYR F 397 -33.37 17.16 80.45
C TYR F 397 -34.03 18.35 81.15
N LYS F 398 -33.23 19.21 81.76
CA LYS F 398 -33.78 20.36 82.49
C LYS F 398 -34.40 21.38 81.54
N GLU F 399 -33.85 21.47 80.33
CA GLU F 399 -34.29 22.48 79.36
C GLU F 399 -35.74 22.29 78.93
N TYR F 400 -36.10 21.07 78.54
CA TYR F 400 -37.44 20.80 78.08
C TYR F 400 -38.33 20.28 79.22
N ASN F 401 -37.90 20.56 80.45
CA ASN F 401 -38.65 20.19 81.64
C ASN F 401 -39.01 18.71 81.66
N LEU F 402 -38.15 17.90 81.08
CA LEU F 402 -38.34 16.45 81.11
C LEU F 402 -38.06 15.94 82.51
N PRO F 403 -38.85 14.97 82.98
CA PRO F 403 -38.60 14.51 84.35
C PRO F 403 -37.27 13.78 84.44
N LEU F 404 -36.56 13.99 85.54
CA LEU F 404 -35.25 13.42 85.73
C LEU F 404 -35.12 12.78 87.11
N MSE F 405 -34.90 11.48 87.14
CA MSE F 405 -34.75 10.75 88.40
C MSE F 405 -33.53 11.23 89.14
O MSE F 405 -32.39 11.00 88.70
CB MSE F 405 -34.64 9.25 88.13
CG MSE F 405 -34.51 8.40 89.38
SE MSE F 405 -36.21 8.04 90.23
CE MSE F 405 -37.20 7.40 88.67
N SER F 406 -33.74 11.91 90.26
CA SER F 406 -32.63 12.42 91.04
C SER F 406 -31.87 11.31 91.73
N GLN F 407 -30.74 11.65 92.31
CA GLN F 407 -29.80 10.70 92.87
C GLN F 407 -30.40 10.08 94.12
N SER F 408 -31.05 10.92 94.92
CA SER F 408 -31.67 10.48 96.15
C SER F 408 -32.82 9.53 95.85
N GLU F 409 -33.67 9.90 94.91
CA GLU F 409 -34.81 9.07 94.50
C GLU F 409 -34.34 7.77 93.85
N SER F 410 -33.09 7.73 93.41
CA SER F 410 -32.58 6.56 92.72
C SER F 410 -32.35 5.41 93.69
N LEU F 411 -32.33 5.72 94.98
CA LEU F 411 -32.10 4.71 95.99
C LEU F 411 -33.27 3.75 96.11
N ASP F 412 -34.45 4.17 95.68
CA ASP F 412 -35.54 3.23 95.63
C ASP F 412 -36.25 3.36 94.28
N TRP F 413 -36.34 2.27 93.53
CA TRP F 413 -36.99 2.26 92.21
C TRP F 413 -38.40 1.72 92.25
N LEU F 414 -38.64 0.80 93.17
CA LEU F 414 -39.94 0.15 93.28
C LEU F 414 -40.99 1.18 93.63
N GLU F 415 -40.64 2.04 94.56
CA GLU F 415 -41.53 3.12 94.97
C GLU F 415 -41.59 4.26 93.96
N ASN F 416 -40.45 4.60 93.36
CA ASN F 416 -40.37 5.79 92.52
C ASN F 416 -40.44 5.56 91.01
N SER F 417 -40.84 4.36 90.59
CA SER F 417 -40.89 4.05 89.17
C SER F 417 -41.86 4.96 88.43
N THR F 418 -41.44 5.50 87.29
CA THR F 418 -42.29 6.26 86.40
C THR F 418 -42.05 5.86 84.94
N ARG F 419 -43.07 6.00 84.11
CA ARG F 419 -42.93 5.70 82.69
C ARG F 419 -42.90 6.96 81.85
N CYS F 420 -41.85 7.12 81.07
CA CYS F 420 -41.76 8.22 80.13
C CYS F 420 -41.91 7.64 78.73
N VAL F 421 -42.65 8.34 77.86
CA VAL F 421 -42.86 7.85 76.52
C VAL F 421 -42.37 8.87 75.51
N TYR F 422 -41.23 8.55 74.89
CA TYR F 422 -40.64 9.38 73.86
C TYR F 422 -40.64 8.61 72.55
N PRO F 423 -40.43 9.30 71.43
CA PRO F 423 -40.25 8.60 70.15
C PRO F 423 -39.14 7.56 70.23
N GLY F 424 -39.33 6.43 69.55
CA GLY F 424 -38.40 5.31 69.61
C GLY F 424 -36.96 5.72 69.39
N ASN F 425 -36.74 6.60 68.43
CA ASN F 425 -35.41 7.12 68.15
C ASN F 425 -34.81 7.85 69.37
N ILE F 426 -35.62 8.71 69.98
CA ILE F 426 -35.17 9.52 71.09
C ILE F 426 -34.95 8.68 72.35
N SER F 427 -35.90 7.77 72.61
CA SER F 427 -35.75 6.82 73.72
C SER F 427 -34.45 6.02 73.55
N LYS F 428 -34.23 5.50 72.34
CA LYS F 428 -33.02 4.76 72.03
C LYS F 428 -31.75 5.57 72.34
N VAL F 429 -31.70 6.79 71.80
CA VAL F 429 -30.53 7.65 72.01
C VAL F 429 -30.30 7.93 73.50
N LEU F 430 -31.36 8.22 74.23
CA LEU F 430 -31.23 8.57 75.64
C LEU F 430 -30.81 7.39 76.50
N THR F 431 -31.47 6.25 76.34
CA THR F 431 -31.09 5.04 77.08
C THR F 431 -29.64 4.69 76.80
N ASN F 432 -29.25 4.80 75.54
CA ASN F 432 -27.87 4.51 75.16
C ASN F 432 -26.90 5.47 75.84
N ALA F 433 -27.31 6.73 75.95
CA ALA F 433 -26.49 7.76 76.59
C ALA F 433 -26.27 7.45 78.08
N TRP F 434 -27.36 7.25 78.81
CA TRP F 434 -27.27 6.97 80.23
C TRP F 434 -26.51 5.68 80.49
N SER F 435 -26.76 4.69 79.64
CA SER F 435 -26.09 3.40 79.74
C SER F 435 -24.59 3.57 79.56
N THR F 436 -24.19 4.38 78.59
CA THR F 436 -22.77 4.61 78.36
C THR F 436 -22.13 5.33 79.55
N LEU F 437 -22.88 6.28 80.12
CA LEU F 437 -22.38 6.97 81.31
C LEU F 437 -22.13 6.00 82.46
N TYR F 438 -23.09 5.10 82.70
CA TYR F 438 -22.90 4.07 83.72
C TYR F 438 -21.70 3.17 83.42
N GLU F 439 -21.61 2.67 82.19
CA GLU F 439 -20.51 1.79 81.81
C GLU F 439 -19.15 2.42 82.05
N ILE F 440 -19.05 3.72 81.76
CA ILE F 440 -17.80 4.44 81.97
C ILE F 440 -17.51 4.63 83.46
N ARG F 441 -18.47 5.18 84.20
CA ARG F 441 -18.24 5.54 85.59
C ARG F 441 -18.60 4.42 86.55
N LYS F 442 -18.60 3.20 86.03
CA LYS F 442 -19.04 2.01 86.76
C LYS F 442 -18.13 1.64 87.94
N TYR F 443 -16.85 1.94 87.80
CA TYR F 443 -15.85 1.44 88.75
C TYR F 443 -15.43 2.48 89.78
N GLN F 444 -15.91 3.71 89.65
CA GLN F 444 -15.49 4.78 90.54
C GLN F 444 -16.40 4.92 91.75
N LEU F 445 -15.78 4.91 92.93
CA LEU F 445 -16.49 4.94 94.19
C LEU F 445 -17.25 6.25 94.39
N ASP F 446 -16.63 7.36 93.98
CA ASP F 446 -17.19 8.68 94.20
C ASP F 446 -18.56 8.84 93.58
N PHE F 447 -18.78 8.15 92.47
CA PHE F 447 -20.08 8.19 91.80
C PHE F 447 -21.03 7.15 92.38
N LEU F 448 -20.48 6.10 92.97
CA LEU F 448 -21.30 5.06 93.59
C LEU F 448 -21.93 5.49 94.91
N VAL F 449 -21.11 6.11 95.77
CA VAL F 449 -21.62 6.58 97.05
C VAL F 449 -22.60 7.71 96.80
N SER F 450 -22.32 8.50 95.76
CA SER F 450 -23.19 9.60 95.35
C SER F 450 -24.46 9.10 94.68
N ASN F 451 -24.52 7.80 94.40
CA ASN F 451 -25.66 7.18 93.76
C ASN F 451 -25.92 7.71 92.35
N ASN F 452 -24.85 8.14 91.69
CA ASN F 452 -24.97 8.64 90.33
C ASN F 452 -25.19 7.49 89.35
N LEU F 453 -24.54 6.35 89.61
CA LEU F 453 -24.72 5.18 88.75
C LEU F 453 -26.16 4.72 88.82
N THR F 454 -26.69 4.73 90.02
CA THR F 454 -28.06 4.32 90.28
C THR F 454 -29.03 5.25 89.56
N SER F 455 -28.71 6.54 89.56
CA SER F 455 -29.54 7.53 88.87
C SER F 455 -29.48 7.33 87.36
N TYR F 456 -28.29 7.03 86.85
CA TYR F 456 -28.09 6.75 85.44
C TYR F 456 -28.97 5.58 85.02
N LEU F 457 -28.84 4.47 85.75
CA LEU F 457 -29.61 3.27 85.45
C LEU F 457 -31.11 3.52 85.53
N CYS F 458 -31.52 4.29 86.53
CA CYS F 458 -32.93 4.63 86.66
C CYS F 458 -33.43 5.45 85.46
N ASN F 459 -32.66 6.46 85.08
CA ASN F 459 -32.98 7.31 83.95
C ASN F 459 -33.05 6.52 82.65
N ALA F 460 -32.23 5.48 82.54
CA ALA F 460 -32.28 4.60 81.39
C ALA F 460 -33.51 3.70 81.42
N MSE F 461 -33.91 3.28 82.62
CA MSE F 461 -35.02 2.36 82.78
C MSE F 461 -36.38 3.02 82.56
O MSE F 461 -37.35 2.33 82.24
CB MSE F 461 -34.99 1.71 84.16
CG MSE F 461 -33.94 0.62 84.31
SE MSE F 461 -34.08 -0.23 86.06
CE MSE F 461 -35.98 -0.64 85.97
N MSE F 462 -36.45 4.33 82.73
CA MSE F 462 -37.71 5.05 82.61
C MSE F 462 -38.27 5.02 81.20
O MSE F 462 -39.46 5.25 80.98
CB MSE F 462 -37.55 6.50 83.05
CG MSE F 462 -37.23 6.67 84.53
SE MSE F 462 -37.32 8.53 85.10
CE MSE F 462 -36.18 9.34 83.73
N LEU F 463 -37.40 4.75 80.22
CA LEU F 463 -37.83 4.75 78.82
C LEU F 463 -38.08 3.33 78.32
N SER F 464 -39.31 2.86 78.54
CA SER F 464 -39.80 1.49 78.24
C SER F 464 -40.98 1.17 79.14
N GLY F 479 -39.02 -9.08 73.97
CA GLY F 479 -38.25 -8.61 72.84
C GLY F 479 -36.95 -7.96 73.24
N GLU F 480 -36.56 -6.93 72.50
CA GLU F 480 -35.31 -6.23 72.74
C GLU F 480 -35.42 -5.42 74.03
N GLU F 481 -36.49 -4.66 74.16
CA GLU F 481 -36.64 -3.81 75.33
C GLU F 481 -36.90 -4.64 76.58
N GLU F 482 -37.39 -5.87 76.39
CA GLU F 482 -37.60 -6.77 77.53
C GLU F 482 -36.26 -7.20 78.12
N LYS F 483 -35.33 -7.60 77.26
CA LYS F 483 -34.00 -8.02 77.67
C LYS F 483 -33.19 -6.83 78.19
N ALA F 484 -33.39 -5.69 77.55
CA ALA F 484 -32.79 -4.45 77.97
C ALA F 484 -33.21 -4.15 79.40
N LEU F 485 -34.52 -4.24 79.63
CA LEU F 485 -35.08 -4.06 80.97
C LEU F 485 -34.45 -5.05 81.94
N ARG F 486 -34.30 -6.30 81.52
CA ARG F 486 -33.72 -7.34 82.36
C ARG F 486 -32.31 -6.98 82.83
N GLU F 487 -31.41 -6.68 81.89
CA GLU F 487 -30.04 -6.30 82.26
C GLU F 487 -29.97 -4.98 83.03
N LEU F 488 -30.80 -4.01 82.66
CA LEU F 488 -30.82 -2.74 83.39
C LEU F 488 -31.21 -2.96 84.85
N GLN F 489 -32.29 -3.71 85.07
CA GLN F 489 -32.78 -4.01 86.40
C GLN F 489 -31.75 -4.79 87.20
N PHE F 490 -31.12 -5.77 86.54
CA PHE F 490 -30.08 -6.56 87.18
C PHE F 490 -28.92 -5.67 87.62
N LYS F 491 -28.41 -4.85 86.71
CA LYS F 491 -27.31 -3.93 87.02
C LYS F 491 -27.71 -2.96 88.14
N TYR F 492 -28.99 -2.59 88.18
CA TYR F 492 -29.52 -1.73 89.24
C TYR F 492 -29.38 -2.41 90.60
N SER F 493 -29.89 -3.64 90.68
CA SER F 493 -29.81 -4.42 91.91
C SER F 493 -28.36 -4.67 92.33
N TYR F 494 -27.52 -5.00 91.35
CA TYR F 494 -26.10 -5.25 91.57
C TYR F 494 -25.41 -4.00 92.13
N THR F 495 -25.80 -2.84 91.61
CA THR F 495 -25.26 -1.57 92.06
C THR F 495 -25.71 -1.25 93.48
N LEU F 496 -26.96 -1.61 93.79
CA LEU F 496 -27.47 -1.42 95.15
C LEU F 496 -26.76 -2.34 96.13
N ALA F 497 -26.43 -3.54 95.67
CA ALA F 497 -25.74 -4.53 96.49
C ALA F 497 -24.31 -4.10 96.77
N GLN F 498 -23.65 -3.57 95.75
CA GLN F 498 -22.30 -3.03 95.92
C GLN F 498 -22.29 -1.97 97.02
N GLN F 499 -23.34 -1.16 97.04
CA GLN F 499 -23.52 -0.12 98.05
C GLN F 499 -23.93 -0.70 99.40
N ARG F 500 -24.26 -1.99 99.41
CA ARG F 500 -24.65 -2.73 100.61
C ARG F 500 -26.03 -2.28 101.12
N HIS F 501 -26.85 -1.79 100.21
CA HIS F 501 -28.28 -1.61 100.44
C HIS F 501 -28.98 -2.91 100.08
N ILE F 502 -28.82 -3.89 100.96
CA ILE F 502 -29.19 -5.27 100.66
C ILE F 502 -30.70 -5.55 100.75
N GLU F 503 -31.39 -4.94 101.71
CA GLU F 503 -32.82 -5.21 101.87
C GLU F 503 -33.59 -4.77 100.63
N THR F 504 -33.22 -3.60 100.12
CA THR F 504 -33.88 -3.02 98.96
C THR F 504 -33.43 -3.72 97.68
N ALA F 505 -32.17 -4.12 97.63
CA ALA F 505 -31.67 -4.82 96.45
C ALA F 505 -32.39 -6.16 96.30
N ILE F 506 -32.61 -6.81 97.43
CA ILE F 506 -33.34 -8.08 97.44
C ILE F 506 -34.81 -7.89 97.06
N LYS F 507 -35.44 -6.85 97.60
CA LYS F 507 -36.85 -6.62 97.29
C LYS F 507 -37.03 -6.30 95.80
N THR F 508 -36.15 -5.44 95.29
CA THR F 508 -36.16 -5.10 93.87
C THR F 508 -35.97 -6.34 93.01
N LEU F 509 -34.97 -7.17 93.36
CA LEU F 509 -34.71 -8.39 92.61
C LEU F 509 -35.92 -9.33 92.59
N GLU F 510 -36.47 -9.57 93.77
CA GLU F 510 -37.58 -10.49 93.94
C GLU F 510 -38.82 -10.06 93.18
N SER F 511 -39.32 -8.87 93.50
CA SER F 511 -40.55 -8.38 92.90
C SER F 511 -40.38 -8.09 91.41
N LEU F 512 -39.36 -7.33 91.05
CA LEU F 512 -39.22 -6.85 89.69
C LEU F 512 -38.80 -7.94 88.70
N ILE F 513 -37.69 -8.60 88.96
CA ILE F 513 -37.10 -9.52 87.98
C ILE F 513 -37.53 -10.99 88.11
N LEU F 514 -37.52 -11.52 89.33
CA LEU F 514 -37.65 -12.97 89.50
C LEU F 514 -39.08 -13.49 89.64
N SER F 515 -40.05 -12.59 89.71
CA SER F 515 -41.44 -13.00 89.83
C SER F 515 -42.00 -13.54 88.51
N LYS F 516 -41.26 -13.32 87.42
CA LYS F 516 -41.68 -13.73 86.07
C LYS F 516 -40.49 -14.06 85.18
N ASN F 517 -39.33 -14.32 85.79
CA ASN F 517 -38.14 -14.73 85.04
C ASN F 517 -37.40 -15.87 85.70
N PRO F 518 -37.86 -17.11 85.47
CA PRO F 518 -37.21 -18.29 86.05
C PRO F 518 -35.93 -18.66 85.30
N ASN F 519 -35.79 -18.11 84.10
CA ASN F 519 -34.68 -18.46 83.21
C ASN F 519 -33.43 -17.58 83.38
N TYR F 520 -33.44 -16.69 84.35
CA TYR F 520 -32.41 -15.67 84.46
C TYR F 520 -31.52 -15.88 85.69
N TYR F 521 -30.35 -16.50 85.50
CA TYR F 521 -29.63 -17.05 86.63
C TYR F 521 -28.67 -16.04 87.29
N LYS F 522 -28.46 -14.89 86.65
CA LYS F 522 -27.59 -13.88 87.23
C LYS F 522 -28.25 -13.33 88.47
N ALA F 523 -29.55 -13.09 88.36
CA ALA F 523 -30.29 -12.45 89.44
C ALA F 523 -30.59 -13.45 90.54
N TRP F 524 -30.56 -14.74 90.20
CA TRP F 524 -30.72 -15.78 91.19
C TRP F 524 -29.45 -15.89 92.03
N HIS F 525 -28.31 -15.85 91.35
CA HIS F 525 -27.03 -15.92 92.04
C HIS F 525 -26.86 -14.67 92.90
N LEU F 526 -27.28 -13.53 92.35
CA LEU F 526 -27.21 -12.27 93.08
C LEU F 526 -28.13 -12.30 94.28
N LEU F 527 -29.30 -12.90 94.12
CA LEU F 527 -30.26 -12.99 95.21
C LEU F 527 -29.71 -13.82 96.36
N ALA F 528 -29.18 -14.98 96.02
CA ALA F 528 -28.59 -15.87 97.01
C ALA F 528 -27.45 -15.17 97.74
N LEU F 529 -26.57 -14.56 96.96
CA LEU F 529 -25.38 -13.90 97.49
C LEU F 529 -25.75 -12.72 98.41
N CYS F 530 -26.78 -11.97 98.04
CA CYS F 530 -27.26 -10.87 98.88
C CYS F 530 -27.91 -11.38 100.16
N ARG F 531 -28.64 -12.48 100.03
CA ARG F 531 -29.38 -13.05 101.15
C ARG F 531 -28.47 -13.81 102.14
N SER F 532 -27.24 -14.09 101.72
CA SER F 532 -26.26 -14.75 102.58
C SER F 532 -25.78 -13.86 103.75
N VAL F 533 -25.98 -12.56 103.62
CA VAL F 533 -25.50 -11.56 104.57
C VAL F 533 -26.19 -11.63 105.95
N GLN F 534 -27.43 -12.10 105.99
CA GLN F 534 -28.23 -12.11 107.23
C GLN F 534 -27.69 -12.92 108.39
N GLU F 535 -26.51 -13.52 108.26
CA GLU F 535 -25.97 -14.41 109.29
C GLU F 535 -26.88 -15.62 109.47
N ASP F 536 -27.82 -15.76 108.54
CA ASP F 536 -28.75 -16.87 108.51
C ASP F 536 -28.62 -17.45 107.12
N LYS F 537 -28.18 -18.70 107.02
CA LYS F 537 -27.86 -19.22 105.70
C LYS F 537 -28.89 -20.22 105.21
N GLU F 538 -30.10 -20.14 105.75
CA GLU F 538 -31.16 -21.08 105.39
C GLU F 538 -31.65 -20.75 103.99
N MSE F 539 -32.24 -19.56 103.87
CA MSE F 539 -32.74 -19.07 102.59
C MSE F 539 -31.67 -19.09 101.53
O MSE F 539 -31.93 -19.48 100.39
CB MSE F 539 -33.29 -17.65 102.77
CG MSE F 539 -34.60 -17.56 103.51
SE MSE F 539 -34.80 -15.86 104.44
CE MSE F 539 -33.52 -16.17 105.88
N SER F 540 -30.46 -18.68 101.88
CA SER F 540 -29.39 -18.57 100.90
C SER F 540 -28.96 -19.93 100.36
N TYR F 541 -28.76 -20.89 101.26
CA TYR F 541 -28.34 -22.23 100.88
C TYR F 541 -29.42 -22.91 100.05
N LYS F 542 -30.67 -22.81 100.52
CA LYS F 542 -31.77 -23.46 99.82
C LYS F 542 -32.02 -22.85 98.45
N ILE F 543 -31.86 -21.52 98.34
CA ILE F 543 -31.95 -20.87 97.03
C ILE F 543 -30.86 -21.39 96.12
N VAL F 544 -29.62 -21.40 96.60
CA VAL F 544 -28.52 -21.87 95.77
C VAL F 544 -28.76 -23.31 95.31
N CYS F 545 -29.35 -24.14 96.18
CA CYS F 545 -29.64 -25.52 95.83
C CYS F 545 -30.71 -25.63 94.75
N SER F 546 -31.82 -24.92 94.94
CA SER F 546 -32.92 -24.95 93.99
C SER F 546 -32.48 -24.43 92.63
N VAL F 547 -31.75 -23.31 92.63
CA VAL F 547 -31.25 -22.72 91.40
C VAL F 547 -30.27 -23.66 90.70
N LEU F 548 -29.41 -24.32 91.47
CA LEU F 548 -28.47 -25.27 90.90
C LEU F 548 -29.18 -26.46 90.24
N GLU F 549 -30.19 -27.00 90.91
CA GLU F 549 -30.97 -28.10 90.35
C GLU F 549 -31.70 -27.66 89.08
N ALA F 550 -32.30 -26.48 89.13
CA ALA F 550 -33.01 -25.92 87.98
C ALA F 550 -32.05 -25.73 86.81
N MSE F 551 -30.83 -25.36 87.14
CA MSE F 551 -29.80 -25.12 86.14
C MSE F 551 -29.36 -26.43 85.51
O MSE F 551 -29.04 -26.47 84.32
CB MSE F 551 -28.61 -24.38 86.76
CG MSE F 551 -27.96 -23.37 85.83
SE MSE F 551 -26.95 -22.02 86.81
CE MSE F 551 -26.37 -20.94 85.31
N ASN F 552 -29.35 -27.50 86.31
CA ASN F 552 -29.09 -28.83 85.77
C ASN F 552 -30.22 -29.29 84.83
N GLU F 553 -31.45 -28.93 85.18
CA GLU F 553 -32.59 -29.26 84.34
C GLU F 553 -32.44 -28.57 82.98
N SER F 554 -32.20 -27.27 83.05
CA SER F 554 -32.07 -26.40 81.89
C SER F 554 -30.83 -26.70 81.04
N LEU F 555 -29.80 -27.25 81.66
CA LEU F 555 -28.54 -27.50 80.98
C LEU F 555 -28.75 -28.51 79.85
N GLN F 556 -29.27 -29.69 80.17
CA GLN F 556 -29.43 -30.73 79.15
C GLN F 556 -30.82 -30.66 78.54
N ASN F 557 -31.85 -30.69 79.37
CA ASN F 557 -33.22 -30.73 78.87
C ASN F 557 -33.66 -29.48 78.13
N ASN F 558 -33.14 -28.33 78.52
CA ASN F 558 -33.52 -27.08 77.86
C ASN F 558 -32.36 -26.39 77.13
N THR F 559 -31.13 -26.71 77.52
CA THR F 559 -29.93 -26.15 76.91
C THR F 559 -30.04 -24.63 76.95
N LEU F 560 -29.82 -24.00 75.80
CA LEU F 560 -29.88 -22.55 75.66
C LEU F 560 -29.02 -21.76 76.66
N LEU F 561 -27.83 -22.27 76.96
CA LEU F 561 -26.91 -21.59 77.87
C LEU F 561 -25.55 -21.39 77.22
N LEU F 562 -25.11 -20.14 77.15
CA LEU F 562 -23.75 -19.85 76.68
C LEU F 562 -22.84 -19.19 77.72
N ASN F 563 -23.19 -17.98 78.15
CA ASN F 563 -22.43 -17.35 79.22
C ASN F 563 -22.66 -18.00 80.58
N ASP F 564 -23.89 -18.44 80.82
CA ASP F 564 -24.31 -18.85 82.16
C ASP F 564 -23.58 -20.07 82.67
N ARG F 565 -22.88 -20.78 81.79
CA ARG F 565 -22.13 -21.95 82.22
C ARG F 565 -21.10 -21.50 83.25
N TRP F 566 -20.54 -20.31 83.01
CA TRP F 566 -19.54 -19.77 83.91
C TRP F 566 -20.26 -19.52 85.23
N GLN F 567 -21.45 -18.95 85.09
CA GLN F 567 -22.32 -18.63 86.24
C GLN F 567 -22.62 -19.90 87.02
N PHE F 568 -22.74 -21.01 86.28
CA PHE F 568 -22.99 -22.30 86.89
C PHE F 568 -21.87 -22.62 87.86
N ILE F 569 -20.65 -22.64 87.33
CA ILE F 569 -19.49 -23.05 88.10
C ILE F 569 -19.32 -22.24 89.36
N HIS F 570 -19.35 -20.92 89.22
CA HIS F 570 -19.17 -20.06 90.38
C HIS F 570 -20.30 -20.27 91.38
N LEU F 571 -21.51 -20.49 90.86
CA LEU F 571 -22.64 -20.75 91.74
C LEU F 571 -22.36 -21.99 92.57
N LYS F 572 -21.82 -23.01 91.91
CA LYS F 572 -21.49 -24.26 92.60
C LYS F 572 -20.47 -23.95 93.69
N LEU F 573 -19.50 -23.10 93.35
CA LEU F 573 -18.46 -22.74 94.30
C LEU F 573 -19.11 -22.05 95.49
N THR F 574 -20.07 -21.18 95.20
CA THR F 574 -20.78 -20.49 96.26
C THR F 574 -21.47 -21.49 97.17
N GLN F 575 -22.07 -22.51 96.55
CA GLN F 575 -22.75 -23.55 97.32
C GLN F 575 -21.77 -24.13 98.30
N LEU F 576 -20.58 -24.43 97.80
CA LEU F 576 -19.55 -25.06 98.62
C LEU F 576 -19.30 -24.18 99.83
N ALA F 577 -19.10 -22.89 99.57
CA ALA F 577 -18.77 -21.98 100.64
C ALA F 577 -19.92 -21.94 101.65
N LEU F 578 -21.15 -21.92 101.13
CA LEU F 578 -22.30 -21.91 102.01
C LEU F 578 -22.32 -23.16 102.84
N ILE F 579 -22.14 -24.32 102.19
CA ILE F 579 -22.09 -25.57 102.93
C ILE F 579 -21.03 -25.47 104.01
N GLU F 580 -19.86 -24.95 103.66
CA GLU F 580 -18.78 -24.83 104.63
C GLU F 580 -19.19 -24.09 105.90
N GLU F 581 -19.93 -22.99 105.76
CA GLU F 581 -20.32 -22.23 106.95
C GLU F 581 -21.49 -22.91 107.67
N ILE F 582 -22.36 -23.57 106.92
CA ILE F 582 -23.55 -24.15 107.54
C ILE F 582 -23.23 -25.50 108.19
N PHE F 583 -22.44 -26.34 107.52
CA PHE F 583 -22.12 -27.67 108.04
C PHE F 583 -20.73 -27.70 108.65
N GLY F 584 -19.72 -27.72 107.79
CA GLY F 584 -18.33 -27.82 108.22
C GLY F 584 -17.39 -27.79 107.02
N THR F 585 -16.11 -27.53 107.27
CA THR F 585 -15.11 -27.46 106.20
C THR F 585 -14.91 -28.83 105.55
N LEU F 586 -15.09 -29.89 106.34
CA LEU F 586 -14.94 -31.25 105.83
C LEU F 586 -16.11 -31.61 104.93
N GLU F 587 -17.32 -31.22 105.35
CA GLU F 587 -18.53 -31.43 104.56
C GLU F 587 -18.41 -30.72 103.21
N ALA F 588 -17.69 -29.61 103.20
CA ALA F 588 -17.41 -28.88 101.97
C ALA F 588 -16.36 -29.60 101.15
N LEU F 589 -15.37 -30.19 101.83
CA LEU F 589 -14.34 -30.96 101.16
C LEU F 589 -14.93 -32.16 100.41
N GLU F 590 -16.00 -32.73 100.96
CA GLU F 590 -16.63 -33.91 100.37
C GLU F 590 -17.25 -33.72 98.98
N THR F 591 -17.92 -32.59 98.77
CA THR F 591 -18.72 -32.41 97.55
C THR F 591 -17.99 -31.76 96.39
N LEU F 592 -16.67 -31.62 96.51
CA LEU F 592 -15.84 -31.04 95.46
C LEU F 592 -15.87 -31.74 94.09
N PRO F 593 -15.79 -33.09 94.05
CA PRO F 593 -15.73 -33.76 92.73
C PRO F 593 -16.86 -33.39 91.75
N GLU F 594 -18.00 -32.94 92.25
CA GLU F 594 -19.11 -32.56 91.37
C GLU F 594 -18.75 -31.36 90.50
N VAL F 595 -17.92 -30.46 91.05
CA VAL F 595 -17.52 -29.25 90.34
C VAL F 595 -16.71 -29.59 89.09
N PHE F 596 -15.82 -30.57 89.22
CA PHE F 596 -14.99 -30.99 88.11
C PHE F 596 -15.82 -31.73 87.06
N GLU F 597 -16.76 -32.54 87.53
CA GLU F 597 -17.73 -33.20 86.65
C GLU F 597 -18.57 -32.15 85.93
N LEU F 598 -18.97 -31.13 86.67
CA LEU F 598 -19.76 -30.03 86.14
C LEU F 598 -19.03 -29.30 85.02
N TYR F 599 -17.75 -29.00 85.24
CA TYR F 599 -16.95 -28.32 84.23
C TYR F 599 -16.82 -29.17 82.97
N ALA F 600 -16.53 -30.45 83.16
CA ALA F 600 -16.37 -31.38 82.04
C ALA F 600 -17.62 -31.49 81.17
N THR F 601 -18.79 -31.45 81.82
CA THR F 601 -20.05 -31.51 81.10
C THR F 601 -20.26 -30.19 80.34
N LEU F 602 -20.08 -29.09 81.05
CA LEU F 602 -20.26 -27.75 80.50
C LEU F 602 -19.27 -27.44 79.38
N PHE F 603 -18.02 -27.84 79.58
CA PHE F 603 -16.97 -27.55 78.61
C PHE F 603 -16.40 -28.84 78.03
N PRO F 604 -16.84 -29.20 76.81
CA PRO F 604 -16.32 -30.40 76.14
C PRO F 604 -14.89 -30.20 75.67
N ASP F 605 -14.29 -31.23 75.10
CA ASP F 605 -12.89 -31.18 74.68
C ASP F 605 -12.73 -30.57 73.29
N SER F 606 -13.83 -30.42 72.57
CA SER F 606 -13.80 -29.87 71.21
C SER F 606 -14.23 -28.40 71.19
N MSE F 613 -15.51 -16.85 76.97
CA MSE F 613 -16.73 -16.12 76.64
C MSE F 613 -16.41 -14.74 76.09
O MSE F 613 -17.26 -14.09 75.47
CB MSE F 613 -17.63 -16.01 77.87
CG MSE F 613 -16.96 -15.40 79.09
SE MSE F 613 -18.09 -15.45 80.66
CE MSE F 613 -19.45 -14.18 80.09
N GLY F 614 -15.19 -14.28 76.33
CA GLY F 614 -14.77 -12.97 75.86
C GLY F 614 -13.32 -12.94 75.40
N PRO F 615 -12.77 -11.74 75.20
CA PRO F 615 -11.41 -11.51 74.73
C PRO F 615 -10.42 -11.16 75.84
N LYS F 616 -10.87 -11.19 77.10
CA LYS F 616 -10.00 -10.82 78.21
C LYS F 616 -9.48 -12.07 78.92
N TYR F 617 -8.56 -11.88 79.87
CA TYR F 617 -7.97 -13.01 80.57
C TYR F 617 -8.89 -13.46 81.70
N SER F 618 -9.64 -12.52 82.23
CA SER F 618 -10.63 -12.80 83.27
C SER F 618 -11.80 -13.59 82.70
N GLN F 619 -11.87 -13.68 81.37
CA GLN F 619 -13.00 -14.27 80.70
C GLN F 619 -12.64 -15.48 79.83
N THR F 620 -11.52 -16.12 80.11
CA THR F 620 -11.10 -17.27 79.31
C THR F 620 -11.39 -18.60 79.99
N LYS F 621 -11.57 -19.62 79.16
CA LYS F 621 -11.94 -20.96 79.59
C LYS F 621 -11.04 -21.58 80.67
N GLU F 622 -9.72 -21.36 80.55
CA GLU F 622 -8.75 -21.93 81.48
C GLU F 622 -8.80 -21.29 82.88
N TYR F 623 -9.06 -19.99 82.89
CA TYR F 623 -9.16 -19.19 84.09
C TYR F 623 -10.21 -19.70 85.08
N LEU F 624 -11.37 -20.08 84.56
CA LEU F 624 -12.41 -20.64 85.41
C LEU F 624 -11.92 -21.84 86.20
N LEU F 625 -11.31 -22.78 85.49
CA LEU F 625 -10.76 -23.98 86.12
C LEU F 625 -9.75 -23.62 87.21
N GLN F 626 -8.77 -22.78 86.87
CA GLN F 626 -7.78 -22.44 87.88
C GLN F 626 -8.41 -21.73 89.08
N MSE F 627 -9.51 -20.99 88.84
CA MSE F 627 -10.25 -20.36 89.94
C MSE F 627 -10.83 -21.40 90.90
O MSE F 627 -10.66 -21.29 92.12
CB MSE F 627 -11.40 -19.50 89.38
CG MSE F 627 -10.99 -18.11 88.93
SE MSE F 627 -10.60 -16.90 90.41
CE MSE F 627 -12.27 -17.07 91.39
N VAL F 628 -11.49 -22.41 90.33
CA VAL F 628 -11.98 -23.54 91.12
C VAL F 628 -10.86 -24.14 91.96
N TRP F 629 -9.72 -24.36 91.31
CA TRP F 629 -8.56 -24.92 91.99
C TRP F 629 -8.12 -24.08 93.18
N ILE F 630 -8.12 -22.76 93.00
CA ILE F 630 -7.73 -21.85 94.07
C ILE F 630 -8.70 -21.91 95.25
N PHE F 631 -9.99 -21.98 94.95
CA PHE F 631 -11.01 -22.12 95.98
C PHE F 631 -10.75 -23.37 96.82
N ALA F 632 -10.59 -24.49 96.12
CA ALA F 632 -10.29 -25.76 96.76
C ALA F 632 -9.04 -25.68 97.62
N ALA F 633 -8.01 -25.00 97.10
CA ALA F 633 -6.75 -24.82 97.82
C ALA F 633 -6.97 -24.10 99.15
N ASN F 634 -7.70 -22.99 99.10
CA ASN F 634 -8.00 -22.25 100.32
C ASN F 634 -8.73 -23.14 101.31
N MSE F 635 -9.72 -23.89 100.81
CA MSE F 635 -10.47 -24.81 101.67
C MSE F 635 -9.58 -25.87 102.30
O MSE F 635 -9.86 -26.35 103.41
CB MSE F 635 -11.59 -25.49 100.89
CG MSE F 635 -12.94 -24.79 101.02
SE MSE F 635 -14.36 -25.84 100.23
CE MSE F 635 -13.59 -26.05 98.44
N TYR F 636 -8.52 -26.26 101.60
CA TYR F 636 -7.57 -27.23 102.14
C TYR F 636 -6.72 -26.58 103.23
N MSE F 637 -6.34 -25.33 103.03
CA MSE F 637 -5.58 -24.58 104.04
C MSE F 637 -6.39 -24.34 105.31
O MSE F 637 -5.85 -24.26 106.41
CB MSE F 637 -5.12 -23.23 103.50
CG MSE F 637 -4.38 -23.29 102.19
SE MSE F 637 -3.85 -21.49 101.63
CE MSE F 637 -3.34 -21.87 99.78
N ARG F 638 -7.70 -24.22 105.12
CA ARG F 638 -8.65 -23.92 106.18
C ARG F 638 -8.66 -24.94 107.32
N THR F 639 -8.39 -26.21 106.98
CA THR F 639 -8.42 -27.27 107.98
C THR F 639 -7.17 -27.26 108.85
N LYS F 640 -7.19 -28.07 109.91
CA LYS F 640 -6.08 -28.15 110.84
C LYS F 640 -4.86 -28.79 110.18
N ASP F 641 -5.11 -29.42 109.02
CA ASP F 641 -4.10 -30.20 108.30
C ASP F 641 -4.25 -29.98 106.80
N ASN F 642 -3.81 -30.98 106.04
CA ASN F 642 -3.99 -31.03 104.59
C ASN F 642 -3.51 -29.84 103.75
N ASP F 643 -2.22 -29.55 103.78
CA ASP F 643 -1.71 -28.47 102.94
C ASP F 643 -1.20 -28.95 101.59
N GLU F 644 -0.73 -30.21 101.55
CA GLU F 644 -0.24 -30.77 100.28
C GLU F 644 -1.32 -30.99 99.24
N ASP F 645 -2.55 -31.31 99.65
CA ASP F 645 -3.64 -31.39 98.69
C ASP F 645 -3.84 -30.02 98.05
N ALA F 646 -3.71 -28.98 98.88
CA ALA F 646 -3.77 -27.61 98.40
C ALA F 646 -2.60 -27.32 97.47
N LYS F 647 -1.43 -27.86 97.81
CA LYS F 647 -0.24 -27.68 96.98
C LYS F 647 -0.41 -28.31 95.60
N ALA F 648 -0.95 -29.53 95.56
CA ALA F 648 -1.25 -30.23 94.33
C ALA F 648 -2.28 -29.47 93.53
N ALA F 649 -3.26 -28.91 94.25
CA ALA F 649 -4.29 -28.09 93.64
C ALA F 649 -3.66 -26.89 92.95
N ILE F 650 -2.71 -26.26 93.63
CA ILE F 650 -1.97 -25.13 93.07
C ILE F 650 -1.15 -25.56 91.85
N LYS F 651 -0.55 -26.74 91.92
CA LYS F 651 0.21 -27.29 90.81
C LYS F 651 -0.66 -27.43 89.56
N GLU F 652 -1.83 -28.02 89.75
CA GLU F 652 -2.80 -28.23 88.68
C GLU F 652 -3.32 -26.89 88.15
N ALA F 653 -3.54 -25.95 89.07
CA ALA F 653 -4.06 -24.62 88.79
C ALA F 653 -3.15 -23.76 87.94
N SER F 654 -1.87 -23.75 88.31
CA SER F 654 -0.86 -22.93 87.67
C SER F 654 -0.65 -23.35 86.22
N ASN F 655 -0.92 -24.63 85.95
CA ASN F 655 -0.73 -25.17 84.61
C ASN F 655 -1.75 -24.60 83.62
N ASN F 662 -1.00 -17.38 85.74
CA ASN F 662 -1.88 -16.21 85.81
C ASN F 662 -1.59 -15.42 87.09
N LEU F 663 -2.51 -14.55 87.47
CA LEU F 663 -2.31 -13.69 88.63
C LEU F 663 -2.77 -14.33 89.94
N ASN F 664 -3.75 -15.22 89.85
CA ASN F 664 -4.30 -15.88 91.02
C ASN F 664 -3.33 -16.95 91.54
N CYS F 665 -2.44 -17.39 90.67
CA CYS F 665 -1.40 -18.34 91.05
C CYS F 665 -0.49 -17.72 92.09
N ASN F 666 -0.24 -16.42 91.94
CA ASN F 666 0.61 -15.70 92.86
C ASN F 666 -0.03 -15.51 94.23
N ILE F 667 -1.33 -15.22 94.27
CA ILE F 667 -2.00 -15.06 95.56
C ILE F 667 -2.09 -16.40 96.30
N ALA F 668 -2.36 -17.48 95.56
CA ALA F 668 -2.44 -18.79 96.21
C ALA F 668 -1.06 -19.20 96.74
N ASN F 669 -0.05 -19.07 95.89
CA ASN F 669 1.32 -19.38 96.28
C ASN F 669 1.78 -18.51 97.45
N GLY F 670 1.27 -17.28 97.48
CA GLY F 670 1.60 -16.33 98.54
C GLY F 670 1.04 -16.77 99.88
N TYR F 671 -0.24 -17.14 99.91
CA TYR F 671 -0.83 -17.61 101.16
C TYR F 671 -0.20 -18.94 101.60
N LEU F 672 0.19 -19.78 100.64
CA LEU F 672 0.85 -21.04 100.97
C LEU F 672 2.23 -20.87 101.61
N SER F 673 2.88 -19.76 101.26
CA SER F 673 4.26 -19.49 101.69
C SER F 673 4.39 -19.12 103.15
N ILE F 674 3.29 -18.76 103.81
CA ILE F 674 3.32 -18.54 105.25
C ILE F 674 3.82 -19.74 106.07
N PRO F 679 7.05 -17.85 106.84
CA PRO F 679 8.06 -16.81 106.60
C PRO F 679 7.53 -15.50 106.00
N GLY F 680 8.40 -14.82 105.25
CA GLY F 680 8.12 -13.49 104.72
C GLY F 680 8.08 -13.32 103.22
N VAL F 681 8.46 -14.36 102.47
CA VAL F 681 8.46 -14.35 101.01
C VAL F 681 7.06 -14.07 100.43
N ALA F 682 6.04 -14.43 101.20
CA ALA F 682 4.65 -14.15 100.84
C ALA F 682 4.45 -12.65 100.57
N LEU F 683 5.09 -11.80 101.35
CA LEU F 683 5.00 -10.34 101.16
C LEU F 683 5.46 -9.96 99.76
N LYS F 684 6.60 -10.50 99.35
CA LYS F 684 7.16 -10.26 98.02
C LYS F 684 6.18 -10.70 96.94
N GLU F 685 5.63 -11.90 97.13
CA GLU F 685 4.66 -12.45 96.18
C GLU F 685 3.44 -11.53 96.03
N PHE F 686 2.94 -11.07 97.15
CA PHE F 686 1.76 -10.20 97.17
C PHE F 686 2.05 -8.85 96.53
N GLU F 687 3.25 -8.31 96.75
CA GLU F 687 3.64 -7.06 96.09
C GLU F 687 3.58 -7.26 94.58
N THR F 688 4.09 -8.41 94.16
CA THR F 688 4.11 -8.77 92.75
C THR F 688 2.67 -8.78 92.24
N VAL F 689 1.75 -9.27 93.07
CA VAL F 689 0.32 -9.25 92.73
C VAL F 689 -0.27 -7.84 92.62
N LEU F 690 0.04 -6.99 93.60
CA LEU F 690 -0.53 -5.64 93.69
C LEU F 690 -0.08 -4.71 92.58
N TYR F 691 1.08 -4.94 91.99
CA TYR F 691 1.51 -4.02 90.95
C TYR F 691 0.54 -4.00 89.76
N TYR F 692 0.20 -5.20 89.28
CA TYR F 692 -0.64 -5.38 88.10
C TYR F 692 -2.14 -5.17 88.32
N ASP F 693 -2.64 -5.61 89.47
CA ASP F 693 -4.01 -5.31 89.88
C ASP F 693 -3.84 -4.23 90.96
N GLU F 694 -4.18 -2.99 90.62
CA GLU F 694 -3.87 -1.84 91.47
C GLU F 694 -4.50 -1.92 92.85
N ASN F 695 -5.70 -2.51 92.93
CA ASN F 695 -6.44 -2.57 94.19
C ASN F 695 -7.04 -3.93 94.51
N ASN F 696 -6.36 -4.99 94.09
CA ASN F 696 -6.80 -6.36 94.30
C ASN F 696 -7.05 -6.65 95.78
N LEU F 697 -8.14 -7.37 96.06
CA LEU F 697 -8.67 -7.46 97.42
C LEU F 697 -7.95 -8.43 98.35
N ASP F 698 -7.96 -9.72 98.01
CA ASP F 698 -7.38 -10.73 98.91
C ASP F 698 -5.88 -10.55 98.99
N ALA F 699 -5.32 -9.94 97.95
CA ALA F 699 -3.93 -9.55 97.95
C ALA F 699 -3.65 -8.50 99.02
N LEU F 700 -4.48 -7.46 99.07
CA LEU F 700 -4.37 -6.44 100.10
C LEU F 700 -4.56 -7.04 101.48
N VAL F 701 -5.53 -7.94 101.61
CA VAL F 701 -5.82 -8.56 102.89
C VAL F 701 -4.66 -9.40 103.39
N GLY F 702 -4.04 -10.18 102.50
CA GLY F 702 -2.88 -10.97 102.86
C GLY F 702 -1.68 -10.13 103.24
N PHE F 703 -1.40 -9.15 102.38
CA PHE F 703 -0.31 -8.20 102.62
C PHE F 703 -0.48 -7.58 103.99
N ALA F 704 -1.68 -7.09 104.29
CA ALA F 704 -1.97 -6.48 105.58
C ALA F 704 -1.87 -7.46 106.74
N GLU F 705 -2.23 -8.73 106.47
CA GLU F 705 -2.12 -9.77 107.48
C GLU F 705 -0.69 -10.03 107.91
N LEU F 706 0.24 -9.96 106.95
CA LEU F 706 1.64 -10.20 107.28
C LEU F 706 2.23 -9.12 108.20
N ILE F 707 1.81 -7.87 108.04
CA ILE F 707 2.28 -6.81 108.95
C ILE F 707 1.48 -6.80 110.25
N PHE F 708 0.27 -7.34 110.20
CA PHE F 708 -0.60 -7.38 111.38
C PHE F 708 -1.14 -8.78 111.62
N ASN F 731 15.95 -4.18 108.04
CA ASN F 731 15.39 -4.79 109.24
C ASN F 731 14.34 -3.88 109.89
N ASP F 732 14.80 -2.98 110.74
CA ASP F 732 13.92 -2.07 111.47
C ASP F 732 13.37 -1.00 110.53
N THR F 733 14.24 -0.51 109.65
CA THR F 733 13.85 0.48 108.68
C THR F 733 12.85 -0.16 107.73
N ASP F 734 13.06 -1.45 107.45
CA ASP F 734 12.14 -2.19 106.60
C ASP F 734 10.80 -2.40 107.30
N ARG F 735 10.83 -2.49 108.62
CA ARG F 735 9.63 -2.69 109.41
C ARG F 735 8.79 -1.43 109.42
N SER F 736 9.46 -0.28 109.50
CA SER F 736 8.74 0.99 109.45
C SER F 736 8.20 1.27 108.06
N ALA F 737 9.03 0.95 107.07
CA ALA F 737 8.71 1.21 105.67
C ALA F 737 7.58 0.36 105.14
N ALA F 738 7.60 -0.94 105.43
CA ALA F 738 6.54 -1.83 104.98
C ALA F 738 5.19 -1.40 105.56
N TYR F 739 5.23 -0.96 106.81
CA TYR F 739 4.04 -0.44 107.49
C TYR F 739 3.53 0.79 106.73
N ALA F 740 4.45 1.68 106.36
CA ALA F 740 4.07 2.87 105.61
C ALA F 740 3.45 2.50 104.25
N ARG F 741 4.08 1.55 103.56
CA ARG F 741 3.62 1.06 102.27
C ARG F 741 2.19 0.52 102.38
N LEU F 742 1.95 -0.30 103.40
CA LEU F 742 0.63 -0.85 103.66
C LEU F 742 -0.40 0.25 103.86
N LYS F 743 -0.05 1.25 104.66
CA LYS F 743 -0.95 2.38 104.90
C LYS F 743 -1.33 3.05 103.58
N PHE F 744 -0.31 3.38 102.79
CA PHE F 744 -0.52 3.99 101.47
C PHE F 744 -1.47 3.17 100.60
N LEU F 745 -1.20 1.87 100.54
CA LEU F 745 -1.99 0.93 99.73
C LEU F 745 -3.46 0.90 100.15
N LEU F 746 -3.70 0.76 101.45
CA LEU F 746 -5.07 0.69 101.95
C LEU F 746 -5.81 2.00 101.74
N GLU F 747 -5.14 3.12 101.98
CA GLU F 747 -5.77 4.43 101.78
C GLU F 747 -6.17 4.62 100.32
N CYS F 748 -5.27 4.24 99.41
CA CYS F 748 -5.57 4.29 97.99
C CYS F 748 -6.76 3.39 97.69
N ALA F 749 -6.82 2.23 98.34
CA ALA F 749 -7.94 1.31 98.14
C ALA F 749 -9.25 1.93 98.59
N ILE F 750 -9.18 2.68 99.69
CA ILE F 750 -10.35 3.35 100.25
C ILE F 750 -10.85 4.46 99.33
N LEU F 751 -9.94 5.10 98.60
CA LEU F 751 -10.37 6.20 97.73
C LEU F 751 -10.57 5.80 96.27
N GLU F 752 -10.16 4.59 95.90
CA GLU F 752 -10.23 4.17 94.49
C GLU F 752 -11.16 2.97 94.26
N SER F 753 -10.93 1.89 95.00
CA SER F 753 -11.69 0.65 94.77
C SER F 753 -13.02 0.62 95.51
N ILE F 754 -14.08 0.28 94.78
CA ILE F 754 -15.39 0.09 95.40
C ILE F 754 -15.39 -1.14 96.29
N GLU F 755 -14.90 -2.25 95.76
CA GLU F 755 -14.88 -3.52 96.48
C GLU F 755 -14.10 -3.41 97.79
N ALA F 756 -13.06 -2.58 97.78
CA ALA F 756 -12.19 -2.42 98.95
C ALA F 756 -12.82 -1.54 100.02
N TYR F 757 -13.57 -0.53 99.57
CA TYR F 757 -14.20 0.42 100.49
C TYR F 757 -15.20 -0.26 101.40
N TYR F 758 -15.95 -1.21 100.86
CA TYR F 758 -16.99 -1.89 101.62
C TYR F 758 -16.49 -3.24 102.16
N SER F 759 -15.21 -3.31 102.47
CA SER F 759 -14.63 -4.52 103.02
C SER F 759 -14.29 -4.31 104.49
N PRO F 760 -14.80 -5.20 105.36
CA PRO F 760 -14.60 -5.07 106.80
C PRO F 760 -13.14 -5.22 107.22
N GLU F 761 -12.41 -6.03 106.47
CA GLU F 761 -11.02 -6.34 106.79
C GLU F 761 -10.11 -5.16 106.46
N VAL F 762 -10.41 -4.48 105.35
CA VAL F 762 -9.64 -3.32 104.94
C VAL F 762 -9.72 -2.22 106.01
N TRP F 763 -10.94 -1.96 106.49
CA TRP F 763 -11.16 -0.96 107.53
C TRP F 763 -10.61 -1.42 108.88
N TRP F 764 -10.62 -2.73 109.11
CA TRP F 764 -10.05 -3.29 110.33
C TRP F 764 -8.56 -3.00 110.41
N TYR F 765 -7.83 -3.42 109.38
CA TYR F 765 -6.38 -3.24 109.36
C TYR F 765 -6.03 -1.76 109.27
N LEU F 766 -6.88 -0.97 108.63
CA LEU F 766 -6.68 0.47 108.54
C LEU F 766 -6.79 1.12 109.91
N SER F 767 -7.76 0.68 110.72
CA SER F 767 -7.91 1.18 112.09
C SER F 767 -6.70 0.76 112.92
N LEU F 768 -6.30 -0.50 112.73
CA LEU F 768 -5.14 -1.06 113.41
C LEU F 768 -3.90 -0.22 113.11
N ILE F 769 -3.86 0.35 111.90
CA ILE F 769 -2.81 1.29 111.54
C ILE F 769 -3.03 2.60 112.29
N TYR F 770 -4.26 3.07 112.33
CA TYR F 770 -4.56 4.38 112.90
C TYR F 770 -4.54 4.35 114.42
N GLU F 771 -4.05 3.26 115.00
CA GLU F 771 -3.98 3.15 116.46
C GLU F 771 -3.12 4.21 117.14
N LYS F 772 -2.28 4.90 116.39
CA LYS F 772 -1.40 5.89 116.99
C LYS F 772 -1.92 7.31 116.75
N ASP F 776 -10.07 11.16 115.43
CA ASP F 776 -11.45 11.00 114.96
C ASP F 776 -11.53 9.99 113.83
N GLU F 777 -10.43 9.80 113.11
CA GLU F 777 -10.41 8.85 112.00
C GLU F 777 -10.42 7.42 112.51
N TYR F 778 -9.85 7.21 113.69
CA TYR F 778 -9.79 5.90 114.31
C TYR F 778 -11.19 5.45 114.68
N LYS F 779 -11.91 6.36 115.34
CA LYS F 779 -13.29 6.17 115.79
C LYS F 779 -14.20 5.72 114.66
N ASN F 780 -14.23 6.53 113.60
CA ASN F 780 -15.06 6.26 112.44
C ASN F 780 -14.59 5.01 111.71
N SER F 781 -13.28 4.74 111.78
CA SER F 781 -12.73 3.52 111.20
C SER F 781 -13.28 2.27 111.90
N LEU F 782 -13.33 2.31 113.23
CA LEU F 782 -13.90 1.22 114.00
C LEU F 782 -15.38 1.04 113.70
N LEU F 783 -16.11 2.16 113.67
CA LEU F 783 -17.53 2.11 113.37
C LEU F 783 -17.81 1.48 111.99
N LYS F 784 -17.07 1.96 110.99
CA LYS F 784 -17.19 1.46 109.63
C LYS F 784 -16.86 -0.04 109.55
N CYS F 785 -15.77 -0.44 110.18
CA CYS F 785 -15.35 -1.85 110.11
C CYS F 785 -16.42 -2.74 110.73
N ILE F 786 -17.03 -2.28 111.82
CA ILE F 786 -18.11 -3.06 112.44
C ILE F 786 -19.33 -3.16 111.53
N LYS F 787 -19.75 -2.01 110.99
CA LYS F 787 -20.91 -1.94 110.11
C LYS F 787 -20.78 -2.89 108.93
N TYR F 788 -19.67 -2.77 108.19
CA TYR F 788 -19.48 -3.63 107.03
C TYR F 788 -19.16 -5.07 107.41
N GLN F 789 -18.65 -5.29 108.62
CA GLN F 789 -18.45 -6.65 109.10
C GLN F 789 -19.78 -7.36 109.23
N GLU F 790 -20.81 -6.60 109.59
CA GLU F 790 -22.14 -7.18 109.72
C GLU F 790 -22.89 -7.21 108.39
N LEU F 791 -22.36 -6.50 107.40
CA LEU F 791 -23.05 -6.39 106.10
C LEU F 791 -22.16 -6.86 104.96
N ASN F 792 -21.64 -8.08 105.06
CA ASN F 792 -20.81 -8.68 104.03
C ASN F 792 -21.38 -10.00 103.48
N PRO F 793 -21.29 -10.21 102.16
CA PRO F 793 -21.72 -11.45 101.52
C PRO F 793 -20.66 -12.56 101.64
N ILE F 794 -21.04 -13.79 101.32
CA ILE F 794 -20.12 -14.92 101.39
C ILE F 794 -18.94 -14.77 100.46
N ARG F 795 -19.23 -14.68 99.17
CA ARG F 795 -18.22 -14.35 98.17
C ARG F 795 -18.50 -12.95 97.64
N SER F 796 -17.50 -12.33 97.03
CA SER F 796 -17.69 -10.99 96.49
C SER F 796 -18.74 -11.04 95.37
N LEU F 797 -19.36 -9.91 95.10
CA LEU F 797 -20.50 -9.88 94.19
C LEU F 797 -20.04 -10.08 92.75
N ARG F 798 -18.73 -9.91 92.54
CA ARG F 798 -18.12 -9.97 91.21
C ARG F 798 -18.45 -11.27 90.50
N TYR F 799 -18.78 -12.29 91.28
CA TYR F 799 -18.98 -13.64 90.76
C TYR F 799 -20.41 -13.89 90.31
N CYS F 800 -21.21 -12.83 90.23
CA CYS F 800 -22.53 -12.95 89.62
C CYS F 800 -22.58 -12.23 88.28
N ASN F 801 -21.54 -11.47 87.97
CA ASN F 801 -21.52 -10.65 86.77
C ASN F 801 -20.96 -11.44 85.58
N TYR F 802 -21.85 -12.12 84.85
CA TYR F 802 -21.43 -13.00 83.76
C TYR F 802 -22.49 -13.10 82.67
N SER G 9 49.19 -62.33 -30.49
CA SER G 9 48.24 -62.61 -31.55
C SER G 9 47.01 -63.35 -31.04
N LYS G 10 46.76 -64.53 -31.59
CA LYS G 10 45.56 -65.32 -31.31
C LYS G 10 45.63 -66.03 -29.95
N ILE G 11 46.84 -66.32 -29.49
CA ILE G 11 47.00 -67.10 -28.28
C ILE G 11 46.78 -66.16 -27.10
N ILE G 12 47.18 -64.90 -27.27
CA ILE G 12 46.90 -63.89 -26.25
C ILE G 12 45.39 -63.69 -26.17
N ASP G 13 44.71 -63.90 -27.31
CA ASP G 13 43.26 -63.80 -27.35
C ASP G 13 42.62 -64.94 -26.57
N VAL G 14 43.19 -66.14 -26.69
CA VAL G 14 42.68 -67.29 -25.94
C VAL G 14 42.90 -67.11 -24.44
N VAL G 15 44.09 -66.64 -24.08
CA VAL G 15 44.40 -66.37 -22.67
C VAL G 15 43.45 -65.34 -22.10
N ASP G 16 43.21 -64.29 -22.88
CA ASP G 16 42.28 -63.23 -22.50
C ASP G 16 40.87 -63.76 -22.26
N GLN G 17 40.39 -64.60 -23.18
CA GLN G 17 39.06 -65.19 -23.04
C GLN G 17 38.98 -66.01 -21.75
N ALA G 18 40.07 -66.75 -21.49
CA ALA G 18 40.18 -67.53 -20.26
C ALA G 18 40.02 -66.62 -19.04
N LEU G 19 40.72 -65.49 -19.05
CA LEU G 19 40.63 -64.53 -17.95
C LEU G 19 39.23 -63.93 -17.81
N ARG G 20 38.53 -63.74 -18.92
CA ARG G 20 37.15 -63.24 -18.85
C ARG G 20 36.30 -64.23 -18.08
N ALA G 21 36.37 -65.48 -18.51
CA ALA G 21 35.61 -66.55 -17.87
C ALA G 21 35.95 -66.60 -16.39
N ARG G 22 37.25 -66.49 -16.06
CA ARG G 22 37.68 -66.51 -14.67
C ARG G 22 37.09 -65.34 -13.88
N LEU G 23 36.99 -64.18 -14.53
CA LEU G 23 36.46 -63.00 -13.87
C LEU G 23 34.96 -63.11 -13.64
N LEU G 24 34.32 -64.04 -14.34
CA LEU G 24 32.89 -64.24 -14.10
C LEU G 24 32.61 -65.32 -13.05
N GLY G 25 33.66 -65.95 -12.55
CA GLY G 25 33.50 -67.05 -11.61
C GLY G 25 33.60 -68.38 -12.34
N GLY G 26 34.13 -68.31 -13.56
CA GLY G 26 34.22 -69.44 -14.46
C GLY G 26 34.83 -70.71 -13.90
N SER G 27 34.28 -71.84 -14.34
CA SER G 27 34.68 -73.15 -13.85
C SER G 27 35.61 -73.83 -14.84
N THR G 28 35.39 -73.57 -16.13
CA THR G 28 36.09 -74.27 -17.19
C THR G 28 37.11 -73.38 -17.91
N PHE G 29 38.36 -73.82 -17.92
CA PHE G 29 39.45 -73.05 -18.54
C PHE G 29 40.17 -73.82 -19.64
N ASN G 30 40.29 -73.21 -20.81
CA ASN G 30 41.05 -73.79 -21.91
C ASN G 30 42.07 -72.81 -22.49
N SER G 31 42.95 -72.28 -21.65
CA SER G 31 43.92 -71.27 -22.07
C SER G 31 44.88 -71.76 -23.14
N GLY G 32 45.31 -73.01 -23.01
CA GLY G 32 46.36 -73.52 -23.87
C GLY G 32 47.63 -73.66 -23.05
N PHE G 33 47.56 -73.25 -21.78
CA PHE G 33 48.73 -73.27 -20.90
C PHE G 33 48.29 -74.09 -19.69
N ASP G 34 48.76 -75.32 -19.60
CA ASP G 34 48.33 -76.22 -18.54
C ASP G 34 48.64 -75.67 -17.15
N SER G 35 49.74 -74.92 -17.07
CA SER G 35 50.13 -74.25 -15.84
C SER G 35 49.08 -73.22 -15.44
N LEU G 36 48.72 -72.37 -16.39
CA LEU G 36 47.71 -71.34 -16.17
C LEU G 36 46.36 -71.97 -15.84
N ASP G 37 46.02 -73.03 -16.57
CA ASP G 37 44.77 -73.76 -16.30
C ASP G 37 44.75 -74.28 -14.88
N SER G 38 45.86 -74.86 -14.44
CA SER G 38 45.94 -75.45 -13.12
C SER G 38 45.84 -74.40 -12.03
N VAL G 39 46.54 -73.29 -12.20
CA VAL G 39 46.52 -72.25 -11.17
C VAL G 39 45.17 -71.54 -11.13
N LEU G 40 44.55 -71.35 -12.29
CA LEU G 40 43.23 -70.72 -12.35
C LEU G 40 42.14 -71.64 -11.80
N ASN G 41 42.31 -72.94 -12.00
CA ASN G 41 41.39 -73.92 -11.42
C ASN G 41 41.51 -73.96 -9.91
N LEU G 42 42.76 -73.89 -9.44
CA LEU G 42 43.06 -73.79 -8.02
C LEU G 42 42.35 -72.57 -7.45
N GLN G 43 42.51 -71.44 -8.14
CA GLN G 43 41.85 -70.21 -7.76
C GLN G 43 40.33 -70.37 -7.75
N PHE G 44 39.83 -71.18 -8.67
CA PHE G 44 38.38 -71.42 -8.77
C PHE G 44 37.84 -72.16 -7.56
N ARG G 45 38.51 -73.23 -7.17
CA ARG G 45 38.09 -74.02 -6.01
C ARG G 45 38.21 -73.20 -4.72
N LEU G 46 39.36 -72.56 -4.58
CA LEU G 46 39.61 -71.68 -3.45
C LEU G 46 38.52 -70.62 -3.34
N HIS G 47 38.14 -70.04 -4.48
CA HIS G 47 37.09 -69.02 -4.52
C HIS G 47 35.73 -69.59 -4.17
N TYR G 48 35.45 -70.81 -4.61
CA TYR G 48 34.25 -71.51 -4.17
C TYR G 48 34.16 -71.43 -2.66
N HIS G 49 35.16 -71.98 -1.99
CA HIS G 49 35.12 -72.06 -0.54
C HIS G 49 35.17 -70.72 0.20
N VAL G 50 36.06 -69.81 -0.21
CA VAL G 50 36.21 -68.52 0.47
C VAL G 50 35.06 -67.53 0.18
N ILE G 51 34.66 -67.41 -1.09
CA ILE G 51 33.57 -66.50 -1.44
C ILE G 51 32.23 -67.01 -0.92
N GLY G 52 32.01 -68.33 -1.02
CA GLY G 52 30.74 -68.89 -0.59
C GLY G 52 30.50 -68.70 0.90
N SER G 53 31.39 -69.28 1.70
CA SER G 53 31.27 -69.20 3.17
C SER G 53 32.53 -68.57 3.75
N ASN G 54 32.44 -68.10 4.98
CA ASN G 54 33.58 -67.52 5.68
C ASN G 54 34.74 -68.50 5.76
N GLY G 55 34.42 -69.77 6.01
CA GLY G 55 35.44 -70.74 6.30
C GLY G 55 35.57 -71.86 5.28
N PRO G 56 36.69 -71.86 4.53
CA PRO G 56 37.10 -73.07 3.84
C PRO G 56 37.49 -74.07 4.92
N ALA G 57 37.07 -75.32 4.80
CA ALA G 57 37.27 -76.27 5.88
C ALA G 57 38.75 -76.60 6.05
N LYS G 58 39.19 -76.71 7.29
CA LYS G 58 40.58 -77.01 7.60
C LYS G 58 41.09 -78.30 6.95
N PRO G 59 40.22 -79.32 6.77
CA PRO G 59 40.70 -80.42 5.92
C PRO G 59 40.90 -79.97 4.47
N VAL G 60 40.03 -79.08 4.01
CA VAL G 60 40.09 -78.56 2.65
C VAL G 60 41.18 -77.50 2.57
N CYS G 61 41.36 -76.73 3.63
CA CYS G 61 42.48 -75.79 3.71
C CYS G 61 43.79 -76.55 3.56
N ASP G 62 43.87 -77.70 4.20
CA ASP G 62 45.06 -78.55 4.11
C ASP G 62 45.27 -79.09 2.69
N VAL G 63 44.22 -79.70 2.12
CA VAL G 63 44.33 -80.23 0.76
C VAL G 63 44.70 -79.17 -0.28
N LEU G 64 44.01 -78.03 -0.23
CA LEU G 64 44.25 -76.94 -1.18
C LEU G 64 45.62 -76.30 -0.96
N LEU G 65 46.05 -76.19 0.29
CA LEU G 65 47.36 -75.60 0.56
C LEU G 65 48.47 -76.50 0.03
N LYS G 66 48.33 -77.80 0.28
CA LYS G 66 49.29 -78.78 -0.23
C LYS G 66 49.33 -78.75 -1.75
N GLU G 67 48.14 -78.66 -2.35
CA GLU G 67 48.02 -78.53 -3.81
C GLU G 67 48.78 -77.31 -4.32
N SER G 68 48.56 -76.17 -3.67
CA SER G 68 49.16 -74.90 -4.06
C SER G 68 50.68 -74.95 -3.96
N GLN G 69 51.17 -75.51 -2.86
CA GLN G 69 52.61 -75.66 -2.63
C GLN G 69 53.25 -76.57 -3.69
N ASN G 70 52.61 -77.71 -3.93
CA ASN G 70 53.03 -78.63 -4.97
C ASN G 70 53.11 -77.93 -6.33
N LEU G 71 52.11 -77.11 -6.63
CA LEU G 71 52.10 -76.33 -7.87
C LEU G 71 53.27 -75.34 -7.91
N GLU G 72 53.48 -74.62 -6.81
CA GLU G 72 54.53 -73.62 -6.69
C GLU G 72 55.88 -74.24 -6.99
N LYS G 73 56.07 -75.46 -6.49
CA LYS G 73 57.30 -76.19 -6.71
C LYS G 73 57.39 -76.66 -8.15
N ASN G 74 56.25 -77.08 -8.70
CA ASN G 74 56.16 -77.57 -10.06
C ASN G 74 56.39 -76.51 -11.15
N MSE G 75 56.11 -75.25 -10.82
CA MSE G 75 56.14 -74.18 -11.81
C MSE G 75 57.53 -73.89 -12.39
O MSE G 75 57.65 -73.40 -13.51
CB MSE G 75 55.57 -72.89 -11.20
CG MSE G 75 54.07 -72.92 -10.98
SE MSE G 75 53.10 -73.40 -12.59
CE MSE G 75 53.82 -72.02 -13.76
N SER G 76 58.57 -74.22 -11.63
CA SER G 76 59.93 -73.94 -12.08
C SER G 76 60.47 -75.07 -12.95
N LEU G 81 55.94 -71.94 -20.90
CA LEU G 81 56.00 -70.61 -20.31
C LEU G 81 57.35 -69.94 -20.46
N ASN G 82 58.35 -70.69 -20.88
CA ASN G 82 59.69 -70.16 -20.99
C ASN G 82 59.69 -68.91 -21.88
N ASP G 83 59.09 -68.99 -23.07
CA ASP G 83 58.87 -67.85 -23.99
C ASP G 83 58.29 -66.53 -23.48
N TYR G 84 57.40 -66.55 -22.49
CA TYR G 84 56.79 -65.31 -22.03
C TYR G 84 56.96 -65.06 -20.54
N PRO G 85 57.53 -63.89 -20.17
CA PRO G 85 57.80 -63.50 -18.79
C PRO G 85 56.55 -63.08 -18.02
N GLU G 86 55.67 -62.31 -18.67
CA GLU G 86 54.54 -61.69 -17.99
C GLU G 86 53.54 -62.72 -17.48
N ILE G 87 53.33 -63.79 -18.24
CA ILE G 87 52.41 -64.83 -17.82
C ILE G 87 52.97 -65.57 -16.61
N THR G 88 54.28 -65.81 -16.63
CA THR G 88 54.93 -66.51 -15.53
C THR G 88 54.72 -65.67 -14.29
N LYS G 89 54.85 -64.36 -14.48
CA LYS G 89 54.62 -63.43 -13.38
C LYS G 89 53.16 -63.50 -12.93
N LEU G 90 52.24 -63.58 -13.87
CA LEU G 90 50.81 -63.66 -13.57
C LEU G 90 50.43 -64.87 -12.74
N VAL G 91 50.87 -66.06 -13.18
CA VAL G 91 50.61 -67.28 -12.45
C VAL G 91 51.24 -67.18 -11.07
N GLU G 92 52.41 -66.53 -10.97
CA GLU G 92 53.02 -66.33 -9.66
C GLU G 92 52.13 -65.46 -8.77
N LYS G 93 51.56 -64.39 -9.35
CA LYS G 93 50.65 -63.52 -8.62
C LYS G 93 49.44 -64.28 -8.09
N ILE G 94 48.81 -65.03 -8.98
CA ILE G 94 47.61 -65.79 -8.64
C ILE G 94 47.89 -66.83 -7.57
N LEU G 95 48.93 -67.63 -7.80
CA LEU G 95 49.31 -68.72 -6.91
C LEU G 95 49.71 -68.22 -5.52
N PHE G 96 50.52 -67.18 -5.46
CA PHE G 96 50.97 -66.65 -4.18
C PHE G 96 49.85 -65.91 -3.47
N ASN G 97 48.92 -65.35 -4.26
CA ASN G 97 47.71 -64.80 -3.68
C ASN G 97 46.96 -65.91 -2.96
N CYS G 98 46.76 -67.03 -3.66
CA CYS G 98 46.09 -68.19 -3.10
C CYS G 98 46.78 -68.68 -1.82
N LEU G 99 48.10 -68.82 -1.88
CA LEU G 99 48.88 -69.21 -0.71
C LEU G 99 48.62 -68.26 0.45
N GLY G 100 48.56 -66.96 0.15
CA GLY G 100 48.23 -65.96 1.15
C GLY G 100 46.86 -66.23 1.77
N ILE G 101 45.90 -66.56 0.92
CA ILE G 101 44.53 -66.84 1.37
C ILE G 101 44.52 -68.01 2.35
N LEU G 102 45.04 -69.14 1.90
CA LEU G 102 45.07 -70.36 2.71
C LEU G 102 45.82 -70.17 4.02
N PHE G 103 47.02 -69.60 3.93
CA PHE G 103 47.84 -69.32 5.12
C PHE G 103 47.10 -68.42 6.09
N PHE G 104 46.36 -67.45 5.57
CA PHE G 104 45.55 -66.58 6.43
C PHE G 104 44.44 -67.36 7.13
N HIS G 105 43.74 -68.22 6.39
CA HIS G 105 42.60 -68.93 6.95
C HIS G 105 43.01 -70.04 7.92
N ARG G 106 44.24 -70.52 7.79
CA ARG G 106 44.77 -71.47 8.76
C ARG G 106 45.15 -70.77 10.06
N GLY G 107 45.58 -69.52 9.92
CA GLY G 107 45.97 -68.71 11.06
C GLY G 107 47.47 -68.53 11.17
N GLN G 108 48.16 -68.61 10.04
CA GLN G 108 49.59 -68.41 10.01
C GLN G 108 49.82 -67.10 9.26
N PHE G 109 49.50 -66.00 9.93
CA PHE G 109 49.42 -64.69 9.32
C PHE G 109 50.77 -64.25 8.77
N GLN G 110 51.83 -64.74 9.40
CA GLN G 110 53.19 -64.39 9.02
C GLN G 110 53.53 -64.92 7.62
N GLU G 111 53.17 -66.18 7.38
CA GLU G 111 53.41 -66.81 6.08
C GLU G 111 52.51 -66.19 5.02
N SER G 112 51.26 -65.92 5.39
CA SER G 112 50.32 -65.26 4.51
C SER G 112 50.82 -63.90 4.08
N GLN G 113 51.27 -63.11 5.06
CA GLN G 113 51.84 -61.79 4.79
C GLN G 113 53.04 -61.89 3.87
N ARG G 114 53.88 -62.91 4.09
CA ARG G 114 55.05 -63.10 3.24
C ARG G 114 54.64 -63.38 1.79
N CYS G 115 53.70 -64.30 1.60
CA CYS G 115 53.21 -64.64 0.26
C CYS G 115 52.51 -63.46 -0.43
N LEU G 116 51.66 -62.76 0.31
CA LEU G 116 50.92 -61.62 -0.20
C LEU G 116 51.86 -60.50 -0.63
N LEU G 117 52.83 -60.20 0.24
CA LEU G 117 53.83 -59.18 -0.07
C LEU G 117 54.68 -59.61 -1.26
N HIS G 118 54.92 -60.90 -1.38
CA HIS G 118 55.65 -61.43 -2.53
C HIS G 118 54.90 -61.17 -3.82
N SER G 119 53.62 -61.56 -3.85
CA SER G 119 52.78 -61.36 -5.03
C SER G 119 52.67 -59.88 -5.39
N LEU G 120 52.51 -59.04 -4.38
CA LEU G 120 52.48 -57.60 -4.56
C LEU G 120 53.78 -57.10 -5.20
N LYS G 121 54.90 -57.57 -4.67
CA LYS G 121 56.21 -57.21 -5.17
C LYS G 121 56.37 -57.62 -6.63
N ILE G 122 55.78 -58.77 -6.99
CA ILE G 122 55.77 -59.22 -8.36
C ILE G 122 54.90 -58.29 -9.22
N HIS G 123 53.83 -57.77 -8.63
CA HIS G 123 52.98 -56.81 -9.33
C HIS G 123 53.73 -55.52 -9.64
N ASN G 124 54.61 -55.11 -8.72
CA ASN G 124 55.37 -53.86 -8.88
C ASN G 124 56.15 -53.82 -10.18
N ASN G 125 56.48 -54.98 -10.73
CA ASN G 125 57.08 -55.03 -12.05
C ASN G 125 55.87 -54.90 -12.97
N THR G 126 55.53 -53.67 -13.32
CA THR G 126 54.31 -53.45 -14.09
C THR G 126 54.57 -53.49 -15.58
N ALA G 127 53.87 -54.41 -16.23
CA ALA G 127 53.87 -54.48 -17.67
C ALA G 127 53.01 -53.35 -18.21
N SER G 128 53.64 -52.33 -18.78
CA SER G 128 52.86 -51.34 -19.50
C SER G 128 52.35 -52.00 -20.78
N GLN G 129 51.38 -51.38 -21.43
CA GLN G 129 50.86 -51.87 -22.71
C GLN G 129 50.29 -53.29 -22.59
N LYS G 130 49.50 -53.51 -21.54
CA LYS G 130 48.81 -54.78 -21.31
C LYS G 130 47.35 -54.67 -21.77
N THR G 131 46.86 -55.71 -22.45
CA THR G 131 45.48 -55.74 -22.92
C THR G 131 44.46 -55.34 -21.83
N ALA G 132 43.26 -54.97 -22.27
CA ALA G 132 42.21 -54.50 -21.37
C ALA G 132 41.82 -55.53 -20.32
N LEU G 133 41.67 -56.77 -20.76
CA LEU G 133 41.22 -57.86 -19.91
C LEU G 133 42.30 -58.23 -18.89
N MSE G 134 43.55 -58.26 -19.36
CA MSE G 134 44.67 -58.53 -18.48
C MSE G 134 44.80 -57.44 -17.43
O MSE G 134 45.14 -57.71 -16.28
CB MSE G 134 45.96 -58.64 -19.29
CG MSE G 134 47.19 -58.98 -18.46
SE MSE G 134 47.05 -60.74 -17.62
CE MSE G 134 47.38 -61.84 -19.19
N GLU G 135 44.50 -56.20 -17.83
CA GLU G 135 44.60 -55.07 -16.94
C GLU G 135 43.52 -55.13 -15.87
N GLN G 136 42.31 -55.49 -16.30
CA GLN G 136 41.18 -55.63 -15.39
C GLN G 136 41.45 -56.75 -14.37
N TYR G 137 41.90 -57.89 -14.89
CA TYR G 137 42.23 -59.03 -14.04
C TYR G 137 43.31 -58.68 -13.04
N ASP G 138 44.36 -58.02 -13.51
CA ASP G 138 45.44 -57.59 -12.63
C ASP G 138 44.90 -56.69 -11.53
N ARG G 139 44.02 -55.77 -11.91
CA ARG G 139 43.39 -54.86 -10.96
C ARG G 139 42.68 -55.65 -9.88
N TYR G 140 41.94 -56.68 -10.29
CA TYR G 140 41.30 -57.57 -9.34
C TYR G 140 42.32 -58.19 -8.40
N LEU G 141 43.40 -58.71 -8.97
CA LEU G 141 44.45 -59.37 -8.18
C LEU G 141 44.99 -58.46 -7.10
N ILE G 142 45.28 -57.21 -7.47
CA ILE G 142 45.87 -56.27 -6.54
C ILE G 142 44.88 -55.90 -5.46
N VAL G 143 43.61 -55.72 -5.83
CA VAL G 143 42.60 -55.35 -4.86
C VAL G 143 42.30 -56.47 -3.86
N GLU G 144 42.24 -57.72 -4.33
CA GLU G 144 42.12 -58.87 -3.44
C GLU G 144 43.31 -58.94 -2.49
N ASN G 145 44.50 -58.80 -3.08
CA ASN G 145 45.75 -58.80 -2.33
C ASN G 145 45.71 -57.77 -1.20
N LEU G 146 45.18 -56.59 -1.53
CA LEU G 146 44.98 -55.52 -0.56
C LEU G 146 44.01 -55.94 0.53
N TYR G 147 42.90 -56.57 0.12
CA TYR G 147 41.87 -56.98 1.07
C TYR G 147 42.44 -57.95 2.10
N TYR G 148 43.16 -58.96 1.65
CA TYR G 148 43.70 -59.92 2.60
C TYR G 148 44.89 -59.36 3.37
N ARG G 149 45.64 -58.45 2.75
CA ARG G 149 46.72 -57.78 3.47
C ARG G 149 46.14 -57.02 4.65
N GLY G 150 44.98 -56.39 4.44
CA GLY G 150 44.28 -55.70 5.50
C GLY G 150 43.69 -56.67 6.51
N LEU G 151 43.25 -57.83 6.04
CA LEU G 151 42.68 -58.85 6.90
C LEU G 151 43.73 -59.45 7.85
N VAL G 152 44.96 -59.61 7.34
CA VAL G 152 46.03 -60.23 8.11
C VAL G 152 46.31 -59.42 9.36
N SER G 153 46.41 -58.11 9.22
CA SER G 153 46.52 -57.28 10.40
C SER G 153 45.14 -57.29 11.05
N GLN G 154 45.04 -57.99 12.18
CA GLN G 154 43.76 -58.28 12.81
C GLN G 154 43.10 -57.03 13.38
N ASP G 155 43.86 -55.94 13.43
CA ASP G 155 43.37 -54.72 14.05
C ASP G 155 42.59 -53.92 13.03
N ILE G 156 41.65 -53.11 13.53
CA ILE G 156 40.75 -52.37 12.67
C ILE G 156 41.41 -51.13 12.06
N ASN G 157 42.13 -50.38 12.87
CA ASN G 157 42.73 -49.11 12.43
C ASN G 157 43.73 -49.27 11.29
N ILE G 158 44.62 -50.26 11.42
CA ILE G 158 45.63 -50.55 10.40
C ILE G 158 44.92 -50.89 9.10
N MSE G 159 43.94 -51.78 9.20
CA MSE G 159 43.09 -52.18 8.09
C MSE G 159 42.46 -50.97 7.40
O MSE G 159 42.51 -50.87 6.17
CB MSE G 159 42.00 -53.13 8.59
CG MSE G 159 40.86 -53.34 7.62
SE MSE G 159 39.49 -54.56 8.28
CE MSE G 159 40.53 -56.21 8.32
N GLN G 160 41.88 -50.07 8.19
CA GLN G 160 41.26 -48.86 7.65
C GLN G 160 42.26 -48.01 6.86
N ASN G 161 43.43 -47.78 7.45
CA ASN G 161 44.43 -46.94 6.80
C ASN G 161 44.94 -47.52 5.48
N VAL G 162 45.39 -48.76 5.52
CA VAL G 162 45.91 -49.41 4.33
C VAL G 162 44.83 -49.54 3.25
N PHE G 163 43.60 -49.86 3.68
CA PHE G 163 42.48 -49.92 2.74
C PHE G 163 42.25 -48.59 2.06
N TYR G 164 42.24 -47.51 2.83
CA TYR G 164 42.02 -46.19 2.26
C TYR G 164 43.06 -45.88 1.20
N LYS G 165 44.32 -45.80 1.63
CA LYS G 165 45.41 -45.41 0.73
C LYS G 165 45.52 -46.32 -0.51
N GLU G 166 45.56 -47.63 -0.29
CA GLU G 166 45.80 -48.55 -1.40
C GLU G 166 44.59 -48.69 -2.31
N LEU G 167 43.39 -48.67 -1.74
CA LEU G 167 42.20 -48.80 -2.59
C LEU G 167 42.11 -47.59 -3.48
N LEU G 168 42.44 -46.42 -2.97
CA LEU G 168 42.43 -45.26 -3.86
C LEU G 168 43.55 -45.40 -4.90
N ALA G 169 44.65 -46.03 -4.51
CA ALA G 169 45.78 -46.22 -5.43
C ALA G 169 45.54 -47.16 -6.63
N HIS G 170 44.90 -48.30 -6.41
CA HIS G 170 44.85 -49.35 -7.43
C HIS G 170 43.68 -49.30 -8.43
N VAL G 171 42.53 -48.80 -8.01
CA VAL G 171 41.35 -48.78 -8.86
C VAL G 171 40.79 -47.36 -9.01
N ASP G 172 40.98 -46.81 -10.21
CA ASP G 172 40.58 -45.43 -10.49
C ASP G 172 39.07 -45.25 -10.66
N THR G 173 38.48 -46.03 -11.55
CA THR G 173 37.11 -45.81 -11.99
C THR G 173 36.18 -46.98 -11.69
N ILE G 174 34.88 -46.73 -11.78
CA ILE G 174 33.89 -47.79 -11.62
C ILE G 174 34.14 -48.89 -12.63
N PRO G 175 34.29 -50.13 -12.14
CA PRO G 175 34.61 -51.30 -12.97
C PRO G 175 33.43 -51.78 -13.79
N PRO G 176 33.71 -52.46 -14.91
CA PRO G 176 32.64 -53.14 -15.65
C PRO G 176 31.98 -54.19 -14.76
N GLU G 177 30.68 -54.34 -14.87
CA GLU G 177 29.96 -55.32 -14.04
C GLU G 177 30.41 -56.73 -14.40
N SER G 178 31.05 -56.87 -15.56
CA SER G 178 31.60 -58.14 -16.02
C SER G 178 32.85 -58.53 -15.23
N ASN G 179 33.42 -57.58 -14.51
CA ASN G 179 34.55 -57.85 -13.63
C ASN G 179 34.06 -58.22 -12.23
N GLY G 180 33.43 -59.38 -12.12
CA GLY G 180 32.74 -59.80 -10.91
C GLY G 180 33.58 -59.85 -9.65
N LEU G 181 34.78 -60.39 -9.77
CA LEU G 181 35.67 -60.57 -8.62
C LEU G 181 36.04 -59.21 -8.02
N LEU G 182 36.37 -58.26 -8.88
CA LEU G 182 36.65 -56.90 -8.43
C LEU G 182 35.47 -56.31 -7.69
N PHE G 183 34.25 -56.56 -8.16
CA PHE G 183 33.08 -56.09 -7.45
C PHE G 183 33.00 -56.72 -6.08
N GLU G 184 33.30 -58.02 -6.00
CA GLU G 184 33.24 -58.74 -4.74
C GLU G 184 34.22 -58.17 -3.71
N TYR G 185 35.46 -57.93 -4.12
CA TYR G 185 36.46 -57.48 -3.17
C TYR G 185 36.36 -56.00 -2.86
N ILE G 186 35.89 -55.22 -3.82
CA ILE G 186 35.56 -53.83 -3.54
C ILE G 186 34.45 -53.78 -2.48
N SER G 187 33.43 -54.62 -2.67
CA SER G 187 32.30 -54.67 -1.74
C SER G 187 32.72 -55.17 -0.35
N LEU G 188 33.67 -56.09 -0.30
CA LEU G 188 34.16 -56.59 0.99
C LEU G 188 34.97 -55.53 1.72
N ILE G 189 35.81 -54.82 0.97
CA ILE G 189 36.60 -53.73 1.53
C ILE G 189 35.69 -52.62 2.05
N VAL G 190 34.69 -52.23 1.26
CA VAL G 190 33.71 -51.23 1.67
C VAL G 190 32.92 -51.71 2.89
N ALA G 191 32.67 -53.02 2.94
CA ALA G 191 31.98 -53.62 4.08
C ALA G 191 32.79 -53.41 5.35
N LYS G 192 34.10 -53.62 5.25
CA LYS G 192 34.99 -53.44 6.40
C LYS G 192 35.16 -51.97 6.79
N LEU G 193 34.82 -51.07 5.88
CA LEU G 193 34.95 -49.63 6.12
C LEU G 193 33.79 -49.05 6.94
N ARG G 194 34.11 -48.33 8.00
CA ARG G 194 33.10 -47.64 8.77
C ARG G 194 33.11 -46.14 8.48
N PHE G 195 32.02 -45.64 7.91
CA PHE G 195 31.88 -44.20 7.65
C PHE G 195 30.42 -43.77 7.66
N ASN G 196 30.18 -42.55 8.13
CA ASN G 196 28.83 -42.02 8.28
C ASN G 196 28.29 -41.40 7.01
N GLN G 197 29.00 -40.42 6.48
CA GLN G 197 28.53 -39.64 5.33
C GLN G 197 29.53 -39.61 4.17
N ILE G 198 29.11 -39.02 3.06
CA ILE G 198 29.93 -38.94 1.87
C ILE G 198 31.12 -38.02 2.12
N GLN G 199 30.91 -36.99 2.91
CA GLN G 199 31.99 -36.06 3.25
C GLN G 199 33.12 -36.80 3.95
N ASP G 200 32.75 -37.66 4.89
CA ASP G 200 33.74 -38.44 5.65
C ASP G 200 34.43 -39.47 4.77
N LEU G 201 33.66 -40.13 3.89
CA LEU G 201 34.21 -41.14 3.01
C LEU G 201 35.22 -40.55 2.02
N ALA G 202 34.85 -39.43 1.41
CA ALA G 202 35.69 -38.79 0.40
C ALA G 202 36.88 -38.09 1.04
N GLU G 203 36.70 -37.60 2.27
CA GLU G 203 37.79 -36.98 3.00
C GLU G 203 38.83 -38.01 3.45
N ASN G 204 38.37 -39.13 3.99
CA ASN G 204 39.26 -40.22 4.39
C ASN G 204 40.09 -40.72 3.22
N PHE G 205 39.53 -40.64 2.02
CA PHE G 205 40.23 -41.09 0.82
C PHE G 205 41.05 -39.94 0.22
N LYS G 206 40.83 -38.72 0.73
CA LYS G 206 41.59 -37.54 0.32
C LYS G 206 41.35 -37.19 -1.14
N THR G 207 40.14 -37.49 -1.63
CA THR G 207 39.81 -37.24 -3.02
C THR G 207 38.60 -36.30 -3.05
N THR G 208 38.34 -35.69 -4.20
CA THR G 208 37.20 -34.78 -4.36
C THR G 208 35.91 -35.53 -4.08
N VAL G 209 34.92 -34.84 -3.54
CA VAL G 209 33.65 -35.46 -3.19
C VAL G 209 32.83 -35.83 -4.44
N GLU G 210 33.22 -35.29 -5.60
CA GLU G 210 32.44 -35.52 -6.82
C GLU G 210 32.79 -36.76 -7.64
N ASN G 211 33.99 -37.30 -7.47
CA ASN G 211 34.38 -38.48 -8.26
C ASN G 211 33.43 -39.66 -8.02
N PRO G 212 32.82 -40.14 -9.10
CA PRO G 212 31.77 -41.17 -9.11
C PRO G 212 32.16 -42.47 -8.41
N PHE G 213 33.46 -42.76 -8.31
CA PHE G 213 33.90 -43.98 -7.65
C PHE G 213 33.65 -43.95 -6.14
N ILE G 214 33.94 -42.81 -5.51
CA ILE G 214 33.66 -42.63 -4.08
C ILE G 214 32.16 -42.73 -3.81
N LEU G 215 31.38 -42.05 -4.65
CA LEU G 215 29.93 -42.09 -4.56
C LEU G 215 29.43 -43.51 -4.72
N PHE G 216 30.09 -44.25 -5.61
CA PHE G 216 29.80 -45.66 -5.86
C PHE G 216 30.04 -46.48 -4.60
N LEU G 217 31.16 -46.23 -3.92
CA LEU G 217 31.47 -46.90 -2.67
C LEU G 217 30.40 -46.61 -1.61
N TYR G 218 29.97 -45.35 -1.57
CA TYR G 218 28.91 -44.93 -0.66
C TYR G 218 27.63 -45.71 -0.94
N MSE G 219 27.30 -45.80 -2.22
CA MSE G 219 26.12 -46.53 -2.68
C MSE G 219 26.21 -48.02 -2.37
O MSE G 219 25.20 -48.69 -2.19
CB MSE G 219 25.92 -46.32 -4.19
CG MSE G 219 25.48 -44.91 -4.58
SE MSE G 219 23.57 -44.60 -4.34
CE MSE G 219 23.62 -43.32 -2.88
N ILE G 220 27.44 -48.55 -2.34
CA ILE G 220 27.66 -49.93 -1.95
C ILE G 220 27.37 -50.10 -0.47
N LYS G 221 27.83 -49.15 0.33
CA LYS G 221 27.57 -49.17 1.77
C LYS G 221 26.08 -49.00 2.05
N LYS G 222 25.37 -48.42 1.08
CA LYS G 222 23.92 -48.24 1.22
C LYS G 222 23.13 -49.47 0.77
N PHE G 223 23.62 -50.16 -0.27
CA PHE G 223 23.02 -51.40 -0.76
C PHE G 223 23.25 -52.58 0.15
N GLN G 224 24.38 -52.58 0.84
CA GLN G 224 24.76 -53.72 1.65
C GLN G 224 23.84 -53.83 2.85
N SER G 225 23.53 -52.69 3.46
CA SER G 225 22.59 -52.61 4.58
C SER G 225 21.43 -51.64 4.37
N PRO G 226 20.21 -52.15 4.13
CA PRO G 226 19.12 -51.18 4.03
C PRO G 226 18.67 -50.69 5.42
N LEU G 227 19.07 -51.41 6.48
CA LEU G 227 18.74 -51.05 7.87
C LEU G 227 18.88 -49.59 8.30
N LYS G 228 19.94 -48.92 7.88
CA LYS G 228 20.22 -47.56 8.33
C LYS G 228 19.09 -46.65 7.86
N LYS G 229 18.71 -45.64 8.63
CA LYS G 229 17.62 -44.80 8.15
C LYS G 229 18.24 -44.00 7.03
N HIS G 230 17.41 -43.61 6.07
CA HIS G 230 17.90 -42.89 4.91
C HIS G 230 18.36 -41.49 5.19
N ILE G 231 19.45 -41.10 4.53
CA ILE G 231 19.92 -39.72 4.56
C ILE G 231 19.77 -39.21 3.14
N ASP G 232 19.28 -37.99 2.98
CA ASP G 232 18.91 -37.51 1.66
C ASP G 232 19.98 -36.62 1.04
N ASN G 233 20.56 -37.12 -0.05
CA ASN G 233 21.61 -36.39 -0.75
C ASN G 233 21.27 -36.22 -2.23
N ASP G 234 19.97 -36.21 -2.52
CA ASP G 234 19.48 -36.08 -3.90
C ASP G 234 19.83 -34.73 -4.50
N ASP G 235 19.58 -33.67 -3.74
CA ASP G 235 19.89 -32.31 -4.21
C ASP G 235 21.38 -32.15 -4.43
N LEU G 236 22.19 -32.75 -3.56
CA LEU G 236 23.64 -32.70 -3.70
C LEU G 236 24.09 -33.40 -4.98
N TYR G 237 23.55 -34.59 -5.22
CA TYR G 237 23.87 -35.33 -6.44
C TYR G 237 23.49 -34.52 -7.67
N LEU G 238 22.35 -33.84 -7.58
CA LEU G 238 21.87 -32.99 -8.67
C LEU G 238 22.83 -31.84 -8.95
N LYS G 239 23.28 -31.19 -7.87
CA LYS G 239 24.22 -30.08 -7.97
C LYS G 239 25.56 -30.53 -8.55
N PHE G 240 26.05 -31.69 -8.11
CA PHE G 240 27.27 -32.26 -8.66
C PHE G 240 27.09 -32.51 -10.15
N GLY G 241 25.93 -33.02 -10.52
CA GLY G 241 25.62 -33.29 -11.92
C GLY G 241 25.63 -32.03 -12.76
N GLN G 242 25.06 -30.96 -12.22
CA GLN G 242 25.06 -29.69 -12.91
C GLN G 242 26.49 -29.16 -13.06
N ASN G 243 27.30 -29.36 -12.01
CA ASN G 243 28.70 -28.95 -12.03
C ASN G 243 29.51 -29.66 -13.11
N VAL G 244 29.38 -30.99 -13.19
CA VAL G 244 30.10 -31.76 -14.21
C VAL G 244 29.50 -31.51 -15.59
N LEU G 245 28.25 -31.02 -15.61
CA LEU G 245 27.60 -30.68 -16.88
C LEU G 245 28.19 -29.41 -17.45
N LEU G 246 28.37 -28.40 -16.60
CA LEU G 246 28.96 -27.13 -17.03
C LEU G 246 30.39 -27.33 -17.51
N LYS G 247 31.11 -28.25 -16.87
CA LYS G 247 32.49 -28.54 -17.25
C LYS G 247 32.56 -29.33 -18.55
N ALA G 248 31.45 -29.95 -18.92
CA ALA G 248 31.43 -30.84 -20.08
C ALA G 248 31.14 -30.12 -21.38
N LYS G 249 31.63 -30.68 -22.48
CA LYS G 249 31.39 -30.15 -23.81
C LYS G 249 31.15 -31.30 -24.77
N PHE G 250 30.35 -31.06 -25.81
CA PHE G 250 30.06 -32.09 -26.80
C PHE G 250 31.33 -32.51 -27.54
N PRO G 251 31.52 -33.83 -27.70
CA PRO G 251 32.68 -34.38 -28.40
C PRO G 251 32.74 -33.96 -29.85
N THR G 252 33.81 -33.30 -30.27
CA THR G 252 34.01 -32.99 -31.68
C THR G 252 34.21 -34.31 -32.42
N ALA G 253 33.79 -34.34 -33.68
CA ALA G 253 33.76 -35.58 -34.47
C ALA G 253 35.12 -36.29 -34.52
N SER G 254 36.18 -35.60 -34.13
CA SER G 254 37.49 -36.22 -34.00
C SER G 254 37.94 -36.24 -32.54
N GLU G 255 37.09 -36.73 -31.67
CA GLU G 255 37.35 -36.76 -30.23
C GLU G 255 36.51 -37.83 -29.54
N THR G 256 36.67 -37.97 -28.22
CA THR G 256 35.91 -38.94 -27.45
C THR G 256 35.01 -38.24 -26.43
N ASN G 257 33.99 -38.96 -25.96
CA ASN G 257 33.06 -38.47 -24.95
C ASN G 257 33.74 -38.05 -23.65
N ASP G 258 33.24 -36.97 -23.04
CA ASP G 258 33.80 -36.45 -21.79
C ASP G 258 33.80 -37.53 -20.70
N GLU G 259 34.99 -37.84 -20.20
CA GLU G 259 35.15 -38.92 -19.22
C GLU G 259 34.42 -38.68 -17.91
N ALA G 260 34.41 -37.43 -17.45
CA ALA G 260 33.82 -37.11 -16.15
C ALA G 260 32.30 -37.29 -16.13
N LEU G 261 31.63 -36.81 -17.17
CA LEU G 261 30.18 -36.95 -17.28
C LEU G 261 29.80 -38.41 -17.50
N GLU G 262 30.51 -39.05 -18.42
CA GLU G 262 30.27 -40.45 -18.78
C GLU G 262 30.43 -41.35 -17.55
N HIS G 263 31.37 -40.98 -16.70
CA HIS G 263 31.67 -41.76 -15.50
C HIS G 263 30.67 -41.44 -14.39
N PHE G 264 30.20 -40.19 -14.37
CA PHE G 264 29.16 -39.77 -13.42
C PHE G 264 27.85 -40.50 -13.67
N ASN G 265 27.48 -40.65 -14.94
CA ASN G 265 26.20 -41.25 -15.30
C ASN G 265 26.09 -42.70 -14.84
N VAL G 266 27.23 -43.37 -14.67
CA VAL G 266 27.25 -44.75 -14.16
C VAL G 266 26.82 -44.77 -12.69
N PHE G 267 27.47 -43.91 -11.91
CA PHE G 267 27.09 -43.72 -10.52
C PHE G 267 25.61 -43.41 -10.47
N LEU G 268 25.12 -42.66 -11.44
CA LEU G 268 23.71 -42.35 -11.54
C LEU G 268 22.87 -43.58 -11.88
N GLN G 269 23.44 -44.53 -12.61
CA GLN G 269 22.75 -45.79 -12.88
C GLN G 269 22.50 -46.49 -11.56
N TYR G 270 23.54 -46.57 -10.75
CA TYR G 270 23.41 -47.22 -9.46
C TYR G 270 22.47 -46.47 -8.51
N TYR G 271 22.55 -45.15 -8.53
CA TYR G 271 21.73 -44.31 -7.67
C TYR G 271 20.25 -44.39 -8.02
N PHE G 272 19.93 -44.28 -9.30
CA PHE G 272 18.55 -44.32 -9.76
C PHE G 272 17.98 -45.73 -9.60
N LYS G 273 18.84 -46.73 -9.76
CA LYS G 273 18.44 -48.10 -9.49
C LYS G 273 18.06 -48.23 -8.01
N PHE G 274 18.87 -47.62 -7.14
CA PHE G 274 18.58 -47.61 -5.72
C PHE G 274 17.26 -46.92 -5.40
N THR G 275 17.06 -45.73 -5.96
CA THR G 275 15.84 -44.95 -5.70
C THR G 275 14.61 -45.59 -6.31
N HIS G 276 14.82 -46.52 -7.25
CA HIS G 276 13.68 -47.24 -7.82
C HIS G 276 13.34 -48.50 -7.04
N ILE G 277 14.35 -49.27 -6.65
CA ILE G 277 14.11 -50.50 -5.89
C ILE G 277 13.40 -50.15 -4.58
N LYS G 278 13.89 -49.12 -3.91
CA LYS G 278 13.17 -48.52 -2.81
C LYS G 278 12.20 -47.57 -3.49
N LYS G 279 11.08 -47.24 -2.86
CA LYS G 279 10.13 -46.35 -3.52
C LYS G 279 10.32 -44.91 -3.09
N ILE G 280 11.57 -44.52 -2.81
CA ILE G 280 11.85 -43.13 -2.49
C ILE G 280 11.71 -42.28 -3.73
N LYS G 281 11.34 -41.02 -3.52
CA LYS G 281 11.09 -40.07 -4.59
C LYS G 281 12.38 -39.53 -5.21
N VAL G 282 12.25 -38.97 -6.41
CA VAL G 282 13.37 -38.33 -7.07
C VAL G 282 12.91 -36.94 -7.51
N ASN G 283 13.83 -36.00 -7.68
CA ASN G 283 13.47 -34.63 -7.99
C ASN G 283 13.25 -34.47 -9.49
N PRO G 284 12.18 -33.76 -9.88
CA PRO G 284 11.78 -33.58 -11.29
C PRO G 284 12.85 -32.90 -12.14
N SER G 285 13.62 -32.00 -11.55
CA SER G 285 14.62 -31.24 -12.28
C SER G 285 15.67 -32.13 -12.95
N TRP G 286 15.84 -33.34 -12.41
CA TRP G 286 16.72 -34.34 -13.01
C TRP G 286 16.44 -34.52 -14.49
N TYR G 287 15.16 -34.38 -14.86
CA TYR G 287 14.76 -34.47 -16.27
C TYR G 287 15.69 -33.62 -17.12
N ASN G 288 15.74 -32.33 -16.79
CA ASN G 288 16.59 -31.39 -17.51
C ASN G 288 17.99 -31.94 -17.67
N PHE G 289 18.55 -32.39 -16.55
CA PHE G 289 19.90 -32.94 -16.52
C PHE G 289 20.07 -33.96 -17.64
N ILE G 290 19.19 -34.96 -17.67
CA ILE G 290 19.43 -36.07 -18.59
C ILE G 290 19.33 -35.57 -20.03
N ILE G 291 18.44 -34.59 -20.26
CA ILE G 291 18.25 -34.08 -21.62
C ILE G 291 19.56 -33.43 -22.03
N SER G 292 20.13 -32.67 -21.10
CA SER G 292 21.39 -31.99 -21.36
C SER G 292 22.46 -33.04 -21.61
N SER G 293 22.38 -34.13 -20.84
CA SER G 293 23.36 -35.20 -20.95
C SER G 293 23.26 -35.89 -22.30
N MSE G 294 22.12 -35.77 -22.95
CA MSE G 294 21.95 -36.42 -24.25
C MSE G 294 22.30 -35.46 -25.37
O MSE G 294 22.46 -35.88 -26.52
CB MSE G 294 20.52 -36.94 -24.40
CG MSE G 294 20.14 -37.95 -23.33
SE MSE G 294 18.37 -38.74 -23.57
CE MSE G 294 18.75 -39.85 -25.12
N GLU G 295 22.46 -34.17 -25.05
CA GLU G 295 22.91 -33.22 -26.05
C GLU G 295 24.42 -33.07 -26.00
N LYS G 296 24.97 -33.12 -24.79
CA LYS G 296 26.39 -32.93 -24.60
C LYS G 296 27.15 -34.25 -24.72
N THR G 297 26.46 -35.29 -25.16
CA THR G 297 27.09 -36.59 -25.35
C THR G 297 26.62 -37.22 -26.65
N PHE G 298 27.50 -37.96 -27.31
CA PHE G 298 27.15 -38.61 -28.56
C PHE G 298 27.25 -40.13 -28.57
N GLN G 299 26.13 -40.78 -28.89
CA GLN G 299 26.04 -42.23 -29.00
C GLN G 299 26.66 -42.94 -27.81
N SER G 300 26.20 -42.59 -26.62
CA SER G 300 26.72 -43.15 -25.38
C SER G 300 25.88 -44.33 -24.88
N ILE G 301 26.55 -45.41 -24.53
CA ILE G 301 25.90 -46.58 -23.98
C ILE G 301 25.46 -46.31 -22.53
N GLU G 302 26.39 -45.72 -21.77
CA GLU G 302 26.19 -45.48 -20.35
C GLU G 302 25.09 -44.48 -20.10
N VAL G 303 25.08 -43.39 -20.87
CA VAL G 303 24.05 -42.37 -20.73
C VAL G 303 22.68 -42.89 -21.16
N SER G 304 22.66 -43.80 -22.13
CA SER G 304 21.41 -44.42 -22.56
C SER G 304 20.79 -45.22 -21.41
N LYS G 305 21.60 -46.09 -20.79
CA LYS G 305 21.09 -46.89 -19.68
C LYS G 305 20.71 -46.00 -18.47
N THR G 306 21.57 -45.04 -18.16
CA THR G 306 21.29 -44.07 -17.10
C THR G 306 19.94 -43.42 -17.35
N ALA G 307 19.67 -43.13 -18.62
CA ALA G 307 18.44 -42.50 -19.02
C ALA G 307 17.24 -43.42 -18.83
N MSE G 308 17.35 -44.70 -19.19
CA MSE G 308 16.22 -45.61 -18.99
C MSE G 308 15.89 -45.71 -17.49
O MSE G 308 14.71 -45.64 -17.10
CB MSE G 308 16.48 -47.00 -19.60
CG MSE G 308 17.42 -47.91 -18.83
SE MSE G 308 17.65 -49.69 -19.59
CE MSE G 308 16.02 -50.51 -18.92
N PHE G 309 16.92 -45.81 -16.66
CA PHE G 309 16.72 -45.85 -15.21
C PHE G 309 16.04 -44.57 -14.69
N LEU G 310 16.60 -43.42 -15.06
CA LEU G 310 16.09 -42.15 -14.58
C LEU G 310 14.65 -41.93 -15.01
N PHE G 311 14.34 -42.25 -16.26
CA PHE G 311 12.99 -42.06 -16.76
C PHE G 311 11.99 -43.02 -16.12
N GLN G 312 12.44 -44.22 -15.77
CA GLN G 312 11.57 -45.10 -15.00
C GLN G 312 11.27 -44.45 -13.65
N ASN G 313 12.30 -43.89 -13.01
CA ASN G 313 12.12 -43.18 -11.75
C ASN G 313 11.14 -42.01 -11.87
N LEU G 314 11.35 -41.16 -12.86
CA LEU G 314 10.49 -40.00 -13.09
C LEU G 314 9.06 -40.42 -13.38
N SER G 315 8.88 -41.55 -14.07
CA SER G 315 7.55 -42.06 -14.34
C SER G 315 6.85 -42.50 -13.05
N ASP G 316 7.52 -43.36 -12.28
CA ASP G 316 6.92 -43.89 -11.06
C ASP G 316 6.65 -42.80 -10.02
N ASN G 317 7.55 -41.83 -9.92
CA ASN G 317 7.44 -40.81 -8.88
C ASN G 317 6.49 -39.67 -9.23
N SER G 318 6.07 -39.59 -10.49
CA SER G 318 5.19 -38.52 -10.95
C SER G 318 3.74 -38.99 -10.91
N ASN G 319 2.81 -38.05 -10.89
CA ASN G 319 1.38 -38.39 -10.80
C ASN G 319 0.56 -38.21 -12.07
N ASP G 320 0.93 -37.26 -12.92
CA ASP G 320 0.19 -37.07 -14.17
C ASP G 320 0.36 -38.27 -15.07
N GLU G 321 -0.76 -38.87 -15.47
CA GLU G 321 -0.75 -40.10 -16.25
C GLU G 321 -0.17 -39.88 -17.65
N ILE G 322 -0.43 -38.70 -18.21
CA ILE G 322 0.10 -38.38 -19.53
C ILE G 322 1.63 -38.32 -19.48
N LYS G 323 2.13 -37.66 -18.44
CA LYS G 323 3.58 -37.55 -18.25
C LYS G 323 4.18 -38.88 -17.77
N LYS G 324 3.39 -39.68 -17.07
CA LYS G 324 3.82 -41.03 -16.70
C LYS G 324 4.09 -41.85 -17.96
N LYS G 325 3.12 -41.84 -18.87
CA LYS G 325 3.24 -42.58 -20.12
C LYS G 325 4.38 -42.03 -20.96
N THR G 326 4.55 -40.71 -20.93
CA THR G 326 5.64 -40.06 -21.66
C THR G 326 6.99 -40.55 -21.15
N PHE G 327 7.16 -40.51 -19.82
CA PHE G 327 8.40 -40.95 -19.19
C PHE G 327 8.68 -42.43 -19.44
N LYS G 328 7.64 -43.26 -19.34
CA LYS G 328 7.76 -44.68 -19.68
C LYS G 328 8.25 -44.86 -21.12
N ARG G 329 7.63 -44.11 -22.03
CA ARG G 329 7.98 -44.15 -23.45
C ARG G 329 9.46 -43.82 -23.63
N GLU G 330 9.92 -42.78 -22.95
CA GLU G 330 11.31 -42.38 -23.04
C GLU G 330 12.26 -43.43 -22.47
N SER G 331 11.82 -44.09 -21.39
CA SER G 331 12.59 -45.18 -20.80
C SER G 331 12.78 -46.32 -21.79
N ILE G 332 11.69 -46.76 -22.39
CA ILE G 332 11.73 -47.84 -23.37
C ILE G 332 12.60 -47.48 -24.57
N LEU G 333 12.43 -46.24 -25.06
CA LEU G 333 13.23 -45.78 -26.19
C LEU G 333 14.72 -45.78 -25.85
N ASN G 334 15.05 -45.30 -24.65
CA ASN G 334 16.44 -45.32 -24.21
C ASN G 334 16.98 -46.73 -24.05
N PHE G 335 16.12 -47.66 -23.68
CA PHE G 335 16.53 -49.07 -23.67
C PHE G 335 16.88 -49.54 -25.07
N VAL G 336 16.00 -49.28 -26.03
CA VAL G 336 16.23 -49.69 -27.41
C VAL G 336 17.53 -49.06 -27.96
N ASN G 337 17.75 -47.79 -27.64
CA ASN G 337 19.00 -47.12 -28.02
C ASN G 337 20.22 -47.78 -27.40
N PHE G 338 20.10 -48.10 -26.11
CA PHE G 338 21.13 -48.84 -25.38
C PHE G 338 21.50 -50.13 -26.10
N VAL G 339 20.47 -50.91 -26.43
CA VAL G 339 20.66 -52.17 -27.15
C VAL G 339 21.34 -51.93 -28.49
N LYS G 340 20.88 -50.96 -29.26
CA LYS G 340 21.45 -50.72 -30.59
C LYS G 340 22.92 -50.31 -30.51
N TYR G 341 23.25 -49.48 -29.53
CA TYR G 341 24.64 -49.07 -29.33
C TYR G 341 25.50 -50.27 -28.93
N ASN G 342 24.93 -51.12 -28.08
CA ASN G 342 25.61 -52.37 -27.71
C ASN G 342 25.87 -53.25 -28.93
N ASP G 343 24.89 -53.33 -29.83
CA ASP G 343 25.04 -54.10 -31.05
C ASP G 343 26.13 -53.54 -31.95
N LYS G 344 26.14 -52.23 -32.15
CA LYS G 344 27.18 -51.61 -32.96
C LYS G 344 28.57 -51.83 -32.36
N TYR G 345 28.66 -51.74 -31.03
CA TYR G 345 29.91 -51.98 -30.33
C TYR G 345 30.39 -53.41 -30.54
N TYR G 346 29.51 -54.36 -30.27
CA TYR G 346 29.84 -55.78 -30.40
C TYR G 346 30.18 -56.15 -31.84
N GLN G 347 29.59 -55.44 -32.80
CA GLN G 347 29.86 -55.69 -34.21
C GLN G 347 31.18 -55.12 -34.73
N LEU G 348 31.44 -53.83 -34.49
CA LEU G 348 32.60 -53.18 -35.11
C LEU G 348 33.82 -52.97 -34.21
N HIS G 349 33.61 -52.58 -32.95
CA HIS G 349 34.73 -52.15 -32.10
C HIS G 349 35.59 -53.32 -31.67
N ASP G 350 34.93 -54.45 -31.52
CA ASP G 350 35.53 -55.73 -31.16
C ASP G 350 34.48 -56.74 -31.55
N ASN G 351 34.81 -58.02 -31.54
CA ASN G 351 33.76 -59.02 -31.66
C ASN G 351 33.22 -59.45 -30.30
N SER G 352 33.65 -58.76 -29.25
CA SER G 352 33.19 -59.05 -27.88
C SER G 352 32.23 -57.99 -27.31
N HIS G 353 31.43 -58.40 -26.31
CA HIS G 353 30.53 -57.47 -25.64
C HIS G 353 31.30 -56.72 -24.55
N ARG G 354 30.88 -55.50 -24.26
CA ARG G 354 31.55 -54.70 -23.25
C ARG G 354 31.20 -55.18 -21.84
N ASP G 355 29.90 -55.41 -21.61
CA ASP G 355 29.42 -55.73 -20.27
C ASP G 355 28.12 -56.54 -20.32
N ILE G 356 28.26 -57.87 -20.40
CA ILE G 356 27.12 -58.77 -20.50
C ILE G 356 26.22 -58.65 -19.28
N ILE G 357 26.84 -58.49 -18.11
CA ILE G 357 26.10 -58.36 -16.86
C ILE G 357 25.17 -57.13 -16.87
N SER G 358 25.70 -55.99 -17.29
CA SER G 358 24.90 -54.77 -17.40
C SER G 358 23.84 -54.93 -18.47
N PHE G 359 24.16 -55.68 -19.52
CA PHE G 359 23.23 -55.98 -20.60
C PHE G 359 22.00 -56.70 -20.07
N ILE G 360 22.23 -57.86 -19.46
CA ILE G 360 21.17 -58.67 -18.85
C ILE G 360 20.44 -57.90 -17.76
N ASP G 361 21.17 -57.04 -17.05
CA ASP G 361 20.57 -56.18 -16.01
C ASP G 361 19.55 -55.24 -16.66
N ALA G 362 19.96 -54.63 -17.77
CA ALA G 362 19.11 -53.69 -18.49
C ALA G 362 17.85 -54.39 -18.98
N TYR G 363 18.04 -55.55 -19.61
CA TYR G 363 16.91 -56.35 -20.07
C TYR G 363 15.95 -56.67 -18.93
N SER G 364 16.50 -57.12 -17.80
CA SER G 364 15.70 -57.46 -16.63
C SER G 364 14.89 -56.26 -16.15
N PHE G 365 15.55 -55.11 -16.06
CA PHE G 365 14.90 -53.89 -15.61
C PHE G 365 13.75 -53.49 -16.51
N ILE G 366 14.02 -53.39 -17.81
CA ILE G 366 13.00 -52.93 -18.74
C ILE G 366 11.84 -53.93 -18.82
N LEU G 367 12.12 -55.21 -18.61
CA LEU G 367 11.06 -56.22 -18.65
C LEU G 367 10.24 -56.25 -17.36
N GLN G 368 10.84 -55.88 -16.24
CA GLN G 368 10.11 -55.78 -14.98
C GLN G 368 9.02 -54.72 -15.00
N ASN G 369 9.39 -53.54 -15.50
CA ASN G 369 8.56 -52.34 -15.38
C ASN G 369 7.62 -52.06 -16.54
N SER G 370 7.62 -52.94 -17.54
CA SER G 370 6.77 -52.76 -18.71
C SER G 370 5.90 -53.99 -18.95
N SER G 371 4.77 -53.78 -19.61
CA SER G 371 3.90 -54.89 -19.99
C SER G 371 3.84 -55.04 -21.51
N LYS G 372 3.02 -55.98 -21.96
CA LYS G 372 2.86 -56.25 -23.39
C LYS G 372 2.29 -55.05 -24.15
N THR G 373 1.49 -54.24 -23.47
CA THR G 373 0.82 -53.10 -24.07
C THR G 373 1.73 -51.97 -24.56
N ASP G 374 2.89 -51.82 -23.92
CA ASP G 374 3.76 -50.67 -24.17
C ASP G 374 4.64 -50.76 -25.42
N SER G 375 4.37 -51.75 -26.26
CA SER G 375 5.12 -51.98 -27.48
C SER G 375 4.98 -50.82 -28.47
N ILE G 376 6.02 -50.63 -29.29
CA ILE G 376 6.07 -49.61 -30.33
C ILE G 376 6.04 -50.29 -31.71
N GLU G 377 5.61 -49.57 -32.75
CA GLU G 377 5.19 -50.17 -34.01
C GLU G 377 6.25 -51.10 -34.59
N ASN G 378 7.48 -50.60 -34.67
CA ASN G 378 8.61 -51.41 -35.12
C ASN G 378 9.70 -51.49 -34.07
N VAL G 379 9.81 -50.42 -33.29
CA VAL G 379 10.89 -50.26 -32.32
C VAL G 379 10.89 -51.28 -31.18
N PHE G 380 9.75 -51.51 -30.55
CA PHE G 380 9.69 -52.36 -29.36
C PHE G 380 8.57 -53.38 -29.41
N ASP G 381 8.92 -54.64 -29.20
CA ASP G 381 7.94 -55.71 -29.07
C ASP G 381 8.21 -56.42 -27.76
N TYR G 382 7.22 -56.48 -26.89
CA TYR G 382 7.41 -57.02 -25.55
C TYR G 382 7.81 -58.50 -25.59
N ASP G 383 6.95 -59.32 -26.19
CA ASP G 383 7.20 -60.75 -26.29
C ASP G 383 8.52 -61.04 -27.01
N ASN G 384 8.81 -60.25 -28.04
CA ASN G 384 10.06 -60.40 -28.78
C ASN G 384 11.26 -60.10 -27.89
N THR G 385 11.14 -59.06 -27.08
CA THR G 385 12.20 -58.68 -26.14
C THR G 385 12.39 -59.76 -25.08
N VAL G 386 11.30 -60.38 -24.66
CA VAL G 386 11.35 -61.44 -23.65
C VAL G 386 12.02 -62.70 -24.20
N SER G 387 11.59 -63.15 -25.38
CA SER G 387 12.20 -64.31 -26.02
C SER G 387 13.68 -64.08 -26.26
N THR G 388 14.01 -62.88 -26.74
CA THR G 388 15.40 -62.48 -26.96
C THR G 388 16.16 -62.53 -25.65
N PHE G 389 15.53 -62.09 -24.57
CA PHE G 389 16.11 -62.13 -23.24
C PHE G 389 16.46 -63.55 -22.80
N ALA G 390 15.50 -64.46 -22.95
CA ALA G 390 15.70 -65.85 -22.57
C ALA G 390 16.84 -66.47 -23.37
N THR G 391 16.80 -66.26 -24.67
CA THR G 391 17.81 -66.83 -25.57
C THR G 391 19.19 -66.26 -25.26
N SER G 392 19.23 -64.98 -24.89
CA SER G 392 20.49 -64.33 -24.56
C SER G 392 21.05 -64.87 -23.25
N LEU G 393 20.15 -65.18 -22.31
CA LEU G 393 20.56 -65.78 -21.04
C LEU G 393 21.17 -67.15 -21.28
N ASN G 394 20.47 -67.97 -22.06
CA ASN G 394 20.95 -69.30 -22.37
C ASN G 394 22.27 -69.27 -23.11
N SER G 395 22.42 -68.30 -24.02
CA SER G 395 23.67 -68.13 -24.76
C SER G 395 24.80 -67.73 -23.83
N PHE G 396 24.50 -66.84 -22.88
CA PHE G 396 25.50 -66.45 -21.89
C PHE G 396 25.98 -67.64 -21.08
N TYR G 397 25.05 -68.40 -20.52
CA TYR G 397 25.39 -69.57 -19.73
C TYR G 397 26.19 -70.59 -20.53
N LYS G 398 25.75 -70.84 -21.75
CA LYS G 398 26.38 -71.84 -22.61
C LYS G 398 27.78 -71.42 -23.05
N GLU G 399 27.98 -70.12 -23.25
CA GLU G 399 29.26 -69.63 -23.77
C GLU G 399 30.41 -69.91 -22.81
N TYR G 400 30.21 -69.56 -21.55
CA TYR G 400 31.27 -69.73 -20.55
C TYR G 400 31.14 -71.08 -19.84
N ASN G 401 30.46 -72.00 -20.51
CA ASN G 401 30.28 -73.38 -20.04
C ASN G 401 29.75 -73.44 -18.62
N LEU G 402 28.96 -72.44 -18.25
CA LEU G 402 28.31 -72.40 -16.95
C LEU G 402 27.14 -73.38 -16.92
N PRO G 403 26.95 -74.07 -15.79
CA PRO G 403 25.90 -75.08 -15.67
C PRO G 403 24.48 -74.51 -15.68
N LEU G 404 23.55 -75.24 -16.29
CA LEU G 404 22.15 -74.83 -16.42
C LEU G 404 21.24 -75.97 -16.00
N MSE G 405 20.20 -75.63 -15.25
CA MSE G 405 19.23 -76.62 -14.82
C MSE G 405 18.25 -76.91 -15.95
O MSE G 405 17.43 -76.06 -16.31
CB MSE G 405 18.47 -76.17 -13.58
CG MSE G 405 17.48 -77.18 -13.06
SE MSE G 405 18.18 -78.34 -11.64
CE MSE G 405 19.48 -79.36 -12.68
N SER G 406 18.31 -78.12 -16.49
CA SER G 406 17.42 -78.48 -17.59
C SER G 406 15.99 -78.65 -17.09
N GLN G 407 15.08 -78.77 -18.04
CA GLN G 407 13.65 -78.75 -17.77
C GLN G 407 13.13 -80.03 -17.10
N SER G 408 13.56 -81.18 -17.59
CA SER G 408 13.13 -82.46 -17.04
C SER G 408 13.69 -82.62 -15.62
N GLU G 409 14.98 -82.33 -15.46
CA GLU G 409 15.63 -82.40 -14.15
C GLU G 409 15.04 -81.40 -13.17
N SER G 410 14.33 -80.42 -13.69
CA SER G 410 13.75 -79.37 -12.86
C SER G 410 12.55 -79.87 -12.05
N LEU G 411 12.12 -81.10 -12.35
CA LEU G 411 11.00 -81.71 -11.64
C LEU G 411 11.37 -82.09 -10.21
N ASP G 412 12.67 -82.24 -9.94
CA ASP G 412 13.19 -82.43 -8.59
C ASP G 412 14.37 -81.51 -8.32
N TRP G 413 14.28 -80.68 -7.29
CA TRP G 413 15.42 -79.85 -6.97
C TRP G 413 16.10 -80.54 -5.80
N LEU G 414 15.31 -81.26 -5.01
CA LEU G 414 15.84 -81.99 -3.86
C LEU G 414 16.83 -83.04 -4.32
N GLU G 415 16.44 -83.74 -5.37
CA GLU G 415 17.27 -84.79 -5.94
C GLU G 415 18.41 -84.21 -6.79
N ASN G 416 18.10 -83.18 -7.59
CA ASN G 416 19.06 -82.64 -8.56
C ASN G 416 19.78 -81.32 -8.19
N SER G 417 19.70 -80.91 -6.93
CA SER G 417 20.30 -79.63 -6.52
C SER G 417 21.81 -79.58 -6.71
N THR G 418 22.29 -78.44 -7.21
CA THR G 418 23.71 -78.17 -7.32
C THR G 418 24.00 -76.77 -6.83
N ARG G 419 25.19 -76.54 -6.30
CA ARG G 419 25.54 -75.21 -5.81
C ARG G 419 26.54 -74.54 -6.75
N CYS G 420 26.15 -73.37 -7.23
CA CYS G 420 27.03 -72.56 -8.07
C CYS G 420 27.50 -71.35 -7.27
N VAL G 421 28.77 -71.01 -7.40
CA VAL G 421 29.31 -69.87 -6.65
C VAL G 421 29.92 -68.85 -7.59
N TYR G 422 29.22 -67.74 -7.75
CA TYR G 422 29.69 -66.64 -8.58
C TYR G 422 29.90 -65.43 -7.67
N PRO G 423 30.63 -64.40 -8.16
CA PRO G 423 30.73 -63.17 -7.38
C PRO G 423 29.35 -62.61 -7.03
N GLY G 424 29.21 -62.02 -5.84
CA GLY G 424 27.93 -61.56 -5.35
C GLY G 424 27.13 -60.70 -6.31
N ASN G 425 27.83 -59.78 -6.98
CA ASN G 425 27.21 -58.90 -7.97
C ASN G 425 26.56 -59.69 -9.10
N ILE G 426 27.31 -60.66 -9.61
CA ILE G 426 26.88 -61.46 -10.75
C ILE G 426 25.74 -62.39 -10.32
N SER G 427 25.89 -63.00 -9.13
CA SER G 427 24.83 -63.84 -8.58
C SER G 427 23.52 -63.07 -8.47
N LYS G 428 23.58 -61.88 -7.89
CA LYS G 428 22.41 -61.02 -7.76
C LYS G 428 21.77 -60.75 -9.12
N VAL G 429 22.60 -60.30 -10.07
CA VAL G 429 22.09 -60.00 -11.40
C VAL G 429 21.41 -61.20 -12.08
N LEU G 430 22.03 -62.37 -11.97
CA LEU G 430 21.54 -63.56 -12.64
C LEU G 430 20.25 -64.10 -12.00
N THR G 431 20.25 -64.22 -10.68
CA THR G 431 19.05 -64.65 -9.97
C THR G 431 17.92 -63.71 -10.28
N ASN G 432 18.22 -62.42 -10.29
CA ASN G 432 17.20 -61.43 -10.59
C ASN G 432 16.65 -61.63 -12.00
N ALA G 433 17.54 -61.96 -12.93
CA ALA G 433 17.14 -62.19 -14.32
C ALA G 433 16.18 -63.37 -14.44
N TRP G 434 16.59 -64.52 -13.91
CA TRP G 434 15.74 -65.72 -13.98
C TRP G 434 14.42 -65.51 -13.24
N SER G 435 14.49 -64.83 -12.11
CA SER G 435 13.31 -64.56 -11.30
C SER G 435 12.30 -63.70 -12.06
N THR G 436 12.78 -62.65 -12.72
CA THR G 436 11.90 -61.79 -13.49
C THR G 436 11.33 -62.52 -14.70
N LEU G 437 12.14 -63.38 -15.31
CA LEU G 437 11.65 -64.20 -16.43
C LEU G 437 10.48 -65.06 -15.96
N TYR G 438 10.64 -65.67 -14.78
CA TYR G 438 9.56 -66.45 -14.18
C TYR G 438 8.33 -65.58 -13.94
N GLU G 439 8.52 -64.40 -13.35
CA GLU G 439 7.41 -63.48 -13.10
C GLU G 439 6.66 -63.14 -14.38
N ILE G 440 7.39 -63.00 -15.48
CA ILE G 440 6.76 -62.71 -16.77
C ILE G 440 5.94 -63.90 -17.27
N ARG G 441 6.57 -65.06 -17.33
CA ARG G 441 5.90 -66.21 -17.94
C ARG G 441 5.14 -67.13 -16.96
N LYS G 442 4.84 -66.62 -15.77
CA LYS G 442 4.23 -67.44 -14.73
C LYS G 442 2.80 -67.89 -15.04
N TYR G 443 2.08 -67.10 -15.83
CA TYR G 443 0.66 -67.37 -16.05
C TYR G 443 0.37 -68.12 -17.35
N GLN G 444 1.41 -68.35 -18.15
CA GLN G 444 1.24 -69.01 -19.43
C GLN G 444 1.41 -70.51 -19.28
N LEU G 445 0.43 -71.27 -19.74
CA LEU G 445 0.37 -72.72 -19.54
C LEU G 445 1.51 -73.47 -20.22
N ASP G 446 1.85 -73.06 -21.45
CA ASP G 446 2.88 -73.74 -22.23
C ASP G 446 4.23 -73.75 -21.53
N PHE G 447 4.50 -72.72 -20.74
CA PHE G 447 5.76 -72.63 -20.01
C PHE G 447 5.71 -73.38 -18.68
N LEU G 448 4.50 -73.57 -18.14
CA LEU G 448 4.33 -74.37 -16.93
C LEU G 448 4.46 -75.86 -17.23
N VAL G 449 3.78 -76.30 -18.29
CA VAL G 449 3.79 -77.70 -18.70
C VAL G 449 5.18 -78.14 -19.16
N SER G 450 5.89 -77.25 -19.84
CA SER G 450 7.24 -77.53 -20.30
C SER G 450 8.25 -77.53 -19.14
N ASN G 451 7.77 -77.12 -17.96
CA ASN G 451 8.60 -77.04 -16.76
C ASN G 451 9.73 -76.04 -16.95
N ASN G 452 9.48 -75.04 -17.80
CA ASN G 452 10.44 -73.99 -18.03
C ASN G 452 10.46 -73.06 -16.83
N LEU G 453 9.29 -72.87 -16.23
CA LEU G 453 9.15 -72.00 -15.07
C LEU G 453 9.92 -72.53 -13.87
N THR G 454 9.77 -73.83 -13.62
CA THR G 454 10.46 -74.47 -12.51
C THR G 454 11.97 -74.42 -12.78
N SER G 455 12.37 -74.53 -14.03
CA SER G 455 13.78 -74.44 -14.40
C SER G 455 14.32 -73.05 -14.13
N TYR G 456 13.53 -72.03 -14.44
CA TYR G 456 13.90 -70.66 -14.15
C TYR G 456 14.16 -70.52 -12.65
N LEU G 457 13.18 -70.96 -11.86
CA LEU G 457 13.28 -70.87 -10.40
C LEU G 457 14.49 -71.64 -9.88
N CYS G 458 14.76 -72.79 -10.47
CA CYS G 458 15.90 -73.61 -10.10
C CYS G 458 17.22 -72.89 -10.35
N ASN G 459 17.33 -72.31 -11.55
CA ASN G 459 18.51 -71.56 -11.93
C ASN G 459 18.72 -70.38 -10.99
N ALA G 460 17.60 -69.86 -10.47
CA ALA G 460 17.68 -68.80 -9.48
C ALA G 460 18.15 -69.34 -8.12
N MSE G 461 17.76 -70.57 -7.80
CA MSE G 461 18.05 -71.14 -6.49
C MSE G 461 19.49 -71.63 -6.36
O MSE G 461 20.03 -71.68 -5.26
CB MSE G 461 17.09 -72.30 -6.19
CG MSE G 461 15.78 -71.86 -5.54
SE MSE G 461 14.58 -73.35 -5.16
CE MSE G 461 14.10 -73.84 -6.98
N MSE G 462 20.11 -71.98 -7.48
CA MSE G 462 21.49 -72.47 -7.48
C MSE G 462 22.46 -71.41 -6.98
O MSE G 462 23.56 -71.73 -6.52
CB MSE G 462 21.91 -72.93 -8.87
CG MSE G 462 21.02 -73.98 -9.48
SE MSE G 462 21.77 -74.74 -11.11
CE MSE G 462 22.22 -73.08 -12.03
N LEU G 463 22.06 -70.15 -7.08
CA LEU G 463 22.91 -69.05 -6.68
C LEU G 463 22.42 -68.46 -5.38
N SER G 464 22.88 -69.01 -4.26
CA SER G 464 22.41 -68.60 -2.95
C SER G 464 23.32 -69.11 -1.83
N GLY G 479 18.75 -63.14 6.85
CA GLY G 479 18.94 -61.80 6.32
C GLY G 479 18.06 -61.52 5.13
N GLU G 480 18.58 -60.77 4.17
CA GLU G 480 17.86 -60.40 2.96
C GLU G 480 17.76 -61.56 1.96
N GLU G 481 18.92 -62.13 1.64
CA GLU G 481 19.00 -63.16 0.62
C GLU G 481 18.40 -64.48 1.11
N GLU G 482 18.32 -64.63 2.44
CA GLU G 482 17.69 -65.82 3.00
C GLU G 482 16.20 -65.79 2.69
N LYS G 483 15.57 -64.64 2.86
CA LYS G 483 14.16 -64.48 2.55
C LYS G 483 13.95 -64.58 1.04
N ALA G 484 14.92 -64.08 0.27
CA ALA G 484 14.86 -64.22 -1.18
C ALA G 484 14.81 -65.69 -1.61
N LEU G 485 15.77 -66.47 -1.11
CA LEU G 485 15.85 -67.90 -1.34
C LEU G 485 14.57 -68.62 -0.89
N ARG G 486 14.10 -68.24 0.29
CA ARG G 486 12.88 -68.81 0.85
C ARG G 486 11.70 -68.64 -0.09
N GLU G 487 11.47 -67.40 -0.52
CA GLU G 487 10.37 -67.11 -1.42
C GLU G 487 10.55 -67.85 -2.73
N LEU G 488 11.79 -67.97 -3.19
CA LEU G 488 12.05 -68.73 -4.42
C LEU G 488 11.59 -70.18 -4.25
N GLN G 489 11.98 -70.79 -3.14
CA GLN G 489 11.62 -72.17 -2.84
C GLN G 489 10.10 -72.34 -2.75
N PHE G 490 9.45 -71.38 -2.11
CA PHE G 490 8.00 -71.39 -2.02
C PHE G 490 7.37 -71.35 -3.42
N LYS G 491 7.83 -70.42 -4.25
CA LYS G 491 7.33 -70.31 -5.63
C LYS G 491 7.56 -71.59 -6.41
N TYR G 492 8.67 -72.27 -6.13
CA TYR G 492 8.97 -73.56 -6.74
C TYR G 492 7.92 -74.59 -6.36
N SER G 493 7.68 -74.72 -5.06
CA SER G 493 6.69 -75.65 -4.54
C SER G 493 5.30 -75.36 -5.08
N TYR G 494 4.95 -74.08 -5.10
CA TYR G 494 3.68 -73.58 -5.61
C TYR G 494 3.48 -73.89 -7.10
N THR G 495 4.56 -73.74 -7.86
CA THR G 495 4.54 -74.03 -9.30
C THR G 495 4.40 -75.53 -9.54
N LEU G 496 5.05 -76.33 -8.69
CA LEU G 496 4.90 -77.78 -8.76
C LEU G 496 3.47 -78.18 -8.41
N ALA G 497 2.87 -77.43 -7.48
CA ALA G 497 1.51 -77.68 -7.05
C ALA G 497 0.51 -77.37 -8.16
N GLN G 498 0.71 -76.24 -8.84
CA GLN G 498 -0.13 -75.90 -10.00
C GLN G 498 -0.06 -76.98 -11.07
N GLN G 499 1.13 -77.54 -11.28
CA GLN G 499 1.34 -78.60 -12.25
C GLN G 499 0.71 -79.89 -11.75
N ARG G 500 0.33 -79.88 -10.48
CA ARG G 500 -0.34 -80.97 -9.81
C ARG G 500 0.60 -82.16 -9.61
N HIS G 501 1.88 -81.82 -9.52
CA HIS G 501 2.89 -82.74 -9.02
C HIS G 501 2.88 -82.54 -7.50
N ILE G 502 1.80 -82.97 -6.86
CA ILE G 502 1.56 -82.62 -5.47
C ILE G 502 2.43 -83.44 -4.54
N GLU G 503 2.63 -84.71 -4.88
CA GLU G 503 3.42 -85.59 -4.02
C GLU G 503 4.87 -85.10 -3.90
N THR G 504 5.43 -84.58 -4.98
CA THR G 504 6.79 -84.05 -4.91
C THR G 504 6.81 -82.67 -4.27
N ALA G 505 5.78 -81.87 -4.53
CA ALA G 505 5.70 -80.52 -4.00
C ALA G 505 5.60 -80.52 -2.48
N ILE G 506 4.83 -81.46 -1.93
CA ILE G 506 4.71 -81.57 -0.48
C ILE G 506 6.05 -81.98 0.12
N LYS G 507 6.76 -82.89 -0.54
CA LYS G 507 8.05 -83.35 -0.03
C LYS G 507 9.07 -82.22 -0.02
N THR G 508 9.14 -81.48 -1.12
CA THR G 508 10.02 -80.32 -1.23
C THR G 508 9.72 -79.30 -0.15
N LEU G 509 8.42 -79.02 0.01
CA LEU G 509 7.96 -78.05 1.00
C LEU G 509 8.39 -78.50 2.40
N GLU G 510 8.16 -79.78 2.69
CA GLU G 510 8.49 -80.39 3.98
C GLU G 510 9.98 -80.27 4.31
N SER G 511 10.80 -80.80 3.41
CA SER G 511 12.24 -80.85 3.61
C SER G 511 12.92 -79.48 3.59
N LEU G 512 12.72 -78.73 2.52
CA LEU G 512 13.44 -77.47 2.32
C LEU G 512 12.98 -76.28 3.16
N ILE G 513 11.68 -75.97 3.06
CA ILE G 513 11.20 -74.69 3.58
C ILE G 513 10.73 -74.68 5.03
N LEU G 514 9.95 -75.67 5.42
CA LEU G 514 9.26 -75.61 6.72
C LEU G 514 10.02 -76.20 7.90
N SER G 515 11.13 -76.87 7.63
CA SER G 515 11.94 -77.44 8.70
C SER G 515 12.79 -76.42 9.45
N LYS G 516 12.84 -75.19 8.95
CA LYS G 516 13.69 -74.16 9.57
C LYS G 516 12.96 -72.83 9.72
N ASN G 517 11.69 -72.80 9.34
CA ASN G 517 10.88 -71.59 9.40
C ASN G 517 9.44 -71.79 9.85
N PRO G 518 9.20 -71.85 11.16
CA PRO G 518 7.82 -72.04 11.61
C PRO G 518 6.98 -70.77 11.40
N ASN G 519 7.65 -69.65 11.19
CA ASN G 519 6.99 -68.35 11.07
C ASN G 519 6.57 -67.99 9.64
N TYR G 520 6.67 -68.95 8.73
CA TYR G 520 6.45 -68.69 7.30
C TYR G 520 5.12 -69.33 6.90
N TYR G 521 4.05 -68.53 6.90
CA TYR G 521 2.70 -69.07 6.92
C TYR G 521 2.16 -69.31 5.52
N LYS G 522 2.90 -68.81 4.53
CA LYS G 522 2.52 -68.90 3.13
C LYS G 522 2.61 -70.36 2.73
N ALA G 523 3.72 -70.96 3.15
CA ALA G 523 4.04 -72.34 2.81
C ALA G 523 3.30 -73.31 3.72
N TRP G 524 2.85 -72.83 4.87
CA TRP G 524 2.03 -73.66 5.74
C TRP G 524 0.66 -73.82 5.12
N HIS G 525 0.11 -72.72 4.60
CA HIS G 525 -1.17 -72.79 3.93
C HIS G 525 -1.05 -73.60 2.64
N LEU G 526 0.08 -73.44 1.94
CA LEU G 526 0.30 -74.22 0.72
C LEU G 526 0.39 -75.71 1.03
N LEU G 527 1.05 -76.06 2.14
CA LEU G 527 1.18 -77.45 2.56
C LEU G 527 -0.19 -78.02 2.88
N ALA G 528 -0.97 -77.22 3.61
CA ALA G 528 -2.32 -77.63 3.96
C ALA G 528 -3.16 -77.90 2.73
N LEU G 529 -3.14 -76.97 1.78
CA LEU G 529 -3.94 -77.12 0.55
C LEU G 529 -3.50 -78.28 -0.33
N CYS G 530 -2.19 -78.50 -0.46
CA CYS G 530 -1.69 -79.60 -1.26
C CYS G 530 -2.02 -80.95 -0.62
N ARG G 531 -1.87 -81.01 0.70
CA ARG G 531 -2.10 -82.24 1.42
C ARG G 531 -3.60 -82.51 1.57
N SER G 532 -4.41 -81.49 1.31
CA SER G 532 -5.87 -81.59 1.40
C SER G 532 -6.50 -82.53 0.36
N VAL G 533 -5.80 -82.82 -0.73
CA VAL G 533 -6.36 -83.59 -1.83
C VAL G 533 -6.68 -85.04 -1.44
N GLN G 534 -5.91 -85.56 -0.49
CA GLN G 534 -6.02 -86.94 -0.01
C GLN G 534 -7.35 -87.23 0.69
N GLU G 535 -7.93 -88.39 0.37
CA GLU G 535 -9.23 -88.81 0.90
C GLU G 535 -9.39 -88.54 2.41
N ASP G 536 -8.28 -88.60 3.13
CA ASP G 536 -8.22 -88.28 4.55
C ASP G 536 -7.76 -86.85 4.78
N LYS G 537 -8.60 -86.07 5.46
CA LYS G 537 -8.31 -84.66 5.67
C LYS G 537 -7.80 -84.45 7.08
N GLU G 538 -7.27 -85.52 7.65
CA GLU G 538 -6.77 -85.46 9.01
C GLU G 538 -5.47 -84.68 9.07
N MSE G 539 -4.48 -85.09 8.27
CA MSE G 539 -3.21 -84.38 8.19
C MSE G 539 -3.43 -82.90 7.92
O MSE G 539 -3.02 -82.05 8.70
CB MSE G 539 -2.31 -85.00 7.12
CG MSE G 539 -0.90 -85.30 7.62
SE MSE G 539 0.15 -86.52 6.51
CE MSE G 539 -1.12 -88.00 6.37
N SER G 540 -4.12 -82.60 6.82
CA SER G 540 -4.29 -81.23 6.36
C SER G 540 -5.07 -80.36 7.33
N TYR G 541 -6.17 -80.89 7.84
CA TYR G 541 -7.00 -80.16 8.79
C TYR G 541 -6.22 -79.87 10.07
N LYS G 542 -5.51 -80.88 10.59
CA LYS G 542 -4.75 -80.68 11.82
C LYS G 542 -3.67 -79.64 11.57
N ILE G 543 -3.11 -79.64 10.35
CA ILE G 543 -2.14 -78.62 9.98
C ILE G 543 -2.76 -77.23 10.03
N VAL G 544 -3.90 -77.05 9.38
CA VAL G 544 -4.56 -75.74 9.37
C VAL G 544 -4.91 -75.26 10.78
N CYS G 545 -5.33 -76.20 11.64
CA CYS G 545 -5.68 -75.86 13.00
C CYS G 545 -4.45 -75.36 13.75
N SER G 546 -3.38 -76.14 13.68
CA SER G 546 -2.15 -75.79 14.38
C SER G 546 -1.59 -74.45 13.88
N VAL G 547 -1.55 -74.26 12.56
CA VAL G 547 -1.03 -73.04 11.98
C VAL G 547 -1.86 -71.83 12.38
N LEU G 548 -3.18 -72.00 12.41
CA LEU G 548 -4.07 -70.93 12.86
C LEU G 548 -3.78 -70.58 14.31
N GLU G 549 -3.56 -71.60 15.13
CA GLU G 549 -3.23 -71.38 16.54
C GLU G 549 -1.91 -70.63 16.71
N ALA G 550 -0.89 -71.02 15.97
CA ALA G 550 0.41 -70.37 16.00
C ALA G 550 0.31 -68.91 15.56
N MSE G 551 -0.49 -68.68 14.52
CA MSE G 551 -0.73 -67.36 13.98
C MSE G 551 -1.46 -66.51 15.02
O MSE G 551 -1.26 -65.30 15.10
CB MSE G 551 -1.56 -67.45 12.70
CG MSE G 551 -1.04 -66.62 11.55
SE MSE G 551 -1.87 -67.14 9.86
CE MSE G 551 -1.01 -65.85 8.69
N ASN G 552 -2.31 -67.17 15.80
CA ASN G 552 -2.99 -66.53 16.92
C ASN G 552 -2.01 -66.14 18.01
N GLU G 553 -1.01 -67.00 18.25
CA GLU G 553 0.03 -66.68 19.22
C GLU G 553 0.82 -65.45 18.77
N SER G 554 1.24 -65.47 17.51
CA SER G 554 2.02 -64.39 16.92
C SER G 554 1.27 -63.08 16.75
N LEU G 555 -0.06 -63.15 16.61
CA LEU G 555 -0.88 -61.95 16.35
C LEU G 555 -0.92 -60.92 17.47
N GLN G 556 -1.35 -61.33 18.66
CA GLN G 556 -1.59 -60.37 19.73
C GLN G 556 -0.36 -60.23 20.62
N ASN G 557 0.20 -61.36 21.04
CA ASN G 557 1.32 -61.35 21.95
C ASN G 557 2.53 -60.69 21.29
N ASN G 558 2.66 -60.94 19.99
CA ASN G 558 3.70 -60.34 19.17
C ASN G 558 3.04 -59.58 18.03
N THR G 559 3.82 -58.87 17.22
CA THR G 559 3.29 -58.17 16.05
C THR G 559 4.29 -58.17 14.91
N LEU G 560 4.50 -59.33 14.30
CA LEU G 560 5.50 -59.50 13.23
C LEU G 560 4.82 -59.62 11.86
N LEU G 561 3.50 -59.66 11.86
CA LEU G 561 2.70 -59.85 10.65
C LEU G 561 2.21 -58.57 9.96
N LEU G 562 2.56 -58.39 8.68
CA LEU G 562 1.97 -57.32 7.87
C LEU G 562 1.18 -57.79 6.63
N ASN G 563 1.87 -58.40 5.67
CA ASN G 563 1.18 -58.98 4.53
C ASN G 563 0.42 -60.23 4.91
N ASP G 564 0.95 -60.95 5.90
CA ASP G 564 0.40 -62.24 6.31
C ASP G 564 -0.98 -62.09 6.96
N ARG G 565 -1.33 -60.87 7.34
CA ARG G 565 -2.62 -60.61 7.97
C ARG G 565 -3.78 -61.02 7.04
N TRP G 566 -3.61 -60.87 5.73
CA TRP G 566 -4.58 -61.36 4.73
C TRP G 566 -4.66 -62.90 4.71
N GLN G 567 -3.48 -63.51 4.79
CA GLN G 567 -3.34 -64.96 4.82
C GLN G 567 -4.07 -65.52 6.04
N PHE G 568 -4.13 -64.74 7.12
CA PHE G 568 -4.85 -65.17 8.32
C PHE G 568 -6.31 -65.49 7.99
N ILE G 569 -7.02 -64.51 7.44
CA ILE G 569 -8.43 -64.69 7.09
C ILE G 569 -8.58 -65.84 6.12
N HIS G 570 -7.77 -65.85 5.07
CA HIS G 570 -7.91 -66.91 4.07
C HIS G 570 -7.66 -68.33 4.61
N LEU G 571 -6.72 -68.43 5.53
CA LEU G 571 -6.43 -69.68 6.24
C LEU G 571 -7.64 -70.13 7.06
N LYS G 572 -8.27 -69.18 7.75
CA LYS G 572 -9.46 -69.48 8.53
C LYS G 572 -10.60 -69.99 7.64
N LEU G 573 -10.77 -69.34 6.49
CA LEU G 573 -11.79 -69.75 5.51
C LEU G 573 -11.52 -71.16 5.00
N THR G 574 -10.24 -71.45 4.76
CA THR G 574 -9.82 -72.79 4.36
C THR G 574 -10.16 -73.80 5.44
N GLN G 575 -9.97 -73.40 6.70
CA GLN G 575 -10.35 -74.25 7.81
C GLN G 575 -11.84 -74.54 7.72
N LEU G 576 -12.63 -73.50 7.46
CA LEU G 576 -14.08 -73.65 7.33
C LEU G 576 -14.46 -74.68 6.25
N ALA G 577 -13.80 -74.57 5.09
CA ALA G 577 -14.05 -75.50 3.99
C ALA G 577 -13.68 -76.95 4.38
N LEU G 578 -12.55 -77.09 5.08
CA LEU G 578 -12.08 -78.39 5.57
C LEU G 578 -13.05 -79.04 6.57
N ILE G 579 -13.48 -78.25 7.55
CA ILE G 579 -14.51 -78.67 8.51
C ILE G 579 -15.78 -79.09 7.78
N GLU G 580 -16.17 -78.28 6.81
CA GLU G 580 -17.35 -78.52 6.01
C GLU G 580 -17.27 -79.90 5.35
N GLU G 581 -16.07 -80.25 4.89
CA GLU G 581 -15.87 -81.54 4.24
C GLU G 581 -15.78 -82.70 5.25
N ILE G 582 -15.20 -82.44 6.42
CA ILE G 582 -15.01 -83.50 7.41
C ILE G 582 -16.28 -83.73 8.22
N PHE G 583 -16.86 -82.64 8.72
CA PHE G 583 -18.07 -82.72 9.52
C PHE G 583 -19.27 -82.24 8.72
N GLY G 584 -20.35 -81.87 9.40
CA GLY G 584 -21.55 -81.45 8.70
C GLY G 584 -21.43 -80.03 8.19
N THR G 585 -22.25 -79.70 7.20
CA THR G 585 -22.25 -78.36 6.61
C THR G 585 -22.78 -77.33 7.61
N LEU G 586 -23.70 -77.77 8.47
CA LEU G 586 -24.27 -76.90 9.50
C LEU G 586 -23.23 -76.65 10.59
N GLU G 587 -22.52 -77.72 10.99
CA GLU G 587 -21.46 -77.60 11.97
C GLU G 587 -20.35 -76.68 11.44
N ALA G 588 -20.21 -76.65 10.12
CA ALA G 588 -19.28 -75.72 9.48
C ALA G 588 -19.85 -74.31 9.53
N LEU G 589 -21.16 -74.20 9.38
CA LEU G 589 -21.85 -72.92 9.49
C LEU G 589 -21.66 -72.33 10.89
N GLU G 590 -21.51 -73.21 11.88
CA GLU G 590 -21.38 -72.81 13.29
C GLU G 590 -20.18 -71.93 13.62
N THR G 591 -19.02 -72.22 13.03
CA THR G 591 -17.78 -71.56 13.42
C THR G 591 -17.50 -70.30 12.59
N LEU G 592 -18.48 -69.89 11.79
CA LEU G 592 -18.34 -68.71 10.93
C LEU G 592 -18.06 -67.37 11.65
N PRO G 593 -18.77 -67.06 12.77
CA PRO G 593 -18.54 -65.75 13.40
C PRO G 593 -17.09 -65.45 13.77
N GLU G 594 -16.27 -66.48 13.91
CA GLU G 594 -14.86 -66.30 14.26
C GLU G 594 -14.11 -65.54 13.16
N VAL G 595 -14.51 -65.76 11.91
CA VAL G 595 -13.87 -65.11 10.78
C VAL G 595 -14.08 -63.60 10.79
N PHE G 596 -15.31 -63.20 11.10
CA PHE G 596 -15.65 -61.79 11.16
C PHE G 596 -14.99 -61.13 12.36
N GLU G 597 -14.91 -61.87 13.47
CA GLU G 597 -14.17 -61.42 14.64
C GLU G 597 -12.70 -61.22 14.29
N LEU G 598 -12.14 -62.16 13.53
CA LEU G 598 -10.76 -62.07 13.08
C LEU G 598 -10.56 -60.83 12.21
N TYR G 599 -11.47 -60.63 11.27
CA TYR G 599 -11.41 -59.48 10.37
C TYR G 599 -11.49 -58.17 11.17
N ALA G 600 -12.45 -58.10 12.09
CA ALA G 600 -12.63 -56.93 12.95
C ALA G 600 -11.40 -56.71 13.83
N THR G 601 -10.82 -57.79 14.32
CA THR G 601 -9.62 -57.72 15.17
C THR G 601 -8.38 -57.34 14.37
N LEU G 602 -8.16 -58.03 13.26
CA LEU G 602 -7.00 -57.81 12.41
C LEU G 602 -6.97 -56.41 11.80
N PHE G 603 -8.14 -55.90 11.43
CA PHE G 603 -8.23 -54.60 10.79
C PHE G 603 -8.97 -53.59 11.66
N MSE G 613 -2.90 -53.71 0.75
CA MSE G 613 -1.46 -53.88 0.80
C MSE G 613 -0.80 -53.53 -0.54
O MSE G 613 0.37 -53.14 -0.58
CB MSE G 613 -1.09 -55.31 1.20
CG MSE G 613 -1.61 -56.36 0.24
SE MSE G 613 -1.25 -58.17 0.83
CE MSE G 613 -2.15 -59.12 -0.61
N GLY G 614 -1.55 -53.69 -1.62
CA GLY G 614 -1.06 -53.29 -2.93
C GLY G 614 -1.80 -52.06 -3.43
N PRO G 615 -1.62 -51.72 -4.71
CA PRO G 615 -2.29 -50.52 -5.22
C PRO G 615 -3.54 -50.84 -6.04
N LYS G 616 -3.88 -52.12 -6.19
CA LYS G 616 -5.06 -52.49 -6.96
C LYS G 616 -6.21 -52.92 -6.03
N TYR G 617 -7.36 -53.21 -6.64
CA TYR G 617 -8.56 -53.53 -5.88
C TYR G 617 -8.56 -54.98 -5.43
N SER G 618 -7.85 -55.83 -6.17
CA SER G 618 -7.74 -57.25 -5.83
C SER G 618 -6.98 -57.47 -4.51
N GLN G 619 -6.29 -56.43 -4.02
CA GLN G 619 -5.46 -56.57 -2.83
C GLN G 619 -5.82 -55.61 -1.70
N THR G 620 -7.05 -55.12 -1.69
CA THR G 620 -7.46 -54.19 -0.65
C THR G 620 -8.34 -54.85 0.42
N LYS G 621 -8.27 -54.28 1.62
CA LYS G 621 -8.99 -54.75 2.80
C LYS G 621 -10.50 -54.95 2.60
N GLU G 622 -11.12 -53.98 1.93
CA GLU G 622 -12.56 -53.99 1.73
C GLU G 622 -12.92 -55.14 0.79
N TYR G 623 -12.06 -55.37 -0.18
CA TYR G 623 -12.19 -56.51 -1.08
C TYR G 623 -12.20 -57.81 -0.31
N LEU G 624 -11.27 -57.93 0.64
CA LEU G 624 -11.18 -59.12 1.48
C LEU G 624 -12.52 -59.30 2.16
N LEU G 625 -13.07 -58.22 2.72
CA LEU G 625 -14.38 -58.32 3.36
C LEU G 625 -15.43 -58.89 2.41
N GLN G 626 -15.48 -58.36 1.19
CA GLN G 626 -16.44 -58.84 0.19
C GLN G 626 -16.24 -60.34 -0.10
N MSE G 627 -14.99 -60.77 -0.15
CA MSE G 627 -14.67 -62.18 -0.39
C MSE G 627 -15.20 -63.06 0.73
O MSE G 627 -15.75 -64.13 0.48
CB MSE G 627 -13.16 -62.37 -0.54
CG MSE G 627 -12.55 -61.72 -1.77
SE MSE G 627 -13.22 -62.48 -3.45
CE MSE G 627 -12.84 -64.35 -3.11
N VAL G 628 -15.04 -62.60 1.97
CA VAL G 628 -15.59 -63.33 3.11
C VAL G 628 -17.10 -63.48 2.97
N TRP G 629 -17.77 -62.37 2.65
CA TRP G 629 -19.21 -62.43 2.47
C TRP G 629 -19.62 -63.39 1.36
N ILE G 630 -18.86 -63.42 0.27
CA ILE G 630 -19.13 -64.34 -0.83
C ILE G 630 -18.95 -65.81 -0.40
N PHE G 631 -17.90 -66.10 0.37
CA PHE G 631 -17.71 -67.46 0.89
C PHE G 631 -18.89 -67.91 1.74
N ALA G 632 -19.23 -67.07 2.71
CA ALA G 632 -20.36 -67.33 3.60
C ALA G 632 -21.60 -67.57 2.75
N ALA G 633 -21.73 -66.76 1.70
CA ALA G 633 -22.82 -66.87 0.76
C ALA G 633 -22.84 -68.25 0.12
N ASN G 634 -21.69 -68.72 -0.37
CA ASN G 634 -21.63 -70.06 -0.98
C ASN G 634 -22.05 -71.16 -0.01
N MSE G 635 -21.57 -71.09 1.22
CA MSE G 635 -21.93 -72.09 2.21
C MSE G 635 -23.43 -72.10 2.49
O MSE G 635 -24.08 -73.14 2.42
CB MSE G 635 -21.16 -71.88 3.51
CG MSE G 635 -19.67 -72.10 3.39
SE MSE G 635 -18.74 -71.90 5.08
CE MSE G 635 -19.69 -73.27 6.07
N TYR G 636 -23.98 -70.92 2.79
CA TYR G 636 -25.42 -70.79 3.05
C TYR G 636 -26.25 -71.21 1.83
N MSE G 637 -25.78 -70.82 0.65
CA MSE G 637 -26.43 -71.12 -0.62
C MSE G 637 -26.57 -72.61 -0.85
O MSE G 637 -27.65 -73.08 -1.21
CB MSE G 637 -25.61 -70.52 -1.79
CG MSE G 637 -25.85 -69.05 -2.07
SE MSE G 637 -27.51 -68.81 -3.03
CE MSE G 637 -27.39 -70.39 -4.13
N ARG G 638 -25.47 -73.32 -0.68
CA ARG G 638 -25.44 -74.77 -0.90
C ARG G 638 -26.48 -75.49 -0.05
N THR G 639 -26.74 -74.99 1.15
CA THR G 639 -27.75 -75.58 2.03
C THR G 639 -29.16 -75.15 1.64
N LYS G 640 -30.05 -76.12 1.51
CA LYS G 640 -31.44 -75.85 1.12
C LYS G 640 -32.24 -75.12 2.19
N ASP G 641 -31.74 -75.12 3.42
CA ASP G 641 -32.51 -74.59 4.54
C ASP G 641 -32.40 -73.08 4.69
N ASN G 642 -31.21 -72.54 4.45
CA ASN G 642 -31.00 -71.11 4.62
C ASN G 642 -30.63 -70.38 3.34
N ASP G 643 -31.63 -69.91 2.60
CA ASP G 643 -31.39 -69.16 1.38
C ASP G 643 -31.39 -67.64 1.64
N GLU G 644 -32.13 -67.23 2.67
CA GLU G 644 -32.21 -65.82 3.06
C GLU G 644 -30.91 -65.28 3.64
N ASP G 645 -30.19 -66.13 4.37
CA ASP G 645 -28.90 -65.75 4.92
C ASP G 645 -27.94 -65.40 3.80
N ALA G 646 -28.03 -66.19 2.73
CA ALA G 646 -27.25 -65.96 1.51
C ALA G 646 -27.62 -64.63 0.87
N LYS G 647 -28.92 -64.31 0.89
CA LYS G 647 -29.37 -63.03 0.36
C LYS G 647 -28.69 -61.93 1.15
N ALA G 648 -28.66 -62.08 2.46
CA ALA G 648 -27.97 -61.11 3.32
C ALA G 648 -26.48 -61.01 2.96
N ALA G 649 -25.85 -62.15 2.70
CA ALA G 649 -24.44 -62.16 2.32
C ALA G 649 -24.14 -61.41 1.02
N ILE G 650 -24.90 -61.70 -0.03
CA ILE G 650 -24.74 -61.02 -1.32
C ILE G 650 -25.11 -59.54 -1.22
N LYS G 651 -26.16 -59.24 -0.47
CA LYS G 651 -26.56 -57.86 -0.20
C LYS G 651 -25.40 -57.13 0.45
N GLU G 652 -24.77 -57.79 1.42
CA GLU G 652 -23.61 -57.21 2.06
C GLU G 652 -22.50 -57.01 1.05
N ALA G 653 -22.34 -57.96 0.13
CA ALA G 653 -21.29 -57.86 -0.88
C ALA G 653 -21.48 -56.62 -1.76
N SER G 654 -22.70 -56.42 -2.26
CA SER G 654 -22.98 -55.25 -3.07
C SER G 654 -22.95 -54.01 -2.18
N ASN G 655 -23.37 -54.18 -0.92
CA ASN G 655 -23.37 -53.09 0.03
C ASN G 655 -22.16 -53.06 0.97
N VAL G 656 -21.02 -53.48 0.45
CA VAL G 656 -19.76 -53.17 1.10
C VAL G 656 -19.40 -51.91 0.35
N GLU G 657 -20.05 -50.80 0.73
CA GLU G 657 -19.82 -49.49 0.12
C GLU G 657 -18.33 -49.25 -0.09
N SER G 658 -17.86 -49.69 -1.25
CA SER G 658 -16.49 -49.43 -1.68
C SER G 658 -16.51 -48.53 -2.92
N ASN G 662 -16.73 -57.68 -5.59
CA ASN G 662 -16.20 -57.46 -6.94
C ASN G 662 -17.02 -58.19 -7.99
N LEU G 663 -16.35 -59.08 -8.72
CA LEU G 663 -16.94 -59.88 -9.78
C LEU G 663 -17.58 -61.11 -9.18
N ASN G 664 -17.07 -61.51 -8.04
CA ASN G 664 -17.55 -62.67 -7.34
C ASN G 664 -18.92 -62.37 -6.73
N CYS G 665 -19.22 -61.08 -6.56
CA CYS G 665 -20.55 -60.67 -6.16
C CYS G 665 -21.53 -61.00 -7.29
N ASN G 666 -21.08 -60.86 -8.53
CA ASN G 666 -21.88 -61.19 -9.69
C ASN G 666 -22.02 -62.70 -9.85
N ILE G 667 -20.95 -63.44 -9.56
CA ILE G 667 -21.00 -64.89 -9.64
C ILE G 667 -21.95 -65.45 -8.59
N ALA G 668 -21.91 -64.82 -7.41
CA ALA G 668 -22.78 -65.19 -6.31
C ALA G 668 -24.22 -64.87 -6.65
N ASN G 669 -24.46 -63.68 -7.20
CA ASN G 669 -25.79 -63.29 -7.64
C ASN G 669 -26.33 -64.22 -8.72
N GLY G 670 -25.42 -64.72 -9.55
CA GLY G 670 -25.76 -65.64 -10.61
C GLY G 670 -26.18 -66.99 -10.05
N TYR G 671 -25.38 -67.52 -9.13
CA TYR G 671 -25.71 -68.80 -8.51
C TYR G 671 -26.99 -68.73 -7.64
N LEU G 672 -27.22 -67.60 -6.98
CA LEU G 672 -28.45 -67.38 -6.18
C LEU G 672 -29.70 -67.26 -7.08
N SER G 673 -29.57 -67.50 -8.37
CA SER G 673 -30.74 -67.32 -9.24
C SER G 673 -31.76 -68.44 -9.03
N ILE G 674 -31.32 -69.56 -8.47
CA ILE G 674 -32.23 -70.65 -8.09
C ILE G 674 -33.28 -70.20 -7.07
N PRO G 679 -33.05 -69.20 -12.99
CA PRO G 679 -33.50 -69.63 -14.33
C PRO G 679 -32.53 -69.26 -15.47
N GLY G 680 -32.77 -68.10 -16.07
CA GLY G 680 -31.96 -67.63 -17.18
C GLY G 680 -31.25 -66.36 -16.76
N VAL G 681 -31.71 -65.80 -15.65
CA VAL G 681 -31.10 -64.59 -15.09
C VAL G 681 -29.67 -64.92 -14.70
N ALA G 682 -29.48 -66.15 -14.21
CA ALA G 682 -28.17 -66.68 -13.90
C ALA G 682 -27.29 -66.69 -15.13
N LEU G 683 -27.87 -67.09 -16.25
CA LEU G 683 -27.17 -67.17 -17.53
C LEU G 683 -26.61 -65.80 -17.93
N LYS G 684 -27.47 -64.78 -17.88
CA LYS G 684 -27.08 -63.41 -18.19
C LYS G 684 -25.95 -62.98 -17.28
N GLU G 685 -26.14 -63.29 -15.99
CA GLU G 685 -25.16 -62.95 -14.98
C GLU G 685 -23.80 -63.56 -15.30
N PHE G 686 -23.77 -64.83 -15.67
CA PHE G 686 -22.51 -65.51 -15.99
C PHE G 686 -21.84 -64.99 -17.24
N GLU G 687 -22.60 -64.63 -18.28
CA GLU G 687 -21.97 -64.01 -19.45
C GLU G 687 -21.30 -62.68 -19.06
N THR G 688 -22.03 -61.88 -18.28
CA THR G 688 -21.51 -60.59 -17.84
C THR G 688 -20.24 -60.82 -17.02
N VAL G 689 -20.25 -61.88 -16.23
CA VAL G 689 -19.06 -62.29 -15.45
C VAL G 689 -17.90 -62.67 -16.34
N LEU G 690 -18.20 -63.41 -17.41
CA LEU G 690 -17.15 -63.90 -18.29
C LEU G 690 -16.45 -62.81 -19.03
N TYR G 691 -17.15 -61.70 -19.26
CA TYR G 691 -16.50 -60.61 -19.98
C TYR G 691 -15.35 -60.09 -19.13
N TYR G 692 -15.55 -60.02 -17.82
CA TYR G 692 -14.54 -59.42 -16.95
C TYR G 692 -13.27 -60.21 -16.69
N ASP G 693 -13.38 -61.51 -16.88
CA ASP G 693 -12.31 -62.45 -16.72
C ASP G 693 -12.64 -63.58 -17.66
N GLU G 694 -11.90 -63.65 -18.74
CA GLU G 694 -12.18 -64.61 -19.78
C GLU G 694 -12.15 -65.99 -19.13
N ASN G 695 -11.05 -66.30 -18.47
CA ASN G 695 -10.84 -67.64 -17.93
C ASN G 695 -11.45 -67.95 -16.55
N ASN G 696 -12.36 -67.12 -16.05
CA ASN G 696 -12.88 -67.36 -14.69
C ASN G 696 -13.48 -68.75 -14.53
N LEU G 697 -13.11 -69.43 -13.44
CA LEU G 697 -13.33 -70.86 -13.30
C LEU G 697 -14.77 -71.20 -12.91
N ASP G 698 -15.22 -70.72 -11.75
CA ASP G 698 -16.53 -71.07 -11.27
C ASP G 698 -17.62 -70.47 -12.15
N ALA G 699 -17.27 -69.40 -12.86
CA ALA G 699 -18.15 -68.84 -13.89
C ALA G 699 -18.36 -69.82 -15.04
N LEU G 700 -17.27 -70.39 -15.54
CA LEU G 700 -17.33 -71.39 -16.60
C LEU G 700 -18.11 -72.62 -16.15
N VAL G 701 -17.84 -73.06 -14.92
CA VAL G 701 -18.48 -74.24 -14.37
C VAL G 701 -19.98 -74.00 -14.20
N GLY G 702 -20.34 -72.82 -13.72
CA GLY G 702 -21.74 -72.46 -13.56
C GLY G 702 -22.47 -72.36 -14.88
N PHE G 703 -21.84 -71.69 -15.84
CA PHE G 703 -22.36 -71.56 -17.20
C PHE G 703 -22.66 -72.94 -17.78
N ALA G 704 -21.69 -73.84 -17.64
CA ALA G 704 -21.83 -75.20 -18.12
C ALA G 704 -22.93 -75.94 -17.36
N GLU G 705 -23.10 -75.61 -16.08
CA GLU G 705 -24.16 -76.20 -15.27
C GLU G 705 -25.51 -75.80 -15.83
N LEU G 706 -25.60 -74.54 -16.25
CA LEU G 706 -26.82 -74.03 -16.85
C LEU G 706 -27.10 -74.71 -18.18
N ILE G 707 -26.06 -75.02 -18.93
CA ILE G 707 -26.27 -75.73 -20.20
C ILE G 707 -26.42 -77.24 -19.98
N PHE G 708 -25.91 -77.73 -18.85
CA PHE G 708 -26.00 -79.15 -18.52
C PHE G 708 -26.58 -79.36 -17.14
N ASN G 731 -36.12 -71.29 -25.86
CA ASN G 731 -36.08 -71.99 -27.13
C ASN G 731 -35.02 -73.09 -27.13
N ASP G 732 -34.72 -73.59 -28.33
CA ASP G 732 -33.73 -74.65 -28.50
C ASP G 732 -32.51 -74.09 -29.23
N THR G 733 -32.76 -73.22 -30.20
CA THR G 733 -31.69 -72.56 -30.94
C THR G 733 -30.91 -71.65 -29.99
N ASP G 734 -31.61 -71.14 -28.99
CA ASP G 734 -31.00 -70.31 -27.94
C ASP G 734 -30.04 -71.20 -27.14
N ARG G 735 -30.44 -72.45 -26.95
CA ARG G 735 -29.62 -73.42 -26.25
C ARG G 735 -28.41 -73.79 -27.09
N SER G 736 -28.60 -73.84 -28.41
CA SER G 736 -27.50 -74.14 -29.32
C SER G 736 -26.47 -73.01 -29.39
N ALA G 737 -26.95 -71.77 -29.33
CA ALA G 737 -26.06 -70.61 -29.35
C ALA G 737 -25.26 -70.60 -28.07
N ALA G 738 -25.96 -70.82 -26.95
CA ALA G 738 -25.29 -70.86 -25.66
C ALA G 738 -24.28 -72.01 -25.60
N TYR G 739 -24.64 -73.12 -26.22
CA TYR G 739 -23.81 -74.32 -26.30
C TYR G 739 -22.51 -74.02 -27.04
N ALA G 740 -22.64 -73.34 -28.18
CA ALA G 740 -21.48 -72.97 -28.97
C ALA G 740 -20.58 -72.06 -28.17
N ARG G 741 -21.20 -71.10 -27.47
CA ARG G 741 -20.44 -70.19 -26.62
C ARG G 741 -19.66 -70.98 -25.59
N LEU G 742 -20.32 -71.92 -24.91
CA LEU G 742 -19.66 -72.73 -23.89
C LEU G 742 -18.48 -73.51 -24.43
N LYS G 743 -18.66 -74.14 -25.59
CA LYS G 743 -17.56 -74.91 -26.18
C LYS G 743 -16.35 -74.00 -26.45
N PHE G 744 -16.59 -72.89 -27.14
CA PHE G 744 -15.52 -71.91 -27.40
C PHE G 744 -14.82 -71.50 -26.09
N LEU G 745 -15.65 -71.21 -25.09
CA LEU G 745 -15.19 -70.80 -23.77
C LEU G 745 -14.23 -71.81 -23.15
N LEU G 746 -14.63 -73.06 -23.16
CA LEU G 746 -13.81 -74.13 -22.59
C LEU G 746 -12.53 -74.32 -23.39
N GLU G 747 -12.59 -74.19 -24.71
CA GLU G 747 -11.38 -74.32 -25.53
C GLU G 747 -10.34 -73.25 -25.14
N CYS G 748 -10.83 -72.02 -25.01
CA CYS G 748 -9.97 -70.92 -24.60
C CYS G 748 -9.44 -71.15 -23.19
N ALA G 749 -10.28 -71.67 -22.31
CA ALA G 749 -9.89 -71.94 -20.94
C ALA G 749 -8.78 -72.99 -20.86
N ILE G 750 -8.89 -73.99 -21.72
CA ILE G 750 -7.90 -75.07 -21.78
C ILE G 750 -6.57 -74.55 -22.31
N LEU G 751 -6.61 -73.55 -23.19
CA LEU G 751 -5.36 -73.07 -23.77
C LEU G 751 -4.75 -71.84 -23.08
N GLU G 752 -5.49 -71.20 -22.19
CA GLU G 752 -5.00 -69.97 -21.58
C GLU G 752 -4.79 -70.07 -20.07
N SER G 753 -5.82 -70.49 -19.34
CA SER G 753 -5.76 -70.52 -17.89
C SER G 753 -5.10 -71.80 -17.42
N ILE G 754 -4.12 -71.67 -16.53
CA ILE G 754 -3.49 -72.85 -15.94
C ILE G 754 -4.49 -73.55 -15.04
N GLU G 755 -5.14 -72.76 -14.19
CA GLU G 755 -6.09 -73.29 -13.22
C GLU G 755 -7.25 -74.02 -13.90
N ALA G 756 -7.60 -73.60 -15.11
CA ALA G 756 -8.71 -74.20 -15.83
C ALA G 756 -8.29 -75.53 -16.44
N TYR G 757 -7.04 -75.61 -16.87
CA TYR G 757 -6.51 -76.82 -17.50
C TYR G 757 -6.52 -77.99 -16.52
N TYR G 758 -6.17 -77.70 -15.28
CA TYR G 758 -6.08 -78.74 -14.26
C TYR G 758 -7.34 -78.79 -13.41
N SER G 759 -8.47 -78.50 -14.05
CA SER G 759 -9.77 -78.57 -13.37
C SER G 759 -10.56 -79.76 -13.90
N PRO G 760 -10.96 -80.66 -12.99
CA PRO G 760 -11.68 -81.89 -13.35
C PRO G 760 -13.06 -81.62 -13.92
N GLU G 761 -13.68 -80.51 -13.48
CA GLU G 761 -15.02 -80.18 -13.88
C GLU G 761 -15.04 -79.64 -15.32
N VAL G 762 -14.02 -78.85 -15.65
CA VAL G 762 -13.87 -78.31 -16.99
C VAL G 762 -13.75 -79.47 -17.97
N TRP G 763 -12.96 -80.47 -17.60
CA TRP G 763 -12.77 -81.64 -18.44
C TRP G 763 -14.03 -82.50 -18.46
N TRP G 764 -14.81 -82.46 -17.38
CA TRP G 764 -16.07 -83.18 -17.33
C TRP G 764 -17.03 -82.64 -18.38
N TYR G 765 -17.29 -81.34 -18.32
CA TYR G 765 -18.20 -80.69 -19.25
C TYR G 765 -17.68 -80.72 -20.68
N LEU G 766 -16.35 -80.68 -20.80
CA LEU G 766 -15.72 -80.76 -22.11
C LEU G 766 -15.96 -82.13 -22.73
N SER G 767 -15.88 -83.18 -21.90
CA SER G 767 -16.17 -84.54 -22.33
C SER G 767 -17.65 -84.69 -22.69
N LEU G 768 -18.50 -84.09 -21.86
CA LEU G 768 -19.94 -84.10 -22.09
C LEU G 768 -20.30 -83.43 -23.42
N ILE G 769 -19.53 -82.41 -23.81
CA ILE G 769 -19.70 -81.79 -25.13
C ILE G 769 -19.24 -82.75 -26.22
N TYR G 770 -18.11 -83.41 -25.99
CA TYR G 770 -17.48 -84.26 -27.00
C TYR G 770 -18.21 -85.60 -27.17
N GLU G 771 -19.43 -85.71 -26.63
CA GLU G 771 -20.21 -86.94 -26.71
C GLU G 771 -20.48 -87.38 -28.15
N LYS G 772 -20.22 -86.49 -29.11
CA LYS G 772 -20.47 -86.77 -30.51
C LYS G 772 -19.17 -87.20 -31.19
N ASP G 776 -12.04 -88.94 -30.83
CA ASP G 776 -10.78 -89.38 -30.26
C ASP G 776 -10.45 -88.59 -28.99
N GLU G 777 -10.96 -87.36 -28.94
CA GLU G 777 -10.78 -86.48 -27.80
C GLU G 777 -11.62 -86.86 -26.58
N TYR G 778 -12.71 -87.59 -26.81
CA TYR G 778 -13.64 -87.96 -25.76
C TYR G 778 -12.96 -88.85 -24.71
N LYS G 779 -12.28 -89.90 -25.17
CA LYS G 779 -11.56 -90.81 -24.28
C LYS G 779 -10.58 -90.05 -23.39
N ASN G 780 -9.72 -89.24 -24.00
CA ASN G 780 -8.71 -88.50 -23.26
C ASN G 780 -9.34 -87.49 -22.33
N SER G 781 -10.48 -86.93 -22.72
CA SER G 781 -11.20 -86.01 -21.85
C SER G 781 -11.70 -86.71 -20.60
N LEU G 782 -12.23 -87.92 -20.75
CA LEU G 782 -12.65 -88.70 -19.59
C LEU G 782 -11.45 -89.08 -18.70
N LEU G 783 -10.37 -89.53 -19.32
CA LEU G 783 -9.18 -89.93 -18.58
C LEU G 783 -8.65 -88.77 -17.76
N LYS G 784 -8.51 -87.61 -18.40
CA LYS G 784 -8.07 -86.40 -17.71
C LYS G 784 -9.03 -85.99 -16.60
N CYS G 785 -10.33 -86.03 -16.85
CA CYS G 785 -11.28 -85.58 -15.83
C CYS G 785 -11.14 -86.47 -14.59
N ILE G 786 -10.98 -87.78 -14.79
CA ILE G 786 -10.78 -88.67 -13.66
C ILE G 786 -9.46 -88.43 -12.92
N LYS G 787 -8.38 -88.33 -13.69
CA LYS G 787 -7.05 -88.09 -13.14
C LYS G 787 -6.99 -86.83 -12.30
N TYR G 788 -7.41 -85.70 -12.87
CA TYR G 788 -7.36 -84.44 -12.15
C TYR G 788 -8.42 -84.41 -11.05
N GLN G 789 -9.47 -85.20 -11.21
CA GLN G 789 -10.46 -85.37 -10.14
C GLN G 789 -9.79 -85.97 -8.92
N GLU G 790 -8.77 -86.80 -9.16
CA GLU G 790 -8.08 -87.46 -8.05
C GLU G 790 -7.04 -86.51 -7.41
N LEU G 791 -6.70 -85.44 -8.12
CA LEU G 791 -5.71 -84.48 -7.63
C LEU G 791 -6.24 -83.05 -7.63
N ASN G 792 -7.33 -82.81 -6.91
CA ASN G 792 -7.86 -81.46 -6.79
C ASN G 792 -7.81 -81.00 -5.35
N PRO G 793 -7.40 -79.72 -5.13
CA PRO G 793 -7.34 -79.16 -3.78
C PRO G 793 -8.71 -78.68 -3.30
N ILE G 794 -8.82 -78.38 -2.01
CA ILE G 794 -10.07 -77.91 -1.44
C ILE G 794 -10.46 -76.58 -2.04
N ARG G 795 -9.62 -75.57 -1.82
CA ARG G 795 -9.75 -74.30 -2.52
C ARG G 795 -8.55 -74.15 -3.45
N SER G 796 -8.67 -73.27 -4.44
CA SER G 796 -7.59 -73.02 -5.39
C SER G 796 -6.38 -72.43 -4.68
N LEU G 797 -5.21 -72.59 -5.28
CA LEU G 797 -3.96 -72.24 -4.63
C LEU G 797 -3.70 -70.73 -4.49
N ARG G 798 -4.41 -69.93 -5.29
CA ARG G 798 -4.18 -68.48 -5.31
C ARG G 798 -4.35 -67.88 -3.92
N TYR G 799 -5.07 -68.60 -3.06
CA TYR G 799 -5.42 -68.07 -1.75
C TYR G 799 -4.36 -68.34 -0.69
N CYS G 800 -3.20 -68.84 -1.11
CA CYS G 800 -2.07 -68.92 -0.17
C CYS G 800 -0.97 -67.95 -0.59
N ASN G 801 -1.11 -67.38 -1.77
CA ASN G 801 -0.10 -66.49 -2.33
C ASN G 801 -0.32 -65.04 -1.91
N TYR G 802 0.29 -64.65 -0.80
CA TYR G 802 0.06 -63.32 -0.23
C TYR G 802 1.28 -62.80 0.53
N SER H 9 74.88 -13.71 -79.56
CA SER H 9 73.92 -13.00 -78.71
C SER H 9 72.63 -13.79 -78.53
N LYS H 10 72.49 -14.86 -79.30
CA LYS H 10 71.28 -15.68 -79.29
C LYS H 10 71.24 -16.57 -78.06
N ILE H 11 72.42 -16.91 -77.53
CA ILE H 11 72.54 -17.82 -76.41
C ILE H 11 72.32 -17.04 -75.11
N ILE H 12 72.69 -15.77 -75.14
CA ILE H 12 72.48 -14.88 -74.00
C ILE H 12 70.99 -14.69 -73.71
N ASP H 13 70.15 -14.84 -74.73
CA ASP H 13 68.71 -14.70 -74.56
C ASP H 13 68.12 -15.79 -73.67
N VAL H 14 68.67 -17.00 -73.77
CA VAL H 14 68.26 -18.11 -72.92
C VAL H 14 68.59 -17.79 -71.47
N VAL H 15 69.80 -17.25 -71.28
CA VAL H 15 70.26 -16.82 -69.96
C VAL H 15 69.32 -15.76 -69.41
N ASP H 16 68.94 -14.82 -70.27
CA ASP H 16 68.00 -13.77 -69.89
C ASP H 16 66.69 -14.38 -69.41
N GLN H 17 66.15 -15.32 -70.18
CA GLN H 17 64.89 -15.96 -69.79
C GLN H 17 65.01 -16.65 -68.43
N ALA H 18 66.15 -17.31 -68.21
CA ALA H 18 66.42 -17.93 -66.93
C ALA H 18 66.35 -16.89 -65.80
N LEU H 19 67.00 -15.76 -66.02
CA LEU H 19 67.05 -14.69 -65.03
C LEU H 19 65.65 -14.12 -64.76
N ARG H 20 64.84 -14.07 -65.81
CA ARG H 20 63.46 -13.60 -65.74
C ARG H 20 62.62 -14.50 -64.86
N ALA H 21 62.68 -15.79 -65.15
CA ALA H 21 61.97 -16.78 -64.35
C ALA H 21 62.42 -16.67 -62.90
N ARG H 22 63.72 -16.49 -62.71
CA ARG H 22 64.26 -16.34 -61.36
C ARG H 22 63.70 -15.10 -60.66
N LEU H 23 63.53 -14.01 -61.41
CA LEU H 23 63.00 -12.79 -60.84
C LEU H 23 61.52 -12.91 -60.52
N LEU H 24 60.87 -13.92 -61.10
CA LEU H 24 59.45 -14.12 -60.78
C LEU H 24 59.27 -15.11 -59.63
N GLY H 25 60.37 -15.69 -59.15
CA GLY H 25 60.29 -16.69 -58.11
C GLY H 25 60.35 -18.09 -58.69
N GLY H 26 60.75 -18.17 -59.96
CA GLY H 26 60.77 -19.42 -60.71
C GLY H 26 61.50 -20.57 -60.05
N SER H 27 60.95 -21.77 -60.24
CA SER H 27 61.49 -22.96 -59.59
C SER H 27 62.37 -23.75 -60.55
N THR H 28 62.02 -23.73 -61.83
CA THR H 28 62.72 -24.57 -62.81
C THR H 28 63.57 -23.75 -63.77
N PHE H 29 64.87 -24.06 -63.81
CA PHE H 29 65.79 -23.33 -64.68
C PHE H 29 66.44 -24.23 -65.69
N ASN H 30 66.33 -23.81 -66.95
CA ASN H 30 66.95 -24.52 -68.05
C ASN H 30 67.90 -23.63 -68.86
N SER H 31 68.79 -22.91 -68.17
CA SER H 31 69.68 -21.94 -68.83
C SER H 31 70.64 -22.65 -69.78
N GLY H 32 71.16 -23.81 -69.38
CA GLY H 32 72.16 -24.52 -70.13
C GLY H 32 73.52 -24.62 -69.44
N PHE H 33 73.59 -24.02 -68.25
CA PHE H 33 74.84 -23.87 -67.49
C PHE H 33 74.67 -24.46 -66.09
N ASP H 34 75.44 -25.51 -65.77
CA ASP H 34 75.28 -26.22 -64.50
C ASP H 34 75.36 -25.31 -63.28
N SER H 35 76.16 -24.26 -63.38
CA SER H 35 76.21 -23.28 -62.31
C SER H 35 74.85 -22.64 -62.17
N LEU H 36 74.28 -22.16 -63.27
CA LEU H 36 72.98 -21.53 -63.18
C LEU H 36 71.91 -22.52 -62.68
N ASP H 37 71.93 -23.74 -63.22
CA ASP H 37 70.96 -24.76 -62.81
C ASP H 37 71.03 -25.04 -61.30
N SER H 38 72.23 -25.30 -60.78
CA SER H 38 72.45 -25.60 -59.36
C SER H 38 72.33 -24.40 -58.39
N VAL H 39 73.00 -23.30 -58.73
CA VAL H 39 73.09 -22.09 -57.91
C VAL H 39 71.80 -21.28 -57.88
N LEU H 40 71.11 -21.22 -59.01
CA LEU H 40 69.84 -20.51 -59.04
C LEU H 40 68.83 -21.36 -58.27
N ASN H 41 69.03 -22.67 -58.28
CA ASN H 41 68.21 -23.56 -57.46
C ASN H 41 68.48 -23.33 -55.98
N LEU H 42 69.76 -23.15 -55.65
CA LEU H 42 70.17 -22.79 -54.30
C LEU H 42 69.50 -21.50 -53.84
N GLN H 43 69.59 -20.47 -54.67
CA GLN H 43 68.94 -19.19 -54.41
C GLN H 43 67.42 -19.40 -54.28
N PHE H 44 66.90 -20.35 -55.05
CA PHE H 44 65.48 -20.65 -55.03
C PHE H 44 65.05 -21.22 -53.68
N ARG H 45 65.80 -22.20 -53.18
CA ARG H 45 65.50 -22.81 -51.89
C ARG H 45 65.68 -21.83 -50.75
N LEU H 46 66.81 -21.11 -50.79
CA LEU H 46 67.11 -20.07 -49.82
C LEU H 46 65.97 -19.06 -49.77
N HIS H 47 65.48 -18.67 -50.94
CA HIS H 47 64.37 -17.74 -51.02
C HIS H 47 63.07 -18.34 -50.52
N TYR H 48 62.85 -19.62 -50.80
CA TYR H 48 61.72 -20.35 -50.23
C TYR H 48 61.68 -20.15 -48.72
N HIS H 49 62.74 -20.58 -48.05
CA HIS H 49 62.77 -20.54 -46.58
C HIS H 49 62.77 -19.11 -46.01
N VAL H 50 63.58 -18.22 -46.57
CA VAL H 50 63.67 -16.86 -46.04
C VAL H 50 62.46 -15.96 -46.34
N ILE H 51 62.01 -15.96 -47.60
CA ILE H 51 60.84 -15.17 -47.98
C ILE H 51 59.56 -15.73 -47.39
N GLY H 52 59.44 -17.06 -47.39
CA GLY H 52 58.24 -17.70 -46.89
C GLY H 52 58.04 -17.42 -45.41
N SER H 53 59.00 -17.85 -44.59
CA SER H 53 58.93 -17.67 -43.15
C SER H 53 60.12 -16.87 -42.66
N ASN H 54 59.99 -16.28 -41.48
CA ASN H 54 61.08 -15.52 -40.85
C ASN H 54 62.34 -16.33 -40.63
N GLY H 55 62.18 -17.58 -40.24
CA GLY H 55 63.32 -18.38 -39.80
C GLY H 55 63.63 -19.57 -40.69
N PRO H 56 64.78 -19.51 -41.37
CA PRO H 56 65.36 -20.72 -41.96
C PRO H 56 65.84 -21.64 -40.85
N ALA H 57 65.50 -22.93 -40.93
CA ALA H 57 65.84 -23.83 -39.85
C ALA H 57 67.34 -24.09 -39.85
N LYS H 58 68.00 -23.73 -38.76
CA LYS H 58 69.45 -23.91 -38.64
C LYS H 58 69.94 -25.34 -38.91
N PRO H 59 69.14 -26.37 -38.56
CA PRO H 59 69.62 -27.69 -38.99
C PRO H 59 69.65 -27.88 -40.51
N VAL H 60 68.66 -27.35 -41.23
CA VAL H 60 68.68 -27.44 -42.69
C VAL H 60 69.53 -26.30 -43.26
N CYS H 61 69.54 -25.15 -42.57
CA CYS H 61 70.39 -24.02 -42.95
C CYS H 61 71.86 -24.42 -43.00
N ASP H 62 72.27 -25.30 -42.09
CA ASP H 62 73.64 -25.82 -42.09
C ASP H 62 73.88 -26.57 -43.40
N VAL H 63 72.93 -27.44 -43.75
CA VAL H 63 72.98 -28.21 -44.99
C VAL H 63 73.10 -27.28 -46.20
N LEU H 64 72.31 -26.20 -46.19
CA LEU H 64 72.31 -25.24 -47.29
C LEU H 64 73.63 -24.50 -47.40
N LEU H 65 74.23 -24.18 -46.26
CA LEU H 65 75.54 -23.51 -46.28
C LEU H 65 76.62 -24.44 -46.79
N LYS H 66 76.61 -25.68 -46.31
CA LYS H 66 77.59 -26.67 -46.74
C LYS H 66 77.47 -26.89 -48.24
N GLU H 67 76.25 -27.03 -48.71
CA GLU H 67 75.95 -27.16 -50.14
C GLU H 67 76.48 -25.97 -50.93
N SER H 68 76.20 -24.77 -50.44
CA SER H 68 76.60 -23.52 -51.09
C SER H 68 78.12 -23.40 -51.19
N GLN H 69 78.80 -23.73 -50.09
CA GLN H 69 80.26 -23.72 -50.03
C GLN H 69 80.83 -24.75 -51.01
N ASN H 70 80.25 -25.95 -51.02
CA ASN H 70 80.63 -26.99 -51.97
C ASN H 70 80.55 -26.44 -53.38
N LEU H 71 79.49 -25.69 -53.66
CA LEU H 71 79.33 -25.05 -54.97
C LEU H 71 80.46 -24.05 -55.21
N GLU H 72 80.76 -23.24 -54.20
CA GLU H 72 81.79 -22.23 -54.27
C GLU H 72 83.15 -22.83 -54.63
N LYS H 73 83.46 -23.97 -54.01
CA LYS H 73 84.70 -24.68 -54.24
C LYS H 73 84.72 -25.36 -55.62
N ASN H 74 83.58 -25.93 -56.00
CA ASN H 74 83.46 -26.65 -57.26
C ASN H 74 83.56 -25.70 -58.45
N MSE H 75 83.14 -24.45 -58.23
CA MSE H 75 83.25 -23.40 -59.24
C MSE H 75 84.69 -23.13 -59.62
O MSE H 75 85.05 -23.13 -60.79
CB MSE H 75 82.60 -22.11 -58.73
CG MSE H 75 83.02 -20.87 -59.50
SE MSE H 75 81.87 -20.56 -61.02
CE MSE H 75 80.19 -20.47 -60.02
N SER H 76 85.50 -22.89 -58.59
CA SER H 76 86.91 -22.56 -58.77
C SER H 76 87.64 -23.62 -59.58
N MSE H 77 87.19 -24.86 -59.45
CA MSE H 77 87.76 -25.97 -60.22
C MSE H 77 87.42 -25.84 -61.70
O MSE H 77 88.15 -25.19 -62.46
CB MSE H 77 87.24 -27.30 -59.68
CG MSE H 77 87.58 -27.56 -58.22
SE MSE H 77 89.48 -27.85 -57.92
CE MSE H 77 89.74 -29.44 -59.03
N ASN H 82 82.77 -19.38 -66.44
CA ASN H 82 83.87 -19.85 -67.26
C ASN H 82 83.65 -19.69 -68.76
N ASP H 83 84.77 -19.50 -69.46
CA ASP H 83 84.82 -19.46 -70.92
C ASP H 83 84.11 -18.24 -71.54
N TYR H 84 83.82 -17.24 -70.72
CA TYR H 84 83.10 -16.05 -71.18
C TYR H 84 83.09 -14.98 -70.09
N PRO H 85 83.33 -13.71 -70.47
CA PRO H 85 83.45 -12.67 -69.45
C PRO H 85 82.17 -12.37 -68.67
N GLU H 86 80.99 -12.46 -69.28
CA GLU H 86 79.76 -12.13 -68.54
C GLU H 86 79.46 -13.15 -67.45
N ILE H 87 79.78 -14.40 -67.74
CA ILE H 87 79.50 -15.54 -66.86
C ILE H 87 80.29 -15.53 -65.56
N THR H 88 81.54 -15.10 -65.66
CA THR H 88 82.49 -15.18 -64.55
C THR H 88 82.09 -14.47 -63.27
N LYS H 89 81.52 -13.28 -63.35
CA LYS H 89 81.15 -12.56 -62.13
C LYS H 89 79.74 -12.79 -61.58
N LEU H 90 78.73 -12.85 -62.44
CA LEU H 90 77.35 -12.92 -61.94
C LEU H 90 77.02 -14.11 -61.05
N VAL H 91 77.42 -15.32 -61.45
CA VAL H 91 77.15 -16.50 -60.64
C VAL H 91 77.81 -16.36 -59.28
N GLU H 92 79.02 -15.79 -59.28
CA GLU H 92 79.77 -15.54 -58.05
C GLU H 92 79.03 -14.53 -57.17
N LYS H 93 78.47 -13.50 -57.80
CA LYS H 93 77.67 -12.50 -57.10
C LYS H 93 76.52 -13.18 -56.38
N ILE H 94 75.82 -14.04 -57.12
CA ILE H 94 74.68 -14.76 -56.56
C ILE H 94 75.13 -15.62 -55.37
N LEU H 95 76.20 -16.38 -55.57
CA LEU H 95 76.72 -17.29 -54.56
C LEU H 95 77.15 -16.56 -53.28
N PHE H 96 77.85 -15.45 -53.43
CA PHE H 96 78.34 -14.69 -52.29
C PHE H 96 77.20 -13.95 -51.60
N ASN H 97 76.18 -13.57 -52.38
CA ASN H 97 74.96 -13.04 -51.81
C ASN H 97 74.33 -14.08 -50.92
N CYS H 98 74.17 -15.29 -51.46
CA CYS H 98 73.61 -16.42 -50.73
C CYS H 98 74.39 -16.68 -49.46
N LEU H 99 75.72 -16.71 -49.57
CA LEU H 99 76.60 -16.88 -48.43
C LEU H 99 76.35 -15.81 -47.38
N GLY H 100 76.18 -14.57 -47.82
CA GLY H 100 75.86 -13.48 -46.91
C GLY H 100 74.56 -13.73 -46.16
N ILE H 101 73.54 -14.18 -46.90
CA ILE H 101 72.24 -14.48 -46.31
C ILE H 101 72.36 -15.55 -45.25
N LEU H 102 72.94 -16.68 -45.64
CA LEU H 102 73.11 -17.82 -44.76
C LEU H 102 73.90 -17.46 -43.52
N PHE H 103 75.05 -16.81 -43.72
CA PHE H 103 75.91 -16.39 -42.62
C PHE H 103 75.18 -15.45 -41.67
N PHE H 104 74.35 -14.59 -42.21
CA PHE H 104 73.53 -13.70 -41.39
C PHE H 104 72.53 -14.48 -40.54
N HIS H 105 71.86 -15.44 -41.18
CA HIS H 105 70.78 -16.18 -40.54
C HIS H 105 71.32 -17.21 -39.52
N ARG H 106 72.57 -17.61 -39.68
CA ARG H 106 73.23 -18.49 -38.72
C ARG H 106 73.65 -17.72 -37.47
N GLY H 107 73.96 -16.45 -37.67
CA GLY H 107 74.38 -15.55 -36.61
C GLY H 107 75.88 -15.30 -36.63
N GLN H 108 76.47 -15.41 -37.83
CA GLN H 108 77.90 -15.18 -38.01
C GLN H 108 78.08 -13.95 -38.88
N PHE H 109 77.83 -12.80 -38.28
CA PHE H 109 77.70 -11.52 -38.99
C PHE H 109 78.96 -11.01 -39.68
N GLN H 110 80.13 -11.26 -39.10
CA GLN H 110 81.38 -10.78 -39.69
C GLN H 110 81.64 -11.44 -41.05
N GLU H 111 81.42 -12.75 -41.10
CA GLU H 111 81.60 -13.53 -42.32
C GLU H 111 80.58 -13.09 -43.36
N SER H 112 79.37 -12.83 -42.89
CA SER H 112 78.30 -12.33 -43.74
C SER H 112 78.77 -11.03 -44.39
N GLN H 113 79.32 -10.14 -43.57
CA GLN H 113 79.88 -8.89 -44.07
C GLN H 113 80.95 -9.13 -45.12
N ARG H 114 81.79 -10.14 -44.91
CA ARG H 114 82.85 -10.44 -45.87
C ARG H 114 82.27 -10.83 -47.23
N CYS H 115 81.32 -11.77 -47.22
CA CYS H 115 80.71 -12.23 -48.47
C CYS H 115 79.93 -11.12 -49.19
N LEU H 116 79.12 -10.38 -48.42
CA LEU H 116 78.30 -9.31 -48.96
C LEU H 116 79.15 -8.20 -49.57
N LEU H 117 80.18 -7.78 -48.83
CA LEU H 117 81.10 -6.75 -49.31
C LEU H 117 81.87 -7.23 -50.53
N HIS H 118 82.15 -8.53 -50.57
CA HIS H 118 82.80 -9.11 -51.73
C HIS H 118 81.90 -8.97 -52.96
N SER H 119 80.64 -9.35 -52.81
CA SER H 119 79.68 -9.24 -53.90
C SER H 119 79.53 -7.79 -54.37
N LEU H 120 79.49 -6.86 -53.41
CA LEU H 120 79.46 -5.43 -53.72
C LEU H 120 80.66 -5.05 -54.58
N LYS H 121 81.82 -5.52 -54.15
CA LYS H 121 83.08 -5.27 -54.82
C LYS H 121 83.03 -5.78 -56.25
N ILE H 122 82.39 -6.92 -56.45
CA ILE H 122 82.21 -7.49 -57.78
C ILE H 122 81.24 -6.66 -58.64
N HIS H 123 80.25 -6.06 -58.00
CA HIS H 123 79.26 -5.27 -58.75
C HIS H 123 79.84 -4.07 -59.50
N ASN H 124 80.69 -3.29 -58.83
CA ASN H 124 81.29 -2.12 -59.46
C ASN H 124 82.22 -2.49 -60.62
N LYS H 130 74.91 -3.20 -70.52
CA LYS H 130 74.33 -4.52 -70.29
C LYS H 130 72.92 -4.59 -70.87
N THR H 131 72.33 -5.78 -70.86
CA THR H 131 70.96 -5.94 -71.34
C THR H 131 69.96 -5.46 -70.28
N ALA H 132 68.73 -5.19 -70.71
CA ALA H 132 67.71 -4.66 -69.81
C ALA H 132 67.32 -5.57 -68.65
N LEU H 133 67.08 -6.83 -68.96
CA LEU H 133 66.62 -7.79 -67.95
C LEU H 133 67.76 -8.19 -67.01
N MSE H 134 68.97 -8.29 -67.55
CA MSE H 134 70.17 -8.48 -66.74
C MSE H 134 70.37 -7.28 -65.83
O MSE H 134 70.78 -7.43 -64.68
CB MSE H 134 71.39 -8.71 -67.63
CG MSE H 134 72.72 -8.30 -67.00
SE MSE H 134 73.32 -9.55 -65.63
CE MSE H 134 73.55 -11.12 -66.76
N GLU H 135 70.10 -6.08 -66.35
CA GLU H 135 70.16 -4.86 -65.57
C GLU H 135 69.19 -4.92 -64.40
N GLN H 136 67.99 -5.42 -64.67
CA GLN H 136 66.96 -5.57 -63.66
C GLN H 136 67.39 -6.55 -62.56
N TYR H 137 67.88 -7.71 -62.99
CA TYR H 137 68.34 -8.74 -62.07
C TYR H 137 69.46 -8.20 -61.19
N ASP H 138 70.42 -7.53 -61.83
CA ASP H 138 71.56 -6.93 -61.14
C ASP H 138 71.10 -5.92 -60.09
N ARG H 139 70.15 -5.06 -60.47
CA ARG H 139 69.59 -4.08 -59.53
C ARG H 139 69.02 -4.80 -58.31
N TYR H 140 68.28 -5.88 -58.56
CA TYR H 140 67.77 -6.70 -57.48
C TYR H 140 68.90 -7.18 -56.59
N LEU H 141 69.96 -7.70 -57.20
CA LEU H 141 71.11 -8.22 -56.45
C LEU H 141 71.70 -7.17 -55.52
N ILE H 142 71.87 -5.96 -56.04
CA ILE H 142 72.49 -4.90 -55.26
C ILE H 142 71.60 -4.48 -54.10
N VAL H 143 70.30 -4.39 -54.36
CA VAL H 143 69.35 -3.99 -53.32
C VAL H 143 69.22 -5.05 -52.23
N GLU H 144 69.21 -6.32 -52.62
CA GLU H 144 69.22 -7.41 -51.66
C GLU H 144 70.46 -7.35 -50.78
N ASN H 145 71.61 -7.24 -51.42
CA ASN H 145 72.88 -7.15 -50.70
C ASN H 145 72.91 -5.98 -49.73
N LEU H 146 72.39 -4.84 -50.17
CA LEU H 146 72.28 -3.65 -49.33
C LEU H 146 71.37 -3.89 -48.13
N TYR H 147 70.21 -4.48 -48.39
CA TYR H 147 69.23 -4.75 -47.34
C TYR H 147 69.83 -5.64 -46.26
N TYR H 148 70.50 -6.72 -46.69
CA TYR H 148 71.05 -7.62 -45.69
C TYR H 148 72.28 -7.02 -45.02
N ARG H 149 73.02 -6.17 -45.73
CA ARG H 149 74.12 -5.45 -45.09
C ARG H 149 73.61 -4.58 -43.97
N GLY H 150 72.45 -3.96 -44.20
CA GLY H 150 71.82 -3.17 -43.16
C GLY H 150 71.33 -4.06 -42.04
N LEU H 151 70.87 -5.26 -42.40
CA LEU H 151 70.40 -6.21 -41.40
C LEU H 151 71.52 -6.69 -40.50
N VAL H 152 72.71 -6.84 -41.07
CA VAL H 152 73.87 -7.33 -40.34
C VAL H 152 74.15 -6.38 -39.18
N SER H 153 74.05 -5.07 -39.45
CA SER H 153 74.13 -4.09 -38.39
C SER H 153 72.85 -4.14 -37.57
N GLN H 154 72.94 -4.64 -36.34
CA GLN H 154 71.76 -4.92 -35.52
C GLN H 154 71.04 -3.64 -35.07
N ASP H 155 71.69 -2.49 -35.28
CA ASP H 155 71.14 -1.23 -34.80
C ASP H 155 70.21 -0.67 -35.87
N ILE H 156 69.20 0.09 -35.44
CA ILE H 156 68.16 0.59 -36.35
C ILE H 156 68.60 1.79 -37.18
N ASN H 157 69.23 2.76 -36.52
CA ASN H 157 69.63 4.00 -37.16
C ASN H 157 70.64 3.74 -38.27
N ILE H 158 71.61 2.89 -37.95
CA ILE H 158 72.65 2.51 -38.90
C ILE H 158 72.03 1.86 -40.13
N MSE H 159 70.98 1.06 -39.93
CA MSE H 159 70.21 0.53 -41.04
C MSE H 159 69.64 1.65 -41.87
O MSE H 159 69.86 1.72 -43.09
CB MSE H 159 69.06 -0.36 -40.55
CG MSE H 159 69.47 -1.59 -39.79
SE MSE H 159 67.92 -2.61 -39.17
CE MSE H 159 67.30 -3.23 -40.90
N GLN H 160 68.90 2.55 -41.21
CA GLN H 160 68.14 3.56 -41.91
C GLN H 160 69.02 4.48 -42.78
N ASN H 161 70.14 4.96 -42.25
CA ASN H 161 70.99 5.88 -43.01
C ASN H 161 71.57 5.27 -44.30
N VAL H 162 72.22 4.12 -44.16
CA VAL H 162 72.83 3.42 -45.29
C VAL H 162 71.72 3.08 -46.28
N PHE H 163 70.56 2.71 -45.76
CA PHE H 163 69.41 2.44 -46.60
C PHE H 163 69.09 3.67 -47.42
N TYR H 164 69.06 4.85 -46.80
CA TYR H 164 68.76 6.07 -47.54
C TYR H 164 69.75 6.28 -48.69
N LYS H 165 71.01 6.50 -48.33
CA LYS H 165 72.02 6.83 -49.34
C LYS H 165 72.13 5.78 -50.45
N GLU H 166 72.27 4.52 -50.05
CA GLU H 166 72.53 3.48 -51.03
C GLU H 166 71.29 3.10 -51.84
N LEU H 167 70.12 3.10 -51.21
CA LEU H 167 68.91 2.75 -51.96
C LEU H 167 68.63 3.80 -53.01
N LEU H 168 68.84 5.06 -52.67
CA LEU H 168 68.67 6.08 -53.71
C LEU H 168 69.78 5.98 -54.75
N ALA H 169 70.96 5.51 -54.35
CA ALA H 169 72.06 5.33 -55.29
C ALA H 169 71.75 4.26 -56.35
N HIS H 170 71.16 3.14 -55.93
CA HIS H 170 71.00 1.99 -56.81
C HIS H 170 69.68 1.96 -57.60
N VAL H 171 68.61 2.48 -57.01
CA VAL H 171 67.31 2.45 -57.66
C VAL H 171 66.72 3.85 -57.81
N ASP H 172 66.79 4.38 -59.02
CA ASP H 172 66.30 5.72 -59.31
C ASP H 172 64.78 5.77 -59.41
N THR H 173 64.22 4.88 -60.23
CA THR H 173 62.81 4.95 -60.59
C THR H 173 62.03 3.71 -60.16
N ILE H 174 60.70 3.84 -60.18
CA ILE H 174 59.79 2.74 -59.87
C ILE H 174 60.04 1.52 -60.76
N PRO H 175 60.27 0.35 -60.14
CA PRO H 175 60.55 -0.89 -60.88
C PRO H 175 59.30 -1.48 -61.53
N PRO H 176 59.48 -2.27 -62.59
CA PRO H 176 58.40 -3.05 -63.19
C PRO H 176 57.81 -4.04 -62.19
N GLU H 177 56.50 -4.26 -62.23
CA GLU H 177 55.84 -5.17 -61.30
C GLU H 177 56.29 -6.62 -61.53
N SER H 178 56.87 -6.90 -62.69
CA SER H 178 57.40 -8.21 -63.01
C SER H 178 58.70 -8.52 -62.27
N ASN H 179 59.33 -7.47 -61.74
CA ASN H 179 60.55 -7.64 -60.97
C ASN H 179 60.22 -7.85 -59.50
N GLY H 180 59.66 -9.01 -59.19
CA GLY H 180 59.12 -9.31 -57.88
C GLY H 180 60.11 -9.20 -56.73
N LEU H 181 61.32 -9.70 -56.94
CA LEU H 181 62.32 -9.72 -55.89
C LEU H 181 62.71 -8.30 -55.47
N LEU H 182 62.95 -7.43 -56.46
CA LEU H 182 63.25 -6.03 -56.20
C LEU H 182 62.13 -5.35 -55.43
N PHE H 183 60.89 -5.67 -55.79
CA PHE H 183 59.76 -5.12 -55.08
C PHE H 183 59.75 -5.58 -53.63
N GLU H 184 60.07 -6.86 -53.42
CA GLU H 184 60.08 -7.40 -52.09
C GLU H 184 61.11 -6.72 -51.21
N TYR H 185 62.32 -6.51 -51.75
CA TYR H 185 63.38 -5.94 -50.93
C TYR H 185 63.24 -4.42 -50.75
N ILE H 186 62.66 -3.74 -51.74
CA ILE H 186 62.28 -2.34 -51.55
C ILE H 186 61.26 -2.25 -50.42
N SER H 187 60.26 -3.14 -50.46
CA SER H 187 59.20 -3.15 -49.44
C SER H 187 59.75 -3.49 -48.06
N LEU H 188 60.77 -4.35 -48.02
CA LEU H 188 61.42 -4.71 -46.76
C LEU H 188 62.25 -3.55 -46.21
N ILE H 189 62.93 -2.84 -47.11
CA ILE H 189 63.69 -1.66 -46.72
C ILE H 189 62.76 -0.60 -46.15
N VAL H 190 61.65 -0.36 -46.84
CA VAL H 190 60.63 0.57 -46.38
C VAL H 190 60.06 0.08 -45.04
N ALA H 191 59.98 -1.23 -44.88
CA ALA H 191 59.50 -1.84 -43.65
C ALA H 191 60.40 -1.50 -42.46
N LYS H 192 61.71 -1.64 -42.65
CA LYS H 192 62.66 -1.32 -41.59
C LYS H 192 62.84 0.18 -41.39
N LEU H 193 62.45 0.98 -42.39
CA LEU H 193 62.57 2.43 -42.31
C LEU H 193 61.41 3.06 -41.54
N ARG H 194 61.75 3.88 -40.54
CA ARG H 194 60.75 4.63 -39.79
C ARG H 194 60.76 6.09 -40.23
N PHE H 195 59.64 6.56 -40.78
CA PHE H 195 59.49 7.96 -41.13
C PHE H 195 58.01 8.33 -41.00
N ASN H 196 57.78 9.57 -40.55
CA ASN H 196 56.42 10.02 -40.26
C ASN H 196 55.67 10.54 -41.47
N GLN H 197 56.23 11.56 -42.11
CA GLN H 197 55.56 12.23 -43.22
C GLN H 197 56.45 12.30 -44.47
N ILE H 198 55.88 12.81 -45.56
CA ILE H 198 56.57 12.87 -46.84
C ILE H 198 57.75 13.85 -46.82
N GLN H 199 57.59 14.95 -46.10
CA GLN H 199 58.65 15.95 -46.01
C GLN H 199 59.91 15.37 -45.37
N ASP H 200 59.73 14.62 -44.29
CA ASP H 200 60.84 14.01 -43.58
C ASP H 200 61.50 12.92 -44.43
N LEU H 201 60.68 12.15 -45.13
CA LEU H 201 61.17 11.10 -46.00
C LEU H 201 62.02 11.67 -47.12
N ALA H 202 61.52 12.76 -47.72
CA ALA H 202 62.19 13.38 -48.85
C ALA H 202 63.45 14.11 -48.41
N GLU H 203 63.45 14.65 -47.19
CA GLU H 203 64.67 15.27 -46.66
C GLU H 203 65.73 14.23 -46.36
N ASN H 204 65.32 13.15 -45.69
CA ASN H 204 66.23 12.05 -45.39
C ASN H 204 66.80 11.48 -46.67
N PHE H 205 66.01 11.49 -47.73
CA PHE H 205 66.47 10.99 -49.03
C PHE H 205 67.12 12.09 -49.89
N LYS H 206 67.00 13.34 -49.47
CA LYS H 206 67.63 14.46 -50.18
C LYS H 206 67.06 14.63 -51.58
N THR H 207 65.80 14.25 -51.77
CA THR H 207 65.19 14.36 -53.09
C THR H 207 63.91 15.21 -53.02
N THR H 208 63.47 15.70 -54.17
CA THR H 208 62.28 16.53 -54.30
C THR H 208 61.03 15.77 -53.87
N VAL H 209 60.06 16.52 -53.32
CA VAL H 209 58.79 15.96 -52.90
C VAL H 209 58.01 15.55 -54.15
N GLU H 210 58.49 16.00 -55.31
CA GLU H 210 57.84 15.75 -56.59
C GLU H 210 58.25 14.41 -57.21
N ASN H 211 59.40 13.89 -56.80
CA ASN H 211 59.91 12.63 -57.35
C ASN H 211 58.95 11.47 -57.10
N PRO H 212 58.46 10.85 -58.17
CA PRO H 212 57.44 9.78 -58.09
C PRO H 212 57.88 8.56 -57.27
N PHE H 213 59.18 8.28 -57.24
CA PHE H 213 59.69 7.13 -56.50
C PHE H 213 59.61 7.30 -54.99
N ILE H 214 59.94 8.48 -54.49
CA ILE H 214 59.83 8.77 -53.06
C ILE H 214 58.38 8.60 -52.62
N LEU H 215 57.48 9.14 -53.43
CA LEU H 215 56.05 9.02 -53.19
C LEU H 215 55.63 7.55 -53.22
N PHE H 216 56.24 6.78 -54.11
CA PHE H 216 56.01 5.34 -54.21
C PHE H 216 56.39 4.63 -52.91
N LEU H 217 57.56 4.99 -52.36
CA LEU H 217 58.00 4.43 -51.08
C LEU H 217 57.00 4.79 -49.98
N TYR H 218 56.52 6.03 -50.02
CA TYR H 218 55.52 6.49 -49.06
C TYR H 218 54.25 5.64 -49.16
N MSE H 219 53.87 5.30 -50.39
CA MSE H 219 52.70 4.46 -50.63
C MSE H 219 52.92 3.05 -50.13
O MSE H 219 51.98 2.38 -49.71
CB MSE H 219 52.35 4.45 -52.12
CG MSE H 219 51.88 5.79 -52.66
SE MSE H 219 50.40 6.55 -51.62
CE MSE H 219 49.16 5.05 -51.73
N ILE H 220 54.17 2.59 -50.20
CA ILE H 220 54.52 1.27 -49.66
C ILE H 220 54.36 1.28 -48.15
N LYS H 221 54.83 2.35 -47.51
CA LYS H 221 54.67 2.51 -46.06
C LYS H 221 53.19 2.70 -45.71
N LYS H 222 52.39 3.09 -46.69
CA LYS H 222 50.96 3.30 -46.47
C LYS H 222 50.19 2.00 -46.57
N PHE H 223 50.63 1.12 -47.47
CA PHE H 223 50.05 -0.21 -47.62
C PHE H 223 50.49 -1.18 -46.53
N GLN H 224 51.67 -0.96 -45.97
CA GLN H 224 52.24 -1.90 -45.02
C GLN H 224 51.46 -2.04 -43.72
N SER H 225 50.92 -0.93 -43.24
CA SER H 225 50.11 -0.89 -42.03
C SER H 225 48.70 -0.40 -42.34
N PRO H 226 47.68 -1.24 -42.14
CA PRO H 226 46.33 -0.71 -42.36
C PRO H 226 45.87 0.17 -41.19
N LEU H 227 46.65 0.15 -40.11
CA LEU H 227 46.28 0.77 -38.83
C LEU H 227 46.59 2.24 -38.56
N LYS H 228 47.27 2.90 -39.49
CA LYS H 228 47.66 4.26 -39.22
C LYS H 228 46.52 5.26 -39.45
N LYS H 229 46.71 6.47 -38.93
CA LYS H 229 45.75 7.53 -39.07
C LYS H 229 45.96 8.08 -40.45
N HIS H 230 44.94 8.68 -41.03
CA HIS H 230 45.04 9.14 -42.41
C HIS H 230 45.50 10.57 -42.59
N ILE H 231 46.30 10.79 -43.63
CA ILE H 231 46.69 12.13 -44.03
C ILE H 231 46.13 12.36 -45.43
N ASP H 232 45.56 13.53 -45.69
CA ASP H 232 45.00 13.83 -47.00
C ASP H 232 45.98 14.69 -47.77
N ASN H 233 46.53 14.11 -48.82
CA ASN H 233 47.46 14.82 -49.68
C ASN H 233 46.96 14.70 -51.11
N ASP H 234 45.65 14.50 -51.23
CA ASP H 234 45.01 14.34 -52.52
C ASP H 234 45.15 15.63 -53.32
N ASP H 235 44.83 16.74 -52.66
CA ASP H 235 44.98 18.05 -53.27
C ASP H 235 46.44 18.31 -53.60
N LEU H 236 47.32 17.87 -52.70
CA LEU H 236 48.76 18.00 -52.88
C LEU H 236 49.24 17.21 -54.10
N TYR H 237 48.82 15.95 -54.18
CA TYR H 237 49.16 15.09 -55.30
C TYR H 237 48.65 15.70 -56.60
N LEU H 238 47.48 16.31 -56.53
CA LEU H 238 46.88 17.00 -57.68
C LEU H 238 47.75 18.18 -58.13
N LYS H 239 48.21 18.96 -57.16
CA LYS H 239 49.08 20.09 -57.45
C LYS H 239 50.39 19.62 -58.09
N PHE H 240 50.95 18.54 -57.55
CA PHE H 240 52.15 17.94 -58.11
C PHE H 240 51.91 17.50 -59.55
N GLY H 241 50.76 16.90 -59.79
CA GLY H 241 50.38 16.43 -61.10
C GLY H 241 50.28 17.57 -62.10
N GLN H 242 49.67 18.67 -61.67
CA GLN H 242 49.57 19.86 -62.50
C GLN H 242 50.96 20.42 -62.79
N ASN H 243 51.83 20.38 -61.78
CA ASN H 243 53.21 20.83 -61.93
C ASN H 243 53.96 20.04 -62.99
N VAL H 244 53.85 18.72 -62.91
CA VAL H 244 54.53 17.85 -63.86
C VAL H 244 53.85 17.95 -65.24
N LEU H 245 52.61 18.40 -65.25
CA LEU H 245 51.88 18.61 -66.50
C LEU H 245 52.34 19.86 -67.24
N LEU H 246 52.54 20.94 -66.50
CA LEU H 246 53.02 22.19 -67.10
C LEU H 246 54.40 21.96 -67.71
N LYS H 247 55.18 21.12 -67.06
CA LYS H 247 56.52 20.77 -67.53
C LYS H 247 56.41 19.81 -68.71
N ALA H 248 55.26 19.13 -68.82
CA ALA H 248 55.07 18.12 -69.84
C ALA H 248 54.51 18.72 -71.13
N LYS H 249 54.84 18.07 -72.25
CA LYS H 249 54.34 18.46 -73.57
C LYS H 249 54.07 17.20 -74.37
N PHE H 250 53.20 17.30 -75.37
CA PHE H 250 52.88 16.15 -76.23
C PHE H 250 54.14 15.62 -76.90
N PRO H 251 54.31 14.29 -76.90
CA PRO H 251 55.49 13.64 -77.48
C PRO H 251 55.62 13.96 -78.95
N THR H 252 56.76 14.54 -79.34
CA THR H 252 57.01 14.77 -80.75
C THR H 252 57.14 13.43 -81.45
N ALA H 253 56.68 13.37 -82.69
CA ALA H 253 56.56 12.12 -83.42
C ALA H 253 57.86 11.32 -83.61
N SER H 254 59.01 11.94 -83.39
CA SER H 254 60.27 11.21 -83.39
C SER H 254 60.91 11.23 -82.01
N GLU H 255 60.11 10.88 -81.01
CA GLU H 255 60.52 10.88 -79.61
C GLU H 255 59.62 9.98 -78.78
N THR H 256 59.88 9.93 -77.49
CA THR H 256 59.07 9.14 -76.57
C THR H 256 58.33 10.06 -75.60
N ASN H 257 57.28 9.53 -74.99
CA ASN H 257 56.48 10.24 -74.00
C ASN H 257 57.31 10.79 -72.85
N ASP H 258 56.96 11.98 -72.38
CA ASP H 258 57.68 12.67 -71.30
C ASP H 258 57.81 11.78 -70.07
N GLU H 259 59.05 11.54 -69.67
CA GLU H 259 59.35 10.60 -68.59
C GLU H 259 58.74 10.98 -67.25
N ALA H 260 58.68 12.27 -66.95
CA ALA H 260 58.20 12.72 -65.63
C ALA H 260 56.71 12.42 -65.43
N LEU H 261 55.91 12.69 -66.46
CA LEU H 261 54.48 12.42 -66.42
C LEU H 261 54.22 10.91 -66.38
N GLU H 262 54.91 10.19 -67.26
CA GLU H 262 54.78 8.75 -67.39
C GLU H 262 55.13 8.05 -66.08
N HIS H 263 56.10 8.61 -65.36
CA HIS H 263 56.57 8.04 -64.11
C HIS H 263 55.66 8.43 -62.96
N PHE H 264 55.11 9.64 -63.03
CA PHE H 264 54.16 10.11 -62.02
C PHE H 264 52.90 9.24 -62.04
N ASN H 265 52.43 8.93 -63.25
CA ASN H 265 51.19 8.17 -63.40
C ASN H 265 51.24 6.75 -62.82
N VAL H 266 52.44 6.19 -62.69
CA VAL H 266 52.60 4.87 -62.07
C VAL H 266 52.33 4.95 -60.57
N PHE H 267 53.01 5.91 -59.94
CA PHE H 267 52.76 6.22 -58.54
C PHE H 267 51.28 6.49 -58.35
N LEU H 268 50.68 7.14 -59.33
CA LEU H 268 49.24 7.41 -59.29
C LEU H 268 48.42 6.13 -59.43
N GLN H 269 48.96 5.12 -60.12
CA GLN H 269 48.29 3.83 -60.18
C GLN H 269 48.22 3.28 -58.77
N TYR H 270 49.35 3.33 -58.06
CA TYR H 270 49.35 2.81 -56.68
C TYR H 270 48.45 3.63 -55.76
N TYR H 271 48.46 4.95 -55.95
CA TYR H 271 47.67 5.85 -55.12
C TYR H 271 46.17 5.64 -55.31
N PHE H 272 45.74 5.57 -56.56
CA PHE H 272 44.33 5.37 -56.87
C PHE H 272 43.89 3.96 -56.50
N LYS H 273 44.82 3.00 -56.62
CA LYS H 273 44.54 1.64 -56.17
C LYS H 273 44.27 1.64 -54.66
N PHE H 274 45.09 2.37 -53.92
CA PHE H 274 44.92 2.51 -52.48
C PHE H 274 43.57 3.15 -52.15
N THR H 275 43.27 4.27 -52.82
CA THR H 275 42.02 4.98 -52.57
C THR H 275 40.80 4.20 -53.05
N HIS H 276 41.01 3.17 -53.86
CA HIS H 276 39.89 2.33 -54.29
C HIS H 276 39.63 1.14 -53.38
N ILE H 277 40.71 0.43 -53.01
CA ILE H 277 40.57 -0.74 -52.16
C ILE H 277 40.00 -0.30 -50.82
N LYS H 278 40.56 0.76 -50.28
CA LYS H 278 39.97 1.45 -49.14
C LYS H 278 38.91 2.37 -49.76
N LYS H 279 37.80 2.61 -49.07
CA LYS H 279 36.73 3.39 -49.69
C LYS H 279 36.80 4.90 -49.44
N ILE H 280 38.01 5.43 -49.30
CA ILE H 280 38.19 6.87 -49.18
C ILE H 280 37.92 7.59 -50.48
N LYS H 281 37.53 8.85 -50.37
CA LYS H 281 37.22 9.67 -51.54
C LYS H 281 38.45 10.14 -52.29
N VAL H 282 38.22 10.55 -53.52
CA VAL H 282 39.23 11.16 -54.36
C VAL H 282 38.63 12.46 -54.92
N ASN H 283 39.46 13.41 -55.32
CA ASN H 283 38.95 14.71 -55.73
C ASN H 283 38.49 14.67 -57.19
N PRO H 284 37.31 15.26 -57.47
CA PRO H 284 36.71 15.23 -58.82
C PRO H 284 37.57 15.90 -59.88
N SER H 285 38.31 16.93 -59.50
CA SER H 285 39.14 17.69 -60.42
C SER H 285 40.21 16.82 -61.07
N TRP H 286 40.53 15.71 -60.43
CA TRP H 286 41.46 14.72 -60.98
C TRP H 286 41.08 14.37 -62.40
N TYR H 287 39.76 14.37 -62.65
CA TYR H 287 39.23 14.11 -63.99
C TYR H 287 40.00 14.95 -65.01
N ASN H 288 39.96 16.26 -64.82
CA ASN H 288 40.65 17.19 -65.70
C ASN H 288 42.08 16.73 -65.92
N PHE H 289 42.77 16.48 -64.82
CA PHE H 289 44.16 16.02 -64.87
C PHE H 289 44.34 14.88 -65.86
N ILE H 290 43.57 13.81 -65.66
CA ILE H 290 43.83 12.60 -66.42
C ILE H 290 43.55 12.91 -67.89
N ILE H 291 42.57 13.79 -68.13
CA ILE H 291 42.19 14.11 -69.49
C ILE H 291 43.38 14.78 -70.17
N SER H 292 44.00 15.72 -69.44
CA SER H 292 45.17 16.40 -69.96
C SER H 292 46.28 15.40 -70.11
N SER H 293 46.36 14.46 -69.18
CA SER H 293 47.39 13.44 -69.22
C SER H 293 47.18 12.49 -70.40
N MSE H 294 46.00 12.55 -71.00
CA MSE H 294 45.71 11.74 -72.18
C MSE H 294 45.89 12.55 -73.46
O MSE H 294 45.93 11.99 -74.55
CB MSE H 294 44.30 11.16 -72.10
CG MSE H 294 44.13 10.07 -71.07
SE MSE H 294 42.27 9.59 -70.74
CE MSE H 294 41.78 8.96 -72.51
N GLU H 295 46.02 13.87 -73.32
CA GLU H 295 46.27 14.72 -74.48
C GLU H 295 47.77 14.88 -74.70
N LYS H 296 48.52 14.97 -73.61
CA LYS H 296 49.96 15.20 -73.68
C LYS H 296 50.73 13.89 -73.78
N THR H 297 50.03 12.80 -74.04
CA THR H 297 50.66 11.49 -74.21
C THR H 297 50.10 10.75 -75.41
N PHE H 298 50.95 9.94 -76.06
CA PHE H 298 50.52 9.17 -77.21
C PHE H 298 50.62 7.67 -76.92
N GLN H 299 49.45 7.01 -76.93
CA GLN H 299 49.27 5.58 -76.68
C GLN H 299 50.15 5.05 -75.53
N SER H 300 49.99 5.64 -74.36
CA SER H 300 50.77 5.28 -73.19
C SER H 300 50.08 4.20 -72.35
N ILE H 301 50.84 3.20 -71.96
CA ILE H 301 50.34 2.11 -71.14
C ILE H 301 50.10 2.56 -69.70
N GLU H 302 51.04 3.31 -69.15
CA GLU H 302 50.97 3.74 -67.77
C GLU H 302 49.80 4.69 -67.55
N VAL H 303 49.62 5.62 -68.49
CA VAL H 303 48.52 6.56 -68.44
C VAL H 303 47.20 5.84 -68.59
N SER H 304 47.19 4.78 -69.40
CA SER H 304 46.01 3.96 -69.59
C SER H 304 45.58 3.29 -68.29
N LYS H 305 46.54 2.63 -67.64
CA LYS H 305 46.26 1.94 -66.38
C LYS H 305 45.83 2.93 -65.29
N THR H 306 46.58 4.02 -65.17
CA THR H 306 46.25 5.07 -64.20
C THR H 306 44.83 5.59 -64.42
N ALA H 307 44.47 5.76 -65.69
CA ALA H 307 43.14 6.25 -66.04
C ALA H 307 42.08 5.23 -65.68
N MSE H 308 42.39 3.95 -65.88
CA MSE H 308 41.49 2.88 -65.48
C MSE H 308 41.18 2.97 -64.00
O MSE H 308 39.99 3.02 -63.59
CB MSE H 308 42.12 1.53 -65.82
CG MSE H 308 41.33 0.30 -65.39
SE MSE H 308 42.34 -1.34 -65.66
CE MSE H 308 43.82 -0.98 -64.44
N PHE H 309 42.23 3.00 -63.18
CA PHE H 309 42.10 3.09 -61.73
C PHE H 309 41.31 4.34 -61.31
N LEU H 310 41.73 5.49 -61.83
CA LEU H 310 41.12 6.77 -61.47
C LEU H 310 39.65 6.84 -61.84
N PHE H 311 39.30 6.39 -63.04
CA PHE H 311 37.91 6.44 -63.48
C PHE H 311 37.05 5.46 -62.69
N GLN H 312 37.63 4.33 -62.29
CA GLN H 312 36.91 3.44 -61.38
C GLN H 312 36.62 4.17 -60.07
N ASN H 313 37.64 4.86 -59.57
CA ASN H 313 37.52 5.66 -58.35
C ASN H 313 36.42 6.71 -58.42
N LEU H 314 36.47 7.53 -59.47
CA LEU H 314 35.51 8.60 -59.72
C LEU H 314 34.10 8.03 -59.88
N SER H 315 34.02 6.82 -60.44
CA SER H 315 32.74 6.14 -60.59
C SER H 315 32.18 5.82 -59.21
N ASP H 316 32.99 5.16 -58.38
CA ASP H 316 32.53 4.77 -57.04
C ASP H 316 32.19 5.97 -56.14
N ASN H 317 32.97 7.05 -56.24
CA ASN H 317 32.84 8.18 -55.33
C ASN H 317 31.71 9.17 -55.65
N SER H 318 31.08 9.04 -56.80
CA SER H 318 30.05 9.99 -57.20
C SER H 318 28.68 9.51 -56.75
N ASN H 319 27.72 10.43 -56.67
CA ASN H 319 26.40 10.11 -56.14
C ASN H 319 25.34 10.00 -57.25
N ASP H 320 25.54 10.77 -58.32
CA ASP H 320 24.66 10.70 -59.49
C ASP H 320 24.84 9.34 -60.14
N GLU H 321 23.78 8.82 -60.74
CA GLU H 321 23.83 7.49 -61.31
C GLU H 321 24.46 7.49 -62.72
N ILE H 322 24.11 8.51 -63.50
CA ILE H 322 24.60 8.64 -64.88
C ILE H 322 26.10 8.87 -64.92
N LYS H 323 26.60 9.71 -64.01
CA LYS H 323 28.03 9.97 -63.98
C LYS H 323 28.74 8.70 -63.51
N LYS H 324 28.07 7.90 -62.68
CA LYS H 324 28.63 6.62 -62.27
C LYS H 324 28.83 5.67 -63.45
N LYS H 325 27.76 5.43 -64.21
CA LYS H 325 27.88 4.51 -65.33
C LYS H 325 28.82 5.07 -66.41
N THR H 326 28.79 6.40 -66.61
CA THR H 326 29.69 7.04 -67.58
C THR H 326 31.16 6.84 -67.20
N PHE H 327 31.49 7.17 -65.96
CA PHE H 327 32.87 7.04 -65.46
C PHE H 327 33.33 5.58 -65.52
N LYS H 328 32.45 4.66 -65.13
CA LYS H 328 32.73 3.24 -65.22
C LYS H 328 33.09 2.89 -66.67
N ARG H 329 32.26 3.37 -67.60
CA ARG H 329 32.47 3.11 -69.02
C ARG H 329 33.83 3.61 -69.48
N GLU H 330 34.20 4.80 -69.03
CA GLU H 330 35.49 5.37 -69.39
C GLU H 330 36.64 4.52 -68.83
N SER H 331 36.43 3.96 -67.64
CA SER H 331 37.38 3.03 -67.06
C SER H 331 37.58 1.81 -67.97
N ILE H 332 36.47 1.23 -68.41
CA ILE H 332 36.54 0.08 -69.29
C ILE H 332 37.26 0.41 -70.61
N LEU H 333 36.94 1.57 -71.18
CA LEU H 333 37.57 2.00 -72.43
C LEU H 333 39.08 2.13 -72.25
N ASN H 334 39.49 2.74 -71.15
CA ASN H 334 40.90 2.86 -70.84
C ASN H 334 41.57 1.51 -70.61
N PHE H 335 40.83 0.56 -70.07
CA PHE H 335 41.33 -0.82 -69.94
C PHE H 335 41.60 -1.41 -71.33
N VAL H 336 40.63 -1.27 -72.23
CA VAL H 336 40.79 -1.78 -73.59
C VAL H 336 42.02 -1.16 -74.26
N ASN H 337 42.20 0.14 -74.05
CA ASN H 337 43.40 0.82 -74.55
C ASN H 337 44.67 0.23 -73.96
N PHE H 338 44.65 -0.03 -72.65
CA PHE H 338 45.76 -0.69 -71.96
C PHE H 338 46.14 -1.99 -72.64
N VAL H 339 45.15 -2.85 -72.86
CA VAL H 339 45.37 -4.14 -73.51
C VAL H 339 45.96 -3.97 -74.91
N LYS H 340 45.36 -3.07 -75.69
CA LYS H 340 45.77 -2.87 -77.08
C LYS H 340 47.21 -2.34 -77.17
N TYR H 341 47.54 -1.41 -76.29
CA TYR H 341 48.88 -0.87 -76.24
C TYR H 341 49.88 -1.92 -75.79
N ASN H 342 49.50 -2.74 -74.82
CA ASN H 342 50.37 -3.85 -74.41
C ASN H 342 50.66 -4.91 -75.46
N ASP H 343 49.64 -5.43 -76.12
CA ASP H 343 49.89 -6.45 -77.15
C ASP H 343 50.59 -5.82 -78.35
N LYS H 344 50.20 -4.62 -78.75
CA LYS H 344 50.95 -3.96 -79.84
C LYS H 344 52.40 -3.78 -79.44
N TYR H 345 52.65 -3.47 -78.17
CA TYR H 345 54.02 -3.32 -77.67
C TYR H 345 54.80 -4.62 -77.83
N TYR H 346 54.26 -5.70 -77.27
CA TYR H 346 54.94 -7.00 -77.31
C TYR H 346 55.10 -7.51 -78.74
N GLN H 347 54.19 -7.13 -79.62
CA GLN H 347 54.31 -7.51 -81.02
C GLN H 347 55.45 -6.73 -81.67
N LEU H 348 55.52 -5.43 -81.40
CA LEU H 348 56.47 -4.55 -82.07
C LEU H 348 57.88 -4.66 -81.46
N HIS H 349 57.93 -4.63 -80.13
CA HIS H 349 59.19 -4.43 -79.39
C HIS H 349 60.10 -5.63 -79.21
N ASP H 350 59.54 -6.70 -78.65
CA ASP H 350 60.22 -7.95 -78.32
C ASP H 350 59.13 -9.00 -78.36
N ASN H 351 59.38 -10.23 -78.78
CA ASN H 351 58.30 -11.20 -78.67
C ASN H 351 58.26 -11.74 -77.25
N SER H 352 58.46 -10.82 -76.30
CA SER H 352 58.27 -11.02 -74.88
C SER H 352 57.38 -9.84 -74.47
N HIS H 353 56.55 -10.03 -73.44
CA HIS H 353 55.66 -8.97 -72.94
C HIS H 353 56.32 -8.13 -71.86
N ARG H 354 55.82 -6.91 -71.68
CA ARG H 354 56.36 -5.92 -70.75
C ARG H 354 56.21 -6.22 -69.26
N ASP H 355 54.99 -6.55 -68.82
CA ASP H 355 54.73 -6.72 -67.41
C ASP H 355 53.53 -7.62 -67.18
N ILE H 356 53.75 -8.93 -67.13
CA ILE H 356 52.65 -9.88 -67.00
C ILE H 356 51.87 -9.64 -65.73
N ILE H 357 52.59 -9.34 -64.66
CA ILE H 357 51.96 -9.12 -63.37
C ILE H 357 50.99 -7.93 -63.44
N SER H 358 51.45 -6.84 -64.04
CA SER H 358 50.63 -5.66 -64.22
C SER H 358 49.44 -5.94 -65.14
N PHE H 359 49.67 -6.76 -66.16
CA PHE H 359 48.64 -7.17 -67.10
C PHE H 359 47.51 -7.92 -66.41
N ILE H 360 47.87 -9.02 -65.76
CA ILE H 360 46.94 -9.85 -65.01
C ILE H 360 46.25 -9.06 -63.93
N ASP H 361 46.99 -8.13 -63.31
CA ASP H 361 46.42 -7.27 -62.28
C ASP H 361 45.32 -6.39 -62.87
N ALA H 362 45.60 -5.81 -64.04
CA ALA H 362 44.63 -4.95 -64.70
C ALA H 362 43.37 -5.73 -65.03
N TYR H 363 43.54 -6.91 -65.62
CA TYR H 363 42.41 -7.78 -65.92
C TYR H 363 41.60 -8.07 -64.67
N SER H 364 42.30 -8.43 -63.60
CA SER H 364 41.68 -8.75 -62.31
C SER H 364 40.85 -7.57 -61.80
N PHE H 365 41.43 -6.38 -61.88
CA PHE H 365 40.76 -5.16 -61.45
C PHE H 365 39.50 -4.89 -62.26
N ILE H 366 39.62 -4.89 -63.58
CA ILE H 366 38.50 -4.53 -64.45
C ILE H 366 37.39 -5.57 -64.34
N LEU H 367 37.75 -6.82 -64.06
CA LEU H 367 36.76 -7.88 -63.89
C LEU H 367 36.12 -7.84 -62.50
N GLN H 368 36.86 -7.36 -61.51
CA GLN H 368 36.32 -7.20 -60.17
C GLN H 368 35.18 -6.19 -60.16
N ASN H 369 35.40 -5.08 -60.84
CA ASN H 369 34.51 -3.93 -60.75
C ASN H 369 33.42 -3.85 -61.83
N SER H 370 33.39 -4.80 -62.75
CA SER H 370 32.38 -4.75 -63.82
C SER H 370 31.56 -6.03 -63.92
N SER H 371 30.35 -5.89 -64.44
CA SER H 371 29.49 -7.03 -64.74
C SER H 371 29.25 -7.12 -66.24
N LYS H 372 28.41 -8.06 -66.67
CA LYS H 372 28.08 -8.22 -68.07
C LYS H 372 27.38 -7.00 -68.65
N THR H 373 26.66 -6.28 -67.79
CA THR H 373 25.89 -5.12 -68.22
C THR H 373 26.77 -4.00 -68.80
N ASP H 374 28.00 -3.90 -68.33
CA ASP H 374 28.86 -2.78 -68.72
C ASP H 374 29.60 -2.94 -70.05
N SER H 375 29.53 -4.13 -70.63
CA SER H 375 30.31 -4.43 -71.83
C SER H 375 29.81 -3.70 -73.08
N ILE H 376 30.71 -3.47 -74.03
CA ILE H 376 30.32 -2.86 -75.31
C ILE H 376 30.43 -3.92 -76.39
N GLU H 377 29.53 -3.89 -77.37
CA GLU H 377 29.37 -5.03 -78.26
C GLU H 377 30.65 -5.36 -79.01
N ASN H 378 31.40 -4.35 -79.42
CA ASN H 378 32.65 -4.61 -80.13
C ASN H 378 33.92 -4.24 -79.35
N VAL H 379 33.86 -3.17 -78.57
CA VAL H 379 35.04 -2.73 -77.82
C VAL H 379 35.41 -3.69 -76.68
N PHE H 380 34.41 -4.04 -75.86
CA PHE H 380 34.62 -4.83 -74.65
C PHE H 380 33.58 -5.92 -74.46
N ASP H 381 34.02 -7.17 -74.31
CA ASP H 381 33.07 -8.24 -74.03
C ASP H 381 33.44 -8.91 -72.74
N TYR H 382 32.50 -8.92 -71.80
CA TYR H 382 32.78 -9.40 -70.46
C TYR H 382 33.18 -10.86 -70.45
N ASP H 383 32.33 -11.74 -70.97
CA ASP H 383 32.63 -13.16 -71.00
C ASP H 383 33.93 -13.43 -71.77
N ASN H 384 34.13 -12.71 -72.87
CA ASN H 384 35.36 -12.82 -73.64
C ASN H 384 36.58 -12.36 -72.85
N THR H 385 36.44 -11.27 -72.12
CA THR H 385 37.53 -10.75 -71.29
C THR H 385 37.85 -11.73 -70.18
N VAL H 386 36.83 -12.41 -69.67
CA VAL H 386 37.02 -13.40 -68.61
C VAL H 386 37.75 -14.63 -69.13
N SER H 387 37.29 -15.18 -70.26
CA SER H 387 37.96 -16.33 -70.87
C SER H 387 39.40 -15.99 -71.23
N THR H 388 39.60 -14.79 -71.78
CA THR H 388 40.93 -14.30 -72.12
C THR H 388 41.81 -14.22 -70.88
N PHE H 389 41.22 -13.74 -69.79
CA PHE H 389 41.90 -13.65 -68.50
C PHE H 389 42.35 -15.02 -68.03
N ALA H 390 41.44 -15.98 -68.07
CA ALA H 390 41.73 -17.32 -67.61
C ALA H 390 42.84 -17.95 -68.44
N THR H 391 42.71 -17.87 -69.77
CA THR H 391 43.69 -18.48 -70.66
C THR H 391 45.06 -17.81 -70.58
N SER H 392 45.09 -16.49 -70.41
CA SER H 392 46.37 -15.77 -70.33
C SER H 392 47.06 -16.04 -68.99
N LEU H 393 46.25 -16.18 -67.94
CA LEU H 393 46.77 -16.54 -66.62
C LEU H 393 47.35 -17.95 -66.67
N ASN H 394 46.58 -18.85 -67.26
CA ASN H 394 46.96 -20.24 -67.40
C ASN H 394 48.23 -20.37 -68.23
N SER H 395 48.33 -19.54 -69.26
CA SER H 395 49.51 -19.50 -70.13
C SER H 395 50.71 -18.99 -69.34
N PHE H 396 50.49 -17.99 -68.51
CA PHE H 396 51.55 -17.50 -67.63
C PHE H 396 52.11 -18.60 -66.76
N TYR H 397 51.23 -19.32 -66.06
CA TYR H 397 51.67 -20.43 -65.21
C TYR H 397 52.38 -21.51 -66.00
N LYS H 398 51.83 -21.85 -67.16
CA LYS H 398 52.37 -22.94 -67.98
C LYS H 398 53.73 -22.60 -68.57
N GLU H 399 53.94 -21.32 -68.87
CA GLU H 399 55.16 -20.89 -69.54
C GLU H 399 56.41 -21.10 -68.71
N TYR H 400 56.36 -20.68 -67.44
CA TYR H 400 57.53 -20.74 -66.58
C TYR H 400 57.62 -22.03 -65.78
N ASN H 401 56.93 -23.07 -66.27
CA ASN H 401 56.93 -24.37 -65.64
C ASN H 401 56.56 -24.27 -64.17
N LEU H 402 55.70 -23.29 -63.87
CA LEU H 402 55.20 -23.10 -62.52
C LEU H 402 54.19 -24.19 -62.20
N PRO H 403 54.21 -24.68 -60.95
CA PRO H 403 53.30 -25.77 -60.61
C PRO H 403 51.86 -25.28 -60.60
N LEU H 404 50.95 -26.15 -61.04
CA LEU H 404 49.55 -25.82 -61.14
C LEU H 404 48.69 -26.90 -60.52
N MSE H 405 47.99 -26.55 -59.44
CA MSE H 405 47.00 -27.46 -58.91
C MSE H 405 45.95 -27.66 -60.00
O MSE H 405 45.34 -26.71 -60.47
CB MSE H 405 46.38 -26.92 -57.63
CG MSE H 405 45.41 -27.90 -56.99
SE MSE H 405 46.20 -29.01 -55.60
CE MSE H 405 46.90 -27.59 -54.44
N SER H 406 45.78 -28.92 -60.40
CA SER H 406 44.96 -29.26 -61.56
C SER H 406 43.60 -29.79 -61.10
N GLN H 407 42.72 -30.12 -62.05
CA GLN H 407 41.33 -30.37 -61.71
C GLN H 407 41.16 -31.58 -60.81
N SER H 408 41.84 -32.66 -61.15
CA SER H 408 41.70 -33.90 -60.41
C SER H 408 42.25 -33.84 -58.99
N GLU H 409 43.50 -33.41 -58.85
CA GLU H 409 44.12 -33.33 -57.54
C GLU H 409 43.44 -32.30 -56.64
N SER H 410 42.70 -31.37 -57.22
CA SER H 410 42.03 -30.33 -56.45
C SER H 410 40.82 -30.88 -55.69
N LEU H 411 40.42 -32.11 -55.99
CA LEU H 411 39.28 -32.73 -55.33
C LEU H 411 39.54 -33.08 -53.87
N ASP H 412 40.81 -33.23 -53.52
CA ASP H 412 41.20 -33.38 -52.12
C ASP H 412 42.37 -32.43 -51.92
N TRP H 413 42.28 -31.52 -50.96
CA TRP H 413 43.37 -30.57 -50.82
C TRP H 413 44.30 -31.00 -49.70
N LEU H 414 43.75 -31.73 -48.72
CA LEU H 414 44.56 -32.21 -47.59
C LEU H 414 45.62 -33.17 -48.11
N GLU H 415 45.23 -34.00 -49.06
CA GLU H 415 46.15 -34.97 -49.66
C GLU H 415 47.12 -34.31 -50.64
N ASN H 416 46.61 -33.43 -51.49
CA ASN H 416 47.37 -32.89 -52.60
C ASN H 416 47.91 -31.47 -52.41
N SER H 417 47.89 -30.96 -51.19
CA SER H 417 48.35 -29.59 -50.91
C SER H 417 49.84 -29.42 -51.23
N THR H 418 50.17 -28.29 -51.85
CA THR H 418 51.56 -27.92 -52.11
C THR H 418 51.78 -26.47 -51.74
N ARG H 419 53.00 -26.13 -51.35
CA ARG H 419 53.33 -24.76 -50.97
C ARG H 419 54.19 -24.06 -52.02
N CYS H 420 53.71 -22.93 -52.52
CA CYS H 420 54.48 -22.11 -53.45
C CYS H 420 54.91 -20.83 -52.75
N VAL H 421 56.14 -20.39 -53.00
CA VAL H 421 56.66 -19.19 -52.38
C VAL H 421 57.12 -18.18 -53.41
N TYR H 422 56.33 -17.11 -53.55
CA TYR H 422 56.66 -16.02 -54.46
C TYR H 422 56.88 -14.75 -53.65
N PRO H 423 57.53 -13.74 -54.27
CA PRO H 423 57.61 -12.42 -53.64
C PRO H 423 56.22 -11.90 -53.29
N GLY H 424 56.09 -11.18 -52.17
CA GLY H 424 54.81 -10.74 -51.66
C GLY H 424 53.92 -10.08 -52.70
N ASN H 425 54.52 -9.24 -53.54
CA ASN H 425 53.78 -8.57 -54.61
C ASN H 425 53.12 -9.57 -55.57
N ILE H 426 53.90 -10.54 -56.02
CA ILE H 426 53.42 -11.51 -56.99
C ILE H 426 52.40 -12.46 -56.36
N SER H 427 52.68 -12.92 -55.14
CA SER H 427 51.75 -13.76 -54.40
C SER H 427 50.40 -13.05 -54.29
N LYS H 428 50.45 -11.78 -53.87
CA LYS H 428 49.24 -10.97 -53.75
C LYS H 428 48.47 -10.91 -55.07
N VAL H 429 49.16 -10.54 -56.14
CA VAL H 429 48.53 -10.42 -57.45
C VAL H 429 47.90 -11.73 -57.92
N LEU H 430 48.61 -12.84 -57.72
CA LEU H 430 48.15 -14.14 -58.18
C LEU H 430 46.98 -14.70 -57.37
N THR H 431 47.08 -14.65 -56.04
CA THR H 431 45.99 -15.08 -55.18
C THR H 431 44.76 -14.27 -55.52
N ASN H 432 44.95 -12.97 -55.70
CA ASN H 432 43.84 -12.10 -56.05
C ASN H 432 43.24 -12.50 -57.40
N ALA H 433 44.10 -12.87 -58.35
CA ALA H 433 43.65 -13.24 -59.68
C ALA H 433 42.76 -14.49 -59.65
N TRP H 434 43.28 -15.57 -59.07
CA TRP H 434 42.51 -16.81 -58.99
C TRP H 434 41.24 -16.64 -58.16
N SER H 435 41.35 -15.87 -57.07
CA SER H 435 40.20 -15.64 -56.22
C SER H 435 39.08 -14.91 -56.96
N THR H 436 39.43 -13.86 -57.69
CA THR H 436 38.44 -13.10 -58.45
C THR H 436 37.87 -13.89 -59.62
N LEU H 437 38.71 -14.69 -60.27
CA LEU H 437 38.23 -15.54 -61.36
C LEU H 437 37.17 -16.50 -60.78
N TYR H 438 37.45 -17.04 -59.60
CA TYR H 438 36.48 -17.87 -58.89
C TYR H 438 35.20 -17.10 -58.61
N GLU H 439 35.32 -15.88 -58.08
CA GLU H 439 34.16 -15.05 -57.77
C GLU H 439 33.28 -14.84 -58.99
N ILE H 440 33.91 -14.67 -60.15
CA ILE H 440 33.15 -14.51 -61.38
C ILE H 440 32.42 -15.78 -61.79
N ARG H 441 33.16 -16.89 -61.87
CA ARG H 441 32.55 -18.11 -62.39
C ARG H 441 31.94 -18.99 -61.30
N LYS H 442 31.66 -18.37 -60.15
CA LYS H 442 31.15 -19.08 -58.98
C LYS H 442 29.73 -19.61 -59.18
N TYR H 443 28.96 -18.93 -60.03
CA TYR H 443 27.54 -19.22 -60.15
C TYR H 443 27.17 -20.11 -61.34
N GLN H 444 28.15 -20.40 -62.19
CA GLN H 444 27.89 -21.21 -63.37
C GLN H 444 28.16 -22.68 -63.10
N LEU H 445 27.17 -23.52 -63.40
CA LEU H 445 27.22 -24.94 -63.09
C LEU H 445 28.32 -25.67 -63.84
N ASP H 446 28.52 -25.27 -65.10
CA ASP H 446 29.49 -25.94 -65.97
C ASP H 446 30.91 -25.90 -65.40
N PHE H 447 31.23 -24.87 -64.64
CA PHE H 447 32.56 -24.74 -64.03
C PHE H 447 32.68 -25.47 -62.69
N LEU H 448 31.56 -25.68 -62.00
CA LEU H 448 31.57 -26.46 -60.77
C LEU H 448 31.70 -27.94 -61.14
N VAL H 449 30.94 -28.32 -62.17
CA VAL H 449 30.95 -29.69 -62.70
C VAL H 449 32.28 -30.08 -63.32
N SER H 450 32.91 -29.14 -64.02
CA SER H 450 34.22 -29.39 -64.61
C SER H 450 35.27 -29.41 -63.50
N ASN H 451 34.84 -29.07 -62.29
CA ASN H 451 35.69 -29.03 -61.11
C ASN H 451 36.78 -27.97 -61.25
N ASN H 452 36.49 -26.93 -62.04
CA ASN H 452 37.41 -25.81 -62.24
C ASN H 452 37.43 -24.86 -61.05
N LEU H 453 36.29 -24.71 -60.38
CA LEU H 453 36.19 -23.80 -59.24
C LEU H 453 37.11 -24.23 -58.11
N THR H 454 37.12 -25.53 -57.85
CA THR H 454 37.98 -26.10 -56.82
C THR H 454 39.43 -25.85 -57.20
N SER H 455 39.72 -25.91 -58.49
CA SER H 455 41.06 -25.66 -59.00
C SER H 455 41.47 -24.21 -58.78
N TYR H 456 40.54 -23.29 -59.03
CA TYR H 456 40.76 -21.86 -58.82
C TYR H 456 41.13 -21.61 -57.36
N LEU H 457 40.25 -22.08 -56.47
CA LEU H 457 40.46 -21.87 -55.04
C LEU H 457 41.76 -22.50 -54.57
N CYS H 458 42.07 -23.69 -55.08
CA CYS H 458 43.31 -24.36 -54.73
C CYS H 458 44.53 -23.56 -55.18
N ASN H 459 44.49 -23.06 -56.41
CA ASN H 459 45.58 -22.24 -56.93
C ASN H 459 45.76 -20.99 -56.08
N ALA H 460 44.65 -20.49 -55.54
CA ALA H 460 44.71 -19.35 -54.64
C ALA H 460 45.25 -19.76 -53.27
N MSE H 461 45.12 -21.05 -52.95
CA MSE H 461 45.47 -21.55 -51.62
C MSE H 461 46.92 -21.97 -51.50
O MSE H 461 47.49 -21.91 -50.41
CB MSE H 461 44.57 -22.73 -51.24
CG MSE H 461 43.25 -22.33 -50.62
SE MSE H 461 42.26 -23.86 -49.92
CE MSE H 461 41.74 -24.72 -51.58
N MSE H 462 47.52 -22.39 -52.61
CA MSE H 462 48.92 -22.81 -52.62
C MSE H 462 49.81 -21.71 -52.06
O MSE H 462 50.71 -21.97 -51.26
CB MSE H 462 49.38 -23.16 -54.03
CG MSE H 462 48.59 -24.30 -54.67
SE MSE H 462 49.30 -24.82 -56.41
CE MSE H 462 49.41 -23.05 -57.23
N LEU H 463 49.55 -20.48 -52.48
CA LEU H 463 50.29 -19.32 -51.99
C LEU H 463 49.83 -18.98 -50.57
N SER H 464 50.55 -18.07 -49.92
CA SER H 464 50.30 -17.70 -48.53
C SER H 464 50.37 -18.91 -47.61
N GLY H 479 44.94 -11.43 -37.89
CA GLY H 479 45.86 -11.48 -39.02
C GLY H 479 45.14 -11.38 -40.34
N GLU H 480 45.83 -10.81 -41.34
CA GLU H 480 45.26 -10.63 -42.67
C GLU H 480 45.22 -11.93 -43.47
N GLU H 481 46.38 -12.55 -43.58
CA GLU H 481 46.54 -13.74 -44.41
C GLU H 481 45.88 -14.95 -43.77
N GLU H 482 45.74 -14.91 -42.44
CA GLU H 482 45.08 -16.00 -41.74
C GLU H 482 43.61 -16.02 -42.14
N LYS H 483 43.00 -14.84 -42.14
CA LYS H 483 41.60 -14.71 -42.54
C LYS H 483 41.44 -14.95 -44.03
N ALA H 484 42.44 -14.55 -44.82
CA ALA H 484 42.41 -14.83 -46.26
C ALA H 484 42.36 -16.32 -46.55
N LEU H 485 43.32 -17.06 -45.98
CA LEU H 485 43.35 -18.52 -46.10
C LEU H 485 42.08 -19.14 -45.57
N ARG H 486 41.62 -18.65 -44.43
CA ARG H 486 40.41 -19.16 -43.80
C ARG H 486 39.21 -19.07 -44.73
N GLU H 487 38.98 -17.89 -45.27
CA GLU H 487 37.84 -17.68 -46.15
C GLU H 487 37.97 -18.47 -47.45
N LEU H 488 39.19 -18.56 -47.98
CA LEU H 488 39.42 -19.35 -49.19
C LEU H 488 39.09 -20.82 -48.96
N GLN H 489 39.60 -21.36 -47.86
CA GLN H 489 39.37 -22.74 -47.47
C GLN H 489 37.88 -23.02 -47.24
N PHE H 490 37.19 -22.08 -46.59
CA PHE H 490 35.75 -22.21 -46.41
C PHE H 490 35.05 -22.29 -47.74
N LYS H 491 35.37 -21.37 -48.64
CA LYS H 491 34.77 -21.36 -49.96
C LYS H 491 35.03 -22.67 -50.69
N TYR H 492 36.20 -23.25 -50.42
CA TYR H 492 36.57 -24.56 -50.97
C TYR H 492 35.60 -25.63 -50.47
N SER H 493 35.43 -25.67 -49.15
CA SER H 493 34.53 -26.64 -48.52
C SER H 493 33.09 -26.50 -49.02
N TYR H 494 32.62 -25.25 -49.07
CA TYR H 494 31.28 -24.94 -49.56
C TYR H 494 31.11 -25.39 -51.00
N THR H 495 32.16 -25.22 -51.79
CA THR H 495 32.14 -25.61 -53.19
C THR H 495 32.07 -27.12 -53.34
N LEU H 496 32.78 -27.83 -52.48
CA LEU H 496 32.73 -29.29 -52.48
C LEU H 496 31.36 -29.78 -52.02
N ALA H 497 30.75 -29.06 -51.08
CA ALA H 497 29.44 -29.43 -50.58
C ALA H 497 28.36 -29.22 -51.64
N GLN H 498 28.44 -28.10 -52.36
CA GLN H 498 27.53 -27.84 -53.47
C GLN H 498 27.60 -28.94 -54.54
N GLN H 499 28.81 -29.42 -54.79
CA GLN H 499 29.05 -30.49 -55.75
C GLN H 499 28.55 -31.82 -55.22
N ARG H 500 28.14 -31.83 -53.95
CA ARG H 500 27.63 -33.02 -53.26
C ARG H 500 28.74 -34.02 -53.01
N HIS H 501 29.97 -33.52 -52.94
CA HIS H 501 31.06 -34.32 -52.43
C HIS H 501 31.08 -34.12 -50.92
N ILE H 502 30.05 -34.64 -50.26
CA ILE H 502 29.82 -34.32 -48.86
C ILE H 502 30.73 -35.15 -47.96
N GLU H 503 30.97 -36.40 -48.34
CA GLU H 503 31.80 -37.29 -47.54
C GLU H 503 33.22 -36.77 -47.43
N THR H 504 33.76 -36.22 -48.50
CA THR H 504 35.10 -35.65 -48.48
C THR H 504 35.12 -34.24 -47.88
N ALA H 505 34.08 -33.47 -48.18
CA ALA H 505 33.97 -32.09 -47.71
C ALA H 505 33.88 -32.02 -46.19
N ILE H 506 33.19 -32.98 -45.58
CA ILE H 506 33.09 -33.01 -44.13
C ILE H 506 34.48 -33.25 -43.54
N LYS H 507 35.26 -34.11 -44.18
CA LYS H 507 36.60 -34.41 -43.69
C LYS H 507 37.55 -33.20 -43.78
N THR H 508 37.59 -32.58 -44.96
CA THR H 508 38.42 -31.40 -45.16
C THR H 508 38.02 -30.28 -44.22
N LEU H 509 36.72 -30.03 -44.14
CA LEU H 509 36.18 -28.99 -43.30
C LEU H 509 36.56 -29.25 -41.85
N GLU H 510 36.29 -30.46 -41.39
CA GLU H 510 36.47 -30.85 -40.00
C GLU H 510 37.90 -30.64 -39.56
N SER H 511 38.81 -31.38 -40.21
CA SER H 511 40.21 -31.39 -39.81
C SER H 511 40.89 -30.04 -40.06
N LEU H 512 40.74 -29.50 -41.27
CA LEU H 512 41.47 -28.29 -41.62
C LEU H 512 40.93 -27.07 -40.91
N ILE H 513 39.62 -26.86 -40.98
CA ILE H 513 39.06 -25.60 -40.54
C ILE H 513 38.80 -25.62 -39.04
N LEU H 514 38.27 -26.72 -38.53
CA LEU H 514 37.80 -26.67 -37.15
C LEU H 514 38.85 -27.07 -36.11
N SER H 515 39.98 -27.61 -36.54
CA SER H 515 41.08 -27.90 -35.62
C SER H 515 41.86 -26.63 -35.30
N LYS H 516 41.54 -25.57 -36.02
CA LYS H 516 42.26 -24.30 -35.90
C LYS H 516 41.32 -23.15 -35.55
N ASN H 517 40.03 -23.40 -35.66
CA ASN H 517 39.05 -22.35 -35.44
C ASN H 517 37.78 -22.66 -34.65
N PRO H 518 37.85 -22.59 -33.32
CA PRO H 518 36.60 -22.78 -32.59
C PRO H 518 35.75 -21.50 -32.74
N ASN H 519 36.38 -20.43 -33.19
CA ASN H 519 35.74 -19.13 -33.32
C ASN H 519 35.06 -18.90 -34.68
N TYR H 520 35.04 -19.93 -35.52
CA TYR H 520 34.60 -19.79 -36.90
C TYR H 520 33.30 -20.55 -37.15
N TYR H 521 32.18 -19.86 -37.08
CA TYR H 521 30.89 -20.54 -36.96
C TYR H 521 30.26 -20.89 -38.31
N LYS H 522 30.86 -20.34 -39.36
CA LYS H 522 30.37 -20.48 -40.73
C LYS H 522 30.53 -21.94 -41.15
N ALA H 523 31.69 -22.48 -40.79
CA ALA H 523 32.05 -23.84 -41.14
C ALA H 523 31.37 -24.82 -40.18
N TRP H 524 30.98 -24.32 -39.00
CA TRP H 524 30.25 -25.16 -38.08
C TRP H 524 28.87 -25.39 -38.65
N HIS H 525 28.26 -24.34 -39.18
CA HIS H 525 26.95 -24.50 -39.78
C HIS H 525 27.03 -25.33 -41.05
N LEU H 526 28.08 -25.16 -41.85
CA LEU H 526 28.21 -25.95 -43.08
C LEU H 526 28.40 -27.44 -42.77
N LEU H 527 29.22 -27.73 -41.76
CA LEU H 527 29.48 -29.10 -41.34
C LEU H 527 28.18 -29.70 -40.82
N ALA H 528 27.47 -28.90 -40.01
CA ALA H 528 26.20 -29.30 -39.45
C ALA H 528 25.22 -29.69 -40.54
N LEU H 529 25.13 -28.86 -41.57
CA LEU H 529 24.22 -29.12 -42.68
C LEU H 529 24.59 -30.43 -43.37
N CYS H 530 25.90 -30.63 -43.52
CA CYS H 530 26.39 -31.83 -44.18
C CYS H 530 26.12 -33.11 -43.41
N ARG H 531 26.28 -33.07 -42.10
CA ARG H 531 26.05 -34.27 -41.31
C ARG H 531 24.56 -34.46 -41.18
N SER H 532 23.81 -33.37 -41.38
CA SER H 532 22.36 -33.44 -41.37
C SER H 532 21.85 -34.15 -42.63
N VAL H 533 22.63 -34.12 -43.71
CA VAL H 533 22.13 -34.67 -44.98
C VAL H 533 21.84 -36.18 -44.86
N GLN H 534 22.63 -36.89 -44.06
CA GLN H 534 22.44 -38.33 -43.82
C GLN H 534 21.18 -38.64 -43.00
N GLU H 535 20.55 -39.77 -43.30
CA GLU H 535 19.30 -40.18 -42.63
C GLU H 535 19.34 -40.04 -41.09
N ASP H 536 20.48 -40.29 -40.47
CA ASP H 536 20.61 -40.11 -39.02
C ASP H 536 21.31 -38.79 -38.73
N LYS H 537 20.59 -37.91 -38.06
CA LYS H 537 21.07 -36.58 -37.83
C LYS H 537 21.38 -36.31 -36.37
N GLU H 538 21.63 -37.33 -35.56
CA GLU H 538 21.80 -37.04 -34.15
C GLU H 538 23.14 -36.37 -33.92
N MSE H 539 24.13 -36.81 -34.68
CA MSE H 539 25.41 -36.12 -34.71
C MSE H 539 25.21 -34.64 -35.07
O MSE H 539 25.54 -33.77 -34.27
CB MSE H 539 26.35 -36.79 -35.71
CG MSE H 539 27.76 -36.27 -35.63
SE MSE H 539 28.97 -37.11 -36.90
CE MSE H 539 29.41 -38.72 -35.87
N SER H 540 24.65 -34.37 -36.24
CA SER H 540 24.48 -32.99 -36.73
C SER H 540 23.61 -32.15 -35.81
N TYR H 541 22.52 -32.74 -35.33
CA TYR H 541 21.61 -32.03 -34.45
C TYR H 541 22.33 -31.61 -33.17
N LYS H 542 23.07 -32.55 -32.59
CA LYS H 542 23.80 -32.26 -31.35
C LYS H 542 24.89 -31.23 -31.62
N ILE H 543 25.48 -31.27 -32.81
CA ILE H 543 26.44 -30.26 -33.23
C ILE H 543 25.79 -28.88 -33.24
N VAL H 544 24.63 -28.78 -33.89
CA VAL H 544 23.89 -27.53 -33.98
C VAL H 544 23.58 -27.02 -32.57
N CYS H 545 23.29 -27.95 -31.67
CA CYS H 545 23.00 -27.59 -30.28
C CYS H 545 24.25 -26.98 -29.64
N SER H 546 25.38 -27.66 -29.80
CA SER H 546 26.65 -27.23 -29.22
C SER H 546 27.11 -25.88 -29.74
N VAL H 547 27.05 -25.72 -31.06
CA VAL H 547 27.45 -24.48 -31.71
C VAL H 547 26.53 -23.34 -31.30
N LEU H 548 25.23 -23.62 -31.18
CA LEU H 548 24.28 -22.62 -30.72
C LEU H 548 24.62 -22.17 -29.31
N GLU H 549 24.97 -23.11 -28.45
CA GLU H 549 25.39 -22.80 -27.09
C GLU H 549 26.64 -21.93 -27.07
N ALA H 550 27.61 -22.30 -27.92
CA ALA H 550 28.86 -21.56 -28.04
C ALA H 550 28.59 -20.13 -28.50
N MSE H 551 27.65 -19.98 -29.44
CA MSE H 551 27.26 -18.69 -29.94
C MSE H 551 26.57 -17.88 -28.86
O MSE H 551 26.65 -16.66 -28.87
CB MSE H 551 26.32 -18.82 -31.13
CG MSE H 551 26.98 -19.04 -32.46
SE MSE H 551 25.59 -18.93 -33.82
CE MSE H 551 26.61 -19.41 -35.40
N ASN H 552 25.87 -18.54 -27.96
CA ASN H 552 25.22 -17.84 -26.86
C ASN H 552 26.28 -17.29 -25.92
N GLU H 553 27.33 -18.11 -25.69
CA GLU H 553 28.44 -17.69 -24.84
C GLU H 553 29.10 -16.47 -25.47
N SER H 554 29.39 -16.61 -26.75
CA SER H 554 30.02 -15.57 -27.54
C SER H 554 29.14 -14.36 -27.80
N LEU H 555 27.85 -14.48 -27.50
CA LEU H 555 26.91 -13.38 -27.74
C LEU H 555 26.79 -12.54 -26.49
N GLN H 556 26.46 -13.19 -25.38
CA GLN H 556 26.09 -12.46 -24.19
C GLN H 556 27.22 -12.09 -23.22
N ASN H 557 27.97 -13.07 -22.74
CA ASN H 557 28.99 -12.78 -21.73
C ASN H 557 30.16 -12.00 -22.31
N ASN H 558 30.53 -12.35 -23.53
CA ASN H 558 31.46 -11.59 -24.36
C ASN H 558 30.67 -11.31 -25.64
N THR H 559 30.67 -10.08 -26.13
CA THR H 559 30.00 -9.76 -27.38
C THR H 559 31.00 -9.83 -28.54
N LEU H 560 30.92 -10.85 -29.38
CA LEU H 560 31.97 -10.95 -30.38
C LEU H 560 31.48 -11.50 -31.73
N LEU H 561 30.77 -10.64 -32.47
CA LEU H 561 30.17 -10.93 -33.77
C LEU H 561 29.37 -9.75 -34.34
N LEU H 562 29.21 -9.72 -35.65
CA LEU H 562 28.29 -8.80 -36.35
C LEU H 562 27.55 -9.49 -37.49
N ASN H 563 28.33 -10.02 -38.43
CA ASN H 563 27.81 -10.80 -39.53
C ASN H 563 27.22 -12.09 -38.99
N ASP H 564 27.81 -12.58 -37.90
CA ASP H 564 27.42 -13.86 -37.30
C ASP H 564 26.04 -13.85 -36.59
N ARG H 565 25.43 -12.68 -36.33
CA ARG H 565 24.11 -12.70 -35.70
C ARG H 565 23.12 -13.36 -36.67
N TRP H 566 23.34 -13.09 -37.95
CA TRP H 566 22.54 -13.65 -39.03
C TRP H 566 22.74 -15.16 -39.07
N GLN H 567 23.99 -15.55 -38.89
CA GLN H 567 24.41 -16.94 -38.84
C GLN H 567 23.73 -17.64 -37.66
N PHE H 568 23.60 -16.89 -36.57
CA PHE H 568 22.92 -17.32 -35.35
C PHE H 568 21.46 -17.65 -35.64
N ILE H 569 20.75 -16.69 -36.21
CA ILE H 569 19.34 -16.89 -36.54
C ILE H 569 19.15 -18.08 -37.47
N HIS H 570 19.93 -18.12 -38.56
CA HIS H 570 19.80 -19.20 -39.54
C HIS H 570 20.16 -20.57 -38.96
N LEU H 571 21.14 -20.59 -38.06
CA LEU H 571 21.52 -21.80 -37.34
C LEU H 571 20.38 -22.31 -36.49
N LYS H 572 19.73 -21.38 -35.78
CA LYS H 572 18.57 -21.75 -34.96
C LYS H 572 17.45 -22.31 -35.83
N LEU H 573 17.23 -21.70 -36.99
CA LEU H 573 16.21 -22.20 -37.93
C LEU H 573 16.54 -23.62 -38.38
N THR H 574 17.82 -23.88 -38.62
CA THR H 574 18.28 -25.21 -38.97
C THR H 574 18.00 -26.20 -37.85
N GLN H 575 18.21 -25.74 -36.61
CA GLN H 575 17.90 -26.56 -35.44
C GLN H 575 16.42 -26.93 -35.43
N LEU H 576 15.57 -25.93 -35.67
CA LEU H 576 14.12 -26.15 -35.70
C LEU H 576 13.73 -27.19 -36.73
N ALA H 577 14.29 -27.07 -37.93
CA ALA H 577 14.02 -28.01 -39.02
C ALA H 577 14.48 -29.43 -38.65
N LEU H 578 15.62 -29.49 -37.98
CA LEU H 578 16.19 -30.75 -37.50
C LEU H 578 15.26 -31.43 -36.52
N ILE H 579 14.78 -30.68 -35.54
CA ILE H 579 13.80 -31.16 -34.57
C ILE H 579 12.55 -31.65 -35.30
N GLU H 580 12.10 -30.88 -36.28
CA GLU H 580 10.91 -31.22 -37.05
C GLU H 580 11.03 -32.59 -37.71
N GLU H 581 12.19 -32.86 -38.31
CA GLU H 581 12.37 -34.13 -39.02
C GLU H 581 12.65 -35.30 -38.08
N ILE H 582 13.32 -35.02 -36.97
CA ILE H 582 13.70 -36.07 -36.02
C ILE H 582 12.55 -36.45 -35.09
N PHE H 583 11.86 -35.45 -34.56
CA PHE H 583 10.79 -35.70 -33.60
C PHE H 583 9.42 -35.62 -34.25
N GLY H 584 8.98 -34.38 -34.53
CA GLY H 584 7.68 -34.15 -35.11
C GLY H 584 7.47 -32.67 -35.35
N THR H 585 6.52 -32.34 -36.21
CA THR H 585 6.25 -30.95 -36.53
C THR H 585 5.71 -30.17 -35.32
N LEU H 586 4.99 -30.86 -34.43
CA LEU H 586 4.46 -30.22 -33.23
C LEU H 586 5.56 -29.94 -32.21
N GLU H 587 6.45 -30.92 -32.00
CA GLU H 587 7.59 -30.74 -31.09
C GLU H 587 8.47 -29.60 -31.58
N ALA H 588 8.49 -29.40 -32.89
CA ALA H 588 9.21 -28.27 -33.49
C ALA H 588 8.44 -26.98 -33.27
N LEU H 589 7.11 -27.06 -33.31
CA LEU H 589 6.27 -25.90 -33.04
C LEU H 589 6.52 -25.40 -31.62
N GLU H 590 6.87 -26.32 -30.73
CA GLU H 590 7.11 -25.99 -29.33
C GLU H 590 8.26 -25.01 -29.11
N THR H 591 9.34 -25.17 -29.85
CA THR H 591 10.57 -24.41 -29.61
C THR H 591 10.65 -23.12 -30.42
N LEU H 592 9.56 -22.77 -31.08
CA LEU H 592 9.51 -21.54 -31.88
C LEU H 592 9.72 -20.22 -31.11
N PRO H 593 9.06 -20.04 -29.95
CA PRO H 593 9.19 -18.73 -29.27
C PRO H 593 10.63 -18.27 -29.01
N GLU H 594 11.58 -19.19 -28.99
CA GLU H 594 12.98 -18.83 -28.77
C GLU H 594 13.59 -17.96 -29.87
N VAL H 595 13.18 -18.17 -31.12
CA VAL H 595 13.76 -17.43 -32.23
C VAL H 595 13.43 -15.93 -32.17
N PHE H 596 12.20 -15.58 -31.80
CA PHE H 596 11.81 -14.18 -31.71
C PHE H 596 12.54 -13.55 -30.52
N GLU H 597 12.67 -14.33 -29.44
CA GLU H 597 13.49 -13.93 -28.30
C GLU H 597 14.94 -13.78 -28.73
N LEU H 598 15.41 -14.73 -29.52
CA LEU H 598 16.76 -14.71 -30.07
C LEU H 598 16.93 -13.48 -30.95
N TYR H 599 15.93 -13.25 -31.80
CA TYR H 599 15.90 -12.10 -32.69
C TYR H 599 15.93 -10.80 -31.89
N ALA H 600 15.08 -10.72 -30.87
CA ALA H 600 15.01 -9.54 -30.01
C ALA H 600 16.34 -9.28 -29.30
N THR H 601 17.01 -10.34 -28.89
CA THR H 601 18.31 -10.22 -28.23
C THR H 601 19.38 -9.79 -29.22
N LEU H 602 19.45 -10.46 -30.36
CA LEU H 602 20.44 -10.18 -31.39
C LEU H 602 20.27 -8.79 -31.98
N PHE H 603 19.03 -8.38 -32.20
CA PHE H 603 18.74 -7.07 -32.80
C PHE H 603 17.95 -6.18 -31.85
N PRO H 604 18.64 -5.25 -31.18
CA PRO H 604 18.01 -4.27 -30.28
C PRO H 604 17.24 -3.19 -31.04
N MSE H 613 24.10 -5.46 -42.49
CA MSE H 613 25.20 -6.36 -42.83
C MSE H 613 25.88 -5.93 -44.12
O MSE H 613 27.10 -5.76 -44.17
CB MSE H 613 24.69 -7.81 -42.97
CG MSE H 613 25.79 -8.82 -43.30
SE MSE H 613 25.13 -10.66 -43.38
CE MSE H 613 26.85 -11.58 -43.52
N GLY H 614 25.08 -5.75 -45.17
CA GLY H 614 25.59 -5.32 -46.45
C GLY H 614 24.69 -4.27 -47.06
N PRO H 615 24.87 -3.99 -48.36
CA PRO H 615 24.08 -2.96 -49.03
C PRO H 615 22.91 -3.50 -49.85
N LYS H 616 22.69 -4.81 -49.86
CA LYS H 616 21.59 -5.38 -50.64
C LYS H 616 20.40 -5.77 -49.77
N TYR H 617 19.33 -6.20 -50.43
CA TYR H 617 18.09 -6.54 -49.75
C TYR H 617 18.10 -7.93 -49.14
N SER H 618 18.88 -8.83 -49.73
CA SER H 618 19.05 -10.17 -49.17
C SER H 618 19.84 -10.08 -47.87
N GLN H 619 20.38 -8.91 -47.59
CA GLN H 619 21.30 -8.73 -46.48
C GLN H 619 20.80 -7.74 -45.43
N THR H 620 19.49 -7.50 -45.39
CA THR H 620 18.94 -6.59 -44.39
C THR H 620 18.20 -7.31 -43.26
N LYS H 621 18.20 -6.69 -42.08
CA LYS H 621 17.59 -7.25 -40.88
C LYS H 621 16.14 -7.67 -41.07
N GLU H 622 15.42 -6.83 -41.80
CA GLU H 622 14.01 -7.01 -42.03
C GLU H 622 13.77 -8.21 -42.95
N TYR H 623 14.70 -8.42 -43.88
CA TYR H 623 14.67 -9.61 -44.74
C TYR H 623 14.70 -10.86 -43.88
N LEU H 624 15.63 -10.86 -42.93
CA LEU H 624 15.83 -11.94 -41.99
C LEU H 624 14.57 -12.25 -41.20
N LEU H 625 13.98 -11.20 -40.64
CA LEU H 625 12.73 -11.34 -39.88
C LEU H 625 11.66 -12.00 -40.75
N GLN H 626 11.53 -11.52 -41.98
CA GLN H 626 10.54 -12.07 -42.91
C GLN H 626 10.81 -13.55 -43.16
N MSE H 627 12.08 -13.91 -43.32
CA MSE H 627 12.47 -15.30 -43.49
C MSE H 627 11.98 -16.16 -42.33
O MSE H 627 11.41 -17.24 -42.54
CB MSE H 627 13.99 -15.42 -43.63
CG MSE H 627 14.52 -15.09 -45.01
SE MSE H 627 14.08 -16.44 -46.34
CE MSE H 627 14.76 -18.01 -45.40
N VAL H 628 12.22 -15.69 -41.11
CA VAL H 628 11.77 -16.40 -39.92
C VAL H 628 10.25 -16.62 -39.93
N TRP H 629 9.52 -15.55 -40.20
CA TRP H 629 8.06 -15.62 -40.26
C TRP H 629 7.56 -16.61 -41.31
N ILE H 630 8.20 -16.61 -42.48
CA ILE H 630 7.84 -17.54 -43.55
C ILE H 630 8.10 -18.99 -43.15
N PHE H 631 9.24 -19.22 -42.49
CA PHE H 631 9.58 -20.56 -42.01
C PHE H 631 8.51 -21.07 -41.04
N ALA H 632 8.20 -20.25 -40.04
CA ALA H 632 7.16 -20.57 -39.06
C ALA H 632 5.84 -20.86 -39.78
N ALA H 633 5.53 -20.05 -40.78
CA ALA H 633 4.32 -20.22 -41.58
C ALA H 633 4.28 -21.60 -42.23
N ASN H 634 5.37 -21.98 -42.89
CA ASN H 634 5.47 -23.29 -43.53
C ASN H 634 5.29 -24.44 -42.54
N MSE H 635 5.85 -24.28 -41.35
CA MSE H 635 5.75 -25.32 -40.33
C MSE H 635 4.31 -25.46 -39.81
O MSE H 635 3.84 -26.57 -39.57
CB MSE H 635 6.71 -25.05 -39.19
CG MSE H 635 7.38 -26.30 -38.66
SE MSE H 635 9.07 -25.91 -37.77
CE MSE H 635 8.38 -24.97 -36.23
N TYR H 636 3.64 -24.33 -39.62
CA TYR H 636 2.23 -24.34 -39.24
C TYR H 636 1.38 -24.93 -40.37
N MSE H 637 1.82 -24.71 -41.59
CA MSE H 637 1.17 -25.27 -42.77
C MSE H 637 1.35 -26.78 -42.78
O MSE H 637 0.49 -27.50 -43.31
CB MSE H 637 1.75 -24.67 -44.04
CG MSE H 637 0.74 -23.94 -44.90
SE MSE H 637 1.64 -23.01 -46.35
CE MSE H 637 2.52 -21.61 -45.31
N ARG H 638 2.44 -27.24 -42.19
CA ARG H 638 2.74 -28.67 -42.22
C ARG H 638 1.70 -29.47 -41.45
N THR H 639 1.24 -28.95 -40.32
CA THR H 639 0.14 -29.57 -39.60
C THR H 639 -1.19 -29.09 -40.17
N LYS H 640 -2.07 -30.03 -40.47
CA LYS H 640 -3.39 -29.71 -40.99
C LYS H 640 -4.25 -29.01 -39.93
N ASP H 641 -3.73 -28.96 -38.70
CA ASP H 641 -4.51 -28.58 -37.53
C ASP H 641 -4.79 -27.07 -37.34
N ASN H 642 -3.78 -26.22 -37.52
CA ASN H 642 -3.94 -24.78 -37.30
C ASN H 642 -3.48 -23.89 -38.46
N ASP H 643 -4.44 -23.44 -39.27
CA ASP H 643 -4.15 -22.60 -40.43
C ASP H 643 -4.12 -21.11 -40.05
N GLU H 644 -4.81 -20.76 -38.97
CA GLU H 644 -4.84 -19.37 -38.50
C GLU H 644 -3.48 -18.88 -38.05
N ASP H 645 -2.69 -19.78 -37.47
CA ASP H 645 -1.32 -19.45 -37.07
C ASP H 645 -0.48 -19.08 -38.29
N ALA H 646 -0.68 -19.83 -39.37
CA ALA H 646 -0.01 -19.55 -40.63
C ALA H 646 -0.47 -18.22 -41.19
N LYS H 647 -1.76 -17.93 -41.05
CA LYS H 647 -2.32 -16.66 -41.51
C LYS H 647 -1.70 -15.48 -40.78
N ALA H 648 -1.62 -15.59 -39.45
CA ALA H 648 -1.00 -14.56 -38.62
C ALA H 648 0.47 -14.38 -38.96
N ALA H 649 1.17 -15.50 -39.17
CA ALA H 649 2.58 -15.45 -39.54
C ALA H 649 2.81 -14.73 -40.85
N ILE H 650 2.02 -15.08 -41.87
CA ILE H 650 2.11 -14.45 -43.18
C ILE H 650 1.75 -12.95 -43.14
N LYS H 651 0.69 -12.63 -42.41
CA LYS H 651 0.29 -11.23 -42.23
C LYS H 651 1.40 -10.42 -41.58
N GLU H 652 1.99 -10.96 -40.52
CA GLU H 652 3.09 -10.31 -39.82
C GLU H 652 4.32 -10.16 -40.73
N ALA H 653 4.56 -11.16 -41.57
CA ALA H 653 5.66 -11.14 -42.52
C ALA H 653 5.48 -10.00 -43.52
N SER H 654 4.27 -9.89 -44.03
CA SER H 654 3.92 -8.84 -44.98
C SER H 654 3.97 -7.47 -44.32
N ASN H 655 3.70 -7.45 -43.02
CA ASN H 655 3.67 -6.22 -42.23
C ASN H 655 5.06 -5.57 -42.04
N VAL H 656 6.08 -6.15 -42.65
CA VAL H 656 7.43 -5.58 -42.65
C VAL H 656 7.71 -4.77 -43.89
N GLU H 657 8.01 -3.48 -43.71
CA GLU H 657 8.27 -2.64 -44.87
C GLU H 657 9.71 -2.14 -44.93
N SER H 658 10.33 -2.33 -46.08
CA SER H 658 11.64 -1.75 -46.31
C SER H 658 11.66 -0.79 -47.50
N LYS H 659 12.75 -0.04 -47.64
CA LYS H 659 13.01 0.80 -48.81
C LYS H 659 13.24 -0.06 -50.05
N PHE H 660 13.98 -1.14 -49.85
CA PHE H 660 14.34 -2.07 -50.90
C PHE H 660 13.08 -2.83 -51.28
N LYS H 661 13.04 -3.36 -52.51
CA LYS H 661 11.86 -4.06 -52.99
C LYS H 661 11.61 -5.41 -52.31
N ASN H 662 10.39 -5.59 -51.80
CA ASN H 662 10.07 -6.84 -51.12
C ASN H 662 9.57 -7.93 -52.02
N LEU H 663 10.35 -9.01 -52.06
CA LEU H 663 9.93 -10.22 -52.73
C LEU H 663 9.26 -11.16 -51.74
N ASN H 664 9.59 -11.03 -50.45
CA ASN H 664 9.06 -11.93 -49.44
C ASN H 664 7.58 -11.66 -49.15
N CYS H 665 7.15 -10.43 -49.41
CA CYS H 665 5.73 -10.10 -49.33
C CYS H 665 4.98 -10.84 -50.43
N ASN H 666 5.60 -10.99 -51.58
CA ASN H 666 4.97 -11.71 -52.69
C ASN H 666 4.88 -13.22 -52.47
N ILE H 667 5.93 -13.83 -51.94
CA ILE H 667 5.89 -15.25 -51.66
C ILE H 667 4.92 -15.52 -50.50
N ALA H 668 4.90 -14.61 -49.53
CA ALA H 668 3.99 -14.74 -48.39
C ALA H 668 2.54 -14.63 -48.87
N ASN H 669 2.28 -13.62 -49.68
CA ASN H 669 0.96 -13.41 -50.27
C ASN H 669 0.55 -14.59 -51.14
N GLY H 670 1.54 -15.20 -51.78
CA GLY H 670 1.30 -16.35 -52.64
C GLY H 670 0.88 -17.55 -51.81
N TYR H 671 1.64 -17.84 -50.74
CA TYR H 671 1.32 -18.97 -49.88
C TYR H 671 -0.01 -18.77 -49.14
N LEU H 672 -0.31 -17.52 -48.78
CA LEU H 672 -1.57 -17.18 -48.11
C LEU H 672 -2.77 -17.37 -49.04
N SER H 673 -2.52 -17.24 -50.34
CA SER H 673 -3.60 -17.28 -51.32
C SER H 673 -4.14 -18.68 -51.59
N ILE H 674 -3.36 -19.70 -51.27
CA ILE H 674 -3.82 -21.08 -51.33
C ILE H 674 -5.05 -21.32 -50.45
N PRO H 679 -6.40 -19.97 -55.67
CA PRO H 679 -7.22 -20.05 -56.89
C PRO H 679 -6.43 -19.78 -58.16
N GLY H 680 -5.15 -19.42 -58.01
CA GLY H 680 -4.31 -19.12 -59.15
C GLY H 680 -3.67 -17.75 -59.05
N VAL H 681 -4.16 -16.93 -58.14
CA VAL H 681 -3.57 -15.61 -57.89
C VAL H 681 -2.18 -15.80 -57.29
N ALA H 682 -2.06 -16.85 -56.49
CA ALA H 682 -0.77 -17.25 -55.91
C ALA H 682 0.23 -17.52 -57.02
N LEU H 683 -0.24 -18.18 -58.07
CA LEU H 683 0.59 -18.48 -59.24
C LEU H 683 1.15 -17.19 -59.85
N LYS H 684 0.29 -16.20 -60.02
CA LYS H 684 0.69 -14.89 -60.54
C LYS H 684 1.74 -14.25 -59.63
N GLU H 685 1.50 -14.33 -58.33
CA GLU H 685 2.43 -13.79 -57.33
C GLU H 685 3.81 -14.43 -57.50
N PHE H 686 3.80 -15.75 -57.65
CA PHE H 686 5.02 -16.52 -57.82
C PHE H 686 5.72 -16.17 -59.13
N GLU H 687 4.94 -15.90 -60.18
CA GLU H 687 5.50 -15.42 -61.45
C GLU H 687 6.23 -14.10 -61.26
N THR H 688 5.61 -13.19 -60.51
CA THR H 688 6.22 -11.89 -60.24
C THR H 688 7.52 -12.09 -59.46
N VAL H 689 7.52 -13.04 -58.52
CA VAL H 689 8.72 -13.38 -57.78
C VAL H 689 9.78 -13.93 -58.72
N LEU H 690 9.37 -14.77 -59.65
CA LEU H 690 10.30 -15.41 -60.57
C LEU H 690 10.91 -14.44 -61.58
N TYR H 691 10.19 -13.37 -61.92
CA TYR H 691 10.72 -12.42 -62.90
C TYR H 691 11.93 -11.68 -62.32
N TYR H 692 11.70 -11.05 -61.17
CA TYR H 692 12.74 -10.33 -60.44
C TYR H 692 13.48 -11.40 -59.67
N ASP H 693 14.82 -11.49 -59.74
CA ASP H 693 15.53 -12.53 -58.99
C ASP H 693 15.10 -13.91 -59.50
N GLU H 694 15.54 -14.23 -60.70
CA GLU H 694 15.15 -15.46 -61.39
C GLU H 694 15.58 -16.71 -60.64
N ASN H 695 15.10 -17.86 -61.11
CA ASN H 695 15.38 -19.16 -60.50
C ASN H 695 15.04 -19.32 -59.02
N ASN H 696 14.22 -18.43 -58.46
CA ASN H 696 13.86 -18.50 -57.04
C ASN H 696 13.35 -19.91 -56.78
N LEU H 697 13.80 -20.54 -55.70
CA LEU H 697 13.62 -21.97 -55.55
C LEU H 697 12.20 -22.35 -55.13
N ASP H 698 11.78 -21.89 -53.96
CA ASP H 698 10.46 -22.25 -53.44
C ASP H 698 9.36 -21.60 -54.28
N ALA H 699 9.69 -20.52 -54.98
CA ALA H 699 8.77 -19.94 -55.96
C ALA H 699 8.53 -20.92 -57.11
N LEU H 700 9.59 -21.47 -57.66
CA LEU H 700 9.49 -22.49 -58.71
C LEU H 700 8.75 -23.72 -58.21
N VAL H 701 9.07 -24.14 -56.99
CA VAL H 701 8.44 -25.32 -56.40
C VAL H 701 6.94 -25.12 -56.20
N GLY H 702 6.56 -23.94 -55.72
CA GLY H 702 5.14 -23.63 -55.53
C GLY H 702 4.43 -23.57 -56.86
N PHE H 703 5.05 -22.86 -57.80
CA PHE H 703 4.53 -22.72 -59.16
C PHE H 703 4.26 -24.09 -59.77
N ALA H 704 5.26 -24.96 -59.73
CA ALA H 704 5.14 -26.30 -60.29
C ALA H 704 4.13 -27.17 -59.54
N GLU H 705 4.08 -26.98 -58.23
CA GLU H 705 3.17 -27.74 -57.37
C GLU H 705 1.70 -27.43 -57.65
N LEU H 706 1.40 -26.18 -57.95
CA LEU H 706 0.00 -25.82 -58.22
C LEU H 706 -0.56 -26.52 -59.47
N ILE H 707 0.26 -26.69 -60.51
CA ILE H 707 -0.19 -27.39 -61.71
C ILE H 707 -0.09 -28.91 -61.55
N PHE H 708 0.81 -29.36 -60.68
CA PHE H 708 1.01 -30.78 -60.48
C PHE H 708 0.97 -31.15 -59.00
N ASN H 731 -8.88 -23.00 -71.23
CA ASN H 731 -8.87 -24.44 -71.06
C ASN H 731 -7.58 -25.09 -71.55
N ASP H 732 -7.67 -25.81 -72.65
CA ASP H 732 -6.53 -26.56 -73.16
C ASP H 732 -5.41 -25.65 -73.66
N THR H 733 -5.77 -24.53 -74.29
CA THR H 733 -4.73 -23.61 -74.71
C THR H 733 -4.06 -22.99 -73.48
N ASP H 734 -4.86 -22.67 -72.47
CA ASP H 734 -4.30 -22.15 -71.21
C ASP H 734 -3.64 -23.22 -70.34
N ARG H 735 -4.02 -24.48 -70.51
CA ARG H 735 -3.41 -25.58 -69.77
C ARG H 735 -2.05 -25.87 -70.37
N SER H 736 -1.98 -25.81 -71.70
CA SER H 736 -0.75 -26.03 -72.45
C SER H 736 0.18 -24.87 -72.18
N ALA H 737 -0.39 -23.68 -72.04
CA ALA H 737 0.39 -22.48 -71.72
C ALA H 737 0.96 -22.61 -70.31
N ALA H 738 0.11 -23.05 -69.38
CA ALA H 738 0.51 -23.22 -68.00
C ALA H 738 1.64 -24.23 -67.91
N TYR H 739 1.56 -25.29 -68.71
CA TYR H 739 2.66 -26.22 -68.79
C TYR H 739 3.93 -25.62 -69.39
N ALA H 740 3.78 -24.93 -70.52
CA ALA H 740 4.93 -24.41 -71.27
C ALA H 740 5.76 -23.42 -70.48
N ARG H 741 5.09 -22.52 -69.77
CA ARG H 741 5.79 -21.55 -68.94
C ARG H 741 6.65 -22.29 -67.92
N LEU H 742 6.04 -23.28 -67.27
CA LEU H 742 6.74 -24.10 -66.29
C LEU H 742 7.94 -24.83 -66.89
N LYS H 743 7.75 -25.37 -68.08
CA LYS H 743 8.80 -26.07 -68.81
C LYS H 743 10.00 -25.16 -69.02
N PHE H 744 9.74 -23.98 -69.58
CA PHE H 744 10.77 -22.98 -69.80
C PHE H 744 11.50 -22.70 -68.50
N LEU H 745 10.71 -22.50 -67.44
CA LEU H 745 11.23 -22.20 -66.11
C LEU H 745 12.20 -23.25 -65.59
N LEU H 746 11.78 -24.51 -65.60
CA LEU H 746 12.61 -25.61 -65.11
C LEU H 746 13.85 -25.85 -65.96
N GLU H 747 13.71 -25.73 -67.27
CA GLU H 747 14.84 -25.90 -68.17
C GLU H 747 15.90 -24.84 -67.86
N CYS H 748 15.43 -23.61 -67.69
CA CYS H 748 16.30 -22.50 -67.34
C CYS H 748 16.94 -22.73 -65.97
N ALA H 749 16.18 -23.26 -65.02
CA ALA H 749 16.70 -23.51 -63.68
C ALA H 749 17.82 -24.54 -63.74
N ILE H 750 17.63 -25.54 -64.58
CA ILE H 750 18.63 -26.60 -64.76
C ILE H 750 19.90 -26.07 -65.43
N LEU H 751 19.74 -25.08 -66.31
CA LEU H 751 20.91 -24.58 -67.05
C LEU H 751 21.58 -23.35 -66.41
N GLU H 752 20.93 -22.76 -65.42
CA GLU H 752 21.42 -21.52 -64.82
C GLU H 752 21.80 -21.67 -63.36
N SER H 753 20.85 -22.16 -62.56
CA SER H 753 21.05 -22.25 -61.12
C SER H 753 21.74 -23.55 -60.73
N ILE H 754 22.80 -23.42 -59.93
CA ILE H 754 23.49 -24.58 -59.38
C ILE H 754 22.55 -25.26 -58.41
N GLU H 755 21.94 -24.47 -57.53
CA GLU H 755 21.03 -24.99 -56.52
C GLU H 755 19.86 -25.75 -57.13
N ALA H 756 19.44 -25.33 -58.33
CA ALA H 756 18.29 -25.96 -58.98
C ALA H 756 18.68 -27.30 -59.59
N TYR H 757 19.90 -27.38 -60.13
CA TYR H 757 20.38 -28.61 -60.74
C TYR H 757 20.50 -29.72 -59.69
N TYR H 758 20.95 -29.36 -58.50
CA TYR H 758 21.11 -30.34 -57.42
C TYR H 758 19.90 -30.30 -56.49
N SER H 759 18.73 -30.00 -57.07
CA SER H 759 17.48 -29.98 -56.33
C SER H 759 16.61 -31.16 -56.73
N PRO H 760 16.21 -31.97 -55.74
CA PRO H 760 15.44 -33.20 -55.96
C PRO H 760 14.05 -32.90 -56.48
N GLU H 761 13.50 -31.76 -56.07
CA GLU H 761 12.14 -31.37 -56.43
C GLU H 761 12.07 -30.86 -57.86
N VAL H 762 13.11 -30.13 -58.27
CA VAL H 762 13.18 -29.61 -59.63
C VAL H 762 13.15 -30.79 -60.61
N TRP H 763 13.96 -31.80 -60.30
CA TRP H 763 14.03 -33.01 -61.10
C TRP H 763 12.79 -33.87 -60.92
N TRP H 764 12.15 -33.75 -59.76
CA TRP H 764 10.91 -34.47 -59.49
C TRP H 764 9.81 -34.02 -60.45
N TYR H 765 9.52 -32.73 -60.41
CA TYR H 765 8.49 -32.14 -61.26
C TYR H 765 8.87 -32.18 -62.74
N LEU H 766 10.17 -32.06 -63.03
CA LEU H 766 10.64 -32.15 -64.40
C LEU H 766 10.44 -33.56 -64.96
N SER H 767 10.70 -34.57 -64.13
CA SER H 767 10.47 -35.96 -64.50
C SER H 767 8.99 -36.24 -64.67
N LEU H 768 8.20 -35.72 -63.73
CA LEU H 768 6.75 -35.86 -63.77
C LEU H 768 6.18 -35.26 -65.05
N ILE H 769 6.84 -34.21 -65.53
CA ILE H 769 6.54 -33.59 -66.82
C ILE H 769 6.89 -34.43 -68.05
N TYR H 770 8.07 -35.04 -68.05
CA TYR H 770 8.60 -35.74 -69.23
C TYR H 770 7.90 -37.07 -69.51
N GLU H 771 6.68 -37.17 -69.01
CA GLU H 771 5.84 -38.35 -69.19
C GLU H 771 5.58 -38.65 -70.67
N LYS H 772 5.91 -37.68 -71.53
CA LYS H 772 5.67 -37.79 -72.96
C LYS H 772 6.93 -38.19 -73.70
N ASP H 776 10.97 -40.12 -73.84
CA ASP H 776 12.10 -41.03 -73.64
C ASP H 776 13.08 -40.43 -72.63
N GLU H 777 13.00 -39.12 -72.47
CA GLU H 777 13.86 -38.37 -71.55
C GLU H 777 13.50 -38.59 -70.06
N TYR H 778 12.32 -39.16 -69.84
CA TYR H 778 11.75 -39.40 -68.50
C TYR H 778 12.54 -40.23 -67.48
N LYS H 779 13.01 -41.40 -67.91
CA LYS H 779 13.73 -42.34 -67.03
C LYS H 779 14.89 -41.71 -66.25
N ASN H 780 15.80 -41.10 -67.00
CA ASN H 780 17.01 -40.54 -66.43
C ASN H 780 16.73 -39.36 -65.51
N SER H 781 15.67 -38.61 -65.82
CA SER H 781 15.22 -37.53 -64.96
C SER H 781 14.76 -38.11 -63.63
N LEU H 782 14.06 -39.23 -63.69
CA LEU H 782 13.67 -39.91 -62.44
C LEU H 782 14.90 -40.35 -61.66
N LEU H 783 15.87 -40.93 -62.36
CA LEU H 783 17.09 -41.39 -61.70
C LEU H 783 17.79 -40.25 -60.97
N LYS H 784 17.93 -39.10 -61.63
CA LYS H 784 18.51 -37.94 -61.01
C LYS H 784 17.72 -37.50 -59.78
N CYS H 785 16.39 -37.46 -59.90
CA CYS H 785 15.60 -36.99 -58.77
C CYS H 785 15.80 -37.91 -57.58
N ILE H 786 15.91 -39.22 -57.82
CA ILE H 786 16.16 -40.17 -56.75
C ILE H 786 17.54 -39.97 -56.10
N LYS H 787 18.56 -39.86 -56.95
CA LYS H 787 19.93 -39.63 -56.47
C LYS H 787 20.00 -38.42 -55.57
N TYR H 788 19.50 -37.29 -56.06
CA TYR H 788 19.58 -36.08 -55.26
C TYR H 788 18.62 -36.14 -54.07
N GLN H 789 17.58 -36.96 -54.15
CA GLN H 789 16.73 -37.19 -52.99
C GLN H 789 17.59 -37.81 -51.89
N GLU H 790 18.61 -38.56 -52.31
CA GLU H 790 19.52 -39.19 -51.35
C GLU H 790 20.62 -38.23 -50.89
N LEU H 791 20.80 -37.13 -51.61
CA LEU H 791 21.86 -36.14 -51.33
C LEU H 791 21.34 -34.71 -51.19
N ASN H 792 20.47 -34.47 -50.20
CA ASN H 792 19.93 -33.14 -49.95
C ASN H 792 20.28 -32.52 -48.62
N PRO H 793 20.54 -31.21 -48.61
CA PRO H 793 20.75 -30.59 -47.29
C PRO H 793 19.38 -30.31 -46.65
N ILE H 794 19.35 -30.01 -45.36
CA ILE H 794 18.08 -29.70 -44.71
C ILE H 794 17.45 -28.44 -45.27
N ARG H 795 18.18 -27.35 -45.12
CA ARG H 795 17.87 -26.11 -45.75
C ARG H 795 18.97 -26.00 -46.78
N SER H 796 18.79 -25.18 -47.80
CA SER H 796 19.82 -25.06 -48.82
C SER H 796 21.09 -24.49 -48.20
N LEU H 797 22.22 -24.74 -48.84
CA LEU H 797 23.51 -24.42 -48.25
C LEU H 797 23.67 -22.90 -48.21
N ARG H 798 22.83 -22.23 -48.99
CA ARG H 798 22.86 -20.79 -49.14
C ARG H 798 22.75 -20.08 -47.80
N TYR H 799 22.16 -20.78 -46.83
CA TYR H 799 21.85 -20.17 -45.55
C TYR H 799 22.99 -20.30 -44.54
N CYS H 800 24.15 -20.77 -44.98
CA CYS H 800 25.32 -20.72 -44.11
C CYS H 800 26.33 -19.71 -44.64
N ASN H 801 26.08 -19.18 -45.83
CA ASN H 801 27.02 -18.27 -46.46
C ASN H 801 26.81 -16.84 -45.99
N TYR H 802 27.46 -16.49 -44.89
CA TYR H 802 27.27 -15.19 -44.25
C TYR H 802 28.53 -14.77 -43.51
#